data_5H2F
#
_entry.id   5H2F
#
_cell.length_a   121.954
_cell.length_b   226.993
_cell.length_c   285.886
_cell.angle_alpha   90.000
_cell.angle_beta   90.000
_cell.angle_gamma   90.000
#
_symmetry.space_group_name_H-M   'P 21 21 21'
#
loop_
_entity.id
_entity.type
_entity.pdbx_description
1 polymer 'Photosystem II protein D1 1'
2 polymer 'Photosystem II CP47 reaction center protein'
3 polymer 'Photosystem II CP43 reaction center protein'
4 polymer 'Photosystem II D2 protein'
5 polymer 'Cytochrome b559 subunit alpha'
6 polymer 'Cytochrome b559 subunit beta'
7 polymer 'Photosystem II reaction center protein H'
8 polymer 'Photosystem II reaction center protein I'
9 polymer 'Photosystem II reaction center protein J'
10 polymer 'Photosystem II reaction center protein K'
11 polymer 'Photosystem II reaction center protein L'
12 polymer 'Photosystem II manganese-stabilizing polypeptide'
13 polymer 'Photosystem II reaction center protein T'
14 polymer 'Photosystem II 12 kDa extrinsic protein'
15 polymer 'Cytochrome c-550'
16 polymer 'Photosystem II reaction center protein Ycf12'
17 polymer 'Photosystem II reaction center X protein'
18 polymer 'Photosystem II reaction center protein Z'
19 non-polymer 'CA-MN4-O5 CLUSTER'
20 non-polymer 'FE (II) ION'
21 non-polymer 'CHLORIDE ION'
22 non-polymer 'CHLOROPHYLL A'
23 non-polymer 'PHEOPHYTIN A'
24 non-polymer BETA-CAROTENE
25 non-polymer 1,2-DISTEAROYL-MONOGALACTOSYL-DIGLYCERIDE
26 non-polymer 2,3-DIMETHYL-5-(3,7,11,15,19,23,27,31,35-NONAMETHYL-2,6,10,14,18,22,26,30,34-HEXATRIACONTANONAENYL-2,5-CYCLOHEXADIENE-1,4-DIONE-2,3-DIMETHYL-5-SOLANESYL-1,4-BENZOQUINONE
27 non-polymer 1,2-DIPALMITOYL-PHOSPHATIDYL-GLYCEROLE
28 non-polymer 1,2-DI-O-ACYL-3-O-[6-DEOXY-6-SULFO-ALPHA-D-GLUCOPYRANOSYL]-SN-GLYCEROL
29 non-polymer DODECYL-BETA-D-MALTOSIDE
30 non-polymer 'UNKNOWN LIGAND'
31 non-polymer 'DIMETHYL SULFOXIDE'
32 non-polymer 'BICARBONATE ION'
33 non-polymer 'CALCIUM ION'
34 non-polymer 'heptyl 1-thio-beta-D-glucopyranoside'
35 non-polymer 'DIGALACTOSYL DIACYL GLYCEROL (DGDG)'
36 non-polymer 'PROTOPORPHYRIN IX CONTAINING FE'
37 non-polymer (3R)-beta,beta-caroten-3-ol
38 non-polymer 'MAGNESIUM ION'
39 non-polymer 'HEME C'
40 water water
#
loop_
_entity_poly.entity_id
_entity_poly.type
_entity_poly.pdbx_seq_one_letter_code
_entity_poly.pdbx_strand_id
1 'polypeptide(L)'
;ANLWERFCNWVTSTDNRLYVGWFGVIMIPTLLAATICFVIAFIAAPPVDIDGIREPVSGSLLYGNNIITGAVVPSSNAIG
LHFYPIWEAASLDEWLYNGGPYQLIIFHFLLGASCYMGRQWELSYRLGMRPWICVAYSAPLASAFAVFLIYPIGQGSFSD
GMPLGISGTFNFMIVFQAEHNILMHPFHQLGVAGVFGGALFCAMHGSLVTSSLIRETTETESANYGYKFGQEEETYNIVA
AHGYFGRLIFQYASFNNSRSLHFFLAAWPVVGVWFTALGISTMAFNLNGFNFNHSVIDAKGNVINTWADIINRANLGMEV
MHERNAHNFPLDLA
;
A,a
2 'polypeptide(L)'
;GLPWYRVHTVLINDPGRLIAAHLMHTALVAGWAGSMALYELATFDPSDPVLNPMWRQGMFVLPFMARLGVTGSWSGWSIT
GETGIDPGFWSFEGVALAHIVLSGLLFLAACWHWVYWDLELFRDPRTGEPALDLPKMFGIHLFLAGLLCFGFGAFHLTGL
FGPGMWVSDPYGLTGSVQPVAPEWGPDGFNPYNPGGVVAHHIAAGIVGIIAGLFHILVRPPQRLYKALRMGNIETVLSSS
IAAVFFAAFVVAGTMWYGSATTPIELFGPTRYQWDSSYFQQEINRRVQASLASGATLEEAWSAIPEKLAFYDYIGNNPAK
GGLFRTGPMNKGDGIAQAWKGHAVFRNKEGEELFVRRMPAFFESFPVILTDKNGVVKADIPFRRAESKYSFEQQGVTVSF
YGGELNGQTFTDPPTVKSYARKAIFGEIFEFDTETLNSDGIFRTSPRGWFTFAHAVFALLFFFGHIWHGARTLFRDVFSG
IDPELSPEQVEWGFYQKVGDVTTRR
;
B,b
3 'polypeptide(L)'
;NSIFATNRDQESSGFAWWAGNARLINLSGKLLGAHVAHAGLIVFWAGAMTLFELAHFIPEKPMYEQGLILIPHIATLGWG
VGPGGEVVDTFPFFVVGVVHLISSAVLGFGGVYHAIRGPETLEEYSSFFGYDWKDKNKMTTILGFHLIVLGIGALLLVAK
AMFFGGLYDTWAPGGGDVRVITNPTLDPRVIFGYLLKSPFGGEGWIVSVNNLEDVVGGHIWIGLICIAGGIWHILTTPFG
WARRAFIWSGEAYLSYSLGALSMMGFIATCFVWFNNTVYPSEFYGPTGPEASQAQAMTFLIRDQKLGANVGSAQGPTGLG
KYLMRSPTGEIIFGGETMRFWDFRGPWLEPLRGPNGLDLNKIKNDIQPWQERRAAEYMTHAPLGSLNSVGGVATEINSVN
FVSPRSWLATSHFVLAFFFLVGHLWHAGRARAAAAGFEKGIDRESEPVLSMPSLD
;
C,c
4 'polypeptide(L)'
;ERGWFDILDDWLKRDRFVFVGWSGILLFPCAYLALGGWLTGTTFVTSWYTHGLASSYLEGCNFLTVAVSTPANSMGHSLL
LLWGPEAQGDFTRWCQLGGLWTFIALHGAFGLIGFMLRQFEIARLVGVRPYNAIAFSAPIAVFVSVFLIYPLGQSSWFFA
PSFGVAAIFRFLLFFQGFHNWTLNPFHMMGVAGVLGGALLCAIHGATVENTLFQDGEGASTFRAFNPTQAEETYSMVTAN
RFWSQIFGIAFSNKRWLHFFMLFVPVTGLWMSAIGVVGLALNLRSYDFISQEIRAAEDPEFETFYTKNLLLNEGIRAWMA
PQDQPHENFVFPEEVLPRGNAL
;
D,d
5 'polypeptide(L)' TGERPFSDIITSVRYWVIHSITIPALFIAGWLFVSTGLAYDVFGTPRPDSYYAQEQRSIPLVTDRFEAKQQVETFLEQLK E,e
6 'polypeptide(L)' YPIFTVRWVAVHTLAVPTIFFLGAIAAMQFIQR F,f
7 'polypeptide(L)' ARRTWLGDILRPLNSEYGKVAPGWGTTPLMAVFMGLFLVFLLIILEIYNSTLILDGVNVSWKA H,h
8 'polypeptide(L)' (FME)ETLKITVYIVVTFFVLLFVFGFLSGDPARNPKRKD I,i
9 'polypeptide(L)' MMSEGGRIPLWIVATVAGMGVIVIVGLFFYGAYAGLGSSL J,j
10 'polypeptide(L)' KLPEAYAIFDPLVDVLPVIPVLFLALAFVWQAAVGFR K,k
11 'polypeptide(L)' PNPNRQPVELNRTSLYLGLLLILVLALLFSSYFFN L,l
12 'polypeptide(L)'
;TLTYDDIVGTGLANKCPTLDDTARGAYPIDSSQTYRIARLCLQPTTFLVKEEPKNKRQEAEFVPTKLVTRETTSLDQIQG
ELKVNSDGSLTFVEEDGIDFQPVTVQMAGGERIPLLFTVKNLVASTQPNVTSITTSTDFKGEFNVPSYRTANFLDPKGRG
LASGYDSAIALPQAKEEELARANVKRFSLTKGQISLNVAKVDGRTGEIAGTFESEQLSDDDMGAHEPHEVKIQGVFYASI
EPA
;
O,o
13 'polypeptide(L)' (FME)ETITYVFIFACIIALFFFAIFFREPPRIT T,t
14 'polypeptide(L)'
;ELVNVVDEKLGTAYGEKIDLNNTNIAAFIQYRGLYPTLAKLIVKNAPYESVEDVLNIPGLTERQKQILRENLEHFTVTEV
ETALVEGGDRYNNGLYK
;
U,u
15 'polypeptide(L)'
;AELTPEVLTVPLNSEGKTITLTEKQYLEGKRLFQYACASCHVGGITKTNPSLDLRTETLALATPPRDNIEGLVDYMKNPT
TYDGEQEIAEVHPSLRSADIFPKMRNLTEKDLVAIAGHILVEPKILGDKWGGGKVYY
;
V,v
16 'polypeptide(L)' VIAQLTMIAMIGIAGPMIIFLLAVRRGNL Y,y
17 'polypeptide(L)' TITPSLKGFFIGLLSGAVVLGLTFAVLIAISQIDKVQ X,x
18 'polypeptide(L)' MTILFQLALAALVILSFVMVIGVPVAYASPQDWDRSKQLIFLGSGLWIALVLVVGVLNFFVV Z,z
#
# COMPACT_ATOMS: atom_id res chain seq x y z
N ALA A 1 12.36 -23.27 56.91
CA ALA A 1 13.75 -22.92 57.38
C ALA A 1 14.05 -21.41 57.34
N ASN A 2 15.35 -21.05 57.31
CA ASN A 2 15.81 -19.65 57.18
C ASN A 2 15.51 -19.04 55.79
N LEU A 3 15.67 -17.73 55.63
CA LEU A 3 15.37 -17.05 54.37
C LEU A 3 16.18 -17.65 53.18
N TRP A 4 17.47 -17.89 53.41
CA TRP A 4 18.36 -18.50 52.41
C TRP A 4 17.93 -19.88 51.98
N GLU A 5 17.55 -20.73 52.93
CA GLU A 5 17.18 -22.09 52.62
C GLU A 5 15.87 -22.11 51.84
N ARG A 6 15.02 -21.11 52.06
CA ARG A 6 13.79 -20.98 51.29
C ARG A 6 14.14 -20.57 49.85
N PHE A 7 15.01 -19.57 49.73
CA PHE A 7 15.49 -19.15 48.43
C PHE A 7 16.03 -20.35 47.68
N CYS A 8 16.93 -21.11 48.31
CA CYS A 8 17.54 -22.27 47.62
C CYS A 8 16.49 -23.23 47.16
N ASN A 9 15.47 -23.42 48.01
CA ASN A 9 14.39 -24.33 47.72
C ASN A 9 13.57 -23.89 46.51
N TRP A 10 13.39 -22.59 46.39
CA TRP A 10 12.67 -22.01 45.26
C TRP A 10 13.51 -22.08 43.99
N VAL A 11 14.77 -21.66 44.06
CA VAL A 11 15.62 -21.60 42.90
C VAL A 11 15.64 -22.96 42.28
N THR A 12 15.91 -23.96 43.14
CA THR A 12 16.00 -25.32 42.66
C THR A 12 14.69 -26.08 42.57
N SER A 13 13.55 -25.40 42.78
CA SER A 13 12.30 -26.10 42.77
C SER A 13 11.98 -26.81 41.44
N THR A 14 11.59 -28.07 41.50
CA THR A 14 11.15 -28.81 40.31
C THR A 14 9.74 -28.38 39.83
N ASP A 15 9.15 -27.42 40.53
CA ASP A 15 7.75 -27.12 40.32
C ASP A 15 7.52 -25.79 39.59
N ASN A 16 8.57 -25.00 39.39
CA ASN A 16 8.40 -23.76 38.64
C ASN A 16 8.07 -24.04 37.17
N ARG A 17 7.17 -23.24 36.61
CA ARG A 17 6.72 -23.43 35.25
C ARG A 17 7.94 -23.44 34.27
N LEU A 18 8.91 -22.58 34.52
CA LEU A 18 10.16 -22.62 33.83
C LEU A 18 11.16 -22.86 34.95
N TYR A 19 11.98 -23.89 34.85
CA TYR A 19 13.03 -24.17 35.83
C TYR A 19 14.02 -23.02 35.94
N VAL A 20 14.35 -22.67 37.17
CA VAL A 20 15.31 -21.59 37.34
C VAL A 20 16.70 -22.20 37.56
N GLY A 21 17.03 -22.58 38.79
CA GLY A 21 18.27 -23.31 39.07
C GLY A 21 19.47 -22.41 39.17
N TRP A 22 20.60 -22.93 39.60
CA TRP A 22 21.75 -22.07 39.85
C TRP A 22 22.33 -21.58 38.57
N PHE A 23 22.37 -22.45 37.56
CA PHE A 23 22.79 -21.96 36.24
C PHE A 23 21.81 -20.88 35.75
N GLY A 24 20.52 -21.11 35.99
CA GLY A 24 19.47 -20.15 35.61
C GLY A 24 19.70 -18.77 36.17
N VAL A 25 20.30 -18.71 37.38
CA VAL A 25 20.54 -17.44 38.08
C VAL A 25 21.57 -16.54 37.39
N ILE A 26 22.50 -17.19 36.70
CA ILE A 26 23.38 -16.50 35.80
C ILE A 26 22.70 -16.35 34.40
N MET A 27 22.05 -17.41 33.92
CA MET A 27 21.43 -17.38 32.56
C MET A 27 20.37 -16.29 32.29
N ILE A 28 19.49 -16.07 33.29
CA ILE A 28 18.36 -15.17 33.13
C ILE A 28 18.79 -13.75 32.91
N PRO A 29 19.61 -13.17 33.83
CA PRO A 29 20.01 -11.79 33.53
C PRO A 29 20.91 -11.60 32.28
N THR A 30 21.80 -12.54 31.99
CA THR A 30 22.76 -12.35 30.89
C THR A 30 21.97 -12.40 29.58
N LEU A 31 21.06 -13.39 29.48
CA LEU A 31 20.27 -13.54 28.27
C LEU A 31 19.30 -12.41 28.04
N LEU A 32 18.68 -11.90 29.12
CA LEU A 32 17.87 -10.68 29.05
C LEU A 32 18.69 -9.48 28.57
N ALA A 33 19.86 -9.25 29.17
CA ALA A 33 20.70 -8.13 28.74
C ALA A 33 21.02 -8.28 27.24
N ALA A 34 21.49 -9.47 26.86
CA ALA A 34 21.85 -9.70 25.41
C ALA A 34 20.65 -9.48 24.50
N THR A 35 19.47 -10.00 24.90
CA THR A 35 18.26 -9.92 24.07
C THR A 35 17.85 -8.47 23.88
N ILE A 36 17.89 -7.71 24.98
CA ILE A 36 17.38 -6.38 24.96
C ILE A 36 18.29 -5.49 24.17
N CYS A 37 19.59 -5.64 24.38
CA CYS A 37 20.55 -4.84 23.64
C CYS A 37 20.42 -5.16 22.15
N PHE A 38 20.30 -6.44 21.84
CA PHE A 38 20.22 -6.92 20.47
C PHE A 38 19.04 -6.29 19.76
N VAL A 39 17.86 -6.39 20.36
CA VAL A 39 16.64 -5.86 19.74
C VAL A 39 16.70 -4.35 19.46
N ILE A 40 17.10 -3.58 20.48
CA ILE A 40 17.27 -2.12 20.37
C ILE A 40 18.30 -1.75 19.29
N ALA A 41 19.47 -2.42 19.33
CA ALA A 41 20.53 -2.19 18.31
C ALA A 41 20.04 -2.57 16.89
N PHE A 42 19.38 -3.71 16.76
CA PHE A 42 18.92 -4.14 15.43
C PHE A 42 17.95 -3.12 14.82
N ILE A 43 17.16 -2.45 15.68
CA ILE A 43 16.16 -1.53 15.21
C ILE A 43 16.81 -0.19 15.01
N ALA A 44 17.60 0.23 16.02
CA ALA A 44 17.97 1.65 16.05
C ALA A 44 19.45 2.06 16.04
N ALA A 45 20.40 1.15 16.12
CA ALA A 45 21.81 1.59 16.25
C ALA A 45 22.29 2.32 15.04
N PRO A 46 23.11 3.38 15.26
CA PRO A 46 23.78 4.00 14.11
C PRO A 46 24.86 3.07 13.43
N PRO A 47 25.35 3.47 12.25
CA PRO A 47 26.46 2.74 11.56
C PRO A 47 27.75 2.55 12.42
N VAL A 48 28.39 1.39 12.21
CA VAL A 48 29.54 0.91 12.98
C VAL A 48 30.77 0.78 12.09
N ASP A 49 31.85 1.37 12.55
CA ASP A 49 33.14 1.29 11.86
C ASP A 49 33.82 -0.06 12.17
N ILE A 50 33.24 -1.11 11.61
CA ILE A 50 33.71 -2.47 11.79
C ILE A 50 35.20 -2.61 11.53
N ASP A 51 35.70 -2.09 10.41
CA ASP A 51 37.10 -2.37 10.05
C ASP A 51 38.09 -1.30 10.50
N GLY A 52 37.63 -0.43 11.41
CA GLY A 52 38.44 0.62 12.00
C GLY A 52 39.09 1.60 11.01
N ILE A 53 38.47 1.73 9.84
CA ILE A 53 38.99 2.58 8.78
C ILE A 53 38.04 3.75 8.55
N ARG A 54 37.27 4.10 9.60
CA ARG A 54 36.35 5.23 9.54
C ARG A 54 35.35 5.06 8.37
N GLU A 55 34.87 3.82 8.24
CA GLU A 55 33.96 3.48 7.11
C GLU A 55 32.73 2.80 7.69
N PRO A 56 31.87 3.57 8.36
CA PRO A 56 30.84 2.95 9.21
C PRO A 56 29.81 2.20 8.36
N VAL A 57 29.49 0.98 8.76
CA VAL A 57 28.58 0.12 8.04
C VAL A 57 27.25 0.17 8.77
N SER A 58 26.19 0.44 8.03
CA SER A 58 24.85 0.51 8.62
C SER A 58 24.21 -0.86 8.82
N GLY A 59 23.93 -1.18 10.08
CA GLY A 59 23.27 -2.41 10.42
C GLY A 59 21.76 -2.36 10.72
N SER A 60 21.24 -1.22 11.22
CA SER A 60 19.90 -1.23 11.79
C SER A 60 18.76 -0.91 10.80
N LEU A 61 17.56 -1.33 11.15
CA LEU A 61 16.36 -1.06 10.33
C LEU A 61 16.14 0.44 10.12
N LEU A 62 16.24 1.26 11.17
CA LEU A 62 16.01 2.71 10.97
C LEU A 62 17.07 3.41 10.09
N TYR A 63 18.27 2.84 10.04
CA TYR A 63 19.31 3.39 9.18
C TYR A 63 19.38 2.70 7.78
N GLY A 64 18.27 2.17 7.29
CA GLY A 64 18.15 1.79 5.87
C GLY A 64 18.29 0.30 5.59
N ASN A 65 18.06 -0.56 6.58
CA ASN A 65 18.20 -1.98 6.40
C ASN A 65 16.86 -2.64 6.43
N ASN A 66 16.79 -3.85 5.89
CA ASN A 66 15.60 -4.70 6.05
C ASN A 66 15.99 -5.88 6.94
N ILE A 67 15.08 -6.82 7.17
CA ILE A 67 15.38 -7.97 7.98
C ILE A 67 16.60 -8.77 7.44
N ILE A 68 16.69 -8.88 6.12
CA ILE A 68 17.74 -9.65 5.46
C ILE A 68 19.14 -8.96 5.46
N THR A 69 19.17 -7.65 5.27
CA THR A 69 20.45 -6.90 5.21
C THR A 69 20.91 -6.43 6.61
N GLY A 70 19.97 -6.40 7.55
CA GLY A 70 20.20 -5.87 8.88
C GLY A 70 21.13 -6.67 9.76
N ALA A 71 21.78 -6.01 10.71
CA ALA A 71 22.68 -6.70 11.59
C ALA A 71 23.07 -5.85 12.79
N VAL A 72 23.55 -6.50 13.85
CA VAL A 72 24.36 -5.85 14.82
C VAL A 72 25.83 -6.09 14.43
N VAL A 73 26.49 -4.99 14.10
CA VAL A 73 27.81 -5.01 13.46
C VAL A 73 28.94 -5.20 14.47
N PRO A 74 29.90 -6.08 14.17
CA PRO A 74 31.07 -6.31 14.99
C PRO A 74 31.84 -5.04 15.39
N SER A 75 32.52 -5.08 16.54
CA SER A 75 33.23 -3.93 17.07
C SER A 75 34.48 -3.65 16.28
N SER A 76 34.94 -2.39 16.38
CA SER A 76 35.98 -1.84 15.50
C SER A 76 37.29 -2.61 15.54
N ASN A 77 37.90 -2.76 14.38
CA ASN A 77 39.22 -3.39 14.26
C ASN A 77 40.26 -2.60 15.07
N ALA A 78 39.98 -1.32 15.34
CA ALA A 78 40.94 -0.49 16.07
C ALA A 78 40.97 -0.95 17.55
N ILE A 79 39.86 -1.54 18.02
CA ILE A 79 39.72 -2.16 19.32
C ILE A 79 40.41 -3.51 19.41
N GLY A 80 40.32 -4.30 18.35
CA GLY A 80 40.95 -5.61 18.39
C GLY A 80 40.26 -6.50 19.39
N LEU A 81 41.05 -7.10 20.30
CA LEU A 81 40.50 -7.92 21.39
C LEU A 81 40.38 -7.12 22.68
N HIS A 82 40.55 -5.82 22.62
CA HIS A 82 40.37 -5.06 23.87
C HIS A 82 38.97 -5.19 24.34
N PHE A 83 38.81 -5.18 25.66
CA PHE A 83 37.49 -5.24 26.30
C PHE A 83 36.91 -3.83 26.17
N TYR A 84 35.75 -3.72 25.53
CA TYR A 84 35.14 -2.41 25.29
C TYR A 84 33.73 -2.31 25.92
N PRO A 85 33.64 -2.28 27.27
CA PRO A 85 32.34 -2.12 27.88
C PRO A 85 31.88 -0.69 27.73
N ILE A 86 30.60 -0.43 28.04
CA ILE A 86 30.08 0.93 27.98
C ILE A 86 30.91 1.92 28.81
N TRP A 87 31.41 1.52 30.00
CA TRP A 87 32.16 2.51 30.77
C TRP A 87 33.55 2.82 30.24
N GLU A 88 34.03 2.08 29.26
CA GLU A 88 35.34 2.40 28.67
C GLU A 88 35.23 3.53 27.65
N ALA A 89 34.02 3.91 27.28
CA ALA A 89 33.81 4.90 26.23
C ALA A 89 33.58 6.28 26.87
N ALA A 90 33.95 7.34 26.14
CA ALA A 90 33.70 8.71 26.60
C ALA A 90 32.20 9.05 26.62
N SER A 91 31.44 8.41 25.73
CA SER A 91 30.00 8.63 25.60
C SER A 91 29.39 7.43 24.92
N LEU A 92 28.07 7.28 25.06
CA LEU A 92 27.32 6.34 24.22
C LEU A 92 27.48 6.61 22.71
N ASP A 93 27.58 7.87 22.32
CA ASP A 93 27.80 8.20 20.92
C ASP A 93 29.03 7.45 20.40
N GLU A 94 30.07 7.43 21.23
CA GLU A 94 31.33 6.87 20.80
C GLU A 94 31.20 5.36 20.83
N TRP A 95 30.51 4.89 21.86
CA TRP A 95 30.32 3.46 22.04
C TRP A 95 29.63 2.83 20.83
N LEU A 96 28.63 3.55 20.31
CA LEU A 96 27.84 3.09 19.20
C LEU A 96 28.67 3.12 17.91
N TYR A 97 29.35 4.23 17.66
CA TYR A 97 30.30 4.31 16.56
C TYR A 97 31.26 3.12 16.43
N ASN A 98 31.74 2.61 17.56
CA ASN A 98 32.82 1.65 17.60
C ASN A 98 32.33 0.22 17.74
N GLY A 99 31.01 0.06 17.81
CA GLY A 99 30.44 -1.27 17.83
C GLY A 99 30.43 -1.86 19.20
N GLY A 100 30.28 -1.02 20.22
CA GLY A 100 30.17 -1.56 21.57
C GLY A 100 28.99 -2.52 21.76
N PRO A 101 27.87 -2.27 21.05
CA PRO A 101 26.77 -3.21 21.39
C PRO A 101 27.13 -4.66 21.07
N TYR A 102 27.87 -4.87 19.98
CA TYR A 102 28.25 -6.24 19.62
C TYR A 102 28.94 -6.99 20.78
N GLN A 103 29.98 -6.41 21.37
CA GLN A 103 30.65 -7.06 22.53
C GLN A 103 29.71 -7.35 23.68
N LEU A 104 28.86 -6.37 24.03
CA LEU A 104 27.88 -6.59 25.09
C LEU A 104 26.97 -7.77 24.74
N ILE A 105 26.39 -7.78 23.53
CA ILE A 105 25.52 -8.90 23.16
C ILE A 105 26.26 -10.24 23.21
N ILE A 106 27.42 -10.34 22.56
CA ILE A 106 27.99 -11.66 22.39
C ILE A 106 28.56 -12.18 23.71
N PHE A 107 29.08 -11.29 24.55
CA PHE A 107 29.58 -11.75 25.87
C PHE A 107 28.46 -12.20 26.76
N HIS A 108 27.38 -11.43 26.87
CA HIS A 108 26.27 -11.89 27.76
C HIS A 108 25.66 -13.12 27.15
N PHE A 109 25.56 -13.17 25.79
CA PHE A 109 24.94 -14.32 25.14
C PHE A 109 25.71 -15.62 25.40
N LEU A 110 27.03 -15.58 25.18
CA LEU A 110 27.89 -16.76 25.40
C LEU A 110 27.85 -17.28 26.84
N LEU A 111 27.91 -16.36 27.83
CA LEU A 111 27.78 -16.75 29.22
CA LEU A 111 27.78 -16.73 29.23
C LEU A 111 26.40 -17.38 29.43
N GLY A 112 25.37 -16.70 28.95
CA GLY A 112 24.02 -17.21 29.11
C GLY A 112 23.75 -18.53 28.46
N ALA A 113 24.36 -18.77 27.30
CA ALA A 113 24.03 -20.02 26.58
C ALA A 113 24.85 -21.14 27.22
N SER A 114 26.02 -20.81 27.77
CA SER A 114 26.82 -21.78 28.53
C SER A 114 26.04 -22.18 29.77
N CYS A 115 25.40 -21.21 30.41
CA CYS A 115 24.56 -21.54 31.58
C CYS A 115 23.32 -22.29 31.14
N TYR A 116 22.84 -22.03 29.92
CA TYR A 116 21.68 -22.74 29.41
C TYR A 116 22.01 -24.23 29.35
N MET A 117 23.25 -24.52 28.93
CA MET A 117 23.76 -25.88 28.88
C MET A 117 23.89 -26.50 30.27
N GLY A 118 24.50 -25.77 31.21
CA GLY A 118 24.53 -26.21 32.63
C GLY A 118 23.16 -26.50 33.23
N ARG A 119 22.21 -25.59 33.01
CA ARG A 119 20.79 -25.72 33.40
C ARG A 119 20.17 -27.02 32.88
N GLN A 120 20.55 -27.45 31.67
CA GLN A 120 20.00 -28.68 31.15
C GLN A 120 20.53 -29.89 31.94
N TRP A 121 21.79 -29.83 32.37
CA TRP A 121 22.31 -30.87 33.21
C TRP A 121 21.51 -30.83 34.51
N GLU A 122 21.33 -29.61 35.04
CA GLU A 122 20.75 -29.39 36.37
C GLU A 122 19.34 -29.94 36.49
N LEU A 123 18.48 -29.61 35.54
CA LEU A 123 17.12 -30.04 35.62
C LEU A 123 17.05 -31.56 35.54
N SER A 124 17.92 -32.16 34.74
CA SER A 124 17.84 -33.60 34.54
C SER A 124 18.22 -34.29 35.84
N TYR A 125 19.09 -33.65 36.60
CA TYR A 125 19.44 -34.20 37.90
C TYR A 125 18.22 -34.06 38.82
N ARG A 126 17.63 -32.87 38.92
CA ARG A 126 16.42 -32.69 39.72
C ARG A 126 15.30 -33.66 39.37
N LEU A 127 15.19 -34.03 38.09
CA LEU A 127 14.13 -34.93 37.63
C LEU A 127 14.48 -36.44 37.62
N GLY A 128 15.69 -36.82 38.01
CA GLY A 128 16.06 -38.24 38.04
C GLY A 128 16.27 -38.83 36.67
N MET A 129 16.70 -37.97 35.74
CA MET A 129 16.99 -38.36 34.35
C MET A 129 18.47 -38.69 34.20
N ARG A 130 18.82 -39.35 33.11
CA ARG A 130 20.21 -39.50 32.71
C ARG A 130 20.67 -38.15 32.14
N PRO A 131 21.98 -37.84 32.21
CA PRO A 131 22.35 -36.43 32.25
C PRO A 131 22.80 -35.81 30.91
N TRP A 132 22.73 -36.56 29.82
CA TRP A 132 23.53 -36.12 28.62
C TRP A 132 22.86 -35.25 27.59
N ILE A 133 21.62 -34.81 27.82
CA ILE A 133 21.03 -33.87 26.86
C ILE A 133 21.97 -32.65 26.69
N CYS A 134 22.54 -32.18 27.81
CA CYS A 134 23.42 -31.02 27.80
C CYS A 134 24.63 -31.25 26.86
N VAL A 135 25.10 -32.49 26.80
CA VAL A 135 26.20 -32.83 25.89
C VAL A 135 25.78 -32.68 24.40
N ALA A 136 24.53 -33.00 24.08
CA ALA A 136 24.06 -32.81 22.70
C ALA A 136 24.05 -31.31 22.38
N TYR A 137 23.69 -30.50 23.37
CA TYR A 137 23.61 -29.07 23.19
C TYR A 137 25.02 -28.49 23.11
N SER A 138 26.04 -29.21 23.54
CA SER A 138 27.38 -28.63 23.50
C SER A 138 27.83 -28.41 22.05
N ALA A 139 27.19 -29.10 21.12
CA ALA A 139 27.56 -29.01 19.71
C ALA A 139 27.18 -27.64 19.07
N PRO A 140 25.88 -27.27 19.06
CA PRO A 140 25.62 -25.89 18.66
C PRO A 140 26.30 -24.85 19.52
N LEU A 141 26.32 -25.04 20.83
CA LEU A 141 27.00 -24.05 21.68
C LEU A 141 28.49 -23.89 21.27
N ALA A 142 29.21 -25.01 21.04
CA ALA A 142 30.63 -24.94 20.59
C ALA A 142 30.74 -24.17 19.26
N SER A 143 29.74 -24.32 18.40
CA SER A 143 29.77 -23.68 17.12
C SER A 143 29.61 -22.19 17.31
N ALA A 144 28.77 -21.79 18.25
CA ALA A 144 28.57 -20.37 18.58
C ALA A 144 29.84 -19.79 19.18
N PHE A 145 30.47 -20.52 20.11
CA PHE A 145 31.80 -20.10 20.62
C PHE A 145 32.82 -19.95 19.47
N ALA A 146 32.75 -20.82 18.46
CA ALA A 146 33.73 -20.79 17.35
C ALA A 146 33.70 -19.46 16.58
N VAL A 147 32.48 -18.99 16.28
CA VAL A 147 32.37 -17.81 15.38
C VAL A 147 32.32 -16.49 16.16
N PHE A 148 31.92 -16.53 17.44
CA PHE A 148 31.84 -15.28 18.21
C PHE A 148 33.04 -15.03 19.11
N LEU A 149 33.74 -16.09 19.53
CA LEU A 149 34.91 -15.92 20.40
C LEU A 149 36.29 -16.47 19.88
N ILE A 150 36.35 -17.76 19.52
CA ILE A 150 37.64 -18.37 19.20
C ILE A 150 38.27 -17.78 17.97
N TYR A 151 37.46 -17.66 16.90
CA TYR A 151 37.92 -17.06 15.64
C TYR A 151 38.45 -15.64 15.84
N PRO A 152 37.64 -14.77 16.46
CA PRO A 152 38.21 -13.45 16.85
C PRO A 152 39.54 -13.57 17.57
N ILE A 153 39.64 -14.52 18.51
CA ILE A 153 40.88 -14.59 19.31
C ILE A 153 42.08 -14.93 18.40
N GLY A 154 41.91 -15.97 17.58
CA GLY A 154 42.97 -16.42 16.69
C GLY A 154 43.39 -15.28 15.80
N GLN A 155 42.40 -14.55 15.27
CA GLN A 155 42.70 -13.53 14.24
C GLN A 155 43.03 -12.16 14.86
N GLY A 156 42.92 -12.04 16.17
CA GLY A 156 43.31 -10.81 16.86
C GLY A 156 42.24 -9.73 16.91
N SER A 157 40.99 -10.07 16.66
CA SER A 157 39.94 -9.03 16.58
C SER A 157 38.48 -9.49 16.51
N PHE A 158 37.63 -8.81 17.30
CA PHE A 158 36.21 -9.03 17.28
C PHE A 158 35.57 -8.51 16.01
N SER A 159 36.26 -7.63 15.29
CA SER A 159 35.79 -7.21 13.97
C SER A 159 35.73 -8.37 13.00
N ASP A 160 36.39 -9.49 13.32
CA ASP A 160 36.29 -10.68 12.46
C ASP A 160 35.35 -11.76 13.03
N GLY A 161 34.69 -11.49 14.14
CA GLY A 161 33.67 -12.43 14.64
C GLY A 161 32.45 -12.38 13.73
N MET A 162 31.64 -13.45 13.71
CA MET A 162 30.42 -13.42 12.86
C MET A 162 29.48 -12.24 13.22
N PRO A 163 29.03 -11.49 12.17
CA PRO A 163 28.05 -10.43 12.47
C PRO A 163 26.68 -10.99 12.89
N LEU A 164 25.95 -10.25 13.73
CA LEU A 164 24.67 -10.73 14.31
C LEU A 164 23.62 -10.27 13.35
N GLY A 165 23.63 -10.87 12.16
CA GLY A 165 22.58 -10.59 11.17
C GLY A 165 22.65 -11.60 9.99
N ILE A 166 21.67 -11.60 9.10
CA ILE A 166 21.52 -12.63 8.01
C ILE A 166 22.58 -12.46 6.87
N SER A 167 22.57 -11.30 6.21
CA SER A 167 23.57 -10.95 5.24
C SER A 167 24.97 -10.89 5.87
N GLY A 168 25.09 -10.39 7.11
CA GLY A 168 26.34 -10.42 7.83
C GLY A 168 26.91 -11.83 7.90
N THR A 169 26.07 -12.80 8.27
CA THR A 169 26.53 -14.17 8.37
C THR A 169 27.15 -14.62 7.00
N PHE A 170 26.49 -14.31 5.88
CA PHE A 170 26.97 -14.67 4.54
C PHE A 170 28.35 -14.00 4.27
N ASN A 171 28.46 -12.72 4.59
CA ASN A 171 29.76 -12.02 4.47
C ASN A 171 30.86 -12.82 5.19
N PHE A 172 30.53 -13.25 6.43
CA PHE A 172 31.50 -14.02 7.22
C PHE A 172 31.86 -15.33 6.49
N MET A 173 30.85 -16.05 6.00
CA MET A 173 31.12 -17.28 5.25
C MET A 173 32.02 -17.09 4.04
N ILE A 174 31.76 -16.02 3.29
CA ILE A 174 32.46 -15.82 2.04
C ILE A 174 33.95 -15.43 2.29
N VAL A 175 34.15 -14.51 3.23
CA VAL A 175 35.52 -14.08 3.57
C VAL A 175 36.23 -15.32 4.14
N PHE A 176 35.50 -16.12 4.90
CA PHE A 176 36.10 -17.31 5.48
C PHE A 176 36.58 -18.29 4.42
N GLN A 177 35.78 -18.48 3.35
CA GLN A 177 36.20 -19.35 2.27
C GLN A 177 37.49 -18.79 1.59
N ALA A 178 37.55 -17.50 1.38
CA ALA A 178 38.73 -16.87 0.77
C ALA A 178 40.01 -17.07 1.56
N GLU A 179 39.88 -16.98 2.88
CA GLU A 179 41.02 -16.98 3.81
C GLU A 179 41.40 -18.34 4.33
N HIS A 180 40.50 -19.31 4.20
CA HIS A 180 40.79 -20.60 4.83
C HIS A 180 40.45 -21.77 3.96
N ASN A 181 39.83 -21.50 2.81
CA ASN A 181 39.39 -22.59 1.94
C ASN A 181 38.60 -23.63 2.78
N ILE A 182 37.58 -23.14 3.50
CA ILE A 182 36.89 -23.99 4.48
C ILE A 182 36.25 -25.20 3.78
N LEU A 183 35.83 -25.04 2.54
CA LEU A 183 35.16 -26.12 1.86
C LEU A 183 36.03 -27.38 1.72
N MET A 184 37.34 -27.14 1.52
CA MET A 184 38.36 -28.19 1.37
C MET A 184 38.89 -28.65 2.78
N HIS A 185 38.23 -28.26 3.85
CA HIS A 185 38.68 -28.67 5.17
C HIS A 185 37.85 -29.83 5.62
N PRO A 186 38.52 -30.93 6.02
CA PRO A 186 37.77 -32.14 6.30
C PRO A 186 36.83 -32.02 7.50
N PHE A 187 37.12 -31.11 8.44
CA PHE A 187 36.22 -30.91 9.60
C PHE A 187 34.95 -30.23 9.14
N HIS A 188 35.06 -29.39 8.11
CA HIS A 188 33.85 -28.76 7.59
C HIS A 188 33.10 -29.83 6.85
N GLN A 189 33.83 -30.71 6.15
CA GLN A 189 33.17 -31.83 5.41
C GLN A 189 32.42 -32.77 6.34
N LEU A 190 33.00 -33.04 7.50
CA LEU A 190 32.33 -33.84 8.56
C LEU A 190 31.11 -33.10 9.05
N GLY A 191 31.20 -31.77 9.12
CA GLY A 191 30.05 -30.95 9.49
C GLY A 191 28.89 -31.07 8.53
N VAL A 192 29.19 -31.03 7.23
CA VAL A 192 28.17 -31.23 6.21
C VAL A 192 27.55 -32.61 6.33
N ALA A 193 28.40 -33.63 6.43
CA ALA A 193 27.95 -35.01 6.65
C ALA A 193 27.04 -35.04 7.90
N GLY A 194 27.44 -34.31 8.93
CA GLY A 194 26.68 -34.20 10.13
C GLY A 194 25.31 -33.58 9.92
N VAL A 195 25.21 -32.43 9.27
CA VAL A 195 23.89 -31.79 9.08
C VAL A 195 23.05 -32.41 7.96
N PHE A 196 23.67 -32.76 6.82
CA PHE A 196 22.93 -33.51 5.77
C PHE A 196 22.45 -34.85 6.36
N GLY A 197 23.32 -35.57 7.09
CA GLY A 197 22.96 -36.87 7.70
C GLY A 197 21.86 -36.67 8.74
N GLY A 198 22.03 -35.64 9.58
CA GLY A 198 21.04 -35.29 10.61
C GLY A 198 19.66 -35.08 9.99
N ALA A 199 19.60 -34.29 8.90
CA ALA A 199 18.35 -34.09 8.15
C ALA A 199 17.79 -35.42 7.63
N LEU A 200 18.69 -36.23 7.07
CA LEU A 200 18.29 -37.46 6.43
C LEU A 200 17.65 -38.44 7.44
N PHE A 201 18.35 -38.65 8.55
CA PHE A 201 17.95 -39.61 9.54
C PHE A 201 16.70 -39.13 10.26
N CYS A 202 16.58 -37.80 10.42
CA CYS A 202 15.35 -37.14 10.84
C CYS A 202 14.17 -37.49 9.94
N ALA A 203 14.33 -37.25 8.64
CA ALA A 203 13.27 -37.57 7.66
C ALA A 203 12.98 -39.07 7.75
N MET A 204 14.04 -39.87 7.75
CA MET A 204 13.93 -41.35 7.94
C MET A 204 13.20 -41.83 9.19
N HIS A 205 13.72 -41.45 10.35
CA HIS A 205 13.09 -41.80 11.62
C HIS A 205 11.65 -41.36 11.73
N GLY A 206 11.40 -40.10 11.35
CA GLY A 206 10.07 -39.55 11.35
C GLY A 206 9.18 -40.44 10.49
N SER A 207 9.66 -40.74 9.30
CA SER A 207 8.87 -41.48 8.35
C SER A 207 8.73 -42.97 8.78
N LEU A 208 9.75 -43.53 9.43
CA LEU A 208 9.63 -44.96 9.73
C LEU A 208 8.60 -45.14 10.85
N VAL A 209 8.66 -44.29 11.84
CA VAL A 209 7.72 -44.40 12.95
C VAL A 209 6.28 -44.10 12.54
N THR A 210 6.11 -43.03 11.77
CA THR A 210 4.80 -42.62 11.26
C THR A 210 4.14 -43.74 10.42
N SER A 211 4.94 -44.44 9.62
CA SER A 211 4.45 -45.43 8.69
C SER A 211 3.95 -46.63 9.45
N SER A 212 4.29 -46.66 10.74
CA SER A 212 4.10 -47.81 11.60
C SER A 212 3.14 -47.55 12.75
N LEU A 213 2.41 -46.45 12.69
CA LEU A 213 1.47 -46.15 13.76
C LEU A 213 0.40 -47.21 13.74
N ILE A 214 0.00 -47.65 14.92
CA ILE A 214 -1.03 -48.65 15.02
C ILE A 214 -2.38 -47.96 14.79
N ARG A 215 -3.23 -48.60 13.99
CA ARG A 215 -4.63 -48.15 13.75
C ARG A 215 -5.42 -47.98 15.06
N GLU A 216 -5.69 -46.72 15.41
CA GLU A 216 -6.39 -46.35 16.65
C GLU A 216 -7.47 -45.31 16.41
N THR A 217 -7.54 -44.79 15.18
CA THR A 217 -8.41 -43.65 14.86
C THR A 217 -9.31 -43.94 13.66
N THR A 218 -10.41 -43.20 13.56
CA THR A 218 -11.32 -43.26 12.41
C THR A 218 -10.65 -42.75 11.13
N GLU A 219 -11.21 -43.15 9.98
CA GLU A 219 -10.75 -42.72 8.66
C GLU A 219 -10.80 -41.19 8.44
N THR A 220 -11.55 -40.49 9.31
CA THR A 220 -11.72 -39.02 9.24
C THR A 220 -10.80 -38.21 10.22
N GLU A 221 -10.75 -38.64 11.50
CA GLU A 221 -9.92 -38.01 12.56
C GLU A 221 -8.38 -38.12 12.36
N SER A 222 -7.64 -37.09 12.79
CA SER A 222 -6.16 -37.13 12.73
C SER A 222 -5.65 -38.42 13.42
N ALA A 223 -4.61 -39.06 12.86
CA ALA A 223 -3.99 -40.22 13.50
C ALA A 223 -3.33 -39.86 14.86
N ASN A 224 -3.05 -38.56 15.07
CA ASN A 224 -2.42 -38.08 16.28
C ASN A 224 -3.29 -38.38 17.51
N TYR A 225 -4.62 -38.33 17.32
CA TYR A 225 -5.62 -38.79 18.29
C TYR A 225 -5.49 -40.26 18.69
N GLY A 226 -4.82 -41.06 17.87
CA GLY A 226 -4.46 -42.44 18.20
C GLY A 226 -3.41 -42.59 19.31
N TYR A 227 -2.65 -41.53 19.59
CA TYR A 227 -1.70 -41.52 20.73
C TYR A 227 -2.17 -40.59 21.88
N LYS A 228 -2.18 -41.10 23.12
CA LYS A 228 -2.49 -40.28 24.31
C LYS A 228 -1.23 -40.00 25.13
N PHE A 229 -1.03 -38.72 25.49
CA PHE A 229 0.03 -38.32 26.41
C PHE A 229 0.12 -39.19 27.67
N GLY A 230 1.29 -39.81 27.82
CA GLY A 230 1.61 -40.57 29.00
C GLY A 230 1.29 -42.05 28.91
N GLN A 231 0.56 -42.45 27.86
CA GLN A 231 0.24 -43.87 27.67
C GLN A 231 1.50 -44.75 27.79
N GLU A 232 1.30 -45.96 28.32
CA GLU A 232 2.42 -46.87 28.65
C GLU A 232 2.82 -47.72 27.44
N GLU A 233 1.84 -48.10 26.62
CA GLU A 233 2.08 -48.85 25.39
C GLU A 233 2.70 -47.94 24.31
N GLU A 234 3.64 -48.50 23.53
CA GLU A 234 4.29 -47.78 22.44
C GLU A 234 3.35 -47.68 21.22
N THR A 235 3.24 -46.46 20.71
CA THR A 235 2.19 -46.04 19.77
C THR A 235 2.39 -46.51 18.32
N TYR A 236 3.57 -47.05 18.04
CA TYR A 236 3.91 -47.62 16.74
C TYR A 236 4.59 -48.98 16.95
N ASN A 237 4.66 -49.79 15.88
CA ASN A 237 5.30 -51.11 15.92
C ASN A 237 6.71 -51.17 15.31
N ILE A 238 7.74 -51.05 16.16
CA ILE A 238 9.15 -51.05 15.75
C ILE A 238 9.61 -52.30 14.93
N VAL A 239 8.99 -53.45 15.18
CA VAL A 239 9.27 -54.69 14.42
C VAL A 239 8.83 -54.56 12.94
N ALA A 240 7.64 -53.99 12.73
CA ALA A 240 7.18 -53.66 11.37
C ALA A 240 8.09 -52.61 10.67
N ALA A 241 8.56 -51.63 11.41
CA ALA A 241 9.47 -50.60 10.89
C ALA A 241 10.79 -51.24 10.42
N HIS A 242 11.37 -52.09 11.28
CA HIS A 242 12.58 -52.85 10.98
C HIS A 242 12.37 -53.80 9.83
N GLY A 243 11.20 -54.44 9.78
CA GLY A 243 10.84 -55.35 8.68
C GLY A 243 10.89 -54.63 7.34
N TYR A 244 10.39 -53.40 7.34
CA TYR A 244 10.48 -52.53 6.18
C TYR A 244 11.93 -52.12 5.88
N PHE A 245 12.61 -51.49 6.85
CA PHE A 245 13.92 -50.89 6.56
C PHE A 245 15.01 -51.93 6.27
N GLY A 246 15.09 -52.96 7.12
CA GLY A 246 15.95 -54.13 6.87
C GLY A 246 15.75 -54.71 5.47
N ARG A 247 14.54 -54.68 4.93
CA ARG A 247 14.35 -55.10 3.53
C ARG A 247 14.69 -54.01 2.52
N LEU A 248 14.51 -52.74 2.89
CA LEU A 248 14.83 -51.62 1.97
C LEU A 248 16.30 -51.66 1.55
N ILE A 249 17.15 -51.85 2.56
CA ILE A 249 18.60 -51.99 2.34
C ILE A 249 18.94 -53.48 2.50
N PHE A 250 19.44 -53.88 3.67
CA PHE A 250 19.52 -55.30 4.07
C PHE A 250 19.29 -55.37 5.59
N GLN A 251 18.99 -56.57 6.08
CA GLN A 251 18.59 -56.78 7.48
C GLN A 251 19.47 -56.05 8.53
N TYR A 252 20.79 -56.26 8.47
CA TYR A 252 21.73 -55.74 9.47
C TYR A 252 22.10 -54.27 9.24
N ALA A 253 21.66 -53.71 8.12
CA ALA A 253 21.74 -52.25 7.86
C ALA A 253 20.61 -51.49 8.58
N SER A 254 19.80 -52.21 9.36
CA SER A 254 18.60 -51.67 9.98
C SER A 254 18.59 -51.92 11.49
N PHE A 255 17.99 -51.01 12.24
CA PHE A 255 17.93 -51.10 13.70
C PHE A 255 16.63 -51.78 14.15
N ASN A 256 16.76 -52.76 15.05
CA ASN A 256 15.59 -53.30 15.80
C ASN A 256 15.63 -52.94 17.30
N ASN A 257 16.72 -52.29 17.70
CA ASN A 257 16.89 -51.83 19.08
C ASN A 257 16.66 -50.33 19.11
N SER A 258 15.48 -49.92 19.55
CA SER A 258 15.16 -48.51 19.73
C SER A 258 16.25 -47.70 20.45
N ARG A 259 16.94 -48.32 21.42
CA ARG A 259 17.91 -47.57 22.22
C ARG A 259 19.19 -47.22 21.44
N SER A 260 19.75 -48.20 20.75
CA SER A 260 20.89 -47.98 19.89
C SER A 260 20.48 -47.09 18.70
N LEU A 261 19.27 -47.29 18.17
CA LEU A 261 18.77 -46.38 17.11
C LEU A 261 18.70 -44.90 17.58
N HIS A 262 18.16 -44.65 18.78
CA HIS A 262 18.10 -43.28 19.27
C HIS A 262 19.48 -42.75 19.60
N PHE A 263 20.38 -43.62 20.04
CA PHE A 263 21.78 -43.23 20.26
C PHE A 263 22.42 -42.69 18.96
N PHE A 264 22.25 -43.43 17.87
CA PHE A 264 22.78 -43.07 16.57
C PHE A 264 22.21 -41.73 16.11
N LEU A 265 20.88 -41.56 16.24
CA LEU A 265 20.27 -40.23 16.07
C LEU A 265 20.90 -39.10 16.91
N ALA A 266 21.28 -39.37 18.15
CA ALA A 266 21.96 -38.31 18.93
C ALA A 266 23.36 -38.11 18.38
N ALA A 267 24.10 -39.21 18.22
CA ALA A 267 25.56 -39.16 17.95
C ALA A 267 25.97 -38.59 16.59
N TRP A 268 25.21 -38.94 15.55
CA TRP A 268 25.62 -38.58 14.22
C TRP A 268 25.71 -37.05 14.00
N PRO A 269 24.61 -36.30 14.22
CA PRO A 269 24.72 -34.83 14.02
C PRO A 269 25.56 -34.14 15.08
N VAL A 270 25.53 -34.65 16.32
CA VAL A 270 26.30 -34.04 17.41
C VAL A 270 27.82 -34.14 17.14
N VAL A 271 28.29 -35.29 16.72
CA VAL A 271 29.71 -35.48 16.47
C VAL A 271 30.12 -34.68 15.23
N GLY A 272 29.31 -34.75 14.17
CA GLY A 272 29.58 -34.00 12.95
C GLY A 272 29.60 -32.51 13.22
N VAL A 273 28.64 -32.01 14.00
CA VAL A 273 28.67 -30.57 14.38
C VAL A 273 29.84 -30.22 15.33
N TRP A 274 30.33 -31.18 16.11
CA TRP A 274 31.55 -30.94 16.90
C TRP A 274 32.72 -30.68 15.96
N PHE A 275 32.86 -31.53 14.95
CA PHE A 275 33.87 -31.30 13.94
C PHE A 275 33.73 -29.98 13.19
N THR A 276 32.51 -29.61 12.80
CA THR A 276 32.25 -28.26 12.29
C THR A 276 32.82 -27.19 13.25
N ALA A 277 32.43 -27.22 14.54
CA ALA A 277 32.91 -26.23 15.52
C ALA A 277 34.45 -26.22 15.55
N LEU A 278 35.03 -27.41 15.57
CA LEU A 278 36.45 -27.55 15.64
C LEU A 278 37.11 -27.12 14.32
N GLY A 279 36.41 -27.26 13.20
CA GLY A 279 36.89 -26.73 11.92
C GLY A 279 37.11 -25.22 12.11
N ILE A 280 36.04 -24.51 12.49
CA ILE A 280 36.14 -23.08 12.64
C ILE A 280 37.19 -22.75 13.72
N SER A 281 37.20 -23.48 14.85
CA SER A 281 38.15 -23.16 15.94
C SER A 281 39.58 -23.47 15.59
N THR A 282 39.81 -24.35 14.61
CA THR A 282 41.22 -24.59 14.22
C THR A 282 41.71 -23.76 13.04
N MET A 283 40.80 -23.43 12.14
CA MET A 283 41.09 -22.39 11.14
C MET A 283 41.23 -21.03 11.82
N ALA A 284 40.69 -20.90 13.02
CA ALA A 284 41.01 -19.72 13.87
C ALA A 284 42.51 -19.52 14.00
N PHE A 285 43.28 -20.61 13.98
CA PHE A 285 44.74 -20.51 14.08
C PHE A 285 45.41 -20.84 12.73
N ASN A 286 44.66 -20.64 11.63
CA ASN A 286 45.22 -20.63 10.29
C ASN A 286 45.77 -21.97 9.85
N LEU A 287 45.24 -23.03 10.43
CA LEU A 287 45.47 -24.34 9.82
C LEU A 287 44.31 -24.63 8.86
N ASN A 288 44.57 -24.46 7.57
CA ASN A 288 43.47 -24.36 6.61
C ASN A 288 43.13 -25.57 5.77
N GLY A 289 42.08 -25.46 4.97
CA GLY A 289 41.65 -26.58 4.12
C GLY A 289 42.78 -27.00 3.20
N PHE A 290 42.71 -28.24 2.72
CA PHE A 290 43.65 -28.72 1.71
C PHE A 290 43.88 -27.77 0.55
N ASN A 291 45.15 -27.64 0.20
CA ASN A 291 45.56 -26.81 -0.93
C ASN A 291 46.15 -27.69 -2.04
N PHE A 292 45.41 -27.88 -3.11
CA PHE A 292 45.91 -28.63 -4.27
C PHE A 292 46.05 -27.68 -5.46
N ASN A 293 46.42 -26.43 -5.20
CA ASN A 293 46.58 -25.44 -6.26
C ASN A 293 47.86 -25.74 -7.07
N HIS A 294 47.69 -25.95 -8.37
CA HIS A 294 48.79 -26.36 -9.22
C HIS A 294 49.39 -27.70 -8.85
N SER A 295 48.56 -28.64 -8.36
CA SER A 295 49.08 -29.94 -7.92
C SER A 295 49.37 -30.88 -9.08
N VAL A 296 48.59 -30.81 -10.14
CA VAL A 296 48.83 -31.63 -11.32
C VAL A 296 49.71 -30.84 -12.30
N ILE A 297 50.82 -31.45 -12.69
CA ILE A 297 51.81 -30.85 -13.60
C ILE A 297 52.02 -31.77 -14.83
N ASP A 298 52.17 -31.22 -16.02
CA ASP A 298 52.47 -32.09 -17.17
C ASP A 298 53.98 -32.38 -17.37
N ALA A 299 54.29 -33.11 -18.44
CA ALA A 299 55.65 -33.57 -18.66
C ALA A 299 56.64 -32.42 -18.78
N LYS A 300 56.23 -31.35 -19.47
CA LYS A 300 57.08 -30.18 -19.60
C LYS A 300 57.22 -29.37 -18.29
N GLY A 301 56.16 -29.44 -17.45
CA GLY A 301 55.96 -28.50 -16.31
C GLY A 301 54.80 -27.50 -16.49
N ASN A 302 53.99 -27.62 -17.56
CA ASN A 302 52.73 -26.89 -17.62
C ASN A 302 51.82 -27.33 -16.47
N VAL A 303 51.16 -26.37 -15.84
CA VAL A 303 50.19 -26.67 -14.78
C VAL A 303 48.95 -27.13 -15.49
N ILE A 304 48.45 -28.29 -15.07
CA ILE A 304 47.14 -28.78 -15.55
C ILE A 304 46.10 -28.54 -14.45
N ASN A 305 45.20 -27.61 -14.68
CA ASN A 305 44.23 -27.29 -13.67
C ASN A 305 43.32 -28.46 -13.30
N THR A 306 42.90 -28.47 -12.03
CA THR A 306 41.80 -29.32 -11.59
C THR A 306 40.67 -28.47 -11.03
N TRP A 307 39.61 -29.11 -10.56
CA TRP A 307 38.55 -28.40 -9.89
C TRP A 307 39.04 -27.65 -8.66
N ALA A 308 40.11 -28.13 -7.98
CA ALA A 308 40.73 -27.33 -6.92
C ALA A 308 41.21 -25.97 -7.41
N ASP A 309 41.71 -25.91 -8.66
CA ASP A 309 42.23 -24.67 -9.20
C ASP A 309 41.11 -23.71 -9.54
N ILE A 310 39.96 -24.20 -10.00
CA ILE A 310 38.79 -23.33 -10.28
C ILE A 310 38.24 -22.77 -8.95
N ILE A 311 38.20 -23.61 -7.92
CA ILE A 311 37.93 -23.12 -6.54
C ILE A 311 38.87 -21.95 -6.18
N ASN A 312 40.18 -22.13 -6.44
CA ASN A 312 41.15 -21.09 -6.20
C ASN A 312 40.82 -19.77 -6.90
N ARG A 313 40.41 -19.84 -8.17
CA ARG A 313 40.04 -18.66 -8.90
C ARG A 313 38.85 -17.93 -8.21
N ALA A 314 37.84 -18.69 -7.74
CA ALA A 314 36.72 -18.04 -7.02
C ALA A 314 37.21 -17.44 -5.69
N ASN A 315 37.98 -18.21 -4.93
CA ASN A 315 38.53 -17.66 -3.65
C ASN A 315 39.32 -16.37 -3.83
N LEU A 316 40.07 -16.28 -4.93
CA LEU A 316 40.85 -15.11 -5.26
C LEU A 316 39.94 -13.85 -5.45
N GLY A 317 38.81 -14.04 -6.16
CA GLY A 317 37.82 -12.98 -6.32
C GLY A 317 37.33 -12.43 -4.99
N MET A 318 37.10 -13.31 -4.02
CA MET A 318 36.62 -12.91 -2.71
C MET A 318 37.73 -12.14 -1.99
N GLU A 319 38.91 -12.75 -1.99
CA GLU A 319 40.07 -12.17 -1.37
C GLU A 319 40.32 -10.72 -1.80
N VAL A 320 40.46 -10.50 -3.08
CA VAL A 320 40.90 -9.17 -3.50
C VAL A 320 39.84 -8.07 -3.30
N MET A 321 38.56 -8.44 -3.15
CA MET A 321 37.47 -7.45 -3.05
C MET A 321 37.13 -7.18 -1.60
N HIS A 322 37.27 -8.18 -0.73
CA HIS A 322 36.76 -8.02 0.62
C HIS A 322 37.45 -6.88 1.32
N GLU A 323 36.68 -6.08 2.08
CA GLU A 323 37.25 -4.97 2.83
C GLU A 323 38.17 -4.15 1.96
N ARG A 324 37.61 -3.65 0.85
CA ARG A 324 38.35 -3.09 -0.27
C ARG A 324 39.24 -1.86 0.07
N ASN A 325 39.10 -1.27 1.26
CA ASN A 325 39.89 -0.10 1.63
C ASN A 325 40.77 -0.40 2.84
N ALA A 326 40.77 -1.65 3.32
CA ALA A 326 41.44 -1.92 4.59
C ALA A 326 42.90 -2.38 4.47
N HIS A 327 43.34 -2.83 3.29
CA HIS A 327 44.70 -3.35 3.20
C HIS A 327 45.64 -2.39 2.52
N ASN A 328 46.82 -2.17 3.11
CA ASN A 328 47.86 -1.33 2.52
C ASN A 328 49.08 -2.09 2.02
N PHE A 329 49.26 -3.30 2.55
CA PHE A 329 50.39 -4.15 2.24
C PHE A 329 49.91 -5.45 1.58
N PRO A 330 50.81 -6.14 0.86
CA PRO A 330 50.37 -7.11 -0.16
C PRO A 330 49.76 -8.39 0.36
N LEU A 331 50.02 -8.75 1.61
CA LEU A 331 49.51 -9.98 2.13
C LEU A 331 48.51 -9.69 3.22
N ASP A 332 47.43 -10.47 3.23
CA ASP A 332 46.42 -10.39 4.24
C ASP A 332 46.78 -11.45 5.28
N LEU A 333 47.37 -11.06 6.40
CA LEU A 333 47.92 -12.03 7.36
C LEU A 333 47.03 -12.31 8.57
N ALA A 334 45.92 -11.54 8.68
CA ALA A 334 44.88 -11.82 9.66
C ALA A 334 43.68 -11.08 9.15
N GLY B 1 -13.25 -34.00 14.66
CA GLY B 1 -13.63 -33.42 13.33
C GLY B 1 -12.48 -33.49 12.33
N LEU B 2 -12.74 -33.03 11.10
CA LEU B 2 -11.74 -32.96 10.04
C LEU B 2 -10.67 -31.91 10.30
N PRO B 3 -9.39 -32.32 10.21
CA PRO B 3 -8.27 -31.36 10.26
C PRO B 3 -8.35 -30.47 9.03
N TRP B 4 -7.84 -29.25 9.12
CA TRP B 4 -8.01 -28.27 8.02
C TRP B 4 -7.57 -28.77 6.65
N TYR B 5 -6.53 -29.60 6.64
CA TYR B 5 -5.96 -30.07 5.37
C TYR B 5 -6.80 -31.23 4.78
N ARG B 6 -7.85 -31.66 5.50
CA ARG B 6 -8.81 -32.67 5.01
C ARG B 6 -10.23 -32.16 4.74
N VAL B 7 -10.51 -30.87 4.99
CA VAL B 7 -11.88 -30.39 4.78
C VAL B 7 -12.56 -30.82 3.47
N HIS B 8 -11.83 -30.91 2.35
CA HIS B 8 -12.53 -31.11 1.04
C HIS B 8 -12.82 -32.56 0.76
N THR B 9 -12.34 -33.42 1.67
CA THR B 9 -12.61 -34.88 1.59
C THR B 9 -14.10 -35.21 1.85
N VAL B 10 -14.87 -34.27 2.38
CA VAL B 10 -16.30 -34.48 2.54
C VAL B 10 -16.95 -34.65 1.18
N LEU B 11 -16.21 -34.40 0.10
CA LEU B 11 -16.80 -34.50 -1.25
C LEU B 11 -16.58 -35.87 -1.86
N ILE B 12 -15.68 -36.66 -1.26
CA ILE B 12 -15.30 -37.99 -1.78
C ILE B 12 -16.49 -38.91 -2.09
N ASN B 13 -17.49 -38.89 -1.20
CA ASN B 13 -18.66 -39.76 -1.28
C ASN B 13 -19.87 -39.01 -1.84
N ASP B 14 -19.64 -37.86 -2.45
CA ASP B 14 -20.76 -36.98 -2.78
C ASP B 14 -20.56 -36.43 -4.19
N PRO B 15 -20.90 -37.25 -5.21
CA PRO B 15 -20.65 -36.88 -6.60
C PRO B 15 -21.25 -35.53 -6.98
N GLY B 16 -22.48 -35.27 -6.52
CA GLY B 16 -23.19 -34.03 -6.85
C GLY B 16 -22.41 -32.81 -6.37
N ARG B 17 -21.90 -32.87 -5.14
CA ARG B 17 -21.17 -31.75 -4.58
C ARG B 17 -19.72 -31.67 -5.10
N LEU B 18 -19.20 -32.79 -5.60
CA LEU B 18 -17.91 -32.83 -6.30
C LEU B 18 -18.05 -32.09 -7.60
N ILE B 19 -19.11 -32.42 -8.36
CA ILE B 19 -19.43 -31.69 -9.59
C ILE B 19 -19.62 -30.21 -9.23
N ALA B 20 -20.30 -29.92 -8.12
CA ALA B 20 -20.47 -28.51 -7.69
C ALA B 20 -19.12 -27.79 -7.39
N ALA B 21 -18.24 -28.41 -6.62
CA ALA B 21 -16.92 -27.87 -6.37
C ALA B 21 -16.16 -27.65 -7.71
N HIS B 22 -16.21 -28.65 -8.59
CA HIS B 22 -15.58 -28.56 -9.91
C HIS B 22 -16.08 -27.45 -10.74
N LEU B 23 -17.39 -27.24 -10.63
CA LEU B 23 -18.07 -26.14 -11.30
C LEU B 23 -17.62 -24.79 -10.75
N MET B 24 -17.48 -24.69 -9.42
CA MET B 24 -17.03 -23.46 -8.79
C MET B 24 -15.58 -23.15 -9.23
N HIS B 25 -14.74 -24.20 -9.24
CA HIS B 25 -13.35 -24.05 -9.63
C HIS B 25 -13.28 -23.59 -11.05
N THR B 26 -14.05 -24.23 -11.92
CA THR B 26 -14.12 -23.84 -13.33
C THR B 26 -14.62 -22.40 -13.46
N ALA B 27 -15.58 -22.01 -12.63
CA ALA B 27 -16.11 -20.65 -12.67
C ALA B 27 -15.03 -19.60 -12.30
N LEU B 28 -14.23 -19.89 -11.28
CA LEU B 28 -13.12 -19.06 -10.89
C LEU B 28 -12.03 -18.94 -11.96
N VAL B 29 -11.68 -20.05 -12.60
CA VAL B 29 -10.67 -20.06 -13.64
C VAL B 29 -11.16 -19.22 -14.85
N ALA B 30 -12.43 -19.39 -15.26
CA ALA B 30 -12.91 -18.64 -16.44
C ALA B 30 -13.04 -17.16 -16.07
N GLY B 31 -13.43 -16.92 -14.82
CA GLY B 31 -13.59 -15.57 -14.28
C GLY B 31 -12.23 -14.88 -14.22
N TRP B 32 -11.21 -15.62 -13.81
CA TRP B 32 -9.87 -15.09 -13.87
C TRP B 32 -9.48 -14.69 -15.29
N ALA B 33 -9.65 -15.60 -16.24
CA ALA B 33 -9.30 -15.35 -17.67
C ALA B 33 -9.88 -14.06 -18.16
N GLY B 34 -11.16 -13.85 -17.84
CA GLY B 34 -11.92 -12.69 -18.38
C GLY B 34 -11.46 -11.38 -17.73
N SER B 35 -11.29 -11.44 -16.42
CA SER B 35 -10.81 -10.33 -15.59
C SER B 35 -9.41 -9.93 -15.97
N MET B 36 -8.57 -10.92 -16.22
CA MET B 36 -7.16 -10.68 -16.52
C MET B 36 -7.05 -9.93 -17.82
N ALA B 37 -7.82 -10.40 -18.81
CA ALA B 37 -7.87 -9.81 -20.12
C ALA B 37 -8.26 -8.33 -20.02
N LEU B 38 -9.30 -8.03 -19.26
CA LEU B 38 -9.74 -6.64 -19.09
C LEU B 38 -8.67 -5.80 -18.39
N TYR B 39 -7.95 -6.39 -17.46
CA TYR B 39 -6.94 -5.60 -16.77
C TYR B 39 -5.82 -5.32 -17.80
N GLU B 40 -5.52 -6.32 -18.60
CA GLU B 40 -4.52 -6.11 -19.66
C GLU B 40 -4.93 -5.09 -20.71
N LEU B 41 -6.19 -5.13 -21.16
CA LEU B 41 -6.73 -4.15 -22.05
C LEU B 41 -6.68 -2.74 -21.46
N ALA B 42 -6.88 -2.64 -20.14
CA ALA B 42 -6.91 -1.37 -19.47
C ALA B 42 -5.50 -0.77 -19.41
N THR B 43 -4.47 -1.62 -19.48
CA THR B 43 -3.09 -1.14 -19.35
C THR B 43 -2.21 -1.27 -20.62
N PHE B 44 -2.70 -1.90 -21.69
CA PHE B 44 -1.91 -2.17 -22.88
C PHE B 44 -1.88 -0.95 -23.77
N ASP B 45 -0.66 -0.52 -24.12
CA ASP B 45 -0.46 0.52 -25.15
C ASP B 45 -0.34 -0.16 -26.50
N PRO B 46 -1.31 0.06 -27.40
CA PRO B 46 -1.29 -0.65 -28.68
C PRO B 46 -0.61 0.12 -29.80
N SER B 47 -0.05 1.28 -29.47
CA SER B 47 0.49 2.19 -30.49
C SER B 47 1.81 1.79 -31.18
N ASP B 48 2.50 0.74 -30.74
CA ASP B 48 3.83 0.47 -31.28
C ASP B 48 4.25 -1.00 -31.19
N PRO B 49 3.77 -1.84 -32.11
CA PRO B 49 4.20 -3.25 -32.10
C PRO B 49 5.71 -3.45 -32.36
N VAL B 50 6.42 -2.40 -32.80
CA VAL B 50 7.87 -2.49 -33.11
C VAL B 50 8.71 -2.41 -31.81
N LEU B 51 8.62 -1.31 -31.09
CA LEU B 51 9.48 -1.18 -29.91
C LEU B 51 8.72 -1.25 -28.59
N ASN B 52 7.38 -1.31 -28.64
CA ASN B 52 6.61 -1.59 -27.40
C ASN B 52 5.58 -2.72 -27.60
N PRO B 53 6.03 -3.91 -28.07
CA PRO B 53 5.05 -5.02 -28.18
C PRO B 53 4.53 -5.48 -26.81
N MET B 54 3.48 -6.31 -26.87
CA MET B 54 2.80 -6.82 -25.68
C MET B 54 3.79 -7.43 -24.69
N TRP B 55 4.83 -8.10 -25.21
CA TRP B 55 5.74 -8.77 -24.31
C TRP B 55 6.66 -7.83 -23.54
N ARG B 56 6.70 -6.54 -23.91
CA ARG B 56 7.49 -5.54 -23.18
C ARG B 56 6.67 -5.00 -22.00
N GLN B 57 5.36 -5.21 -22.08
CA GLN B 57 4.42 -4.57 -21.19
C GLN B 57 3.82 -5.52 -20.10
N GLY B 58 4.39 -6.69 -19.87
CA GLY B 58 3.86 -7.57 -18.82
C GLY B 58 2.54 -8.28 -19.17
N MET B 59 2.27 -8.42 -20.47
CA MET B 59 1.02 -9.04 -20.93
C MET B 59 1.16 -10.57 -20.93
N PHE B 60 0.21 -11.24 -20.29
CA PHE B 60 0.30 -12.64 -20.04
C PHE B 60 -0.79 -13.38 -20.81
N VAL B 61 -2.02 -12.84 -20.81
CA VAL B 61 -3.09 -13.53 -21.51
C VAL B 61 -3.27 -13.00 -22.93
N LEU B 62 -3.02 -11.72 -23.13
CA LEU B 62 -3.04 -11.13 -24.44
C LEU B 62 -2.36 -12.01 -25.55
N PRO B 63 -1.09 -12.50 -25.33
CA PRO B 63 -0.49 -13.40 -26.35
C PRO B 63 -1.25 -14.70 -26.65
N PHE B 64 -1.93 -15.24 -25.64
CA PHE B 64 -2.74 -16.44 -25.82
C PHE B 64 -3.96 -16.18 -26.65
N MET B 65 -4.50 -14.97 -26.56
CA MET B 65 -5.63 -14.66 -27.43
C MET B 65 -5.14 -14.54 -28.88
N ALA B 66 -4.01 -13.87 -29.04
CA ALA B 66 -3.40 -13.57 -30.31
C ALA B 66 -2.97 -14.84 -31.01
N ARG B 67 -2.49 -15.80 -30.22
CA ARG B 67 -1.94 -17.05 -30.80
C ARG B 67 -2.98 -17.85 -31.66
N LEU B 68 -4.25 -17.84 -31.26
CA LEU B 68 -5.32 -18.59 -31.95
C LEU B 68 -6.22 -17.69 -32.75
N GLY B 69 -5.85 -16.43 -32.94
CA GLY B 69 -6.52 -15.58 -33.89
C GLY B 69 -7.28 -14.37 -33.39
N VAL B 70 -7.31 -14.12 -32.08
CA VAL B 70 -7.93 -12.88 -31.58
C VAL B 70 -6.82 -11.84 -31.53
N THR B 71 -6.84 -10.88 -32.47
CA THR B 71 -5.76 -9.89 -32.65
C THR B 71 -6.21 -8.43 -32.63
N GLY B 72 -7.52 -8.21 -32.56
CA GLY B 72 -8.18 -6.92 -32.66
C GLY B 72 -9.02 -6.54 -31.44
N SER B 73 -9.22 -5.23 -31.26
CA SER B 73 -10.01 -4.64 -30.21
C SER B 73 -11.22 -3.97 -30.86
N TRP B 74 -12.34 -3.93 -30.14
CA TRP B 74 -13.48 -3.14 -30.60
C TRP B 74 -13.16 -1.68 -30.83
N SER B 75 -12.11 -1.15 -30.21
CA SER B 75 -11.78 0.27 -30.37
C SER B 75 -10.97 0.56 -31.64
N GLY B 76 -10.76 -0.46 -32.47
CA GLY B 76 -10.27 -0.24 -33.84
C GLY B 76 -8.84 -0.60 -34.18
N TRP B 77 -8.06 -1.04 -33.19
CA TRP B 77 -6.67 -1.42 -33.44
C TRP B 77 -6.48 -2.91 -33.49
N SER B 78 -5.33 -3.33 -34.04
CA SER B 78 -4.99 -4.74 -34.01
C SER B 78 -3.54 -4.86 -33.56
N ILE B 79 -3.12 -6.02 -33.05
CA ILE B 79 -1.76 -6.11 -32.47
C ILE B 79 -0.63 -6.03 -33.50
N THR B 80 -0.94 -6.10 -34.79
CA THR B 80 0.08 -5.92 -35.78
C THR B 80 0.21 -4.44 -36.20
N GLY B 81 -0.59 -3.57 -35.57
CA GLY B 81 -0.47 -2.11 -35.77
C GLY B 81 -1.51 -1.52 -36.70
N GLU B 82 -2.51 -2.32 -37.07
CA GLU B 82 -3.52 -1.84 -38.00
C GLU B 82 -4.49 -0.87 -37.31
N THR B 83 -5.15 -0.05 -38.13
CA THR B 83 -6.24 0.83 -37.68
C THR B 83 -7.39 0.57 -38.61
N GLY B 84 -8.60 0.88 -38.14
CA GLY B 84 -9.82 0.70 -38.94
C GLY B 84 -10.40 -0.71 -38.98
N ILE B 85 -9.60 -1.72 -38.67
CA ILE B 85 -10.06 -3.11 -38.70
C ILE B 85 -11.36 -3.34 -37.89
N ASP B 86 -12.22 -4.23 -38.39
CA ASP B 86 -13.42 -4.64 -37.63
C ASP B 86 -13.34 -6.13 -37.23
N PRO B 87 -13.09 -6.39 -35.94
CA PRO B 87 -12.86 -7.76 -35.48
C PRO B 87 -14.14 -8.60 -35.36
N GLY B 88 -15.31 -7.99 -35.50
CA GLY B 88 -16.51 -8.67 -35.06
C GLY B 88 -16.58 -8.81 -33.54
N PHE B 89 -17.40 -9.76 -33.08
CA PHE B 89 -17.59 -9.92 -31.68
C PHE B 89 -16.31 -10.35 -30.96
N TRP B 90 -15.54 -11.20 -31.61
CA TRP B 90 -14.41 -11.83 -30.95
C TRP B 90 -13.17 -10.98 -30.98
N SER B 91 -13.30 -9.74 -30.53
CA SER B 91 -12.19 -8.96 -30.15
C SER B 91 -11.67 -9.49 -28.83
N PHE B 92 -10.56 -8.92 -28.37
CA PHE B 92 -10.09 -9.22 -27.03
C PHE B 92 -11.23 -8.95 -26.05
N GLU B 93 -12.01 -7.89 -26.28
CA GLU B 93 -13.07 -7.56 -25.33
C GLU B 93 -14.18 -8.60 -25.38
N GLY B 94 -14.52 -9.09 -26.58
CA GLY B 94 -15.55 -10.08 -26.70
C GLY B 94 -15.18 -11.38 -25.99
N VAL B 95 -13.91 -11.76 -26.08
CA VAL B 95 -13.42 -12.94 -25.42
C VAL B 95 -13.50 -12.79 -23.91
N ALA B 96 -13.14 -11.60 -23.40
CA ALA B 96 -13.14 -11.39 -21.96
C ALA B 96 -14.58 -11.46 -21.48
N LEU B 97 -15.50 -10.81 -22.19
CA LEU B 97 -16.93 -10.82 -21.80
C LEU B 97 -17.51 -12.25 -21.82
N ALA B 98 -17.23 -13.00 -22.89
CA ALA B 98 -17.63 -14.40 -23.00
C ALA B 98 -17.15 -15.18 -21.75
N HIS B 99 -15.88 -15.02 -21.37
CA HIS B 99 -15.40 -15.69 -20.15
C HIS B 99 -16.12 -15.27 -18.87
N ILE B 100 -16.44 -13.98 -18.74
CA ILE B 100 -17.18 -13.51 -17.58
C ILE B 100 -18.61 -14.11 -17.51
N VAL B 101 -19.31 -14.13 -18.63
CA VAL B 101 -20.67 -14.66 -18.66
C VAL B 101 -20.63 -16.15 -18.31
N LEU B 102 -19.70 -16.86 -18.94
CA LEU B 102 -19.49 -18.28 -18.69
C LEU B 102 -19.22 -18.54 -17.21
N SER B 103 -18.28 -17.77 -16.64
CA SER B 103 -18.02 -17.85 -15.23
C SER B 103 -19.34 -17.77 -14.40
N GLY B 104 -20.18 -16.75 -14.66
CA GLY B 104 -21.50 -16.59 -14.05
C GLY B 104 -22.45 -17.78 -14.18
N LEU B 105 -22.55 -18.35 -15.40
CA LEU B 105 -23.39 -19.51 -15.69
C LEU B 105 -22.87 -20.71 -14.92
N LEU B 106 -21.56 -20.87 -14.93
CA LEU B 106 -20.96 -22.00 -14.20
C LEU B 106 -21.24 -21.87 -12.72
N PHE B 107 -21.22 -20.64 -12.19
CA PHE B 107 -21.41 -20.42 -10.77
C PHE B 107 -22.85 -20.84 -10.35
N LEU B 108 -23.82 -20.37 -11.11
CA LEU B 108 -25.21 -20.74 -10.93
C LEU B 108 -25.43 -22.30 -10.97
N ALA B 109 -24.93 -22.98 -12.01
CA ALA B 109 -24.90 -24.48 -12.03
C ALA B 109 -24.26 -25.07 -10.77
N ALA B 110 -23.14 -24.52 -10.34
CA ALA B 110 -22.54 -24.97 -9.07
C ALA B 110 -23.56 -24.92 -7.92
N CYS B 111 -24.26 -23.78 -7.82
CA CYS B 111 -25.32 -23.60 -6.82
C CYS B 111 -26.36 -24.72 -6.87
N TRP B 112 -26.83 -25.03 -8.06
CA TRP B 112 -27.87 -26.00 -8.26
C TRP B 112 -27.37 -27.34 -7.81
N HIS B 113 -26.15 -27.68 -8.22
CA HIS B 113 -25.62 -29.01 -7.95
C HIS B 113 -25.26 -29.22 -6.52
N TRP B 114 -24.99 -28.12 -5.82
CA TRP B 114 -24.68 -28.20 -4.41
C TRP B 114 -25.97 -28.44 -3.66
N VAL B 115 -27.02 -27.75 -4.08
CA VAL B 115 -28.31 -27.90 -3.43
C VAL B 115 -28.93 -29.28 -3.78
N TYR B 116 -29.06 -29.58 -5.07
CA TYR B 116 -29.62 -30.88 -5.47
C TYR B 116 -28.54 -31.90 -5.64
N TRP B 117 -27.88 -32.19 -4.51
CA TRP B 117 -26.74 -33.11 -4.49
C TRP B 117 -27.21 -34.54 -4.57
N ASP B 118 -28.45 -34.78 -4.14
CA ASP B 118 -28.93 -36.16 -4.01
C ASP B 118 -29.72 -36.56 -5.26
N LEU B 119 -29.03 -36.67 -6.37
CA LEU B 119 -29.65 -37.13 -7.59
C LEU B 119 -29.51 -38.64 -7.72
N GLU B 120 -30.62 -39.26 -8.10
CA GLU B 120 -30.68 -40.74 -8.24
C GLU B 120 -29.63 -41.30 -9.22
N LEU B 121 -29.29 -40.51 -10.21
CA LEU B 121 -28.15 -40.83 -11.10
C LEU B 121 -26.82 -41.12 -10.40
N PHE B 122 -26.60 -40.54 -9.22
CA PHE B 122 -25.33 -40.72 -8.58
C PHE B 122 -25.30 -41.96 -7.66
N ARG B 123 -26.46 -42.61 -7.50
CA ARG B 123 -26.57 -43.81 -6.66
C ARG B 123 -26.34 -45.07 -7.47
N ASP B 124 -25.73 -46.07 -6.85
CA ASP B 124 -25.69 -47.36 -7.49
C ASP B 124 -27.08 -47.96 -7.49
N PRO B 125 -27.55 -48.34 -8.70
CA PRO B 125 -28.92 -48.83 -8.91
C PRO B 125 -29.21 -50.08 -8.06
N ARG B 126 -28.16 -50.82 -7.69
CA ARG B 126 -28.24 -52.06 -6.89
C ARG B 126 -28.05 -51.87 -5.38
N THR B 127 -27.12 -50.99 -4.99
CA THR B 127 -26.75 -50.80 -3.58
C THR B 127 -27.49 -49.64 -2.93
N GLY B 128 -27.89 -48.66 -3.74
CA GLY B 128 -28.30 -47.34 -3.23
C GLY B 128 -27.14 -46.47 -2.71
N GLU B 129 -25.90 -46.95 -2.83
CA GLU B 129 -24.75 -46.23 -2.33
C GLU B 129 -24.20 -45.33 -3.43
N PRO B 130 -23.56 -44.21 -3.04
CA PRO B 130 -23.05 -43.32 -4.09
C PRO B 130 -22.10 -44.06 -5.00
N ALA B 131 -22.27 -43.93 -6.30
CA ALA B 131 -21.41 -44.67 -7.23
C ALA B 131 -21.13 -43.91 -8.49
N LEU B 132 -19.87 -43.96 -8.93
CA LEU B 132 -19.51 -43.45 -10.24
C LEU B 132 -18.78 -44.50 -10.99
N ASP B 133 -19.22 -44.75 -12.23
CA ASP B 133 -18.53 -45.73 -13.04
C ASP B 133 -17.35 -45.11 -13.80
N LEU B 134 -16.18 -45.01 -13.14
CA LEU B 134 -15.03 -44.23 -13.66
C LEU B 134 -14.47 -44.68 -15.00
N PRO B 135 -14.31 -46.01 -15.22
CA PRO B 135 -13.83 -46.50 -16.53
C PRO B 135 -14.70 -46.04 -17.69
N LYS B 136 -16.02 -46.01 -17.50
CA LYS B 136 -16.88 -45.58 -18.59
C LYS B 136 -16.93 -44.05 -18.68
N MET B 137 -16.90 -43.37 -17.53
CA MET B 137 -16.76 -41.88 -17.58
C MET B 137 -15.49 -41.54 -18.35
N PHE B 138 -14.43 -42.30 -18.11
CA PHE B 138 -13.21 -42.04 -18.83
C PHE B 138 -13.40 -42.14 -20.34
N GLY B 139 -14.15 -43.14 -20.81
CA GLY B 139 -14.36 -43.34 -22.24
C GLY B 139 -15.16 -42.20 -22.86
N ILE B 140 -16.24 -41.83 -22.18
CA ILE B 140 -17.08 -40.72 -22.57
C ILE B 140 -16.25 -39.45 -22.73
N HIS B 141 -15.53 -39.09 -21.66
CA HIS B 141 -14.71 -37.84 -21.66
C HIS B 141 -13.64 -37.86 -22.72
N LEU B 142 -13.04 -39.03 -22.95
CA LEU B 142 -11.97 -39.15 -23.92
C LEU B 142 -12.52 -39.07 -25.35
N PHE B 143 -13.72 -39.65 -25.56
CA PHE B 143 -14.42 -39.49 -26.82
C PHE B 143 -14.65 -38.02 -27.10
N LEU B 144 -15.21 -37.31 -26.10
CA LEU B 144 -15.41 -35.84 -26.19
C LEU B 144 -14.10 -35.06 -26.45
N ALA B 145 -13.04 -35.36 -25.69
CA ALA B 145 -11.71 -34.72 -25.91
C ALA B 145 -11.22 -34.93 -27.34
N GLY B 146 -11.31 -36.16 -27.82
CA GLY B 146 -10.85 -36.48 -29.22
C GLY B 146 -11.62 -35.67 -30.25
N LEU B 147 -12.95 -35.58 -30.11
CA LEU B 147 -13.75 -34.85 -31.08
C LEU B 147 -13.39 -33.38 -31.08
N LEU B 148 -13.18 -32.82 -29.88
CA LEU B 148 -12.82 -31.40 -29.77
C LEU B 148 -11.42 -31.19 -30.34
N CYS B 149 -10.50 -32.04 -29.92
CA CYS B 149 -9.13 -31.94 -30.38
C CYS B 149 -9.10 -31.98 -31.92
N PHE B 150 -9.78 -32.98 -32.51
CA PHE B 150 -9.88 -33.14 -33.95
C PHE B 150 -10.50 -31.92 -34.59
N GLY B 151 -11.56 -31.44 -34.00
CA GLY B 151 -12.24 -30.28 -34.59
C GLY B 151 -11.38 -29.03 -34.58
N PHE B 152 -10.66 -28.85 -33.46
CA PHE B 152 -9.78 -27.69 -33.30
C PHE B 152 -8.75 -27.68 -34.41
N GLY B 153 -8.15 -28.85 -34.67
CA GLY B 153 -7.14 -28.95 -35.75
C GLY B 153 -7.73 -28.84 -37.15
N ALA B 154 -8.84 -29.55 -37.36
CA ALA B 154 -9.47 -29.71 -38.70
C ALA B 154 -10.12 -28.43 -39.22
N PHE B 155 -10.78 -27.67 -38.36
CA PHE B 155 -11.51 -26.50 -38.81
C PHE B 155 -10.88 -25.16 -38.38
N HIS B 156 -10.43 -25.09 -37.13
CA HIS B 156 -9.90 -23.85 -36.58
C HIS B 156 -8.53 -23.56 -37.13
N LEU B 157 -7.61 -24.47 -36.91
CA LEU B 157 -6.22 -24.25 -37.30
C LEU B 157 -6.02 -24.22 -38.84
N THR B 158 -6.71 -25.09 -39.57
CA THR B 158 -6.54 -25.15 -41.04
C THR B 158 -7.16 -23.93 -41.61
N GLY B 159 -8.01 -23.28 -40.82
CA GLY B 159 -8.77 -22.16 -41.34
C GLY B 159 -10.03 -22.57 -42.14
N LEU B 160 -10.31 -23.86 -42.28
CA LEU B 160 -11.52 -24.28 -42.98
CA LEU B 160 -11.54 -24.31 -42.95
C LEU B 160 -12.78 -23.63 -42.37
N PHE B 161 -12.90 -23.66 -41.03
CA PHE B 161 -13.98 -22.96 -40.32
C PHE B 161 -13.39 -22.37 -39.00
N GLY B 162 -12.74 -21.22 -39.13
CA GLY B 162 -11.90 -20.67 -38.08
C GLY B 162 -10.80 -19.82 -38.67
N PRO B 163 -10.05 -19.11 -37.84
CA PRO B 163 -9.09 -18.11 -38.28
C PRO B 163 -7.67 -18.60 -38.51
N GLY B 164 -7.34 -19.81 -38.07
CA GLY B 164 -5.97 -20.28 -38.16
C GLY B 164 -5.18 -20.05 -36.87
N MET B 165 -3.90 -19.73 -37.04
CA MET B 165 -2.98 -19.58 -35.92
C MET B 165 -1.86 -18.58 -36.26
N TRP B 166 -1.24 -18.01 -35.21
CA TRP B 166 -0.14 -17.06 -35.41
C TRP B 166 1.06 -17.75 -35.99
N VAL B 167 1.63 -17.17 -37.05
CA VAL B 167 2.87 -17.67 -37.65
C VAL B 167 3.74 -16.46 -37.97
N SER B 168 5.04 -16.66 -38.12
CA SER B 168 5.90 -15.55 -38.51
C SER B 168 7.08 -16.08 -39.27
N ASP B 169 7.86 -15.16 -39.82
CA ASP B 169 9.18 -15.45 -40.39
C ASP B 169 10.17 -15.80 -39.25
N PRO B 170 11.35 -16.33 -39.63
CA PRO B 170 12.28 -16.83 -38.62
C PRO B 170 12.92 -15.77 -37.74
N TYR B 171 12.69 -14.50 -38.03
CA TYR B 171 13.17 -13.39 -37.20
C TYR B 171 12.06 -12.58 -36.53
N GLY B 172 10.81 -13.06 -36.62
CA GLY B 172 9.68 -12.47 -35.88
C GLY B 172 9.47 -11.02 -36.22
N LEU B 173 9.52 -10.74 -37.50
CA LEU B 173 9.31 -9.38 -37.99
C LEU B 173 7.97 -9.17 -38.57
N THR B 174 7.35 -10.21 -39.11
CA THR B 174 6.11 -9.99 -39.89
C THR B 174 5.00 -10.97 -39.47
N GLY B 175 4.90 -11.26 -38.19
CA GLY B 175 3.94 -12.23 -37.72
C GLY B 175 2.51 -11.85 -38.02
N SER B 176 1.64 -12.84 -38.16
CA SER B 176 0.22 -12.58 -38.32
C SER B 176 -0.51 -13.92 -38.14
N VAL B 177 -1.83 -13.86 -38.02
CA VAL B 177 -2.65 -15.05 -37.99
C VAL B 177 -2.99 -15.55 -39.40
N GLN B 178 -2.72 -16.84 -39.66
CA GLN B 178 -2.91 -17.45 -41.00
C GLN B 178 -3.51 -18.84 -40.87
N PRO B 179 -4.27 -19.27 -41.89
CA PRO B 179 -4.60 -20.69 -42.03
C PRO B 179 -3.32 -21.52 -42.20
N VAL B 180 -3.30 -22.71 -41.62
CA VAL B 180 -2.12 -23.55 -41.66
C VAL B 180 -2.51 -24.97 -42.05
N ALA B 181 -1.97 -25.44 -43.17
CA ALA B 181 -2.20 -26.80 -43.64
C ALA B 181 -1.39 -27.79 -42.79
N PRO B 182 -1.95 -28.99 -42.52
CA PRO B 182 -1.23 -30.00 -41.77
C PRO B 182 0.00 -30.46 -42.50
N GLU B 183 1.02 -30.87 -41.75
CA GLU B 183 2.22 -31.42 -42.33
C GLU B 183 2.25 -32.87 -41.91
N TRP B 184 2.23 -33.76 -42.91
CA TRP B 184 2.07 -35.19 -42.68
C TRP B 184 3.36 -35.92 -42.76
N GLY B 185 4.38 -35.31 -43.35
CA GLY B 185 5.70 -35.91 -43.35
C GLY B 185 6.46 -35.81 -42.00
N PRO B 186 7.71 -36.29 -41.97
CA PRO B 186 8.50 -36.32 -40.74
C PRO B 186 8.74 -34.91 -40.10
N ASP B 187 8.74 -33.87 -40.91
CA ASP B 187 8.90 -32.49 -40.44
C ASP B 187 7.72 -31.98 -39.58
N GLY B 188 6.68 -32.80 -39.43
CA GLY B 188 5.55 -32.41 -38.64
C GLY B 188 5.91 -32.58 -37.17
N PHE B 189 7.00 -33.29 -36.92
CA PHE B 189 7.49 -33.58 -35.59
C PHE B 189 8.57 -32.58 -35.16
N ASN B 190 8.84 -31.64 -36.06
CA ASN B 190 9.74 -30.54 -35.86
C ASN B 190 8.92 -29.49 -35.09
N PRO B 191 9.38 -29.11 -33.86
CA PRO B 191 8.62 -28.19 -32.97
C PRO B 191 8.45 -26.80 -33.56
N TYR B 192 9.33 -26.42 -34.48
CA TYR B 192 9.20 -25.16 -35.21
C TYR B 192 8.28 -25.19 -36.45
N ASN B 193 7.81 -26.37 -36.81
CA ASN B 193 6.89 -26.49 -37.94
C ASN B 193 5.42 -26.44 -37.51
N PRO B 194 4.73 -25.33 -37.85
CA PRO B 194 3.32 -25.12 -37.49
C PRO B 194 2.34 -26.14 -38.06
N GLY B 195 2.66 -26.69 -39.24
CA GLY B 195 1.80 -27.71 -39.90
C GLY B 195 1.77 -28.95 -39.05
N GLY B 196 2.83 -29.10 -38.25
CA GLY B 196 2.94 -30.18 -37.28
C GLY B 196 1.85 -30.07 -36.23
N VAL B 197 1.52 -28.85 -35.85
CA VAL B 197 0.55 -28.62 -34.79
C VAL B 197 -0.84 -28.99 -35.29
N VAL B 198 -1.10 -28.66 -36.57
CA VAL B 198 -2.39 -28.94 -37.20
C VAL B 198 -2.50 -30.44 -37.33
N ALA B 199 -1.44 -31.08 -37.83
CA ALA B 199 -1.48 -32.55 -38.04
C ALA B 199 -1.72 -33.25 -36.71
N HIS B 200 -0.97 -32.78 -35.68
CA HIS B 200 -1.12 -33.32 -34.34
C HIS B 200 -2.55 -33.33 -33.89
N HIS B 201 -3.26 -32.23 -34.05
CA HIS B 201 -4.62 -32.16 -33.54
C HIS B 201 -5.58 -33.05 -34.28
N ILE B 202 -5.46 -33.02 -35.62
CA ILE B 202 -6.23 -33.92 -36.49
C ILE B 202 -5.97 -35.38 -36.18
N ALA B 203 -4.70 -35.79 -36.18
CA ALA B 203 -4.36 -37.22 -35.95
C ALA B 203 -4.65 -37.72 -34.57
N ALA B 204 -4.18 -36.98 -33.55
CA ALA B 204 -4.38 -37.34 -32.13
C ALA B 204 -5.85 -37.22 -31.78
N GLY B 205 -6.57 -36.30 -32.43
CA GLY B 205 -8.01 -36.29 -32.24
C GLY B 205 -8.72 -37.56 -32.75
N ILE B 206 -8.36 -38.03 -33.95
CA ILE B 206 -8.90 -39.33 -34.41
C ILE B 206 -8.57 -40.46 -33.44
N VAL B 207 -7.34 -40.46 -32.93
CA VAL B 207 -6.91 -41.50 -32.02
C VAL B 207 -7.71 -41.46 -30.72
N GLY B 208 -8.06 -40.26 -30.28
CA GLY B 208 -8.84 -40.10 -29.04
C GLY B 208 -10.30 -40.51 -29.22
N ILE B 209 -10.91 -40.17 -30.36
CA ILE B 209 -12.23 -40.73 -30.76
C ILE B 209 -12.21 -42.25 -30.65
N ILE B 210 -11.28 -42.90 -31.35
CA ILE B 210 -11.17 -44.35 -31.36
C ILE B 210 -10.98 -44.93 -29.95
N ALA B 211 -9.92 -44.51 -29.25
CA ALA B 211 -9.69 -45.01 -27.87
C ALA B 211 -10.87 -44.67 -26.96
N GLY B 212 -11.53 -43.56 -27.25
CA GLY B 212 -12.74 -43.18 -26.54
C GLY B 212 -13.84 -44.24 -26.71
N LEU B 213 -14.20 -44.53 -27.96
CA LEU B 213 -15.18 -45.61 -28.29
C LEU B 213 -14.78 -46.94 -27.65
N PHE B 214 -13.49 -47.28 -27.72
CA PHE B 214 -12.97 -48.43 -26.98
C PHE B 214 -13.20 -48.43 -25.47
N HIS B 215 -12.94 -47.28 -24.83
CA HIS B 215 -13.08 -47.22 -23.35
C HIS B 215 -14.52 -47.17 -22.91
N ILE B 216 -15.40 -46.69 -23.78
CA ILE B 216 -16.83 -46.82 -23.56
C ILE B 216 -17.31 -48.29 -23.67
N LEU B 217 -16.87 -49.00 -24.71
CA LEU B 217 -17.43 -50.33 -25.03
C LEU B 217 -16.86 -51.49 -24.23
N VAL B 218 -15.56 -51.47 -23.98
CA VAL B 218 -14.83 -52.62 -23.44
C VAL B 218 -14.48 -52.34 -21.98
N ARG B 219 -14.95 -53.21 -21.08
CA ARG B 219 -14.63 -53.11 -19.65
C ARG B 219 -13.15 -53.37 -19.28
N PRO B 220 -12.70 -52.83 -18.14
CA PRO B 220 -11.32 -53.10 -17.77
C PRO B 220 -11.09 -54.53 -17.28
N PRO B 221 -9.93 -55.09 -17.65
CA PRO B 221 -9.59 -56.38 -17.12
C PRO B 221 -9.56 -56.29 -15.61
N GLN B 222 -9.99 -57.38 -15.00
CA GLN B 222 -10.08 -57.50 -13.59
C GLN B 222 -8.74 -57.26 -12.98
N ARG B 223 -7.70 -57.80 -13.61
CA ARG B 223 -6.34 -57.64 -13.16
C ARG B 223 -6.00 -56.15 -12.96
N LEU B 224 -6.33 -55.33 -13.95
CA LEU B 224 -6.01 -53.88 -13.94
C LEU B 224 -6.95 -53.17 -12.95
N TYR B 225 -8.22 -53.57 -12.99
CA TYR B 225 -9.25 -52.96 -12.17
C TYR B 225 -8.84 -52.99 -10.72
N LYS B 226 -8.30 -54.12 -10.29
CA LYS B 226 -7.93 -54.28 -8.90
C LYS B 226 -6.58 -53.60 -8.63
N ALA B 227 -5.62 -53.79 -9.52
CA ALA B 227 -4.28 -53.27 -9.27
C ALA B 227 -4.28 -51.73 -9.18
N LEU B 228 -5.09 -51.07 -10.00
CA LEU B 228 -5.18 -49.61 -10.04
C LEU B 228 -6.33 -49.05 -9.19
N ARG B 229 -7.03 -49.93 -8.49
CA ARG B 229 -8.18 -49.56 -7.64
C ARG B 229 -9.18 -48.73 -8.38
N MET B 230 -9.59 -49.21 -9.56
CA MET B 230 -10.56 -48.48 -10.39
C MET B 230 -11.93 -48.18 -9.76
N GLY B 231 -12.24 -48.76 -8.59
CA GLY B 231 -13.44 -48.30 -7.90
C GLY B 231 -13.20 -47.10 -6.98
N ASN B 232 -11.97 -46.57 -6.97
CA ASN B 232 -11.59 -45.47 -6.04
C ASN B 232 -11.26 -44.22 -6.83
N ILE B 233 -12.09 -43.19 -6.64
CA ILE B 233 -11.95 -41.95 -7.39
C ILE B 233 -10.54 -41.30 -7.18
N GLU B 234 -9.92 -41.59 -6.06
CA GLU B 234 -8.58 -41.11 -5.81
C GLU B 234 -7.54 -41.62 -6.85
N THR B 235 -7.73 -42.82 -7.43
CA THR B 235 -6.79 -43.28 -8.45
C THR B 235 -6.77 -42.31 -9.63
N VAL B 236 -7.96 -41.86 -10.04
CA VAL B 236 -8.04 -40.89 -11.15
C VAL B 236 -7.32 -39.58 -10.81
N LEU B 237 -7.57 -39.02 -9.61
CA LEU B 237 -6.83 -37.85 -9.14
C LEU B 237 -5.31 -38.13 -9.32
N SER B 238 -4.87 -39.25 -8.80
CA SER B 238 -3.47 -39.59 -8.90
C SER B 238 -2.90 -39.64 -10.34
N SER B 239 -3.47 -40.48 -11.21
CA SER B 239 -2.96 -40.49 -12.61
C SER B 239 -3.22 -39.16 -13.28
N SER B 240 -4.31 -38.51 -12.96
CA SER B 240 -4.55 -37.23 -13.61
C SER B 240 -3.50 -36.17 -13.22
N ILE B 241 -3.15 -36.10 -11.94
CA ILE B 241 -2.06 -35.23 -11.58
C ILE B 241 -0.81 -35.58 -12.39
N ALA B 242 -0.48 -36.87 -12.52
CA ALA B 242 0.67 -37.29 -13.34
C ALA B 242 0.65 -36.76 -14.76
N ALA B 243 -0.48 -36.90 -15.45
CA ALA B 243 -0.54 -36.42 -16.84
C ALA B 243 -0.36 -34.88 -16.90
N VAL B 244 -0.89 -34.22 -15.86
CA VAL B 244 -0.88 -32.79 -15.74
C VAL B 244 0.57 -32.24 -15.50
N PHE B 245 1.37 -32.88 -14.66
CA PHE B 245 2.76 -32.42 -14.47
C PHE B 245 3.65 -32.71 -15.69
N PHE B 246 3.35 -33.83 -16.37
CA PHE B 246 4.01 -34.15 -17.64
C PHE B 246 3.68 -33.01 -18.56
N ALA B 247 2.40 -32.77 -18.79
CA ALA B 247 2.05 -31.66 -19.70
C ALA B 247 2.67 -30.28 -19.24
N ALA B 248 2.70 -30.01 -17.93
CA ALA B 248 3.25 -28.73 -17.42
C ALA B 248 4.76 -28.65 -17.70
N PHE B 249 5.48 -29.75 -17.56
CA PHE B 249 6.91 -29.73 -17.92
C PHE B 249 7.10 -29.48 -19.42
N VAL B 250 6.26 -30.04 -20.28
CA VAL B 250 6.36 -29.79 -21.71
C VAL B 250 6.14 -28.34 -22.06
N VAL B 251 5.12 -27.71 -21.52
CA VAL B 251 4.88 -26.29 -21.86
C VAL B 251 5.96 -25.33 -21.26
N ALA B 252 6.59 -25.67 -20.15
CA ALA B 252 7.76 -24.93 -19.67
C ALA B 252 8.85 -25.07 -20.72
N GLY B 253 9.09 -26.33 -21.13
CA GLY B 253 10.20 -26.60 -22.06
C GLY B 253 10.03 -25.86 -23.36
N THR B 254 8.83 -25.91 -23.92
CA THR B 254 8.67 -25.27 -25.27
C THR B 254 8.58 -23.74 -25.20
N MET B 255 8.09 -23.23 -24.08
CA MET B 255 8.18 -21.76 -23.84
C MET B 255 9.66 -21.34 -23.74
N TRP B 256 10.50 -22.13 -23.05
CA TRP B 256 11.92 -21.71 -22.87
C TRP B 256 12.78 -21.78 -24.13
N TYR B 257 12.60 -22.85 -24.91
CA TYR B 257 13.38 -23.13 -26.16
C TYR B 257 12.74 -22.51 -27.39
N GLY B 258 11.43 -22.23 -27.29
CA GLY B 258 10.72 -21.69 -28.44
C GLY B 258 10.20 -22.85 -29.28
N SER B 259 9.11 -22.61 -29.98
CA SER B 259 8.51 -23.56 -30.90
C SER B 259 7.53 -22.73 -31.69
N ALA B 260 6.86 -23.36 -32.65
CA ALA B 260 5.81 -22.73 -33.46
C ALA B 260 4.65 -22.25 -32.61
N THR B 261 4.53 -22.77 -31.37
CA THR B 261 3.42 -22.31 -30.50
C THR B 261 3.82 -21.24 -29.46
N THR B 262 5.12 -20.94 -29.39
CA THR B 262 5.62 -19.86 -28.55
C THR B 262 6.36 -18.78 -29.36
N PRO B 263 5.63 -18.07 -30.25
CA PRO B 263 6.24 -17.13 -31.18
C PRO B 263 6.82 -15.94 -30.42
N ILE B 264 7.96 -15.43 -30.91
CA ILE B 264 8.68 -14.33 -30.27
C ILE B 264 7.93 -12.98 -30.27
N GLU B 265 7.06 -12.73 -31.23
CA GLU B 265 6.29 -11.48 -31.23
C GLU B 265 5.17 -11.48 -30.19
N LEU B 266 4.88 -12.64 -29.63
CA LEU B 266 3.87 -12.75 -28.62
C LEU B 266 4.48 -12.89 -27.20
N PHE B 267 5.61 -13.60 -27.05
CA PHE B 267 6.16 -13.94 -25.73
C PHE B 267 7.54 -13.33 -25.55
N GLY B 268 8.12 -12.87 -26.66
CA GLY B 268 9.45 -12.24 -26.66
C GLY B 268 10.46 -13.25 -27.13
N PRO B 269 11.70 -12.82 -27.37
CA PRO B 269 12.68 -13.75 -27.91
C PRO B 269 13.16 -14.70 -26.79
N THR B 270 13.91 -15.74 -27.17
CA THR B 270 14.39 -16.73 -26.23
C THR B 270 15.78 -16.30 -25.83
N ARG B 271 16.26 -16.82 -24.69
CA ARG B 271 17.60 -16.54 -24.23
C ARG B 271 18.64 -17.12 -25.24
N TYR B 272 18.31 -18.21 -25.90
CA TYR B 272 19.29 -18.92 -26.75
C TYR B 272 19.62 -18.05 -27.95
N GLN B 273 18.65 -17.22 -28.34
CA GLN B 273 18.83 -16.38 -29.54
C GLN B 273 19.95 -15.37 -29.23
N TRP B 274 20.07 -14.99 -27.95
CA TRP B 274 21.15 -14.12 -27.49
C TRP B 274 22.42 -14.92 -27.38
N ASP B 275 22.30 -16.10 -26.78
CA ASP B 275 23.41 -17.05 -26.67
C ASP B 275 24.16 -17.29 -28.03
N SER B 276 23.39 -17.36 -29.12
CA SER B 276 23.93 -17.79 -30.38
C SER B 276 24.05 -16.58 -31.33
N SER B 277 23.77 -15.39 -30.79
CA SER B 277 23.80 -14.15 -31.52
C SER B 277 23.01 -14.30 -32.81
N TYR B 278 21.82 -14.85 -32.66
CA TYR B 278 20.96 -15.26 -33.76
C TYR B 278 20.53 -14.06 -34.55
N PHE B 279 20.13 -12.99 -33.88
CA PHE B 279 19.78 -11.76 -34.57
C PHE B 279 20.96 -10.95 -35.09
N GLN B 280 22.06 -10.95 -34.35
CA GLN B 280 23.27 -10.24 -34.78
C GLN B 280 23.82 -10.80 -36.09
N GLN B 281 23.79 -12.13 -36.22
CA GLN B 281 24.18 -12.83 -37.46
C GLN B 281 23.34 -12.42 -38.66
N GLU B 282 22.02 -12.32 -38.47
CA GLU B 282 21.13 -11.93 -39.57
C GLU B 282 21.30 -10.46 -39.93
N ILE B 283 21.51 -9.60 -38.92
CA ILE B 283 21.69 -8.18 -39.12
C ILE B 283 22.99 -7.99 -39.90
N ASN B 284 24.05 -8.69 -39.48
CA ASN B 284 25.34 -8.68 -40.19
C ASN B 284 25.24 -9.15 -41.67
N ARG B 285 24.43 -10.18 -41.94
CA ARG B 285 24.23 -10.72 -43.29
C ARG B 285 23.63 -9.65 -44.18
N ARG B 286 22.54 -9.02 -43.70
CA ARG B 286 21.83 -8.01 -44.47
CA ARG B 286 21.83 -7.98 -44.47
C ARG B 286 22.76 -6.82 -44.77
N VAL B 287 23.55 -6.40 -43.79
CA VAL B 287 24.48 -5.29 -43.93
C VAL B 287 25.58 -5.64 -44.95
N GLN B 288 26.11 -6.86 -44.89
CA GLN B 288 27.08 -7.37 -45.87
C GLN B 288 26.54 -7.44 -47.29
N ALA B 289 25.26 -7.80 -47.42
CA ALA B 289 24.58 -7.89 -48.74
C ALA B 289 24.36 -6.51 -49.37
N SER B 290 23.71 -5.62 -48.61
CA SER B 290 23.64 -4.19 -48.89
C SER B 290 24.97 -3.62 -49.42
N LEU B 291 26.05 -3.86 -48.68
CA LEU B 291 27.38 -3.41 -49.05
C LEU B 291 27.89 -4.08 -50.34
N ALA B 292 27.85 -5.42 -50.37
CA ALA B 292 28.24 -6.22 -51.54
C ALA B 292 27.61 -5.61 -52.79
N SER B 293 26.40 -5.09 -52.65
CA SER B 293 25.65 -4.53 -53.76
C SER B 293 25.68 -2.99 -53.84
N GLY B 294 26.72 -2.36 -53.28
CA GLY B 294 26.93 -0.93 -53.50
C GLY B 294 26.68 0.11 -52.39
N ALA B 295 25.86 -0.25 -51.40
CA ALA B 295 25.43 0.72 -50.38
C ALA B 295 26.56 1.38 -49.61
N THR B 296 26.37 2.63 -49.23
CA THR B 296 27.28 3.20 -48.23
C THR B 296 26.99 2.57 -46.85
N LEU B 297 27.86 2.81 -45.88
CA LEU B 297 27.72 2.15 -44.58
C LEU B 297 26.48 2.73 -43.88
N GLU B 298 26.17 3.99 -44.17
CA GLU B 298 24.99 4.62 -43.59
C GLU B 298 23.72 4.03 -44.15
N GLU B 299 23.74 3.75 -45.45
CA GLU B 299 22.61 3.15 -46.11
C GLU B 299 22.38 1.76 -45.66
N ALA B 300 23.46 1.00 -45.55
CA ALA B 300 23.35 -0.42 -45.24
C ALA B 300 22.69 -0.59 -43.86
N TRP B 301 23.10 0.23 -42.91
CA TRP B 301 22.64 0.13 -41.56
C TRP B 301 21.29 0.81 -41.44
N SER B 302 21.08 1.88 -42.21
CA SER B 302 19.78 2.51 -42.25
C SER B 302 18.72 1.57 -42.82
N ALA B 303 19.16 0.52 -43.51
CA ALA B 303 18.19 -0.42 -44.08
C ALA B 303 17.73 -1.47 -43.03
N ILE B 304 18.36 -1.50 -41.86
CA ILE B 304 18.05 -2.56 -40.89
C ILE B 304 16.75 -2.15 -40.19
N PRO B 305 15.71 -3.02 -40.18
CA PRO B 305 14.50 -2.65 -39.44
C PRO B 305 14.79 -2.50 -37.94
N GLU B 306 14.23 -1.44 -37.35
CA GLU B 306 14.35 -1.23 -35.90
C GLU B 306 13.95 -2.48 -35.11
N LYS B 307 12.96 -3.20 -35.60
CA LYS B 307 12.43 -4.36 -34.87
C LYS B 307 13.47 -5.44 -34.79
N LEU B 308 14.22 -5.62 -35.88
CA LEU B 308 15.32 -6.61 -35.89
C LEU B 308 16.44 -6.22 -34.95
N ALA B 309 16.87 -4.97 -35.03
CA ALA B 309 17.87 -4.44 -34.10
C ALA B 309 17.45 -4.65 -32.66
N PHE B 310 16.14 -4.48 -32.37
CA PHE B 310 15.66 -4.47 -31.00
C PHE B 310 15.77 -5.88 -30.43
N TYR B 311 15.57 -6.88 -31.27
CA TYR B 311 15.76 -8.25 -30.81
C TYR B 311 17.21 -8.51 -30.40
N ASP B 312 18.13 -7.78 -31.04
CA ASP B 312 19.57 -7.97 -30.80
C ASP B 312 20.06 -7.10 -29.64
N TYR B 313 19.29 -7.16 -28.55
CA TYR B 313 19.50 -6.29 -27.36
C TYR B 313 19.17 -7.16 -26.15
N ILE B 314 20.10 -7.18 -25.18
CA ILE B 314 19.98 -8.08 -24.05
C ILE B 314 18.81 -7.73 -23.14
N GLY B 315 18.34 -6.47 -23.16
CA GLY B 315 17.16 -6.07 -22.37
C GLY B 315 15.91 -6.87 -22.73
N ASN B 316 15.95 -7.58 -23.85
CA ASN B 316 14.82 -8.41 -24.27
C ASN B 316 15.07 -9.91 -24.03
N ASN B 317 16.29 -10.27 -23.65
CA ASN B 317 16.63 -11.63 -23.27
C ASN B 317 15.90 -11.97 -21.97
N PRO B 318 15.10 -13.06 -21.95
CA PRO B 318 14.30 -13.34 -20.76
C PRO B 318 15.13 -13.96 -19.62
N ALA B 319 16.44 -14.14 -19.84
CA ALA B 319 17.25 -14.68 -18.76
C ALA B 319 18.00 -13.59 -18.02
N LYS B 320 17.46 -12.38 -18.03
CA LYS B 320 18.16 -11.24 -17.42
C LYS B 320 17.39 -10.61 -16.22
N GLY B 321 16.33 -11.29 -15.75
CA GLY B 321 15.44 -10.78 -14.76
C GLY B 321 15.86 -11.15 -13.32
N GLY B 322 14.94 -10.88 -12.40
CA GLY B 322 15.07 -11.30 -11.05
C GLY B 322 13.69 -11.70 -10.54
N LEU B 323 13.67 -12.57 -9.52
CA LEU B 323 12.41 -13.13 -9.00
C LEU B 323 11.49 -12.05 -8.43
N PHE B 324 12.08 -11.02 -7.79
CA PHE B 324 11.32 -9.96 -7.12
C PHE B 324 11.33 -8.65 -7.87
N ARG B 325 11.78 -8.70 -9.13
CA ARG B 325 11.78 -7.55 -10.03
C ARG B 325 10.48 -7.64 -10.84
N THR B 326 9.49 -6.91 -10.35
CA THR B 326 8.11 -7.17 -10.80
C THR B 326 7.67 -6.30 -11.97
N GLY B 327 6.63 -6.73 -12.69
CA GLY B 327 6.06 -5.87 -13.71
C GLY B 327 6.61 -6.08 -15.12
N PRO B 328 6.25 -5.16 -16.00
CA PRO B 328 6.68 -5.21 -17.38
C PRO B 328 8.19 -4.92 -17.53
N MET B 329 8.76 -5.38 -18.64
CA MET B 329 10.16 -5.04 -18.95
C MET B 329 10.36 -3.56 -19.02
N ASN B 330 9.34 -2.83 -19.46
CA ASN B 330 9.43 -1.41 -19.62
C ASN B 330 9.74 -0.76 -18.26
N LYS B 331 9.46 -1.47 -17.20
CA LYS B 331 9.68 -0.88 -15.87
C LYS B 331 11.16 -0.89 -15.47
N GLY B 332 11.97 -1.64 -16.22
CA GLY B 332 13.40 -1.68 -15.93
C GLY B 332 14.19 -0.70 -16.79
N ASP B 333 14.63 -1.15 -17.95
CA ASP B 333 15.34 -0.27 -18.88
C ASP B 333 14.49 0.89 -19.36
N GLY B 334 13.16 0.74 -19.41
CA GLY B 334 12.30 1.82 -19.86
C GLY B 334 11.43 1.44 -21.07
N ILE B 335 10.61 2.39 -21.56
CA ILE B 335 9.81 2.17 -22.74
C ILE B 335 10.66 2.52 -23.97
N ALA B 336 11.05 1.53 -24.75
CA ALA B 336 11.89 1.81 -25.92
C ALA B 336 11.21 2.81 -26.86
N GLN B 337 11.95 3.85 -27.25
CA GLN B 337 11.48 4.87 -28.21
C GLN B 337 12.05 4.71 -29.62
N ALA B 338 13.33 4.40 -29.73
CA ALA B 338 14.04 4.50 -30.99
C ALA B 338 15.38 3.85 -30.90
N TRP B 339 15.77 3.20 -31.99
CA TRP B 339 17.14 2.73 -32.17
C TRP B 339 18.08 3.91 -32.31
N LYS B 340 19.20 3.89 -31.61
CA LYS B 340 20.13 5.00 -31.77
C LYS B 340 20.99 4.77 -33.03
N GLY B 341 21.06 3.53 -33.47
CA GLY B 341 21.78 3.18 -34.67
C GLY B 341 22.94 2.34 -34.20
N HIS B 342 23.66 1.77 -35.15
CA HIS B 342 24.71 0.86 -34.87
C HIS B 342 25.98 1.58 -34.55
N ALA B 343 26.53 1.36 -33.34
CA ALA B 343 27.80 1.99 -32.98
C ALA B 343 28.96 1.22 -33.59
N VAL B 344 29.85 1.95 -34.26
CA VAL B 344 31.15 1.42 -34.65
C VAL B 344 32.27 2.15 -33.86
N PHE B 345 33.13 1.38 -33.22
CA PHE B 345 34.25 1.96 -32.45
C PHE B 345 35.55 1.78 -33.23
N ARG B 346 36.42 2.78 -33.11
CA ARG B 346 37.74 2.78 -33.75
CA ARG B 346 37.73 2.81 -33.77
C ARG B 346 38.78 3.39 -32.85
N ASN B 347 40.00 2.84 -32.88
CA ASN B 347 41.09 3.50 -32.16
C ASN B 347 41.71 4.60 -33.04
N LYS B 348 42.73 5.28 -32.52
CA LYS B 348 43.48 6.32 -33.23
C LYS B 348 44.16 5.87 -34.54
N GLU B 349 44.33 4.57 -34.74
CA GLU B 349 44.82 4.05 -36.01
C GLU B 349 43.72 3.87 -37.07
N GLY B 350 42.45 4.03 -36.69
CA GLY B 350 41.33 3.75 -37.60
C GLY B 350 40.92 2.29 -37.63
N GLU B 351 41.51 1.51 -36.74
CA GLU B 351 41.16 0.10 -36.70
C GLU B 351 39.78 -0.14 -36.06
N GLU B 352 38.89 -0.86 -36.73
CA GLU B 352 37.58 -1.09 -36.12
C GLU B 352 37.66 -1.95 -34.83
N LEU B 353 36.97 -1.53 -33.78
CA LEU B 353 36.99 -2.25 -32.49
C LEU B 353 35.57 -2.77 -32.08
N PHE B 354 35.51 -3.94 -31.43
CA PHE B 354 34.25 -4.58 -31.04
C PHE B 354 34.15 -4.77 -29.52
N VAL B 355 33.08 -4.23 -28.95
CA VAL B 355 32.76 -4.41 -27.54
C VAL B 355 32.38 -5.84 -27.24
N ARG B 356 33.05 -6.47 -26.27
CA ARG B 356 32.68 -7.84 -25.88
C ARG B 356 31.28 -7.76 -25.19
N ARG B 357 30.33 -8.53 -25.71
CA ARG B 357 28.95 -8.54 -25.22
C ARG B 357 28.80 -9.20 -23.83
N MET B 358 27.80 -8.73 -23.06
CA MET B 358 27.46 -9.36 -21.78
C MET B 358 26.80 -10.71 -22.03
N PRO B 359 27.34 -11.79 -21.45
CA PRO B 359 26.56 -13.04 -21.43
C PRO B 359 25.48 -12.96 -20.34
N ALA B 360 24.38 -13.69 -20.53
CA ALA B 360 23.24 -13.61 -19.58
C ALA B 360 23.62 -13.92 -18.12
N PHE B 361 24.66 -14.70 -17.93
CA PHE B 361 25.05 -15.14 -16.58
C PHE B 361 25.38 -13.96 -15.64
N PHE B 362 25.83 -12.88 -16.26
CA PHE B 362 26.46 -11.79 -15.59
C PHE B 362 25.56 -10.59 -15.33
N GLU B 363 25.38 -10.31 -14.04
CA GLU B 363 24.66 -9.08 -13.60
C GLU B 363 25.42 -7.82 -14.00
N SER B 364 26.75 -7.90 -14.08
CA SER B 364 27.58 -6.74 -14.47
C SER B 364 28.77 -7.31 -15.23
N PHE B 365 29.40 -6.49 -16.06
CA PHE B 365 30.35 -7.02 -17.01
C PHE B 365 31.28 -5.90 -17.41
N PRO B 366 32.58 -6.19 -17.52
CA PRO B 366 33.55 -5.13 -17.87
C PRO B 366 33.37 -4.71 -19.34
N VAL B 367 33.95 -3.55 -19.69
CA VAL B 367 33.97 -3.04 -21.10
C VAL B 367 35.35 -3.27 -21.78
N ILE B 368 35.37 -4.22 -22.70
CA ILE B 368 36.60 -4.64 -23.35
C ILE B 368 36.36 -4.62 -24.84
N LEU B 369 37.29 -3.99 -25.56
CA LEU B 369 37.16 -3.88 -27.02
C LEU B 369 38.24 -4.68 -27.69
N THR B 370 37.85 -5.52 -28.63
CA THR B 370 38.88 -6.32 -29.30
C THR B 370 38.97 -5.91 -30.78
N ASP B 371 40.06 -6.25 -31.48
CA ASP B 371 40.06 -6.05 -32.95
C ASP B 371 39.32 -7.20 -33.60
N LYS B 372 39.29 -7.26 -34.93
CA LYS B 372 38.52 -8.36 -35.59
C LYS B 372 39.07 -9.79 -35.33
N ASN B 373 40.34 -9.90 -34.91
CA ASN B 373 40.91 -11.19 -34.51
C ASN B 373 40.80 -11.52 -33.03
N GLY B 374 40.03 -10.76 -32.27
CA GLY B 374 39.89 -11.05 -30.85
C GLY B 374 40.98 -10.52 -29.91
N VAL B 375 41.92 -9.75 -30.42
CA VAL B 375 43.00 -9.18 -29.61
C VAL B 375 42.50 -7.92 -28.89
N VAL B 376 42.76 -7.82 -27.60
CA VAL B 376 42.32 -6.65 -26.83
C VAL B 376 43.02 -5.38 -27.33
N LYS B 377 42.25 -4.32 -27.57
CA LYS B 377 42.75 -3.08 -28.07
C LYS B 377 42.45 -1.87 -27.15
N ALA B 378 41.36 -1.97 -26.40
CA ALA B 378 40.95 -0.90 -25.50
C ALA B 378 40.08 -1.48 -24.40
N ASP B 379 40.00 -0.77 -23.27
CA ASP B 379 39.08 -1.18 -22.22
C ASP B 379 38.76 -0.04 -21.27
N ILE B 380 37.82 -0.29 -20.33
CA ILE B 380 37.61 0.66 -19.24
C ILE B 380 38.30 0.10 -17.98
N PRO B 381 39.41 0.71 -17.58
CA PRO B 381 40.16 0.11 -16.49
C PRO B 381 39.50 0.27 -15.14
N PHE B 382 39.85 -0.60 -14.20
CA PHE B 382 39.42 -0.47 -12.83
C PHE B 382 40.57 0.30 -12.18
N ARG B 383 41.65 -0.38 -11.77
CA ARG B 383 42.87 0.31 -11.34
C ARG B 383 43.44 1.11 -12.50
N ARG B 384 43.71 2.41 -12.30
CA ARG B 384 44.23 3.23 -13.41
C ARG B 384 45.74 3.27 -13.50
N ALA B 385 46.45 2.94 -12.42
CA ALA B 385 47.90 3.31 -12.34
C ALA B 385 48.76 2.50 -13.32
N GLU B 386 48.29 1.33 -13.69
CA GLU B 386 48.99 0.56 -14.69
C GLU B 386 48.11 0.38 -15.92
N SER B 387 47.12 1.24 -16.10
CA SER B 387 46.27 1.12 -17.33
C SER B 387 47.09 1.26 -18.63
N LYS B 388 46.82 0.40 -19.61
CA LYS B 388 47.48 0.51 -20.91
C LYS B 388 46.54 0.62 -22.06
N TYR B 389 45.28 0.29 -21.80
CA TYR B 389 44.33 0.20 -22.90
C TYR B 389 43.17 1.15 -22.73
N SER B 390 43.29 2.18 -21.90
CA SER B 390 42.16 3.10 -21.69
C SER B 390 41.78 3.72 -23.01
N PHE B 391 40.53 4.13 -23.12
CA PHE B 391 40.04 4.93 -24.24
C PHE B 391 40.86 6.20 -24.52
N GLU B 392 41.29 6.88 -23.45
CA GLU B 392 42.11 8.09 -23.54
C GLU B 392 43.43 7.78 -24.26
N GLN B 393 44.15 6.78 -23.75
CA GLN B 393 45.38 6.35 -24.36
C GLN B 393 45.23 5.82 -25.78
N GLN B 394 44.13 5.16 -26.11
CA GLN B 394 44.02 4.46 -27.40
C GLN B 394 43.31 5.30 -28.47
N GLY B 395 42.87 6.49 -28.05
CA GLY B 395 42.16 7.45 -28.88
C GLY B 395 40.87 6.84 -29.42
N VAL B 396 40.08 6.20 -28.54
CA VAL B 396 38.87 5.52 -29.04
C VAL B 396 37.77 6.52 -29.39
N THR B 397 37.18 6.39 -30.57
CA THR B 397 36.04 7.23 -30.95
C THR B 397 34.87 6.32 -31.33
N VAL B 398 33.67 6.85 -31.46
CA VAL B 398 32.58 5.98 -31.89
C VAL B 398 31.74 6.74 -32.91
N SER B 399 31.39 6.07 -34.01
CA SER B 399 30.49 6.66 -35.02
C SER B 399 29.25 5.79 -35.15
N PHE B 400 28.10 6.39 -35.45
CA PHE B 400 26.85 5.65 -35.56
C PHE B 400 26.33 5.59 -37.00
N TYR B 401 25.78 4.43 -37.39
CA TYR B 401 25.17 4.25 -38.70
C TYR B 401 23.76 3.66 -38.53
N GLY B 402 22.78 4.22 -39.24
CA GLY B 402 21.37 3.89 -38.98
C GLY B 402 20.89 4.64 -37.74
N GLY B 403 19.59 4.55 -37.45
CA GLY B 403 18.98 5.11 -36.23
C GLY B 403 19.08 6.60 -35.97
N GLU B 404 18.77 7.01 -34.74
CA GLU B 404 18.77 8.43 -34.36
C GLU B 404 20.15 9.09 -34.59
N LEU B 405 21.23 8.36 -34.39
CA LEU B 405 22.53 8.99 -34.35
C LEU B 405 23.29 8.81 -35.64
N ASN B 406 22.59 8.33 -36.69
CA ASN B 406 23.20 8.11 -38.00
C ASN B 406 24.08 9.29 -38.40
N GLY B 407 25.27 8.98 -38.93
CA GLY B 407 26.21 9.99 -39.41
C GLY B 407 26.94 10.78 -38.34
N GLN B 408 26.72 10.48 -37.07
CA GLN B 408 27.42 11.22 -36.03
C GLN B 408 28.63 10.46 -35.55
N THR B 409 29.60 11.22 -35.04
CA THR B 409 30.83 10.68 -34.52
C THR B 409 31.10 11.41 -33.22
N PHE B 410 31.54 10.65 -32.21
CA PHE B 410 31.84 11.16 -30.87
C PHE B 410 33.29 10.84 -30.44
N THR B 411 33.98 11.84 -29.91
CA THR B 411 35.38 11.68 -29.60
C THR B 411 35.66 12.03 -28.15
N ASP B 412 34.74 12.69 -27.46
CA ASP B 412 34.89 12.96 -26.00
C ASP B 412 34.95 11.63 -25.23
N PRO B 413 36.07 11.35 -24.49
CA PRO B 413 36.16 10.00 -23.92
C PRO B 413 34.97 9.55 -23.01
N PRO B 414 34.48 10.41 -22.08
CA PRO B 414 33.32 9.98 -21.26
C PRO B 414 32.12 9.57 -22.12
N THR B 415 31.85 10.34 -23.17
CA THR B 415 30.77 10.05 -24.10
C THR B 415 30.99 8.71 -24.82
N VAL B 416 32.18 8.54 -25.39
CA VAL B 416 32.52 7.29 -26.11
C VAL B 416 32.38 6.11 -25.13
N LYS B 417 32.88 6.32 -23.90
CA LYS B 417 32.78 5.31 -22.84
C LYS B 417 31.35 4.97 -22.48
N SER B 418 30.48 5.96 -22.44
CA SER B 418 29.06 5.69 -22.23
C SER B 418 28.45 4.80 -23.31
N TYR B 419 28.70 5.10 -24.59
CA TYR B 419 28.14 4.28 -25.61
C TYR B 419 28.70 2.87 -25.54
N ALA B 420 29.97 2.74 -25.15
CA ALA B 420 30.57 1.39 -25.10
C ALA B 420 29.91 0.56 -23.98
N ARG B 421 29.60 1.18 -22.83
CA ARG B 421 28.88 0.46 -21.75
C ARG B 421 27.52 -0.04 -22.26
N LYS B 422 26.82 0.76 -23.07
CA LYS B 422 25.54 0.31 -23.72
C LYS B 422 25.76 -0.82 -24.73
N ALA B 423 26.93 -0.79 -25.40
CA ALA B 423 27.24 -1.78 -26.40
C ALA B 423 27.48 -3.18 -25.81
N ILE B 424 27.76 -3.29 -24.50
CA ILE B 424 27.80 -4.63 -23.91
C ILE B 424 26.40 -5.30 -23.93
N PHE B 425 25.34 -4.50 -24.13
CA PHE B 425 23.96 -5.04 -24.19
C PHE B 425 23.54 -5.30 -25.64
N GLY B 426 24.46 -5.08 -26.58
CA GLY B 426 24.13 -5.26 -28.01
C GLY B 426 23.69 -3.93 -28.61
N GLU B 427 22.62 -3.94 -29.42
CA GLU B 427 22.21 -2.69 -30.08
C GLU B 427 21.70 -1.70 -29.06
N ILE B 428 21.96 -0.42 -29.33
CA ILE B 428 21.67 0.67 -28.42
C ILE B 428 20.39 1.41 -28.79
N PHE B 429 19.57 1.66 -27.78
CA PHE B 429 18.22 2.22 -27.97
C PHE B 429 18.07 3.39 -27.03
N GLU B 430 17.22 4.32 -27.43
CA GLU B 430 16.75 5.38 -26.55
C GLU B 430 15.45 4.91 -25.91
N PHE B 431 15.34 5.14 -24.61
CA PHE B 431 14.19 4.75 -23.81
C PHE B 431 13.57 5.94 -23.06
N ASP B 432 12.26 5.88 -22.81
CA ASP B 432 11.59 6.71 -21.86
C ASP B 432 11.58 6.01 -20.47
N THR B 433 12.41 6.52 -19.57
CA THR B 433 12.56 6.00 -18.21
C THR B 433 11.65 6.71 -17.23
N GLU B 434 10.92 7.74 -17.70
CA GLU B 434 10.10 8.60 -16.81
C GLU B 434 8.64 8.17 -16.69
N THR B 435 7.96 7.85 -17.82
CA THR B 435 6.55 7.53 -17.78
C THR B 435 6.31 6.55 -16.62
N LEU B 436 7.17 5.52 -16.48
CA LEU B 436 6.97 4.50 -15.46
C LEU B 436 7.87 4.65 -14.25
N ASN B 437 8.67 5.71 -14.20
CA ASN B 437 9.65 5.79 -13.11
C ASN B 437 10.51 4.49 -13.13
N SER B 438 10.95 4.11 -14.33
CA SER B 438 11.76 2.89 -14.51
C SER B 438 13.03 2.99 -13.67
N ASP B 439 13.55 1.85 -13.23
CA ASP B 439 14.66 1.88 -12.29
C ASP B 439 16.01 1.49 -12.92
N GLY B 440 16.01 1.17 -14.20
CA GLY B 440 17.27 0.83 -14.87
C GLY B 440 17.77 -0.62 -14.70
N ILE B 441 16.92 -1.52 -14.17
CA ILE B 441 17.32 -2.89 -13.84
C ILE B 441 16.44 -3.89 -14.64
N PHE B 442 17.03 -4.87 -15.31
CA PHE B 442 16.32 -5.71 -16.27
C PHE B 442 15.31 -6.62 -15.57
N ARG B 443 14.21 -6.83 -16.26
CA ARG B 443 13.16 -7.77 -15.85
C ARG B 443 12.95 -8.81 -16.93
N THR B 444 12.44 -9.98 -16.54
CA THR B 444 12.17 -10.96 -17.55
C THR B 444 10.86 -10.62 -18.25
N SER B 445 10.58 -11.36 -19.30
CA SER B 445 9.34 -11.22 -20.07
C SER B 445 8.31 -12.30 -19.68
N PRO B 446 7.14 -12.29 -20.34
CA PRO B 446 6.14 -13.33 -20.20
C PRO B 446 6.71 -14.71 -20.46
N ARG B 447 7.62 -14.85 -21.43
CA ARG B 447 8.27 -16.15 -21.75
C ARG B 447 8.96 -16.65 -20.46
N GLY B 448 9.70 -15.78 -19.79
CA GLY B 448 10.38 -16.13 -18.51
C GLY B 448 9.37 -16.44 -17.40
N TRP B 449 8.39 -15.56 -17.20
CA TRP B 449 7.42 -15.77 -16.11
C TRP B 449 6.58 -17.00 -16.29
N PHE B 450 6.08 -17.22 -17.51
CA PHE B 450 5.41 -18.47 -17.87
C PHE B 450 6.28 -19.69 -17.58
N THR B 451 7.53 -19.67 -18.04
CA THR B 451 8.38 -20.82 -17.83
C THR B 451 8.56 -21.12 -16.35
N PHE B 452 8.81 -20.09 -15.55
CA PHE B 452 9.05 -20.28 -14.12
C PHE B 452 7.82 -20.89 -13.45
N ALA B 453 6.66 -20.27 -13.63
CA ALA B 453 5.51 -20.74 -12.85
C ALA B 453 5.21 -22.21 -13.22
N HIS B 454 5.37 -22.55 -14.51
CA HIS B 454 5.01 -23.89 -14.98
C HIS B 454 6.01 -24.93 -14.61
N ALA B 455 7.29 -24.65 -14.72
CA ALA B 455 8.26 -25.60 -14.18
C ALA B 455 8.05 -25.78 -12.65
N VAL B 456 7.75 -24.72 -11.90
CA VAL B 456 7.56 -24.88 -10.42
C VAL B 456 6.29 -25.69 -10.10
N PHE B 457 5.21 -25.34 -10.77
CA PHE B 457 3.94 -26.05 -10.59
C PHE B 457 4.06 -27.48 -11.06
N ALA B 458 4.85 -27.74 -12.09
CA ALA B 458 4.99 -29.13 -12.55
C ALA B 458 5.72 -29.98 -11.48
N LEU B 459 6.76 -29.40 -10.90
CA LEU B 459 7.51 -30.09 -9.87
C LEU B 459 6.64 -30.37 -8.61
N LEU B 460 5.87 -29.38 -8.18
CA LEU B 460 5.02 -29.57 -7.00
C LEU B 460 3.91 -30.60 -7.31
N PHE B 461 3.38 -30.59 -8.53
CA PHE B 461 2.42 -31.60 -8.97
C PHE B 461 2.99 -33.05 -8.97
N PHE B 462 4.30 -33.18 -9.09
CA PHE B 462 4.92 -34.47 -8.83
C PHE B 462 4.62 -34.94 -7.38
N PHE B 463 4.81 -34.06 -6.40
CA PHE B 463 4.55 -34.49 -5.03
C PHE B 463 3.06 -34.84 -4.94
N GLY B 464 2.20 -34.09 -5.61
CA GLY B 464 0.77 -34.35 -5.55
C GLY B 464 0.46 -35.75 -6.07
N HIS B 465 1.17 -36.16 -7.12
CA HIS B 465 0.98 -37.47 -7.71
C HIS B 465 1.34 -38.61 -6.80
N ILE B 466 2.56 -38.55 -6.30
CA ILE B 466 3.10 -39.43 -5.29
C ILE B 466 2.16 -39.56 -4.09
N TRP B 467 1.67 -38.43 -3.61
CA TRP B 467 0.79 -38.42 -2.42
C TRP B 467 -0.54 -39.12 -2.66
N HIS B 468 -1.22 -38.73 -3.73
CA HIS B 468 -2.49 -39.37 -4.03
C HIS B 468 -2.39 -40.79 -4.52
N GLY B 469 -1.30 -41.11 -5.22
CA GLY B 469 -1.04 -42.48 -5.66
C GLY B 469 -0.92 -43.35 -4.42
N ALA B 470 -0.15 -42.87 -3.45
CA ALA B 470 0.07 -43.53 -2.20
C ALA B 470 -1.24 -43.73 -1.40
N ARG B 471 -2.07 -42.68 -1.32
CA ARG B 471 -3.38 -42.81 -0.72
C ARG B 471 -4.21 -43.85 -1.45
N THR B 472 -4.19 -43.85 -2.81
CA THR B 472 -4.93 -44.86 -3.55
C THR B 472 -4.52 -46.31 -3.23
N LEU B 473 -3.24 -46.63 -3.38
CA LEU B 473 -2.75 -47.99 -3.16
C LEU B 473 -2.68 -48.53 -1.71
N PHE B 474 -2.70 -47.61 -0.74
CA PHE B 474 -2.62 -47.93 0.69
C PHE B 474 -3.89 -47.47 1.44
N ARG B 475 -5.02 -47.35 0.75
CA ARG B 475 -6.27 -46.86 1.41
C ARG B 475 -6.56 -47.60 2.72
N ASP B 476 -6.41 -48.93 2.70
CA ASP B 476 -6.65 -49.79 3.90
C ASP B 476 -5.80 -49.44 5.17
N VAL B 477 -4.59 -48.90 5.00
CA VAL B 477 -3.77 -48.49 6.15
C VAL B 477 -3.64 -46.97 6.43
N PHE B 478 -4.52 -46.12 5.89
CA PHE B 478 -4.46 -44.65 6.16
C PHE B 478 -4.61 -44.21 7.65
N SER B 479 -5.26 -45.03 8.47
CA SER B 479 -5.46 -44.66 9.87
C SER B 479 -4.46 -45.43 10.78
N GLY B 480 -3.58 -46.19 10.12
CA GLY B 480 -2.53 -46.98 10.77
C GLY B 480 -2.49 -48.40 10.23
N ILE B 481 -1.49 -49.17 10.64
CA ILE B 481 -1.36 -50.57 10.19
C ILE B 481 -2.25 -51.49 11.04
N ASP B 482 -2.42 -52.74 10.59
CA ASP B 482 -3.20 -53.75 11.34
C ASP B 482 -2.68 -53.85 12.79
N PRO B 483 -3.56 -53.56 13.79
CA PRO B 483 -3.13 -53.56 15.21
C PRO B 483 -2.51 -54.86 15.70
N GLU B 484 -2.86 -55.97 15.05
CA GLU B 484 -2.28 -57.28 15.33
C GLU B 484 -1.72 -57.93 14.04
N LEU B 485 -0.85 -57.20 13.33
CA LEU B 485 -0.18 -57.73 12.12
C LEU B 485 0.83 -58.79 12.59
N SER B 486 0.68 -60.02 12.09
CA SER B 486 1.52 -61.15 12.52
C SER B 486 3.01 -60.82 12.45
N PRO B 487 3.77 -61.10 13.54
CA PRO B 487 5.21 -60.78 13.56
C PRO B 487 6.01 -61.59 12.52
N GLU B 488 5.40 -62.69 12.07
CA GLU B 488 5.98 -63.60 11.07
C GLU B 488 6.12 -62.96 9.69
N GLN B 489 5.15 -62.13 9.31
CA GLN B 489 5.14 -61.38 8.04
C GLN B 489 6.17 -60.20 7.94
N VAL B 490 6.73 -59.79 9.09
CA VAL B 490 7.73 -58.70 9.15
C VAL B 490 9.13 -59.17 9.56
N GLU B 491 9.20 -60.31 10.28
CA GLU B 491 10.46 -61.01 10.59
C GLU B 491 11.00 -61.72 9.34
N TRP B 492 12.20 -62.31 9.42
CA TRP B 492 12.86 -62.91 8.23
C TRP B 492 12.86 -64.42 8.17
N GLY B 493 12.72 -64.96 6.95
CA GLY B 493 12.74 -66.41 6.71
C GLY B 493 11.51 -67.23 7.12
N PHE B 494 10.52 -66.60 7.77
CA PHE B 494 9.24 -67.23 8.16
C PHE B 494 8.35 -67.56 6.97
N TYR B 495 8.49 -66.77 5.90
CA TYR B 495 7.72 -66.89 4.67
C TYR B 495 8.70 -67.06 3.51
N GLN B 496 8.28 -67.80 2.48
CA GLN B 496 9.12 -67.91 1.28
C GLN B 496 9.07 -66.59 0.49
N LYS B 497 7.87 -66.10 0.25
CA LYS B 497 7.61 -64.84 -0.45
C LYS B 497 7.29 -63.75 0.58
N VAL B 498 7.99 -62.61 0.51
CA VAL B 498 7.71 -61.49 1.42
C VAL B 498 6.21 -61.17 1.36
N GLY B 499 5.57 -61.09 2.53
CA GLY B 499 4.15 -60.73 2.60
C GLY B 499 3.09 -61.80 2.35
N ASP B 500 3.46 -62.90 1.70
CA ASP B 500 2.49 -63.97 1.37
C ASP B 500 2.32 -65.04 2.48
N VAL B 501 1.18 -65.01 3.16
CA VAL B 501 0.84 -65.97 4.22
C VAL B 501 0.97 -67.44 3.78
N THR B 502 0.52 -67.74 2.55
CA THR B 502 0.58 -69.12 2.00
C THR B 502 1.99 -69.64 1.61
N THR B 503 3.04 -68.82 1.77
CA THR B 503 4.42 -69.20 1.45
C THR B 503 5.22 -69.61 2.71
N ARG B 504 4.50 -69.73 3.84
CA ARG B 504 5.00 -70.30 5.10
C ARG B 504 5.93 -71.53 4.91
N ARG B 505 7.02 -71.57 5.68
CA ARG B 505 7.97 -72.70 5.69
C ARG B 505 7.68 -73.65 6.84
N ALA C 5 38.98 -64.92 34.07
CA ALA C 5 38.25 -63.80 33.37
C ALA C 5 37.29 -63.08 34.34
N THR C 6 37.77 -62.84 35.57
CA THR C 6 36.98 -62.22 36.65
C THR C 6 36.41 -60.84 36.29
N ASN C 7 35.16 -60.85 35.81
CA ASN C 7 34.42 -59.66 35.35
C ASN C 7 35.04 -58.94 34.15
N ARG C 8 35.43 -59.72 33.13
CA ARG C 8 35.95 -59.20 31.84
C ARG C 8 34.96 -59.56 30.73
N ASP C 9 33.68 -59.34 31.04
CA ASP C 9 32.58 -59.48 30.12
C ASP C 9 31.49 -58.50 30.56
N GLN C 10 30.47 -58.36 29.71
CA GLN C 10 29.41 -57.42 30.05
C GLN C 10 28.52 -57.99 31.14
N GLU C 11 28.21 -59.29 31.02
CA GLU C 11 27.41 -59.99 32.03
C GLU C 11 27.95 -59.83 33.45
N SER C 12 29.23 -60.07 33.67
CA SER C 12 29.82 -59.93 35.00
C SER C 12 29.98 -58.46 35.44
N SER C 13 30.51 -57.60 34.57
CA SER C 13 30.82 -56.23 34.99
C SER C 13 29.66 -55.28 34.76
N GLY C 14 28.75 -55.65 33.87
CA GLY C 14 27.67 -54.73 33.44
C GLY C 14 28.12 -53.54 32.58
N PHE C 15 29.36 -53.61 32.07
CA PHE C 15 29.88 -52.66 31.08
C PHE C 15 30.22 -53.35 29.79
N ALA C 16 29.65 -52.84 28.69
CA ALA C 16 29.98 -53.36 27.37
C ALA C 16 31.49 -53.16 27.05
N TRP C 17 31.94 -53.84 26.00
CA TRP C 17 33.36 -53.77 25.59
C TRP C 17 33.82 -52.34 25.33
N TRP C 18 32.99 -51.54 24.69
CA TRP C 18 33.40 -50.20 24.32
C TRP C 18 33.48 -49.27 25.51
N ALA C 19 32.86 -49.70 26.63
CA ALA C 19 33.10 -49.05 27.94
C ALA C 19 33.99 -49.91 28.85
N GLY C 20 34.78 -50.78 28.21
CA GLY C 20 35.64 -51.76 28.87
C GLY C 20 36.45 -51.27 30.05
N ASN C 21 37.07 -50.11 29.92
CA ASN C 21 37.93 -49.56 30.96
C ASN C 21 37.16 -49.10 32.22
N ALA C 22 35.85 -48.93 32.10
CA ALA C 22 35.04 -48.67 33.29
C ALA C 22 35.01 -49.90 34.25
N ARG C 23 35.19 -51.11 33.71
CA ARG C 23 35.45 -52.35 34.47
C ARG C 23 36.62 -52.28 35.51
N LEU C 24 37.45 -51.25 35.41
CA LEU C 24 38.62 -51.13 36.22
C LEU C 24 38.38 -50.28 37.44
N ILE C 25 37.17 -49.74 37.59
CA ILE C 25 36.94 -48.70 38.59
C ILE C 25 37.32 -49.14 40.01
N ASN C 26 36.94 -50.37 40.37
CA ASN C 26 37.31 -50.90 41.69
C ASN C 26 38.31 -52.07 41.64
N LEU C 27 39.21 -52.05 40.64
CA LEU C 27 40.29 -53.03 40.49
C LEU C 27 41.61 -52.32 40.53
N SER C 28 41.97 -51.83 41.72
CA SER C 28 43.13 -50.93 41.93
C SER C 28 44.44 -51.41 41.31
N GLY C 29 44.65 -52.71 41.30
CA GLY C 29 45.92 -53.26 40.82
C GLY C 29 45.98 -53.23 39.31
N LYS C 30 44.96 -53.81 38.68
CA LYS C 30 44.83 -53.66 37.23
C LYS C 30 44.75 -52.20 36.76
N LEU C 31 44.12 -51.32 37.56
CA LEU C 31 43.97 -49.91 37.19
C LEU C 31 45.29 -49.15 37.26
N LEU C 32 46.09 -49.43 38.29
CA LEU C 32 47.46 -48.91 38.41
C LEU C 32 48.25 -49.30 37.14
N GLY C 33 48.12 -50.56 36.75
CA GLY C 33 48.64 -51.08 35.49
C GLY C 33 48.27 -50.19 34.30
N ALA C 34 46.97 -49.96 34.10
CA ALA C 34 46.49 -49.06 33.03
C ALA C 34 47.25 -47.75 33.07
N HIS C 35 47.39 -47.20 34.28
CA HIS C 35 47.98 -45.87 34.46
C HIS C 35 49.46 -45.78 34.21
N VAL C 36 50.20 -46.80 34.69
CA VAL C 36 51.63 -46.88 34.47
C VAL C 36 51.94 -47.22 33.00
N ALA C 37 51.21 -48.14 32.41
CA ALA C 37 51.41 -48.46 31.00
C ALA C 37 51.20 -47.19 30.15
N HIS C 38 50.23 -46.36 30.59
CA HIS C 38 49.83 -45.16 29.83
C HIS C 38 50.90 -44.11 29.84
N ALA C 39 51.52 -43.87 31.00
CA ALA C 39 52.58 -42.91 31.18
C ALA C 39 53.78 -43.35 30.33
N GLY C 40 53.88 -44.66 30.14
CA GLY C 40 54.86 -45.27 29.28
C GLY C 40 54.68 -44.84 27.82
N LEU C 41 53.42 -44.83 27.34
CA LEU C 41 53.11 -44.32 25.98
C LEU C 41 53.49 -42.86 25.85
N ILE C 42 53.29 -42.11 26.94
CA ILE C 42 53.55 -40.67 26.92
C ILE C 42 55.06 -40.43 26.83
N VAL C 43 55.80 -41.17 27.65
CA VAL C 43 57.22 -40.99 27.77
C VAL C 43 57.86 -41.55 26.52
N PHE C 44 57.23 -42.60 25.99
CA PHE C 44 57.67 -43.24 24.75
C PHE C 44 57.58 -42.25 23.59
N TRP C 45 56.39 -41.69 23.37
CA TRP C 45 56.23 -40.70 22.32
C TRP C 45 57.28 -39.61 22.48
N ALA C 46 57.40 -39.02 23.67
CA ALA C 46 58.38 -37.96 23.85
C ALA C 46 59.79 -38.35 23.36
N GLY C 47 60.21 -39.58 23.66
CA GLY C 47 61.58 -39.99 23.35
C GLY C 47 61.69 -40.31 21.88
N ALA C 48 60.76 -41.11 21.37
CA ALA C 48 60.84 -41.46 19.95
C ALA C 48 60.61 -40.24 19.03
N MET C 49 59.61 -39.44 19.32
CA MET C 49 59.37 -38.20 18.56
C MET C 49 60.60 -37.26 18.55
N THR C 50 61.24 -37.10 19.70
CA THR C 50 62.48 -36.34 19.77
C THR C 50 63.56 -36.86 18.80
N LEU C 51 63.69 -38.18 18.72
CA LEU C 51 64.74 -38.81 17.94
C LEU C 51 64.44 -38.68 16.48
N PHE C 52 63.18 -38.85 16.14
CA PHE C 52 62.69 -38.65 14.82
C PHE C 52 62.97 -37.19 14.39
N GLU C 53 62.75 -36.23 15.31
CA GLU C 53 62.91 -34.82 14.98
C GLU C 53 64.40 -34.62 14.73
N LEU C 54 65.24 -35.24 15.57
CA LEU C 54 66.68 -35.02 15.49
C LEU C 54 67.25 -35.61 14.21
N ALA C 55 66.77 -36.81 13.83
CA ALA C 55 67.14 -37.48 12.56
C ALA C 55 66.78 -36.67 11.32
N HIS C 56 65.68 -35.91 11.40
CA HIS C 56 65.21 -35.14 10.26
C HIS C 56 65.84 -33.76 10.24
N PHE C 57 66.41 -33.34 11.36
CA PHE C 57 66.85 -31.98 11.61
C PHE C 57 68.10 -31.51 10.85
N ILE C 58 67.95 -30.41 10.10
CA ILE C 58 69.05 -29.70 9.42
C ILE C 58 69.33 -28.43 10.22
N PRO C 59 70.44 -28.39 10.99
CA PRO C 59 70.74 -27.28 11.93
C PRO C 59 70.72 -25.86 11.33
N GLU C 60 71.03 -25.74 10.05
CA GLU C 60 71.12 -24.43 9.42
C GLU C 60 69.74 -23.84 8.96
N LYS C 61 68.69 -24.66 8.90
CA LYS C 61 67.34 -24.19 8.61
C LYS C 61 66.68 -23.91 9.93
N PRO C 62 65.80 -22.90 9.99
CA PRO C 62 65.10 -22.63 11.27
C PRO C 62 64.30 -23.85 11.72
N MET C 63 64.27 -24.08 13.02
CA MET C 63 63.45 -25.18 13.53
C MET C 63 62.07 -25.06 12.89
N TYR C 64 61.59 -23.82 12.83
CA TYR C 64 60.18 -23.62 12.54
C TYR C 64 59.91 -23.96 11.11
N GLU C 65 60.95 -24.15 10.29
CA GLU C 65 60.74 -24.56 8.86
C GLU C 65 60.80 -26.10 8.76
N GLN C 66 60.89 -26.79 9.89
CA GLN C 66 61.20 -28.24 9.87
C GLN C 66 60.13 -29.09 10.53
N GLY C 67 59.01 -28.45 10.93
CA GLY C 67 57.96 -29.21 11.58
C GLY C 67 58.35 -29.72 12.95
N LEU C 68 59.09 -28.92 13.71
CA LEU C 68 59.59 -29.36 15.01
C LEU C 68 58.76 -28.78 16.12
N ILE C 69 58.33 -29.62 17.04
CA ILE C 69 57.66 -29.12 18.24
C ILE C 69 58.44 -29.42 19.53
N LEU C 70 59.24 -30.49 19.54
CA LEU C 70 59.93 -30.91 20.77
C LEU C 70 61.30 -30.31 20.92
N ILE C 71 62.10 -30.39 19.86
CA ILE C 71 63.40 -29.68 19.92
C ILE C 71 63.25 -28.22 20.39
N PRO C 72 62.25 -27.49 19.84
CA PRO C 72 62.07 -26.12 20.36
C PRO C 72 61.86 -26.03 21.87
N HIS C 73 61.21 -27.04 22.46
CA HIS C 73 60.97 -27.11 23.89
C HIS C 73 62.27 -27.33 24.63
N ILE C 74 63.13 -28.15 24.04
CA ILE C 74 64.43 -28.43 24.67
C ILE C 74 65.34 -27.20 24.64
N ALA C 75 65.37 -26.57 23.47
CA ALA C 75 66.18 -25.36 23.23
C ALA C 75 65.80 -24.19 24.13
N THR C 76 64.48 -24.04 24.38
CA THR C 76 64.03 -22.95 25.24
C THR C 76 64.59 -23.13 26.65
N LEU C 77 64.84 -24.37 27.04
CA LEU C 77 65.46 -24.61 28.35
C LEU C 77 66.95 -24.28 28.32
N GLY C 78 67.47 -23.86 27.16
CA GLY C 78 68.85 -23.48 27.02
C GLY C 78 69.78 -24.56 26.53
N TRP C 79 69.25 -25.73 26.15
CA TRP C 79 70.11 -26.80 25.69
C TRP C 79 70.27 -26.74 24.21
N GLY C 80 71.53 -26.72 23.81
CA GLY C 80 71.93 -26.97 22.45
C GLY C 80 72.02 -25.75 21.59
N VAL C 81 71.80 -24.58 22.20
CA VAL C 81 71.64 -23.30 21.46
C VAL C 81 72.52 -22.19 22.05
N GLY C 82 72.78 -21.18 21.23
CA GLY C 82 73.61 -20.07 21.60
C GLY C 82 72.97 -18.80 21.10
N PRO C 83 73.75 -17.72 21.01
CA PRO C 83 73.24 -16.41 20.58
C PRO C 83 72.30 -16.49 19.34
N GLY C 84 71.18 -15.76 19.39
CA GLY C 84 70.20 -15.74 18.31
C GLY C 84 69.47 -17.05 18.12
N GLY C 85 69.68 -18.03 19.02
CA GLY C 85 69.08 -19.36 18.85
C GLY C 85 69.76 -20.32 17.88
N GLU C 86 70.95 -19.94 17.44
CA GLU C 86 71.87 -20.75 16.67
C GLU C 86 72.10 -22.10 17.38
N VAL C 87 71.99 -23.19 16.63
CA VAL C 87 72.25 -24.49 17.24
C VAL C 87 73.76 -24.72 17.32
N VAL C 88 74.25 -24.87 18.52
CA VAL C 88 75.68 -25.10 18.72
C VAL C 88 76.00 -26.59 18.92
N ASP C 89 75.00 -27.39 19.30
CA ASP C 89 75.22 -28.77 19.73
C ASP C 89 73.93 -29.58 19.88
N THR C 90 73.76 -30.61 19.05
CA THR C 90 72.52 -31.38 19.04
C THR C 90 72.49 -32.51 20.08
N PHE C 91 73.61 -32.78 20.71
CA PHE C 91 73.74 -33.88 21.66
C PHE C 91 72.71 -33.83 22.82
N PRO C 92 72.49 -32.64 23.44
CA PRO C 92 71.40 -32.55 24.43
C PRO C 92 70.03 -32.98 23.86
N PHE C 93 69.74 -32.60 22.63
CA PHE C 93 68.52 -33.09 21.96
C PHE C 93 68.49 -34.63 21.97
N PHE C 94 69.61 -35.21 21.53
CA PHE C 94 69.81 -36.67 21.57
C PHE C 94 69.63 -37.28 22.98
N VAL C 95 70.31 -36.72 23.97
CA VAL C 95 70.21 -37.22 25.37
C VAL C 95 68.76 -37.23 25.84
N VAL C 96 68.07 -36.09 25.68
CA VAL C 96 66.66 -36.03 26.04
C VAL C 96 65.80 -37.15 25.38
N GLY C 97 66.05 -37.46 24.11
CA GLY C 97 65.20 -38.43 23.42
C GLY C 97 65.46 -39.86 23.89
N VAL C 98 66.76 -40.20 23.99
CA VAL C 98 67.19 -41.52 24.42
C VAL C 98 66.71 -41.81 25.80
N VAL C 99 66.95 -40.89 26.74
CA VAL C 99 66.61 -41.18 28.13
C VAL C 99 65.07 -41.40 28.28
N HIS C 100 64.25 -40.56 27.63
CA HIS C 100 62.78 -40.83 27.58
C HIS C 100 62.48 -42.17 26.97
N LEU C 101 63.12 -42.47 25.85
CA LEU C 101 62.82 -43.74 25.20
C LEU C 101 63.14 -44.97 26.09
N ILE C 102 64.28 -44.92 26.81
CA ILE C 102 64.71 -46.05 27.62
C ILE C 102 63.71 -46.15 28.76
N SER C 103 63.53 -45.02 29.46
CA SER C 103 62.61 -44.91 30.58
C SER C 103 61.22 -45.47 30.29
N SER C 104 60.76 -45.29 29.07
CA SER C 104 59.43 -45.77 28.69
C SER C 104 59.29 -47.30 28.69
N ALA C 105 60.43 -47.99 28.55
CA ALA C 105 60.44 -49.45 28.56
C ALA C 105 60.21 -49.89 30.00
N VAL C 106 60.82 -49.16 30.94
CA VAL C 106 60.63 -49.40 32.36
C VAL C 106 59.18 -49.21 32.81
N LEU C 107 58.60 -48.04 32.48
CA LEU C 107 57.16 -47.82 32.73
C LEU C 107 56.30 -48.86 32.04
N GLY C 108 56.60 -49.17 30.77
CA GLY C 108 55.86 -50.16 30.02
C GLY C 108 55.92 -51.51 30.71
N PHE C 109 57.11 -51.85 31.20
CA PHE C 109 57.29 -53.07 31.99
C PHE C 109 56.36 -53.07 33.21
N GLY C 110 56.53 -52.09 34.09
CA GLY C 110 55.66 -51.96 35.28
C GLY C 110 54.16 -52.05 34.96
N GLY C 111 53.78 -51.41 33.85
CA GLY C 111 52.41 -51.24 33.45
C GLY C 111 51.88 -52.57 33.03
N VAL C 112 52.67 -53.27 32.22
CA VAL C 112 52.22 -54.55 31.70
C VAL C 112 52.15 -55.54 32.85
N TYR C 113 53.06 -55.42 33.81
CA TYR C 113 53.08 -56.35 34.92
C TYR C 113 51.82 -56.20 35.76
N HIS C 114 51.57 -54.99 36.27
CA HIS C 114 50.38 -54.75 37.11
C HIS C 114 49.07 -54.98 36.42
N ALA C 115 49.04 -54.72 35.11
CA ALA C 115 47.83 -54.90 34.32
C ALA C 115 47.44 -56.35 34.16
N ILE C 116 48.46 -57.21 34.05
CA ILE C 116 48.32 -58.58 33.53
C ILE C 116 48.83 -59.69 34.49
N ARG C 117 49.70 -59.36 35.45
CA ARG C 117 50.32 -60.37 36.33
C ARG C 117 50.13 -60.14 37.83
N GLY C 118 50.32 -58.91 38.27
CA GLY C 118 50.19 -58.59 39.69
C GLY C 118 48.77 -58.76 40.20
N PRO C 119 48.57 -58.45 41.49
CA PRO C 119 47.23 -58.60 42.07
C PRO C 119 46.21 -57.60 41.46
N GLU C 120 45.09 -58.10 41.01
CA GLU C 120 44.06 -57.23 40.45
C GLU C 120 43.61 -56.13 41.37
N THR C 121 43.56 -56.43 42.66
CA THR C 121 43.25 -55.45 43.70
C THR C 121 44.46 -55.38 44.58
N LEU C 122 44.64 -54.24 45.20
CA LEU C 122 45.81 -54.00 46.03
C LEU C 122 45.49 -53.95 47.51
N GLU C 123 44.21 -53.89 47.88
CA GLU C 123 43.77 -53.71 49.27
C GLU C 123 44.09 -54.92 50.17
N GLU C 124 43.87 -56.12 49.67
CA GLU C 124 44.21 -57.32 50.45
C GLU C 124 45.72 -57.33 50.69
N TYR C 125 46.47 -57.14 49.61
CA TYR C 125 47.93 -57.19 49.63
C TYR C 125 48.65 -56.08 50.40
N SER C 126 48.10 -54.88 50.40
CA SER C 126 48.76 -53.70 50.99
C SER C 126 47.73 -52.65 51.32
N SER C 127 47.91 -51.99 52.46
CA SER C 127 46.99 -50.95 52.87
C SER C 127 47.55 -49.58 52.50
N PHE C 128 48.88 -49.49 52.39
CA PHE C 128 49.52 -48.25 51.92
C PHE C 128 49.16 -47.91 50.45
N PHE C 129 49.21 -48.91 49.57
CA PHE C 129 48.94 -48.75 48.15
C PHE C 129 47.47 -48.97 47.78
N GLY C 130 46.78 -49.78 48.57
CA GLY C 130 45.33 -49.97 48.38
C GLY C 130 44.55 -48.69 48.61
N TYR C 131 43.36 -48.61 48.05
CA TYR C 131 42.52 -47.42 48.28
C TYR C 131 41.08 -47.72 47.92
N ASP C 132 40.20 -46.99 48.59
CA ASP C 132 38.80 -47.01 48.25
C ASP C 132 38.51 -45.58 47.82
N TRP C 133 37.91 -45.43 46.64
CA TRP C 133 37.49 -44.11 46.16
C TRP C 133 36.78 -43.28 47.19
N LYS C 134 35.96 -43.93 48.03
CA LYS C 134 35.14 -43.20 49.03
C LYS C 134 35.90 -42.84 50.31
N ASP C 135 37.17 -43.22 50.39
CA ASP C 135 37.98 -42.90 51.57
C ASP C 135 38.57 -41.53 51.30
N LYS C 136 37.94 -40.54 51.90
CA LYS C 136 38.26 -39.15 51.66
C LYS C 136 39.69 -38.83 52.12
N ASN C 137 40.15 -39.55 53.15
CA ASN C 137 41.49 -39.34 53.69
C ASN C 137 42.57 -39.92 52.75
N LYS C 138 42.40 -41.18 52.33
CA LYS C 138 43.34 -41.75 51.38
C LYS C 138 43.44 -40.90 50.10
N MET C 139 42.29 -40.54 49.53
CA MET C 139 42.25 -39.73 48.33
C MET C 139 43.01 -38.43 48.48
N THR C 140 42.81 -37.69 49.58
CA THR C 140 43.59 -36.44 49.74
C THR C 140 45.10 -36.70 49.92
N THR C 141 45.44 -37.88 50.43
CA THR C 141 46.81 -38.26 50.70
C THR C 141 47.55 -38.59 49.41
N ILE C 142 46.95 -39.43 48.56
CA ILE C 142 47.51 -39.66 47.21
C ILE C 142 47.68 -38.35 46.42
N LEU C 143 46.57 -37.63 46.21
CA LEU C 143 46.65 -36.24 45.78
C LEU C 143 47.84 -35.46 46.40
N GLY C 144 48.09 -35.70 47.69
CA GLY C 144 49.09 -34.87 48.38
C GLY C 144 50.49 -35.26 47.91
N PHE C 145 50.68 -36.58 47.76
CA PHE C 145 51.93 -37.13 47.20
C PHE C 145 52.25 -36.49 45.85
N HIS C 146 51.28 -36.52 44.92
CA HIS C 146 51.45 -35.93 43.57
C HIS C 146 51.65 -34.44 43.54
N LEU C 147 51.03 -33.74 44.48
CA LEU C 147 51.32 -32.31 44.64
C LEU C 147 52.79 -32.04 44.97
N ILE C 148 53.38 -32.87 45.82
CA ILE C 148 54.79 -32.74 46.18
C ILE C 148 55.69 -33.01 44.96
N VAL C 149 55.37 -34.08 44.23
CA VAL C 149 56.04 -34.41 42.99
C VAL C 149 55.98 -33.19 42.04
N LEU C 150 54.77 -32.72 41.76
CA LEU C 150 54.59 -31.57 40.88
C LEU C 150 55.41 -30.37 41.34
N GLY C 151 55.39 -30.12 42.65
CA GLY C 151 56.17 -29.02 43.21
C GLY C 151 57.64 -29.14 42.87
N ILE C 152 58.21 -30.34 43.07
CA ILE C 152 59.62 -30.60 42.77
C ILE C 152 59.85 -30.36 41.28
N GLY C 153 58.95 -30.89 40.44
CA GLY C 153 59.00 -30.60 38.99
C GLY C 153 59.14 -29.11 38.70
N ALA C 154 58.32 -28.26 39.33
CA ALA C 154 58.49 -26.85 39.11
C ALA C 154 59.88 -26.35 39.56
N LEU C 155 60.44 -26.96 40.61
CA LEU C 155 61.69 -26.47 41.19
C LEU C 155 62.87 -26.91 40.33
N LEU C 156 62.69 -27.98 39.55
CA LEU C 156 63.69 -28.39 38.56
C LEU C 156 63.90 -27.38 37.45
N LEU C 157 62.79 -26.81 36.95
CA LEU C 157 62.83 -25.62 36.08
C LEU C 157 63.64 -24.50 36.68
N VAL C 158 63.37 -24.19 37.95
CA VAL C 158 64.11 -23.16 38.65
C VAL C 158 65.59 -23.53 38.69
N ALA C 159 65.88 -24.80 38.99
CA ALA C 159 67.26 -25.30 39.15
C ALA C 159 68.01 -25.14 37.84
N LYS C 160 67.40 -25.59 36.75
CA LYS C 160 67.95 -25.37 35.41
C LYS C 160 68.28 -23.91 35.18
N ALA C 161 67.34 -23.07 35.56
CA ALA C 161 67.41 -21.65 35.20
C ALA C 161 68.48 -20.91 35.99
N MET C 162 68.63 -21.27 37.25
CA MET C 162 69.53 -20.51 38.11
C MET C 162 70.92 -21.16 38.28
N PHE C 163 70.99 -22.49 38.24
CA PHE C 163 72.18 -23.27 38.64
C PHE C 163 72.73 -24.22 37.62
N PHE C 164 71.97 -24.45 36.54
CA PHE C 164 72.44 -25.38 35.54
C PHE C 164 72.38 -24.83 34.13
N GLY C 165 72.91 -23.61 33.98
CA GLY C 165 73.11 -23.02 32.65
C GLY C 165 72.08 -21.98 32.21
N GLY C 166 70.95 -21.86 32.90
CA GLY C 166 69.98 -20.80 32.56
C GLY C 166 68.97 -21.21 31.50
N LEU C 167 68.33 -20.23 30.85
CA LEU C 167 67.26 -20.54 29.87
C LEU C 167 67.43 -19.70 28.62
N TYR C 168 66.85 -20.10 27.50
CA TYR C 168 66.98 -19.24 26.31
C TYR C 168 66.17 -17.96 26.55
N ASP C 169 66.81 -16.80 26.41
CA ASP C 169 66.17 -15.49 26.72
C ASP C 169 66.10 -14.65 25.48
N THR C 170 64.93 -14.67 24.81
CA THR C 170 64.75 -13.95 23.54
C THR C 170 64.94 -12.44 23.73
N TRP C 171 64.72 -11.98 24.97
CA TRP C 171 64.90 -10.57 25.37
C TRP C 171 66.32 -10.19 25.78
N ALA C 172 67.25 -11.13 25.84
CA ALA C 172 68.63 -10.82 26.29
C ALA C 172 69.20 -9.56 25.64
N PRO C 173 69.65 -8.58 26.46
CA PRO C 173 70.22 -7.38 25.87
C PRO C 173 71.33 -7.73 24.86
N GLY C 174 71.33 -7.04 23.73
CA GLY C 174 72.28 -7.32 22.65
C GLY C 174 71.85 -8.39 21.65
N GLY C 175 70.74 -9.08 21.95
CA GLY C 175 70.21 -10.13 21.07
C GLY C 175 69.83 -11.35 21.88
N GLY C 176 68.99 -12.24 21.34
CA GLY C 176 68.60 -13.44 22.10
C GLY C 176 69.79 -14.34 22.43
N ASP C 177 69.80 -14.95 23.61
CA ASP C 177 70.92 -15.78 24.09
C ASP C 177 70.47 -16.57 25.32
N VAL C 178 71.19 -17.64 25.66
CA VAL C 178 70.99 -18.35 26.94
C VAL C 178 71.54 -17.47 28.04
N ARG C 179 70.86 -17.47 29.19
CA ARG C 179 71.19 -16.54 30.26
C ARG C 179 70.80 -17.11 31.63
N VAL C 180 71.70 -16.95 32.60
CA VAL C 180 71.46 -17.48 33.95
C VAL C 180 70.53 -16.54 34.71
N ILE C 181 69.50 -17.07 35.34
CA ILE C 181 68.60 -16.16 36.07
C ILE C 181 69.01 -16.07 37.52
N THR C 182 69.56 -14.93 37.89
CA THR C 182 70.16 -14.80 39.19
C THR C 182 69.21 -14.11 40.13
N ASN C 183 68.40 -13.19 39.60
CA ASN C 183 67.43 -12.43 40.40
C ASN C 183 65.94 -12.66 40.04
N PRO C 184 65.44 -13.85 40.38
CA PRO C 184 64.05 -14.18 40.03
C PRO C 184 63.08 -13.31 40.82
N THR C 185 61.86 -13.17 40.30
CA THR C 185 60.87 -12.25 40.88
C THR C 185 60.16 -12.93 42.03
N LEU C 186 60.32 -12.38 43.24
CA LEU C 186 59.75 -13.03 44.44
C LEU C 186 58.55 -12.27 45.01
N ASP C 187 58.48 -10.97 44.70
CA ASP C 187 57.39 -10.11 45.20
C ASP C 187 55.98 -10.66 44.81
N PRO C 188 55.16 -11.04 45.82
CA PRO C 188 53.85 -11.63 45.50
C PRO C 188 52.93 -10.65 44.81
N ARG C 189 53.17 -9.36 45.01
CA ARG C 189 52.43 -8.34 44.29
C ARG C 189 52.62 -8.51 42.79
N VAL C 190 53.81 -8.92 42.32
CA VAL C 190 54.02 -9.14 40.87
C VAL C 190 53.47 -10.50 40.42
N ILE C 191 53.91 -11.55 41.10
CA ILE C 191 53.57 -12.92 40.71
C ILE C 191 52.05 -13.15 40.75
N PHE C 192 51.41 -12.73 41.84
CA PHE C 192 49.98 -12.99 41.96
C PHE C 192 49.17 -11.94 41.24
N GLY C 193 49.77 -10.76 41.09
CA GLY C 193 49.24 -9.73 40.20
C GLY C 193 48.85 -10.25 38.82
N TYR C 194 49.70 -11.10 38.22
CA TYR C 194 49.42 -11.63 36.88
C TYR C 194 48.10 -12.35 36.81
N LEU C 195 47.79 -13.09 37.86
CA LEU C 195 46.55 -13.84 37.94
C LEU C 195 45.31 -12.98 37.95
N LEU C 196 45.45 -11.73 38.40
CA LEU C 196 44.31 -10.84 38.44
C LEU C 196 44.29 -9.95 37.20
N LYS C 197 45.18 -10.18 36.23
CA LYS C 197 45.15 -9.38 34.98
C LYS C 197 44.00 -9.81 34.07
N SER C 198 43.36 -8.84 33.45
CA SER C 198 42.30 -9.14 32.50
C SER C 198 42.83 -10.09 31.40
N PRO C 199 42.00 -11.03 30.89
CA PRO C 199 42.40 -11.84 29.71
C PRO C 199 42.25 -11.16 28.31
N PHE C 200 41.69 -9.94 28.27
CA PHE C 200 41.45 -9.25 27.00
C PHE C 200 42.67 -8.49 26.50
N GLY C 201 42.46 -7.77 25.40
CA GLY C 201 43.60 -7.32 24.62
C GLY C 201 44.44 -6.28 25.31
N GLY C 202 45.75 -6.41 25.14
CA GLY C 202 46.66 -5.48 25.71
C GLY C 202 46.92 -5.85 27.16
N GLU C 203 46.24 -6.89 27.66
CA GLU C 203 46.39 -7.35 29.02
C GLU C 203 46.90 -8.80 29.04
N GLY C 204 46.05 -9.73 28.59
CA GLY C 204 46.42 -11.12 28.39
C GLY C 204 46.68 -12.01 29.61
N TRP C 205 46.31 -11.55 30.82
CA TRP C 205 46.32 -12.42 31.99
C TRP C 205 47.69 -13.02 32.06
N ILE C 206 47.83 -14.31 32.42
CA ILE C 206 49.17 -14.88 32.56
C ILE C 206 49.93 -15.02 31.21
N VAL C 207 49.19 -15.11 30.09
CA VAL C 207 49.81 -15.22 28.78
C VAL C 207 50.75 -14.04 28.54
N SER C 208 50.53 -12.93 29.22
CA SER C 208 51.38 -11.76 29.02
C SER C 208 52.81 -11.82 29.56
N VAL C 209 53.16 -12.84 30.35
CA VAL C 209 54.46 -12.82 31.08
C VAL C 209 55.57 -12.62 30.06
N ASN C 210 56.38 -11.56 30.21
CA ASN C 210 57.26 -11.10 29.12
C ASN C 210 58.77 -11.07 29.50
N ASN C 211 59.11 -11.69 30.64
CA ASN C 211 60.52 -11.82 31.09
C ASN C 211 60.78 -13.11 31.92
N LEU C 212 62.02 -13.62 31.88
CA LEU C 212 62.32 -14.88 32.55
C LEU C 212 62.35 -14.78 34.07
N GLU C 213 62.65 -13.58 34.60
CA GLU C 213 62.65 -13.35 36.05
C GLU C 213 61.27 -13.64 36.63
N ASP C 214 60.21 -13.17 35.95
CA ASP C 214 58.84 -13.50 36.34
C ASP C 214 58.54 -14.98 36.17
N VAL C 215 58.98 -15.58 35.07
CA VAL C 215 58.75 -17.00 34.84
C VAL C 215 59.41 -17.85 35.91
N VAL C 216 60.66 -17.50 36.28
CA VAL C 216 61.38 -18.23 37.33
C VAL C 216 60.75 -18.03 38.73
N GLY C 217 60.54 -16.77 39.12
CA GLY C 217 59.82 -16.47 40.36
C GLY C 217 58.46 -17.15 40.46
N GLY C 218 57.73 -17.19 39.35
CA GLY C 218 56.45 -17.87 39.35
C GLY C 218 56.66 -19.33 39.67
N HIS C 219 57.70 -19.95 39.13
CA HIS C 219 57.86 -21.39 39.39
C HIS C 219 58.38 -21.69 40.79
N ILE C 220 59.14 -20.74 41.35
CA ILE C 220 59.54 -20.80 42.77
C ILE C 220 58.28 -20.82 43.63
N TRP C 221 57.37 -19.92 43.34
CA TRP C 221 56.12 -19.82 44.10
C TRP C 221 55.27 -21.05 44.00
N ILE C 222 55.19 -21.60 42.79
CA ILE C 222 54.35 -22.74 42.50
C ILE C 222 54.89 -24.02 43.12
N GLY C 223 56.22 -24.17 43.08
CA GLY C 223 56.89 -25.34 43.68
C GLY C 223 56.64 -25.37 45.17
N LEU C 224 56.77 -24.20 45.81
CA LEU C 224 56.52 -24.07 47.25
C LEU C 224 55.05 -24.31 47.57
N ILE C 225 54.17 -23.68 46.81
CA ILE C 225 52.74 -23.79 47.03
C ILE C 225 52.30 -25.26 46.93
N CYS C 226 52.76 -25.94 45.88
CA CYS C 226 52.44 -27.33 45.65
C CYS C 226 52.98 -28.29 46.70
N ILE C 227 54.22 -28.07 47.18
CA ILE C 227 54.76 -28.91 48.28
C ILE C 227 53.97 -28.65 49.57
N ALA C 228 53.79 -27.39 49.91
CA ALA C 228 52.92 -26.97 51.01
C ALA C 228 51.52 -27.57 50.93
N GLY C 229 50.89 -27.48 49.76
CA GLY C 229 49.57 -28.08 49.58
C GLY C 229 49.58 -29.58 49.70
N GLY C 230 50.68 -30.19 49.26
CA GLY C 230 50.83 -31.65 49.37
C GLY C 230 50.92 -32.08 50.83
N ILE C 231 51.70 -31.35 51.63
CA ILE C 231 51.85 -31.67 53.04
C ILE C 231 50.48 -31.54 53.71
N TRP C 232 49.88 -30.37 53.54
CA TRP C 232 48.50 -30.12 53.92
C TRP C 232 47.55 -31.25 53.64
N HIS C 233 47.56 -31.78 52.42
CA HIS C 233 46.61 -32.83 52.07
C HIS C 233 46.91 -34.22 52.62
N ILE C 234 48.17 -34.46 52.95
CA ILE C 234 48.57 -35.71 53.62
C ILE C 234 48.12 -35.64 55.08
N LEU C 235 48.29 -34.47 55.70
CA LEU C 235 47.97 -34.26 57.11
C LEU C 235 46.50 -34.05 57.45
N THR C 236 45.65 -33.77 56.45
CA THR C 236 44.26 -33.41 56.71
C THR C 236 43.24 -34.31 56.03
N THR C 237 41.99 -34.20 56.46
CA THR C 237 40.83 -34.76 55.80
C THR C 237 39.89 -33.59 55.38
N PRO C 238 39.04 -33.81 54.36
CA PRO C 238 38.23 -32.68 53.89
C PRO C 238 37.24 -32.10 54.92
N PHE C 239 37.24 -30.77 55.07
CA PHE C 239 36.27 -30.04 55.89
C PHE C 239 34.84 -30.37 55.42
N GLY C 240 33.84 -30.08 56.24
CA GLY C 240 32.50 -30.59 55.99
C GLY C 240 31.78 -29.86 54.86
N TRP C 241 32.17 -28.61 54.65
CA TRP C 241 31.64 -27.84 53.53
C TRP C 241 32.09 -28.38 52.18
N ALA C 242 33.33 -28.89 52.13
CA ALA C 242 33.85 -29.61 50.98
C ALA C 242 33.18 -30.96 50.84
N ARG C 243 33.00 -31.67 51.96
CA ARG C 243 32.29 -32.96 51.92
C ARG C 243 30.87 -32.84 51.33
N ARG C 244 30.20 -31.74 51.63
CA ARG C 244 28.81 -31.53 51.21
C ARG C 244 28.69 -30.98 49.79
N ALA C 245 29.79 -30.45 49.28
CA ALA C 245 29.80 -29.84 47.94
C ALA C 245 30.09 -30.83 46.77
N PHE C 246 30.84 -31.90 47.05
CA PHE C 246 31.36 -32.73 45.97
C PHE C 246 30.77 -34.14 45.90
N ILE C 247 30.84 -34.73 44.72
CA ILE C 247 30.60 -36.16 44.58
C ILE C 247 31.95 -36.86 44.89
N TRP C 248 31.90 -37.93 45.70
CA TRP C 248 33.13 -38.64 46.13
C TRP C 248 33.16 -40.03 45.49
N SER C 249 33.70 -40.11 44.28
CA SER C 249 33.67 -41.38 43.52
C SER C 249 34.75 -41.34 42.47
N GLY C 250 35.27 -42.49 42.05
CA GLY C 250 36.28 -42.51 40.99
C GLY C 250 35.84 -41.66 39.81
N GLU C 251 34.63 -41.89 39.31
CA GLU C 251 34.18 -41.24 38.09
C GLU C 251 34.09 -39.74 38.25
N ALA C 252 33.78 -39.29 39.46
CA ALA C 252 33.70 -37.85 39.73
C ALA C 252 35.06 -37.18 39.82
N TYR C 253 36.05 -37.90 40.34
CA TYR C 253 37.41 -37.32 40.45
C TYR C 253 38.02 -37.21 39.07
N LEU C 254 37.72 -38.19 38.23
CA LEU C 254 38.08 -38.12 36.82
C LEU C 254 37.53 -36.84 36.16
N SER C 255 36.21 -36.63 36.34
CA SER C 255 35.50 -35.48 35.77
C SER C 255 36.09 -34.14 36.17
N TYR C 256 36.50 -33.98 37.44
CA TYR C 256 37.13 -32.73 37.92
C TYR C 256 38.47 -32.49 37.20
N SER C 257 39.20 -33.58 37.00
CA SER C 257 40.51 -33.58 36.38
C SER C 257 40.34 -33.30 34.91
N LEU C 258 39.30 -33.88 34.31
CA LEU C 258 38.94 -33.60 32.92
C LEU C 258 38.64 -32.11 32.70
N GLY C 259 37.93 -31.50 33.65
CA GLY C 259 37.60 -30.07 33.56
C GLY C 259 38.86 -29.22 33.65
N ALA C 260 39.81 -29.64 34.49
CA ALA C 260 41.00 -28.81 34.76
C ALA C 260 41.97 -28.92 33.59
N LEU C 261 42.07 -30.13 33.03
CA LEU C 261 42.83 -30.34 31.79
C LEU C 261 42.28 -29.60 30.56
N SER C 262 40.96 -29.67 30.32
CA SER C 262 40.34 -28.84 29.27
C SER C 262 40.74 -27.37 29.44
N MET C 263 40.57 -26.84 30.63
CA MET C 263 40.96 -25.47 30.92
C MET C 263 42.44 -25.21 30.62
N MET C 264 43.28 -26.13 31.02
CA MET C 264 44.72 -25.97 30.82
C MET C 264 45.03 -26.03 29.31
N GLY C 265 44.40 -26.96 28.60
CA GLY C 265 44.51 -27.05 27.15
C GLY C 265 44.18 -25.73 26.47
N PHE C 266 43.09 -25.11 26.89
CA PHE C 266 42.73 -23.82 26.33
C PHE C 266 43.79 -22.75 26.63
N ILE C 267 44.27 -22.68 27.87
CA ILE C 267 45.31 -21.74 28.25
C ILE C 267 46.56 -21.94 27.37
N ALA C 268 46.94 -23.22 27.21
CA ALA C 268 48.11 -23.61 26.38
C ALA C 268 47.97 -23.14 24.95
N THR C 269 46.75 -23.25 24.39
CA THR C 269 46.46 -22.78 23.04
C THR C 269 46.79 -21.30 22.97
N CYS C 270 46.23 -20.49 23.88
CA CYS C 270 46.54 -19.03 23.86
C CYS C 270 48.01 -18.71 24.17
N PHE C 271 48.64 -19.50 25.04
CA PHE C 271 50.05 -19.27 25.33
C PHE C 271 50.94 -19.32 24.10
N VAL C 272 50.79 -20.37 23.32
CA VAL C 272 51.62 -20.59 22.15
C VAL C 272 51.23 -19.69 21.00
N TRP C 273 50.00 -19.21 21.04
CA TRP C 273 49.51 -18.37 19.98
C TRP C 273 50.01 -16.95 20.13
N PHE C 274 50.06 -16.47 21.37
CA PHE C 274 50.40 -15.07 21.59
C PHE C 274 51.80 -14.85 22.17
N ASN C 275 52.26 -15.77 23.01
CA ASN C 275 53.46 -15.56 23.82
C ASN C 275 54.78 -15.93 23.08
N ASN C 276 55.73 -14.99 23.06
CA ASN C 276 57.03 -15.15 22.42
C ASN C 276 58.24 -15.04 23.39
N THR C 277 57.98 -15.30 24.66
CA THR C 277 59.02 -15.31 25.70
C THR C 277 59.31 -16.77 26.03
N VAL C 278 58.29 -17.51 26.46
CA VAL C 278 58.48 -18.93 26.75
C VAL C 278 58.26 -19.83 25.53
N TYR C 279 57.82 -19.22 24.42
CA TYR C 279 57.83 -19.80 23.06
C TYR C 279 58.54 -18.77 22.14
N PRO C 280 59.88 -18.77 22.18
CA PRO C 280 60.69 -17.82 21.41
C PRO C 280 60.43 -17.98 19.94
N SER C 281 60.23 -16.87 19.26
CA SER C 281 59.94 -16.91 17.84
C SER C 281 61.14 -17.49 17.07
N GLU C 282 62.36 -17.31 17.61
CA GLU C 282 63.53 -17.99 17.00
C GLU C 282 63.34 -19.49 16.79
N PHE C 283 62.65 -20.16 17.71
CA PHE C 283 62.39 -21.61 17.63
C PHE C 283 61.02 -21.98 17.12
N TYR C 284 60.02 -21.19 17.53
CA TYR C 284 58.64 -21.56 17.24
C TYR C 284 58.06 -20.85 15.99
N GLY C 285 58.81 -19.88 15.42
CA GLY C 285 58.28 -19.02 14.36
C GLY C 285 57.59 -17.81 14.99
N PRO C 286 57.29 -16.78 14.17
CA PRO C 286 56.63 -15.58 14.68
C PRO C 286 55.17 -15.84 15.05
N THR C 287 54.63 -15.10 16.05
CA THR C 287 53.19 -15.15 16.35
C THR C 287 52.42 -14.54 15.14
N GLY C 288 51.14 -14.87 15.04
CA GLY C 288 50.30 -14.19 14.07
C GLY C 288 50.38 -12.68 14.15
N PRO C 289 50.27 -12.10 15.37
CA PRO C 289 50.37 -10.62 15.51
C PRO C 289 51.74 -10.10 15.05
N GLU C 290 52.79 -10.80 15.50
CA GLU C 290 54.17 -10.49 15.17
C GLU C 290 54.42 -10.44 13.65
N ALA C 291 53.98 -11.48 12.96
CA ALA C 291 54.12 -11.53 11.47
C ALA C 291 53.37 -10.39 10.80
N SER C 292 52.18 -10.08 11.33
CA SER C 292 51.39 -8.97 10.77
C SER C 292 52.12 -7.65 11.02
N GLN C 293 52.65 -7.48 12.24
CA GLN C 293 53.44 -6.27 12.57
C GLN C 293 54.71 -6.20 11.70
N ALA C 294 55.35 -7.34 11.44
CA ALA C 294 56.55 -7.43 10.54
C ALA C 294 56.25 -6.96 9.13
N GLN C 295 55.04 -7.22 8.61
CA GLN C 295 54.76 -6.80 7.25
C GLN C 295 54.73 -5.23 7.13
N ALA C 296 54.00 -4.59 8.01
CA ALA C 296 53.95 -3.13 8.01
C ALA C 296 55.40 -2.54 8.20
N MET C 297 56.20 -3.13 9.09
CA MET C 297 57.61 -2.72 9.30
C MET C 297 58.43 -2.90 8.04
N THR C 298 58.32 -4.06 7.41
CA THR C 298 58.93 -4.27 6.11
C THR C 298 58.58 -3.22 5.12
N PHE C 299 57.31 -2.88 4.96
CA PHE C 299 57.01 -1.86 3.87
C PHE C 299 57.30 -0.41 4.25
N LEU C 300 57.19 -0.12 5.54
CA LEU C 300 57.64 1.11 6.07
C LEU C 300 59.13 1.26 5.73
N ILE C 301 59.94 0.26 6.08
CA ILE C 301 61.36 0.33 5.70
C ILE C 301 61.55 0.51 4.20
N ARG C 302 60.88 -0.33 3.40
CA ARG C 302 61.10 -0.29 1.96
C ARG C 302 60.77 1.08 1.44
N ASP C 303 59.60 1.58 1.80
CA ASP C 303 59.05 2.78 1.15
C ASP C 303 59.84 4.04 1.55
N GLN C 304 60.18 4.14 2.84
CA GLN C 304 61.02 5.22 3.35
C GLN C 304 62.44 5.22 2.68
N LYS C 305 63.02 4.02 2.51
CA LYS C 305 64.24 3.90 1.67
C LYS C 305 64.01 4.54 0.35
N LEU C 306 62.75 4.52 -0.13
CA LEU C 306 62.48 5.02 -1.48
C LEU C 306 62.24 6.51 -1.44
N GLY C 307 62.19 7.06 -0.24
CA GLY C 307 61.98 8.50 -0.07
C GLY C 307 60.70 8.92 0.60
N ALA C 308 59.84 7.96 0.93
CA ALA C 308 58.59 8.30 1.57
C ALA C 308 58.76 8.89 2.98
N ASN C 309 57.97 9.91 3.30
CA ASN C 309 57.91 10.39 4.67
C ASN C 309 56.82 9.61 5.37
N VAL C 310 57.22 8.63 6.19
CA VAL C 310 56.24 7.64 6.65
C VAL C 310 55.26 8.20 7.67
N GLY C 311 55.68 9.26 8.36
CA GLY C 311 54.83 9.87 9.37
C GLY C 311 53.67 10.67 8.78
N SER C 312 53.86 11.29 7.64
CA SER C 312 52.79 12.13 7.12
C SER C 312 52.07 11.55 5.90
N ALA C 313 52.37 10.29 5.57
CA ALA C 313 51.71 9.64 4.43
C ALA C 313 50.31 9.16 4.85
N GLN C 314 49.32 9.81 4.27
CA GLN C 314 47.92 9.55 4.52
C GLN C 314 47.48 8.41 3.59
N GLY C 315 46.93 7.34 4.17
CA GLY C 315 46.36 6.22 3.40
C GLY C 315 45.01 6.55 2.78
N PRO C 316 44.51 5.66 1.89
CA PRO C 316 43.24 5.92 1.22
C PRO C 316 42.06 6.25 2.18
N THR C 317 42.03 5.67 3.37
CA THR C 317 40.91 5.89 4.29
C THR C 317 41.03 7.19 5.06
N GLY C 318 42.21 7.80 5.06
CA GLY C 318 42.41 9.04 5.84
C GLY C 318 43.31 8.73 7.03
N LEU C 319 43.34 7.47 7.46
CA LEU C 319 44.34 7.04 8.45
C LEU C 319 45.74 6.91 7.80
N GLY C 320 46.78 6.99 8.62
CA GLY C 320 48.13 6.99 8.07
C GLY C 320 48.42 5.66 7.43
N LYS C 321 49.01 5.68 6.22
CA LYS C 321 49.36 4.43 5.52
C LYS C 321 50.28 3.50 6.39
N TYR C 322 51.21 4.10 7.14
CA TYR C 322 52.24 3.29 7.83
C TYR C 322 52.09 3.42 9.32
N LEU C 323 51.71 4.62 9.75
CA LEU C 323 51.64 4.93 11.19
C LEU C 323 50.35 5.65 11.51
N MET C 324 49.82 5.42 12.71
CA MET C 324 48.54 5.96 13.12
C MET C 324 48.53 5.85 14.63
N ARG C 325 47.39 6.23 15.25
CA ARG C 325 47.26 6.12 16.68
C ARG C 325 46.34 5.02 17.10
N SER C 326 46.68 4.38 18.23
CA SER C 326 45.78 3.50 18.94
C SER C 326 44.67 4.34 19.54
N PRO C 327 43.61 3.70 20.02
CA PRO C 327 42.49 4.44 20.64
C PRO C 327 42.90 5.24 21.89
N THR C 328 44.06 4.90 22.47
CA THR C 328 44.62 5.68 23.59
C THR C 328 45.80 6.57 23.19
N GLY C 329 46.04 6.71 21.88
CA GLY C 329 46.96 7.75 21.39
C GLY C 329 48.37 7.30 20.97
N GLU C 330 48.85 6.19 21.56
CA GLU C 330 50.13 5.54 21.16
C GLU C 330 50.33 5.42 19.65
N ILE C 331 51.56 5.66 19.18
CA ILE C 331 51.86 5.53 17.77
C ILE C 331 52.03 4.03 17.44
N ILE C 332 51.33 3.56 16.42
CA ILE C 332 51.27 2.14 16.07
C ILE C 332 51.28 1.99 14.57
N PHE C 333 51.56 0.78 14.08
CA PHE C 333 51.51 0.51 12.63
C PHE C 333 50.08 0.60 12.06
N GLY C 334 49.95 1.05 10.83
CA GLY C 334 48.64 1.13 10.20
C GLY C 334 48.28 -0.01 9.26
N GLY C 335 47.19 0.15 8.50
CA GLY C 335 46.55 -0.94 7.77
C GLY C 335 45.99 -1.92 8.79
N GLU C 336 45.68 -3.14 8.34
CA GLU C 336 44.88 -4.01 9.19
C GLU C 336 45.51 -4.27 10.54
N THR C 337 46.85 -4.15 10.59
CA THR C 337 47.60 -4.56 11.75
C THR C 337 47.37 -3.62 12.95
N MET C 338 46.66 -2.51 12.74
CA MET C 338 46.13 -1.74 13.86
C MET C 338 45.62 -2.62 14.98
N ARG C 339 45.03 -3.77 14.67
CA ARG C 339 44.51 -4.65 15.72
C ARG C 339 45.64 -5.23 16.56
N PHE C 340 46.86 -5.24 16.00
CA PHE C 340 47.91 -6.00 16.66
C PHE C 340 48.87 -5.13 17.46
N TRP C 341 48.44 -3.89 17.72
CA TRP C 341 49.33 -2.92 18.30
C TRP C 341 49.87 -3.31 19.68
N ASP C 342 49.24 -4.26 20.35
CA ASP C 342 49.69 -4.79 21.68
C ASP C 342 50.89 -5.74 21.58
N PHE C 343 51.23 -6.14 20.37
CA PHE C 343 52.39 -7.00 20.11
C PHE C 343 53.67 -6.33 20.65
N ARG C 344 54.54 -7.09 21.31
CA ARG C 344 55.88 -6.63 21.69
C ARG C 344 56.89 -7.69 21.35
N GLY C 345 58.00 -7.25 20.73
CA GLY C 345 59.00 -8.18 20.22
C GLY C 345 60.38 -7.58 20.12
N PRO C 346 61.42 -8.39 20.40
CA PRO C 346 62.76 -7.81 20.53
C PRO C 346 63.30 -7.12 19.28
N TRP C 347 62.89 -7.52 18.06
CA TRP C 347 63.28 -6.80 16.85
C TRP C 347 62.59 -5.48 16.68
N LEU C 348 61.52 -5.27 17.46
CA LEU C 348 60.66 -4.07 17.33
C LEU C 348 60.84 -3.07 18.46
N GLU C 349 61.05 -3.53 19.70
CA GLU C 349 61.12 -2.62 20.85
C GLU C 349 62.15 -1.50 20.71
N PRO C 350 63.28 -1.74 20.02
CA PRO C 350 64.22 -0.59 19.88
C PRO C 350 63.63 0.67 19.27
N LEU C 351 62.52 0.55 18.55
CA LEU C 351 61.93 1.70 17.89
C LEU C 351 60.83 2.31 18.77
N ARG C 352 60.55 1.68 19.88
CA ARG C 352 59.44 2.17 20.64
C ARG C 352 59.93 3.14 21.70
N GLY C 353 59.39 4.34 21.68
CA GLY C 353 59.53 5.27 22.77
C GLY C 353 58.31 5.35 23.67
N PRO C 354 58.30 6.34 24.57
CA PRO C 354 57.24 6.47 25.60
C PRO C 354 55.83 6.63 24.97
N ASN C 355 55.76 7.29 23.84
CA ASN C 355 54.52 7.45 23.11
C ASN C 355 54.15 6.38 22.06
N GLY C 356 54.88 5.27 22.06
CA GLY C 356 54.69 4.25 21.03
C GLY C 356 55.83 4.41 20.06
N LEU C 357 55.60 4.01 18.80
CA LEU C 357 56.65 3.91 17.82
C LEU C 357 57.22 5.28 17.62
N ASP C 358 58.52 5.42 17.56
CA ASP C 358 59.14 6.77 17.56
C ASP C 358 59.59 7.14 16.18
N LEU C 359 59.10 8.24 15.67
CA LEU C 359 59.39 8.61 14.31
C LEU C 359 60.88 9.00 14.09
N ASN C 360 61.51 9.53 15.14
CA ASN C 360 62.92 9.93 15.08
C ASN C 360 63.71 8.63 14.88
N LYS C 361 63.50 7.68 15.77
CA LYS C 361 64.11 6.36 15.66
C LYS C 361 63.79 5.64 14.33
N ILE C 362 62.52 5.64 13.90
CA ILE C 362 62.16 5.09 12.60
C ILE C 362 62.91 5.71 11.43
N LYS C 363 63.13 7.02 11.49
CA LYS C 363 63.82 7.68 10.40
C LYS C 363 65.33 7.44 10.38
N ASN C 364 65.90 7.11 11.52
CA ASN C 364 67.37 7.08 11.69
C ASN C 364 68.00 5.79 12.21
N ASP C 365 67.25 4.95 12.88
CA ASP C 365 67.86 3.95 13.75
C ASP C 365 67.51 2.55 13.39
N ILE C 366 66.81 2.39 12.28
CA ILE C 366 66.45 1.03 11.88
C ILE C 366 67.71 0.30 11.41
N GLN C 367 68.11 -0.73 12.15
CA GLN C 367 69.29 -1.52 11.81
C GLN C 367 68.96 -2.61 10.76
N PRO C 368 69.93 -2.97 9.90
CA PRO C 368 69.72 -4.10 8.95
C PRO C 368 69.16 -5.41 9.54
N TRP C 369 69.56 -5.76 10.77
CA TRP C 369 69.13 -6.99 11.37
C TRP C 369 67.63 -6.93 11.67
N GLN C 370 67.10 -5.72 11.83
CA GLN C 370 65.67 -5.52 12.11
C GLN C 370 64.88 -5.70 10.81
N GLU C 371 65.35 -5.08 9.74
CA GLU C 371 64.81 -5.33 8.41
C GLU C 371 64.78 -6.82 8.08
N ARG C 372 65.86 -7.51 8.45
CA ARG C 372 66.04 -8.91 8.14
C ARG C 372 65.03 -9.77 8.91
N ARG C 373 64.90 -9.54 10.21
CA ARG C 373 64.00 -10.30 11.02
C ARG C 373 62.52 -10.06 10.64
N ALA C 374 62.20 -8.84 10.23
CA ALA C 374 60.84 -8.48 9.90
C ALA C 374 60.46 -9.16 8.60
N ALA C 375 61.43 -9.26 7.67
CA ALA C 375 61.19 -9.88 6.36
C ALA C 375 60.98 -11.37 6.55
N GLU C 376 61.80 -11.92 7.45
CA GLU C 376 61.76 -13.34 7.84
C GLU C 376 60.39 -13.70 8.48
N TYR C 377 59.96 -12.83 9.37
CA TYR C 377 58.77 -13.10 10.16
C TYR C 377 57.53 -12.83 9.28
N MET C 378 57.60 -11.82 8.45
CA MET C 378 56.51 -11.55 7.53
C MET C 378 56.24 -12.79 6.66
N THR C 379 57.31 -13.47 6.24
CA THR C 379 57.24 -14.53 5.22
C THR C 379 57.16 -15.93 5.85
N HIS C 380 57.16 -15.94 7.18
CA HIS C 380 56.83 -17.14 7.95
C HIS C 380 55.62 -16.95 8.83
N ALA C 381 54.73 -16.08 8.43
CA ALA C 381 53.46 -15.95 9.16
C ALA C 381 52.85 -17.32 9.38
N PRO C 382 52.19 -17.52 10.52
CA PRO C 382 51.59 -18.82 10.72
C PRO C 382 50.28 -19.01 9.93
N LEU C 383 50.38 -19.07 8.60
CA LEU C 383 49.24 -19.42 7.78
C LEU C 383 49.72 -20.58 6.93
N GLY C 384 48.93 -21.64 6.87
CA GLY C 384 49.11 -22.62 5.80
C GLY C 384 48.01 -23.66 5.79
N SER C 385 48.03 -24.53 4.77
CA SER C 385 47.03 -25.55 4.58
C SER C 385 47.30 -26.84 5.38
N LEU C 386 46.26 -27.69 5.48
CA LEU C 386 46.36 -28.92 6.25
C LEU C 386 47.44 -29.84 5.65
N ASN C 387 47.59 -29.84 4.30
CA ASN C 387 48.70 -30.56 3.60
C ASN C 387 50.05 -29.84 3.59
N SER C 388 50.15 -28.82 4.42
CA SER C 388 51.36 -28.03 4.61
C SER C 388 51.91 -27.29 3.41
N VAL C 389 51.01 -26.68 2.63
CA VAL C 389 51.39 -25.60 1.72
C VAL C 389 51.39 -24.28 2.51
N GLY C 390 52.55 -23.64 2.62
CA GLY C 390 52.62 -22.43 3.39
C GLY C 390 52.03 -21.30 2.57
N GLY C 391 51.50 -20.30 3.26
CA GLY C 391 50.90 -19.16 2.54
C GLY C 391 49.45 -18.90 2.84
N VAL C 392 48.85 -17.97 2.11
CA VAL C 392 47.41 -17.73 2.19
C VAL C 392 46.69 -18.91 1.49
N ALA C 393 45.36 -18.99 1.64
CA ALA C 393 44.63 -20.10 1.15
C ALA C 393 44.66 -20.15 -0.40
N THR C 394 44.91 -19.04 -1.05
CA THR C 394 44.97 -18.98 -2.49
C THR C 394 46.41 -19.14 -3.03
N GLU C 395 47.35 -19.37 -2.14
CA GLU C 395 48.74 -19.59 -2.54
C GLU C 395 48.94 -20.88 -3.37
N ILE C 396 49.85 -20.80 -4.35
CA ILE C 396 50.24 -21.96 -5.14
C ILE C 396 51.17 -22.85 -4.31
N ASN C 397 51.20 -24.12 -4.66
CA ASN C 397 52.15 -25.02 -4.06
C ASN C 397 53.55 -24.49 -4.37
N SER C 398 54.45 -24.64 -3.39
CA SER C 398 55.90 -24.39 -3.54
C SER C 398 56.55 -24.51 -2.17
N VAL C 399 55.96 -23.86 -1.20
CA VAL C 399 56.54 -23.76 0.14
C VAL C 399 55.85 -24.72 1.06
N ASN C 400 56.66 -25.55 1.70
CA ASN C 400 56.18 -26.61 2.58
C ASN C 400 56.31 -26.04 4.00
N PHE C 401 55.24 -25.42 4.47
CA PHE C 401 55.28 -24.80 5.80
C PHE C 401 53.89 -24.67 6.46
N VAL C 402 53.80 -25.19 7.68
CA VAL C 402 52.82 -24.75 8.66
C VAL C 402 53.60 -24.48 9.96
N SER C 403 53.45 -23.27 10.49
CA SER C 403 54.07 -22.91 11.75
C SER C 403 53.81 -23.93 12.85
N PRO C 404 54.85 -24.22 13.67
CA PRO C 404 54.69 -24.98 14.90
C PRO C 404 53.61 -24.34 15.81
N ARG C 405 53.46 -23.03 15.74
CA ARG C 405 52.41 -22.37 16.53
C ARG C 405 51.01 -22.83 16.14
N SER C 406 50.72 -22.95 14.84
CA SER C 406 49.41 -23.42 14.42
C SER C 406 49.21 -24.86 14.81
N TRP C 407 50.26 -25.67 14.69
CA TRP C 407 50.06 -27.07 15.05
C TRP C 407 49.77 -27.17 16.55
N LEU C 408 50.50 -26.43 17.36
CA LEU C 408 50.34 -26.55 18.81
C LEU C 408 49.01 -25.97 19.32
N ALA C 409 48.54 -24.87 18.69
CA ALA C 409 47.27 -24.24 19.03
C ALA C 409 46.08 -25.07 18.60
N THR C 410 46.12 -25.57 17.38
CA THR C 410 44.98 -26.27 16.84
C THR C 410 44.82 -27.59 17.58
N SER C 411 45.93 -28.33 17.67
CA SER C 411 45.84 -29.65 18.34
C SER C 411 45.22 -29.52 19.75
N HIS C 412 45.72 -28.55 20.49
CA HIS C 412 45.32 -28.32 21.88
C HIS C 412 43.97 -27.69 22.06
N PHE C 413 43.50 -26.90 21.08
CA PHE C 413 42.11 -26.49 21.12
C PHE C 413 41.19 -27.71 20.95
N VAL C 414 41.51 -28.57 19.99
CA VAL C 414 40.71 -29.79 19.83
C VAL C 414 40.73 -30.63 21.12
N LEU C 415 41.92 -30.84 21.66
CA LEU C 415 42.06 -31.65 22.87
C LEU C 415 41.32 -30.99 24.06
N ALA C 416 41.53 -29.70 24.26
CA ALA C 416 40.84 -29.01 25.36
C ALA C 416 39.34 -29.14 25.19
N PHE C 417 38.87 -29.00 23.95
CA PHE C 417 37.44 -29.07 23.70
C PHE C 417 36.87 -30.42 24.05
N PHE C 418 37.44 -31.50 23.49
CA PHE C 418 36.90 -32.82 23.83
C PHE C 418 37.03 -33.14 25.32
N PHE C 419 38.03 -32.59 25.99
CA PHE C 419 38.18 -32.81 27.43
C PHE C 419 37.06 -32.17 28.22
N LEU C 420 36.62 -30.99 27.76
CA LEU C 420 35.43 -30.33 28.31
C LEU C 420 34.17 -31.19 28.16
N VAL C 421 33.95 -31.73 26.96
CA VAL C 421 32.90 -32.68 26.79
C VAL C 421 33.01 -33.86 27.80
N GLY C 422 34.24 -34.39 27.92
CA GLY C 422 34.55 -35.51 28.77
C GLY C 422 34.19 -35.13 30.17
N HIS C 423 34.50 -33.88 30.52
CA HIS C 423 34.14 -33.42 31.82
C HIS C 423 32.63 -33.42 32.00
N LEU C 424 31.87 -32.92 31.02
CA LEU C 424 30.41 -32.86 31.20
C LEU C 424 29.85 -34.29 31.27
N TRP C 425 30.36 -35.15 30.40
CA TRP C 425 29.93 -36.53 30.39
C TRP C 425 30.13 -37.19 31.72
N HIS C 426 31.32 -37.09 32.29
CA HIS C 426 31.62 -37.81 33.50
C HIS C 426 31.03 -37.16 34.73
N ALA C 427 30.96 -35.83 34.75
CA ALA C 427 30.37 -35.10 35.87
C ALA C 427 28.89 -35.46 36.02
N GLY C 428 28.20 -35.49 34.89
CA GLY C 428 26.79 -35.77 34.82
C GLY C 428 26.50 -37.23 35.12
N ARG C 429 27.33 -38.12 34.55
CA ARG C 429 27.24 -39.54 34.89
C ARG C 429 27.58 -39.78 36.39
N ALA C 430 28.59 -39.11 36.92
CA ALA C 430 28.96 -39.30 38.34
C ALA C 430 27.86 -38.84 39.28
N ARG C 431 27.29 -37.67 39.03
CA ARG C 431 26.13 -37.19 39.76
C ARG C 431 25.01 -38.22 39.73
N ALA C 432 24.56 -38.63 38.54
CA ALA C 432 23.48 -39.61 38.41
C ALA C 432 23.73 -40.98 39.12
N ALA C 433 24.94 -41.50 39.01
CA ALA C 433 25.30 -42.77 39.61
C ALA C 433 25.34 -42.61 41.14
N ALA C 434 25.84 -41.48 41.63
CA ALA C 434 25.86 -41.28 43.08
C ALA C 434 24.41 -41.28 43.61
N ALA C 435 23.49 -40.69 42.84
CA ALA C 435 22.08 -40.60 43.28
C ALA C 435 21.30 -41.84 42.88
N GLY C 436 21.91 -42.68 42.07
CA GLY C 436 21.29 -43.94 41.69
C GLY C 436 20.34 -43.99 40.51
N PHE C 437 20.46 -43.08 39.55
CA PHE C 437 19.57 -43.25 38.38
C PHE C 437 20.31 -43.22 37.02
N GLU C 438 21.60 -43.52 37.06
CA GLU C 438 22.44 -43.55 35.86
C GLU C 438 22.04 -44.64 34.86
N LYS C 439 21.28 -45.64 35.31
CA LYS C 439 20.83 -46.75 34.41
C LYS C 439 19.45 -46.53 33.85
N GLY C 440 18.79 -45.46 34.31
CA GLY C 440 17.45 -45.11 33.80
C GLY C 440 16.49 -44.78 34.92
N ILE C 441 15.24 -44.55 34.56
CA ILE C 441 14.17 -44.18 35.49
C ILE C 441 13.44 -45.44 35.97
N ASP C 442 13.32 -45.59 37.28
CA ASP C 442 12.55 -46.68 37.89
C ASP C 442 11.09 -46.57 37.46
N ARG C 443 10.58 -47.53 36.69
CA ARG C 443 9.20 -47.39 36.16
C ARG C 443 8.17 -47.24 37.28
N GLU C 444 8.48 -47.71 38.50
CA GLU C 444 7.50 -47.70 39.61
C GLU C 444 7.78 -46.63 40.63
N SER C 445 8.85 -45.88 40.42
CA SER C 445 9.10 -44.71 41.27
C SER C 445 9.57 -43.52 40.44
N GLU C 446 8.91 -43.32 39.29
CA GLU C 446 9.18 -42.20 38.40
C GLU C 446 8.98 -40.85 39.09
N PRO C 447 10.08 -40.14 39.39
CA PRO C 447 9.92 -38.91 40.13
C PRO C 447 8.84 -37.95 39.61
N VAL C 448 8.74 -37.78 38.30
CA VAL C 448 7.83 -36.76 37.74
C VAL C 448 6.36 -37.08 38.08
N LEU C 449 6.07 -38.36 38.22
CA LEU C 449 4.70 -38.79 38.53
C LEU C 449 4.24 -38.37 39.93
N SER C 450 5.20 -37.99 40.80
CA SER C 450 4.96 -37.59 42.19
C SER C 450 4.97 -36.10 42.39
N MET C 451 5.19 -35.35 41.29
CA MET C 451 5.25 -33.89 41.34
C MET C 451 3.92 -33.29 40.90
N PRO C 452 3.58 -32.10 41.41
CA PRO C 452 2.40 -31.41 40.91
C PRO C 452 2.60 -31.08 39.44
N SER C 453 1.51 -31.13 38.67
CA SER C 453 1.57 -30.76 37.27
C SER C 453 1.89 -29.24 37.10
N LEU C 454 2.55 -28.87 35.99
CA LEU C 454 2.97 -27.47 35.78
C LEU C 454 1.85 -26.46 35.54
N ASP C 455 0.75 -26.95 34.98
CA ASP C 455 -0.33 -26.09 34.58
C ASP C 455 -1.58 -26.92 34.34
N GLU D 1 0.85 -70.21 -8.20
CA GLU D 1 -0.08 -69.05 -8.18
C GLU D 1 -0.88 -68.94 -9.49
N ARG D 2 -0.34 -69.50 -10.59
CA ARG D 2 -1.01 -69.55 -11.93
C ARG D 2 -0.05 -69.32 -13.12
N GLY D 3 -0.26 -68.22 -13.86
CA GLY D 3 0.48 -67.90 -15.10
C GLY D 3 1.92 -67.45 -14.91
N TRP D 4 2.63 -67.24 -16.00
CA TRP D 4 4.04 -66.85 -15.88
C TRP D 4 4.23 -65.57 -15.07
N PHE D 5 3.40 -64.55 -15.31
CA PHE D 5 3.46 -63.30 -14.55
C PHE D 5 3.47 -63.56 -13.05
N ASP D 6 2.51 -64.34 -12.57
CA ASP D 6 2.42 -64.62 -11.14
C ASP D 6 3.61 -65.43 -10.66
N ILE D 7 4.11 -66.35 -11.50
CA ILE D 7 5.32 -67.07 -11.09
C ILE D 7 6.50 -66.09 -10.95
N LEU D 8 6.68 -65.22 -11.92
CA LEU D 8 7.76 -64.23 -11.87
C LEU D 8 7.67 -63.35 -10.61
N ASP D 9 6.47 -62.83 -10.36
CA ASP D 9 6.13 -62.09 -9.13
C ASP D 9 6.54 -62.80 -7.84
N ASP D 10 6.29 -64.12 -7.80
CA ASP D 10 6.72 -64.98 -6.69
C ASP D 10 8.22 -64.86 -6.52
N TRP D 11 8.91 -65.07 -7.63
CA TRP D 11 10.33 -65.07 -7.59
C TRP D 11 10.87 -63.70 -7.19
N LEU D 12 10.36 -62.63 -7.80
CA LEU D 12 10.83 -61.28 -7.48
C LEU D 12 10.73 -60.91 -5.96
N LYS D 13 9.69 -61.44 -5.30
CA LYS D 13 9.36 -61.07 -3.91
C LYS D 13 9.84 -62.03 -2.83
N ARG D 14 10.61 -63.02 -3.24
CA ARG D 14 11.21 -63.94 -2.29
C ARG D 14 11.92 -63.22 -1.13
N ASP D 15 11.79 -63.73 0.07
CA ASP D 15 12.44 -63.12 1.21
C ASP D 15 13.91 -63.49 1.31
N ARG D 16 14.75 -62.76 0.57
CA ARG D 16 16.19 -63.01 0.52
C ARG D 16 17.05 -61.90 1.15
N PHE D 17 18.37 -62.03 1.07
CA PHE D 17 19.27 -61.08 1.72
C PHE D 17 19.15 -59.64 1.19
N VAL D 18 18.96 -59.55 -0.13
CA VAL D 18 18.69 -58.29 -0.81
C VAL D 18 17.37 -58.48 -1.56
N PHE D 19 16.32 -57.83 -1.08
CA PHE D 19 15.05 -57.84 -1.77
C PHE D 19 15.23 -57.30 -3.19
N VAL D 20 14.42 -57.80 -4.10
CA VAL D 20 14.53 -57.47 -5.51
C VAL D 20 13.25 -56.75 -5.86
N GLY D 21 12.14 -57.49 -5.94
CA GLY D 21 10.84 -56.91 -6.38
C GLY D 21 10.84 -56.51 -7.83
N TRP D 22 9.72 -55.99 -8.33
CA TRP D 22 9.63 -55.46 -9.69
C TRP D 22 10.42 -54.20 -9.84
N SER D 23 10.44 -53.39 -8.78
CA SER D 23 11.16 -52.14 -8.78
C SER D 23 12.65 -52.41 -8.98
N GLY D 24 13.10 -53.61 -8.56
CA GLY D 24 14.52 -54.00 -8.69
C GLY D 24 15.00 -54.11 -10.13
N ILE D 25 14.11 -54.44 -11.06
CA ILE D 25 14.50 -54.54 -12.49
C ILE D 25 14.88 -53.14 -13.02
N LEU D 26 14.20 -52.10 -12.52
CA LEU D 26 14.62 -50.71 -12.74
C LEU D 26 15.81 -50.32 -11.85
N LEU D 27 15.63 -50.47 -10.54
CA LEU D 27 16.59 -49.95 -9.57
C LEU D 27 18.02 -50.42 -9.79
N PHE D 28 18.23 -51.73 -9.74
CA PHE D 28 19.54 -52.30 -9.66
C PHE D 28 20.55 -52.03 -10.79
N PRO D 29 20.13 -52.16 -12.06
CA PRO D 29 21.04 -51.84 -13.12
C PRO D 29 21.33 -50.34 -13.21
N CYS D 30 20.34 -49.49 -12.92
CA CYS D 30 20.55 -48.02 -13.03
C CYS D 30 21.40 -47.51 -11.85
N ALA D 31 21.14 -48.00 -10.65
CA ALA D 31 22.01 -47.62 -9.54
C ALA D 31 23.43 -48.10 -9.79
N TYR D 32 23.59 -49.33 -10.24
CA TYR D 32 24.90 -49.90 -10.50
C TYR D 32 25.63 -49.20 -11.65
N LEU D 33 24.95 -48.93 -12.77
CA LEU D 33 25.59 -48.16 -13.83
C LEU D 33 25.99 -46.71 -13.42
N ALA D 34 25.11 -46.00 -12.69
CA ALA D 34 25.42 -44.62 -12.18
C ALA D 34 26.67 -44.62 -11.32
N LEU D 35 26.73 -45.57 -10.39
CA LEU D 35 27.87 -45.69 -9.48
C LEU D 35 29.13 -46.17 -10.20
N GLY D 36 29.04 -47.25 -10.95
CA GLY D 36 30.21 -47.69 -11.70
C GLY D 36 30.62 -46.67 -12.76
N GLY D 37 29.68 -45.92 -13.32
CA GLY D 37 30.08 -44.81 -14.18
C GLY D 37 30.91 -43.80 -13.41
N TRP D 38 30.49 -43.47 -12.18
CA TRP D 38 31.25 -42.51 -11.36
C TRP D 38 32.62 -42.99 -11.01
N LEU D 39 32.71 -44.26 -10.58
CA LEU D 39 34.01 -44.79 -10.18
C LEU D 39 34.92 -44.93 -11.43
N THR D 40 34.32 -45.35 -12.56
CA THR D 40 35.10 -45.48 -13.77
C THR D 40 35.64 -44.13 -14.19
N GLY D 41 34.78 -43.12 -14.32
CA GLY D 41 35.22 -41.79 -14.75
C GLY D 41 36.24 -41.18 -13.78
N THR D 42 35.96 -41.21 -12.47
CA THR D 42 36.86 -40.52 -11.56
C THR D 42 38.20 -41.26 -11.57
N THR D 43 38.21 -42.52 -12.01
CA THR D 43 39.43 -43.31 -11.89
C THR D 43 40.35 -43.10 -13.11
N PHE D 44 39.75 -42.99 -14.30
CA PHE D 44 40.42 -43.13 -15.60
C PHE D 44 40.16 -42.02 -16.62
N VAL D 45 39.07 -41.27 -16.45
CA VAL D 45 38.59 -40.33 -17.47
C VAL D 45 39.00 -38.88 -17.20
N THR D 46 39.46 -38.20 -18.27
CA THR D 46 39.89 -36.80 -18.24
C THR D 46 38.71 -35.84 -18.39
N SER D 47 38.98 -34.55 -18.19
CA SER D 47 38.03 -33.50 -18.49
C SER D 47 38.75 -32.43 -19.38
N TRP D 48 39.90 -32.82 -19.96
CA TRP D 48 40.73 -31.92 -20.75
C TRP D 48 39.99 -31.29 -21.92
N TYR D 49 39.22 -32.08 -22.65
CA TYR D 49 38.56 -31.59 -23.88
C TYR D 49 37.27 -30.84 -23.64
N THR D 50 36.71 -31.03 -22.45
CA THR D 50 35.44 -30.37 -22.11
C THR D 50 35.64 -29.15 -21.24
N HIS D 51 36.66 -29.14 -20.39
CA HIS D 51 36.85 -28.08 -19.39
C HIS D 51 38.27 -27.58 -19.37
N GLY D 52 39.20 -28.32 -19.98
CA GLY D 52 40.62 -28.01 -19.83
C GLY D 52 41.06 -28.47 -18.46
N LEU D 53 40.52 -29.61 -17.98
CA LEU D 53 40.81 -30.01 -16.59
C LEU D 53 41.29 -31.47 -16.49
N ALA D 54 42.19 -31.77 -15.55
CA ALA D 54 42.41 -33.16 -15.12
C ALA D 54 41.39 -33.49 -13.99
N SER D 55 40.92 -34.74 -13.90
CA SER D 55 39.74 -35.07 -13.13
C SER D 55 39.70 -36.53 -12.69
N SER D 56 40.81 -37.25 -12.90
CA SER D 56 40.88 -38.70 -12.59
C SER D 56 42.11 -39.08 -11.76
N TYR D 57 42.07 -40.22 -11.06
CA TYR D 57 43.28 -40.74 -10.33
C TYR D 57 44.46 -40.99 -11.33
N LEU D 58 44.10 -41.45 -12.51
CA LEU D 58 45.06 -41.70 -13.58
C LEU D 58 45.90 -40.47 -13.88
N GLU D 59 45.28 -39.27 -13.83
CA GLU D 59 46.00 -38.07 -14.15
C GLU D 59 46.72 -37.46 -12.97
N GLY D 60 46.53 -38.01 -11.78
CA GLY D 60 47.16 -37.41 -10.59
C GLY D 60 46.18 -36.76 -9.61
N CYS D 61 44.87 -36.78 -9.89
CA CYS D 61 43.92 -36.16 -8.94
C CYS D 61 43.80 -37.08 -7.70
N ASN D 62 43.30 -36.53 -6.61
CA ASN D 62 42.99 -37.31 -5.45
C ASN D 62 41.47 -37.39 -5.23
N PHE D 63 41.05 -38.11 -4.19
CA PHE D 63 39.62 -38.24 -3.92
C PHE D 63 38.80 -36.93 -3.89
N LEU D 64 39.41 -35.85 -3.37
CA LEU D 64 38.69 -34.60 -3.22
C LEU D 64 38.60 -33.91 -4.55
N THR D 65 39.52 -34.20 -5.47
CA THR D 65 39.49 -33.44 -6.71
C THR D 65 39.04 -34.14 -7.97
N VAL D 66 38.93 -35.47 -7.97
CA VAL D 66 38.42 -36.16 -9.18
C VAL D 66 36.97 -35.81 -9.43
N ALA D 67 36.54 -35.93 -10.69
CA ALA D 67 35.14 -35.78 -11.01
C ALA D 67 34.80 -36.45 -12.34
N VAL D 68 33.54 -36.78 -12.51
CA VAL D 68 33.03 -36.92 -13.84
C VAL D 68 32.41 -35.55 -14.19
N SER D 69 33.12 -34.81 -15.05
CA SER D 69 32.74 -33.42 -15.38
C SER D 69 31.67 -33.39 -16.47
N THR D 70 30.88 -32.30 -16.48
CA THR D 70 29.88 -32.05 -17.52
C THR D 70 30.53 -31.99 -18.93
N PRO D 71 29.74 -32.19 -19.99
CA PRO D 71 30.22 -32.01 -21.34
C PRO D 71 30.51 -30.53 -21.64
N ALA D 72 31.20 -30.28 -22.76
CA ALA D 72 31.52 -28.94 -23.21
C ALA D 72 30.23 -28.16 -23.50
N ASN D 73 30.29 -26.85 -23.26
CA ASN D 73 29.17 -26.01 -23.55
C ASN D 73 28.63 -26.20 -25.00
N SER D 74 29.52 -26.49 -25.96
CA SER D 74 29.12 -26.63 -27.38
C SER D 74 28.21 -27.82 -27.60
N MET D 75 28.18 -28.73 -26.63
CA MET D 75 27.27 -29.86 -26.67
C MET D 75 25.79 -29.52 -26.39
N GLY D 76 25.51 -28.29 -25.92
CA GLY D 76 24.14 -27.89 -25.58
C GLY D 76 23.53 -28.84 -24.54
N HIS D 77 22.29 -29.23 -24.76
CA HIS D 77 21.62 -30.18 -23.86
C HIS D 77 21.54 -31.54 -24.50
N SER D 78 22.48 -31.83 -25.41
CA SER D 78 22.52 -33.14 -26.07
C SER D 78 22.40 -34.29 -25.07
N LEU D 79 21.57 -35.30 -25.36
CA LEU D 79 21.58 -36.56 -24.57
C LEU D 79 22.95 -37.25 -24.53
N LEU D 80 23.75 -37.01 -25.57
CA LEU D 80 25.11 -37.56 -25.64
CA LEU D 80 25.12 -37.55 -25.67
C LEU D 80 25.12 -39.08 -25.54
N LEU D 81 24.16 -39.71 -26.23
CA LEU D 81 24.11 -41.19 -26.21
C LEU D 81 25.39 -41.75 -26.82
N LEU D 82 25.89 -42.91 -26.32
CA LEU D 82 27.11 -43.55 -26.93
C LEU D 82 26.95 -43.61 -28.44
N TRP D 83 25.75 -43.98 -28.87
CA TRP D 83 25.46 -44.16 -30.29
C TRP D 83 24.86 -42.95 -30.92
N GLY D 84 24.88 -41.80 -30.21
CA GLY D 84 24.35 -40.57 -30.76
C GLY D 84 25.19 -39.96 -31.89
N PRO D 85 24.79 -38.78 -32.41
CA PRO D 85 25.52 -38.22 -33.56
C PRO D 85 26.82 -37.53 -33.20
N GLU D 86 27.12 -37.45 -31.90
CA GLU D 86 28.34 -36.80 -31.42
C GLU D 86 29.48 -37.80 -31.32
N ALA D 87 29.21 -38.92 -30.65
CA ALA D 87 30.26 -39.90 -30.40
C ALA D 87 30.26 -40.93 -31.52
N GLN D 88 29.08 -41.14 -32.12
CA GLN D 88 28.82 -42.19 -33.13
C GLN D 88 29.39 -43.57 -32.76
N GLY D 89 28.96 -44.10 -31.64
CA GLY D 89 29.42 -45.39 -31.17
C GLY D 89 30.87 -45.52 -30.77
N ASP D 90 31.65 -44.47 -30.87
CA ASP D 90 33.04 -44.51 -30.46
C ASP D 90 33.18 -44.24 -28.94
N PHE D 91 33.48 -45.30 -28.20
CA PHE D 91 33.54 -45.26 -26.73
C PHE D 91 34.58 -44.29 -26.14
N THR D 92 35.77 -44.29 -26.74
CA THR D 92 36.84 -43.40 -26.32
C THR D 92 36.42 -41.91 -26.52
N ARG D 93 35.97 -41.57 -27.74
CA ARG D 93 35.48 -40.26 -28.06
C ARG D 93 34.37 -39.82 -27.12
N TRP D 94 33.46 -40.74 -26.83
CA TRP D 94 32.32 -40.50 -25.93
C TRP D 94 32.80 -40.07 -24.59
N CYS D 95 33.79 -40.80 -24.07
CA CYS D 95 34.37 -40.47 -22.75
C CYS D 95 34.96 -39.06 -22.83
N GLN D 96 35.54 -38.71 -23.98
CA GLN D 96 36.29 -37.46 -24.12
C GLN D 96 35.36 -36.27 -24.26
N LEU D 97 34.12 -36.56 -24.64
CA LEU D 97 33.11 -35.55 -24.96
C LEU D 97 32.17 -35.25 -23.78
N GLY D 98 32.33 -35.99 -22.68
CA GLY D 98 31.46 -35.88 -21.52
C GLY D 98 30.33 -36.89 -21.43
N GLY D 99 30.40 -37.95 -22.23
CA GLY D 99 29.32 -38.97 -22.29
C GLY D 99 29.05 -39.57 -20.91
N LEU D 100 30.07 -39.68 -20.06
CA LEU D 100 29.82 -40.30 -18.76
C LEU D 100 28.93 -39.44 -17.88
N TRP D 101 28.98 -38.12 -18.10
CA TRP D 101 28.12 -37.21 -17.35
C TRP D 101 26.63 -37.49 -17.53
N THR D 102 26.15 -37.46 -18.76
CA THR D 102 24.74 -37.72 -18.99
C THR D 102 24.41 -39.17 -18.63
N PHE D 103 25.36 -40.08 -18.90
CA PHE D 103 25.25 -41.50 -18.52
C PHE D 103 24.92 -41.56 -17.04
N ILE D 104 25.75 -40.98 -16.20
CA ILE D 104 25.52 -41.03 -14.74
C ILE D 104 24.25 -40.27 -14.31
N ALA D 105 23.95 -39.15 -14.98
CA ALA D 105 22.83 -38.30 -14.57
C ALA D 105 21.53 -38.99 -14.87
N LEU D 106 21.42 -39.55 -16.09
CA LEU D 106 20.18 -40.25 -16.50
C LEU D 106 20.02 -41.62 -15.80
N HIS D 107 21.06 -42.45 -15.76
CA HIS D 107 20.93 -43.68 -14.98
C HIS D 107 20.61 -43.37 -13.53
N GLY D 108 21.25 -42.32 -12.96
CA GLY D 108 21.00 -41.95 -11.54
C GLY D 108 19.54 -41.50 -11.37
N ALA D 109 19.04 -40.72 -12.33
CA ALA D 109 17.64 -40.34 -12.33
C ALA D 109 16.67 -41.54 -12.37
N PHE D 110 16.91 -42.51 -13.27
CA PHE D 110 16.09 -43.72 -13.26
C PHE D 110 16.33 -44.61 -12.05
N GLY D 111 17.56 -44.66 -11.55
CA GLY D 111 17.80 -45.39 -10.29
C GLY D 111 17.01 -44.85 -9.11
N LEU D 112 16.96 -43.52 -9.00
CA LEU D 112 16.20 -42.84 -7.95
C LEU D 112 14.69 -43.14 -8.07
N ILE D 113 14.16 -43.11 -9.30
CA ILE D 113 12.80 -43.59 -9.50
C ILE D 113 12.62 -45.01 -8.95
N GLY D 114 13.55 -45.88 -9.30
CA GLY D 114 13.55 -47.26 -8.87
C GLY D 114 13.61 -47.37 -7.35
N PHE D 115 14.45 -46.57 -6.71
CA PHE D 115 14.52 -46.68 -5.25
C PHE D 115 13.17 -46.33 -4.61
N MET D 116 12.50 -45.31 -5.14
CA MET D 116 11.27 -44.84 -4.51
C MET D 116 10.15 -45.85 -4.81
N LEU D 117 10.12 -46.41 -6.01
CA LEU D 117 9.26 -47.55 -6.26
C LEU D 117 9.58 -48.70 -5.29
N ARG D 118 10.87 -48.93 -4.99
CA ARG D 118 11.21 -50.01 -4.07
C ARG D 118 10.61 -49.64 -2.72
N GLN D 119 10.61 -48.36 -2.39
CA GLN D 119 10.00 -48.01 -1.08
C GLN D 119 8.46 -48.22 -1.10
N PHE D 120 7.81 -47.92 -2.21
CA PHE D 120 6.39 -48.15 -2.24
C PHE D 120 6.14 -49.67 -2.18
N GLU D 121 6.84 -50.43 -3.03
CA GLU D 121 6.70 -51.90 -3.11
C GLU D 121 6.94 -52.62 -1.78
N ILE D 122 8.06 -52.33 -1.11
CA ILE D 122 8.31 -52.99 0.21
C ILE D 122 7.25 -52.64 1.22
N ALA D 123 6.80 -51.39 1.24
CA ALA D 123 5.82 -50.95 2.26
C ALA D 123 4.47 -51.67 2.03
N ARG D 124 4.10 -51.84 0.77
CA ARG D 124 2.89 -52.56 0.42
C ARG D 124 2.90 -54.06 0.85
N LEU D 125 4.07 -54.70 0.75
CA LEU D 125 4.25 -56.11 1.12
C LEU D 125 4.36 -56.32 2.62
N VAL D 126 4.96 -55.38 3.32
CA VAL D 126 5.06 -55.44 4.79
C VAL D 126 3.78 -54.93 5.43
N GLY D 127 2.90 -54.32 4.62
CA GLY D 127 1.68 -53.70 5.13
C GLY D 127 1.86 -52.45 5.98
N VAL D 128 2.83 -51.57 5.65
CA VAL D 128 2.95 -50.24 6.33
C VAL D 128 2.52 -49.07 5.43
N ARG D 129 2.26 -47.92 6.02
CA ARG D 129 1.90 -46.69 5.24
C ARG D 129 3.18 -46.19 4.55
N PRO D 130 3.09 -45.78 3.28
CA PRO D 130 4.34 -45.49 2.56
C PRO D 130 4.96 -44.09 2.83
N TYR D 131 5.16 -43.72 4.10
CA TYR D 131 5.67 -42.40 4.39
C TYR D 131 7.13 -42.23 3.99
N ASN D 132 7.86 -43.34 3.93
CA ASN D 132 9.27 -43.25 3.68
C ASN D 132 9.46 -42.86 2.23
N ALA D 133 8.69 -43.51 1.35
CA ALA D 133 8.70 -43.16 -0.06
C ALA D 133 8.34 -41.68 -0.23
N ILE D 134 7.26 -41.26 0.43
CA ILE D 134 6.84 -39.88 0.32
C ILE D 134 7.97 -38.88 0.75
N ALA D 135 8.65 -39.16 1.86
CA ALA D 135 9.81 -38.40 2.36
C ALA D 135 10.93 -38.35 1.32
N PHE D 136 11.05 -39.40 0.49
CA PHE D 136 12.13 -39.51 -0.45
C PHE D 136 11.89 -38.61 -1.67
N SER D 137 10.68 -38.08 -1.80
CA SER D 137 10.36 -37.13 -2.90
C SER D 137 11.25 -35.88 -2.79
N ALA D 138 11.67 -35.55 -1.58
CA ALA D 138 12.56 -34.40 -1.32
C ALA D 138 13.97 -34.60 -1.98
N PRO D 139 14.69 -35.69 -1.63
CA PRO D 139 15.86 -36.02 -2.48
C PRO D 139 15.54 -36.01 -4.02
N ILE D 140 14.38 -36.50 -4.43
CA ILE D 140 14.07 -36.49 -5.88
C ILE D 140 13.95 -35.07 -6.46
N ALA D 141 13.24 -34.20 -5.75
CA ALA D 141 13.04 -32.84 -6.20
C ALA D 141 14.39 -32.11 -6.23
N VAL D 142 15.27 -32.40 -5.28
CA VAL D 142 16.62 -31.83 -5.32
C VAL D 142 17.42 -32.34 -6.49
N PHE D 143 17.55 -33.66 -6.64
CA PHE D 143 18.28 -34.17 -7.80
C PHE D 143 17.75 -33.63 -9.13
N VAL D 144 16.44 -33.63 -9.30
CA VAL D 144 15.84 -33.25 -10.60
C VAL D 144 16.02 -31.75 -10.90
N SER D 145 15.81 -30.93 -9.88
CA SER D 145 15.94 -29.46 -10.05
C SER D 145 17.39 -29.03 -10.37
N VAL D 146 18.31 -29.59 -9.61
CA VAL D 146 19.70 -29.19 -9.64
C VAL D 146 20.46 -29.88 -10.77
N PHE D 147 20.30 -31.20 -10.90
CA PHE D 147 21.02 -31.90 -11.97
C PHE D 147 20.35 -31.87 -13.35
N LEU D 148 19.05 -31.55 -13.43
CA LEU D 148 18.32 -31.55 -14.73
C LEU D 148 17.70 -30.23 -15.08
N ILE D 149 16.78 -29.73 -14.25
CA ILE D 149 16.12 -28.46 -14.54
C ILE D 149 17.10 -27.30 -14.71
N TYR D 150 17.97 -27.14 -13.72
CA TYR D 150 18.93 -26.04 -13.76
C TYR D 150 19.71 -25.96 -15.13
N PRO D 151 20.46 -27.01 -15.49
CA PRO D 151 21.24 -26.92 -16.71
C PRO D 151 20.36 -26.81 -17.98
N LEU D 152 19.17 -27.39 -17.93
CA LEU D 152 18.18 -27.27 -18.98
C LEU D 152 17.67 -25.84 -19.19
N GLY D 153 17.62 -25.05 -18.13
CA GLY D 153 17.33 -23.62 -18.25
C GLY D 153 18.53 -22.84 -18.72
N GLN D 154 19.71 -23.33 -18.44
CA GLN D 154 20.90 -22.59 -18.81
C GLN D 154 21.31 -22.96 -20.25
N SER D 155 22.51 -22.54 -20.68
CA SER D 155 22.94 -22.65 -22.06
C SER D 155 23.20 -24.12 -22.42
N SER D 156 23.60 -24.95 -21.45
CA SER D 156 23.97 -26.36 -21.77
C SER D 156 24.21 -27.12 -20.46
N TRP D 157 24.44 -28.45 -20.54
CA TRP D 157 24.83 -29.26 -19.37
C TRP D 157 26.12 -28.86 -18.72
N PHE D 158 26.99 -28.18 -19.46
CA PHE D 158 28.26 -27.71 -18.93
C PHE D 158 28.06 -27.07 -17.54
N PHE D 159 27.01 -26.25 -17.43
CA PHE D 159 26.66 -25.58 -16.17
C PHE D 159 25.93 -26.37 -15.11
N ALA D 160 25.57 -27.63 -15.38
CA ALA D 160 25.19 -28.53 -14.26
C ALA D 160 26.35 -28.77 -13.33
N PRO D 161 26.07 -29.29 -12.14
CA PRO D 161 27.11 -29.73 -11.26
C PRO D 161 27.84 -30.94 -11.92
N SER D 162 29.17 -30.94 -11.83
CA SER D 162 29.97 -32.09 -12.18
C SER D 162 30.05 -32.98 -10.95
N PHE D 163 30.08 -34.30 -11.19
CA PHE D 163 30.06 -35.30 -10.12
C PHE D 163 31.43 -35.43 -9.51
N GLY D 164 31.71 -34.61 -8.49
CA GLY D 164 32.97 -34.70 -7.76
C GLY D 164 32.95 -33.79 -6.56
N VAL D 165 33.81 -34.05 -5.60
CA VAL D 165 33.82 -33.31 -4.35
C VAL D 165 34.16 -31.84 -4.56
N ALA D 166 35.35 -31.56 -5.11
CA ALA D 166 35.78 -30.21 -5.41
C ALA D 166 34.89 -29.58 -6.48
N ALA D 167 34.42 -30.38 -7.45
CA ALA D 167 33.52 -29.85 -8.51
C ALA D 167 32.20 -29.27 -7.94
N ILE D 168 31.74 -29.90 -6.88
CA ILE D 168 30.49 -29.52 -6.24
C ILE D 168 30.71 -28.20 -5.48
N PHE D 169 31.85 -28.12 -4.77
CA PHE D 169 32.28 -26.84 -4.13
C PHE D 169 32.32 -25.68 -5.14
N ARG D 170 32.85 -25.94 -6.32
CA ARG D 170 32.89 -24.92 -7.36
C ARG D 170 31.46 -24.49 -7.66
N PHE D 171 30.56 -25.47 -7.71
CA PHE D 171 29.18 -25.23 -7.97
C PHE D 171 28.57 -24.30 -6.92
N LEU D 172 28.82 -24.60 -5.66
CA LEU D 172 28.47 -23.69 -4.57
C LEU D 172 28.89 -22.24 -4.80
N LEU D 173 30.18 -22.03 -5.13
CA LEU D 173 30.77 -20.69 -5.19
C LEU D 173 30.28 -19.96 -6.40
N PHE D 174 30.05 -20.70 -7.49
CA PHE D 174 29.42 -20.15 -8.69
C PHE D 174 28.04 -19.63 -8.34
N PHE D 175 27.26 -20.43 -7.60
CA PHE D 175 25.92 -19.97 -7.22
C PHE D 175 26.01 -18.67 -6.37
N GLN D 176 26.99 -18.56 -5.46
CA GLN D 176 27.13 -17.32 -4.65
C GLN D 176 27.42 -16.11 -5.56
N GLY D 177 28.53 -16.19 -6.32
CA GLY D 177 28.99 -15.11 -7.17
C GLY D 177 28.02 -14.70 -8.25
N PHE D 178 27.41 -15.67 -8.93
CA PHE D 178 26.54 -15.39 -10.09
C PHE D 178 25.08 -15.21 -9.74
N HIS D 179 24.58 -16.01 -8.78
CA HIS D 179 23.16 -15.98 -8.50
C HIS D 179 22.88 -15.33 -7.15
N ASN D 180 23.90 -15.12 -6.32
CA ASN D 180 23.74 -14.57 -4.94
C ASN D 180 22.76 -15.47 -4.19
N TRP D 181 22.95 -16.77 -4.38
CA TRP D 181 22.01 -17.77 -3.92
C TRP D 181 21.77 -17.72 -2.44
N THR D 182 22.75 -17.26 -1.63
CA THR D 182 22.50 -17.13 -0.17
C THR D 182 21.36 -16.15 0.16
N LEU D 183 21.16 -15.14 -0.67
CA LEU D 183 20.09 -14.17 -0.46
C LEU D 183 18.67 -14.73 -0.72
N ASN D 184 18.62 -15.92 -1.32
CA ASN D 184 17.36 -16.36 -1.89
C ASN D 184 16.53 -17.00 -0.77
N PRO D 185 15.28 -16.54 -0.57
CA PRO D 185 14.47 -17.05 0.55
C PRO D 185 14.07 -18.52 0.45
N PHE D 186 14.05 -19.07 -0.76
CA PHE D 186 13.85 -20.51 -0.94
C PHE D 186 15.05 -21.32 -0.51
N HIS D 187 16.27 -20.76 -0.67
CA HIS D 187 17.46 -21.44 -0.13
C HIS D 187 17.47 -21.35 1.38
N MET D 188 17.09 -20.19 1.90
CA MET D 188 16.98 -19.98 3.36
C MET D 188 16.01 -20.98 4.05
N MET D 189 14.81 -21.19 3.50
CA MET D 189 13.91 -22.27 4.00
C MET D 189 14.57 -23.67 3.91
N GLY D 190 15.27 -23.93 2.78
CA GLY D 190 16.11 -25.11 2.71
C GLY D 190 17.06 -25.23 3.91
N VAL D 191 17.82 -24.18 4.17
CA VAL D 191 18.74 -24.20 5.32
C VAL D 191 18.03 -24.47 6.65
N ALA D 192 16.92 -23.81 6.85
CA ALA D 192 16.10 -24.01 8.06
C ALA D 192 15.65 -25.46 8.17
N GLY D 193 15.24 -26.07 7.06
CA GLY D 193 14.81 -27.45 7.10
C GLY D 193 15.94 -28.42 7.37
N VAL D 194 17.10 -28.17 6.75
CA VAL D 194 18.26 -29.03 6.95
C VAL D 194 18.82 -28.87 8.38
N LEU D 195 19.06 -27.63 8.81
CA LEU D 195 19.61 -27.41 10.20
C LEU D 195 18.56 -27.74 11.25
N GLY D 196 17.28 -27.41 10.98
CA GLY D 196 16.18 -27.82 11.89
C GLY D 196 15.99 -29.34 11.95
N GLY D 197 16.21 -30.01 10.82
CA GLY D 197 16.13 -31.45 10.80
C GLY D 197 17.24 -32.05 11.62
N ALA D 198 18.46 -31.57 11.39
CA ALA D 198 19.61 -32.05 12.14
C ALA D 198 19.41 -31.78 13.65
N LEU D 199 18.87 -30.61 14.00
CA LEU D 199 18.56 -30.26 15.41
C LEU D 199 17.53 -31.28 15.95
N LEU D 200 16.54 -31.64 15.14
CA LEU D 200 15.42 -32.47 15.62
C LEU D 200 15.96 -33.89 15.86
N CYS D 201 16.79 -34.35 14.91
CA CYS D 201 17.54 -35.61 15.02
C CYS D 201 18.37 -35.69 16.34
N ALA D 202 19.26 -34.74 16.55
CA ALA D 202 20.10 -34.68 17.79
C ALA D 202 19.26 -34.65 19.05
N ILE D 203 18.25 -33.80 19.06
CA ILE D 203 17.46 -33.53 20.23
C ILE D 203 16.52 -34.70 20.55
N HIS D 204 15.90 -35.30 19.54
CA HIS D 204 15.09 -36.50 19.80
C HIS D 204 15.88 -37.71 20.26
N GLY D 205 16.99 -38.03 19.57
CA GLY D 205 17.84 -39.13 20.00
C GLY D 205 18.39 -38.90 21.41
N ALA D 206 18.79 -37.67 21.75
CA ALA D 206 19.34 -37.40 23.07
C ALA D 206 18.24 -37.48 24.15
N THR D 207 17.04 -37.04 23.82
CA THR D 207 15.92 -37.06 24.79
C THR D 207 15.48 -38.49 25.16
N VAL D 208 15.18 -39.31 24.16
CA VAL D 208 15.00 -40.74 24.38
C VAL D 208 16.08 -41.37 25.25
N GLU D 209 17.35 -41.20 24.87
CA GLU D 209 18.46 -41.78 25.61
C GLU D 209 18.58 -41.24 27.05
N ASN D 210 18.01 -40.07 27.36
CA ASN D 210 18.19 -39.54 28.71
C ASN D 210 16.94 -39.54 29.60
N THR D 211 15.90 -40.19 29.11
CA THR D 211 14.67 -40.41 29.88
C THR D 211 14.31 -41.88 29.76
N LEU D 212 15.29 -42.71 29.36
CA LEU D 212 15.12 -44.19 29.38
C LEU D 212 14.60 -44.71 30.71
N PHE D 213 13.74 -45.71 30.72
CA PHE D 213 13.44 -46.43 31.96
C PHE D 213 14.58 -47.42 32.28
N GLN D 214 14.85 -47.68 33.56
CA GLN D 214 15.74 -48.77 33.90
C GLN D 214 15.04 -50.11 33.81
N ASP D 215 15.27 -50.81 32.70
CA ASP D 215 14.69 -52.09 32.39
C ASP D 215 15.72 -53.22 32.43
N GLY D 216 16.90 -52.90 32.95
CA GLY D 216 17.99 -53.87 33.11
C GLY D 216 18.87 -53.47 34.26
N GLU D 217 19.83 -54.35 34.54
CA GLU D 217 20.87 -54.15 35.52
C GLU D 217 22.16 -53.56 34.92
N GLY D 218 22.35 -53.72 33.60
CA GLY D 218 23.63 -53.36 32.98
C GLY D 218 23.81 -51.86 33.00
N ALA D 219 25.03 -51.40 33.33
CA ALA D 219 25.39 -49.98 33.20
C ALA D 219 25.42 -49.54 31.70
N SER D 220 25.61 -50.49 30.78
CA SER D 220 25.26 -50.29 29.36
C SER D 220 23.81 -50.71 29.12
N THR D 221 23.04 -49.75 28.62
CA THR D 221 21.60 -49.78 28.69
C THR D 221 20.97 -50.31 27.39
N PHE D 222 21.81 -50.59 26.39
CA PHE D 222 21.31 -51.06 25.10
C PHE D 222 20.64 -52.41 25.16
N ARG D 223 21.15 -53.28 26.02
CA ARG D 223 20.61 -54.62 26.18
C ARG D 223 19.22 -54.67 26.87
N ALA D 224 18.86 -53.62 27.60
CA ALA D 224 17.57 -53.51 28.30
C ALA D 224 16.42 -53.05 27.37
N PHE D 225 16.46 -53.52 26.13
CA PHE D 225 15.35 -53.31 25.20
C PHE D 225 14.93 -54.58 24.42
N ASN D 226 13.62 -54.75 24.22
CA ASN D 226 13.10 -55.90 23.50
C ASN D 226 12.17 -55.44 22.36
N PRO D 227 12.52 -55.75 21.09
CA PRO D 227 11.74 -55.25 19.93
C PRO D 227 10.23 -55.53 20.05
N THR D 228 9.88 -56.66 20.65
CA THR D 228 8.48 -57.07 20.77
C THR D 228 7.76 -56.62 22.06
N GLN D 229 8.49 -56.02 22.99
CA GLN D 229 7.90 -55.52 24.26
C GLN D 229 6.75 -54.51 24.04
N ALA D 230 5.70 -54.59 24.86
CA ALA D 230 4.57 -53.66 24.73
C ALA D 230 4.89 -52.18 25.06
N GLU D 231 5.76 -51.95 26.05
CA GLU D 231 5.92 -50.62 26.69
C GLU D 231 6.97 -49.66 26.05
N GLU D 232 6.75 -48.36 26.27
CA GLU D 232 7.71 -47.32 25.86
C GLU D 232 9.00 -47.58 26.61
N THR D 233 10.13 -47.49 25.92
CA THR D 233 11.44 -47.71 26.54
C THR D 233 11.95 -46.47 27.30
N TYR D 234 11.32 -45.30 27.03
CA TYR D 234 11.61 -44.04 27.74
C TYR D 234 10.30 -43.36 28.19
N SER D 235 10.41 -42.41 29.10
CA SER D 235 9.28 -41.71 29.67
C SER D 235 8.98 -40.43 28.87
N MET D 236 7.92 -40.45 28.05
CA MET D 236 7.37 -39.23 27.44
C MET D 236 6.97 -38.19 28.51
N VAL D 237 6.50 -38.68 29.66
CA VAL D 237 6.05 -37.78 30.71
C VAL D 237 7.20 -36.96 31.23
N THR D 238 8.30 -37.60 31.58
CA THR D 238 9.45 -36.87 32.07
C THR D 238 10.06 -36.01 30.96
N ALA D 239 10.14 -36.55 29.74
CA ALA D 239 10.71 -35.79 28.63
C ALA D 239 9.93 -34.49 28.48
N ASN D 240 8.60 -34.60 28.59
CA ASN D 240 7.72 -33.43 28.37
C ASN D 240 7.92 -32.39 29.44
N ARG D 241 8.05 -32.84 30.67
CA ARG D 241 8.24 -31.91 31.76
C ARG D 241 9.60 -31.24 31.62
N PHE D 242 10.62 -32.03 31.28
CA PHE D 242 11.95 -31.47 31.14
C PHE D 242 11.98 -30.31 30.10
N TRP D 243 11.53 -30.57 28.86
CA TRP D 243 11.52 -29.51 27.82
C TRP D 243 10.64 -28.33 28.15
N SER D 244 9.50 -28.59 28.82
CA SER D 244 8.55 -27.52 29.20
C SER D 244 9.21 -26.54 30.12
N GLN D 245 9.94 -27.06 31.11
CA GLN D 245 10.67 -26.25 32.07
C GLN D 245 11.97 -25.67 31.51
N ILE D 246 12.56 -26.31 30.49
CA ILE D 246 13.89 -25.85 29.95
C ILE D 246 13.71 -24.78 28.87
N PHE D 247 12.85 -25.11 27.91
CA PHE D 247 12.66 -24.40 26.69
C PHE D 247 11.33 -23.64 26.70
N GLY D 248 10.37 -24.08 27.54
CA GLY D 248 9.07 -23.46 27.60
C GLY D 248 7.98 -24.22 26.89
N ILE D 249 8.32 -25.03 25.90
CA ILE D 249 7.35 -25.89 25.22
C ILE D 249 7.96 -27.27 24.99
N ALA D 250 7.11 -28.28 24.82
CA ALA D 250 7.55 -29.66 24.64
C ALA D 250 6.55 -30.38 23.77
N PHE D 251 6.98 -31.45 23.10
CA PHE D 251 6.01 -32.33 22.52
C PHE D 251 5.24 -33.07 23.64
N SER D 252 3.97 -33.42 23.39
CA SER D 252 3.21 -34.30 24.31
C SER D 252 2.70 -35.50 23.51
N ASN D 253 2.54 -35.31 22.20
CA ASN D 253 2.05 -36.34 21.28
C ASN D 253 3.19 -36.94 20.43
N LYS D 254 3.56 -38.20 20.72
CA LYS D 254 4.61 -38.92 19.96
C LYS D 254 4.32 -39.05 18.43
N ARG D 255 3.07 -39.13 18.05
CA ARG D 255 2.78 -39.24 16.61
C ARG D 255 3.06 -37.92 15.93
N TRP D 256 2.69 -36.83 16.60
CA TRP D 256 3.02 -35.47 16.13
C TRP D 256 4.52 -35.30 15.98
N LEU D 257 5.25 -35.59 17.05
CA LEU D 257 6.70 -35.48 17.08
C LEU D 257 7.33 -36.13 15.83
N HIS D 258 6.95 -37.38 15.57
CA HIS D 258 7.53 -38.09 14.42
C HIS D 258 7.08 -37.57 13.10
N PHE D 259 5.83 -37.16 13.02
CA PHE D 259 5.39 -36.61 11.78
C PHE D 259 6.18 -35.32 11.49
N PHE D 260 6.41 -34.55 12.56
CA PHE D 260 7.09 -33.28 12.44
C PHE D 260 8.52 -33.53 11.95
N MET D 261 9.09 -34.68 12.34
CA MET D 261 10.47 -35.03 11.97
C MET D 261 10.55 -35.37 10.50
N LEU D 262 9.46 -35.91 9.96
CA LEU D 262 9.34 -36.09 8.52
C LEU D 262 9.19 -34.72 7.83
N PHE D 263 8.27 -33.91 8.35
CA PHE D 263 7.83 -32.68 7.71
C PHE D 263 8.94 -31.63 7.46
N VAL D 264 9.76 -31.40 8.46
CA VAL D 264 10.67 -30.26 8.50
C VAL D 264 11.77 -30.37 7.38
N PRO D 265 12.53 -31.47 7.35
CA PRO D 265 13.59 -31.53 6.36
C PRO D 265 13.09 -31.78 4.94
N VAL D 266 11.97 -32.53 4.84
CA VAL D 266 11.33 -32.78 3.54
C VAL D 266 10.87 -31.45 2.96
N THR D 267 10.14 -30.68 3.73
CA THR D 267 9.65 -29.37 3.26
C THR D 267 10.83 -28.44 2.91
N GLY D 268 11.84 -28.42 3.77
CA GLY D 268 13.06 -27.72 3.47
C GLY D 268 13.64 -27.96 2.08
N LEU D 269 13.83 -29.24 1.73
CA LEU D 269 14.53 -29.60 0.49
C LEU D 269 13.66 -29.24 -0.70
N TRP D 270 12.34 -29.44 -0.55
CA TRP D 270 11.38 -28.98 -1.53
C TRP D 270 11.47 -27.48 -1.79
N MET D 271 11.57 -26.68 -0.74
CA MET D 271 11.73 -25.23 -0.94
C MET D 271 13.03 -24.89 -1.70
N SER D 272 14.16 -25.54 -1.37
CA SER D 272 15.40 -25.22 -2.08
C SER D 272 15.27 -25.53 -3.56
N ALA D 273 14.48 -26.57 -3.88
CA ALA D 273 14.28 -27.02 -5.25
C ALA D 273 13.59 -25.95 -6.04
N ILE D 274 12.57 -25.32 -5.42
CA ILE D 274 11.81 -24.27 -6.08
C ILE D 274 12.73 -23.11 -6.42
N GLY D 275 13.60 -22.74 -5.47
CA GLY D 275 14.55 -21.65 -5.75
C GLY D 275 15.49 -22.01 -6.91
N VAL D 276 15.95 -23.25 -6.93
CA VAL D 276 16.88 -23.68 -7.98
C VAL D 276 16.11 -23.66 -9.32
N VAL D 277 14.83 -24.03 -9.35
CA VAL D 277 14.06 -23.88 -10.61
C VAL D 277 14.10 -22.43 -11.11
N GLY D 278 14.01 -21.50 -10.13
CA GLY D 278 14.10 -20.07 -10.39
C GLY D 278 15.47 -19.75 -11.03
N LEU D 279 16.54 -20.19 -10.39
CA LEU D 279 17.88 -19.97 -10.92
C LEU D 279 18.13 -20.62 -12.31
N ALA D 280 17.34 -21.60 -12.69
CA ALA D 280 17.50 -22.19 -14.07
C ALA D 280 17.31 -21.11 -15.10
N LEU D 281 16.53 -20.10 -14.72
CA LEU D 281 16.12 -19.00 -15.62
C LEU D 281 16.84 -17.67 -15.26
N ASN D 282 17.85 -17.78 -14.41
CA ASN D 282 18.46 -16.56 -13.86
C ASN D 282 17.41 -15.72 -13.12
N LEU D 283 16.26 -16.30 -12.81
CA LEU D 283 15.28 -15.58 -12.01
CA LEU D 283 15.29 -15.55 -12.00
C LEU D 283 15.79 -15.61 -10.55
N ARG D 284 16.79 -14.78 -10.25
CA ARG D 284 17.44 -14.76 -8.95
C ARG D 284 16.74 -13.89 -7.96
N SER D 285 17.04 -14.15 -6.70
CA SER D 285 16.87 -13.12 -5.72
C SER D 285 18.28 -12.53 -5.55
N TYR D 286 18.65 -11.60 -6.43
CA TYR D 286 20.03 -11.09 -6.51
C TYR D 286 20.18 -9.81 -5.70
N ASP D 287 19.21 -8.90 -5.88
CA ASP D 287 19.30 -7.52 -5.38
C ASP D 287 18.07 -7.12 -4.56
N PHE D 288 18.25 -6.07 -3.76
CA PHE D 288 17.14 -5.30 -3.20
C PHE D 288 17.24 -3.97 -3.89
N ILE D 289 16.25 -3.65 -4.72
CA ILE D 289 16.30 -2.44 -5.53
C ILE D 289 16.41 -1.15 -4.67
N SER D 290 15.66 -1.09 -3.58
CA SER D 290 15.74 0.10 -2.71
C SER D 290 17.15 0.35 -2.15
N GLN D 291 17.87 -0.69 -1.74
CA GLN D 291 19.29 -0.55 -1.38
C GLN D 291 20.16 -0.03 -2.55
N GLU D 292 19.88 -0.50 -3.77
CA GLU D 292 20.71 -0.08 -4.89
C GLU D 292 20.53 1.41 -5.20
N ILE D 293 19.30 1.89 -5.13
CA ILE D 293 19.00 3.29 -5.44
C ILE D 293 19.64 4.20 -4.39
N ARG D 294 19.51 3.83 -3.11
CA ARG D 294 20.11 4.60 -2.05
C ARG D 294 21.63 4.57 -2.22
N ALA D 295 22.20 3.37 -2.45
CA ALA D 295 23.66 3.26 -2.56
C ALA D 295 24.21 3.99 -3.80
N ALA D 296 23.52 3.91 -4.95
CA ALA D 296 23.92 4.67 -6.12
C ALA D 296 24.00 6.18 -5.82
N GLU D 297 23.02 6.72 -5.10
CA GLU D 297 22.91 8.15 -4.79
C GLU D 297 23.72 8.63 -3.55
N ASP D 298 23.98 7.71 -2.63
CA ASP D 298 24.63 8.07 -1.37
C ASP D 298 25.90 7.22 -1.23
N PRO D 299 27.06 7.75 -1.71
CA PRO D 299 28.32 7.01 -1.51
C PRO D 299 28.78 6.84 -0.03
N GLU D 300 28.01 7.25 0.95
CA GLU D 300 28.39 6.87 2.33
C GLU D 300 27.49 5.80 2.91
N PHE D 301 26.52 5.35 2.11
CA PHE D 301 25.64 4.24 2.53
C PHE D 301 26.23 2.85 2.25
N GLU D 302 26.43 2.08 3.32
CA GLU D 302 26.98 0.71 3.21
C GLU D 302 26.31 -0.29 4.16
N THR D 303 26.00 -1.47 3.62
CA THR D 303 25.45 -2.55 4.46
C THR D 303 26.15 -3.86 4.14
N PHE D 304 25.87 -4.91 4.93
CA PHE D 304 26.41 -6.20 4.59
C PHE D 304 25.92 -6.66 3.23
N TYR D 305 24.80 -6.14 2.75
CA TYR D 305 24.27 -6.61 1.48
C TYR D 305 25.16 -6.01 0.37
N THR D 306 25.51 -4.72 0.47
CA THR D 306 26.45 -4.13 -0.50
C THR D 306 27.84 -4.77 -0.48
N LYS D 307 28.30 -5.14 0.72
CA LYS D 307 29.62 -5.73 0.89
C LYS D 307 29.68 -7.08 0.16
N ASN D 308 28.60 -7.87 0.23
CA ASN D 308 28.62 -9.19 -0.32
C ASN D 308 28.57 -9.12 -1.88
N LEU D 309 27.89 -8.11 -2.43
CA LEU D 309 27.86 -7.96 -3.91
C LEU D 309 29.24 -7.63 -4.43
N LEU D 310 30.06 -6.87 -3.67
CA LEU D 310 31.46 -6.63 -4.13
C LEU D 310 32.20 -7.97 -4.17
N LEU D 311 31.97 -8.84 -3.16
CA LEU D 311 32.54 -10.20 -3.20
C LEU D 311 32.11 -10.96 -4.46
N ASN D 312 30.80 -10.92 -4.79
CA ASN D 312 30.27 -11.61 -5.97
C ASN D 312 30.92 -11.14 -7.25
N GLU D 313 31.09 -9.84 -7.37
CA GLU D 313 31.68 -9.27 -8.58
C GLU D 313 33.15 -9.67 -8.68
N GLY D 314 33.86 -9.78 -7.54
CA GLY D 314 35.18 -10.42 -7.49
C GLY D 314 35.16 -11.89 -7.97
N ILE D 315 34.25 -12.69 -7.44
CA ILE D 315 34.11 -14.06 -7.87
C ILE D 315 33.87 -14.17 -9.40
N ARG D 316 32.88 -13.44 -9.95
CA ARG D 316 32.63 -13.50 -11.40
C ARG D 316 33.87 -13.19 -12.25
N ALA D 317 34.46 -12.03 -12.00
CA ALA D 317 35.64 -11.53 -12.77
C ALA D 317 36.82 -12.52 -12.70
N TRP D 318 37.11 -13.00 -11.50
CA TRP D 318 38.30 -13.83 -11.25
C TRP D 318 38.14 -15.29 -11.62
N MET D 319 36.91 -15.84 -11.60
CA MET D 319 36.79 -17.28 -11.86
C MET D 319 36.31 -17.56 -13.29
N ALA D 320 35.53 -16.68 -13.86
CA ALA D 320 34.94 -16.91 -15.19
C ALA D 320 35.93 -17.34 -16.33
N PRO D 321 37.07 -16.64 -16.49
CA PRO D 321 37.95 -17.01 -17.61
C PRO D 321 38.36 -18.51 -17.60
N GLN D 322 38.78 -19.07 -16.47
CA GLN D 322 39.07 -20.52 -16.41
C GLN D 322 37.85 -21.40 -16.22
N ASP D 323 36.80 -20.87 -15.59
CA ASP D 323 35.57 -21.67 -15.35
C ASP D 323 34.63 -21.80 -16.57
N GLN D 324 34.71 -20.84 -17.49
CA GLN D 324 33.90 -20.81 -18.71
C GLN D 324 34.82 -20.62 -19.96
N PRO D 325 35.63 -21.66 -20.28
CA PRO D 325 36.69 -21.56 -21.29
C PRO D 325 36.12 -21.33 -22.69
N HIS D 326 34.92 -21.80 -22.98
CA HIS D 326 34.34 -21.58 -24.31
C HIS D 326 34.01 -20.14 -24.57
N GLU D 327 33.94 -19.32 -23.52
CA GLU D 327 33.70 -17.87 -23.76
C GLU D 327 34.97 -17.10 -24.25
N ASN D 328 36.14 -17.75 -24.18
CA ASN D 328 37.43 -17.12 -24.50
C ASN D 328 37.59 -15.78 -23.81
N PHE D 329 37.32 -15.74 -22.53
CA PHE D 329 37.37 -14.43 -21.83
C PHE D 329 38.84 -14.08 -21.73
N VAL D 330 39.21 -12.91 -22.22
CA VAL D 330 40.47 -12.30 -21.82
C VAL D 330 40.21 -10.99 -21.05
N PHE D 331 40.58 -10.98 -19.76
CA PHE D 331 40.31 -9.81 -18.94
C PHE D 331 41.68 -9.23 -18.60
N PRO D 332 42.12 -8.16 -19.32
CA PRO D 332 43.44 -7.61 -18.98
C PRO D 332 43.48 -7.21 -17.50
N GLU D 333 44.67 -7.27 -16.92
CA GLU D 333 44.88 -7.02 -15.51
CA GLU D 333 44.91 -6.98 -15.51
C GLU D 333 44.17 -5.73 -15.01
N GLU D 334 44.32 -4.63 -15.76
CA GLU D 334 43.71 -3.35 -15.38
C GLU D 334 42.18 -3.37 -15.19
N VAL D 335 41.45 -4.31 -15.82
CA VAL D 335 39.99 -4.33 -15.66
C VAL D 335 39.51 -5.12 -14.44
N LEU D 336 40.39 -5.89 -13.82
CA LEU D 336 39.94 -6.75 -12.76
C LEU D 336 39.57 -5.94 -11.50
N PRO D 337 38.36 -6.13 -10.97
CA PRO D 337 38.05 -5.46 -9.73
C PRO D 337 38.95 -5.98 -8.58
N ARG D 338 39.51 -5.07 -7.80
CA ARG D 338 40.37 -5.40 -6.67
C ARG D 338 40.32 -4.23 -5.69
N GLY D 339 40.39 -4.53 -4.40
CA GLY D 339 40.51 -3.45 -3.45
C GLY D 339 41.97 -3.03 -3.36
N ASN D 340 42.27 -2.18 -2.38
CA ASN D 340 43.63 -1.75 -2.14
C ASN D 340 44.60 -2.93 -1.89
N ALA D 341 45.77 -2.88 -2.53
CA ALA D 341 46.90 -3.77 -2.14
C ALA D 341 46.74 -5.21 -2.61
N LEU D 342 45.60 -5.83 -2.30
CA LEU D 342 45.37 -7.24 -2.62
C LEU D 342 45.13 -7.45 -4.11
N THR E 1 16.46 -65.16 6.68
CA THR E 1 16.18 -65.52 5.24
C THR E 1 16.69 -66.95 4.91
N GLY E 2 17.81 -67.08 4.21
CA GLY E 2 18.32 -68.41 3.79
C GLY E 2 19.84 -68.58 3.64
N GLU E 3 20.45 -67.72 2.83
CA GLU E 3 21.87 -67.79 2.48
C GLU E 3 22.82 -68.12 3.65
N ARG E 4 23.93 -68.79 3.33
CA ARG E 4 24.95 -69.13 4.33
C ARG E 4 25.42 -67.84 4.96
N PRO E 5 25.59 -67.80 6.29
CA PRO E 5 26.14 -66.56 6.88
C PRO E 5 27.52 -66.20 6.32
N PHE E 6 27.77 -64.89 6.12
CA PHE E 6 29.11 -64.39 5.75
C PHE E 6 30.18 -64.89 6.73
N SER E 7 29.85 -64.84 8.02
CA SER E 7 30.72 -65.39 9.09
C SER E 7 31.28 -66.79 8.76
N ASP E 8 30.40 -67.70 8.38
CA ASP E 8 30.80 -69.03 7.95
C ASP E 8 31.75 -68.95 6.78
N ILE E 9 31.31 -68.24 5.73
CA ILE E 9 31.94 -68.31 4.42
C ILE E 9 33.40 -67.84 4.50
N ILE E 10 33.63 -66.71 5.17
CA ILE E 10 34.94 -66.06 5.15
C ILE E 10 35.95 -66.60 6.16
N THR E 11 35.52 -67.57 6.98
CA THR E 11 36.40 -68.30 7.91
C THR E 11 36.68 -69.73 7.43
N SER E 12 36.06 -70.09 6.29
CA SER E 12 36.19 -71.42 5.72
C SER E 12 37.38 -71.54 4.79
N VAL E 13 38.19 -72.57 5.03
CA VAL E 13 39.41 -72.84 4.26
C VAL E 13 39.18 -72.80 2.74
N ARG E 14 38.08 -73.40 2.28
CA ARG E 14 37.74 -73.35 0.87
C ARG E 14 37.59 -71.92 0.34
N TYR E 15 37.04 -71.02 1.15
CA TYR E 15 36.95 -69.61 0.74
C TYR E 15 38.33 -69.03 0.44
N TRP E 16 39.24 -69.17 1.41
CA TRP E 16 40.61 -68.70 1.25
C TRP E 16 41.41 -69.32 0.15
N VAL E 17 41.15 -70.60 -0.18
CA VAL E 17 41.82 -71.23 -1.34
C VAL E 17 41.44 -70.54 -2.66
N ILE E 18 40.15 -70.37 -2.89
CA ILE E 18 39.62 -69.71 -4.09
C ILE E 18 40.10 -68.26 -4.23
N HIS E 19 40.03 -67.51 -3.13
CA HIS E 19 40.27 -66.07 -3.17
C HIS E 19 41.70 -65.63 -2.95
N SER E 20 42.54 -66.54 -2.50
CA SER E 20 43.97 -66.26 -2.39
C SER E 20 44.54 -66.22 -3.80
N ILE E 21 43.79 -66.76 -4.77
CA ILE E 21 44.11 -66.70 -6.20
C ILE E 21 43.31 -65.58 -6.94
N THR E 22 41.99 -65.52 -6.75
CA THR E 22 41.18 -64.56 -7.50
C THR E 22 41.40 -63.08 -7.12
N ILE E 23 41.52 -62.79 -5.83
CA ILE E 23 41.81 -61.45 -5.35
C ILE E 23 43.13 -60.94 -5.98
N PRO E 24 44.29 -61.59 -5.69
CA PRO E 24 45.53 -61.14 -6.37
C PRO E 24 45.48 -61.16 -7.91
N ALA E 25 44.82 -62.12 -8.57
CA ALA E 25 44.79 -62.06 -10.05
C ALA E 25 44.06 -60.78 -10.53
N LEU E 26 42.92 -60.45 -9.95
CA LEU E 26 42.22 -59.21 -10.30
C LEU E 26 43.09 -57.95 -10.04
N PHE E 27 43.70 -57.89 -8.86
CA PHE E 27 44.58 -56.78 -8.48
C PHE E 27 45.67 -56.59 -9.51
N ILE E 28 46.33 -57.68 -9.89
CA ILE E 28 47.44 -57.63 -10.84
C ILE E 28 46.90 -57.23 -12.20
N ALA E 29 45.73 -57.76 -12.56
CA ALA E 29 45.10 -57.36 -13.81
C ALA E 29 44.81 -55.85 -13.80
N GLY E 30 44.41 -55.31 -12.65
CA GLY E 30 44.17 -53.86 -12.51
C GLY E 30 45.44 -53.07 -12.75
N TRP E 31 46.51 -53.50 -12.10
CA TRP E 31 47.86 -52.94 -12.23
C TRP E 31 48.36 -52.89 -13.66
N LEU E 32 48.32 -54.03 -14.36
CA LEU E 32 48.71 -54.10 -15.79
C LEU E 32 47.92 -53.17 -16.69
N PHE E 33 46.62 -53.07 -16.45
CA PHE E 33 45.73 -52.11 -17.17
C PHE E 33 46.35 -50.68 -17.24
N VAL E 34 46.93 -50.27 -16.12
CA VAL E 34 47.63 -49.01 -16.05
C VAL E 34 49.08 -49.16 -16.58
N SER E 35 49.84 -50.13 -16.09
CA SER E 35 51.26 -50.20 -16.43
C SER E 35 51.53 -50.39 -17.89
N THR E 36 50.67 -51.14 -18.59
CA THR E 36 50.83 -51.25 -20.04
C THR E 36 50.48 -49.97 -20.78
N GLY E 37 49.81 -49.03 -20.09
CA GLY E 37 49.32 -47.83 -20.76
C GLY E 37 47.99 -48.09 -21.41
N LEU E 38 47.46 -49.27 -21.16
CA LEU E 38 46.20 -49.60 -21.79
C LEU E 38 45.05 -48.67 -21.36
N ALA E 39 45.01 -48.33 -20.08
CA ALA E 39 44.00 -47.38 -19.56
C ALA E 39 43.89 -46.07 -20.40
N TYR E 40 45.03 -45.43 -20.71
CA TYR E 40 45.04 -44.17 -21.48
C TYR E 40 44.28 -44.30 -22.80
N ASP E 41 44.43 -45.40 -23.51
CA ASP E 41 43.84 -45.51 -24.86
C ASP E 41 42.41 -45.94 -24.89
N VAL E 42 42.03 -46.83 -23.98
CA VAL E 42 40.62 -47.15 -23.83
C VAL E 42 39.81 -45.84 -23.55
N PHE E 43 40.24 -45.08 -22.53
CA PHE E 43 39.44 -43.91 -22.08
C PHE E 43 39.75 -42.60 -22.80
N GLY E 44 40.91 -42.54 -23.45
CA GLY E 44 41.31 -41.36 -24.24
C GLY E 44 41.90 -40.28 -23.34
N THR E 45 42.44 -40.71 -22.22
CA THR E 45 43.08 -39.81 -21.28
C THR E 45 44.51 -39.54 -21.71
N PRO E 46 44.93 -38.27 -21.70
CA PRO E 46 46.33 -37.91 -22.01
C PRO E 46 47.32 -38.38 -20.97
N ARG E 47 48.46 -38.85 -21.47
CA ARG E 47 49.64 -39.10 -20.63
C ARG E 47 50.25 -37.72 -20.39
N PRO E 48 51.19 -37.62 -19.41
CA PRO E 48 51.80 -36.34 -19.08
C PRO E 48 52.41 -35.58 -20.25
N ASP E 49 52.81 -36.28 -21.30
CA ASP E 49 53.38 -35.61 -22.49
C ASP E 49 52.40 -35.34 -23.62
N SER E 50 51.11 -35.58 -23.37
CA SER E 50 50.11 -35.48 -24.45
C SER E 50 48.99 -34.46 -24.25
N TYR E 51 49.13 -33.64 -23.20
CA TYR E 51 48.18 -32.53 -22.98
C TYR E 51 48.31 -31.39 -23.99
N TYR E 52 49.55 -30.99 -24.27
CA TYR E 52 49.82 -29.88 -25.18
C TYR E 52 50.94 -30.32 -26.12
N ALA E 53 50.89 -29.80 -27.35
CA ALA E 53 52.06 -29.79 -28.23
C ALA E 53 53.19 -28.97 -27.57
N GLN E 54 54.39 -29.09 -28.11
CA GLN E 54 55.57 -28.47 -27.53
C GLN E 54 55.50 -26.93 -27.43
N GLU E 55 54.88 -26.27 -28.42
CA GLU E 55 54.78 -24.77 -28.37
C GLU E 55 53.34 -24.22 -28.24
N GLN E 56 52.38 -25.12 -28.09
CA GLN E 56 50.96 -24.77 -28.03
C GLN E 56 50.67 -23.94 -26.78
N ARG E 57 49.94 -22.85 -26.98
CA ARG E 57 49.60 -21.95 -25.86
C ARG E 57 48.13 -22.07 -25.40
N SER E 58 47.34 -22.94 -26.05
CA SER E 58 45.92 -23.04 -25.70
C SER E 58 45.39 -24.49 -25.58
N ILE E 59 44.26 -24.64 -24.90
CA ILE E 59 43.69 -25.92 -24.61
C ILE E 59 42.90 -26.46 -25.80
N PRO E 60 42.99 -27.79 -26.06
CA PRO E 60 42.20 -28.39 -27.15
C PRO E 60 40.76 -28.57 -26.71
N LEU E 61 40.05 -27.45 -26.56
CA LEU E 61 38.65 -27.45 -26.17
C LEU E 61 37.70 -27.76 -27.35
N VAL E 62 36.77 -28.67 -27.15
CA VAL E 62 35.72 -29.00 -28.13
C VAL E 62 34.76 -27.80 -28.24
N THR E 63 34.47 -27.40 -29.48
CA THR E 63 33.69 -26.16 -29.74
C THR E 63 32.62 -26.42 -30.77
N ASP E 64 32.54 -27.65 -31.23
CA ASP E 64 31.64 -28.05 -32.27
C ASP E 64 30.85 -29.21 -31.66
N ARG E 65 29.54 -29.27 -31.89
CA ARG E 65 28.77 -30.38 -31.37
C ARG E 65 28.90 -31.66 -32.22
N PHE E 66 28.59 -31.53 -33.51
CA PHE E 66 28.42 -32.69 -34.40
C PHE E 66 29.72 -33.13 -35.11
N GLU E 67 30.77 -32.33 -34.97
CA GLU E 67 32.08 -32.75 -35.46
C GLU E 67 33.16 -32.65 -34.38
N ALA E 68 32.73 -32.66 -33.12
CA ALA E 68 33.62 -32.64 -31.95
C ALA E 68 34.52 -33.86 -31.93
N LYS E 69 33.95 -35.03 -32.27
CA LYS E 69 34.71 -36.27 -32.45
C LYS E 69 35.89 -36.06 -33.41
N GLN E 70 35.60 -35.50 -34.59
CA GLN E 70 36.61 -35.10 -35.57
C GLN E 70 37.60 -34.02 -35.06
N GLN E 71 37.12 -33.06 -34.25
CA GLN E 71 37.99 -32.03 -33.65
C GLN E 71 38.98 -32.68 -32.72
N VAL E 72 38.52 -33.62 -31.89
CA VAL E 72 39.41 -34.26 -30.92
C VAL E 72 40.49 -34.93 -31.78
N GLU E 73 40.05 -35.59 -32.86
CA GLU E 73 40.94 -36.36 -33.75
C GLU E 73 42.06 -35.46 -34.31
N THR E 74 41.67 -34.32 -34.87
CA THR E 74 42.57 -33.24 -35.31
C THR E 74 43.47 -32.74 -34.18
N PHE E 75 42.85 -32.38 -33.05
CA PHE E 75 43.60 -31.93 -31.86
C PHE E 75 44.62 -33.00 -31.45
N LEU E 76 44.26 -34.28 -31.61
CA LEU E 76 45.14 -35.41 -31.26
C LEU E 76 46.30 -35.62 -32.22
N GLU E 77 46.08 -35.31 -33.50
CA GLU E 77 47.08 -35.53 -34.55
C GLU E 77 48.32 -34.65 -34.42
N GLN E 78 48.10 -33.37 -34.08
CA GLN E 78 49.18 -32.44 -33.81
C GLN E 78 49.57 -32.44 -32.32
N LEU E 79 50.41 -33.40 -31.94
CA LEU E 79 51.00 -33.46 -30.60
C LEU E 79 52.51 -33.78 -30.68
N TYR F 1 23.33 -75.54 1.93
CA TYR F 1 23.41 -74.08 1.52
C TYR F 1 23.81 -73.98 0.06
N PRO F 2 23.00 -73.26 -0.77
CA PRO F 2 23.46 -72.99 -2.16
C PRO F 2 24.73 -72.08 -2.19
N ILE F 3 25.38 -71.95 -3.35
CA ILE F 3 26.55 -71.07 -3.46
C ILE F 3 26.24 -69.82 -4.32
N PHE F 4 25.71 -70.07 -5.53
CA PHE F 4 25.36 -69.03 -6.50
C PHE F 4 23.95 -68.48 -6.29
N THR F 5 23.84 -67.46 -5.45
CA THR F 5 22.58 -66.80 -5.10
C THR F 5 22.56 -65.35 -5.62
N VAL F 6 21.43 -64.66 -5.44
CA VAL F 6 21.35 -63.23 -5.76
C VAL F 6 22.40 -62.51 -4.93
N ARG F 7 22.39 -62.77 -3.62
CA ARG F 7 23.36 -62.18 -2.73
C ARG F 7 24.76 -62.38 -3.33
N TRP F 8 25.03 -63.60 -3.79
CA TRP F 8 26.33 -63.89 -4.39
C TRP F 8 26.62 -63.02 -5.58
N VAL F 9 25.64 -62.80 -6.46
CA VAL F 9 25.87 -61.99 -7.64
C VAL F 9 26.08 -60.53 -7.21
N ALA F 10 25.18 -60.04 -6.36
CA ALA F 10 25.31 -58.68 -5.84
C ALA F 10 26.70 -58.44 -5.25
N VAL F 11 27.21 -59.37 -4.44
CA VAL F 11 28.51 -59.19 -3.79
C VAL F 11 29.61 -59.02 -4.84
N HIS F 12 29.53 -59.82 -5.90
CA HIS F 12 30.62 -59.89 -6.88
C HIS F 12 30.57 -58.86 -7.94
N THR F 13 29.38 -58.36 -8.29
CA THR F 13 29.27 -57.21 -9.19
C THR F 13 30.00 -56.01 -8.54
N LEU F 14 30.07 -56.00 -7.22
CA LEU F 14 30.78 -54.94 -6.52
C LEU F 14 32.23 -55.27 -6.22
N ALA F 15 32.47 -56.44 -5.62
CA ALA F 15 33.82 -56.77 -5.12
C ALA F 15 34.86 -57.01 -6.22
N VAL F 16 34.39 -57.45 -7.38
CA VAL F 16 35.29 -57.82 -8.46
C VAL F 16 35.90 -56.54 -9.11
N PRO F 17 35.04 -55.64 -9.62
CA PRO F 17 35.63 -54.40 -10.13
C PRO F 17 36.46 -53.70 -9.02
N THR F 18 35.99 -53.72 -7.77
CA THR F 18 36.69 -52.98 -6.72
C THR F 18 38.15 -53.36 -6.63
N ILE F 19 38.44 -54.66 -6.61
CA ILE F 19 39.83 -55.09 -6.46
C ILE F 19 40.62 -54.76 -7.74
N PHE F 20 39.99 -54.98 -8.89
CA PHE F 20 40.62 -54.61 -10.17
C PHE F 20 41.00 -53.10 -10.13
N PHE F 21 40.06 -52.25 -9.71
CA PHE F 21 40.30 -50.79 -9.63
C PHE F 21 41.39 -50.48 -8.61
N LEU F 22 41.40 -51.19 -7.48
CA LEU F 22 42.41 -50.88 -6.44
C LEU F 22 43.85 -51.16 -6.93
N GLY F 23 44.01 -52.16 -7.81
CA GLY F 23 45.33 -52.50 -8.34
C GLY F 23 45.75 -51.46 -9.36
N ALA F 24 44.79 -51.09 -10.22
CA ALA F 24 44.96 -49.98 -11.17
C ALA F 24 45.41 -48.70 -10.44
N ILE F 25 44.71 -48.30 -9.37
CA ILE F 25 45.06 -47.06 -8.64
C ILE F 25 46.39 -47.22 -7.89
N ALA F 26 46.65 -48.42 -7.37
CA ALA F 26 47.96 -48.69 -6.76
C ALA F 26 49.07 -48.48 -7.82
N ALA F 27 48.88 -49.01 -9.04
CA ALA F 27 49.89 -48.82 -10.05
C ALA F 27 50.12 -47.33 -10.37
N MET F 28 49.04 -46.57 -10.39
CA MET F 28 49.12 -45.12 -10.67
C MET F 28 50.04 -44.38 -9.72
N GLN F 29 50.20 -44.87 -8.52
CA GLN F 29 51.04 -44.18 -7.50
C GLN F 29 52.53 -44.14 -7.91
N PHE F 30 52.86 -44.90 -8.95
CA PHE F 30 54.24 -45.02 -9.36
C PHE F 30 54.47 -44.33 -10.69
N ILE F 31 53.41 -43.75 -11.28
CA ILE F 31 53.55 -42.92 -12.48
C ILE F 31 54.18 -41.57 -12.16
N GLN F 32 55.16 -41.17 -12.96
CA GLN F 32 55.80 -39.86 -12.85
C GLN F 32 55.57 -39.08 -14.11
N ARG F 33 55.60 -37.76 -14.03
CA ARG F 33 55.40 -36.99 -15.24
C ARG F 33 56.70 -37.05 -16.08
N ALA G 1 -33.32 -40.25 -3.29
CA ALA G 1 -32.61 -39.64 -4.45
C ALA G 1 -33.66 -39.11 -5.42
N ARG G 2 -33.37 -37.93 -5.97
CA ARG G 2 -34.28 -37.26 -6.89
CA ARG G 2 -34.28 -37.25 -6.88
C ARG G 2 -34.06 -37.81 -8.29
N ARG G 3 -35.14 -38.29 -8.90
CA ARG G 3 -35.10 -38.60 -10.33
C ARG G 3 -35.38 -37.32 -11.07
N THR G 4 -34.69 -37.10 -12.19
CA THR G 4 -35.00 -35.97 -13.05
C THR G 4 -35.05 -36.54 -14.45
N TRP G 5 -35.70 -35.82 -15.35
CA TRP G 5 -35.71 -36.16 -16.74
C TRP G 5 -34.30 -36.47 -17.21
N LEU G 6 -33.36 -35.55 -16.95
CA LEU G 6 -32.03 -35.75 -17.52
C LEU G 6 -31.30 -36.90 -16.83
N GLY G 7 -31.49 -37.07 -15.52
CA GLY G 7 -30.92 -38.24 -14.82
C GLY G 7 -31.43 -39.60 -15.35
N ASP G 8 -32.71 -39.65 -15.75
CA ASP G 8 -33.27 -40.88 -16.31
C ASP G 8 -32.57 -41.21 -17.60
N ILE G 9 -32.46 -40.23 -18.48
CA ILE G 9 -31.76 -40.41 -19.76
C ILE G 9 -30.29 -40.83 -19.63
N LEU G 10 -29.64 -40.40 -18.56
CA LEU G 10 -28.21 -40.69 -18.37
C LEU G 10 -27.96 -41.93 -17.50
N ARG G 11 -28.95 -42.30 -16.67
CA ARG G 11 -28.84 -43.49 -15.79
CA ARG G 11 -28.88 -43.49 -15.80
C ARG G 11 -28.03 -44.67 -16.37
N PRO G 12 -28.31 -45.08 -17.65
CA PRO G 12 -27.55 -46.24 -18.18
C PRO G 12 -26.02 -46.04 -18.17
N LEU G 13 -25.58 -44.81 -18.46
CA LEU G 13 -24.16 -44.50 -18.54
C LEU G 13 -23.50 -44.52 -17.16
N ASN G 14 -24.29 -44.49 -16.09
CA ASN G 14 -23.69 -44.66 -14.78
C ASN G 14 -24.20 -45.89 -14.06
N SER G 15 -24.29 -46.99 -14.80
CA SER G 15 -24.96 -48.21 -14.31
C SER G 15 -24.03 -49.42 -14.12
N GLU G 16 -22.82 -49.37 -14.69
CA GLU G 16 -21.95 -50.53 -14.63
C GLU G 16 -20.78 -50.40 -13.66
N TYR G 17 -20.94 -49.62 -12.58
CA TYR G 17 -19.94 -49.54 -11.52
C TYR G 17 -19.44 -50.93 -11.20
N GLY G 18 -18.12 -51.10 -11.16
CA GLY G 18 -17.52 -52.34 -10.63
C GLY G 18 -17.35 -53.44 -11.69
N LYS G 19 -17.91 -53.22 -12.87
CA LYS G 19 -17.91 -54.24 -13.89
C LYS G 19 -16.54 -54.41 -14.53
N VAL G 20 -16.01 -55.64 -14.47
CA VAL G 20 -14.72 -56.03 -15.02
C VAL G 20 -14.83 -57.10 -16.10
N ALA G 21 -13.97 -57.00 -17.13
CA ALA G 21 -13.70 -58.08 -18.07
C ALA G 21 -12.82 -59.12 -17.36
N PRO G 22 -12.97 -60.41 -17.73
CA PRO G 22 -12.33 -61.43 -16.90
C PRO G 22 -10.82 -61.48 -17.12
N GLY G 23 -10.11 -61.70 -16.03
CA GLY G 23 -8.68 -61.97 -16.09
C GLY G 23 -7.83 -60.79 -16.53
N TRP G 24 -6.97 -61.05 -17.51
CA TRP G 24 -6.07 -60.04 -18.05
C TRP G 24 -6.70 -59.28 -19.16
N GLY G 25 -7.87 -59.75 -19.61
CA GLY G 25 -8.61 -59.11 -20.74
C GLY G 25 -7.63 -58.53 -21.75
N THR G 26 -7.76 -57.26 -22.06
CA THR G 26 -6.92 -56.66 -23.09
C THR G 26 -5.56 -56.08 -22.61
N THR G 27 -5.10 -56.46 -21.43
CA THR G 27 -3.74 -56.04 -21.00
C THR G 27 -2.64 -56.19 -22.07
N PRO G 28 -2.60 -57.35 -22.77
CA PRO G 28 -1.47 -57.51 -23.72
C PRO G 28 -1.51 -56.47 -24.81
N LEU G 29 -2.69 -56.15 -25.29
CA LEU G 29 -2.80 -55.17 -26.36
C LEU G 29 -2.47 -53.74 -25.82
N MET G 30 -2.83 -53.49 -24.55
CA MET G 30 -2.57 -52.20 -23.93
C MET G 30 -1.06 -51.99 -23.91
N ALA G 31 -0.33 -53.05 -23.56
CA ALA G 31 1.12 -52.99 -23.42
C ALA G 31 1.78 -52.70 -24.77
N VAL G 32 1.15 -53.16 -25.85
CA VAL G 32 1.72 -52.92 -27.17
C VAL G 32 1.59 -51.41 -27.45
N PHE G 33 0.42 -50.84 -27.18
CA PHE G 33 0.23 -49.42 -27.40
C PHE G 33 1.14 -48.58 -26.49
N MET G 34 1.36 -49.05 -25.25
CA MET G 34 2.29 -48.44 -24.30
C MET G 34 3.75 -48.41 -24.85
N GLY G 35 4.30 -49.55 -25.24
CA GLY G 35 5.64 -49.59 -25.87
C GLY G 35 5.76 -48.66 -27.08
N LEU G 36 4.70 -48.61 -27.88
CA LEU G 36 4.72 -47.76 -29.09
C LEU G 36 4.65 -46.27 -28.73
N PHE G 37 3.92 -45.96 -27.67
CA PHE G 37 3.85 -44.59 -27.18
C PHE G 37 5.23 -44.15 -26.66
N LEU G 38 5.88 -45.06 -25.93
CA LEU G 38 7.23 -44.83 -25.41
C LEU G 38 8.25 -44.53 -26.52
N VAL G 39 8.22 -45.33 -27.58
CA VAL G 39 9.06 -45.10 -28.74
C VAL G 39 8.67 -43.74 -29.40
N PHE G 40 7.37 -43.48 -29.53
CA PHE G 40 6.94 -42.20 -30.09
C PHE G 40 7.60 -41.01 -29.36
N LEU G 41 7.50 -41.02 -28.05
CA LEU G 41 8.01 -39.95 -27.21
C LEU G 41 9.50 -39.85 -27.39
N LEU G 42 10.13 -41.02 -27.41
CA LEU G 42 11.55 -41.12 -27.60
C LEU G 42 11.96 -40.47 -28.91
N ILE G 43 11.17 -40.69 -29.95
CA ILE G 43 11.47 -40.09 -31.26
C ILE G 43 11.33 -38.59 -31.18
N ILE G 44 10.17 -38.10 -30.73
CA ILE G 44 10.00 -36.63 -30.66
C ILE G 44 11.01 -35.93 -29.70
N LEU G 45 11.37 -36.55 -28.59
CA LEU G 45 12.36 -35.96 -27.70
C LEU G 45 13.68 -35.83 -28.45
N GLU G 46 14.17 -36.93 -29.02
CA GLU G 46 15.45 -36.91 -29.75
C GLU G 46 15.48 -36.02 -30.98
N ILE G 47 14.34 -35.79 -31.60
CA ILE G 47 14.33 -34.80 -32.66
C ILE G 47 14.56 -33.40 -32.06
N TYR G 48 13.74 -33.02 -31.09
CA TYR G 48 13.87 -31.72 -30.40
C TYR G 48 15.31 -31.55 -29.88
N ASN G 49 15.90 -32.69 -29.49
CA ASN G 49 17.20 -32.69 -28.84
C ASN G 49 18.37 -32.65 -29.81
N SER G 50 18.06 -32.77 -31.11
CA SER G 50 19.08 -32.92 -32.15
C SER G 50 19.97 -34.16 -31.94
N THR G 51 19.41 -35.16 -31.25
CA THR G 51 20.06 -36.44 -31.13
C THR G 51 19.57 -37.29 -32.31
N LEU G 52 18.37 -36.99 -32.79
CA LEU G 52 17.86 -37.69 -33.95
C LEU G 52 17.62 -36.66 -35.01
N ILE G 53 18.42 -36.75 -36.07
CA ILE G 53 18.49 -35.72 -37.12
C ILE G 53 18.01 -36.31 -38.44
N LEU G 54 16.87 -35.79 -38.93
CA LEU G 54 16.24 -36.35 -40.11
C LEU G 54 16.40 -35.44 -41.29
N ASP G 55 16.45 -36.03 -42.48
N ASP G 55 16.39 -36.05 -42.48
CA ASP G 55 16.54 -35.25 -43.73
CA ASP G 55 16.42 -35.34 -43.76
C ASP G 55 15.27 -34.42 -43.97
C ASP G 55 15.21 -34.40 -43.93
N GLY G 56 15.48 -33.14 -44.26
CA GLY G 56 14.40 -32.16 -44.44
C GLY G 56 13.66 -31.78 -43.15
N VAL G 57 14.30 -32.02 -41.99
CA VAL G 57 13.74 -31.61 -40.69
C VAL G 57 14.79 -30.72 -40.02
N ASN G 58 14.63 -29.41 -40.21
CA ASN G 58 15.57 -28.41 -39.70
C ASN G 58 14.98 -27.89 -38.38
N VAL G 59 15.48 -28.38 -37.26
CA VAL G 59 14.95 -28.01 -35.91
C VAL G 59 15.48 -26.65 -35.51
N SER G 60 14.81 -25.63 -36.03
CA SER G 60 15.25 -24.29 -35.81
C SER G 60 14.09 -23.44 -36.28
N TRP G 61 14.03 -22.18 -35.85
CA TRP G 61 13.12 -21.21 -36.46
C TRP G 61 13.41 -21.02 -37.94
N LYS G 62 14.67 -21.23 -38.32
CA LYS G 62 15.18 -20.84 -39.64
C LYS G 62 14.67 -21.65 -40.85
N ALA G 63 14.01 -22.80 -40.60
CA ALA G 63 13.39 -23.61 -41.64
C ALA G 63 14.11 -23.55 -43.00
N GLU H 2 31.69 6.01 35.44
CA GLU H 2 32.18 5.43 36.73
C GLU H 2 31.09 4.79 37.59
N THR H 3 29.96 5.47 37.74
CA THR H 3 28.81 4.93 38.51
C THR H 3 28.26 3.74 37.75
N LEU H 4 28.20 3.85 36.43
CA LEU H 4 27.77 2.68 35.63
C LEU H 4 28.67 1.45 35.94
N LYS H 5 29.97 1.64 35.85
CA LYS H 5 30.95 0.60 36.10
C LYS H 5 30.66 0.00 37.49
N ILE H 6 30.60 0.88 38.51
CA ILE H 6 30.40 0.39 39.88
C ILE H 6 29.08 -0.35 40.01
N THR H 7 27.99 0.19 39.44
CA THR H 7 26.68 -0.50 39.49
C THR H 7 26.80 -1.89 38.87
N VAL H 8 27.33 -1.96 37.65
CA VAL H 8 27.46 -3.28 37.02
C VAL H 8 28.33 -4.25 37.82
N TYR H 9 29.49 -3.80 38.28
CA TYR H 9 30.38 -4.67 39.14
C TYR H 9 29.58 -5.26 40.32
N ILE H 10 28.78 -4.42 40.97
CA ILE H 10 27.96 -4.84 42.10
C ILE H 10 26.91 -5.84 41.67
N VAL H 11 26.18 -5.53 40.59
CA VAL H 11 25.23 -6.47 39.98
C VAL H 11 25.84 -7.85 39.77
N VAL H 12 26.94 -7.88 39.04
CA VAL H 12 27.57 -9.12 38.62
C VAL H 12 28.05 -9.91 39.87
N THR H 13 28.60 -9.20 40.87
CA THR H 13 29.14 -9.82 42.09
C THR H 13 27.99 -10.52 42.82
N PHE H 14 26.88 -9.79 42.92
CA PHE H 14 25.69 -10.34 43.55
C PHE H 14 25.28 -11.67 42.89
N PHE H 15 25.06 -11.66 41.58
CA PHE H 15 24.65 -12.90 40.89
C PHE H 15 25.71 -14.02 40.95
N VAL H 16 26.98 -13.66 40.83
CA VAL H 16 28.07 -14.63 40.93
C VAL H 16 28.08 -15.28 42.32
N LEU H 17 27.90 -14.45 43.35
CA LEU H 17 27.78 -14.89 44.74
C LEU H 17 26.60 -15.82 44.92
N LEU H 18 25.45 -15.47 44.34
CA LEU H 18 24.31 -16.40 44.42
C LEU H 18 24.65 -17.75 43.83
N PHE H 19 25.39 -17.74 42.72
CA PHE H 19 25.64 -18.98 41.98
C PHE H 19 26.58 -19.86 42.84
N VAL H 20 27.59 -19.23 43.41
CA VAL H 20 28.61 -19.94 44.18
C VAL H 20 28.01 -20.51 45.47
N PHE H 21 27.44 -19.65 46.31
CA PHE H 21 26.77 -20.11 47.52
C PHE H 21 25.64 -21.10 47.24
N GLY H 22 24.93 -20.84 46.15
CA GLY H 22 23.89 -21.74 45.69
C GLY H 22 24.32 -23.17 45.49
N PHE H 23 25.39 -23.39 44.73
CA PHE H 23 25.89 -24.77 44.54
C PHE H 23 26.64 -25.29 45.81
N LEU H 24 27.09 -24.38 46.68
CA LEU H 24 27.69 -24.80 47.98
C LEU H 24 26.64 -25.33 48.96
N SER H 25 25.38 -24.95 48.76
CA SER H 25 24.29 -25.29 49.69
C SER H 25 23.69 -26.70 49.51
N GLY H 26 24.53 -27.71 49.68
CA GLY H 26 24.07 -29.10 49.59
C GLY H 26 23.40 -29.49 48.29
N ASP H 27 23.96 -29.06 47.15
CA ASP H 27 23.42 -29.45 45.84
C ASP H 27 23.28 -30.96 45.58
N PRO H 28 24.31 -31.77 45.90
CA PRO H 28 24.12 -33.21 45.63
C PRO H 28 22.84 -33.80 46.22
N ALA H 29 22.43 -33.23 47.35
CA ALA H 29 21.23 -33.69 48.08
C ALA H 29 19.92 -33.34 47.36
N ARG H 30 19.98 -32.30 46.51
CA ARG H 30 18.80 -31.82 45.77
C ARG H 30 18.54 -32.66 44.53
N ASN H 31 18.08 -33.89 44.76
CA ASN H 31 17.70 -34.78 43.67
C ASN H 31 16.56 -35.66 44.19
N PRO H 32 15.87 -36.42 43.31
CA PRO H 32 14.71 -37.16 43.81
C PRO H 32 15.00 -38.54 44.46
N LYS H 33 16.18 -39.13 44.26
CA LYS H 33 16.49 -40.47 44.78
C LYS H 33 17.35 -40.39 46.05
N ARG H 34 18.55 -41.00 46.00
CA ARG H 34 19.48 -41.11 47.16
C ARG H 34 20.14 -39.79 47.58
N LYS H 35 19.90 -39.40 48.82
CA LYS H 35 20.29 -38.08 49.33
C LYS H 35 21.22 -38.22 50.53
N GLY I 5 33.55 -74.74 7.20
CA GLY I 5 33.18 -73.34 7.60
C GLY I 5 33.38 -72.91 9.07
N GLY I 6 34.63 -72.87 9.53
CA GLY I 6 34.95 -72.36 10.87
C GLY I 6 36.45 -72.29 11.09
N ARG I 7 37.18 -72.93 10.18
CA ARG I 7 38.64 -73.10 10.27
C ARG I 7 39.49 -71.88 10.67
N ILE I 8 39.43 -70.78 9.90
CA ILE I 8 40.24 -69.57 10.18
C ILE I 8 39.46 -68.57 11.04
N PRO I 9 39.95 -68.28 12.27
CA PRO I 9 39.18 -67.48 13.22
C PRO I 9 38.92 -66.05 12.72
N LEU I 10 37.67 -65.61 12.85
CA LEU I 10 37.21 -64.29 12.40
C LEU I 10 38.08 -63.11 12.87
N TRP I 11 38.68 -63.18 14.06
CA TRP I 11 39.57 -62.11 14.51
C TRP I 11 40.82 -61.95 13.68
N ILE I 12 41.37 -63.06 13.19
CA ILE I 12 42.54 -63.01 12.30
C ILE I 12 42.16 -62.46 10.91
N VAL I 13 41.08 -62.98 10.34
CA VAL I 13 40.54 -62.50 9.07
C VAL I 13 40.29 -60.99 9.10
N ALA I 14 39.97 -60.46 10.29
CA ALA I 14 39.64 -59.04 10.44
C ALA I 14 40.91 -58.23 10.59
N THR I 15 41.83 -58.72 11.43
CA THR I 15 43.12 -58.08 11.61
C THR I 15 43.88 -58.05 10.27
N VAL I 16 43.86 -59.16 9.52
CA VAL I 16 44.51 -59.19 8.19
C VAL I 16 43.86 -58.30 7.13
N ALA I 17 42.54 -58.43 6.94
CA ALA I 17 41.84 -57.52 6.01
C ALA I 17 42.02 -56.06 6.42
N GLY I 18 42.01 -55.80 7.73
CA GLY I 18 42.19 -54.45 8.24
C GLY I 18 43.58 -53.93 7.96
N MET I 19 44.59 -54.79 7.96
CA MET I 19 45.97 -54.35 7.68
C MET I 19 46.14 -54.09 6.19
N GLY I 20 45.44 -54.86 5.35
CA GLY I 20 45.46 -54.64 3.90
C GLY I 20 44.94 -53.25 3.55
N VAL I 21 43.83 -52.86 4.18
CA VAL I 21 43.19 -51.57 3.92
C VAL I 21 44.15 -50.41 4.31
N ILE I 22 44.79 -50.50 5.48
CA ILE I 22 45.86 -49.58 5.89
C ILE I 22 47.01 -49.47 4.86
N VAL I 23 47.55 -50.60 4.43
CA VAL I 23 48.62 -50.63 3.44
C VAL I 23 48.25 -49.94 2.13
N ILE I 24 47.08 -50.26 1.59
CA ILE I 24 46.65 -49.74 0.29
C ILE I 24 46.36 -48.23 0.43
N VAL I 25 45.77 -47.86 1.56
CA VAL I 25 45.49 -46.45 1.86
C VAL I 25 46.77 -45.67 2.17
N GLY I 26 47.70 -46.27 2.92
CA GLY I 26 49.03 -45.68 3.11
C GLY I 26 49.73 -45.45 1.78
N LEU I 27 49.57 -46.39 0.86
CA LEU I 27 50.20 -46.24 -0.44
C LEU I 27 49.63 -45.00 -1.18
N PHE I 28 48.33 -44.80 -1.05
CA PHE I 28 47.62 -43.70 -1.75
C PHE I 28 48.12 -42.36 -1.20
N PHE I 29 48.35 -42.31 0.11
CA PHE I 29 48.92 -41.10 0.71
C PHE I 29 50.36 -40.85 0.26
N TYR I 30 51.17 -41.92 0.17
CA TYR I 30 52.51 -41.76 -0.35
C TYR I 30 52.46 -41.15 -1.76
N GLY I 31 51.49 -41.60 -2.55
CA GLY I 31 51.45 -41.15 -3.93
C GLY I 31 51.03 -39.69 -3.99
N ALA I 32 50.42 -39.18 -2.91
CA ALA I 32 50.10 -37.77 -2.91
C ALA I 32 51.39 -36.95 -3.00
N TYR I 33 52.52 -37.54 -2.58
CA TYR I 33 53.75 -36.79 -2.38
C TYR I 33 54.77 -37.06 -3.46
N ALA I 34 54.42 -37.96 -4.37
CA ALA I 34 55.38 -38.49 -5.34
C ALA I 34 54.69 -38.62 -6.69
N GLY I 35 55.39 -38.34 -7.78
CA GLY I 35 54.79 -38.59 -9.10
C GLY I 35 53.66 -37.62 -9.42
N LEU I 36 52.77 -38.00 -10.33
CA LEU I 36 51.60 -37.19 -10.65
C LEU I 36 50.85 -36.71 -9.38
N GLY I 37 50.37 -35.48 -9.43
CA GLY I 37 49.59 -34.91 -8.33
C GLY I 37 50.34 -34.42 -7.11
N SER I 38 51.67 -34.50 -7.16
CA SER I 38 52.54 -34.15 -6.04
C SER I 38 52.91 -32.68 -6.07
N SER I 39 52.49 -31.97 -7.12
CA SER I 39 52.83 -30.55 -7.36
C SER I 39 54.31 -30.31 -7.74
N LEU I 40 55.12 -31.37 -7.78
CA LEU I 40 56.57 -31.24 -8.11
C LEU I 40 56.86 -31.59 -9.58
N LYS J 1 70.50 -34.27 12.24
CA LYS J 1 70.79 -35.70 11.86
C LYS J 1 71.15 -36.42 13.14
N LEU J 2 71.01 -37.75 13.15
CA LEU J 2 71.58 -38.56 14.23
C LEU J 2 73.12 -38.56 14.15
N PRO J 3 73.82 -38.66 15.30
CA PRO J 3 75.28 -38.86 15.22
C PRO J 3 75.54 -39.99 14.23
N GLU J 4 76.62 -39.88 13.47
CA GLU J 4 76.95 -40.80 12.37
C GLU J 4 76.94 -42.29 12.74
N ALA J 5 77.42 -42.60 13.95
CA ALA J 5 77.50 -43.98 14.40
C ALA J 5 76.13 -44.62 14.49
N TYR J 6 75.08 -43.80 14.62
CA TYR J 6 73.71 -44.32 14.72
C TYR J 6 72.97 -44.37 13.37
N ALA J 7 73.54 -43.78 12.31
CA ALA J 7 72.87 -43.67 10.97
C ALA J 7 72.18 -44.97 10.55
N ILE J 8 72.78 -46.08 10.97
CA ILE J 8 72.33 -47.42 10.63
C ILE J 8 70.93 -47.66 11.17
N PHE J 9 70.59 -46.98 12.27
CA PHE J 9 69.34 -47.24 12.98
C PHE J 9 68.34 -46.16 12.58
N ASP J 10 68.75 -45.40 11.57
CA ASP J 10 67.96 -44.32 11.01
C ASP J 10 66.55 -44.70 10.56
N PRO J 11 66.42 -45.75 9.71
CA PRO J 11 65.07 -46.10 9.22
C PRO J 11 64.20 -46.68 10.33
N LEU J 12 64.83 -47.28 11.34
CA LEU J 12 64.11 -47.74 12.50
C LEU J 12 63.50 -46.52 13.22
N VAL J 13 64.35 -45.51 13.48
CA VAL J 13 63.95 -44.26 14.13
C VAL J 13 62.78 -43.58 13.38
N ASP J 14 62.74 -43.74 12.06
CA ASP J 14 61.71 -43.12 11.26
C ASP J 14 60.35 -43.72 11.54
N VAL J 15 60.34 -44.97 12.02
CA VAL J 15 59.06 -45.66 12.17
C VAL J 15 58.57 -45.70 13.62
N LEU J 16 59.45 -45.50 14.59
CA LEU J 16 59.05 -45.62 15.99
C LEU J 16 57.89 -44.69 16.43
N PRO J 17 57.87 -43.42 15.98
CA PRO J 17 56.86 -42.55 16.64
C PRO J 17 55.41 -43.00 16.42
N VAL J 18 55.19 -43.79 15.36
CA VAL J 18 53.89 -44.41 15.06
C VAL J 18 53.42 -45.51 16.06
N ILE J 19 54.33 -46.03 16.88
CA ILE J 19 54.06 -47.21 17.73
C ILE J 19 52.87 -47.01 18.69
N PRO J 20 52.72 -45.82 19.25
CA PRO J 20 51.57 -45.59 20.13
C PRO J 20 50.23 -45.83 19.47
N VAL J 21 50.05 -45.40 18.21
CA VAL J 21 48.81 -45.65 17.51
C VAL J 21 48.56 -47.17 17.46
N LEU J 22 49.65 -47.94 17.43
CA LEU J 22 49.51 -49.37 17.20
C LEU J 22 48.96 -50.04 18.44
N PHE J 23 49.24 -49.44 19.59
CA PHE J 23 48.66 -49.89 20.84
C PHE J 23 47.14 -49.71 20.84
N LEU J 24 46.63 -48.63 20.23
CA LEU J 24 45.17 -48.43 20.22
C LEU J 24 44.54 -49.51 19.33
N ALA J 25 45.17 -49.76 18.18
CA ALA J 25 44.69 -50.76 17.23
C ALA J 25 44.74 -52.17 17.83
N LEU J 26 45.77 -52.42 18.65
CA LEU J 26 45.98 -53.70 19.31
C LEU J 26 44.80 -54.07 20.26
N ALA J 27 44.34 -53.11 21.04
CA ALA J 27 43.15 -53.31 21.88
C ALA J 27 41.99 -53.93 21.08
N PHE J 28 41.85 -53.51 19.82
CA PHE J 28 40.75 -53.99 18.96
C PHE J 28 40.97 -55.41 18.40
N VAL J 29 42.21 -55.76 18.11
CA VAL J 29 42.62 -57.14 17.76
C VAL J 29 42.35 -58.10 18.93
N TRP J 30 42.83 -57.70 20.11
CA TRP J 30 42.61 -58.38 21.37
C TRP J 30 41.17 -58.58 21.74
N GLN J 31 40.36 -57.51 21.73
CA GLN J 31 38.89 -57.63 21.92
C GLN J 31 38.21 -58.52 20.87
N ALA J 32 38.72 -58.50 19.64
CA ALA J 32 38.18 -59.40 18.64
C ALA J 32 38.56 -60.85 18.99
N ALA J 33 39.76 -61.06 19.53
CA ALA J 33 40.16 -62.40 19.96
C ALA J 33 39.21 -62.94 21.04
N VAL J 34 38.66 -62.06 21.87
CA VAL J 34 37.80 -62.51 22.96
C VAL J 34 36.33 -62.26 22.67
N GLY J 35 35.99 -62.15 21.38
CA GLY J 35 34.62 -61.86 20.91
C GLY J 35 33.91 -60.61 21.41
N PHE J 36 34.66 -59.58 21.86
CA PHE J 36 34.02 -58.35 22.34
C PHE J 36 33.03 -58.60 23.52
N ARG J 37 33.38 -59.55 24.39
CA ARG J 37 32.46 -60.06 25.41
C ARG J 37 32.07 -59.03 26.47
N PRO K 1 -30.88 -32.64 3.58
CA PRO K 1 -30.19 -33.24 4.73
C PRO K 1 -28.89 -34.03 4.37
N ASN K 2 -27.84 -33.33 3.92
CA ASN K 2 -26.60 -33.96 3.40
C ASN K 2 -25.71 -34.73 4.41
N PRO K 3 -25.71 -36.07 4.31
CA PRO K 3 -25.06 -36.87 5.33
C PRO K 3 -23.53 -36.79 5.29
N ASN K 4 -22.99 -36.08 4.30
CA ASN K 4 -21.52 -36.02 4.14
C ASN K 4 -20.80 -34.97 4.96
N ARG K 5 -21.57 -33.97 5.41
CA ARG K 5 -21.07 -32.87 6.25
C ARG K 5 -20.32 -33.36 7.48
N GLN K 6 -19.30 -32.58 7.86
CA GLN K 6 -18.46 -32.88 9.00
C GLN K 6 -17.80 -31.59 9.38
N PRO K 7 -17.64 -31.31 10.70
CA PRO K 7 -16.99 -30.05 11.12
C PRO K 7 -15.45 -30.07 10.99
N VAL K 8 -14.88 -28.96 10.53
CA VAL K 8 -13.43 -28.67 10.73
C VAL K 8 -13.14 -28.54 12.24
N GLU K 9 -11.95 -28.98 12.66
CA GLU K 9 -11.43 -28.67 13.97
C GLU K 9 -10.04 -28.02 13.88
N LEU K 10 -9.64 -27.36 14.96
CA LEU K 10 -8.34 -26.74 15.08
C LEU K 10 -8.07 -26.64 16.58
N ASN K 11 -7.25 -27.52 17.13
CA ASN K 11 -6.86 -27.35 18.52
C ASN K 11 -5.94 -26.13 18.72
N ARG K 12 -5.80 -25.73 19.98
CA ARG K 12 -4.99 -24.60 20.37
C ARG K 12 -3.54 -24.67 19.84
N THR K 13 -2.88 -25.80 20.08
CA THR K 13 -1.55 -26.01 19.60
C THR K 13 -1.46 -25.76 18.08
N SER K 14 -2.45 -26.25 17.34
CA SER K 14 -2.46 -26.10 15.88
C SER K 14 -2.64 -24.66 15.54
N LEU K 15 -3.49 -23.97 16.29
CA LEU K 15 -3.65 -22.52 16.09
C LEU K 15 -2.28 -21.82 16.23
N TYR K 16 -1.55 -22.15 17.29
CA TYR K 16 -0.26 -21.51 17.56
C TYR K 16 0.76 -21.85 16.45
N LEU K 17 0.77 -23.13 16.03
CA LEU K 17 1.67 -23.57 15.01
C LEU K 17 1.36 -22.86 13.72
N GLY K 18 0.08 -22.72 13.41
CA GLY K 18 -0.32 -22.06 12.16
C GLY K 18 0.05 -20.58 12.20
N LEU K 19 -0.23 -19.92 13.32
CA LEU K 19 0.15 -18.51 13.44
C LEU K 19 1.66 -18.30 13.31
N LEU K 20 2.45 -19.16 13.93
CA LEU K 20 3.91 -19.13 13.80
C LEU K 20 4.36 -19.31 12.35
N LEU K 21 3.71 -20.19 11.61
CA LEU K 21 4.14 -20.48 10.24
C LEU K 21 3.94 -19.19 9.49
N ILE K 22 2.75 -18.61 9.63
CA ILE K 22 2.32 -17.43 8.88
C ILE K 22 3.16 -16.20 9.18
N LEU K 23 3.32 -15.91 10.45
CA LEU K 23 4.08 -14.77 10.96
C LEU K 23 5.53 -14.90 10.46
N VAL K 24 6.08 -16.10 10.63
CA VAL K 24 7.46 -16.37 10.22
C VAL K 24 7.59 -16.22 8.69
N LEU K 25 6.65 -16.79 7.92
CA LEU K 25 6.67 -16.51 6.48
C LEU K 25 6.62 -15.02 6.16
N ALA K 26 5.72 -14.30 6.84
CA ALA K 26 5.62 -12.86 6.64
C ALA K 26 6.94 -12.17 6.95
N LEU K 27 7.56 -12.57 8.06
CA LEU K 27 8.81 -11.96 8.44
C LEU K 27 9.91 -12.28 7.42
N LEU K 28 9.99 -13.52 6.97
CA LEU K 28 11.02 -13.92 6.03
C LEU K 28 10.79 -13.21 4.64
N PHE K 29 9.55 -13.21 4.15
CA PHE K 29 9.32 -12.71 2.76
C PHE K 29 9.09 -11.19 2.61
N SER K 30 8.79 -10.52 3.71
CA SER K 30 8.42 -9.09 3.66
C SER K 30 9.57 -8.26 3.04
N SER K 31 10.83 -8.49 3.47
CA SER K 31 11.95 -7.73 2.82
C SER K 31 11.90 -7.82 1.30
N TYR K 32 11.54 -8.98 0.78
CA TYR K 32 11.65 -9.18 -0.69
C TYR K 32 10.52 -8.49 -1.40
N PHE K 33 9.38 -8.41 -0.73
CA PHE K 33 8.28 -7.63 -1.24
C PHE K 33 8.47 -6.12 -1.09
N PHE K 34 9.05 -5.63 0.00
CA PHE K 34 9.39 -4.21 -0.03
C PHE K 34 10.50 -3.98 -1.08
N ASN K 35 11.45 -4.91 -1.22
CA ASN K 35 12.50 -4.75 -2.25
C ASN K 35 13.25 -3.42 -2.07
N THR L 1 62.47 8.45 34.44
CA THR L 1 61.21 9.07 33.89
C THR L 1 60.17 8.00 33.42
N LEU L 2 59.09 8.45 32.76
CA LEU L 2 58.01 7.54 32.31
C LEU L 2 58.37 6.72 31.06
N THR L 3 58.17 5.41 31.10
CA THR L 3 58.42 4.63 29.89
C THR L 3 57.09 4.22 29.25
N TYR L 4 57.17 3.63 28.07
CA TYR L 4 56.00 3.19 27.34
C TYR L 4 55.04 2.42 28.18
N ASP L 5 55.55 1.50 28.98
CA ASP L 5 54.66 0.72 29.82
C ASP L 5 54.02 1.53 30.96
N ASP L 6 54.55 2.71 31.28
CA ASP L 6 53.90 3.64 32.23
C ASP L 6 52.71 4.34 31.58
N ILE L 7 52.85 4.61 30.29
CA ILE L 7 51.94 5.43 29.51
C ILE L 7 50.86 4.64 28.76
N VAL L 8 51.15 3.39 28.37
CA VAL L 8 50.28 2.65 27.46
C VAL L 8 48.85 2.51 28.02
N GLY L 9 47.84 2.92 27.26
CA GLY L 9 46.43 2.79 27.70
C GLY L 9 45.91 3.88 28.67
N THR L 10 46.72 4.87 29.02
CA THR L 10 46.33 5.93 29.95
C THR L 10 45.64 7.11 29.27
N GLY L 11 45.92 7.34 27.99
CA GLY L 11 45.46 8.56 27.35
C GLY L 11 46.59 9.57 27.17
N LEU L 12 47.66 9.42 27.96
CA LEU L 12 48.79 10.38 27.90
C LEU L 12 49.47 10.44 26.54
N ALA L 13 49.46 9.33 25.81
CA ALA L 13 50.10 9.32 24.47
C ALA L 13 49.45 10.28 23.51
N ASN L 14 48.17 10.62 23.75
CA ASN L 14 47.49 11.69 22.96
C ASN L 14 47.63 13.10 23.55
N LYS L 15 48.32 13.22 24.69
CA LYS L 15 48.44 14.56 25.33
C LYS L 15 49.76 15.25 24.96
N CYS L 16 49.73 16.48 24.42
CA CYS L 16 50.96 17.31 24.31
C CYS L 16 51.60 17.64 25.66
N PRO L 17 52.95 17.67 25.71
CA PRO L 17 53.63 18.05 26.95
C PRO L 17 53.20 19.44 27.39
N THR L 18 53.19 19.65 28.70
CA THR L 18 52.83 20.92 29.30
C THR L 18 54.11 21.58 29.85
N LEU L 19 54.03 22.89 30.11
CA LEU L 19 55.11 23.60 30.80
C LEU L 19 54.67 24.04 32.20
N ASP L 20 55.59 24.05 33.16
CA ASP L 20 55.32 24.57 34.53
C ASP L 20 54.82 26.02 34.52
N ASP L 21 54.22 26.45 35.63
CA ASP L 21 53.78 27.86 35.75
C ASP L 21 54.94 28.87 35.85
N THR L 22 56.15 28.38 36.15
CA THR L 22 57.36 29.20 36.12
C THR L 22 57.85 29.50 34.70
N ALA L 23 57.47 28.65 33.74
CA ALA L 23 57.84 28.89 32.34
C ALA L 23 57.20 30.15 31.78
N ARG L 24 57.85 31.28 32.06
CA ARG L 24 57.36 32.60 31.63
C ARG L 24 58.53 33.40 31.07
N GLY L 25 59.53 32.69 30.57
CA GLY L 25 60.80 33.30 30.19
C GLY L 25 60.85 33.89 28.80
N ALA L 26 62.05 34.01 28.25
CA ALA L 26 62.23 34.60 26.93
C ALA L 26 63.31 33.83 26.23
N TYR L 27 63.05 33.44 24.99
CA TYR L 27 64.02 32.63 24.29
C TYR L 27 64.62 33.50 23.23
N PRO L 28 65.89 33.90 23.43
CA PRO L 28 66.49 34.88 22.56
C PRO L 28 66.74 34.34 21.14
N ILE L 29 66.55 35.20 20.16
CA ILE L 29 66.82 34.85 18.76
C ILE L 29 67.97 35.67 18.18
N ASP L 30 68.98 34.94 17.73
CA ASP L 30 70.12 35.51 17.08
C ASP L 30 69.91 35.44 15.57
N SER L 31 69.57 36.58 14.97
CA SER L 31 69.33 36.68 13.51
C SER L 31 70.46 36.12 12.64
N SER L 32 71.53 35.70 13.29
CA SER L 32 72.65 35.09 12.56
C SER L 32 72.64 33.55 12.66
N GLN L 33 71.93 33.00 13.65
CA GLN L 33 71.76 31.53 13.76
C GLN L 33 70.53 31.03 12.99
N THR L 34 70.61 29.82 12.44
CA THR L 34 69.43 29.20 11.86
C THR L 34 68.82 28.27 12.91
N TYR L 35 67.49 28.16 12.86
CA TYR L 35 66.78 27.37 13.85
C TYR L 35 65.82 26.40 13.19
N ARG L 36 65.40 25.42 13.98
CA ARG L 36 64.28 24.60 13.56
C ARG L 36 63.31 24.37 14.71
N ILE L 37 62.04 24.04 14.39
CA ILE L 37 61.17 23.43 15.40
C ILE L 37 61.45 21.95 15.28
N ALA L 38 61.85 21.35 16.37
CA ALA L 38 62.26 19.95 16.36
C ALA L 38 61.07 19.08 16.69
N ARG L 39 60.03 19.66 17.27
CA ARG L 39 58.84 18.92 17.64
C ARG L 39 57.69 19.89 17.87
N LEU L 40 56.72 19.91 16.97
CA LEU L 40 55.48 20.64 17.22
C LEU L 40 54.35 19.65 17.56
N CYS L 41 53.63 19.91 18.65
CA CYS L 41 52.54 19.04 19.09
C CYS L 41 51.25 19.88 19.22
N LEU L 42 50.16 19.40 18.62
CA LEU L 42 48.85 20.08 18.72
C LEU L 42 47.81 19.11 19.25
N GLN L 43 47.33 19.38 20.46
CA GLN L 43 46.26 18.58 21.07
C GLN L 43 44.91 19.29 21.09
N PRO L 44 43.94 18.81 20.29
CA PRO L 44 42.62 19.48 20.23
C PRO L 44 41.86 19.22 21.52
N THR L 45 41.15 20.24 22.01
CA THR L 45 40.34 20.11 23.21
C THR L 45 38.85 20.35 22.88
N THR L 46 38.61 21.06 21.77
CA THR L 46 37.24 21.30 21.29
C THR L 46 37.23 21.29 19.78
N PHE L 47 36.26 20.58 19.21
CA PHE L 47 35.90 20.70 17.79
C PHE L 47 34.55 21.40 17.61
N LEU L 48 34.51 22.50 16.87
CA LEU L 48 33.25 23.12 16.68
C LEU L 48 32.92 23.05 15.20
N VAL L 49 31.65 22.88 14.88
CA VAL L 49 31.19 22.91 13.49
C VAL L 49 30.18 24.06 13.32
N LYS L 50 30.39 24.82 12.25
CA LYS L 50 29.52 25.93 11.89
C LYS L 50 28.21 25.39 11.37
N GLU L 51 27.12 25.81 12.00
CA GLU L 51 25.81 25.36 11.54
C GLU L 51 25.49 25.99 10.16
N GLU L 52 24.70 25.30 9.35
CA GLU L 52 24.35 25.85 8.04
C GLU L 52 22.87 26.20 8.01
N PRO L 53 22.52 27.50 8.07
CA PRO L 53 21.12 27.84 8.29
C PRO L 53 20.30 27.73 7.00
N LYS L 54 18.98 27.73 7.13
CA LYS L 54 18.11 27.68 5.96
C LYS L 54 18.06 29.03 5.24
N ASN L 55 18.06 30.14 5.98
CA ASN L 55 18.20 31.48 5.35
C ASN L 55 19.53 32.12 5.69
N LYS L 56 20.16 32.70 4.68
CA LYS L 56 21.51 33.25 4.84
C LYS L 56 21.45 34.71 5.28
N ARG L 57 20.43 35.03 6.08
CA ARG L 57 20.34 36.31 6.78
C ARG L 57 20.55 36.09 8.28
N GLN L 58 20.31 34.86 8.73
CA GLN L 58 20.65 34.44 10.10
C GLN L 58 22.17 34.34 10.23
N GLU L 59 22.71 34.72 11.39
CA GLU L 59 24.15 34.55 11.66
C GLU L 59 24.45 33.09 12.04
N ALA L 60 25.32 32.43 11.27
CA ALA L 60 25.64 31.02 11.53
C ALA L 60 26.72 30.92 12.59
N GLU L 61 26.46 30.11 13.62
CA GLU L 61 27.42 29.95 14.71
C GLU L 61 28.14 28.62 14.66
N PHE L 62 29.32 28.61 15.26
CA PHE L 62 30.06 27.40 15.51
C PHE L 62 29.47 26.77 16.74
N VAL L 63 29.12 25.49 16.60
CA VAL L 63 28.44 24.77 17.65
C VAL L 63 29.29 23.60 18.10
N PRO L 64 29.19 23.20 19.40
CA PRO L 64 29.93 22.06 19.93
C PRO L 64 29.55 20.72 19.27
N THR L 65 30.53 19.82 19.25
CA THR L 65 30.33 18.51 18.71
C THR L 65 30.90 17.48 19.69
N LYS L 66 30.45 16.24 19.58
CA LYS L 66 30.96 15.13 20.43
C LYS L 66 31.94 14.31 19.58
N LEU L 67 33.10 14.03 20.16
CA LEU L 67 34.18 13.26 19.52
C LEU L 67 33.86 11.77 19.59
N VAL L 68 33.84 11.04 18.46
CA VAL L 68 33.50 9.61 18.55
C VAL L 68 34.62 8.65 18.16
N THR L 69 35.77 9.22 17.78
CA THR L 69 36.92 8.42 17.38
C THR L 69 38.01 8.28 18.46
N ARG L 70 37.70 8.67 19.70
CA ARG L 70 38.59 8.37 20.83
C ARG L 70 39.90 9.18 20.76
N GLU L 71 40.92 8.79 21.52
CA GLU L 71 42.09 9.65 21.73
CA GLU L 71 42.10 9.64 21.74
C GLU L 71 43.14 9.45 20.63
N THR L 72 42.77 9.84 19.41
CA THR L 72 43.52 9.56 18.17
C THR L 72 43.61 10.85 17.36
N THR L 73 43.56 11.98 18.06
CA THR L 73 43.33 13.29 17.45
C THR L 73 44.56 14.19 17.33
N SER L 74 45.60 13.96 18.14
CA SER L 74 46.68 14.95 18.29
C SER L 74 47.68 14.86 17.19
N LEU L 75 48.16 16.00 16.73
CA LEU L 75 49.24 16.05 15.74
C LEU L 75 50.55 16.18 16.49
N ASP L 76 51.59 15.46 16.07
CA ASP L 76 52.82 15.47 16.83
C ASP L 76 54.01 15.13 15.95
N GLN L 77 55.19 15.27 16.53
CA GLN L 77 56.49 15.06 15.89
C GLN L 77 56.61 15.82 14.65
N ILE L 78 55.97 16.98 14.60
CA ILE L 78 56.06 17.86 13.45
C ILE L 78 57.35 18.69 13.60
N GLN L 79 58.01 18.88 12.48
CA GLN L 79 59.25 19.65 12.45
C GLN L 79 59.43 20.33 11.12
N GLY L 80 60.34 21.30 11.13
CA GLY L 80 60.55 22.17 9.98
C GLY L 80 61.45 23.33 10.40
N GLU L 81 61.90 24.10 9.41
CA GLU L 81 62.84 25.19 9.63
C GLU L 81 62.09 26.35 10.28
N LEU L 82 62.74 26.99 11.25
CA LEU L 82 62.25 28.23 11.77
C LEU L 82 63.14 29.37 11.24
N LYS L 83 62.70 30.03 10.15
CA LYS L 83 63.46 31.14 9.54
C LYS L 83 63.36 32.46 10.30
N VAL L 84 64.46 33.20 10.35
CA VAL L 84 64.42 34.59 10.87
C VAL L 84 64.33 35.49 9.64
N ASN L 85 63.26 36.26 9.50
CA ASN L 85 63.07 37.06 8.27
C ASN L 85 63.72 38.44 8.33
N SER L 86 63.88 39.06 7.15
CA SER L 86 64.43 40.44 6.99
C SER L 86 64.01 41.38 8.10
N ASP L 87 62.70 41.43 8.39
CA ASP L 87 62.10 42.31 9.40
C ASP L 87 62.10 41.76 10.84
N GLY L 88 62.89 40.72 11.10
CA GLY L 88 62.90 40.11 12.43
C GLY L 88 61.68 39.25 12.80
N SER L 89 60.71 39.09 11.90
CA SER L 89 59.66 38.08 12.20
C SER L 89 60.25 36.68 12.03
N LEU L 90 59.63 35.70 12.67
CA LEU L 90 59.95 34.29 12.45
C LEU L 90 58.95 33.61 11.53
N THR L 91 59.43 32.71 10.68
CA THR L 91 58.53 31.84 9.90
C THR L 91 58.81 30.35 10.09
N PHE L 92 57.77 29.61 10.48
CA PHE L 92 57.86 28.16 10.54
C PHE L 92 57.40 27.62 9.20
N VAL L 93 58.23 26.77 8.60
CA VAL L 93 57.85 26.08 7.37
C VAL L 93 57.85 24.56 7.66
N GLU L 94 56.67 23.98 7.83
CA GLU L 94 56.57 22.52 8.11
C GLU L 94 57.21 21.66 7.02
N GLU L 95 58.10 20.75 7.41
CA GLU L 95 58.68 19.81 6.46
C GLU L 95 58.07 18.40 6.62
N ASP L 96 57.75 18.01 7.85
CA ASP L 96 57.34 16.63 8.12
C ASP L 96 56.76 16.43 9.50
N GLY L 97 56.21 15.23 9.73
CA GLY L 97 55.67 14.83 10.99
C GLY L 97 54.36 14.08 10.88
N ILE L 98 53.81 13.71 12.04
CA ILE L 98 52.47 13.16 12.07
C ILE L 98 51.49 14.35 12.04
N ASP L 99 51.17 14.78 10.83
CA ASP L 99 50.64 16.13 10.68
C ASP L 99 49.18 16.14 10.19
N PHE L 100 48.48 15.02 10.44
CA PHE L 100 47.04 14.88 10.12
C PHE L 100 46.50 13.76 11.01
N GLN L 101 45.19 13.82 11.32
CA GLN L 101 44.44 12.73 11.94
C GLN L 101 43.04 12.81 11.36
N PRO L 102 42.52 11.69 10.82
CA PRO L 102 41.10 11.69 10.45
C PRO L 102 40.33 11.78 11.76
N VAL L 103 39.31 12.65 11.85
CA VAL L 103 38.52 12.79 13.08
C VAL L 103 37.05 12.76 12.71
N THR L 104 36.25 12.07 13.51
CA THR L 104 34.79 12.19 13.39
C THR L 104 34.15 12.71 14.62
N VAL L 105 33.43 13.80 14.46
CA VAL L 105 32.64 14.36 15.52
C VAL L 105 31.15 14.27 15.12
N GLN L 106 30.29 14.37 16.12
CA GLN L 106 28.83 14.23 15.95
C GLN L 106 28.10 15.52 16.44
N MET L 107 27.26 16.10 15.59
CA MET L 107 26.35 17.20 15.97
C MET L 107 25.28 16.63 16.89
N ALA L 108 24.68 17.51 17.70
CA ALA L 108 23.42 17.18 18.40
C ALA L 108 22.45 16.70 17.31
N GLY L 109 21.76 15.59 17.57
CA GLY L 109 20.90 15.01 16.56
C GLY L 109 21.61 13.86 15.84
N GLY L 110 22.94 13.77 15.96
CA GLY L 110 23.68 12.59 15.43
C GLY L 110 24.38 12.65 14.08
N GLU L 111 24.27 13.78 13.39
CA GLU L 111 25.04 13.95 12.18
C GLU L 111 26.54 13.88 12.43
N ARG L 112 27.14 13.00 11.67
CA ARG L 112 28.57 12.73 11.82
C ARG L 112 29.31 13.56 10.84
N ILE L 113 30.37 14.20 11.34
CA ILE L 113 31.19 15.12 10.54
C ILE L 113 32.61 14.52 10.51
N PRO L 114 32.98 13.80 9.43
CA PRO L 114 34.41 13.40 9.35
C PRO L 114 35.25 14.59 8.90
N LEU L 115 36.44 14.76 9.47
CA LEU L 115 37.37 15.76 8.91
C LEU L 115 38.80 15.24 8.99
N LEU L 116 39.64 15.70 8.06
CA LEU L 116 41.05 15.42 8.17
C LEU L 116 41.73 16.53 8.97
N PHE L 117 41.77 16.39 10.29
CA PHE L 117 42.41 17.41 11.11
C PHE L 117 43.90 17.48 10.78
N THR L 118 44.42 18.65 10.40
CA THR L 118 45.75 18.71 9.81
C THR L 118 46.45 20.10 9.90
N VAL L 119 47.78 20.09 9.74
CA VAL L 119 48.54 21.31 9.43
C VAL L 119 49.56 21.02 8.35
N LYS L 120 49.22 20.15 7.39
CA LYS L 120 50.10 19.81 6.27
C LYS L 120 50.57 21.07 5.54
N ASN L 121 51.87 21.17 5.30
CA ASN L 121 52.45 22.28 4.54
C ASN L 121 52.23 23.63 5.20
N LEU L 122 52.14 23.64 6.53
CA LEU L 122 51.98 24.82 7.32
C LEU L 122 53.16 25.78 7.07
N VAL L 123 52.81 27.04 6.82
CA VAL L 123 53.74 28.18 6.80
C VAL L 123 53.10 29.17 7.74
N ALA L 124 53.70 29.30 8.92
CA ALA L 124 53.12 30.15 9.94
C ALA L 124 54.13 31.24 10.33
N SER L 125 53.68 32.48 10.49
CA SER L 125 54.59 33.57 10.90
C SER L 125 54.24 34.35 12.18
N THR L 126 55.27 34.97 12.78
CA THR L 126 55.12 35.85 13.96
C THR L 126 54.99 37.29 13.49
N GLN L 127 54.76 38.22 14.42
CA GLN L 127 54.86 39.69 14.13
C GLN L 127 56.36 40.05 13.94
N PRO L 128 56.67 41.20 13.29
CA PRO L 128 58.12 41.51 13.04
C PRO L 128 59.01 41.69 14.29
N ASN L 129 60.32 41.83 14.09
CA ASN L 129 61.29 42.12 15.17
C ASN L 129 61.07 41.28 16.42
N VAL L 130 61.33 39.97 16.30
CA VAL L 130 61.15 39.04 17.42
C VAL L 130 62.55 38.72 17.95
N THR L 131 63.06 39.56 18.83
CA THR L 131 64.44 39.42 19.32
C THR L 131 64.51 38.26 20.31
N SER L 132 63.34 37.96 20.86
CA SER L 132 63.15 36.83 21.76
C SER L 132 61.74 36.26 21.55
N ILE L 133 61.58 34.94 21.71
CA ILE L 133 60.24 34.40 21.77
C ILE L 133 59.71 34.57 23.19
N THR L 134 58.59 35.29 23.32
CA THR L 134 57.96 35.51 24.62
C THR L 134 56.48 35.10 24.63
N THR L 135 55.89 35.08 25.83
CA THR L 135 54.45 34.86 26.01
C THR L 135 53.60 35.89 25.31
N SER L 136 54.24 36.81 24.61
CA SER L 136 53.50 37.77 23.80
C SER L 136 53.66 37.44 22.33
N THR L 137 54.51 36.46 22.02
CA THR L 137 54.67 36.02 20.63
C THR L 137 53.46 35.21 20.11
N ASP L 138 53.08 35.43 18.86
CA ASP L 138 52.06 34.63 18.20
C ASP L 138 52.55 34.16 16.85
N PHE L 139 52.02 33.02 16.40
CA PHE L 139 52.18 32.60 15.01
C PHE L 139 50.83 32.58 14.32
N LYS L 140 50.80 33.02 13.08
CA LYS L 140 49.59 32.93 12.31
C LYS L 140 50.00 32.39 10.96
N GLY L 141 49.24 31.42 10.48
CA GLY L 141 49.55 30.84 9.22
C GLY L 141 48.44 30.08 8.53
N GLU L 142 48.80 29.55 7.37
CA GLU L 142 47.94 28.82 6.48
C GLU L 142 48.56 27.45 6.16
N PHE L 143 47.69 26.47 5.83
CA PHE L 143 48.12 25.12 5.50
C PHE L 143 47.21 24.51 4.43
N ASN L 144 47.62 23.36 3.87
CA ASN L 144 46.75 22.65 2.90
C ASN L 144 45.89 21.55 3.52
N VAL L 145 44.71 21.37 2.96
CA VAL L 145 43.80 20.34 3.43
C VAL L 145 43.46 19.55 2.16
N PRO L 146 44.10 18.39 1.97
CA PRO L 146 43.77 17.55 0.81
C PRO L 146 42.56 16.69 1.20
N SER L 147 41.95 16.08 0.20
CA SER L 147 40.82 15.20 0.41
C SER L 147 41.03 14.26 1.61
N TYR L 148 39.97 14.05 2.39
CA TYR L 148 39.98 13.20 3.57
C TYR L 148 40.26 11.74 3.16
N ARG L 149 39.73 11.34 2.02
CA ARG L 149 40.03 9.99 1.46
C ARG L 149 41.04 10.21 0.34
N THR L 150 42.04 9.34 0.17
CA THR L 150 43.01 9.57 -0.94
C THR L 150 42.49 8.89 -2.19
N ALA L 151 43.23 8.94 -3.30
CA ALA L 151 42.58 8.68 -4.59
C ALA L 151 42.09 7.23 -4.83
N ASN L 152 42.64 6.24 -4.09
CA ASN L 152 42.24 4.82 -4.34
C ASN L 152 40.91 4.48 -3.64
N PHE L 153 40.46 5.31 -2.70
CA PHE L 153 39.35 4.93 -1.82
C PHE L 153 38.08 4.55 -2.62
N LEU L 154 37.51 3.38 -2.36
CA LEU L 154 36.38 2.93 -3.14
C LEU L 154 35.12 3.11 -2.32
N ASP L 155 34.06 3.71 -2.90
CA ASP L 155 32.80 3.81 -2.12
C ASP L 155 32.15 2.41 -1.97
N PRO L 156 31.02 2.34 -1.24
CA PRO L 156 30.42 1.06 -0.97
C PRO L 156 29.90 0.30 -2.18
N LYS L 157 29.74 0.96 -3.34
CA LYS L 157 29.39 0.24 -4.59
C LYS L 157 30.63 0.09 -5.49
N GLY L 158 31.82 0.32 -4.97
CA GLY L 158 33.01 0.00 -5.71
C GLY L 158 33.54 1.12 -6.59
N ARG L 159 33.05 2.36 -6.42
CA ARG L 159 33.34 3.42 -7.40
C ARG L 159 34.46 4.24 -6.80
N GLY L 160 35.34 4.76 -7.66
CA GLY L 160 36.50 5.51 -7.14
C GLY L 160 37.13 6.43 -8.16
N LEU L 161 38.14 7.15 -7.72
CA LEU L 161 38.87 8.08 -8.59
C LEU L 161 40.01 7.38 -9.35
N ALA L 162 41.05 6.95 -8.61
CA ALA L 162 42.19 6.24 -9.20
C ALA L 162 41.96 4.72 -9.27
N SER L 163 40.83 4.24 -8.79
CA SER L 163 40.48 2.84 -8.98
C SER L 163 38.99 2.80 -8.96
N GLY L 164 38.40 1.62 -9.18
CA GLY L 164 36.95 1.45 -9.07
C GLY L 164 36.19 1.56 -10.38
N TYR L 165 34.89 1.24 -10.30
CA TYR L 165 33.93 1.37 -11.39
C TYR L 165 33.71 2.85 -11.65
N ASP L 166 33.29 3.21 -12.88
CA ASP L 166 32.94 4.60 -13.12
C ASP L 166 31.43 4.81 -13.28
N SER L 167 30.62 3.82 -12.92
CA SER L 167 29.19 3.99 -13.07
C SER L 167 28.52 3.25 -11.93
N ALA L 168 27.18 3.30 -11.91
CA ALA L 168 26.45 2.59 -10.88
C ALA L 168 26.05 1.28 -11.52
N ILE L 169 26.89 0.26 -11.35
CA ILE L 169 26.73 -0.97 -12.09
C ILE L 169 25.46 -1.78 -11.72
N ALA L 170 24.87 -1.53 -10.55
CA ALA L 170 23.63 -2.19 -10.11
C ALA L 170 22.40 -1.63 -10.84
N LEU L 171 22.57 -0.51 -11.54
CA LEU L 171 21.49 0.17 -12.27
C LEU L 171 21.92 0.23 -13.72
N PRO L 172 22.11 -0.94 -14.32
CA PRO L 172 22.72 -1.00 -15.63
C PRO L 172 22.09 -0.05 -16.66
N GLN L 173 20.78 0.19 -16.60
CA GLN L 173 20.17 1.06 -17.61
C GLN L 173 19.59 2.34 -17.05
N ALA L 174 19.99 2.75 -15.83
CA ALA L 174 19.50 4.05 -15.34
C ALA L 174 20.19 5.14 -16.15
N LYS L 175 19.57 6.32 -16.15
CA LYS L 175 20.17 7.53 -16.74
C LYS L 175 21.39 8.04 -15.95
N GLU L 176 22.46 8.41 -16.63
CA GLU L 176 23.73 8.74 -15.97
C GLU L 176 23.77 10.07 -15.25
N GLU L 177 23.06 11.06 -15.79
CA GLU L 177 23.29 12.47 -15.43
C GLU L 177 22.92 12.77 -14.00
N GLU L 178 21.78 12.28 -13.56
CA GLU L 178 21.38 12.43 -12.15
C GLU L 178 22.38 11.80 -11.16
N LEU L 179 23.20 10.85 -11.63
CA LEU L 179 24.15 10.20 -10.75
C LEU L 179 25.61 10.69 -10.89
N ALA L 180 25.81 11.69 -11.74
CA ALA L 180 27.17 12.16 -12.10
C ALA L 180 27.95 12.56 -10.85
N ARG L 181 27.28 13.22 -9.92
CA ARG L 181 27.96 13.68 -8.73
C ARG L 181 28.44 12.53 -7.89
N ALA L 182 27.67 11.44 -7.88
CA ALA L 182 28.03 10.24 -7.15
C ALA L 182 29.04 9.37 -7.87
N ASN L 183 28.96 9.32 -9.22
CA ASN L 183 29.82 8.47 -10.02
C ASN L 183 31.24 9.04 -10.29
N VAL L 184 31.35 10.37 -10.42
CA VAL L 184 32.61 10.99 -10.82
C VAL L 184 33.24 11.51 -9.52
N LYS L 185 34.18 10.77 -8.98
CA LYS L 185 34.87 11.16 -7.77
C LYS L 185 35.81 12.32 -8.06
N ARG L 186 35.92 13.22 -7.07
CA ARG L 186 36.74 14.40 -7.18
C ARG L 186 37.57 14.50 -5.92
N PHE L 187 38.73 15.15 -6.02
CA PHE L 187 39.71 15.17 -4.98
C PHE L 187 39.86 16.64 -4.61
N SER L 188 39.39 17.04 -3.44
CA SER L 188 39.55 18.45 -3.05
C SER L 188 40.94 18.77 -2.47
N LEU L 189 41.33 20.02 -2.69
CA LEU L 189 42.49 20.55 -1.98
C LEU L 189 42.14 21.98 -1.59
N THR L 190 42.00 22.23 -0.29
CA THR L 190 41.57 23.54 0.16
C THR L 190 42.58 24.12 1.14
N LYS L 191 42.40 25.37 1.57
CA LYS L 191 43.29 26.02 2.55
C LYS L 191 42.65 26.09 3.92
N GLY L 192 43.46 25.96 4.95
CA GLY L 192 43.02 26.19 6.30
C GLY L 192 43.93 27.25 6.92
N GLN L 193 43.53 27.76 8.08
CA GLN L 193 44.14 28.94 8.67
C GLN L 193 44.35 28.55 10.10
N ILE L 194 45.48 28.90 10.68
CA ILE L 194 45.74 28.60 12.10
C ILE L 194 46.43 29.77 12.84
N SER L 195 46.22 29.84 14.17
CA SER L 195 46.85 30.83 15.03
C SER L 195 47.32 30.12 16.25
N LEU L 196 48.55 30.42 16.65
CA LEU L 196 49.16 29.82 17.81
C LEU L 196 49.53 30.95 18.76
N ASN L 197 48.98 30.89 19.95
CA ASN L 197 49.17 31.94 20.91
C ASN L 197 50.08 31.38 21.98
N VAL L 198 51.33 31.83 22.02
CA VAL L 198 52.27 31.35 23.06
C VAL L 198 51.75 31.83 24.42
N ALA L 199 51.81 30.98 25.45
CA ALA L 199 51.45 31.39 26.79
C ALA L 199 52.54 31.01 27.80
N LYS L 200 53.47 30.17 27.37
CA LYS L 200 54.54 29.77 28.28
C LYS L 200 55.81 29.61 27.48
N VAL L 201 56.95 29.96 28.09
CA VAL L 201 58.25 29.82 27.43
C VAL L 201 59.28 29.44 28.50
N ASP L 202 60.10 28.44 28.19
CA ASP L 202 61.28 28.14 28.97
C ASP L 202 62.45 28.54 28.10
N GLY L 203 63.01 29.72 28.41
CA GLY L 203 64.17 30.30 27.69
C GLY L 203 65.42 29.48 27.84
N ARG L 204 65.55 28.80 28.97
CA ARG L 204 66.66 27.95 29.27
C ARG L 204 66.62 26.68 28.38
N THR L 205 65.43 26.33 27.85
CA THR L 205 65.27 25.06 27.12
C THR L 205 64.81 25.14 25.67
N GLY L 206 64.33 26.30 25.21
CA GLY L 206 63.73 26.42 23.86
C GLY L 206 62.28 25.92 23.71
N GLU L 207 61.74 25.40 24.79
CA GLU L 207 60.38 24.91 24.80
C GLU L 207 59.35 26.04 24.96
N ILE L 208 58.29 25.98 24.16
CA ILE L 208 57.16 26.87 24.29
C ILE L 208 55.86 26.04 24.37
N ALA L 209 54.78 26.65 24.84
CA ALA L 209 53.49 25.99 24.97
C ALA L 209 52.46 27.07 24.95
N GLY L 210 51.28 26.78 24.39
CA GLY L 210 50.16 27.71 24.45
C GLY L 210 48.83 27.16 23.94
N THR L 211 48.05 28.02 23.28
CA THR L 211 46.75 27.62 22.79
C THR L 211 46.75 27.84 21.28
N PHE L 212 45.92 27.10 20.56
CA PHE L 212 45.80 27.36 19.12
C PHE L 212 44.35 27.34 18.73
N GLU L 213 44.04 27.93 17.57
CA GLU L 213 42.74 27.76 16.98
C GLU L 213 42.97 27.69 15.49
N SER L 214 42.44 26.65 14.84
CA SER L 214 42.44 26.63 13.36
C SER L 214 41.07 26.47 12.78
N GLU L 215 40.98 26.74 11.48
CA GLU L 215 39.75 26.60 10.74
C GLU L 215 40.05 25.96 9.39
N GLN L 216 39.25 24.95 9.05
CA GLN L 216 39.40 24.23 7.80
C GLN L 216 38.08 23.60 7.50
N LEU L 217 37.96 23.17 6.25
CA LEU L 217 36.82 22.37 5.77
C LEU L 217 36.87 20.87 6.21
N SER L 218 35.69 20.26 6.31
CA SER L 218 35.60 18.88 6.69
C SER L 218 35.55 17.99 5.43
N ASP L 219 35.28 16.69 5.61
CA ASP L 219 35.23 15.77 4.47
C ASP L 219 34.10 16.07 3.47
N ASP L 220 34.43 16.15 2.20
CA ASP L 220 33.39 16.34 1.24
C ASP L 220 33.08 14.98 0.53
N ASP L 221 33.64 13.87 1.06
CA ASP L 221 33.32 12.51 0.53
C ASP L 221 33.59 12.47 -0.95
N MET L 222 34.81 12.92 -1.34
CA MET L 222 35.24 12.89 -2.74
C MET L 222 34.30 13.55 -3.70
N GLY L 223 33.73 14.66 -3.25
CA GLY L 223 32.96 15.53 -4.12
C GLY L 223 31.46 15.26 -3.96
N ALA L 224 31.08 14.26 -3.18
CA ALA L 224 29.65 13.82 -3.16
C ALA L 224 28.74 14.82 -2.45
N HIS L 225 29.28 15.56 -1.46
CA HIS L 225 28.52 16.60 -0.79
C HIS L 225 29.38 17.78 -0.37
N GLU L 226 28.76 18.84 0.12
CA GLU L 226 29.46 20.05 0.52
C GLU L 226 30.03 19.77 1.90
N PRO L 227 31.32 20.15 2.11
CA PRO L 227 32.00 20.06 3.38
C PRO L 227 31.42 21.11 4.31
N HIS L 228 31.63 20.92 5.60
CA HIS L 228 31.33 21.91 6.60
C HIS L 228 32.59 22.57 7.07
N GLU L 229 32.40 23.74 7.68
CA GLU L 229 33.47 24.51 8.28
C GLU L 229 33.66 24.07 9.70
N VAL L 230 34.91 23.75 10.00
CA VAL L 230 35.27 23.30 11.34
C VAL L 230 36.20 24.28 12.07
N LYS L 231 36.09 24.35 13.37
CA LYS L 231 36.99 25.19 14.13
C LYS L 231 37.55 24.31 15.18
N ILE L 232 38.87 24.17 15.17
CA ILE L 232 39.51 23.30 16.13
C ILE L 232 40.27 24.18 17.12
N GLN L 233 40.10 23.88 18.41
CA GLN L 233 40.82 24.61 19.48
C GLN L 233 41.51 23.58 20.28
N GLY L 234 42.71 23.93 20.76
CA GLY L 234 43.35 23.13 21.78
C GLY L 234 44.61 23.77 22.32
N VAL L 235 45.44 22.94 22.96
CA VAL L 235 46.74 23.34 23.43
C VAL L 235 47.81 22.87 22.45
N PHE L 236 48.94 23.58 22.42
CA PHE L 236 50.12 23.16 21.68
C PHE L 236 51.40 23.18 22.51
N TYR L 237 52.46 22.60 21.98
CA TYR L 237 53.80 22.60 22.59
C TYR L 237 54.77 22.54 21.42
N ALA L 238 55.90 23.22 21.57
CA ALA L 238 56.95 23.15 20.55
C ALA L 238 58.32 23.21 21.19
N SER L 239 59.27 22.50 20.58
CA SER L 239 60.63 22.59 21.03
C SER L 239 61.42 23.20 19.88
N ILE L 240 62.01 24.36 20.17
CA ILE L 240 62.88 25.04 19.20
C ILE L 240 64.35 24.71 19.48
N GLU L 241 65.12 24.57 18.40
CA GLU L 241 66.54 24.25 18.50
C GLU L 241 67.35 25.05 17.51
N PRO L 242 68.57 25.47 17.91
CA PRO L 242 69.56 25.93 16.93
C PRO L 242 69.81 24.75 16.01
N ALA L 243 69.95 24.94 14.70
CA ALA L 243 70.24 23.79 13.84
C ALA L 243 71.01 24.09 12.56
N GLU M 2 8.06 0.56 6.46
CA GLU M 2 8.81 -0.67 6.30
C GLU M 2 9.39 -1.10 7.65
N THR M 3 10.05 -0.21 8.39
CA THR M 3 10.56 -0.59 9.72
C THR M 3 9.43 -1.02 10.63
N ILE M 4 8.33 -0.28 10.57
CA ILE M 4 7.16 -0.54 11.41
C ILE M 4 6.64 -1.94 11.15
N THR M 5 6.52 -2.30 9.88
CA THR M 5 6.05 -3.61 9.51
C THR M 5 6.95 -4.71 10.03
N TYR M 6 8.27 -4.59 9.81
CA TYR M 6 9.19 -5.56 10.43
C TYR M 6 9.03 -5.65 11.94
N VAL M 7 8.97 -4.50 12.65
CA VAL M 7 8.91 -4.57 14.13
C VAL M 7 7.57 -5.15 14.53
N PHE M 8 6.51 -4.76 13.83
CA PHE M 8 5.17 -5.33 14.15
C PHE M 8 5.09 -6.85 13.99
N ILE M 9 5.65 -7.39 12.91
CA ILE M 9 5.64 -8.85 12.75
C ILE M 9 6.48 -9.47 13.86
N PHE M 10 7.64 -8.90 14.09
CA PHE M 10 8.47 -9.39 15.16
C PHE M 10 7.73 -9.39 16.53
N ALA M 11 7.13 -8.25 16.88
CA ALA M 11 6.40 -8.18 18.14
C ALA M 11 5.25 -9.25 18.24
N CYS M 12 4.55 -9.50 17.13
CA CYS M 12 3.51 -10.54 17.06
C CYS M 12 4.09 -11.93 17.37
N ILE M 13 5.25 -12.24 16.79
CA ILE M 13 5.94 -13.49 17.13
C ILE M 13 6.33 -13.56 18.63
N ILE M 14 6.79 -12.45 19.23
CA ILE M 14 7.24 -12.52 20.62
C ILE M 14 6.02 -12.81 21.56
N ALA M 15 4.94 -12.09 21.32
CA ALA M 15 3.65 -12.33 21.95
C ALA M 15 3.19 -13.74 21.70
N LEU M 16 3.31 -14.21 20.46
CA LEU M 16 2.93 -15.61 20.21
C LEU M 16 3.75 -16.61 21.02
N PHE M 17 5.05 -16.34 21.19
CA PHE M 17 5.89 -17.11 22.11
C PHE M 17 5.35 -17.17 23.54
N PHE M 18 4.94 -16.03 24.08
CA PHE M 18 4.50 -15.93 25.46
C PHE M 18 3.17 -16.72 25.66
N PHE M 19 2.24 -16.57 24.78
CA PHE M 19 1.03 -17.39 24.87
C PHE M 19 1.24 -18.88 24.67
N ALA M 20 2.13 -19.26 23.75
CA ALA M 20 2.39 -20.68 23.47
C ALA M 20 2.97 -21.36 24.67
N ILE M 21 3.72 -20.59 25.43
CA ILE M 21 4.35 -21.11 26.62
C ILE M 21 3.32 -21.05 27.77
N PHE M 22 2.82 -19.87 28.12
CA PHE M 22 2.15 -19.75 29.40
C PHE M 22 0.66 -20.10 29.27
N PHE M 23 0.13 -19.99 28.06
CA PHE M 23 -1.26 -20.35 27.85
C PHE M 23 -1.38 -21.44 26.80
N ARG M 24 -0.53 -22.44 26.96
CA ARG M 24 -0.58 -23.65 26.15
C ARG M 24 -1.77 -24.51 26.58
N GLU M 25 -2.14 -25.46 25.72
CA GLU M 25 -3.00 -26.58 26.08
C GLU M 25 -2.17 -27.38 27.13
N PRO M 26 -2.70 -27.52 28.36
CA PRO M 26 -1.83 -28.19 29.32
C PRO M 26 -1.71 -29.64 28.95
N PRO M 27 -0.51 -30.22 29.06
CA PRO M 27 -0.40 -31.66 28.80
C PRO M 27 -1.13 -32.49 29.90
N ARG M 28 -1.92 -33.50 29.52
CA ARG M 28 -2.69 -34.23 30.54
C ARG M 28 -2.24 -35.71 30.57
N ILE M 29 -1.75 -36.15 31.73
CA ILE M 29 -1.11 -37.48 31.87
C ILE M 29 -2.08 -38.63 31.68
N THR M 30 -3.39 -38.33 31.79
CA THR M 30 -4.44 -39.24 31.38
C THR M 30 -4.42 -39.45 29.87
N GLU N 1 30.43 20.63 -15.88
CA GLU N 1 30.40 19.13 -15.87
C GLU N 1 31.60 18.55 -15.10
N LEU N 2 31.35 17.47 -14.37
CA LEU N 2 32.33 16.84 -13.48
C LEU N 2 33.21 15.85 -14.23
N VAL N 3 34.49 15.82 -13.92
CA VAL N 3 35.44 15.03 -14.69
C VAL N 3 36.32 14.19 -13.75
N ASN N 4 36.58 12.92 -14.10
CA ASN N 4 37.55 12.14 -13.36
C ASN N 4 38.99 12.58 -13.76
N VAL N 5 39.75 13.23 -12.89
CA VAL N 5 41.03 13.86 -13.31
C VAL N 5 42.09 12.83 -13.70
N VAL N 6 42.01 11.64 -13.07
CA VAL N 6 42.94 10.54 -13.43
C VAL N 6 42.71 10.03 -14.87
N ASP N 7 41.46 9.76 -15.21
CA ASP N 7 41.17 9.35 -16.59
C ASP N 7 41.64 10.39 -17.59
N GLU N 8 41.40 11.65 -17.29
CA GLU N 8 41.89 12.75 -18.11
C GLU N 8 43.39 12.71 -18.31
N LYS N 9 44.14 12.61 -17.22
CA LYS N 9 45.59 12.47 -17.27
C LYS N 9 46.02 11.34 -18.22
N LEU N 10 45.26 10.24 -18.32
CA LEU N 10 45.64 9.16 -19.27
C LEU N 10 45.59 9.60 -20.73
N GLY N 11 44.93 10.72 -20.99
CA GLY N 11 44.90 11.30 -22.33
C GLY N 11 46.10 12.21 -22.62
N THR N 12 46.92 12.49 -21.62
CA THR N 12 48.05 13.40 -21.83
C THR N 12 49.31 12.56 -21.97
N ALA N 13 50.48 13.19 -21.98
CA ALA N 13 51.74 12.42 -22.11
C ALA N 13 51.95 11.46 -20.89
N TYR N 14 51.21 11.70 -19.80
CA TYR N 14 51.29 10.84 -18.60
C TYR N 14 50.86 9.40 -18.98
N GLY N 15 49.98 9.30 -19.98
CA GLY N 15 49.54 8.02 -20.49
C GLY N 15 50.50 7.29 -21.43
N GLU N 16 51.60 7.95 -21.80
CA GLU N 16 52.54 7.47 -22.81
C GLU N 16 53.90 7.25 -22.23
N LYS N 17 54.32 8.11 -21.31
CA LYS N 17 55.70 8.11 -20.87
C LYS N 17 55.70 8.23 -19.38
N ILE N 18 56.86 8.09 -18.75
CA ILE N 18 57.00 8.29 -17.30
C ILE N 18 56.99 9.78 -16.99
N ASP N 19 55.99 10.24 -16.26
CA ASP N 19 55.84 11.68 -16.00
C ASP N 19 56.57 12.06 -14.71
N LEU N 20 57.61 12.90 -14.83
CA LEU N 20 58.48 13.15 -13.67
C LEU N 20 57.77 13.88 -12.54
N ASN N 21 56.65 14.48 -12.91
CA ASN N 21 55.84 15.20 -11.94
C ASN N 21 54.77 14.38 -11.26
N ASN N 22 54.43 13.20 -11.80
CA ASN N 22 53.27 12.47 -11.24
C ASN N 22 53.36 10.95 -11.04
N THR N 23 54.05 10.29 -11.97
CA THR N 23 54.08 8.85 -12.05
C THR N 23 54.67 8.24 -10.78
N ASN N 24 54.00 7.21 -10.27
CA ASN N 24 54.52 6.45 -9.15
C ASN N 24 55.92 5.86 -9.49
N ILE N 25 56.74 5.74 -8.46
CA ILE N 25 58.16 5.46 -8.56
C ILE N 25 58.49 4.09 -9.15
N ALA N 26 57.60 3.10 -8.99
CA ALA N 26 57.83 1.74 -9.50
C ALA N 26 57.89 1.73 -11.01
N ALA N 27 57.34 2.72 -11.67
CA ALA N 27 57.41 2.79 -13.12
C ALA N 27 58.87 2.91 -13.65
N PHE N 28 59.80 3.38 -12.79
CA PHE N 28 61.22 3.64 -13.19
C PHE N 28 62.00 2.35 -13.40
N ILE N 29 61.48 1.26 -12.84
CA ILE N 29 62.00 -0.07 -13.04
C ILE N 29 61.96 -0.49 -14.52
N GLN N 30 61.21 0.23 -15.36
CA GLN N 30 61.07 -0.18 -16.75
C GLN N 30 62.27 0.12 -17.66
N TYR N 31 63.25 0.85 -17.12
CA TYR N 31 64.46 1.24 -17.87
C TYR N 31 65.68 0.99 -17.05
N ARG N 32 66.78 0.68 -17.74
CA ARG N 32 68.02 0.31 -17.09
C ARG N 32 68.52 1.47 -16.28
N GLY N 33 68.84 1.26 -15.01
CA GLY N 33 69.62 2.25 -14.27
C GLY N 33 68.90 3.30 -13.43
N LEU N 34 67.57 3.35 -13.55
CA LEU N 34 66.80 4.41 -12.88
C LEU N 34 66.43 4.11 -11.43
N TYR N 35 66.27 2.82 -11.11
CA TYR N 35 65.64 2.45 -9.84
C TYR N 35 66.63 1.62 -9.09
N PRO N 36 66.78 1.84 -7.79
CA PRO N 36 66.00 2.79 -6.96
C PRO N 36 66.58 4.21 -6.82
N THR N 37 67.87 4.38 -7.09
CA THR N 37 68.62 5.60 -6.67
C THR N 37 68.18 6.87 -7.41
N LEU N 38 68.18 6.84 -8.74
CA LEU N 38 67.68 8.00 -9.51
C LEU N 38 66.18 8.28 -9.33
N ALA N 39 65.39 7.20 -9.23
CA ALA N 39 63.92 7.30 -9.03
C ALA N 39 63.66 8.01 -7.72
N LYS N 40 64.32 7.57 -6.64
CA LYS N 40 64.18 8.28 -5.40
C LYS N 40 64.46 9.76 -5.62
N LEU N 41 65.58 10.06 -6.31
CA LEU N 41 65.99 11.45 -6.41
C LEU N 41 65.01 12.23 -7.30
N ILE N 42 64.58 11.62 -8.40
CA ILE N 42 63.65 12.31 -9.28
C ILE N 42 62.35 12.70 -8.54
N VAL N 43 61.81 11.76 -7.76
CA VAL N 43 60.54 12.01 -7.08
C VAL N 43 60.76 13.03 -5.98
N LYS N 44 61.86 12.94 -5.22
CA LYS N 44 62.09 13.87 -4.11
C LYS N 44 62.22 15.32 -4.57
N ASN N 45 62.73 15.52 -5.79
CA ASN N 45 63.05 16.86 -6.28
C ASN N 45 62.01 17.43 -7.29
N ALA N 46 60.86 16.77 -7.41
CA ALA N 46 59.80 17.20 -8.34
C ALA N 46 59.02 18.35 -7.72
N PRO N 47 58.28 19.12 -8.54
CA PRO N 47 58.03 19.04 -10.00
C PRO N 47 59.12 19.75 -10.80
N TYR N 48 59.05 19.60 -12.11
CA TYR N 48 60.07 19.98 -13.06
C TYR N 48 59.32 20.76 -14.12
N GLU N 49 59.93 21.83 -14.64
CA GLU N 49 59.30 22.65 -15.66
C GLU N 49 59.47 22.04 -17.01
N SER N 50 60.58 21.34 -17.19
CA SER N 50 60.80 20.57 -18.42
C SER N 50 61.53 19.29 -18.02
N VAL N 51 61.55 18.35 -18.94
CA VAL N 51 62.28 17.08 -18.74
C VAL N 51 63.78 17.23 -18.41
N GLU N 52 64.44 18.14 -19.14
CA GLU N 52 65.88 18.46 -18.96
C GLU N 52 66.22 18.89 -17.53
N ASP N 53 65.28 19.51 -16.82
CA ASP N 53 65.52 20.00 -15.45
C ASP N 53 65.92 18.91 -14.49
N VAL N 54 65.65 17.67 -14.86
CA VAL N 54 66.03 16.55 -14.02
C VAL N 54 67.55 16.47 -13.90
N LEU N 55 68.27 16.90 -14.95
CA LEU N 55 69.73 17.00 -14.90
C LEU N 55 70.29 17.97 -13.85
N ASN N 56 69.46 18.91 -13.34
CA ASN N 56 69.94 19.88 -12.35
C ASN N 56 69.73 19.50 -10.88
N ILE N 57 69.48 18.23 -10.61
CA ILE N 57 69.34 17.76 -9.24
C ILE N 57 70.72 17.81 -8.55
N PRO N 58 70.84 18.56 -7.44
CA PRO N 58 72.11 18.58 -6.69
C PRO N 58 72.69 17.19 -6.32
N GLY N 59 74.00 17.03 -6.51
CA GLY N 59 74.76 15.88 -5.97
C GLY N 59 74.93 14.66 -6.87
N LEU N 60 74.56 14.78 -8.14
CA LEU N 60 74.61 13.67 -9.08
C LEU N 60 76.02 13.33 -9.58
N THR N 61 76.47 12.08 -9.39
CA THR N 61 77.66 11.54 -10.06
C THR N 61 77.54 11.69 -11.57
N GLU N 62 78.67 11.63 -12.28
CA GLU N 62 78.65 11.80 -13.73
C GLU N 62 77.88 10.71 -14.48
N ARG N 63 78.02 9.46 -14.04
CA ARG N 63 77.30 8.36 -14.70
CA ARG N 63 77.32 8.33 -14.63
C ARG N 63 75.80 8.51 -14.41
N GLN N 64 75.45 8.95 -13.20
CA GLN N 64 74.05 9.30 -12.89
C GLN N 64 73.48 10.25 -13.91
N LYS N 65 74.21 11.33 -14.21
CA LYS N 65 73.77 12.33 -15.19
C LYS N 65 73.69 11.71 -16.57
N GLN N 66 74.66 10.84 -16.85
CA GLN N 66 74.63 10.18 -18.13
C GLN N 66 73.43 9.25 -18.28
N ILE N 67 73.10 8.52 -17.20
CA ILE N 67 71.89 7.64 -17.26
C ILE N 67 70.66 8.51 -17.50
N LEU N 68 70.52 9.61 -16.74
CA LEU N 68 69.43 10.56 -17.03
C LEU N 68 69.34 10.93 -18.49
N ARG N 69 70.46 11.39 -19.06
CA ARG N 69 70.52 11.79 -20.48
C ARG N 69 70.00 10.72 -21.45
N GLU N 70 70.47 9.50 -21.27
CA GLU N 70 70.05 8.39 -22.11
C GLU N 70 68.54 8.11 -22.01
N ASN N 71 67.93 8.45 -20.87
CA ASN N 71 66.50 8.15 -20.67
C ASN N 71 65.50 9.31 -20.82
N LEU N 72 65.98 10.50 -21.21
CA LEU N 72 65.10 11.67 -21.41
C LEU N 72 63.99 11.43 -22.46
N GLU N 73 64.29 10.70 -23.53
CA GLU N 73 63.23 10.40 -24.53
C GLU N 73 62.09 9.56 -23.93
N HIS N 74 62.32 8.96 -22.75
CA HIS N 74 61.30 8.16 -22.10
C HIS N 74 60.54 8.94 -21.06
N PHE N 75 60.98 10.18 -20.79
CA PHE N 75 60.31 11.00 -19.80
C PHE N 75 59.37 12.04 -20.41
N THR N 76 58.50 12.59 -19.56
CA THR N 76 57.68 13.74 -19.87
C THR N 76 57.42 14.47 -18.57
N VAL N 77 56.77 15.63 -18.69
CA VAL N 77 56.32 16.44 -17.55
C VAL N 77 54.93 16.95 -17.91
N THR N 78 54.01 16.92 -16.94
CA THR N 78 52.72 17.60 -17.06
C THR N 78 52.54 18.21 -15.68
N GLU N 79 51.50 19.00 -15.51
CA GLU N 79 51.17 19.63 -14.21
C GLU N 79 50.97 18.62 -13.11
N VAL N 80 51.45 18.96 -11.92
CA VAL N 80 51.24 18.13 -10.78
C VAL N 80 49.73 17.93 -10.68
N GLU N 81 49.31 16.67 -10.69
CA GLU N 81 47.95 16.27 -10.36
C GLU N 81 47.89 15.87 -8.88
N THR N 82 47.14 16.65 -8.11
CA THR N 82 47.05 16.46 -6.67
C THR N 82 46.65 15.01 -6.32
N ALA N 83 45.68 14.45 -7.06
CA ALA N 83 45.18 13.09 -6.77
C ALA N 83 46.25 11.97 -6.92
N LEU N 84 47.23 12.20 -7.81
CA LEU N 84 48.40 11.29 -7.97
C LEU N 84 49.51 11.52 -6.97
N VAL N 85 49.59 12.70 -6.38
CA VAL N 85 50.79 12.93 -5.55
C VAL N 85 50.55 12.97 -4.07
N GLU N 86 49.29 13.12 -3.65
CA GLU N 86 48.97 13.12 -2.23
C GLU N 86 49.06 11.69 -1.70
N GLY N 87 48.98 11.55 -0.38
CA GLY N 87 49.06 10.27 0.29
C GLY N 87 50.33 9.45 0.14
N GLY N 88 51.44 10.09 -0.25
CA GLY N 88 52.71 9.40 -0.47
C GLY N 88 52.56 8.43 -1.63
N ASP N 89 51.57 8.67 -2.51
CA ASP N 89 51.19 7.70 -3.48
C ASP N 89 52.31 7.53 -4.51
N ARG N 90 53.20 8.51 -4.61
CA ARG N 90 54.34 8.35 -5.56
C ARG N 90 55.31 7.28 -5.10
N TYR N 91 55.43 7.13 -3.78
CA TYR N 91 56.18 6.09 -3.12
C TYR N 91 55.55 4.69 -3.02
N ASN N 92 54.25 4.65 -2.72
CA ASN N 92 53.47 3.41 -2.66
C ASN N 92 52.02 3.78 -3.10
N ASN N 93 51.63 3.38 -4.32
CA ASN N 93 50.30 3.71 -4.79
C ASN N 93 49.20 2.62 -4.56
N GLY N 94 49.45 1.68 -3.65
CA GLY N 94 48.52 0.59 -3.34
C GLY N 94 48.44 -0.57 -4.32
N LEU N 95 49.20 -0.50 -5.44
CA LEU N 95 49.34 -1.62 -6.40
C LEU N 95 50.59 -2.43 -6.11
N TYR N 96 50.44 -3.74 -5.98
CA TYR N 96 51.58 -4.64 -5.94
C TYR N 96 51.48 -5.48 -7.21
N LYS N 97 51.76 -6.78 -7.17
CA LYS N 97 51.42 -7.65 -8.31
C LYS N 97 49.90 -7.84 -8.40
N ALA O 1 53.80 -32.30 -24.55
CA ALA O 1 54.99 -31.36 -24.48
C ALA O 1 55.98 -32.02 -23.53
N GLU O 2 57.26 -31.66 -23.63
CA GLU O 2 58.28 -32.24 -22.79
C GLU O 2 59.27 -31.20 -22.34
N LEU O 3 59.92 -31.48 -21.21
CA LEU O 3 61.10 -30.73 -20.78
C LEU O 3 62.31 -31.20 -21.60
N THR O 4 62.53 -30.55 -22.73
CA THR O 4 63.54 -30.96 -23.70
C THR O 4 64.85 -30.21 -23.55
N PRO O 5 65.91 -30.68 -24.26
CA PRO O 5 67.18 -29.94 -24.28
C PRO O 5 67.05 -28.49 -24.73
N GLU O 6 66.22 -28.21 -25.74
CA GLU O 6 65.97 -26.80 -26.10
C GLU O 6 65.45 -25.94 -24.91
N VAL O 7 64.41 -26.41 -24.22
CA VAL O 7 63.84 -25.69 -23.05
C VAL O 7 64.94 -25.46 -22.03
N LEU O 8 65.78 -26.47 -21.82
CA LEU O 8 66.85 -26.37 -20.83
C LEU O 8 68.11 -25.64 -21.29
N THR O 9 68.08 -25.08 -22.50
CA THR O 9 69.25 -24.31 -22.97
C THR O 9 69.05 -22.82 -22.65
N VAL O 10 69.96 -22.26 -21.83
CA VAL O 10 69.80 -20.88 -21.35
C VAL O 10 71.11 -20.08 -21.50
N PRO O 11 71.01 -18.72 -21.56
CA PRO O 11 72.22 -17.88 -21.67
C PRO O 11 73.13 -18.06 -20.47
N LEU O 12 74.39 -18.37 -20.75
CA LEU O 12 75.41 -18.51 -19.76
C LEU O 12 75.91 -17.15 -19.32
N ASN O 13 76.11 -16.27 -20.29
CA ASN O 13 76.77 -15.02 -19.98
C ASN O 13 76.18 -13.90 -20.78
N SER O 14 76.69 -12.70 -20.57
CA SER O 14 76.18 -11.52 -21.27
C SER O 14 76.50 -11.51 -22.76
N GLU O 15 77.37 -12.39 -23.21
CA GLU O 15 77.90 -12.25 -24.56
C GLU O 15 77.26 -13.19 -25.54
N GLY O 16 76.10 -13.74 -25.19
CA GLY O 16 75.43 -14.68 -26.10
C GLY O 16 75.78 -16.17 -25.97
N LYS O 17 76.69 -16.55 -25.07
CA LYS O 17 77.00 -17.97 -24.93
C LYS O 17 75.86 -18.66 -24.16
N THR O 18 75.42 -19.82 -24.65
CA THR O 18 74.44 -20.67 -23.95
C THR O 18 75.06 -21.88 -23.27
N ILE O 19 74.26 -22.51 -22.43
CA ILE O 19 74.62 -23.67 -21.70
C ILE O 19 73.36 -24.53 -21.64
N THR O 20 73.51 -25.83 -21.81
CA THR O 20 72.37 -26.70 -21.77
C THR O 20 72.38 -27.41 -20.41
N LEU O 21 71.28 -27.31 -19.67
CA LEU O 21 71.31 -27.90 -18.35
C LEU O 21 70.78 -29.32 -18.49
N THR O 22 71.18 -30.19 -17.57
CA THR O 22 70.57 -31.51 -17.57
C THR O 22 69.25 -31.45 -16.82
N GLU O 23 68.39 -32.42 -17.09
CA GLU O 23 67.16 -32.52 -16.36
C GLU O 23 67.46 -32.57 -14.84
N LYS O 24 68.60 -33.16 -14.46
CA LYS O 24 68.96 -33.33 -13.03
C LYS O 24 69.28 -31.97 -12.38
N GLN O 25 69.98 -31.12 -13.12
CA GLN O 25 70.27 -29.78 -12.64
C GLN O 25 68.98 -28.98 -12.51
N TYR O 26 68.07 -29.15 -13.44
CA TYR O 26 66.82 -28.42 -13.39
C TYR O 26 66.09 -28.72 -12.07
N LEU O 27 65.93 -30.01 -11.80
CA LEU O 27 65.28 -30.53 -10.61
C LEU O 27 66.03 -30.11 -9.37
N GLU O 28 67.35 -30.15 -9.45
CA GLU O 28 68.16 -29.67 -8.36
C GLU O 28 67.85 -28.20 -8.12
N GLY O 29 67.76 -27.44 -9.21
CA GLY O 29 67.54 -25.99 -9.13
C GLY O 29 66.19 -25.66 -8.50
N LYS O 30 65.19 -26.44 -8.89
CA LYS O 30 63.88 -26.24 -8.36
C LYS O 30 63.90 -26.55 -6.84
N ARG O 31 64.53 -27.68 -6.46
CA ARG O 31 64.65 -28.07 -5.05
C ARG O 31 65.34 -27.01 -4.20
N LEU O 32 66.49 -26.54 -4.66
CA LEU O 32 67.28 -25.60 -3.89
C LEU O 32 66.65 -24.21 -3.85
N PHE O 33 65.93 -23.86 -4.91
CA PHE O 33 65.17 -22.61 -4.97
C PHE O 33 64.04 -22.68 -3.88
N GLN O 34 63.44 -23.86 -3.73
CA GLN O 34 62.45 -24.02 -2.68
C GLN O 34 63.12 -23.94 -1.32
N TYR O 35 64.30 -24.54 -1.20
CA TYR O 35 64.97 -24.65 0.08
C TYR O 35 65.37 -23.26 0.55
N ALA O 36 65.82 -22.39 -0.35
CA ALA O 36 66.50 -21.15 0.08
C ALA O 36 65.82 -19.84 -0.36
N CYS O 37 64.92 -19.91 -1.34
CA CYS O 37 64.42 -18.71 -2.01
C CYS O 37 62.91 -18.56 -2.08
N ALA O 38 62.15 -19.65 -2.12
CA ALA O 38 60.73 -19.55 -2.46
C ALA O 38 59.90 -18.83 -1.37
N SER O 39 60.37 -18.87 -0.11
CA SER O 39 59.65 -18.14 0.93
C SER O 39 59.39 -16.66 0.55
N CYS O 40 60.25 -16.07 -0.30
CA CYS O 40 60.01 -14.72 -0.78
C CYS O 40 59.71 -14.68 -2.29
N HIS O 41 60.20 -15.67 -3.05
CA HIS O 41 60.08 -15.64 -4.54
C HIS O 41 59.23 -16.73 -5.13
N VAL O 42 58.34 -17.34 -4.34
CA VAL O 42 57.43 -18.34 -4.89
C VAL O 42 56.86 -17.81 -6.19
N GLY O 43 56.86 -18.63 -7.25
CA GLY O 43 56.24 -18.14 -8.49
C GLY O 43 56.95 -17.05 -9.27
N GLY O 44 58.20 -16.70 -8.91
CA GLY O 44 58.87 -15.61 -9.66
C GLY O 44 58.54 -14.15 -9.21
N ILE O 45 57.82 -13.97 -8.08
CA ILE O 45 57.50 -12.63 -7.56
C ILE O 45 58.41 -12.36 -6.36
N THR O 46 58.21 -11.25 -5.64
CA THR O 46 59.02 -11.05 -4.44
C THR O 46 58.09 -10.53 -3.35
N LYS O 47 57.83 -11.37 -2.35
CA LYS O 47 56.88 -11.00 -1.32
C LYS O 47 57.18 -9.69 -0.60
N THR O 48 58.46 -9.44 -0.35
CA THR O 48 58.86 -8.30 0.49
C THR O 48 59.18 -7.06 -0.33
N ASN O 49 59.10 -7.19 -1.65
CA ASN O 49 59.25 -6.07 -2.55
C ASN O 49 58.66 -6.35 -3.95
N PRO O 50 57.34 -6.25 -4.09
CA PRO O 50 56.67 -6.76 -5.29
C PRO O 50 57.00 -6.03 -6.57
N SER O 51 57.61 -4.86 -6.46
CA SER O 51 58.11 -4.14 -7.62
C SER O 51 59.14 -4.92 -8.41
N LEU O 52 59.91 -5.79 -7.76
CA LEU O 52 60.97 -6.51 -8.44
C LEU O 52 60.58 -7.97 -8.60
N ASP O 53 60.57 -8.46 -9.83
CA ASP O 53 60.27 -9.87 -9.99
C ASP O 53 61.44 -10.67 -10.63
N LEU O 54 61.28 -11.99 -10.80
CA LEU O 54 62.34 -12.79 -11.42
C LEU O 54 62.06 -13.04 -12.89
N ARG O 55 61.28 -12.18 -13.53
CA ARG O 55 61.06 -12.36 -14.98
C ARG O 55 62.34 -12.11 -15.78
N THR O 56 62.52 -12.85 -16.85
CA THR O 56 63.73 -12.74 -17.66
C THR O 56 63.95 -11.28 -18.15
N GLU O 57 62.90 -10.68 -18.71
CA GLU O 57 62.93 -9.29 -19.15
C GLU O 57 63.32 -8.33 -18.00
N THR O 58 62.82 -8.58 -16.79
CA THR O 58 63.23 -7.72 -15.66
C THR O 58 64.72 -7.90 -15.38
N LEU O 59 65.15 -9.16 -15.28
CA LEU O 59 66.53 -9.49 -15.00
C LEU O 59 67.51 -8.84 -16.04
N ALA O 60 67.09 -8.79 -17.30
CA ALA O 60 67.87 -8.25 -18.39
C ALA O 60 68.12 -6.76 -18.19
N LEU O 61 67.20 -6.07 -17.51
CA LEU O 61 67.34 -4.63 -17.38
C LEU O 61 67.93 -4.29 -16.01
N ALA O 62 68.21 -5.30 -15.17
CA ALA O 62 68.99 -5.00 -13.96
C ALA O 62 70.41 -4.54 -14.41
N THR O 63 71.17 -4.02 -13.44
CA THR O 63 72.55 -3.59 -13.62
C THR O 63 73.33 -4.23 -12.48
N PRO O 64 74.33 -5.07 -12.81
CA PRO O 64 74.59 -5.63 -14.18
C PRO O 64 73.48 -6.55 -14.57
N PRO O 65 73.40 -6.92 -15.87
CA PRO O 65 72.33 -7.77 -16.37
C PRO O 65 72.30 -9.10 -15.61
N ARG O 66 71.10 -9.52 -15.20
CA ARG O 66 71.00 -10.71 -14.36
C ARG O 66 70.29 -11.80 -15.14
N ASP O 67 70.05 -11.53 -16.44
CA ASP O 67 69.34 -12.49 -17.30
C ASP O 67 70.27 -13.58 -17.87
N ASN O 68 71.21 -14.06 -17.06
CA ASN O 68 72.11 -15.13 -17.51
C ASN O 68 72.73 -15.79 -16.29
N ILE O 69 73.27 -17.00 -16.46
CA ILE O 69 73.86 -17.74 -15.33
C ILE O 69 74.84 -16.92 -14.52
N GLU O 70 75.77 -16.30 -15.23
CA GLU O 70 76.85 -15.61 -14.53
C GLU O 70 76.30 -14.50 -13.67
N GLY O 71 75.41 -13.70 -14.26
CA GLY O 71 74.72 -12.61 -13.53
C GLY O 71 74.00 -13.11 -12.26
N LEU O 72 73.24 -14.19 -12.39
CA LEU O 72 72.52 -14.78 -11.24
C LEU O 72 73.43 -15.36 -10.17
N VAL O 73 74.46 -16.09 -10.62
CA VAL O 73 75.47 -16.62 -9.68
C VAL O 73 76.08 -15.50 -8.86
N ASP O 74 76.45 -14.40 -9.54
CA ASP O 74 77.07 -13.23 -8.88
C ASP O 74 76.07 -12.53 -7.92
N TYR O 75 74.81 -12.43 -8.36
CA TYR O 75 73.73 -11.94 -7.48
C TYR O 75 73.69 -12.73 -6.18
N MET O 76 73.74 -14.05 -6.31
CA MET O 76 73.69 -14.95 -5.18
C MET O 76 74.94 -14.87 -4.35
N LYS O 77 76.01 -14.26 -4.88
CA LYS O 77 77.20 -14.06 -4.03
C LYS O 77 77.22 -12.68 -3.36
N ASN O 78 76.76 -11.69 -4.09
CA ASN O 78 76.98 -10.31 -3.69
C ASN O 78 75.80 -9.51 -4.30
N PRO O 79 74.59 -9.71 -3.73
CA PRO O 79 73.38 -9.06 -4.29
C PRO O 79 73.43 -7.52 -4.24
N THR O 80 72.93 -6.90 -5.31
CA THR O 80 72.79 -5.44 -5.38
C THR O 80 71.33 -4.99 -5.59
N THR O 81 71.08 -3.68 -5.40
CA THR O 81 69.82 -3.06 -5.85
C THR O 81 69.80 -3.16 -7.35
N TYR O 82 68.68 -2.78 -7.93
CA TYR O 82 68.41 -3.05 -9.28
C TYR O 82 69.29 -2.22 -10.22
N ASP O 83 69.75 -1.06 -9.73
CA ASP O 83 70.63 -0.19 -10.49
C ASP O 83 72.12 -0.51 -10.24
N GLY O 84 72.38 -1.64 -9.59
CA GLY O 84 73.72 -2.01 -9.09
C GLY O 84 74.42 -1.05 -8.17
N GLU O 85 73.73 -0.01 -7.67
CA GLU O 85 74.36 1.03 -6.83
C GLU O 85 74.66 0.61 -5.43
N GLN O 86 73.95 -0.37 -4.93
CA GLN O 86 74.12 -0.68 -3.52
C GLN O 86 74.20 -2.18 -3.29
N GLU O 87 75.02 -2.58 -2.32
CA GLU O 87 75.21 -3.96 -1.95
C GLU O 87 74.32 -4.30 -0.78
N ILE O 88 73.43 -5.27 -1.00
CA ILE O 88 72.36 -5.50 -0.04
C ILE O 88 72.50 -6.83 0.67
N ALA O 89 73.74 -7.34 0.72
CA ALA O 89 74.05 -8.59 1.38
C ALA O 89 73.50 -8.66 2.79
N GLU O 90 73.47 -7.52 3.45
CA GLU O 90 73.02 -7.48 4.84
C GLU O 90 71.50 -7.79 5.05
N VAL O 91 70.69 -7.64 4.00
CA VAL O 91 69.26 -7.89 4.09
C VAL O 91 68.75 -8.83 2.97
N HIS O 92 69.66 -9.35 2.13
CA HIS O 92 69.29 -10.35 1.13
C HIS O 92 70.23 -11.53 1.13
N PRO O 93 69.69 -12.76 1.17
CA PRO O 93 70.63 -13.88 1.36
C PRO O 93 71.65 -14.00 0.25
N SER O 94 72.89 -14.32 0.61
CA SER O 94 73.97 -14.52 -0.38
C SER O 94 75.07 -15.33 0.26
N LEU O 95 76.04 -15.77 -0.54
CA LEU O 95 77.19 -16.49 0.07
C LEU O 95 77.98 -15.58 1.00
N ARG O 96 78.02 -14.31 0.64
CA ARG O 96 78.67 -13.30 1.50
C ARG O 96 78.06 -13.10 2.90
N SER O 97 76.77 -13.36 3.03
CA SER O 97 76.13 -13.21 4.34
C SER O 97 75.47 -14.50 4.76
N ALA O 98 76.15 -15.59 4.44
CA ALA O 98 75.86 -16.90 5.05
C ALA O 98 75.93 -16.92 6.59
N ASP O 99 76.65 -16.00 7.23
CA ASP O 99 76.61 -16.00 8.71
C ASP O 99 75.17 -15.68 9.20
N ILE O 100 74.46 -14.75 8.54
CA ILE O 100 73.15 -14.30 9.00
C ILE O 100 71.98 -14.89 8.24
N PHE O 101 72.28 -15.46 7.06
CA PHE O 101 71.32 -16.22 6.30
C PHE O 101 71.78 -17.70 6.22
N PRO O 102 71.63 -18.44 7.35
CA PRO O 102 72.27 -19.74 7.54
C PRO O 102 71.94 -20.78 6.48
N LYS O 103 70.83 -20.65 5.76
CA LYS O 103 70.57 -21.63 4.69
C LYS O 103 71.55 -21.49 3.53
N MET O 104 72.27 -20.37 3.51
CA MET O 104 73.25 -20.09 2.45
C MET O 104 74.56 -20.84 2.72
N ARG O 105 74.77 -21.34 3.95
CA ARG O 105 76.05 -21.91 4.41
C ARG O 105 76.56 -23.17 3.69
N ASN O 106 75.63 -23.97 3.16
CA ASN O 106 76.06 -25.14 2.47
C ASN O 106 75.62 -25.18 1.01
N LEU O 107 75.44 -24.00 0.43
CA LEU O 107 75.24 -23.92 -0.99
C LEU O 107 76.61 -23.87 -1.69
N THR O 108 76.84 -24.85 -2.57
CA THR O 108 78.07 -24.91 -3.36
C THR O 108 77.90 -24.07 -4.62
N GLU O 109 79.00 -23.74 -5.28
CA GLU O 109 78.96 -23.09 -6.59
C GLU O 109 78.02 -23.80 -7.53
N LYS O 110 78.04 -25.11 -7.48
CA LYS O 110 77.21 -25.89 -8.37
C LYS O 110 75.70 -25.70 -8.05
N ASP O 111 75.40 -25.53 -6.77
CA ASP O 111 74.04 -25.27 -6.28
C ASP O 111 73.58 -23.93 -6.83
N LEU O 112 74.47 -22.94 -6.76
CA LEU O 112 74.12 -21.59 -7.25
C LEU O 112 73.82 -21.68 -8.74
N VAL O 113 74.56 -22.51 -9.48
CA VAL O 113 74.31 -22.59 -10.91
C VAL O 113 72.95 -23.22 -11.13
N ALA O 114 72.61 -24.22 -10.29
CA ALA O 114 71.34 -24.93 -10.47
C ALA O 114 70.13 -23.99 -10.27
N ILE O 115 70.18 -23.19 -9.20
CA ILE O 115 69.16 -22.18 -8.90
C ILE O 115 69.08 -21.17 -10.00
N ALA O 116 70.21 -20.66 -10.48
CA ALA O 116 70.17 -19.73 -11.60
C ALA O 116 69.48 -20.40 -12.76
N GLY O 117 69.76 -21.69 -12.92
CA GLY O 117 69.20 -22.43 -14.02
C GLY O 117 67.69 -22.51 -13.88
N HIS O 118 67.21 -22.74 -12.65
CA HIS O 118 65.76 -22.81 -12.41
C HIS O 118 65.08 -21.51 -12.78
N ILE O 119 65.68 -20.41 -12.34
CA ILE O 119 65.11 -19.09 -12.54
C ILE O 119 65.03 -18.77 -14.01
N LEU O 120 66.03 -19.18 -14.78
CA LEU O 120 65.98 -18.91 -16.24
C LEU O 120 65.08 -19.87 -16.99
N VAL O 121 64.98 -21.12 -16.54
CA VAL O 121 64.10 -22.06 -17.22
C VAL O 121 62.58 -21.87 -16.95
N GLU O 122 62.19 -21.62 -15.70
CA GLU O 122 60.71 -21.56 -15.38
C GLU O 122 59.87 -20.70 -16.32
N PRO O 123 60.33 -19.45 -16.63
CA PRO O 123 59.47 -18.64 -17.53
C PRO O 123 59.35 -19.18 -18.95
N LYS O 124 60.31 -20.00 -19.35
CA LYS O 124 60.28 -20.67 -20.66
C LYS O 124 59.18 -21.71 -20.68
N ILE O 125 58.91 -22.32 -19.53
CA ILE O 125 57.79 -23.23 -19.35
C ILE O 125 56.48 -22.45 -19.05
N LEU O 126 56.47 -21.67 -17.96
CA LEU O 126 55.27 -21.00 -17.45
C LEU O 126 54.87 -19.70 -18.17
N GLY O 127 55.75 -19.11 -18.97
CA GLY O 127 55.44 -17.81 -19.64
C GLY O 127 55.16 -16.69 -18.66
N ASP O 128 54.23 -15.80 -19.02
CA ASP O 128 53.84 -14.68 -18.14
C ASP O 128 53.41 -15.12 -16.72
N LYS O 129 52.97 -16.35 -16.53
CA LYS O 129 52.64 -16.81 -15.18
CA LYS O 129 52.66 -16.86 -15.18
C LYS O 129 53.86 -16.70 -14.23
N TRP O 130 55.07 -16.90 -14.75
CA TRP O 130 56.26 -16.73 -13.94
C TRP O 130 56.40 -15.27 -13.64
N GLY O 131 56.54 -14.90 -12.36
CA GLY O 131 56.55 -13.48 -11.96
C GLY O 131 55.25 -12.72 -12.11
N GLY O 132 54.18 -13.45 -12.41
CA GLY O 132 52.88 -12.81 -12.62
C GLY O 132 52.04 -12.56 -11.37
N GLY O 133 52.29 -13.31 -10.31
CA GLY O 133 51.48 -13.21 -9.10
C GLY O 133 50.05 -13.74 -9.32
N LYS O 134 49.19 -13.46 -8.35
CA LYS O 134 47.86 -14.07 -8.26
C LYS O 134 46.96 -13.96 -9.48
N VAL O 135 47.00 -12.85 -10.21
CA VAL O 135 46.31 -12.73 -11.52
C VAL O 135 46.46 -14.00 -12.36
N TYR O 136 47.61 -14.67 -12.27
CA TYR O 136 47.92 -15.76 -13.13
C TYR O 136 47.79 -17.11 -12.47
N TYR O 137 47.37 -17.17 -11.21
CA TYR O 137 47.23 -18.47 -10.57
C TYR O 137 46.26 -19.36 -11.35
N VAL P 1 64.28 -47.23 2.61
CA VAL P 1 62.80 -47.39 2.37
C VAL P 1 62.35 -48.84 2.56
N ILE P 2 63.15 -49.77 2.00
CA ILE P 2 62.98 -51.21 2.23
C ILE P 2 63.27 -51.51 3.71
N ALA P 3 64.27 -50.82 4.26
CA ALA P 3 64.56 -50.94 5.68
C ALA P 3 63.39 -50.44 6.51
N GLN P 4 62.82 -49.29 6.13
CA GLN P 4 61.67 -48.72 6.84
C GLN P 4 60.44 -49.65 6.84
N LEU P 5 60.11 -50.18 5.66
CA LEU P 5 58.94 -51.07 5.47
C LEU P 5 59.06 -52.42 6.21
N THR P 6 60.29 -52.94 6.25
CA THR P 6 60.61 -54.12 7.00
C THR P 6 60.48 -53.85 8.51
N MET P 7 61.10 -52.77 8.98
CA MET P 7 60.99 -52.39 10.38
C MET P 7 59.50 -52.29 10.76
N ILE P 8 58.72 -51.55 9.98
CA ILE P 8 57.32 -51.35 10.33
C ILE P 8 56.52 -52.66 10.19
N ALA P 9 56.98 -53.57 9.33
CA ALA P 9 56.35 -54.89 9.23
C ALA P 9 56.59 -55.73 10.50
N MET P 10 57.82 -55.77 10.99
CA MET P 10 58.16 -56.52 12.23
C MET P 10 57.48 -55.97 13.50
N ILE P 11 57.50 -54.63 13.63
CA ILE P 11 56.79 -53.95 14.72
C ILE P 11 55.28 -54.16 14.55
N GLY P 12 54.76 -54.01 13.34
CA GLY P 12 53.32 -54.20 13.06
C GLY P 12 52.81 -55.58 13.48
N ILE P 13 53.64 -56.60 13.29
CA ILE P 13 53.23 -57.99 13.51
C ILE P 13 53.38 -58.34 14.99
N ALA P 14 54.31 -57.69 15.69
CA ALA P 14 54.50 -57.99 17.12
C ALA P 14 53.20 -58.00 17.92
N GLY P 15 52.33 -57.01 17.72
CA GLY P 15 51.02 -56.99 18.39
C GLY P 15 50.15 -58.21 18.19
N PRO P 16 49.68 -58.46 16.93
CA PRO P 16 48.81 -59.61 16.67
C PRO P 16 49.51 -60.93 17.02
N MET P 17 50.80 -61.02 16.70
CA MET P 17 51.59 -62.20 17.06
C MET P 17 51.37 -62.59 18.51
N ILE P 18 51.56 -61.64 19.42
CA ILE P 18 51.31 -61.89 20.84
C ILE P 18 49.91 -62.52 21.04
N ILE P 19 48.91 -61.92 20.41
CA ILE P 19 47.52 -62.34 20.65
C ILE P 19 47.38 -63.79 20.21
N PHE P 20 47.93 -64.06 19.02
CA PHE P 20 47.93 -65.37 18.39
C PHE P 20 48.67 -66.38 19.26
N LEU P 21 49.91 -66.08 19.60
CA LEU P 21 50.65 -66.88 20.59
C LEU P 21 49.83 -67.21 21.85
N LEU P 22 49.05 -66.26 22.36
CA LEU P 22 48.22 -66.56 23.53
C LEU P 22 46.97 -67.39 23.21
N ALA P 23 46.34 -67.11 22.07
CA ALA P 23 45.18 -67.88 21.58
C ALA P 23 45.49 -69.36 21.29
N VAL P 24 46.62 -69.61 20.61
CA VAL P 24 47.06 -70.98 20.33
C VAL P 24 47.32 -71.68 21.66
N ARG P 25 47.93 -70.97 22.60
CA ARG P 25 48.25 -71.54 23.92
C ARG P 25 47.11 -71.56 24.93
N ARG P 26 45.91 -71.17 24.48
CA ARG P 26 44.75 -70.96 25.37
C ARG P 26 45.13 -70.10 26.60
N GLY P 27 45.90 -69.03 26.37
CA GLY P 27 46.34 -68.13 27.44
C GLY P 27 45.25 -67.29 28.07
N ASN P 28 45.61 -66.54 29.10
CA ASN P 28 44.72 -65.64 29.84
C ASN P 28 44.36 -64.29 29.11
N LEU P 29 43.81 -64.39 27.90
CA LEU P 29 43.33 -63.22 27.11
C LEU P 29 42.06 -62.58 27.72
N THR Q 1 15.16 -41.16 -46.33
CA THR Q 1 16.59 -41.53 -46.11
C THR Q 1 16.83 -42.04 -44.68
N ILE Q 2 17.64 -43.09 -44.56
CA ILE Q 2 18.22 -43.42 -43.28
C ILE Q 2 19.54 -42.66 -43.09
N THR Q 3 19.44 -41.53 -42.38
CA THR Q 3 20.60 -40.70 -41.99
C THR Q 3 21.45 -41.49 -41.00
N PRO Q 4 22.73 -41.10 -40.84
CA PRO Q 4 23.53 -41.80 -39.83
C PRO Q 4 22.87 -41.82 -38.43
N SER Q 5 22.24 -40.69 -38.00
CA SER Q 5 21.60 -40.63 -36.68
C SER Q 5 20.32 -41.46 -36.59
N LEU Q 6 19.55 -41.55 -37.70
CA LEU Q 6 18.42 -42.49 -37.70
C LEU Q 6 18.93 -43.92 -37.45
N LYS Q 7 19.99 -44.30 -38.18
CA LYS Q 7 20.61 -45.62 -37.99
C LYS Q 7 21.04 -45.81 -36.53
N GLY Q 8 21.73 -44.79 -35.98
CA GLY Q 8 22.07 -44.80 -34.55
C GLY Q 8 20.81 -44.91 -33.66
N PHE Q 9 19.75 -44.19 -34.02
CA PHE Q 9 18.51 -44.37 -33.26
C PHE Q 9 18.04 -45.85 -33.27
N PHE Q 10 18.06 -46.49 -34.46
CA PHE Q 10 17.71 -47.93 -34.58
C PHE Q 10 18.66 -48.84 -33.81
N ILE Q 11 19.94 -48.49 -33.77
CA ILE Q 11 20.89 -49.29 -32.97
C ILE Q 11 20.57 -49.24 -31.50
N GLY Q 12 20.30 -48.03 -30.98
CA GLY Q 12 19.99 -47.86 -29.56
C GLY Q 12 18.68 -48.55 -29.21
N LEU Q 13 17.70 -48.45 -30.11
CA LEU Q 13 16.42 -49.13 -29.92
C LEU Q 13 16.57 -50.65 -29.80
N LEU Q 14 17.42 -51.25 -30.68
CA LEU Q 14 17.69 -52.69 -30.68
CA LEU Q 14 17.68 -52.70 -30.66
C LEU Q 14 18.46 -53.14 -29.43
N SER Q 15 19.44 -52.33 -29.04
CA SER Q 15 20.28 -52.64 -27.89
C SER Q 15 19.39 -52.65 -26.67
N GLY Q 16 18.51 -51.65 -26.58
CA GLY Q 16 17.52 -51.59 -25.51
C GLY Q 16 16.56 -52.79 -25.49
N ALA Q 17 16.06 -53.15 -26.67
CA ALA Q 17 15.16 -54.33 -26.82
C ALA Q 17 15.91 -55.60 -26.43
N VAL Q 18 17.16 -55.73 -26.89
CA VAL Q 18 17.94 -56.87 -26.52
C VAL Q 18 18.15 -56.98 -25.00
N VAL Q 19 18.61 -55.89 -24.38
CA VAL Q 19 18.85 -55.86 -22.93
C VAL Q 19 17.58 -56.23 -22.19
N LEU Q 20 16.47 -55.57 -22.50
CA LEU Q 20 15.19 -55.87 -21.83
C LEU Q 20 14.71 -57.30 -22.06
N GLY Q 21 14.74 -57.74 -23.31
CA GLY Q 21 14.25 -59.06 -23.72
C GLY Q 21 15.03 -60.15 -23.02
N LEU Q 22 16.36 -60.04 -23.01
CA LEU Q 22 17.20 -61.03 -22.29
C LEU Q 22 17.08 -60.99 -20.76
N THR Q 23 16.82 -59.80 -20.21
CA THR Q 23 16.63 -59.65 -18.78
C THR Q 23 15.36 -60.36 -18.37
N PHE Q 24 14.28 -60.16 -19.12
CA PHE Q 24 13.05 -60.82 -18.77
C PHE Q 24 13.10 -62.33 -19.02
N ALA Q 25 13.70 -62.75 -20.14
CA ALA Q 25 13.89 -64.16 -20.48
C ALA Q 25 14.62 -64.91 -19.37
N VAL Q 26 15.73 -64.34 -18.90
CA VAL Q 26 16.50 -64.91 -17.79
C VAL Q 26 15.65 -64.99 -16.51
N LEU Q 27 14.90 -63.92 -16.21
CA LEU Q 27 14.18 -63.85 -14.93
C LEU Q 27 13.02 -64.85 -14.96
N ILE Q 28 12.36 -64.96 -16.12
CA ILE Q 28 11.24 -65.89 -16.32
C ILE Q 28 11.77 -67.31 -16.21
N ALA Q 29 12.81 -67.62 -16.98
CA ALA Q 29 13.48 -68.91 -16.94
C ALA Q 29 13.76 -69.26 -15.50
N ILE Q 30 14.43 -68.37 -14.77
CA ILE Q 30 14.80 -68.61 -13.37
C ILE Q 30 13.62 -68.73 -12.42
N SER Q 31 12.54 -68.01 -12.75
CA SER Q 31 11.36 -67.97 -11.88
C SER Q 31 10.69 -69.32 -11.93
N GLN Q 32 10.75 -69.95 -13.11
CA GLN Q 32 10.11 -71.25 -13.37
C GLN Q 32 10.91 -72.47 -12.92
N ILE Q 33 12.23 -72.39 -13.05
CA ILE Q 33 13.15 -73.36 -12.45
C ILE Q 33 13.00 -73.46 -10.93
N ASP Q 34 12.74 -72.33 -10.27
CA ASP Q 34 12.79 -72.24 -8.82
C ASP Q 34 11.49 -71.67 -8.26
N LYS Q 35 10.44 -72.50 -8.29
CA LYS Q 35 9.11 -72.10 -7.76
C LYS Q 35 9.02 -72.09 -6.22
N VAL Q 36 8.18 -71.20 -5.66
CA VAL Q 36 7.98 -71.10 -4.19
C VAL Q 36 7.10 -72.25 -3.72
N GLN Q 37 7.19 -72.61 -2.43
CA GLN Q 37 6.37 -73.69 -1.87
C GLN Q 37 5.23 -73.16 -0.98
N MET R 1 85.92 -50.92 18.27
CA MET R 1 84.93 -50.08 19.03
C MET R 1 83.67 -49.79 18.20
N THR R 2 83.83 -49.13 17.04
CA THR R 2 82.65 -48.85 16.18
C THR R 2 81.82 -50.11 15.80
N ILE R 3 82.47 -51.19 15.35
CA ILE R 3 81.78 -52.49 15.19
C ILE R 3 81.20 -53.01 16.52
N LEU R 4 81.95 -52.90 17.61
CA LEU R 4 81.50 -53.40 18.92
C LEU R 4 80.19 -52.69 19.38
N PHE R 5 80.20 -51.37 19.30
CA PHE R 5 79.03 -50.52 19.55
C PHE R 5 77.81 -51.01 18.78
N GLN R 6 77.99 -51.25 17.49
CA GLN R 6 76.88 -51.48 16.59
C GLN R 6 76.20 -52.83 16.79
N LEU R 7 76.98 -53.81 17.22
CA LEU R 7 76.46 -55.12 17.52
C LEU R 7 75.73 -55.03 18.85
N ALA R 8 76.36 -54.34 19.82
CA ALA R 8 75.80 -54.17 21.14
C ALA R 8 74.41 -53.50 21.05
N LEU R 9 74.31 -52.43 20.24
CA LEU R 9 73.06 -51.75 20.00
C LEU R 9 72.06 -52.62 19.19
N ALA R 10 72.52 -53.27 18.11
CA ALA R 10 71.71 -54.26 17.41
C ALA R 10 71.16 -55.35 18.36
N ALA R 11 72.00 -55.76 19.31
CA ALA R 11 71.64 -56.78 20.30
C ALA R 11 70.57 -56.27 21.29
N LEU R 12 70.76 -55.07 21.83
CA LEU R 12 69.70 -54.36 22.56
C LEU R 12 68.37 -54.35 21.76
N VAL R 13 68.45 -53.95 20.50
CA VAL R 13 67.28 -53.89 19.60
C VAL R 13 66.62 -55.24 19.52
N ILE R 14 67.43 -56.26 19.20
CA ILE R 14 66.89 -57.63 19.06
C ILE R 14 66.31 -58.11 20.40
N LEU R 15 67.06 -57.96 21.50
CA LEU R 15 66.56 -58.37 22.84
C LEU R 15 65.22 -57.69 23.16
N SER R 16 65.20 -56.37 23.02
CA SER R 16 63.97 -55.60 23.11
C SER R 16 62.79 -56.25 22.37
N PHE R 17 63.00 -56.56 21.09
CA PHE R 17 61.93 -57.14 20.27
C PHE R 17 61.45 -58.48 20.91
N VAL R 18 62.38 -59.29 21.45
CA VAL R 18 62.00 -60.57 22.09
C VAL R 18 61.34 -60.36 23.46
N MET R 19 61.78 -59.36 24.22
CA MET R 19 61.07 -58.93 25.43
C MET R 19 59.62 -58.47 25.13
N VAL R 20 59.49 -57.57 24.15
CA VAL R 20 58.19 -57.02 23.75
C VAL R 20 57.15 -58.13 23.58
N ILE R 21 57.49 -59.14 22.79
CA ILE R 21 56.62 -60.31 22.60
C ILE R 21 56.57 -61.24 23.84
N GLY R 22 57.74 -61.55 24.40
CA GLY R 22 57.89 -62.63 25.38
C GLY R 22 57.25 -62.35 26.73
N VAL R 23 57.47 -61.14 27.23
CA VAL R 23 56.94 -60.75 28.54
C VAL R 23 55.38 -60.77 28.65
N PRO R 24 54.66 -60.15 27.70
CA PRO R 24 53.19 -60.35 27.72
C PRO R 24 52.75 -61.82 27.56
N VAL R 25 53.34 -62.53 26.61
CA VAL R 25 52.96 -63.92 26.40
C VAL R 25 53.24 -64.75 27.66
N ALA R 26 54.44 -64.64 28.20
CA ALA R 26 54.78 -65.30 29.47
C ALA R 26 53.75 -64.99 30.53
N TYR R 27 53.59 -63.72 30.87
CA TYR R 27 52.70 -63.27 31.94
C TYR R 27 51.27 -63.80 31.84
N ALA R 28 50.82 -64.12 30.64
CA ALA R 28 49.44 -64.52 30.47
C ALA R 28 49.33 -65.98 30.06
N SER R 29 50.42 -66.72 30.20
CA SER R 29 50.45 -68.15 29.89
C SER R 29 50.10 -69.02 31.10
N PRO R 30 49.33 -70.11 30.87
CA PRO R 30 48.81 -70.89 31.98
C PRO R 30 49.91 -71.73 32.61
N GLN R 31 50.44 -72.69 31.85
CA GLN R 31 51.49 -73.56 32.32
C GLN R 31 52.80 -72.79 32.51
N ASP R 32 53.67 -72.84 31.48
CA ASP R 32 55.08 -72.47 31.61
C ASP R 32 55.34 -71.13 32.30
N TRP R 33 55.59 -71.23 33.61
CA TRP R 33 55.78 -70.06 34.45
C TRP R 33 57.02 -70.16 35.30
N ASP R 34 57.43 -71.40 35.61
CA ASP R 34 58.73 -71.68 36.19
C ASP R 34 59.91 -71.19 35.32
N ARG R 35 60.08 -71.77 34.12
CA ARG R 35 61.15 -71.38 33.19
C ARG R 35 61.02 -69.91 32.75
N SER R 36 59.77 -69.48 32.52
CA SER R 36 59.44 -68.10 32.13
C SER R 36 59.93 -67.06 33.14
N LYS R 37 59.56 -67.22 34.41
CA LYS R 37 59.91 -66.23 35.44
C LYS R 37 61.43 -65.97 35.48
N GLN R 38 62.20 -67.02 35.24
CA GLN R 38 63.65 -66.89 35.37
C GLN R 38 64.20 -66.05 34.23
N LEU R 39 63.85 -66.44 33.01
CA LEU R 39 64.26 -65.72 31.80
C LEU R 39 63.84 -64.26 31.81
N ILE R 40 62.58 -64.00 32.16
CA ILE R 40 62.12 -62.62 32.24
C ILE R 40 63.14 -61.86 33.08
N PHE R 41 63.50 -62.43 34.23
CA PHE R 41 64.47 -61.81 35.13
C PHE R 41 65.85 -61.72 34.45
N LEU R 42 66.20 -62.76 33.69
CA LEU R 42 67.47 -62.80 32.97
C LEU R 42 67.54 -61.80 31.83
N GLY R 43 66.56 -61.89 30.92
CA GLY R 43 66.39 -60.91 29.83
C GLY R 43 66.43 -59.50 30.37
N SER R 44 65.69 -59.24 31.44
CA SER R 44 65.70 -57.91 32.08
C SER R 44 67.08 -57.44 32.45
N GLY R 45 67.87 -58.33 33.05
CA GLY R 45 69.25 -58.02 33.44
C GLY R 45 70.16 -57.77 32.25
N LEU R 46 70.08 -58.67 31.27
CA LEU R 46 70.82 -58.46 30.02
C LEU R 46 70.46 -57.08 29.37
N TRP R 47 69.15 -56.79 29.30
CA TRP R 47 68.64 -55.51 28.75
C TRP R 47 69.20 -54.29 29.46
N ILE R 48 69.14 -54.28 30.79
CA ILE R 48 69.76 -53.19 31.55
C ILE R 48 71.28 -53.04 31.28
N ALA R 49 72.03 -54.13 31.41
CA ALA R 49 73.48 -54.07 31.17
C ALA R 49 73.76 -53.51 29.77
N LEU R 50 73.05 -54.05 28.77
CA LEU R 50 73.20 -53.57 27.37
C LEU R 50 72.94 -52.08 27.14
N VAL R 51 72.06 -51.49 27.95
CA VAL R 51 71.79 -50.04 27.89
C VAL R 51 73.00 -49.30 28.40
N LEU R 52 73.61 -49.80 29.47
CA LEU R 52 74.79 -49.15 30.03
C LEU R 52 75.98 -49.20 29.05
N VAL R 53 76.15 -50.36 28.44
CA VAL R 53 77.22 -50.63 27.51
C VAL R 53 77.11 -49.72 26.30
N VAL R 54 75.91 -49.65 25.72
CA VAL R 54 75.69 -48.70 24.61
C VAL R 54 75.90 -47.28 25.08
N GLY R 55 75.36 -46.95 26.25
CA GLY R 55 75.60 -45.64 26.86
C GLY R 55 77.08 -45.30 26.96
N VAL R 56 77.89 -46.23 27.50
CA VAL R 56 79.33 -45.91 27.68
C VAL R 56 80.05 -45.84 26.32
N LEU R 57 79.81 -46.83 25.48
CA LEU R 57 80.46 -46.93 24.18
C LEU R 57 80.11 -45.77 23.24
N ASN R 58 78.91 -45.20 23.41
CA ASN R 58 78.52 -43.99 22.71
C ASN R 58 79.69 -43.01 22.67
N PHE R 59 80.31 -42.78 23.81
CA PHE R 59 81.37 -41.78 23.94
C PHE R 59 82.69 -42.08 23.20
N PHE R 60 82.75 -43.26 22.59
CA PHE R 60 83.91 -43.74 21.85
C PHE R 60 83.59 -43.78 20.36
N VAL R 61 82.30 -43.72 20.01
CA VAL R 61 81.92 -43.73 18.60
C VAL R 61 81.37 -42.38 18.16
N VAL R 62 81.29 -41.45 19.11
CA VAL R 62 80.71 -40.12 18.91
C VAL R 62 81.70 -39.08 19.39
N ALA S 1 -51.30 -30.41 -18.67
CA ALA S 1 -52.37 -29.90 -19.56
C ALA S 1 -51.77 -29.11 -20.75
N ASN S 2 -52.42 -28.04 -21.16
CA ASN S 2 -51.93 -27.15 -22.22
C ASN S 2 -50.63 -26.38 -21.90
N LEU S 3 -49.70 -26.32 -22.85
CA LEU S 3 -48.39 -25.67 -22.67
C LEU S 3 -48.47 -24.19 -22.24
N TRP S 4 -49.39 -23.44 -22.83
CA TRP S 4 -49.61 -22.05 -22.44
C TRP S 4 -50.07 -21.89 -20.99
N GLU S 5 -51.04 -22.72 -20.56
CA GLU S 5 -51.63 -22.67 -19.23
C GLU S 5 -50.62 -23.14 -18.15
N ARG S 6 -49.81 -24.12 -18.49
CA ARG S 6 -48.67 -24.53 -17.68
C ARG S 6 -47.73 -23.34 -17.49
N PHE S 7 -47.38 -22.68 -18.60
CA PHE S 7 -46.50 -21.53 -18.51
C PHE S 7 -47.11 -20.47 -17.59
N CYS S 8 -48.38 -20.13 -17.85
CA CYS S 8 -49.14 -19.20 -17.04
C CYS S 8 -49.19 -19.58 -15.56
N ASN S 9 -49.25 -20.87 -15.26
CA ASN S 9 -49.30 -21.29 -13.85
C ASN S 9 -47.98 -21.11 -13.21
N TRP S 10 -46.93 -21.36 -13.98
CA TRP S 10 -45.59 -21.12 -13.50
C TRP S 10 -45.29 -19.64 -13.29
N VAL S 11 -45.54 -18.83 -14.30
CA VAL S 11 -45.39 -17.38 -14.20
C VAL S 11 -46.03 -16.84 -12.93
N THR S 12 -47.27 -17.28 -12.66
CA THR S 12 -48.06 -16.71 -11.56
C THR S 12 -48.04 -17.58 -10.31
N SER S 13 -47.10 -18.51 -10.22
CA SER S 13 -47.05 -19.42 -9.08
C SER S 13 -46.68 -18.74 -7.78
N THR S 14 -47.41 -19.05 -6.72
CA THR S 14 -47.14 -18.48 -5.37
C THR S 14 -45.98 -19.17 -4.70
N ASP S 15 -45.37 -20.12 -5.42
CA ASP S 15 -44.36 -20.96 -4.81
C ASP S 15 -42.92 -20.75 -5.30
N ASN S 16 -42.73 -19.93 -6.33
CA ASN S 16 -41.38 -19.57 -6.78
C ASN S 16 -40.68 -18.76 -5.67
N ARG S 17 -39.42 -19.06 -5.42
CA ARG S 17 -38.62 -18.35 -4.37
C ARG S 17 -38.74 -16.83 -4.53
N LEU S 18 -38.75 -16.42 -5.79
CA LEU S 18 -38.99 -15.04 -6.12
C LEU S 18 -40.19 -15.07 -7.02
N TYR S 19 -41.20 -14.26 -6.71
CA TYR S 19 -42.39 -14.22 -7.54
C TYR S 19 -42.04 -13.67 -8.92
N VAL S 20 -42.54 -14.30 -9.98
CA VAL S 20 -42.41 -13.74 -11.32
C VAL S 20 -43.61 -12.82 -11.63
N GLY S 21 -44.71 -13.41 -12.09
CA GLY S 21 -45.92 -12.67 -12.43
C GLY S 21 -45.80 -12.00 -13.78
N TRP S 22 -46.91 -11.46 -14.29
CA TRP S 22 -46.89 -10.81 -15.60
C TRP S 22 -46.11 -9.53 -15.56
N PHE S 23 -46.26 -8.76 -14.47
CA PHE S 23 -45.43 -7.57 -14.32
C PHE S 23 -43.94 -7.94 -14.34
N GLY S 24 -43.59 -9.10 -13.76
CA GLY S 24 -42.23 -9.57 -13.68
C GLY S 24 -41.67 -9.94 -15.04
N VAL S 25 -42.54 -10.40 -15.93
CA VAL S 25 -42.14 -10.76 -17.32
C VAL S 25 -41.54 -9.55 -18.05
N ILE S 26 -42.06 -8.35 -17.79
CA ILE S 26 -41.48 -7.12 -18.28
C ILE S 26 -40.34 -6.61 -17.34
N MET S 27 -40.58 -6.69 -16.03
CA MET S 27 -39.68 -6.13 -15.02
C MET S 27 -38.29 -6.77 -15.09
N ILE S 28 -38.26 -8.09 -15.35
CA ILE S 28 -37.04 -8.85 -15.23
C ILE S 28 -36.02 -8.53 -16.33
N PRO S 29 -36.46 -8.52 -17.64
CA PRO S 29 -35.45 -8.23 -18.63
C PRO S 29 -35.03 -6.74 -18.55
N THR S 30 -35.99 -5.86 -18.28
CA THR S 30 -35.69 -4.44 -18.29
C THR S 30 -34.74 -4.05 -17.15
N LEU S 31 -34.95 -4.59 -15.93
CA LEU S 31 -34.00 -4.32 -14.82
C LEU S 31 -32.61 -4.91 -15.06
N LEU S 32 -32.57 -6.05 -15.76
CA LEU S 32 -31.29 -6.66 -16.01
C LEU S 32 -30.51 -5.83 -17.05
N ALA S 33 -31.21 -5.33 -18.07
CA ALA S 33 -30.63 -4.48 -19.09
C ALA S 33 -30.15 -3.14 -18.45
N ALA S 34 -31.00 -2.47 -17.67
CA ALA S 34 -30.56 -1.26 -16.92
C ALA S 34 -29.33 -1.50 -16.01
N THR S 35 -29.40 -2.58 -15.21
CA THR S 35 -28.33 -2.90 -14.26
C THR S 35 -27.01 -3.16 -14.94
N ILE S 36 -27.04 -3.99 -15.98
CA ILE S 36 -25.87 -4.39 -16.69
C ILE S 36 -25.21 -3.17 -17.36
N CYS S 37 -26.04 -2.39 -18.02
CA CYS S 37 -25.52 -1.26 -18.72
C CYS S 37 -24.99 -0.26 -17.71
N PHE S 38 -25.74 -0.01 -16.65
CA PHE S 38 -25.24 0.87 -15.56
C PHE S 38 -23.85 0.47 -15.11
N VAL S 39 -23.64 -0.81 -14.79
CA VAL S 39 -22.39 -1.24 -14.14
C VAL S 39 -21.22 -1.13 -15.12
N ILE S 40 -21.46 -1.48 -16.40
CA ILE S 40 -20.40 -1.43 -17.38
C ILE S 40 -20.00 0.02 -17.57
N ALA S 41 -20.99 0.91 -17.59
CA ALA S 41 -20.80 2.33 -17.83
C ALA S 41 -20.14 3.04 -16.68
N PHE S 42 -20.60 2.77 -15.46
CA PHE S 42 -19.96 3.33 -14.31
C PHE S 42 -18.49 2.94 -14.29
N ILE S 43 -18.14 1.77 -14.78
CA ILE S 43 -16.75 1.35 -14.64
C ILE S 43 -15.86 1.89 -15.76
N ALA S 44 -16.40 1.89 -16.98
CA ALA S 44 -15.60 1.99 -18.18
C ALA S 44 -16.08 2.95 -19.28
N ALA S 45 -17.15 3.68 -19.07
CA ALA S 45 -17.63 4.55 -20.13
C ALA S 45 -16.68 5.75 -20.34
N PRO S 46 -16.40 6.14 -21.60
CA PRO S 46 -15.58 7.32 -21.86
C PRO S 46 -16.37 8.61 -21.52
N PRO S 47 -15.69 9.78 -21.55
CA PRO S 47 -16.46 10.97 -21.21
C PRO S 47 -17.59 11.31 -22.19
N VAL S 48 -18.58 12.01 -21.66
CA VAL S 48 -19.85 12.25 -22.33
C VAL S 48 -20.06 13.75 -22.42
N ASP S 49 -20.44 14.22 -23.60
CA ASP S 49 -20.76 15.64 -23.79
C ASP S 49 -22.16 16.04 -23.30
N ILE S 50 -22.35 16.11 -21.99
CA ILE S 50 -23.69 16.31 -21.44
C ILE S 50 -24.34 17.59 -21.96
N ASP S 51 -23.59 18.68 -21.97
CA ASP S 51 -24.24 19.93 -22.34
C ASP S 51 -24.16 20.26 -23.84
N GLY S 52 -23.83 19.28 -24.67
CA GLY S 52 -23.86 19.47 -26.16
C GLY S 52 -22.88 20.55 -26.66
N ILE S 53 -21.87 20.91 -25.84
CA ILE S 53 -20.94 21.98 -26.16
C ILE S 53 -19.53 21.41 -26.41
N ARG S 54 -19.46 20.15 -26.81
CA ARG S 54 -18.16 19.44 -27.02
C ARG S 54 -17.22 19.63 -25.83
N GLU S 55 -17.79 19.49 -24.65
CA GLU S 55 -17.04 19.55 -23.40
C GLU S 55 -17.36 18.28 -22.62
N PRO S 56 -16.67 17.19 -22.91
CA PRO S 56 -17.10 15.91 -22.30
C PRO S 56 -16.70 15.74 -20.81
N VAL S 57 -17.67 15.32 -20.02
CA VAL S 57 -17.50 15.12 -18.60
C VAL S 57 -17.20 13.64 -18.41
N SER S 58 -16.10 13.38 -17.72
CA SER S 58 -15.76 11.99 -17.35
C SER S 58 -16.61 11.46 -16.20
N GLY S 59 -17.36 10.38 -16.47
CA GLY S 59 -18.20 9.80 -15.41
C GLY S 59 -17.60 8.56 -14.75
N SER S 60 -16.79 7.79 -15.49
CA SER S 60 -16.47 6.44 -15.06
C SER S 60 -15.18 6.31 -14.23
N LEU S 61 -15.07 5.19 -13.52
CA LEU S 61 -13.95 4.90 -12.64
C LEU S 61 -12.65 4.87 -13.44
N LEU S 62 -12.66 4.21 -14.61
CA LEU S 62 -11.41 4.03 -15.33
C LEU S 62 -10.92 5.33 -15.91
N TYR S 63 -11.83 6.26 -16.08
CA TYR S 63 -11.48 7.54 -16.70
C TYR S 63 -11.31 8.61 -15.64
N GLY S 64 -10.89 8.18 -14.45
CA GLY S 64 -10.40 9.09 -13.39
C GLY S 64 -11.35 9.41 -12.23
N ASN S 65 -12.40 8.63 -12.00
CA ASN S 65 -13.36 8.95 -10.93
C ASN S 65 -13.20 7.99 -9.81
N ASN S 66 -13.73 8.37 -8.65
CA ASN S 66 -13.89 7.43 -7.60
C ASN S 66 -15.42 7.12 -7.43
N ILE S 67 -15.76 6.43 -6.35
CA ILE S 67 -17.16 6.04 -6.08
C ILE S 67 -18.02 7.31 -5.98
N ILE S 68 -17.47 8.31 -5.30
CA ILE S 68 -18.19 9.54 -4.96
C ILE S 68 -18.34 10.44 -6.16
N THR S 69 -17.31 10.50 -7.01
CA THR S 69 -17.36 11.43 -8.14
C THR S 69 -17.97 10.80 -9.40
N GLY S 70 -17.98 9.48 -9.47
CA GLY S 70 -18.42 8.80 -10.70
C GLY S 70 -19.90 8.85 -11.00
N ALA S 71 -20.25 8.66 -12.28
CA ALA S 71 -21.64 8.73 -12.68
C ALA S 71 -21.83 8.15 -14.07
N VAL S 72 -23.04 7.72 -14.36
CA VAL S 72 -23.41 7.70 -15.79
C VAL S 72 -23.92 9.11 -16.12
N VAL S 73 -23.26 9.77 -17.06
CA VAL S 73 -23.58 11.16 -17.39
C VAL S 73 -24.80 11.25 -18.33
N PRO S 74 -25.73 12.18 -18.07
CA PRO S 74 -26.87 12.36 -18.95
C PRO S 74 -26.55 12.60 -20.44
N SER S 75 -27.51 12.30 -21.32
CA SER S 75 -27.29 12.47 -22.76
C SER S 75 -27.22 13.96 -23.18
N SER S 76 -26.48 14.20 -24.25
CA SER S 76 -26.14 15.52 -24.78
C SER S 76 -27.32 16.45 -24.95
N ASN S 77 -27.15 17.71 -24.58
CA ASN S 77 -28.16 18.72 -24.80
C ASN S 77 -28.49 18.87 -26.33
N ALA S 78 -27.56 18.45 -27.19
CA ALA S 78 -27.80 18.47 -28.65
C ALA S 78 -28.94 17.49 -29.01
N ILE S 79 -29.04 16.41 -28.20
CA ILE S 79 -30.12 15.45 -28.35
C ILE S 79 -31.45 15.97 -27.85
N GLY S 80 -31.41 16.76 -26.76
CA GLY S 80 -32.62 17.18 -26.04
C GLY S 80 -33.50 15.99 -25.68
N LEU S 81 -34.75 16.03 -26.13
CA LEU S 81 -35.68 14.92 -25.87
C LEU S 81 -35.75 13.90 -27.02
N HIS S 82 -34.89 14.03 -28.02
CA HIS S 82 -34.87 13.00 -29.06
C HIS S 82 -34.53 11.68 -28.44
N PHE S 83 -35.11 10.63 -29.05
CA PHE S 83 -34.91 9.24 -28.70
C PHE S 83 -33.63 8.81 -29.35
N TYR S 84 -32.71 8.37 -28.49
CA TYR S 84 -31.36 8.05 -28.91
C TYR S 84 -30.94 6.63 -28.49
N PRO S 85 -31.53 5.60 -29.14
CA PRO S 85 -31.11 4.23 -28.87
C PRO S 85 -29.81 3.99 -29.56
N ILE S 86 -29.23 2.81 -29.36
CA ILE S 86 -27.97 2.50 -29.96
C ILE S 86 -27.98 2.54 -31.50
N TRP S 87 -29.10 2.07 -32.11
CA TRP S 87 -29.19 1.88 -33.59
C TRP S 87 -29.40 3.20 -34.27
N GLU S 88 -29.58 4.27 -33.47
CA GLU S 88 -29.66 5.64 -33.98
C GLU S 88 -28.25 6.28 -34.19
N ALA S 89 -27.22 5.70 -33.56
CA ALA S 89 -25.82 6.14 -33.63
C ALA S 89 -25.08 5.51 -34.79
N ALA S 90 -24.14 6.25 -35.38
CA ALA S 90 -23.33 5.66 -36.45
C ALA S 90 -22.37 4.60 -35.87
N SER S 91 -22.13 4.64 -34.56
CA SER S 91 -21.19 3.74 -33.92
C SER S 91 -21.37 3.80 -32.41
N LEU S 92 -20.92 2.78 -31.73
CA LEU S 92 -20.85 2.75 -30.25
C LEU S 92 -20.07 3.94 -29.77
N ASP S 93 -18.98 4.26 -30.49
CA ASP S 93 -18.11 5.40 -30.15
C ASP S 93 -18.91 6.68 -30.12
N GLU S 94 -19.66 6.93 -31.19
CA GLU S 94 -20.59 8.06 -31.20
C GLU S 94 -21.63 8.07 -30.08
N TRP S 95 -22.25 6.92 -29.86
CA TRP S 95 -23.27 6.73 -28.84
C TRP S 95 -22.75 7.02 -27.46
N LEU S 96 -21.54 6.54 -27.21
CA LEU S 96 -20.85 6.78 -25.96
C LEU S 96 -20.57 8.27 -25.76
N TYR S 97 -20.01 8.91 -26.79
CA TYR S 97 -19.67 10.33 -26.74
C TYR S 97 -20.90 11.16 -26.40
N ASN S 98 -22.04 10.71 -26.91
CA ASN S 98 -23.29 11.46 -26.75
C ASN S 98 -24.18 11.10 -25.56
N GLY S 99 -23.74 10.18 -24.70
CA GLY S 99 -24.52 9.87 -23.48
C GLY S 99 -25.63 8.86 -23.73
N GLY S 100 -25.46 8.02 -24.77
CA GLY S 100 -26.43 6.97 -25.07
C GLY S 100 -26.74 6.02 -23.89
N PRO S 101 -25.72 5.57 -23.14
CA PRO S 101 -26.05 4.65 -22.01
C PRO S 101 -27.08 5.21 -21.03
N TYR S 102 -27.07 6.52 -20.83
CA TYR S 102 -27.94 7.16 -19.82
C TYR S 102 -29.41 6.91 -20.19
N GLN S 103 -29.73 7.08 -21.49
CA GLN S 103 -31.11 6.94 -21.99
C GLN S 103 -31.50 5.48 -21.92
N LEU S 104 -30.60 4.59 -22.30
CA LEU S 104 -30.88 3.16 -22.18
C LEU S 104 -31.17 2.78 -20.74
N ILE S 105 -30.30 3.22 -19.81
CA ILE S 105 -30.50 2.92 -18.39
C ILE S 105 -31.79 3.52 -17.87
N ILE S 106 -32.02 4.82 -18.05
CA ILE S 106 -33.23 5.37 -17.35
C ILE S 106 -34.54 4.81 -17.89
N PHE S 107 -34.63 4.60 -19.20
CA PHE S 107 -35.88 4.12 -19.76
C PHE S 107 -36.17 2.69 -19.26
N HIS S 108 -35.13 1.84 -19.27
CA HIS S 108 -35.31 0.50 -18.80
C HIS S 108 -35.61 0.51 -17.34
N PHE S 109 -34.93 1.39 -16.58
CA PHE S 109 -35.18 1.44 -15.14
C PHE S 109 -36.60 1.84 -14.81
N LEU S 110 -37.07 2.88 -15.50
CA LEU S 110 -38.39 3.42 -15.20
C LEU S 110 -39.54 2.43 -15.54
N LEU S 111 -39.38 1.74 -16.67
CA LEU S 111 -40.30 0.70 -17.05
CA LEU S 111 -40.30 0.72 -17.06
C LEU S 111 -40.22 -0.45 -16.07
N GLY S 112 -39.01 -0.89 -15.80
CA GLY S 112 -38.82 -2.00 -14.90
C GLY S 112 -39.30 -1.66 -13.51
N ALA S 113 -39.12 -0.40 -13.06
CA ALA S 113 -39.62 -0.05 -11.72
C ALA S 113 -41.13 0.12 -11.64
N SER S 114 -41.73 0.62 -12.71
CA SER S 114 -43.19 0.68 -12.82
C SER S 114 -43.76 -0.73 -12.64
N CYS S 115 -43.13 -1.71 -13.30
CA CYS S 115 -43.47 -3.11 -13.19
C CYS S 115 -43.20 -3.68 -11.79
N TYR S 116 -42.15 -3.22 -11.11
CA TYR S 116 -41.93 -3.56 -9.69
C TYR S 116 -43.18 -3.23 -8.88
N MET S 117 -43.77 -2.07 -9.16
CA MET S 117 -44.92 -1.61 -8.42
C MET S 117 -46.16 -2.46 -8.78
N GLY S 118 -46.29 -2.83 -10.04
CA GLY S 118 -47.41 -3.66 -10.46
C GLY S 118 -47.31 -5.06 -9.91
N ARG S 119 -46.08 -5.57 -9.81
CA ARG S 119 -45.78 -6.88 -9.26
C ARG S 119 -46.15 -6.93 -7.77
N GLN S 120 -45.98 -5.81 -7.06
CA GLN S 120 -46.34 -5.72 -5.66
C GLN S 120 -47.88 -5.82 -5.52
N TRP S 121 -48.63 -5.24 -6.47
CA TRP S 121 -50.05 -5.42 -6.42
C TRP S 121 -50.32 -6.90 -6.67
N GLU S 122 -49.70 -7.45 -7.71
CA GLU S 122 -50.00 -8.80 -8.21
C GLU S 122 -49.74 -9.92 -7.19
N LEU S 123 -48.54 -9.97 -6.63
CA LEU S 123 -48.30 -10.91 -5.53
C LEU S 123 -49.32 -10.75 -4.36
N SER S 124 -49.70 -9.56 -3.99
CA SER S 124 -50.63 -9.44 -2.86
C SER S 124 -52.00 -10.11 -3.22
N TYR S 125 -52.37 -10.06 -4.50
CA TYR S 125 -53.58 -10.69 -4.98
C TYR S 125 -53.46 -12.20 -4.95
N ARG S 126 -52.32 -12.73 -5.40
CA ARG S 126 -52.11 -14.17 -5.33
C ARG S 126 -52.09 -14.69 -3.88
N LEU S 127 -51.78 -13.84 -2.90
CA LEU S 127 -51.63 -14.29 -1.51
C LEU S 127 -52.83 -13.96 -0.68
N GLY S 128 -53.84 -13.35 -1.31
CA GLY S 128 -55.04 -12.93 -0.60
C GLY S 128 -54.84 -11.85 0.48
N MET S 129 -53.85 -10.95 0.28
CA MET S 129 -53.59 -9.81 1.16
C MET S 129 -54.39 -8.65 0.67
N ARG S 130 -54.43 -7.57 1.45
CA ARG S 130 -54.95 -6.32 0.91
C ARG S 130 -53.93 -5.70 -0.11
N PRO S 131 -54.41 -4.75 -0.93
CA PRO S 131 -53.63 -4.50 -2.12
C PRO S 131 -52.65 -3.31 -2.12
N TRP S 132 -52.53 -2.58 -1.02
CA TRP S 132 -51.96 -1.21 -1.11
C TRP S 132 -50.49 -0.92 -0.80
N ILE S 133 -49.69 -1.93 -0.57
CA ILE S 133 -48.24 -1.77 -0.51
C ILE S 133 -47.75 -1.03 -1.79
N CYS S 134 -48.25 -1.44 -2.96
CA CYS S 134 -47.88 -0.81 -4.22
C CYS S 134 -48.13 0.72 -4.24
N VAL S 135 -49.21 1.17 -3.62
CA VAL S 135 -49.48 2.59 -3.45
C VAL S 135 -48.42 3.32 -2.62
N ALA S 136 -47.82 2.67 -1.62
CA ALA S 136 -46.77 3.28 -0.83
C ALA S 136 -45.49 3.42 -1.63
N TYR S 137 -45.25 2.44 -2.48
CA TYR S 137 -44.08 2.40 -3.29
C TYR S 137 -44.20 3.46 -4.43
N SER S 138 -45.43 3.78 -4.83
CA SER S 138 -45.62 4.81 -5.83
C SER S 138 -44.97 6.15 -5.43
N ALA S 139 -44.70 6.34 -4.15
CA ALA S 139 -44.16 7.59 -3.73
C ALA S 139 -42.65 7.65 -4.19
N PRO S 140 -41.80 6.67 -3.78
CA PRO S 140 -40.44 6.82 -4.33
C PRO S 140 -40.41 6.69 -5.87
N LEU S 141 -41.26 5.82 -6.42
CA LEU S 141 -41.31 5.68 -7.87
C LEU S 141 -41.67 7.00 -8.53
N ALA S 142 -42.66 7.69 -7.97
CA ALA S 142 -43.05 8.97 -8.52
C ALA S 142 -41.82 9.90 -8.53
N SER S 143 -41.06 9.88 -7.45
CA SER S 143 -39.92 10.71 -7.30
C SER S 143 -38.87 10.40 -8.42
N ALA S 144 -38.64 9.11 -8.69
CA ALA S 144 -37.69 8.71 -9.71
C ALA S 144 -38.19 9.21 -11.09
N PHE S 145 -39.48 9.10 -11.37
CA PHE S 145 -40.02 9.62 -12.61
C PHE S 145 -39.82 11.13 -12.67
N ALA S 146 -39.88 11.82 -11.51
CA ALA S 146 -39.81 13.27 -11.57
C ALA S 146 -38.40 13.70 -12.04
N VAL S 147 -37.34 13.06 -11.52
CA VAL S 147 -35.99 13.53 -11.78
C VAL S 147 -35.41 12.96 -13.06
N PHE S 148 -35.90 11.79 -13.47
CA PHE S 148 -35.40 11.17 -14.72
C PHE S 148 -36.21 11.44 -15.96
N LEU S 149 -37.50 11.74 -15.82
CA LEU S 149 -38.35 11.94 -17.02
C LEU S 149 -39.12 13.25 -17.08
N ILE S 150 -39.86 13.54 -16.04
CA ILE S 150 -40.68 14.73 -16.07
C ILE S 150 -39.83 16.02 -16.16
N TYR S 151 -38.86 16.16 -15.28
CA TYR S 151 -38.01 17.33 -15.33
C TYR S 151 -37.40 17.51 -16.76
N PRO S 152 -36.67 16.49 -17.29
CA PRO S 152 -36.21 16.62 -18.69
C PRO S 152 -37.30 17.01 -19.67
N ILE S 153 -38.54 16.51 -19.51
CA ILE S 153 -39.58 16.82 -20.49
C ILE S 153 -39.91 18.31 -20.42
N GLY S 154 -40.02 18.80 -19.19
CA GLY S 154 -40.35 20.18 -18.92
C GLY S 154 -39.26 21.16 -19.37
N GLN S 155 -38.00 20.77 -19.26
CA GLN S 155 -36.92 21.66 -19.58
C GLN S 155 -36.48 21.42 -21.01
N GLY S 156 -37.00 20.37 -21.64
CA GLY S 156 -36.75 20.13 -23.06
C GLY S 156 -35.49 19.32 -23.37
N SER S 157 -34.89 18.71 -22.34
CA SER S 157 -33.70 17.91 -22.56
C SER S 157 -33.40 16.89 -21.49
N PHE S 158 -33.03 15.68 -21.94
CA PHE S 158 -32.52 14.68 -21.00
C PHE S 158 -31.21 15.06 -20.34
N SER S 159 -30.48 16.01 -20.93
CA SER S 159 -29.24 16.52 -20.32
C SER S 159 -29.55 17.23 -19.02
N ASP S 160 -30.81 17.51 -18.76
CA ASP S 160 -31.16 18.10 -17.46
C ASP S 160 -31.80 17.07 -16.48
N GLY S 161 -31.76 15.80 -16.85
CA GLY S 161 -32.21 14.76 -15.95
C GLY S 161 -31.17 14.57 -14.86
N MET S 162 -31.58 14.00 -13.74
CA MET S 162 -30.61 13.72 -12.71
C MET S 162 -29.55 12.74 -13.19
N PRO S 163 -28.27 13.08 -12.99
CA PRO S 163 -27.20 12.13 -13.30
C PRO S 163 -27.23 10.89 -12.41
N LEU S 164 -26.68 9.79 -12.91
CA LEU S 164 -26.68 8.55 -12.16
C LEU S 164 -25.36 8.41 -11.46
N GLY S 165 -25.15 9.27 -10.47
CA GLY S 165 -23.94 9.20 -9.65
C GLY S 165 -24.11 10.07 -8.40
N ILE S 166 -23.31 9.84 -7.40
CA ILE S 166 -23.40 10.59 -6.11
C ILE S 166 -23.16 12.12 -6.25
N SER S 167 -22.02 12.50 -6.83
CA SER S 167 -21.71 13.89 -7.02
C SER S 167 -22.61 14.51 -8.12
N GLY S 168 -22.97 13.73 -9.13
CA GLY S 168 -23.91 14.23 -10.13
C GLY S 168 -25.31 14.56 -9.57
N THR S 169 -25.73 13.86 -8.50
CA THR S 169 -27.01 14.19 -7.82
C THR S 169 -26.89 15.56 -7.18
N PHE S 170 -25.77 15.83 -6.50
CA PHE S 170 -25.59 17.11 -5.80
C PHE S 170 -25.58 18.27 -6.79
N ASN S 171 -24.95 18.05 -7.94
CA ASN S 171 -24.98 19.02 -9.03
C ASN S 171 -26.40 19.38 -9.45
N PHE S 172 -27.20 18.35 -9.75
CA PHE S 172 -28.63 18.47 -10.06
C PHE S 172 -29.35 19.28 -9.00
N MET S 173 -29.17 18.90 -7.74
CA MET S 173 -29.78 19.67 -6.60
C MET S 173 -29.45 21.18 -6.62
N ILE S 174 -28.15 21.48 -6.76
CA ILE S 174 -27.63 22.86 -6.69
C ILE S 174 -28.15 23.69 -7.87
N VAL S 175 -28.05 23.13 -9.10
CA VAL S 175 -28.55 23.84 -10.24
C VAL S 175 -30.07 24.01 -10.06
N PHE S 176 -30.75 22.95 -9.58
CA PHE S 176 -32.19 23.03 -9.28
C PHE S 176 -32.55 24.19 -8.32
N GLN S 177 -31.76 24.36 -7.25
CA GLN S 177 -32.02 25.46 -6.30
C GLN S 177 -31.82 26.83 -7.02
N ALA S 178 -30.77 26.91 -7.84
CA ALA S 178 -30.50 28.13 -8.62
C ALA S 178 -31.69 28.47 -9.49
N GLU S 179 -32.27 27.47 -10.14
CA GLU S 179 -33.25 27.69 -11.22
C GLU S 179 -34.70 27.73 -10.76
N HIS S 180 -34.96 27.28 -9.53
CA HIS S 180 -36.35 27.18 -9.03
C HIS S 180 -36.50 27.55 -7.56
N ASN S 181 -35.39 27.76 -6.86
CA ASN S 181 -35.48 28.09 -5.39
C ASN S 181 -36.36 27.02 -4.74
N ILE S 182 -36.05 25.77 -5.03
CA ILE S 182 -36.84 24.66 -4.50
C ILE S 182 -36.94 24.74 -2.96
N LEU S 183 -35.93 25.27 -2.29
CA LEU S 183 -36.07 25.34 -0.83
C LEU S 183 -37.30 26.12 -0.42
N MET S 184 -37.68 27.10 -1.25
CA MET S 184 -38.76 28.02 -0.92
C MET S 184 -40.10 27.55 -1.47
N HIS S 185 -40.12 26.35 -2.04
CA HIS S 185 -41.37 25.81 -2.57
C HIS S 185 -42.06 24.90 -1.53
N PRO S 186 -43.35 25.15 -1.24
CA PRO S 186 -44.11 24.40 -0.20
C PRO S 186 -44.11 22.89 -0.37
N PHE S 187 -44.10 22.40 -1.60
CA PHE S 187 -44.14 20.97 -1.86
C PHE S 187 -42.83 20.30 -1.47
N HIS S 188 -41.70 20.99 -1.67
CA HIS S 188 -40.46 20.44 -1.20
C HIS S 188 -40.44 20.51 0.31
N GLN S 189 -41.01 21.60 0.88
CA GLN S 189 -41.09 21.73 2.33
C GLN S 189 -41.92 20.58 2.93
N LEU S 190 -42.99 20.21 2.23
CA LEU S 190 -43.80 19.04 2.61
C LEU S 190 -42.96 17.74 2.51
N GLY S 191 -42.14 17.66 1.46
CA GLY S 191 -41.22 16.53 1.31
C GLY S 191 -40.38 16.40 2.57
N VAL S 192 -39.77 17.48 2.98
CA VAL S 192 -38.84 17.43 4.10
C VAL S 192 -39.63 17.00 5.35
N ALA S 193 -40.78 17.62 5.60
CA ALA S 193 -41.63 17.17 6.70
C ALA S 193 -41.92 15.68 6.58
N GLY S 194 -42.25 15.23 5.38
CA GLY S 194 -42.37 13.81 5.14
C GLY S 194 -41.18 12.92 5.54
N VAL S 195 -39.94 13.28 5.17
CA VAL S 195 -38.83 12.40 5.47
C VAL S 195 -38.29 12.61 6.90
N PHE S 196 -38.25 13.87 7.36
CA PHE S 196 -37.90 14.11 8.76
C PHE S 196 -38.92 13.41 9.69
N GLY S 197 -40.22 13.66 9.42
CA GLY S 197 -41.31 13.04 10.16
C GLY S 197 -41.29 11.53 10.05
N GLY S 198 -41.13 10.99 8.80
CA GLY S 198 -40.91 9.52 8.65
C GLY S 198 -39.80 8.98 9.58
N ALA S 199 -38.68 9.70 9.65
CA ALA S 199 -37.54 9.14 10.36
C ALA S 199 -37.82 9.26 11.89
N LEU S 200 -38.44 10.38 12.26
CA LEU S 200 -38.94 10.59 13.60
C LEU S 200 -39.88 9.45 14.08
N PHE S 201 -40.94 9.21 13.34
CA PHE S 201 -41.94 8.20 13.75
C PHE S 201 -41.35 6.81 13.62
N CYS S 202 -40.38 6.63 12.70
CA CYS S 202 -39.65 5.38 12.61
C CYS S 202 -38.90 5.09 13.95
N ALA S 203 -38.12 6.07 14.40
CA ALA S 203 -37.39 5.98 15.68
C ALA S 203 -38.36 5.68 16.83
N MET S 204 -39.44 6.43 16.84
CA MET S 204 -40.48 6.38 17.86
C MET S 204 -41.20 5.03 17.91
N HIS S 205 -41.74 4.58 16.79
CA HIS S 205 -42.39 3.27 16.73
C HIS S 205 -41.44 2.22 17.19
N GLY S 206 -40.21 2.27 16.67
CA GLY S 206 -39.20 1.30 17.02
C GLY S 206 -38.91 1.33 18.50
N SER S 207 -38.73 2.51 19.08
CA SER S 207 -38.43 2.55 20.51
C SER S 207 -39.65 2.11 21.37
N LEU S 208 -40.86 2.57 21.05
CA LEU S 208 -42.04 2.22 21.87
C LEU S 208 -42.32 0.73 21.93
N VAL S 209 -42.42 0.11 20.77
CA VAL S 209 -42.57 -1.33 20.68
C VAL S 209 -41.42 -2.12 21.33
N THR S 210 -40.19 -1.77 20.99
CA THR S 210 -39.04 -2.37 21.64
C THR S 210 -39.16 -2.26 23.17
N SER S 211 -39.60 -1.12 23.68
CA SER S 211 -39.70 -0.94 25.14
C SER S 211 -40.69 -1.89 25.78
N SER S 212 -41.64 -2.35 24.98
CA SER S 212 -42.80 -3.05 25.49
C SER S 212 -42.67 -4.53 25.25
N LEU S 213 -41.47 -4.94 24.83
CA LEU S 213 -41.15 -6.35 24.66
C LEU S 213 -41.27 -7.06 26.01
N ILE S 214 -42.19 -8.02 26.05
CA ILE S 214 -42.50 -8.83 27.24
C ILE S 214 -41.34 -9.81 27.53
N ARG S 215 -40.84 -9.79 28.77
CA ARG S 215 -39.67 -10.60 29.19
C ARG S 215 -39.89 -12.11 28.99
N GLU S 216 -39.37 -12.62 27.87
CA GLU S 216 -39.34 -14.05 27.60
C GLU S 216 -37.89 -14.51 27.37
N THR S 217 -36.93 -13.74 27.90
CA THR S 217 -35.48 -14.05 27.86
C THR S 217 -34.75 -13.76 29.19
N THR S 218 -33.76 -14.61 29.51
CA THR S 218 -32.93 -14.47 30.71
C THR S 218 -31.92 -13.32 30.61
N GLU S 219 -31.26 -13.00 31.73
CA GLU S 219 -30.30 -11.89 31.81
C GLU S 219 -28.91 -12.18 31.19
N THR S 220 -28.90 -12.76 29.98
CA THR S 220 -27.67 -13.07 29.21
C THR S 220 -27.92 -13.14 27.70
N GLU S 221 -29.04 -13.78 27.30
CA GLU S 221 -29.43 -13.91 25.89
C GLU S 221 -30.12 -12.66 25.32
N SER S 222 -30.15 -12.58 23.98
CA SER S 222 -30.77 -11.49 23.21
C SER S 222 -32.30 -11.53 23.28
N ALA S 223 -32.92 -10.36 23.52
CA ALA S 223 -34.38 -10.25 23.59
C ALA S 223 -35.09 -10.70 22.29
N ASN S 224 -34.36 -10.70 21.16
CA ASN S 224 -34.89 -11.14 19.84
C ASN S 224 -35.42 -12.59 19.81
N TYR S 225 -34.65 -13.52 20.40
CA TYR S 225 -35.05 -14.94 20.55
C TYR S 225 -36.32 -15.13 21.43
N GLY S 226 -36.68 -14.09 22.21
CA GLY S 226 -37.95 -13.99 22.96
C GLY S 226 -39.20 -13.77 22.12
N TYR S 227 -39.03 -13.77 20.80
CA TYR S 227 -40.11 -13.84 19.83
C TYR S 227 -39.84 -15.04 18.88
N LYS S 228 -40.80 -15.96 18.77
CA LYS S 228 -40.71 -17.09 17.82
C LYS S 228 -41.50 -16.74 16.55
N PHE S 229 -40.95 -17.08 15.37
CA PHE S 229 -41.59 -16.74 14.10
C PHE S 229 -42.91 -17.49 13.88
N GLY S 230 -43.94 -16.74 13.48
CA GLY S 230 -45.28 -17.26 13.29
C GLY S 230 -46.21 -17.30 14.52
N GLN S 231 -45.67 -16.96 15.70
CA GLN S 231 -46.42 -17.01 16.99
C GLN S 231 -47.73 -16.20 17.00
N GLU S 232 -48.82 -16.84 17.45
CA GLU S 232 -50.16 -16.21 17.48
C GLU S 232 -50.30 -15.10 18.54
N GLU S 233 -49.45 -15.13 19.57
CA GLU S 233 -49.40 -14.09 20.61
C GLU S 233 -48.43 -12.95 20.25
N GLU S 234 -48.65 -11.79 20.85
CA GLU S 234 -47.77 -10.63 20.64
C GLU S 234 -46.60 -10.59 21.63
N THR S 235 -45.41 -10.29 21.10
CA THR S 235 -44.18 -10.15 21.89
C THR S 235 -43.98 -8.71 22.40
N TYR S 236 -45.05 -7.91 22.34
CA TYR S 236 -45.09 -6.54 22.88
C TYR S 236 -46.46 -6.21 23.52
N ASN S 237 -46.47 -5.16 24.35
CA ASN S 237 -47.63 -4.76 25.15
C ASN S 237 -48.08 -3.33 24.77
N ILE S 238 -48.87 -3.21 23.69
CA ILE S 238 -49.30 -1.90 23.16
C ILE S 238 -50.24 -1.08 24.09
N VAL S 239 -50.61 -1.63 25.24
CA VAL S 239 -51.30 -0.88 26.29
C VAL S 239 -50.25 -0.17 27.15
N ALA S 240 -49.18 -0.89 27.50
CA ALA S 240 -48.03 -0.31 28.21
C ALA S 240 -47.29 0.74 27.36
N ALA S 241 -47.21 0.49 26.05
CA ALA S 241 -46.64 1.44 25.09
C ALA S 241 -47.50 2.71 25.03
N HIS S 242 -48.82 2.53 24.90
CA HIS S 242 -49.78 3.64 24.96
C HIS S 242 -49.60 4.42 26.24
N GLY S 243 -49.62 3.72 27.37
CA GLY S 243 -49.45 4.30 28.70
C GLY S 243 -48.25 5.22 28.84
N TYR S 244 -47.11 4.83 28.24
CA TYR S 244 -45.89 5.67 28.20
C TYR S 244 -46.05 6.92 27.32
N PHE S 245 -46.46 6.77 26.07
CA PHE S 245 -46.54 7.91 25.17
C PHE S 245 -47.69 8.86 25.54
N GLY S 246 -48.82 8.27 25.97
CA GLY S 246 -49.98 9.03 26.46
C GLY S 246 -49.71 9.83 27.74
N ARG S 247 -48.55 9.60 28.33
CA ARG S 247 -48.07 10.43 29.42
C ARG S 247 -46.94 11.35 28.95
N LEU S 248 -46.20 10.91 27.93
CA LEU S 248 -45.12 11.71 27.33
C LEU S 248 -45.65 13.05 26.82
N ILE S 249 -46.75 13.00 26.07
CA ILE S 249 -47.46 14.21 25.64
C ILE S 249 -48.80 14.31 26.45
N PHE S 250 -49.89 13.75 25.91
CA PHE S 250 -51.14 13.52 26.69
C PHE S 250 -51.93 12.27 26.24
N GLN S 251 -52.87 11.83 27.08
CA GLN S 251 -53.63 10.57 26.90
C GLN S 251 -54.32 10.42 25.55
N TYR S 252 -54.59 11.55 24.89
CA TYR S 252 -55.26 11.58 23.57
C TYR S 252 -54.27 11.74 22.39
N ALA S 253 -52.98 11.93 22.69
CA ALA S 253 -51.93 12.10 21.65
C ALA S 253 -51.23 10.79 21.22
N SER S 254 -51.42 9.73 22.00
CA SER S 254 -50.87 8.40 21.72
C SER S 254 -51.92 7.47 21.13
N PHE S 255 -51.54 6.69 20.13
CA PHE S 255 -52.45 5.73 19.49
C PHE S 255 -52.67 4.46 20.33
N ASN S 256 -53.92 4.18 20.65
CA ASN S 256 -54.28 2.90 21.27
C ASN S 256 -54.62 1.86 20.20
N ASN S 257 -55.03 2.33 19.02
CA ASN S 257 -55.42 1.48 17.92
C ASN S 257 -54.25 1.25 16.96
N SER S 258 -53.75 0.02 16.96
CA SER S 258 -52.59 -0.35 16.19
C SER S 258 -52.83 -0.17 14.70
N ARG S 259 -54.04 -0.44 14.23
CA ARG S 259 -54.35 -0.27 12.83
C ARG S 259 -54.27 1.20 12.42
N SER S 260 -54.92 2.08 13.19
CA SER S 260 -54.74 3.49 12.92
C SER S 260 -53.28 4.01 13.16
N LEU S 261 -52.53 3.39 14.07
CA LEU S 261 -51.17 3.80 14.24
C LEU S 261 -50.36 3.47 12.97
N HIS S 262 -50.42 2.23 12.53
CA HIS S 262 -49.71 1.81 11.34
C HIS S 262 -50.12 2.53 10.09
N PHE S 263 -51.39 2.88 10.03
CA PHE S 263 -51.88 3.64 8.89
C PHE S 263 -51.15 4.97 8.76
N PHE S 264 -50.98 5.61 9.91
CA PHE S 264 -50.35 6.89 10.01
C PHE S 264 -48.87 6.78 9.63
N LEU S 265 -48.23 5.68 10.03
CA LEU S 265 -46.83 5.41 9.70
C LEU S 265 -46.70 5.26 8.20
N ALA S 266 -47.68 4.63 7.56
CA ALA S 266 -47.64 4.59 6.11
C ALA S 266 -47.83 5.98 5.52
N ALA S 267 -48.90 6.64 5.94
CA ALA S 267 -49.41 7.81 5.24
C ALA S 267 -48.51 9.02 5.36
N TRP S 268 -47.92 9.29 6.53
CA TRP S 268 -47.17 10.53 6.68
C TRP S 268 -46.00 10.65 5.66
N PRO S 269 -45.03 9.70 5.65
CA PRO S 269 -43.95 9.79 4.65
C PRO S 269 -44.43 9.59 3.19
N VAL S 270 -45.45 8.80 2.97
CA VAL S 270 -45.90 8.57 1.60
C VAL S 270 -46.49 9.90 1.08
N VAL S 271 -47.43 10.50 1.81
CA VAL S 271 -47.99 11.76 1.37
C VAL S 271 -46.88 12.83 1.18
N GLY S 272 -46.03 13.05 2.20
CA GLY S 272 -44.88 13.93 2.08
C GLY S 272 -44.08 13.74 0.78
N VAL S 273 -43.76 12.48 0.46
CA VAL S 273 -42.97 12.13 -0.71
C VAL S 273 -43.70 12.30 -2.04
N TRP S 274 -45.00 12.04 -2.04
CA TRP S 274 -45.85 12.45 -3.13
C TRP S 274 -45.70 13.94 -3.40
N PHE S 275 -45.77 14.75 -2.35
CA PHE S 275 -45.66 16.16 -2.56
C PHE S 275 -44.26 16.54 -3.04
N THR S 276 -43.22 15.95 -2.43
CA THR S 276 -41.86 16.18 -2.92
C THR S 276 -41.78 15.91 -4.41
N ALA S 277 -42.29 14.77 -4.84
CA ALA S 277 -42.24 14.33 -6.24
C ALA S 277 -42.99 15.32 -7.15
N LEU S 278 -44.12 15.81 -6.64
CA LEU S 278 -44.91 16.82 -7.34
C LEU S 278 -44.24 18.20 -7.35
N GLY S 279 -43.44 18.51 -6.31
CA GLY S 279 -42.55 19.71 -6.35
C GLY S 279 -41.64 19.71 -7.60
N ILE S 280 -40.83 18.67 -7.70
CA ILE S 280 -39.99 18.49 -8.90
C ILE S 280 -40.80 18.46 -10.20
N SER S 281 -41.95 17.77 -10.19
CA SER S 281 -42.77 17.63 -11.43
C SER S 281 -43.48 18.91 -11.85
N THR S 282 -43.64 19.87 -10.93
CA THR S 282 -44.28 21.13 -11.27
C THR S 282 -43.24 22.23 -11.48
N MET S 283 -42.15 22.22 -10.69
CA MET S 283 -40.99 23.04 -11.02
C MET S 283 -40.49 22.67 -12.44
N ALA S 284 -40.78 21.45 -12.89
CA ALA S 284 -40.45 21.03 -14.25
C ALA S 284 -41.04 21.94 -15.37
N PHE S 285 -42.16 22.59 -15.05
CA PHE S 285 -42.86 23.52 -15.92
C PHE S 285 -42.76 24.93 -15.29
N ASN S 286 -41.72 25.10 -14.50
CA ASN S 286 -41.28 26.43 -14.05
C ASN S 286 -42.30 27.19 -13.21
N LEU S 287 -43.16 26.49 -12.47
CA LEU S 287 -43.91 27.17 -11.44
C LEU S 287 -43.05 26.98 -10.21
N ASN S 288 -42.33 28.04 -9.84
CA ASN S 288 -41.19 27.93 -8.92
C ASN S 288 -41.46 28.34 -7.48
N GLY S 289 -40.46 28.16 -6.60
CA GLY S 289 -40.60 28.40 -5.17
C GLY S 289 -40.97 29.84 -4.93
N PHE S 290 -41.42 30.18 -3.71
CA PHE S 290 -41.77 31.59 -3.40
C PHE S 290 -40.59 32.52 -3.63
N ASN S 291 -40.89 33.73 -4.12
CA ASN S 291 -39.90 34.74 -4.42
C ASN S 291 -40.23 35.99 -3.67
N PHE S 292 -39.53 36.17 -2.55
CA PHE S 292 -39.63 37.36 -1.76
C PHE S 292 -38.41 38.29 -1.92
N ASN S 293 -37.80 38.23 -3.10
CA ASN S 293 -36.63 39.10 -3.38
C ASN S 293 -37.04 40.60 -3.35
N HIS S 294 -36.47 41.37 -2.42
CA HIS S 294 -36.78 42.80 -2.29
C HIS S 294 -38.21 43.07 -1.93
N SER S 295 -38.82 42.16 -1.13
CA SER S 295 -40.22 42.33 -0.73
C SER S 295 -40.39 43.43 0.34
N VAL S 296 -39.39 43.60 1.21
CA VAL S 296 -39.41 44.61 2.31
C VAL S 296 -38.64 45.88 1.94
N ILE S 297 -39.38 47.00 1.91
CA ILE S 297 -38.98 48.29 1.38
C ILE S 297 -39.29 49.29 2.46
N ASP S 298 -38.40 50.26 2.68
CA ASP S 298 -38.58 51.20 3.78
C ASP S 298 -39.35 52.45 3.31
N ALA S 299 -39.50 53.42 4.20
CA ALA S 299 -40.29 54.62 3.85
C ALA S 299 -39.77 55.37 2.59
N LYS S 300 -38.44 55.41 2.37
CA LYS S 300 -37.90 56.08 1.17
C LYS S 300 -38.03 55.27 -0.11
N GLY S 301 -37.99 53.94 0.05
CA GLY S 301 -37.84 53.03 -1.08
C GLY S 301 -36.57 52.18 -1.01
N ASN S 302 -35.76 52.31 0.05
CA ASN S 302 -34.61 51.40 0.22
C ASN S 302 -35.07 49.95 0.38
N VAL S 303 -34.44 49.03 -0.35
CA VAL S 303 -34.70 47.63 -0.07
C VAL S 303 -34.12 47.34 1.31
N ILE S 304 -34.95 46.79 2.19
CA ILE S 304 -34.44 46.22 3.45
C ILE S 304 -34.35 44.69 3.30
N ASN S 305 -33.13 44.15 3.24
CA ASN S 305 -32.96 42.71 2.98
C ASN S 305 -33.57 41.82 4.06
N THR S 306 -34.12 40.68 3.63
CA THR S 306 -34.41 39.61 4.56
C THR S 306 -33.59 38.36 4.22
N TRP S 307 -33.69 37.35 5.08
CA TRP S 307 -33.10 36.05 4.79
C TRP S 307 -33.39 35.54 3.42
N ALA S 308 -34.55 35.89 2.86
CA ALA S 308 -34.88 35.48 1.47
C ALA S 308 -33.90 36.06 0.47
N ASP S 309 -33.54 37.35 0.66
CA ASP S 309 -32.50 37.99 -0.17
C ASP S 309 -31.14 37.37 -0.06
N ILE S 310 -30.76 36.90 1.12
CA ILE S 310 -29.47 36.23 1.25
C ILE S 310 -29.47 34.92 0.46
N ILE S 311 -30.58 34.19 0.51
CA ILE S 311 -30.74 32.95 -0.23
C ILE S 311 -30.57 33.32 -1.69
N ASN S 312 -31.15 34.45 -2.08
CA ASN S 312 -31.07 34.93 -3.47
C ASN S 312 -29.59 35.13 -3.91
N ARG S 313 -28.78 35.65 -3.00
CA ARG S 313 -27.35 35.87 -3.31
C ARG S 313 -26.62 34.55 -3.55
N ALA S 314 -26.92 33.55 -2.70
CA ALA S 314 -26.37 32.21 -2.89
C ALA S 314 -26.81 31.61 -4.23
N ASN S 315 -28.12 31.71 -4.54
CA ASN S 315 -28.66 31.18 -5.79
C ASN S 315 -28.00 31.88 -7.00
N LEU S 316 -27.73 33.18 -6.87
CA LEU S 316 -27.01 33.92 -7.90
C LEU S 316 -25.64 33.28 -8.15
N GLY S 317 -24.91 32.96 -7.09
CA GLY S 317 -23.62 32.31 -7.23
C GLY S 317 -23.66 31.02 -8.06
N MET S 318 -24.71 30.24 -7.85
CA MET S 318 -24.91 28.97 -8.55
C MET S 318 -25.25 29.23 -9.99
N GLU S 319 -26.19 30.12 -10.18
CA GLU S 319 -26.69 30.43 -11.49
C GLU S 319 -25.57 30.89 -12.43
N VAL S 320 -24.82 31.91 -12.01
CA VAL S 320 -23.80 32.49 -12.90
C VAL S 320 -22.67 31.52 -13.20
N MET S 321 -22.40 30.61 -12.27
CA MET S 321 -21.30 29.67 -12.41
C MET S 321 -21.63 28.41 -13.16
N HIS S 322 -22.89 27.94 -13.11
CA HIS S 322 -23.19 26.61 -13.64
C HIS S 322 -23.09 26.60 -15.15
N GLU S 323 -22.62 25.49 -15.68
CA GLU S 323 -22.44 25.31 -17.14
C GLU S 323 -21.81 26.60 -17.75
N ARG S 324 -20.66 26.98 -17.16
CA ARG S 324 -19.91 28.19 -17.47
C ARG S 324 -19.64 28.52 -18.96
N ASN S 325 -19.66 27.53 -19.84
CA ASN S 325 -19.50 27.78 -21.30
C ASN S 325 -20.73 27.55 -22.16
N ALA S 326 -21.89 27.27 -21.56
CA ALA S 326 -23.05 26.87 -22.38
C ALA S 326 -24.01 28.00 -22.78
N HIS S 327 -23.96 29.13 -22.08
CA HIS S 327 -24.92 30.23 -22.30
C HIS S 327 -24.29 31.37 -23.09
N ASN S 328 -24.94 31.72 -24.20
CA ASN S 328 -24.55 32.87 -25.02
C ASN S 328 -25.37 34.12 -24.84
N PHE S 329 -26.55 33.96 -24.27
CA PHE S 329 -27.55 35.02 -24.22
C PHE S 329 -27.87 35.24 -22.76
N PRO S 330 -28.52 36.37 -22.41
CA PRO S 330 -28.45 36.80 -21.01
C PRO S 330 -29.37 36.12 -20.02
N LEU S 331 -30.41 35.46 -20.49
CA LEU S 331 -31.36 34.74 -19.65
C LEU S 331 -31.26 33.24 -19.86
N ASP S 332 -31.22 32.51 -18.75
CA ASP S 332 -31.23 31.03 -18.83
C ASP S 332 -32.73 30.61 -18.83
N LEU S 333 -33.25 30.29 -20.00
CA LEU S 333 -34.69 30.12 -20.09
C LEU S 333 -35.14 28.66 -20.05
N ALA S 334 -34.18 27.75 -20.07
CA ALA S 334 -34.43 26.32 -19.75
C ALA S 334 -33.09 25.73 -19.40
N GLY T 1 -25.54 -18.06 23.28
CA GLY T 1 -24.46 -17.33 24.03
C GLY T 1 -24.67 -15.82 24.11
N LEU T 2 -23.56 -15.10 24.34
CA LEU T 2 -23.58 -13.63 24.37
C LEU T 2 -23.44 -13.05 22.97
N PRO T 3 -24.38 -12.17 22.58
CA PRO T 3 -24.20 -11.43 21.33
C PRO T 3 -22.87 -10.67 21.36
N TRP T 4 -22.29 -10.42 20.17
CA TRP T 4 -20.94 -9.84 20.09
C TRP T 4 -20.78 -8.56 20.87
N TYR T 5 -21.85 -7.77 20.98
CA TYR T 5 -21.77 -6.46 21.65
C TYR T 5 -21.84 -6.58 23.20
N ARG T 6 -22.03 -7.79 23.72
CA ARG T 6 -22.07 -8.01 25.16
C ARG T 6 -20.95 -8.92 25.72
N VAL T 7 -19.93 -9.22 24.91
CA VAL T 7 -18.90 -10.18 25.33
C VAL T 7 -18.22 -9.76 26.61
N HIS T 8 -18.05 -8.46 26.81
CA HIS T 8 -17.30 -8.01 27.97
C HIS T 8 -18.09 -8.00 29.23
N THR T 9 -19.37 -8.29 29.13
CA THR T 9 -20.22 -8.27 30.35
C THR T 9 -19.82 -9.41 31.29
N VAL T 10 -19.14 -10.42 30.75
CA VAL T 10 -18.66 -11.52 31.58
C VAL T 10 -17.79 -11.00 32.73
N LEU T 11 -17.34 -9.74 32.68
CA LEU T 11 -16.53 -9.16 33.74
C LEU T 11 -17.35 -8.54 34.89
N ILE T 12 -18.62 -8.23 34.65
CA ILE T 12 -19.45 -7.47 35.62
C ILE T 12 -19.43 -8.08 37.02
N ASN T 13 -19.37 -9.40 37.07
CA ASN T 13 -19.41 -10.14 38.30
C ASN T 13 -18.09 -10.79 38.64
N ASP T 14 -16.99 -10.20 38.16
CA ASP T 14 -15.70 -10.84 38.27
C ASP T 14 -14.71 -9.72 38.53
N PRO T 15 -14.59 -9.32 39.79
CA PRO T 15 -13.74 -8.19 40.08
C PRO T 15 -12.27 -8.41 39.68
N GLY T 16 -11.75 -9.60 39.86
CA GLY T 16 -10.32 -9.81 39.53
C GLY T 16 -10.04 -9.74 38.04
N ARG T 17 -10.96 -10.25 37.25
CA ARG T 17 -10.83 -10.25 35.81
C ARG T 17 -11.15 -8.90 35.24
N LEU T 18 -11.90 -8.11 36.01
CA LEU T 18 -12.18 -6.72 35.63
C LEU T 18 -10.92 -5.92 35.78
N ILE T 19 -10.25 -6.12 36.92
CA ILE T 19 -8.95 -5.51 37.15
C ILE T 19 -7.96 -5.94 36.05
N ALA T 20 -7.94 -7.23 35.73
CA ALA T 20 -7.11 -7.76 34.67
C ALA T 20 -7.34 -7.04 33.33
N ALA T 21 -8.61 -7.03 32.88
CA ALA T 21 -9.04 -6.16 31.80
C ALA T 21 -8.57 -4.69 31.97
N HIS T 22 -8.72 -4.10 33.17
CA HIS T 22 -8.29 -2.70 33.36
C HIS T 22 -6.79 -2.54 33.31
N LEU T 23 -6.10 -3.62 33.66
CA LEU T 23 -4.66 -3.67 33.53
C LEU T 23 -4.23 -3.80 32.06
N MET T 24 -4.91 -4.64 31.30
CA MET T 24 -4.63 -4.78 29.86
C MET T 24 -4.82 -3.46 29.18
N HIS T 25 -5.90 -2.75 29.54
CA HIS T 25 -6.23 -1.48 28.89
C HIS T 25 -5.16 -0.50 29.19
N THR T 26 -4.77 -0.46 30.45
CA THR T 26 -3.74 0.45 30.90
C THR T 26 -2.39 0.18 30.21
N ALA T 27 -2.03 -1.11 30.07
CA ALA T 27 -0.80 -1.50 29.37
C ALA T 27 -0.84 -1.06 27.90
N LEU T 28 -2.00 -1.19 27.26
CA LEU T 28 -2.12 -0.77 25.84
C LEU T 28 -1.93 0.76 25.69
N VAL T 29 -2.56 1.51 26.58
CA VAL T 29 -2.45 2.95 26.57
C VAL T 29 -1.03 3.43 26.87
N ALA T 30 -0.37 2.86 27.89
CA ALA T 30 1.02 3.26 28.12
C ALA T 30 1.97 2.82 26.96
N GLY T 31 1.68 1.66 26.37
CA GLY T 31 2.48 1.14 25.27
C GLY T 31 2.36 2.07 24.09
N TRP T 32 1.13 2.52 23.84
CA TRP T 32 0.86 3.49 22.82
C TRP T 32 1.66 4.74 22.99
N ALA T 33 1.68 5.27 24.22
CA ALA T 33 2.36 6.54 24.47
C ALA T 33 3.85 6.44 24.22
N GLY T 34 4.47 5.34 24.65
CA GLY T 34 5.91 5.12 24.35
C GLY T 34 6.25 4.88 22.86
N SER T 35 5.52 3.97 22.22
CA SER T 35 5.58 3.74 20.77
C SER T 35 5.44 5.02 19.99
N MET T 36 4.39 5.81 20.33
CA MET T 36 4.13 7.11 19.70
C MET T 36 5.27 8.05 19.90
N ALA T 37 5.87 8.11 21.10
CA ALA T 37 7.01 9.04 21.29
C ALA T 37 8.21 8.62 20.41
N LEU T 38 8.47 7.32 20.37
CA LEU T 38 9.57 6.79 19.51
C LEU T 38 9.32 7.08 18.03
N TYR T 39 8.10 6.92 17.59
CA TYR T 39 7.79 7.18 16.15
C TYR T 39 8.03 8.65 15.82
N GLU T 40 7.58 9.54 16.69
CA GLU T 40 7.79 11.00 16.48
C GLU T 40 9.26 11.35 16.50
N LEU T 41 9.99 10.77 17.45
CA LEU T 41 11.46 10.93 17.48
C LEU T 41 12.14 10.46 16.18
N ALA T 42 11.72 9.31 15.64
CA ALA T 42 12.20 8.83 14.33
C ALA T 42 11.92 9.80 13.21
N THR T 43 10.91 10.65 13.37
CA THR T 43 10.49 11.49 12.28
C THR T 43 10.72 12.98 12.53
N PHE T 44 11.01 13.38 13.77
CA PHE T 44 11.11 14.79 14.08
C PHE T 44 12.45 15.42 13.73
N ASP T 45 12.41 16.47 12.92
CA ASP T 45 13.56 17.31 12.61
C ASP T 45 13.69 18.42 13.64
N PRO T 46 14.74 18.37 14.49
CA PRO T 46 14.90 19.35 15.56
C PRO T 46 15.71 20.60 15.17
N SER T 47 15.97 20.80 13.87
CA SER T 47 17.00 21.76 13.50
C SER T 47 16.52 23.23 13.40
N ASP T 48 15.21 23.47 13.53
CA ASP T 48 14.69 24.82 13.33
C ASP T 48 13.41 25.07 14.15
N PRO T 49 13.54 25.44 15.45
CA PRO T 49 12.28 25.70 16.17
C PRO T 49 11.63 27.00 15.68
N VAL T 50 12.29 27.72 14.78
CA VAL T 50 11.74 28.97 14.27
C VAL T 50 10.72 28.68 13.16
N LEU T 51 11.16 28.05 12.07
CA LEU T 51 10.24 27.88 10.93
C LEU T 51 9.82 26.44 10.71
N ASN T 52 10.37 25.55 11.52
CA ASN T 52 9.96 24.15 11.50
C ASN T 52 9.78 23.51 12.89
N PRO T 53 9.10 24.24 13.83
CA PRO T 53 8.76 23.68 15.16
C PRO T 53 7.93 22.41 15.06
N MET T 54 7.76 21.70 16.20
CA MET T 54 7.03 20.43 16.24
C MET T 54 5.63 20.50 15.63
N TRP T 55 4.96 21.64 15.77
CA TRP T 55 3.56 21.65 15.40
C TRP T 55 3.36 21.72 13.89
N ARG T 56 4.46 21.98 13.17
CA ARG T 56 4.47 21.98 11.72
C ARG T 56 4.66 20.56 11.14
N GLN T 57 5.05 19.65 12.03
CA GLN T 57 5.59 18.37 11.63
C GLN T 57 4.65 17.26 12.07
N GLY T 58 3.44 17.62 12.49
CA GLY T 58 2.45 16.59 12.76
C GLY T 58 2.70 15.92 14.08
N MET T 59 3.41 16.61 14.99
CA MET T 59 3.80 16.01 16.30
C MET T 59 2.67 16.11 17.31
N PHE T 60 2.36 15.01 17.96
CA PHE T 60 1.22 14.94 18.84
C PHE T 60 1.56 14.72 20.29
N VAL T 61 2.46 13.78 20.63
CA VAL T 61 2.86 13.58 22.04
C VAL T 61 4.06 14.42 22.45
N LEU T 62 4.90 14.79 21.49
CA LEU T 62 6.07 15.57 21.79
C LEU T 62 5.71 16.85 22.57
N PRO T 63 4.68 17.60 22.11
CA PRO T 63 4.24 18.80 22.86
C PRO T 63 3.77 18.51 24.29
N PHE T 64 3.18 17.36 24.56
CA PHE T 64 2.78 17.04 25.95
C PHE T 64 4.00 16.72 26.79
N MET T 65 5.03 16.15 26.16
CA MET T 65 6.29 15.97 26.89
C MET T 65 6.90 17.31 27.30
N ALA T 66 6.88 18.25 26.37
CA ALA T 66 7.48 19.55 26.59
C ALA T 66 6.68 20.42 27.53
N ARG T 67 5.34 20.32 27.43
CA ARG T 67 4.45 21.04 28.35
C ARG T 67 4.93 20.88 29.81
N LEU T 68 5.32 19.67 30.20
CA LEU T 68 5.65 19.41 31.60
C LEU T 68 7.15 19.36 31.92
N GLY T 69 7.99 19.79 30.96
CA GLY T 69 9.40 19.94 31.23
C GLY T 69 10.39 18.96 30.61
N VAL T 70 9.92 17.97 29.87
CA VAL T 70 10.82 17.13 29.09
C VAL T 70 10.97 17.83 27.74
N THR T 71 12.15 18.43 27.52
CA THR T 71 12.39 19.26 26.35
C THR T 71 13.64 18.86 25.55
N GLY T 72 14.36 17.87 26.06
CA GLY T 72 15.68 17.48 25.53
C GLY T 72 15.80 16.03 25.09
N SER T 73 16.73 15.80 24.15
CA SER T 73 17.07 14.48 23.64
C SER T 73 18.39 13.99 24.18
N TRP T 74 18.50 12.68 24.34
CA TRP T 74 19.80 12.09 24.58
C TRP T 74 20.81 12.39 23.50
N SER T 75 20.36 12.72 22.29
CA SER T 75 21.26 12.97 21.20
C SER T 75 21.80 14.41 21.23
N GLY T 76 21.45 15.14 22.30
CA GLY T 76 22.07 16.45 22.59
C GLY T 76 21.33 17.74 22.25
N TRP T 77 20.17 17.66 21.55
CA TRP T 77 19.39 18.88 21.24
C TRP T 77 18.24 19.12 22.20
N SER T 78 17.81 20.37 22.31
CA SER T 78 16.57 20.64 23.02
C SER T 78 15.57 21.28 22.06
N ILE T 79 14.28 21.17 22.37
CA ILE T 79 13.29 21.81 21.51
C ILE T 79 13.39 23.32 21.37
N THR T 80 14.04 23.99 22.30
CA THR T 80 14.24 25.43 22.13
C THR T 80 15.42 25.78 21.18
N GLY T 81 15.96 24.79 20.45
CA GLY T 81 17.12 25.04 19.56
C GLY T 81 18.52 24.99 20.16
N GLU T 82 18.63 24.59 21.42
CA GLU T 82 19.95 24.42 22.05
C GLU T 82 20.63 23.14 21.54
N THR T 83 21.97 23.17 21.54
CA THR T 83 22.82 22.01 21.29
C THR T 83 23.67 21.79 22.55
N GLY T 84 24.25 20.60 22.67
CA GLY T 84 25.04 20.21 23.83
C GLY T 84 24.36 20.30 25.19
N ILE T 85 23.06 19.99 25.27
CA ILE T 85 22.43 19.90 26.59
C ILE T 85 22.45 18.44 27.04
N ASP T 86 22.40 18.25 28.37
CA ASP T 86 22.33 16.92 28.97
C ASP T 86 21.02 16.82 29.74
N PRO T 87 20.04 16.10 29.15
CA PRO T 87 18.73 16.11 29.78
C PRO T 87 18.64 15.18 31.00
N GLY T 88 19.71 14.42 31.27
CA GLY T 88 19.67 13.30 32.23
C GLY T 88 18.87 12.14 31.65
N PHE T 89 18.40 11.23 32.52
CA PHE T 89 17.45 10.22 32.05
C PHE T 89 16.19 10.77 31.34
N TRP T 90 15.55 11.80 31.92
CA TRP T 90 14.23 12.22 31.45
C TRP T 90 14.24 13.03 30.22
N SER T 91 14.83 12.45 29.18
CA SER T 91 14.79 13.01 27.84
C SER T 91 13.52 12.47 27.20
N PHE T 92 13.17 12.95 26.00
CA PHE T 92 12.08 12.33 25.23
C PHE T 92 12.26 10.84 25.13
N GLU T 93 13.51 10.34 24.98
CA GLU T 93 13.69 8.87 24.89
C GLU T 93 13.49 8.14 26.22
N GLY T 94 13.96 8.76 27.34
CA GLY T 94 13.76 8.13 28.65
C GLY T 94 12.29 8.04 29.04
N VAL T 95 11.55 9.10 28.75
CA VAL T 95 10.06 8.99 28.89
C VAL T 95 9.48 7.84 28.03
N ALA T 96 9.86 7.75 26.77
CA ALA T 96 9.32 6.66 25.93
C ALA T 96 9.66 5.29 26.54
N LEU T 97 10.93 5.13 26.91
CA LEU T 97 11.40 3.90 27.56
C LEU T 97 10.59 3.55 28.79
N ALA T 98 10.46 4.54 29.70
CA ALA T 98 9.72 4.35 30.94
C ALA T 98 8.31 3.84 30.61
N HIS T 99 7.67 4.47 29.66
CA HIS T 99 6.32 3.99 29.34
C HIS T 99 6.27 2.62 28.73
N ILE T 100 7.26 2.29 27.87
CA ILE T 100 7.31 0.93 27.30
C ILE T 100 7.47 -0.13 28.44
N VAL T 101 8.40 0.12 29.39
CA VAL T 101 8.62 -0.84 30.48
C VAL T 101 7.34 -0.93 31.35
N LEU T 102 6.76 0.22 31.68
CA LEU T 102 5.49 0.27 32.41
C LEU T 102 4.43 -0.64 31.77
N SER T 103 4.24 -0.47 30.45
CA SER T 103 3.31 -1.31 29.66
C SER T 103 3.57 -2.78 29.91
N GLY T 104 4.86 -3.15 29.87
CA GLY T 104 5.24 -4.55 30.04
C GLY T 104 4.88 -5.04 31.43
N LEU T 105 5.13 -4.20 32.43
CA LEU T 105 4.86 -4.63 33.83
C LEU T 105 3.35 -4.82 34.04
N LEU T 106 2.56 -3.92 33.46
CA LEU T 106 1.10 -3.93 33.61
C LEU T 106 0.55 -5.16 32.93
N PHE T 107 1.12 -5.48 31.75
CA PHE T 107 0.69 -6.64 30.99
C PHE T 107 0.88 -7.91 31.82
N LEU T 108 2.02 -8.06 32.48
CA LEU T 108 2.25 -9.26 33.31
C LEU T 108 1.30 -9.32 34.50
N ALA T 109 1.13 -8.18 35.17
CA ALA T 109 0.10 -7.98 36.18
C ALA T 109 -1.31 -8.35 35.67
N ALA T 110 -1.68 -7.91 34.48
CA ALA T 110 -2.99 -8.37 33.90
C ALA T 110 -3.10 -9.89 33.89
N CYS T 111 -2.00 -10.55 33.47
CA CYS T 111 -1.94 -12.01 33.35
C CYS T 111 -2.21 -12.68 34.70
N TRP T 112 -1.50 -12.18 35.72
CA TRP T 112 -1.61 -12.69 37.06
C TRP T 112 -3.04 -12.57 37.50
N HIS T 113 -3.61 -11.38 37.41
CA HIS T 113 -4.98 -11.18 37.89
C HIS T 113 -6.00 -11.93 37.08
N TRP T 114 -5.71 -12.19 35.82
CA TRP T 114 -6.64 -12.99 35.00
C TRP T 114 -6.67 -14.42 35.44
N VAL T 115 -5.51 -14.97 35.75
CA VAL T 115 -5.37 -16.35 36.24
C VAL T 115 -5.86 -16.48 37.71
N TYR T 116 -5.38 -15.62 38.60
CA TYR T 116 -5.72 -15.75 40.01
C TYR T 116 -6.87 -14.81 40.35
N TRP T 117 -7.99 -15.05 39.69
CA TRP T 117 -9.13 -14.14 39.78
C TRP T 117 -9.90 -14.28 41.07
N ASP T 118 -9.86 -15.49 41.66
CA ASP T 118 -10.69 -15.85 42.82
C ASP T 118 -10.03 -15.50 44.12
N LEU T 119 -9.67 -14.25 44.29
CA LEU T 119 -9.00 -13.83 45.49
C LEU T 119 -10.06 -13.61 46.55
N GLU T 120 -9.69 -13.92 47.80
CA GLU T 120 -10.66 -13.88 48.88
C GLU T 120 -11.07 -12.45 49.07
N LEU T 121 -10.17 -11.52 48.75
CA LEU T 121 -10.46 -10.09 48.86
C LEU T 121 -11.80 -9.70 48.19
N PHE T 122 -12.20 -10.49 47.19
CA PHE T 122 -13.31 -10.11 46.31
C PHE T 122 -14.64 -10.77 46.72
N ARG T 123 -14.56 -11.74 47.61
CA ARG T 123 -15.75 -12.42 48.09
C ARG T 123 -16.26 -11.68 49.33
N ASP T 124 -17.57 -11.72 49.54
CA ASP T 124 -18.15 -11.21 50.78
C ASP T 124 -18.10 -12.31 51.85
N PRO T 125 -17.58 -11.95 53.05
CA PRO T 125 -17.44 -12.87 54.19
C PRO T 125 -18.72 -13.66 54.46
N ARG T 126 -19.79 -12.95 54.80
CA ARG T 126 -21.05 -13.58 55.20
C ARG T 126 -21.99 -13.97 54.05
N THR T 127 -21.61 -13.69 52.79
CA THR T 127 -22.40 -14.16 51.63
C THR T 127 -21.66 -15.17 50.75
N GLY T 128 -20.34 -15.01 50.66
CA GLY T 128 -19.52 -15.80 49.73
C GLY T 128 -19.66 -15.38 48.27
N GLU T 129 -20.46 -14.32 48.04
CA GLU T 129 -20.73 -13.75 46.71
C GLU T 129 -19.69 -12.63 46.43
N PRO T 130 -19.33 -12.40 45.14
CA PRO T 130 -18.46 -11.25 44.79
C PRO T 130 -18.99 -9.91 45.28
N ALA T 131 -18.10 -9.11 45.84
CA ALA T 131 -18.53 -7.82 46.39
C ALA T 131 -17.42 -6.84 46.37
N LEU T 132 -17.74 -5.67 45.83
CA LEU T 132 -16.89 -4.53 45.90
C LEU T 132 -17.63 -3.44 46.64
N ASP T 133 -16.99 -2.89 47.66
CA ASP T 133 -17.55 -1.75 48.37
C ASP T 133 -17.19 -0.45 47.62
N LEU T 134 -18.03 -0.11 46.64
CA LEU T 134 -17.79 1.05 45.76
C LEU T 134 -17.75 2.40 46.45
N PRO T 135 -18.67 2.65 47.40
CA PRO T 135 -18.56 3.97 48.03
C PRO T 135 -17.22 4.21 48.75
N LYS T 136 -16.67 3.19 49.40
CA LYS T 136 -15.36 3.35 50.03
C LYS T 136 -14.21 3.30 48.98
N MET T 137 -14.27 2.37 48.03
CA MET T 137 -13.36 2.44 46.87
C MET T 137 -13.28 3.88 46.38
N PHE T 138 -14.42 4.56 46.30
CA PHE T 138 -14.34 5.92 45.83
C PHE T 138 -13.50 6.85 46.77
N GLY T 139 -13.62 6.65 48.09
CA GLY T 139 -12.89 7.44 49.07
C GLY T 139 -11.40 7.23 48.96
N ILE T 140 -11.01 5.97 48.87
CA ILE T 140 -9.60 5.63 48.70
C ILE T 140 -9.02 6.30 47.43
N HIS T 141 -9.68 6.05 46.28
CA HIS T 141 -9.22 6.57 44.98
C HIS T 141 -9.24 8.07 44.93
N LEU T 142 -10.27 8.68 45.53
CA LEU T 142 -10.33 10.16 45.58
C LEU T 142 -9.21 10.76 46.43
N PHE T 143 -8.90 10.08 47.54
CA PHE T 143 -7.83 10.51 48.47
C PHE T 143 -6.46 10.41 47.77
N LEU T 144 -6.21 9.27 47.11
CA LEU T 144 -4.97 9.10 46.27
C LEU T 144 -4.87 10.15 45.18
N ALA T 145 -5.97 10.34 44.45
CA ALA T 145 -6.03 11.39 43.42
C ALA T 145 -5.69 12.76 43.99
N GLY T 146 -6.22 13.07 45.19
CA GLY T 146 -5.99 14.38 45.80
C GLY T 146 -4.53 14.58 46.08
N LEU T 147 -3.90 13.57 46.65
CA LEU T 147 -2.49 13.62 47.03
C LEU T 147 -1.62 13.80 45.80
N LEU T 148 -1.88 12.99 44.76
CA LEU T 148 -1.08 13.10 43.53
C LEU T 148 -1.27 14.47 42.89
N CYS T 149 -2.52 14.93 42.84
CA CYS T 149 -2.86 16.26 42.35
C CYS T 149 -2.20 17.39 43.21
N PHE T 150 -2.28 17.27 44.52
CA PHE T 150 -1.53 18.22 45.39
C PHE T 150 -0.03 18.25 45.07
N GLY T 151 0.58 17.05 45.09
CA GLY T 151 2.01 16.88 44.81
C GLY T 151 2.40 17.47 43.48
N PHE T 152 1.58 17.22 42.48
CA PHE T 152 1.86 17.73 41.16
C PHE T 152 1.99 19.27 41.23
N GLY T 153 0.98 19.92 41.80
CA GLY T 153 1.03 21.38 41.92
C GLY T 153 2.16 21.91 42.81
N ALA T 154 2.34 21.30 43.97
CA ALA T 154 3.21 21.84 45.02
C ALA T 154 4.70 21.59 44.74
N PHE T 155 5.02 20.41 44.24
CA PHE T 155 6.41 20.09 43.89
C PHE T 155 6.77 20.26 42.40
N HIS T 156 6.00 19.60 41.52
CA HIS T 156 6.35 19.65 40.07
C HIS T 156 6.28 21.02 39.48
N LEU T 157 5.10 21.62 39.44
CA LEU T 157 4.90 22.87 38.68
C LEU T 157 5.60 24.07 39.29
N THR T 158 5.81 24.00 40.62
CA THR T 158 6.50 25.10 41.34
C THR T 158 7.96 25.08 41.08
N GLY T 159 8.52 23.89 40.83
CA GLY T 159 9.97 23.74 40.70
C GLY T 159 10.64 23.36 42.02
N LEU T 160 9.85 23.25 43.07
CA LEU T 160 10.34 22.96 44.40
C LEU T 160 10.98 21.60 44.43
N PHE T 161 10.34 20.68 43.72
CA PHE T 161 10.91 19.37 43.45
C PHE T 161 10.39 18.86 42.10
N GLY T 162 10.89 19.47 41.04
CA GLY T 162 10.44 19.14 39.70
C GLY T 162 10.81 20.27 38.81
N PRO T 163 10.39 20.20 37.52
CA PRO T 163 10.97 21.16 36.58
C PRO T 163 10.16 22.43 36.31
N GLY T 164 8.92 22.50 36.79
CA GLY T 164 8.02 23.58 36.39
C GLY T 164 7.14 23.21 35.19
N MET T 165 6.82 24.22 34.37
CA MET T 165 6.03 23.98 33.16
C MET T 165 6.40 25.01 32.12
N TRP T 166 5.92 24.77 30.89
CA TRP T 166 6.18 25.65 29.78
C TRP T 166 5.43 26.93 29.93
N VAL T 167 6.12 28.05 29.66
CA VAL T 167 5.51 29.36 29.68
C VAL T 167 6.16 30.16 28.56
N SER T 168 5.48 31.19 28.10
CA SER T 168 6.09 32.01 27.03
C SER T 168 5.56 33.43 27.09
N ASP T 169 6.14 34.32 26.33
CA ASP T 169 5.64 35.67 26.21
C ASP T 169 4.29 35.58 25.43
N PRO T 170 3.56 36.71 25.30
CA PRO T 170 2.24 36.68 24.69
C PRO T 170 2.27 36.40 23.18
N TYR T 171 3.46 36.43 22.60
CA TYR T 171 3.51 36.18 21.15
C TYR T 171 4.21 34.89 20.84
N GLY T 172 4.43 34.08 21.90
CA GLY T 172 5.08 32.77 21.79
C GLY T 172 6.44 32.81 21.07
N LEU T 173 7.28 33.79 21.37
CA LEU T 173 8.60 33.90 20.76
C LEU T 173 9.71 33.27 21.56
N THR T 174 9.53 33.12 22.88
CA THR T 174 10.64 32.78 23.77
C THR T 174 10.25 31.76 24.81
N GLY T 175 9.51 30.73 24.42
CA GLY T 175 9.05 29.75 25.40
C GLY T 175 10.13 28.92 26.08
N SER T 176 9.82 28.43 27.27
CA SER T 176 10.75 27.60 28.03
C SER T 176 10.07 27.05 29.27
N VAL T 177 10.73 26.10 29.92
CA VAL T 177 10.16 25.44 31.07
C VAL T 177 10.68 26.24 32.23
N GLN T 178 9.77 26.73 33.04
CA GLN T 178 10.12 27.60 34.14
C GLN T 178 9.33 27.10 35.31
N PRO T 179 9.92 27.17 36.50
CA PRO T 179 9.18 27.06 37.77
C PRO T 179 8.07 28.12 37.79
N VAL T 180 6.91 27.79 38.35
CA VAL T 180 5.79 28.72 38.32
C VAL T 180 5.17 28.84 39.72
N ALA T 181 5.00 30.08 40.17
CA ALA T 181 4.45 30.35 41.50
C ALA T 181 2.91 30.33 41.41
N PRO T 182 2.23 29.79 42.44
CA PRO T 182 0.76 29.78 42.43
C PRO T 182 0.20 31.19 42.46
N GLU T 183 -0.91 31.43 41.74
CA GLU T 183 -1.60 32.71 41.85
C GLU T 183 -2.90 32.63 42.71
N TRP T 184 -2.96 33.36 43.81
CA TRP T 184 -4.05 33.14 44.73
C TRP T 184 -5.10 34.17 44.66
N GLY T 185 -4.91 35.17 43.82
CA GLY T 185 -5.98 36.10 43.55
C GLY T 185 -6.91 35.67 42.43
N PRO T 186 -7.75 36.60 41.98
CA PRO T 186 -8.74 36.35 40.95
C PRO T 186 -8.12 36.15 39.53
N ASP T 187 -6.89 36.60 39.31
CA ASP T 187 -6.21 36.24 38.05
C ASP T 187 -5.88 34.74 37.93
N GLY T 188 -5.99 34.00 39.04
CA GLY T 188 -5.84 32.56 39.09
C GLY T 188 -6.91 31.79 38.30
N PHE T 189 -8.02 32.45 37.96
CA PHE T 189 -9.10 31.85 37.17
C PHE T 189 -9.11 32.32 35.71
N ASN T 190 -8.15 33.19 35.38
CA ASN T 190 -7.79 33.57 34.05
C ASN T 190 -7.09 32.37 33.34
N PRO T 191 -7.72 31.83 32.29
CA PRO T 191 -7.16 30.63 31.62
C PRO T 191 -5.74 30.88 31.06
N TYR T 192 -5.38 32.15 30.85
CA TYR T 192 -4.05 32.47 30.32
C TYR T 192 -2.96 32.67 31.38
N ASN T 193 -3.34 32.56 32.65
CA ASN T 193 -2.40 32.72 33.74
C ASN T 193 -1.85 31.40 34.24
N PRO T 194 -0.55 31.12 34.03
CA PRO T 194 -0.01 29.83 34.50
C PRO T 194 -0.01 29.62 36.04
N GLY T 195 0.09 30.71 36.81
CA GLY T 195 0.08 30.57 38.28
C GLY T 195 -1.22 29.98 38.78
N GLY T 196 -2.31 30.26 38.06
CA GLY T 196 -3.61 29.63 38.35
C GLY T 196 -3.58 28.12 38.17
N VAL T 197 -2.79 27.66 37.18
CA VAL T 197 -2.69 26.21 36.97
C VAL T 197 -2.12 25.59 38.23
N VAL T 198 -1.11 26.25 38.80
CA VAL T 198 -0.41 25.72 40.00
C VAL T 198 -1.30 25.79 41.24
N ALA T 199 -2.00 26.92 41.42
CA ALA T 199 -2.96 27.11 42.53
C ALA T 199 -4.05 26.12 42.45
N HIS T 200 -4.63 25.97 41.25
CA HIS T 200 -5.63 24.92 41.05
C HIS T 200 -5.16 23.58 41.62
N HIS T 201 -3.91 23.18 41.36
CA HIS T 201 -3.50 21.84 41.76
C HIS T 201 -3.29 21.69 43.25
N ILE T 202 -2.67 22.70 43.87
CA ILE T 202 -2.55 22.80 45.33
C ILE T 202 -3.96 22.82 45.96
N ALA T 203 -4.75 23.85 45.66
CA ALA T 203 -6.09 23.94 46.25
C ALA T 203 -7.00 22.70 45.98
N ALA T 204 -7.22 22.34 44.70
CA ALA T 204 -8.08 21.19 44.35
C ALA T 204 -7.57 19.87 44.91
N GLY T 205 -6.26 19.77 45.09
CA GLY T 205 -5.71 18.53 45.64
C GLY T 205 -5.99 18.39 47.14
N ILE T 206 -5.89 19.49 47.90
CA ILE T 206 -6.19 19.50 49.35
C ILE T 206 -7.67 19.14 49.53
N VAL T 207 -8.50 19.75 48.71
CA VAL T 207 -9.95 19.44 48.67
C VAL T 207 -10.20 17.96 48.37
N GLY T 208 -9.44 17.41 47.42
CA GLY T 208 -9.51 15.96 47.15
C GLY T 208 -9.13 15.06 48.31
N ILE T 209 -8.11 15.46 49.06
CA ILE T 209 -7.73 14.70 50.27
C ILE T 209 -8.90 14.75 51.28
N ILE T 210 -9.41 15.96 51.57
CA ILE T 210 -10.48 16.17 52.55
C ILE T 210 -11.70 15.33 52.20
N ALA T 211 -12.21 15.52 50.97
CA ALA T 211 -13.39 14.80 50.51
C ALA T 211 -13.11 13.32 50.43
N GLY T 212 -11.87 12.98 50.09
CA GLY T 212 -11.49 11.56 50.09
C GLY T 212 -11.62 10.93 51.47
N LEU T 213 -11.09 11.62 52.48
CA LEU T 213 -11.18 11.11 53.86
C LEU T 213 -12.65 10.99 54.27
N PHE T 214 -13.44 12.03 53.94
CA PHE T 214 -14.91 11.99 54.08
C PHE T 214 -15.50 10.73 53.48
N HIS T 215 -15.12 10.42 52.24
CA HIS T 215 -15.79 9.32 51.51
C HIS T 215 -15.27 7.99 51.96
N ILE T 216 -14.12 8.02 52.63
CA ILE T 216 -13.67 6.81 53.31
C ILE T 216 -14.49 6.57 54.59
N LEU T 217 -14.65 7.63 55.38
CA LEU T 217 -15.19 7.54 56.74
C LEU T 217 -16.71 7.58 56.82
N VAL T 218 -17.35 8.26 55.89
CA VAL T 218 -18.80 8.43 55.97
C VAL T 218 -19.60 7.61 54.93
N ARG T 219 -20.37 6.67 55.44
CA ARG T 219 -21.25 5.89 54.60
C ARG T 219 -22.29 6.76 53.88
N PRO T 220 -22.63 6.37 52.64
CA PRO T 220 -23.67 7.06 51.92
C PRO T 220 -25.06 7.00 52.59
N PRO T 221 -25.81 8.10 52.54
CA PRO T 221 -27.23 8.02 52.93
C PRO T 221 -27.97 6.90 52.21
N GLN T 222 -28.76 6.13 52.95
CA GLN T 222 -29.60 5.11 52.38
C GLN T 222 -30.41 5.60 51.17
N ARG T 223 -30.90 6.83 51.25
CA ARG T 223 -31.70 7.44 50.18
C ARG T 223 -30.88 7.54 48.87
N LEU T 224 -29.64 8.02 48.97
CA LEU T 224 -28.76 8.10 47.79
C LEU T 224 -28.29 6.73 47.32
N TYR T 225 -27.84 5.90 48.26
CA TYR T 225 -27.43 4.54 47.94
C TYR T 225 -28.44 3.86 47.06
N LYS T 226 -29.72 3.96 47.43
CA LYS T 226 -30.81 3.28 46.74
C LYS T 226 -31.09 3.95 45.43
N ALA T 227 -31.20 5.29 45.45
CA ALA T 227 -31.53 6.03 44.23
C ALA T 227 -30.43 5.85 43.12
N LEU T 228 -29.16 5.89 43.52
CA LEU T 228 -28.08 5.81 42.56
C LEU T 228 -27.57 4.40 42.43
N ARG T 229 -28.22 3.46 43.09
CA ARG T 229 -27.89 2.02 42.97
C ARG T 229 -26.41 1.75 43.22
N MET T 230 -25.94 2.29 44.35
CA MET T 230 -24.55 2.17 44.72
C MET T 230 -24.08 0.74 44.92
N GLY T 231 -24.99 -0.23 44.85
CA GLY T 231 -24.58 -1.65 44.78
C GLY T 231 -24.22 -2.13 43.37
N ASN T 232 -24.53 -1.32 42.36
CA ASN T 232 -24.38 -1.73 40.97
C ASN T 232 -23.17 -1.04 40.34
N ILE T 233 -22.14 -1.84 40.04
CA ILE T 233 -20.89 -1.29 39.42
C ILE T 233 -21.19 -0.42 38.20
N GLU T 234 -22.21 -0.81 37.43
CA GLU T 234 -22.60 -0.06 36.24
C GLU T 234 -23.02 1.37 36.55
N THR T 235 -23.46 1.64 37.78
CA THR T 235 -23.67 3.03 38.16
C THR T 235 -22.39 3.84 38.09
N VAL T 236 -21.28 3.24 38.49
CA VAL T 236 -20.05 3.99 38.52
C VAL T 236 -19.63 4.31 37.07
N LEU T 237 -19.81 3.33 36.17
CA LEU T 237 -19.49 3.50 34.77
C LEU T 237 -20.25 4.68 34.22
N SER T 238 -21.55 4.68 34.49
CA SER T 238 -22.42 5.78 34.07
C SER T 238 -21.93 7.18 34.43
N SER T 239 -21.71 7.42 35.73
CA SER T 239 -21.26 8.75 36.18
C SER T 239 -19.77 9.03 35.85
N SER T 240 -18.95 7.99 35.80
CA SER T 240 -17.59 8.19 35.28
C SER T 240 -17.60 8.59 33.80
N ILE T 241 -18.42 7.96 32.95
CA ILE T 241 -18.50 8.40 31.54
C ILE T 241 -18.84 9.90 31.51
N ALA T 242 -19.76 10.33 32.39
CA ALA T 242 -20.23 11.73 32.42
C ALA T 242 -19.13 12.66 32.79
N ALA T 243 -18.40 12.35 33.87
CA ALA T 243 -17.27 13.21 34.26
C ALA T 243 -16.27 13.26 33.11
N VAL T 244 -16.13 12.15 32.42
CA VAL T 244 -15.12 12.06 31.38
C VAL T 244 -15.56 12.86 30.15
N PHE T 245 -16.83 12.76 29.73
CA PHE T 245 -17.19 13.62 28.56
C PHE T 245 -17.11 15.12 28.89
N PHE T 246 -17.33 15.48 30.16
CA PHE T 246 -17.18 16.88 30.59
C PHE T 246 -15.73 17.31 30.52
N ALA T 247 -14.82 16.52 31.08
CA ALA T 247 -13.37 16.77 30.92
C ALA T 247 -12.95 16.88 29.45
N ALA T 248 -13.44 15.93 28.64
CA ALA T 248 -13.20 15.96 27.16
C ALA T 248 -13.62 17.24 26.51
N PHE T 249 -14.84 17.71 26.76
CA PHE T 249 -15.30 18.98 26.14
C PHE T 249 -14.43 20.13 26.67
N VAL T 250 -14.06 20.07 27.96
CA VAL T 250 -13.24 21.15 28.48
C VAL T 250 -11.88 21.17 27.72
N VAL T 251 -11.25 20.01 27.54
CA VAL T 251 -9.93 20.10 26.90
C VAL T 251 -10.03 20.43 25.43
N ALA T 252 -11.15 20.07 24.79
CA ALA T 252 -11.32 20.51 23.41
C ALA T 252 -11.39 22.05 23.36
N GLY T 253 -12.14 22.64 24.30
CA GLY T 253 -12.32 24.10 24.29
C GLY T 253 -11.04 24.85 24.53
N THR T 254 -10.23 24.40 25.50
CA THR T 254 -9.04 25.19 25.82
C THR T 254 -7.97 25.02 24.71
N MET T 255 -7.98 23.87 24.09
CA MET T 255 -7.13 23.64 22.95
C MET T 255 -7.53 24.56 21.81
N TRP T 256 -8.83 24.68 21.55
CA TRP T 256 -9.26 25.54 20.44
C TRP T 256 -9.10 27.02 20.69
N TYR T 257 -9.41 27.45 21.91
CA TYR T 257 -9.39 28.89 22.23
C TYR T 257 -8.03 29.33 22.64
N GLY T 258 -7.24 28.38 23.16
CA GLY T 258 -5.93 28.73 23.74
C GLY T 258 -6.06 28.90 25.25
N SER T 259 -5.00 28.53 25.97
CA SER T 259 -4.82 28.78 27.39
C SER T 259 -3.34 28.59 27.76
N ALA T 260 -3.01 28.83 29.04
CA ALA T 260 -1.66 28.66 29.55
C ALA T 260 -1.19 27.22 29.39
N THR T 261 -2.13 26.28 29.28
CA THR T 261 -1.78 24.86 29.11
C THR T 261 -1.84 24.35 27.64
N THR T 262 -2.17 25.24 26.70
CA THR T 262 -2.04 24.89 25.30
C THR T 262 -1.20 25.94 24.54
N PRO T 263 0.10 26.03 24.85
CA PRO T 263 0.95 27.12 24.36
C PRO T 263 1.16 27.05 22.85
N ILE T 264 1.32 28.20 22.19
CA ILE T 264 1.40 28.15 20.73
C ILE T 264 2.73 27.60 20.16
N GLU T 265 3.81 27.60 20.94
CA GLU T 265 5.04 27.00 20.44
C GLU T 265 4.95 25.48 20.48
N LEU T 266 3.96 24.96 21.20
CA LEU T 266 3.79 23.51 21.33
C LEU T 266 2.68 22.96 20.45
N PHE T 267 1.55 23.67 20.32
CA PHE T 267 0.46 23.13 19.50
C PHE T 267 0.16 23.95 18.26
N GLY T 268 0.90 25.06 18.10
CA GLY T 268 0.67 26.06 17.06
C GLY T 268 -0.32 27.18 17.51
N PRO T 269 -0.44 28.21 16.66
CA PRO T 269 -1.34 29.38 16.81
C PRO T 269 -2.82 28.95 16.78
N THR T 270 -3.73 29.82 17.27
CA THR T 270 -5.13 29.44 17.36
C THR T 270 -5.77 30.07 16.13
N ARG T 271 -7.01 29.75 15.83
CA ARG T 271 -7.62 30.36 14.63
C ARG T 271 -7.95 31.82 14.96
N TYR T 272 -8.04 32.16 16.27
CA TYR T 272 -8.57 33.45 16.67
C TYR T 272 -7.48 34.48 16.58
N GLN T 273 -6.23 33.99 16.56
CA GLN T 273 -5.14 34.91 16.37
C GLN T 273 -5.15 35.46 14.95
N TRP T 274 -5.58 34.65 13.99
CA TRP T 274 -5.76 35.13 12.63
C TRP T 274 -7.00 36.00 12.50
N ASP T 275 -8.13 35.53 13.04
CA ASP T 275 -9.38 36.33 13.00
C ASP T 275 -9.15 37.76 13.53
N SER T 276 -8.41 37.90 14.65
CA SER T 276 -8.17 39.21 15.22
C SER T 276 -6.90 39.94 14.74
N SER T 277 -6.25 39.41 13.71
CA SER T 277 -4.97 39.93 13.22
C SER T 277 -3.95 40.23 14.33
N TYR T 278 -3.93 39.35 15.32
CA TYR T 278 -3.15 39.51 16.56
C TYR T 278 -1.65 39.66 16.28
N PHE T 279 -1.10 38.86 15.36
CA PHE T 279 0.32 38.97 15.11
C PHE T 279 0.61 40.15 14.24
N GLN T 280 -0.28 40.42 13.28
CA GLN T 280 -0.13 41.56 12.39
C GLN T 280 -0.05 42.88 13.18
N GLN T 281 -0.93 43.04 14.17
CA GLN T 281 -0.92 44.24 15.03
C GLN T 281 0.40 44.39 15.75
N GLU T 282 0.96 43.28 16.19
CA GLU T 282 2.20 43.34 16.96
C GLU T 282 3.36 43.60 16.01
N ILE T 283 3.31 43.01 14.81
CA ILE T 283 4.29 43.34 13.81
C ILE T 283 4.23 44.84 13.46
N ASN T 284 3.05 45.33 13.06
CA ASN T 284 2.86 46.77 12.83
C ASN T 284 3.33 47.67 14.03
N ARG T 285 3.03 47.27 15.26
CA ARG T 285 3.44 48.03 16.42
C ARG T 285 4.96 48.19 16.43
N ARG T 286 5.67 47.07 16.52
CA ARG T 286 7.11 47.08 16.55
C ARG T 286 7.74 47.91 15.45
N VAL T 287 7.26 47.68 14.23
CA VAL T 287 7.66 48.42 13.02
C VAL T 287 7.42 49.94 13.14
N GLN T 288 6.25 50.35 13.67
CA GLN T 288 5.97 51.76 13.83
C GLN T 288 7.00 52.31 14.81
N ALA T 289 7.27 51.55 15.88
CA ALA T 289 8.17 52.02 16.92
C ALA T 289 9.62 52.13 16.43
N SER T 290 10.01 51.24 15.52
CA SER T 290 11.32 51.34 14.89
C SER T 290 11.42 52.62 14.06
N LEU T 291 10.36 52.91 13.30
CA LEU T 291 10.34 54.06 12.39
C LEU T 291 10.38 55.37 13.21
N ALA T 292 9.65 55.38 14.32
CA ALA T 292 9.53 56.54 15.19
C ALA T 292 10.85 56.86 15.87
N SER T 293 11.77 55.90 15.90
CA SER T 293 13.10 56.16 16.45
C SER T 293 14.17 56.29 15.31
N GLY T 294 13.67 56.57 14.10
CA GLY T 294 14.50 56.87 12.94
C GLY T 294 15.11 55.72 12.14
N ALA T 295 14.51 54.52 12.21
CA ALA T 295 14.98 53.40 11.34
C ALA T 295 14.59 53.66 9.88
N THR T 296 15.34 53.14 8.92
CA THR T 296 14.74 53.00 7.58
C THR T 296 13.62 51.92 7.61
N LEU T 297 12.84 51.85 6.54
CA LEU T 297 11.81 50.82 6.40
C LEU T 297 12.52 49.48 6.40
N GLU T 298 13.56 49.37 5.57
CA GLU T 298 14.39 48.15 5.51
C GLU T 298 14.83 47.77 6.91
N GLU T 299 15.30 48.73 7.70
CA GLU T 299 15.72 48.43 9.08
C GLU T 299 14.55 48.02 9.95
N ALA T 300 13.43 48.74 9.85
CA ALA T 300 12.22 48.51 10.69
C ALA T 300 11.71 47.06 10.61
N TRP T 301 11.60 46.59 9.38
CA TRP T 301 11.14 45.26 9.05
C TRP T 301 12.20 44.22 9.36
N SER T 302 13.47 44.55 9.07
CA SER T 302 14.55 43.60 9.24
C SER T 302 14.72 43.19 10.68
N ALA T 303 14.23 44.01 11.60
CA ALA T 303 14.29 43.71 13.03
C ALA T 303 13.09 42.85 13.53
N ILE T 304 12.11 42.58 12.66
CA ILE T 304 11.02 41.64 13.02
C ILE T 304 11.53 40.20 13.06
N PRO T 305 11.38 39.51 14.20
CA PRO T 305 11.84 38.10 14.17
C PRO T 305 11.05 37.31 13.11
N GLU T 306 11.73 36.46 12.35
CA GLU T 306 11.07 35.54 11.41
C GLU T 306 9.95 34.71 12.09
N LYS T 307 10.17 34.26 13.32
CA LYS T 307 9.18 33.51 14.05
C LYS T 307 7.85 34.32 14.16
N LEU T 308 7.96 35.65 14.30
CA LEU T 308 6.78 36.50 14.46
C LEU T 308 6.03 36.63 13.16
N ALA T 309 6.76 36.94 12.11
CA ALA T 309 6.20 36.89 10.76
C ALA T 309 5.50 35.53 10.47
N PHE T 310 6.16 34.41 10.77
CA PHE T 310 5.57 33.11 10.48
C PHE T 310 4.22 32.88 11.19
N TYR T 311 4.04 33.44 12.36
CA TYR T 311 2.70 33.33 12.98
C TYR T 311 1.61 34.08 12.22
N ASP T 312 2.01 35.08 11.44
CA ASP T 312 1.07 35.96 10.81
C ASP T 312 0.92 35.48 9.39
N TYR T 313 0.70 34.17 9.29
CA TYR T 313 0.59 33.48 8.01
C TYR T 313 -0.51 32.45 8.13
N ILE T 314 -1.38 32.40 7.10
CA ILE T 314 -2.61 31.60 7.23
C ILE T 314 -2.36 30.10 7.21
N GLY T 315 -1.18 29.68 6.74
CA GLY T 315 -0.86 28.25 6.65
C GLY T 315 -0.58 27.69 8.03
N ASN T 316 -0.57 28.54 9.05
CA ASN T 316 -0.37 28.06 10.41
C ASN T 316 -1.64 28.14 11.23
N ASN T 317 -2.68 28.67 10.60
CA ASN T 317 -4.02 28.75 11.17
C ASN T 317 -4.67 27.36 11.16
N PRO T 318 -5.02 26.84 12.35
CA PRO T 318 -5.62 25.50 12.43
C PRO T 318 -7.01 25.30 11.76
N ALA T 319 -7.62 26.36 11.25
CA ALA T 319 -8.96 26.29 10.61
C ALA T 319 -8.83 26.28 9.10
N LYS T 320 -7.66 25.90 8.62
CA LYS T 320 -7.44 25.93 7.21
C LYS T 320 -7.32 24.53 6.60
N GLY T 321 -7.57 23.50 7.42
CA GLY T 321 -7.39 22.11 7.01
C GLY T 321 -8.57 21.40 6.36
N GLY T 322 -8.49 20.07 6.35
CA GLY T 322 -9.49 19.18 5.73
C GLY T 322 -9.49 17.86 6.49
N LEU T 323 -10.68 17.29 6.72
CA LEU T 323 -10.85 16.01 7.40
C LEU T 323 -9.92 14.92 6.89
N PHE T 324 -9.72 14.88 5.56
CA PHE T 324 -8.89 13.80 4.96
C PHE T 324 -7.52 14.26 4.42
N ARG T 325 -7.10 15.48 4.75
CA ARG T 325 -5.79 15.99 4.31
C ARG T 325 -4.83 15.62 5.44
N THR T 326 -4.08 14.54 5.27
CA THR T 326 -3.40 13.88 6.39
C THR T 326 -1.93 14.29 6.57
N GLY T 327 -1.46 14.11 7.80
CA GLY T 327 -0.09 14.35 8.17
C GLY T 327 0.27 15.74 8.61
N PRO T 328 1.55 16.07 8.55
CA PRO T 328 2.10 17.35 8.96
C PRO T 328 1.59 18.49 8.11
N MET T 329 1.54 19.68 8.69
CA MET T 329 1.29 20.87 7.90
C MET T 329 2.32 20.99 6.76
N ASN T 330 3.56 20.57 7.04
CA ASN T 330 4.62 20.55 6.03
C ASN T 330 4.28 19.85 4.69
N LYS T 331 3.39 18.88 4.79
CA LYS T 331 2.96 18.14 3.64
C LYS T 331 2.08 18.96 2.68
N GLY T 332 1.59 20.10 3.14
CA GLY T 332 0.75 20.90 2.27
C GLY T 332 1.50 22.05 1.65
N ASP T 333 1.67 23.13 2.41
CA ASP T 333 2.40 24.29 1.86
C ASP T 333 3.93 24.02 1.69
N GLY T 334 4.51 23.11 2.46
CA GLY T 334 5.94 22.80 2.36
C GLY T 334 6.61 22.95 3.70
N ILE T 335 7.90 22.67 3.79
CA ILE T 335 8.70 22.98 5.01
C ILE T 335 9.19 24.41 4.84
N ALA T 336 8.80 25.31 5.75
CA ALA T 336 9.17 26.70 5.57
C ALA T 336 10.69 26.86 5.73
N GLN T 337 11.26 27.70 4.87
CA GLN T 337 12.70 27.85 4.76
C GLN T 337 13.11 29.22 5.31
N ALA T 338 12.45 30.26 4.83
CA ALA T 338 12.85 31.63 5.10
C ALA T 338 11.69 32.57 4.85
N TRP T 339 11.59 33.63 5.64
CA TRP T 339 10.70 34.76 5.36
C TRP T 339 11.13 35.44 4.07
N LYS T 340 10.23 35.65 3.12
CA LYS T 340 10.62 36.45 1.93
C LYS T 340 10.81 37.95 2.17
N GLY T 341 10.35 38.41 3.34
CA GLY T 341 10.20 39.84 3.62
C GLY T 341 8.77 40.32 3.47
N HIS T 342 8.49 41.47 4.10
CA HIS T 342 7.21 42.12 4.05
C HIS T 342 7.05 42.82 2.73
N ALA T 343 5.97 42.47 1.99
CA ALA T 343 5.66 43.06 0.67
C ALA T 343 4.85 44.33 0.80
N VAL T 344 5.32 45.39 0.14
CA VAL T 344 4.61 46.65 0.11
C VAL T 344 4.23 46.89 -1.32
N PHE T 345 2.93 46.97 -1.57
CA PHE T 345 2.42 47.17 -2.90
C PHE T 345 2.12 48.66 -3.10
N ARG T 346 2.25 49.13 -4.35
CA ARG T 346 2.09 50.55 -4.71
CA ARG T 346 2.01 50.52 -4.68
C ARG T 346 1.53 50.63 -6.12
N ASN T 347 0.67 51.64 -6.37
CA ASN T 347 0.20 51.91 -7.74
C ASN T 347 1.13 52.91 -8.48
N LYS T 348 0.84 53.24 -9.75
CA LYS T 348 1.60 54.27 -10.47
C LYS T 348 1.78 55.57 -9.61
N GLU T 349 0.72 56.05 -9.00
CA GLU T 349 0.80 57.26 -8.18
C GLU T 349 1.71 57.18 -6.93
N GLY T 350 2.23 56.00 -6.61
CA GLY T 350 3.06 55.82 -5.41
C GLY T 350 2.31 55.53 -4.11
N GLU T 351 0.99 55.44 -4.18
CA GLU T 351 0.18 55.16 -2.99
C GLU T 351 0.29 53.69 -2.55
N GLU T 352 0.56 53.46 -1.26
CA GLU T 352 0.60 52.13 -0.70
C GLU T 352 -0.77 51.43 -0.74
N LEU T 353 -0.81 50.23 -1.30
CA LEU T 353 -2.04 49.42 -1.37
C LEU T 353 -1.91 48.20 -0.47
N PHE T 354 -3.03 47.74 0.09
CA PHE T 354 -3.06 46.56 0.95
C PHE T 354 -3.94 45.43 0.36
N VAL T 355 -3.39 44.21 0.42
CA VAL T 355 -4.04 43.01 -0.10
C VAL T 355 -5.05 42.59 0.95
N ARG T 356 -6.30 42.48 0.57
CA ARG T 356 -7.34 41.96 1.45
C ARG T 356 -6.97 40.48 1.86
N ARG T 357 -6.72 40.22 3.14
CA ARG T 357 -6.38 38.88 3.60
C ARG T 357 -7.54 37.86 3.48
N MET T 358 -7.20 36.61 3.22
CA MET T 358 -8.16 35.49 3.25
C MET T 358 -8.72 35.19 4.65
N PRO T 359 -10.05 35.25 4.83
CA PRO T 359 -10.64 34.70 6.04
C PRO T 359 -10.60 33.17 6.09
N ALA T 360 -10.57 32.60 7.29
CA ALA T 360 -10.47 31.13 7.40
C ALA T 360 -11.58 30.40 6.62
N PHE T 361 -12.74 31.01 6.45
CA PHE T 361 -13.90 30.30 5.90
C PHE T 361 -13.69 29.91 4.45
N PHE T 362 -12.77 30.59 3.76
CA PHE T 362 -12.75 30.54 2.30
C PHE T 362 -11.64 29.64 1.78
N GLU T 363 -12.02 28.59 1.02
CA GLU T 363 -10.97 27.72 0.41
C GLU T 363 -10.16 28.48 -0.64
N SER T 364 -10.82 29.41 -1.33
CA SER T 364 -10.22 30.24 -2.35
C SER T 364 -10.79 31.64 -2.15
N PHE T 365 -10.13 32.66 -2.71
CA PHE T 365 -10.45 34.05 -2.37
C PHE T 365 -9.84 34.94 -3.45
N PRO T 366 -10.55 35.97 -3.92
CA PRO T 366 -10.03 36.89 -4.96
C PRO T 366 -8.87 37.79 -4.45
N VAL T 367 -8.13 38.42 -5.35
CA VAL T 367 -7.04 39.29 -4.92
C VAL T 367 -7.52 40.73 -5.10
N ILE T 368 -7.61 41.47 -3.98
CA ILE T 368 -8.16 42.83 -3.95
C ILE T 368 -7.26 43.67 -3.06
N LEU T 369 -6.86 44.83 -3.60
CA LEU T 369 -5.97 45.77 -2.93
C LEU T 369 -6.72 47.07 -2.68
N THR T 370 -6.63 47.56 -1.44
CA THR T 370 -7.28 48.83 -1.04
C THR T 370 -6.22 49.84 -0.52
N ASP T 371 -6.56 51.12 -0.54
CA ASP T 371 -5.64 52.10 0.02
C ASP T 371 -5.87 52.10 1.52
N LYS T 372 -5.20 53.00 2.23
CA LYS T 372 -5.28 53.01 3.68
C LYS T 372 -6.71 53.12 4.22
N ASN T 373 -7.63 53.63 3.42
CA ASN T 373 -8.99 53.82 3.91
C ASN T 373 -9.99 52.73 3.60
N GLY T 374 -9.55 51.69 2.89
CA GLY T 374 -10.46 50.67 2.38
C GLY T 374 -11.01 50.94 0.98
N VAL T 375 -10.55 51.97 0.30
CA VAL T 375 -11.03 52.21 -1.07
C VAL T 375 -10.30 51.26 -2.05
N VAL T 376 -11.04 50.53 -2.87
CA VAL T 376 -10.45 49.60 -3.83
C VAL T 376 -9.67 50.36 -4.91
N LYS T 377 -8.42 49.93 -5.13
CA LYS T 377 -7.47 50.55 -6.05
C LYS T 377 -6.94 49.61 -7.12
N ALA T 378 -6.93 48.31 -6.83
CA ALA T 378 -6.49 47.30 -7.81
C ALA T 378 -7.05 45.92 -7.46
N ASP T 379 -7.12 45.07 -8.49
CA ASP T 379 -7.48 43.68 -8.26
C ASP T 379 -6.94 42.78 -9.34
N ILE T 380 -7.14 41.46 -9.16
CA ILE T 380 -6.94 40.58 -10.31
C ILE T 380 -8.36 40.28 -10.85
N PRO T 381 -8.65 40.80 -12.03
CA PRO T 381 -10.02 40.60 -12.50
C PRO T 381 -10.27 39.14 -12.93
N PHE T 382 -11.54 38.73 -12.94
CA PHE T 382 -11.96 37.46 -13.50
C PHE T 382 -12.29 37.73 -14.99
N ARG T 383 -13.48 38.26 -15.29
CA ARG T 383 -13.72 38.82 -16.65
C ARG T 383 -12.77 40.00 -16.94
N ARG T 384 -12.23 40.06 -18.14
CA ARG T 384 -11.23 41.11 -18.45
C ARG T 384 -11.89 42.29 -19.17
N ALA T 385 -12.91 42.00 -19.98
CA ALA T 385 -13.47 42.97 -20.93
C ALA T 385 -13.94 44.31 -20.32
N GLU T 386 -14.14 44.37 -19.01
CA GLU T 386 -14.53 45.61 -18.35
C GLU T 386 -13.70 45.86 -17.11
N SER T 387 -12.50 45.28 -17.07
CA SER T 387 -11.58 45.56 -16.00
C SER T 387 -11.20 47.05 -15.96
N LYS T 388 -11.11 47.61 -14.75
CA LYS T 388 -10.67 48.95 -14.51
C LYS T 388 -9.57 48.96 -13.44
N TYR T 389 -9.43 47.86 -12.69
CA TYR T 389 -8.54 47.84 -11.52
C TYR T 389 -7.36 46.87 -11.67
N SER T 390 -7.15 46.34 -12.87
CA SER T 390 -6.05 45.41 -13.07
C SER T 390 -4.72 46.04 -12.65
N PHE T 391 -3.79 45.19 -12.22
CA PHE T 391 -2.47 45.59 -11.93
C PHE T 391 -1.80 46.30 -13.12
N GLU T 392 -2.04 45.80 -14.34
CA GLU T 392 -1.50 46.41 -15.58
C GLU T 392 -2.05 47.85 -15.78
N GLN T 393 -3.32 48.09 -15.48
CA GLN T 393 -3.90 49.43 -15.65
C GLN T 393 -3.45 50.41 -14.58
N GLN T 394 -3.20 49.92 -13.36
CA GLN T 394 -2.87 50.77 -12.22
C GLN T 394 -1.36 50.81 -11.92
N GLY T 395 -0.59 50.16 -12.80
CA GLY T 395 0.87 50.00 -12.63
C GLY T 395 1.29 49.58 -11.22
N VAL T 396 0.69 48.53 -10.68
CA VAL T 396 1.04 48.05 -9.34
C VAL T 396 2.47 47.45 -9.34
N THR T 397 3.22 47.79 -8.28
CA THR T 397 4.53 47.21 -8.04
C THR T 397 4.57 46.71 -6.61
N VAL T 398 5.59 45.96 -6.28
CA VAL T 398 5.76 45.50 -4.91
C VAL T 398 7.24 45.64 -4.61
N SER T 399 7.53 46.09 -3.39
CA SER T 399 8.87 46.17 -2.87
C SER T 399 8.87 45.41 -1.59
N PHE T 400 9.98 44.74 -1.29
CA PHE T 400 10.10 43.98 -0.04
C PHE T 400 11.02 44.60 0.98
N TYR T 401 10.67 44.44 2.24
CA TYR T 401 11.48 45.01 3.34
C TYR T 401 11.60 43.91 4.39
N GLY T 402 12.85 43.62 4.76
CA GLY T 402 13.17 42.51 5.65
C GLY T 402 13.31 41.24 4.84
N GLY T 403 13.80 40.16 5.47
CA GLY T 403 13.92 38.82 4.85
C GLY T 403 14.67 38.65 3.52
N GLU T 404 14.45 37.52 2.85
CA GLU T 404 15.21 37.18 1.65
C GLU T 404 15.21 38.28 0.62
N LEU T 405 14.07 38.95 0.44
CA LEU T 405 13.92 39.84 -0.70
C LEU T 405 14.13 41.32 -0.38
N ASN T 406 14.56 41.57 0.86
CA ASN T 406 14.87 42.92 1.34
C ASN T 406 15.49 43.83 0.27
N GLY T 407 14.85 44.97 0.03
CA GLY T 407 15.37 45.96 -0.88
C GLY T 407 15.13 45.70 -2.36
N GLN T 408 14.36 44.67 -2.69
CA GLN T 408 14.02 44.43 -4.07
C GLN T 408 12.63 44.95 -4.47
N THR T 409 12.51 45.40 -5.70
CA THR T 409 11.28 45.93 -6.22
C THR T 409 11.00 45.16 -7.48
N PHE T 410 9.75 44.70 -7.61
CA PHE T 410 9.31 43.99 -8.80
C PHE T 410 8.27 44.85 -9.46
N THR T 411 8.27 44.87 -10.80
CA THR T 411 7.33 45.65 -11.57
C THR T 411 6.66 44.82 -12.70
N ASP T 412 7.24 43.68 -13.07
CA ASP T 412 6.64 42.78 -14.04
C ASP T 412 5.24 42.33 -13.54
N PRO T 413 4.17 42.60 -14.30
CA PRO T 413 2.85 42.38 -13.66
C PRO T 413 2.53 40.93 -13.23
N PRO T 414 2.87 39.89 -14.04
CA PRO T 414 2.65 38.52 -13.54
C PRO T 414 3.34 38.28 -12.22
N THR T 415 4.57 38.75 -12.07
CA THR T 415 5.34 38.57 -10.85
C THR T 415 4.71 39.30 -9.66
N VAL T 416 4.26 40.53 -9.88
CA VAL T 416 3.69 41.36 -8.80
C VAL T 416 2.37 40.67 -8.44
N LYS T 417 1.66 40.21 -9.48
CA LYS T 417 0.46 39.42 -9.22
C LYS T 417 0.74 38.15 -8.35
N SER T 418 1.81 37.41 -8.66
CA SER T 418 2.11 36.22 -7.86
C SER T 418 2.33 36.56 -6.39
N TYR T 419 3.05 37.64 -6.10
CA TYR T 419 3.28 38.00 -4.71
C TYR T 419 1.99 38.43 -4.07
N ALA T 420 1.12 39.07 -4.87
CA ALA T 420 -0.17 39.53 -4.32
C ALA T 420 -1.04 38.30 -3.95
N ARG T 421 -1.12 37.30 -4.83
CA ARG T 421 -1.72 35.99 -4.50
C ARG T 421 -1.20 35.42 -3.18
N LYS T 422 0.08 35.58 -2.87
CA LYS T 422 0.62 35.04 -1.58
C LYS T 422 0.22 35.91 -0.41
N ALA T 423 -0.03 37.18 -0.71
CA ALA T 423 -0.27 38.17 0.34
C ALA T 423 -1.66 37.98 0.97
N ILE T 424 -2.59 37.36 0.26
CA ILE T 424 -3.88 37.11 0.90
C ILE T 424 -3.66 36.17 2.10
N PHE T 425 -2.53 35.44 2.13
CA PHE T 425 -2.20 34.52 3.23
C PHE T 425 -1.49 35.17 4.44
N GLY T 426 -1.23 36.48 4.41
CA GLY T 426 -0.38 37.12 5.44
C GLY T 426 1.06 37.21 4.95
N GLU T 427 2.02 37.17 5.85
CA GLU T 427 3.44 37.30 5.52
C GLU T 427 3.83 36.19 4.58
N ILE T 428 4.76 36.49 3.66
CA ILE T 428 5.09 35.56 2.60
C ILE T 428 6.40 34.80 2.89
N PHE T 429 6.36 33.46 2.83
CA PHE T 429 7.54 32.60 3.07
C PHE T 429 7.97 31.79 1.84
N GLU T 430 9.24 31.35 1.88
CA GLU T 430 9.79 30.43 0.92
C GLU T 430 9.73 29.03 1.49
N PHE T 431 9.35 28.05 0.64
CA PHE T 431 9.09 26.70 1.18
C PHE T 431 9.86 25.68 0.38
N ASP T 432 10.26 24.61 1.05
CA ASP T 432 10.73 23.44 0.35
C ASP T 432 9.55 22.50 0.08
N THR T 433 9.06 22.49 -1.16
CA THR T 433 7.94 21.63 -1.51
C THR T 433 8.36 20.20 -1.98
N GLU T 434 9.67 19.99 -2.22
CA GLU T 434 10.17 18.71 -2.76
C GLU T 434 10.45 17.63 -1.70
N THR T 435 10.99 18.02 -0.56
CA THR T 435 11.39 17.01 0.40
C THR T 435 10.23 16.14 0.72
N LEU T 436 9.03 16.70 0.92
CA LEU T 436 7.89 15.80 1.28
C LEU T 436 6.93 15.56 0.15
N ASN T 437 7.33 15.92 -1.08
CA ASN T 437 6.39 15.96 -2.20
C ASN T 437 5.05 16.65 -1.79
N SER T 438 5.18 17.84 -1.22
CA SER T 438 4.06 18.67 -0.76
C SER T 438 3.08 19.00 -1.89
N ASP T 439 1.79 19.07 -1.56
CA ASP T 439 0.78 19.22 -2.62
C ASP T 439 0.19 20.62 -2.72
N GLY T 440 0.62 21.55 -1.87
CA GLY T 440 0.12 22.93 -1.95
C GLY T 440 -1.20 23.14 -1.22
N ILE T 441 -1.71 22.12 -0.51
CA ILE T 441 -3.08 22.23 0.10
C ILE T 441 -3.01 22.26 1.60
N PHE T 442 -3.61 23.27 2.23
CA PHE T 442 -3.42 23.51 3.64
C PHE T 442 -3.91 22.33 4.47
N ARG T 443 -3.22 22.10 5.57
CA ARG T 443 -3.60 21.10 6.56
C ARG T 443 -3.71 21.73 7.94
N THR T 444 -4.39 21.08 8.89
CA THR T 444 -4.49 21.64 10.22
C THR T 444 -3.31 21.18 11.06
N SER T 445 -3.17 21.74 12.26
CA SER T 445 -2.06 21.36 13.13
C SER T 445 -2.53 20.39 14.22
N PRO T 446 -1.60 20.02 15.12
CA PRO T 446 -1.99 19.21 16.30
C PRO T 446 -3.07 19.90 17.11
N ARG T 447 -3.15 21.24 17.09
CA ARG T 447 -4.20 21.95 17.82
C ARG T 447 -5.59 21.54 17.27
N GLY T 448 -5.73 21.56 15.93
CA GLY T 448 -6.96 21.14 15.29
C GLY T 448 -7.28 19.68 15.50
N TRP T 449 -6.26 18.80 15.35
CA TRP T 449 -6.56 17.35 15.38
C TRP T 449 -6.98 17.02 16.75
N PHE T 450 -6.30 17.64 17.74
CA PHE T 450 -6.57 17.28 19.10
C PHE T 450 -8.03 17.68 19.45
N THR T 451 -8.40 18.90 19.01
CA THR T 451 -9.73 19.47 19.26
C THR T 451 -10.80 18.63 18.61
N PHE T 452 -10.58 18.26 17.34
CA PHE T 452 -11.50 17.37 16.61
C PHE T 452 -11.72 16.05 17.34
N ALA T 453 -10.66 15.32 17.61
CA ALA T 453 -10.83 14.01 18.25
C ALA T 453 -11.59 14.10 19.59
N HIS T 454 -11.27 15.13 20.38
CA HIS T 454 -11.84 15.24 21.74
C HIS T 454 -13.26 15.75 21.78
N ALA T 455 -13.62 16.66 20.89
CA ALA T 455 -15.00 17.05 20.66
C ALA T 455 -15.85 15.87 20.21
N VAL T 456 -15.38 15.12 19.22
CA VAL T 456 -16.12 13.90 18.79
C VAL T 456 -16.23 12.86 19.91
N PHE T 457 -15.12 12.54 20.57
CA PHE T 457 -15.14 11.52 21.64
C PHE T 457 -16.09 11.95 22.77
N ALA T 458 -16.03 13.22 23.13
CA ALA T 458 -16.91 13.77 24.17
C ALA T 458 -18.39 13.58 23.80
N LEU T 459 -18.74 13.98 22.59
CA LEU T 459 -20.09 13.81 22.17
C LEU T 459 -20.49 12.32 22.19
N LEU T 460 -19.63 11.43 21.67
CA LEU T 460 -19.97 10.01 21.72
C LEU T 460 -20.05 9.49 23.15
N PHE T 461 -19.18 9.99 24.01
CA PHE T 461 -19.28 9.58 25.41
C PHE T 461 -20.63 10.01 26.03
N PHE T 462 -21.30 11.05 25.50
CA PHE T 462 -22.60 11.40 26.05
C PHE T 462 -23.56 10.22 25.79
N PHE T 463 -23.47 9.58 24.62
CA PHE T 463 -24.31 8.38 24.43
C PHE T 463 -23.98 7.24 25.42
N GLY T 464 -22.71 6.99 25.62
CA GLY T 464 -22.29 6.01 26.61
C GLY T 464 -22.90 6.29 27.98
N HIS T 465 -22.90 7.55 28.37
CA HIS T 465 -23.41 7.95 29.67
C HIS T 465 -24.89 7.65 29.88
N ILE T 466 -25.72 8.26 29.04
CA ILE T 466 -27.14 7.91 28.78
C ILE T 466 -27.41 6.40 28.75
N TRP T 467 -26.62 5.68 27.95
CA TRP T 467 -26.80 4.24 27.82
C TRP T 467 -26.62 3.51 29.13
N HIS T 468 -25.43 3.64 29.70
CA HIS T 468 -25.15 2.98 30.98
C HIS T 468 -25.99 3.45 32.15
N GLY T 469 -26.31 4.74 32.21
CA GLY T 469 -27.28 5.25 33.15
C GLY T 469 -28.62 4.57 33.05
N ALA T 470 -29.14 4.47 31.83
CA ALA T 470 -30.34 3.73 31.58
C ALA T 470 -30.26 2.31 32.11
N ARG T 471 -29.17 1.59 31.83
CA ARG T 471 -29.09 0.19 32.27
C ARG T 471 -28.96 0.06 33.79
N THR T 472 -28.36 1.08 34.42
CA THR T 472 -28.31 1.14 35.86
C THR T 472 -29.71 1.28 36.47
N LEU T 473 -30.45 2.27 36.02
CA LEU T 473 -31.73 2.63 36.62
C LEU T 473 -32.86 1.73 36.23
N PHE T 474 -32.64 0.86 35.25
CA PHE T 474 -33.71 0.02 34.74
C PHE T 474 -33.24 -1.41 34.70
N ARG T 475 -32.27 -1.75 35.55
CA ARG T 475 -31.73 -3.11 35.60
C ARG T 475 -32.82 -4.16 35.73
N ASP T 476 -33.81 -3.91 36.59
CA ASP T 476 -34.93 -4.89 36.79
C ASP T 476 -35.74 -5.21 35.52
N VAL T 477 -35.98 -4.21 34.66
CA VAL T 477 -36.71 -4.44 33.40
C VAL T 477 -35.86 -4.68 32.16
N PHE T 478 -34.52 -4.66 32.28
CA PHE T 478 -33.65 -4.62 31.09
C PHE T 478 -33.77 -5.82 30.13
N SER T 479 -34.38 -6.92 30.60
CA SER T 479 -34.65 -8.11 29.76
C SER T 479 -36.08 -8.15 29.18
N GLY T 480 -36.88 -7.14 29.52
CA GLY T 480 -38.29 -7.01 29.11
C GLY T 480 -39.23 -6.78 30.27
N ILE T 481 -40.36 -6.11 30.01
CA ILE T 481 -41.36 -5.75 31.05
C ILE T 481 -42.05 -6.96 31.72
N ASP T 482 -42.64 -6.73 32.89
CA ASP T 482 -43.30 -7.77 33.72
C ASP T 482 -44.37 -8.54 32.93
N PRO T 483 -44.15 -9.87 32.72
CA PRO T 483 -45.04 -10.71 31.89
C PRO T 483 -46.51 -10.69 32.31
N ASN U 1 -86.25 8.61 15.98
CA ASN U 1 -85.71 8.83 17.37
C ASN U 1 -84.17 8.89 17.48
N SER U 2 -83.47 7.83 17.04
CA SER U 2 -82.00 7.69 17.23
C SER U 2 -81.10 8.32 16.16
N ILE U 3 -79.87 8.66 16.51
CA ILE U 3 -78.92 9.21 15.53
C ILE U 3 -78.41 8.15 14.54
N PHE U 4 -78.52 6.88 14.95
CA PHE U 4 -78.15 5.76 14.11
C PHE U 4 -79.30 5.18 13.31
N ALA U 5 -80.44 5.85 13.31
CA ALA U 5 -81.66 5.24 12.81
C ALA U 5 -81.75 5.17 11.27
N THR U 6 -80.98 5.99 10.56
CA THR U 6 -80.97 5.98 9.07
C THR U 6 -79.94 4.98 8.54
N ASN U 7 -79.86 4.82 7.22
CA ASN U 7 -78.77 3.99 6.68
C ASN U 7 -77.45 4.78 6.35
N ARG U 8 -77.38 6.04 6.77
CA ARG U 8 -76.23 6.90 6.49
C ARG U 8 -75.30 6.97 7.70
N ASP U 9 -74.67 5.84 8.01
CA ASP U 9 -73.76 5.75 9.16
C ASP U 9 -72.89 4.52 8.99
N GLN U 10 -71.85 4.43 9.80
CA GLN U 10 -70.99 3.27 9.63
C GLN U 10 -71.71 1.96 9.98
N GLU U 11 -72.46 1.95 11.08
CA GLU U 11 -73.20 0.73 11.49
C GLU U 11 -74.13 0.11 10.43
N SER U 12 -74.83 0.90 9.61
CA SER U 12 -75.62 0.34 8.50
C SER U 12 -74.84 0.06 7.20
N SER U 13 -73.89 0.93 6.84
CA SER U 13 -73.24 0.85 5.54
C SER U 13 -71.92 0.09 5.56
N GLY U 14 -71.31 -0.01 6.73
CA GLY U 14 -70.00 -0.64 6.85
C GLY U 14 -68.89 0.32 6.39
N PHE U 15 -69.24 1.58 6.04
CA PHE U 15 -68.25 2.61 5.71
C PHE U 15 -68.26 3.75 6.71
N ALA U 16 -67.07 4.13 7.15
CA ALA U 16 -66.82 5.32 7.95
C ALA U 16 -67.14 6.58 7.15
N TRP U 17 -67.28 7.68 7.85
CA TRP U 17 -67.69 8.91 7.19
C TRP U 17 -66.73 9.37 6.12
N TRP U 18 -65.43 9.12 6.32
CA TRP U 18 -64.41 9.62 5.37
C TRP U 18 -64.39 8.79 4.11
N ALA U 19 -65.10 7.67 4.15
CA ALA U 19 -65.38 6.93 2.96
C ALA U 19 -66.88 6.97 2.66
N GLY U 20 -67.56 7.97 3.23
CA GLY U 20 -69.01 8.05 3.12
C GLY U 20 -69.60 7.86 1.73
N ASN U 21 -68.91 8.33 0.70
CA ASN U 21 -69.43 8.25 -0.65
C ASN U 21 -69.47 6.83 -1.19
N ALA U 22 -68.75 5.92 -0.57
CA ALA U 22 -68.82 4.51 -0.88
C ALA U 22 -70.22 3.93 -0.52
N ARG U 23 -70.91 4.59 0.41
CA ARG U 23 -72.29 4.18 0.82
C ARG U 23 -73.24 4.25 -0.34
N LEU U 24 -72.86 4.98 -1.39
CA LEU U 24 -73.72 5.20 -2.55
C LEU U 24 -73.60 4.12 -3.61
N ILE U 25 -72.71 3.15 -3.42
CA ILE U 25 -72.46 2.19 -4.50
C ILE U 25 -73.71 1.53 -5.09
N ASN U 26 -74.56 0.99 -4.21
CA ASN U 26 -75.82 0.39 -4.65
C ASN U 26 -77.08 1.23 -4.33
N LEU U 27 -76.91 2.55 -4.25
CA LEU U 27 -78.02 3.53 -4.14
C LEU U 27 -78.10 4.40 -5.36
N SER U 28 -78.58 3.82 -6.47
CA SER U 28 -78.54 4.44 -7.80
C SER U 28 -79.24 5.79 -7.92
N GLY U 29 -80.28 6.02 -7.14
CA GLY U 29 -80.94 7.33 -7.19
C GLY U 29 -80.09 8.43 -6.59
N LYS U 30 -79.62 8.22 -5.36
CA LYS U 30 -78.77 9.21 -4.70
C LYS U 30 -77.44 9.36 -5.45
N LEU U 31 -76.90 8.24 -5.93
CA LEU U 31 -75.68 8.25 -6.73
C LEU U 31 -75.82 9.09 -7.97
N LEU U 32 -77.02 9.09 -8.57
CA LEU U 32 -77.34 9.97 -9.67
C LEU U 32 -77.29 11.43 -9.24
N GLY U 33 -77.81 11.68 -8.04
CA GLY U 33 -77.84 13.03 -7.52
C GLY U 33 -76.43 13.57 -7.36
N ALA U 34 -75.54 12.74 -6.83
CA ALA U 34 -74.15 13.13 -6.58
C ALA U 34 -73.53 13.55 -7.90
N HIS U 35 -73.75 12.71 -8.89
CA HIS U 35 -73.26 12.97 -10.20
C HIS U 35 -73.76 14.22 -10.86
N VAL U 36 -75.08 14.40 -10.91
CA VAL U 36 -75.70 15.57 -11.55
C VAL U 36 -75.31 16.83 -10.78
N ALA U 37 -75.33 16.75 -9.44
CA ALA U 37 -74.91 17.90 -8.62
C ALA U 37 -73.43 18.33 -8.87
N HIS U 38 -72.56 17.31 -8.98
CA HIS U 38 -71.13 17.51 -9.28
C HIS U 38 -70.96 18.16 -10.65
N ALA U 39 -71.65 17.62 -11.64
CA ALA U 39 -71.66 18.24 -12.96
C ALA U 39 -71.99 19.72 -12.82
N GLY U 40 -72.96 20.05 -11.96
CA GLY U 40 -73.27 21.45 -11.73
C GLY U 40 -72.14 22.31 -11.20
N LEU U 41 -71.37 21.78 -10.24
CA LEU U 41 -70.12 22.42 -9.80
C LEU U 41 -69.11 22.67 -10.96
N ILE U 42 -68.87 21.67 -11.81
CA ILE U 42 -68.00 21.85 -13.01
C ILE U 42 -68.52 23.03 -13.87
N VAL U 43 -69.82 22.98 -14.20
CA VAL U 43 -70.48 24.03 -14.96
C VAL U 43 -70.51 25.37 -14.23
N PHE U 44 -70.87 25.36 -12.94
CA PHE U 44 -70.82 26.58 -12.14
C PHE U 44 -69.43 27.21 -12.27
N TRP U 45 -68.38 26.39 -12.20
CA TRP U 45 -67.01 26.90 -12.21
C TRP U 45 -66.70 27.52 -13.54
N ALA U 46 -66.97 26.79 -14.63
CA ALA U 46 -66.84 27.37 -15.96
C ALA U 46 -67.55 28.71 -16.08
N GLY U 47 -68.81 28.77 -15.67
CA GLY U 47 -69.56 30.01 -15.79
C GLY U 47 -69.00 31.13 -14.94
N ALA U 48 -68.87 30.90 -13.64
CA ALA U 48 -68.44 31.95 -12.73
C ALA U 48 -67.01 32.48 -13.00
N MET U 49 -66.13 31.57 -13.40
CA MET U 49 -64.72 31.86 -13.60
C MET U 49 -64.55 32.72 -14.88
N THR U 50 -65.34 32.40 -15.92
CA THR U 50 -65.36 33.21 -17.14
C THR U 50 -65.79 34.64 -16.83
N LEU U 51 -66.75 34.78 -15.92
CA LEU U 51 -67.26 36.11 -15.60
C LEU U 51 -66.21 36.92 -14.85
N PHE U 52 -65.54 36.25 -13.88
CA PHE U 52 -64.41 36.81 -13.14
C PHE U 52 -63.32 37.25 -14.15
N GLU U 53 -62.91 36.31 -15.03
CA GLU U 53 -61.93 36.64 -16.07
C GLU U 53 -62.36 37.94 -16.80
N LEU U 54 -63.57 37.93 -17.39
CA LEU U 54 -64.12 39.13 -18.06
C LEU U 54 -64.12 40.38 -17.16
N ALA U 55 -64.59 40.26 -15.92
CA ALA U 55 -64.56 41.42 -15.05
C ALA U 55 -63.14 41.96 -14.79
N HIS U 56 -62.14 41.10 -14.91
CA HIS U 56 -60.75 41.49 -14.67
C HIS U 56 -59.98 41.79 -15.95
N PHE U 57 -60.62 41.57 -17.10
CA PHE U 57 -59.97 41.65 -18.41
C PHE U 57 -59.81 43.10 -18.89
N ILE U 58 -58.57 43.49 -19.17
CA ILE U 58 -58.26 44.78 -19.79
C ILE U 58 -57.85 44.37 -21.19
N PRO U 59 -58.72 44.61 -22.19
CA PRO U 59 -58.62 43.82 -23.41
C PRO U 59 -57.46 44.21 -24.34
N GLU U 60 -56.85 45.37 -24.09
CA GLU U 60 -55.71 45.77 -24.91
C GLU U 60 -54.44 45.01 -24.49
N LYS U 61 -54.30 44.73 -23.18
CA LYS U 61 -53.26 43.89 -22.58
C LYS U 61 -53.35 42.44 -23.08
N PRO U 62 -52.19 41.75 -23.27
CA PRO U 62 -52.30 40.34 -23.67
C PRO U 62 -53.03 39.52 -22.62
N MET U 63 -53.77 38.51 -23.08
CA MET U 63 -54.48 37.60 -22.14
C MET U 63 -53.50 36.98 -21.14
N TYR U 64 -52.37 36.53 -21.67
CA TYR U 64 -51.33 35.87 -20.88
C TYR U 64 -50.70 36.72 -19.80
N GLU U 65 -50.92 38.03 -19.85
CA GLU U 65 -50.47 38.91 -18.78
C GLU U 65 -51.51 39.03 -17.71
N GLN U 66 -52.64 38.34 -17.88
CA GLN U 66 -53.75 38.61 -16.99
C GLN U 66 -54.33 37.42 -16.23
N GLY U 67 -53.57 36.31 -16.20
CA GLY U 67 -53.93 35.14 -15.42
C GLY U 67 -55.21 34.54 -15.93
N LEU U 68 -55.34 34.50 -17.26
CA LEU U 68 -56.56 34.03 -17.89
C LEU U 68 -56.30 32.68 -18.46
N ILE U 69 -57.26 31.75 -18.24
CA ILE U 69 -57.18 30.41 -18.82
C ILE U 69 -58.46 30.02 -19.61
N LEU U 70 -59.56 30.65 -19.25
CA LEU U 70 -60.84 30.36 -19.94
C LEU U 70 -61.09 31.20 -21.21
N ILE U 71 -60.93 32.51 -21.08
CA ILE U 71 -61.06 33.35 -22.26
C ILE U 71 -60.13 32.87 -23.41
N PRO U 72 -58.88 32.45 -23.09
CA PRO U 72 -58.06 31.86 -24.13
C PRO U 72 -58.69 30.67 -24.83
N HIS U 73 -59.42 29.83 -24.08
CA HIS U 73 -60.16 28.72 -24.71
C HIS U 73 -61.30 29.16 -25.62
N ILE U 74 -62.03 30.21 -25.20
CA ILE U 74 -63.12 30.74 -26.03
C ILE U 74 -62.58 31.45 -27.27
N ALA U 75 -61.60 32.35 -27.07
CA ALA U 75 -60.86 32.97 -28.22
C ALA U 75 -60.32 31.96 -29.22
N THR U 76 -59.78 30.84 -28.75
CA THR U 76 -59.25 29.84 -29.71
C THR U 76 -60.31 29.34 -30.69
N LEU U 77 -61.56 29.38 -30.25
CA LEU U 77 -62.69 28.89 -31.04
C LEU U 77 -63.15 29.95 -32.06
N GLY U 78 -62.56 31.13 -31.98
CA GLY U 78 -62.81 32.17 -32.95
C GLY U 78 -63.70 33.26 -32.39
N TRP U 79 -64.07 33.14 -31.12
CA TRP U 79 -64.98 34.08 -30.50
C TRP U 79 -64.32 35.28 -29.91
N GLY U 80 -64.70 36.45 -30.42
CA GLY U 80 -64.30 37.76 -29.83
C GLY U 80 -62.98 38.37 -30.35
N VAL U 81 -62.35 37.69 -31.28
CA VAL U 81 -60.99 38.06 -31.72
C VAL U 81 -60.85 38.16 -33.24
N GLY U 82 -59.99 39.08 -33.67
CA GLY U 82 -59.62 39.19 -35.08
C GLY U 82 -58.17 38.86 -35.38
N PRO U 83 -57.56 39.61 -36.32
CA PRO U 83 -56.19 39.32 -36.79
C PRO U 83 -55.20 39.50 -35.66
N GLY U 84 -54.21 38.62 -35.54
CA GLY U 84 -53.25 38.73 -34.45
C GLY U 84 -53.79 38.49 -33.02
N GLY U 85 -55.07 38.13 -32.90
CA GLY U 85 -55.67 37.86 -31.61
C GLY U 85 -56.15 39.11 -30.93
N GLU U 86 -56.18 40.22 -31.68
CA GLU U 86 -56.78 41.45 -31.19
C GLU U 86 -58.21 41.09 -30.69
N VAL U 87 -58.58 41.59 -29.52
CA VAL U 87 -59.90 41.33 -28.97
C VAL U 87 -60.81 42.38 -29.57
N VAL U 88 -61.64 41.94 -30.52
CA VAL U 88 -62.60 42.84 -31.19
C VAL U 88 -63.98 42.95 -30.48
N ASP U 89 -64.31 42.05 -29.58
CA ASP U 89 -65.63 42.05 -28.93
C ASP U 89 -65.70 41.09 -27.76
N THR U 90 -65.85 41.62 -26.53
CA THR U 90 -65.88 40.80 -25.33
C THR U 90 -67.19 40.06 -25.11
N PHE U 91 -68.26 40.47 -25.82
CA PHE U 91 -69.60 39.98 -25.48
C PHE U 91 -69.75 38.46 -25.61
N PRO U 92 -69.16 37.85 -26.65
CA PRO U 92 -69.24 36.37 -26.68
C PRO U 92 -68.60 35.67 -25.46
N PHE U 93 -67.67 36.34 -24.74
CA PHE U 93 -67.10 35.74 -23.48
C PHE U 93 -68.13 35.84 -22.35
N PHE U 94 -68.79 36.98 -22.29
CA PHE U 94 -69.93 37.20 -21.40
C PHE U 94 -71.05 36.18 -21.61
N VAL U 95 -71.35 35.88 -22.88
CA VAL U 95 -72.34 34.87 -23.22
C VAL U 95 -71.99 33.50 -22.61
N VAL U 96 -70.83 32.98 -22.99
CA VAL U 96 -70.37 31.67 -22.52
C VAL U 96 -70.41 31.62 -20.99
N GLY U 97 -69.99 32.70 -20.35
CA GLY U 97 -69.98 32.75 -18.88
C GLY U 97 -71.39 32.70 -18.31
N VAL U 98 -72.28 33.55 -18.85
CA VAL U 98 -73.67 33.63 -18.39
C VAL U 98 -74.37 32.29 -18.62
N VAL U 99 -74.36 31.79 -19.86
CA VAL U 99 -75.05 30.57 -20.13
C VAL U 99 -74.58 29.42 -19.19
N HIS U 100 -73.25 29.25 -19.01
CA HIS U 100 -72.75 28.20 -18.08
C HIS U 100 -73.28 28.36 -16.68
N LEU U 101 -73.27 29.58 -16.18
CA LEU U 101 -73.67 29.82 -14.79
C LEU U 101 -75.16 29.57 -14.53
N ILE U 102 -75.99 29.88 -15.54
CA ILE U 102 -77.44 29.61 -15.53
C ILE U 102 -77.62 28.11 -15.58
N SER U 103 -76.98 27.43 -16.55
CA SER U 103 -77.09 25.98 -16.62
C SER U 103 -76.68 25.25 -15.32
N SER U 104 -75.86 25.88 -14.48
CA SER U 104 -75.37 25.19 -13.28
C SER U 104 -76.46 25.09 -12.22
N ALA U 105 -77.26 26.16 -12.10
CA ALA U 105 -78.50 26.17 -11.27
C ALA U 105 -79.44 24.99 -11.56
N VAL U 106 -79.72 24.76 -12.86
CA VAL U 106 -80.53 23.66 -13.31
C VAL U 106 -79.91 22.31 -12.91
N LEU U 107 -78.64 22.12 -13.26
CA LEU U 107 -77.94 20.88 -12.94
C LEU U 107 -77.93 20.70 -11.44
N GLY U 108 -77.66 21.81 -10.75
CA GLY U 108 -77.64 21.85 -9.28
C GLY U 108 -78.99 21.50 -8.68
N PHE U 109 -80.05 22.10 -9.22
CA PHE U 109 -81.43 21.74 -8.87
C PHE U 109 -81.66 20.24 -9.03
N GLY U 110 -81.41 19.72 -10.22
CA GLY U 110 -81.60 18.30 -10.50
C GLY U 110 -80.84 17.40 -9.54
N GLY U 111 -79.58 17.77 -9.29
CA GLY U 111 -78.71 16.99 -8.42
C GLY U 111 -79.20 16.96 -6.98
N VAL U 112 -79.51 18.11 -6.41
CA VAL U 112 -80.06 18.20 -5.06
C VAL U 112 -81.36 17.35 -4.94
N TYR U 113 -82.23 17.47 -5.94
CA TYR U 113 -83.46 16.69 -5.97
C TYR U 113 -83.16 15.22 -5.86
N HIS U 114 -82.32 14.69 -6.76
CA HIS U 114 -82.08 13.24 -6.75
C HIS U 114 -81.36 12.79 -5.52
N ALA U 115 -80.62 13.69 -4.90
CA ALA U 115 -79.76 13.33 -3.76
C ALA U 115 -80.51 13.30 -2.43
N ILE U 116 -81.50 14.18 -2.28
CA ILE U 116 -82.15 14.44 -1.00
C ILE U 116 -83.64 13.99 -0.97
N ARG U 117 -84.34 14.23 -2.08
CA ARG U 117 -85.80 14.15 -2.12
C ARG U 117 -86.31 13.00 -2.99
N GLY U 118 -85.71 12.82 -4.16
CA GLY U 118 -86.06 11.75 -5.08
C GLY U 118 -85.80 10.34 -4.55
N PRO U 119 -86.15 9.34 -5.36
CA PRO U 119 -85.99 7.97 -4.86
C PRO U 119 -84.52 7.60 -4.75
N GLU U 120 -84.15 7.00 -3.61
CA GLU U 120 -82.80 6.52 -3.35
C GLU U 120 -82.29 5.48 -4.35
N THR U 121 -83.12 4.50 -4.66
CA THR U 121 -82.81 3.52 -5.68
C THR U 121 -83.85 3.70 -6.77
N LEU U 122 -83.42 3.38 -7.98
CA LEU U 122 -84.22 3.64 -9.17
C LEU U 122 -84.77 2.36 -9.75
N GLU U 123 -84.32 1.21 -9.23
CA GLU U 123 -84.63 -0.07 -9.85
C GLU U 123 -86.12 -0.44 -9.75
N GLU U 124 -86.72 -0.15 -8.60
CA GLU U 124 -88.15 -0.33 -8.36
C GLU U 124 -89.00 0.74 -9.06
N TYR U 125 -88.43 1.91 -9.31
CA TYR U 125 -89.16 2.97 -10.03
C TYR U 125 -89.16 2.85 -11.58
N SER U 126 -88.05 2.39 -12.17
CA SER U 126 -87.86 2.37 -13.62
C SER U 126 -86.86 1.31 -14.02
N SER U 127 -87.21 0.49 -14.99
CA SER U 127 -86.27 -0.49 -15.55
C SER U 127 -85.24 0.12 -16.50
N PHE U 128 -85.52 1.31 -17.03
CA PHE U 128 -84.62 2.00 -17.95
C PHE U 128 -83.49 2.64 -17.16
N PHE U 129 -83.85 3.47 -16.18
CA PHE U 129 -82.91 4.26 -15.42
C PHE U 129 -82.22 3.53 -14.25
N GLY U 130 -82.90 2.55 -13.68
CA GLY U 130 -82.27 1.65 -12.71
C GLY U 130 -81.22 0.81 -13.41
N TYR U 131 -80.26 0.31 -12.62
CA TYR U 131 -79.19 -0.59 -13.11
C TYR U 131 -78.60 -1.38 -11.98
N ASP U 132 -78.03 -2.51 -12.34
CA ASP U 132 -77.23 -3.33 -11.46
C ASP U 132 -75.79 -3.38 -12.07
N TRP U 133 -74.81 -2.90 -11.30
CA TRP U 133 -73.40 -2.89 -11.75
C TRP U 133 -72.96 -4.15 -12.44
N LYS U 134 -73.44 -5.29 -11.96
CA LYS U 134 -73.08 -6.61 -12.53
C LYS U 134 -73.80 -6.99 -13.85
N ASP U 135 -74.69 -6.13 -14.33
CA ASP U 135 -75.43 -6.40 -15.55
C ASP U 135 -74.58 -5.86 -16.71
N LYS U 136 -73.87 -6.75 -17.38
CA LYS U 136 -72.89 -6.34 -18.39
C LYS U 136 -73.53 -5.65 -19.58
N ASN U 137 -74.80 -6.00 -19.83
CA ASN U 137 -75.56 -5.42 -20.94
CA ASN U 137 -75.53 -5.41 -20.96
C ASN U 137 -75.99 -4.00 -20.64
N LYS U 138 -76.54 -3.79 -19.46
CA LYS U 138 -77.03 -2.45 -19.09
C LYS U 138 -75.84 -1.47 -18.94
N MET U 139 -74.71 -1.95 -18.40
CA MET U 139 -73.50 -1.13 -18.32
C MET U 139 -72.98 -0.74 -19.72
N THR U 140 -72.76 -1.69 -20.62
CA THR U 140 -72.37 -1.30 -21.97
C THR U 140 -73.39 -0.36 -22.67
N THR U 141 -74.67 -0.48 -22.30
CA THR U 141 -75.74 0.34 -22.88
C THR U 141 -75.64 1.82 -22.49
N ILE U 142 -75.44 2.07 -21.20
CA ILE U 142 -75.30 3.44 -20.70
C ILE U 142 -73.97 4.01 -21.27
N LEU U 143 -72.97 3.13 -21.39
CA LEU U 143 -71.64 3.49 -21.89
C LEU U 143 -71.85 4.01 -23.28
N GLY U 144 -72.57 3.21 -24.10
CA GLY U 144 -72.93 3.55 -25.47
C GLY U 144 -73.67 4.86 -25.57
N PHE U 145 -74.63 5.08 -24.67
CA PHE U 145 -75.37 6.35 -24.66
C PHE U 145 -74.36 7.50 -24.57
N HIS U 146 -73.41 7.35 -23.64
CA HIS U 146 -72.44 8.41 -23.36
C HIS U 146 -71.47 8.58 -24.49
N LEU U 147 -71.05 7.48 -25.11
CA LEU U 147 -70.29 7.54 -26.35
C LEU U 147 -70.97 8.39 -27.43
N ILE U 148 -72.27 8.21 -27.60
CA ILE U 148 -73.01 9.01 -28.57
C ILE U 148 -72.95 10.47 -28.24
N VAL U 149 -73.19 10.79 -26.97
CA VAL U 149 -73.11 12.17 -26.48
C VAL U 149 -71.73 12.79 -26.75
N LEU U 150 -70.65 12.04 -26.48
CA LEU U 150 -69.29 12.56 -26.68
C LEU U 150 -69.03 12.85 -28.16
N GLY U 151 -69.44 11.88 -29.01
CA GLY U 151 -69.35 11.97 -30.49
C GLY U 151 -69.98 13.23 -31.02
N ILE U 152 -71.20 13.47 -30.57
CA ILE U 152 -71.89 14.70 -30.90
C ILE U 152 -71.06 15.93 -30.44
N GLY U 153 -70.54 15.90 -29.20
CA GLY U 153 -69.70 17.01 -28.68
C GLY U 153 -68.54 17.40 -29.61
N ALA U 154 -67.94 16.38 -30.23
CA ALA U 154 -66.84 16.55 -31.16
C ALA U 154 -67.33 17.20 -32.45
N LEU U 155 -68.49 16.76 -32.94
CA LEU U 155 -69.08 17.37 -34.13
C LEU U 155 -69.46 18.82 -33.87
N LEU U 156 -69.69 19.21 -32.61
CA LEU U 156 -69.95 20.62 -32.33
C LEU U 156 -68.71 21.46 -32.58
N LEU U 157 -67.54 20.89 -32.30
CA LEU U 157 -66.26 21.49 -32.67
C LEU U 157 -66.14 21.57 -34.20
N VAL U 158 -66.30 20.44 -34.89
CA VAL U 158 -66.41 20.46 -36.36
C VAL U 158 -67.34 21.58 -36.86
N ALA U 159 -68.53 21.66 -36.27
CA ALA U 159 -69.54 22.61 -36.71
C ALA U 159 -69.05 24.04 -36.56
N LYS U 160 -68.49 24.35 -35.40
CA LYS U 160 -67.93 25.66 -35.19
C LYS U 160 -66.93 26.00 -36.30
N ALA U 161 -65.98 25.10 -36.53
CA ALA U 161 -64.88 25.35 -37.46
C ALA U 161 -65.38 25.61 -38.87
N MET U 162 -66.32 24.75 -39.31
CA MET U 162 -66.72 24.66 -40.71
C MET U 162 -67.93 25.53 -41.13
N PHE U 163 -68.85 25.78 -40.20
CA PHE U 163 -70.14 26.40 -40.49
C PHE U 163 -70.52 27.54 -39.59
N PHE U 164 -69.78 27.75 -38.49
CA PHE U 164 -70.17 28.82 -37.59
C PHE U 164 -69.10 29.82 -37.23
N GLY U 165 -68.32 30.20 -38.22
CA GLY U 165 -67.32 31.24 -38.00
C GLY U 165 -65.86 30.79 -37.99
N GLY U 166 -65.61 29.48 -38.04
CA GLY U 166 -64.25 28.93 -38.09
C GLY U 166 -63.53 29.00 -36.75
N LEU U 167 -62.21 28.90 -36.80
CA LEU U 167 -61.37 28.88 -35.58
C LEU U 167 -60.24 29.89 -35.73
N TYR U 168 -59.65 30.28 -34.60
CA TYR U 168 -58.45 31.09 -34.64
C TYR U 168 -57.26 30.26 -35.14
N ASP U 169 -56.54 30.79 -36.14
CA ASP U 169 -55.48 30.05 -36.82
C ASP U 169 -54.23 30.86 -36.65
N THR U 170 -53.31 30.38 -35.81
CA THR U 170 -52.08 31.11 -35.54
C THR U 170 -51.20 31.12 -36.78
N TRP U 171 -51.49 30.17 -37.68
CA TRP U 171 -50.76 29.88 -38.93
C TRP U 171 -51.37 30.48 -40.17
N ALA U 172 -52.40 31.30 -40.02
CA ALA U 172 -53.09 31.87 -41.17
C ALA U 172 -52.08 32.73 -41.97
N PRO U 173 -51.90 32.39 -43.27
CA PRO U 173 -50.99 33.21 -44.11
C PRO U 173 -51.24 34.70 -43.90
N GLY U 174 -50.18 35.44 -43.60
CA GLY U 174 -50.26 36.89 -43.43
C GLY U 174 -50.47 37.32 -42.00
N GLY U 175 -50.49 36.36 -41.08
CA GLY U 175 -50.68 36.66 -39.66
C GLY U 175 -51.87 35.93 -39.07
N GLY U 176 -51.79 35.65 -37.77
CA GLY U 176 -52.88 34.96 -37.10
C GLY U 176 -54.23 35.60 -37.38
N ASP U 177 -55.21 34.78 -37.74
CA ASP U 177 -56.57 35.25 -37.92
C ASP U 177 -57.59 34.13 -37.66
N VAL U 178 -58.82 34.52 -37.33
CA VAL U 178 -59.93 33.58 -37.42
C VAL U 178 -60.03 33.05 -38.86
N ARG U 179 -60.35 31.79 -39.05
CA ARG U 179 -60.40 31.20 -40.39
C ARG U 179 -61.40 30.06 -40.44
N VAL U 180 -62.19 30.02 -41.52
CA VAL U 180 -63.18 28.98 -41.72
C VAL U 180 -62.47 27.81 -42.32
N ILE U 181 -62.72 26.62 -41.81
CA ILE U 181 -62.05 25.42 -42.31
C ILE U 181 -62.98 24.70 -43.28
N THR U 182 -62.59 24.66 -44.54
CA THR U 182 -63.45 24.16 -45.60
C THR U 182 -62.97 22.84 -46.10
N ASN U 183 -61.73 22.49 -45.74
CA ASN U 183 -61.19 21.20 -46.18
C ASN U 183 -60.54 20.33 -45.10
N PRO U 184 -61.35 19.83 -44.14
CA PRO U 184 -60.83 18.98 -43.05
C PRO U 184 -60.12 17.73 -43.56
N THR U 185 -59.07 17.32 -42.85
CA THR U 185 -58.30 16.18 -43.28
C THR U 185 -59.08 14.93 -42.91
N LEU U 186 -59.31 14.08 -43.90
CA LEU U 186 -60.10 12.88 -43.73
C LEU U 186 -59.27 11.62 -43.95
N ASP U 187 -58.26 11.72 -44.79
CA ASP U 187 -57.34 10.62 -45.05
C ASP U 187 -56.91 9.98 -43.71
N PRO U 188 -57.33 8.71 -43.48
CA PRO U 188 -57.03 7.95 -42.26
C PRO U 188 -55.51 7.72 -42.06
N ARG U 189 -54.77 7.53 -43.15
CA ARG U 189 -53.32 7.47 -43.13
C ARG U 189 -52.72 8.69 -42.40
N VAL U 190 -53.35 9.85 -42.53
CA VAL U 190 -52.85 11.04 -41.84
C VAL U 190 -53.35 11.05 -40.40
N ILE U 191 -54.67 11.16 -40.23
CA ILE U 191 -55.33 11.16 -38.92
C ILE U 191 -54.78 10.12 -37.93
N PHE U 192 -54.68 8.86 -38.34
CA PHE U 192 -54.16 7.80 -37.46
C PHE U 192 -52.66 7.68 -37.51
N GLY U 193 -52.03 8.30 -38.52
CA GLY U 193 -50.56 8.48 -38.53
C GLY U 193 -50.10 9.05 -37.21
N TYR U 194 -50.78 10.13 -36.76
CA TYR U 194 -50.47 10.83 -35.52
C TYR U 194 -50.37 9.94 -34.27
N LEU U 195 -51.27 8.97 -34.17
CA LEU U 195 -51.32 8.05 -33.04
C LEU U 195 -50.20 7.08 -33.02
N LEU U 196 -49.58 6.87 -34.19
CA LEU U 196 -48.42 5.97 -34.34
C LEU U 196 -47.07 6.71 -34.38
N LYS U 197 -47.07 8.00 -34.07
CA LYS U 197 -45.85 8.79 -34.05
C LYS U 197 -45.22 8.64 -32.67
N SER U 198 -43.90 8.45 -32.64
CA SER U 198 -43.14 8.39 -31.40
C SER U 198 -43.49 9.62 -30.58
N PRO U 199 -43.59 9.49 -29.22
CA PRO U 199 -43.80 10.69 -28.40
C PRO U 199 -42.52 11.47 -28.15
N PHE U 200 -41.42 11.01 -28.71
CA PHE U 200 -40.11 11.64 -28.44
C PHE U 200 -39.83 12.88 -29.24
N GLY U 201 -38.64 13.45 -29.02
CA GLY U 201 -38.27 14.77 -29.55
C GLY U 201 -38.33 14.88 -31.05
N GLY U 202 -38.92 15.95 -31.55
CA GLY U 202 -39.07 16.13 -33.01
C GLY U 202 -40.18 15.31 -33.64
N GLU U 203 -40.96 14.62 -32.79
CA GLU U 203 -42.08 13.77 -33.21
C GLU U 203 -43.27 14.20 -32.39
N GLY U 204 -43.29 13.88 -31.10
CA GLY U 204 -44.29 14.45 -30.19
C GLY U 204 -45.70 13.87 -30.29
N TRP U 205 -45.83 12.73 -30.96
CA TRP U 205 -47.10 12.00 -31.01
C TRP U 205 -48.24 12.94 -31.41
N ILE U 206 -49.40 12.87 -30.77
CA ILE U 206 -50.53 13.68 -31.23
C ILE U 206 -50.31 15.16 -30.86
N VAL U 207 -49.40 15.43 -29.92
CA VAL U 207 -49.11 16.81 -29.44
C VAL U 207 -48.45 17.65 -30.59
N SER U 208 -47.95 16.96 -31.62
CA SER U 208 -47.40 17.64 -32.78
C SER U 208 -48.37 18.26 -33.75
N VAL U 209 -49.68 18.02 -33.63
CA VAL U 209 -50.69 18.54 -34.58
C VAL U 209 -50.49 20.04 -34.74
N ASN U 210 -50.20 20.46 -35.97
CA ASN U 210 -49.66 21.79 -36.27
C ASN U 210 -50.49 22.54 -37.33
N ASN U 211 -51.70 22.06 -37.61
CA ASN U 211 -52.62 22.75 -38.52
C ASN U 211 -54.10 22.38 -38.25
N LEU U 212 -54.99 23.35 -38.46
CA LEU U 212 -56.41 23.23 -38.11
C LEU U 212 -57.20 22.17 -38.95
N GLU U 213 -56.81 21.95 -40.21
CA GLU U 213 -57.41 20.93 -41.04
C GLU U 213 -57.33 19.54 -40.38
N ASP U 214 -56.13 19.19 -39.95
CA ASP U 214 -55.86 17.97 -39.22
C ASP U 214 -56.71 17.95 -37.93
N VAL U 215 -56.76 19.05 -37.20
CA VAL U 215 -57.54 19.10 -35.98
C VAL U 215 -59.02 18.75 -36.31
N VAL U 216 -59.61 19.60 -37.14
CA VAL U 216 -61.01 19.51 -37.48
C VAL U 216 -61.31 18.15 -38.07
N GLY U 217 -60.48 17.70 -39.02
CA GLY U 217 -60.58 16.32 -39.54
C GLY U 217 -60.51 15.26 -38.44
N GLY U 218 -59.61 15.47 -37.47
CA GLY U 218 -59.43 14.54 -36.36
C GLY U 218 -60.76 14.41 -35.66
N HIS U 219 -61.39 15.54 -35.39
CA HIS U 219 -62.70 15.52 -34.77
C HIS U 219 -63.82 14.90 -35.60
N ILE U 220 -63.73 14.89 -36.93
CA ILE U 220 -64.77 14.22 -37.72
C ILE U 220 -64.70 12.73 -37.45
N TRP U 221 -63.49 12.17 -37.48
CA TRP U 221 -63.28 10.76 -37.20
C TRP U 221 -63.65 10.34 -35.78
N ILE U 222 -63.30 11.15 -34.78
CA ILE U 222 -63.63 10.86 -33.38
C ILE U 222 -65.15 10.97 -33.13
N GLY U 223 -65.80 11.90 -33.81
CA GLY U 223 -67.25 12.03 -33.75
C GLY U 223 -67.91 10.77 -34.23
N LEU U 224 -67.51 10.28 -35.41
CA LEU U 224 -68.13 9.11 -35.99
C LEU U 224 -67.70 7.81 -35.30
N ILE U 225 -66.44 7.74 -34.91
CA ILE U 225 -65.95 6.59 -34.14
C ILE U 225 -66.78 6.42 -32.89
N CYS U 226 -67.00 7.52 -32.18
CA CYS U 226 -67.72 7.46 -30.93
C CYS U 226 -69.19 7.08 -31.14
N ILE U 227 -69.84 7.68 -32.15
CA ILE U 227 -71.26 7.41 -32.37
C ILE U 227 -71.43 5.96 -32.78
N ALA U 228 -70.62 5.53 -33.73
CA ALA U 228 -70.59 4.13 -34.13
C ALA U 228 -70.40 3.13 -32.96
N GLY U 229 -69.40 3.37 -32.11
CA GLY U 229 -69.15 2.48 -30.97
C GLY U 229 -70.17 2.57 -29.84
N GLY U 230 -70.82 3.73 -29.72
CA GLY U 230 -71.94 3.87 -28.81
C GLY U 230 -73.14 3.03 -29.25
N ILE U 231 -73.52 3.17 -30.53
CA ILE U 231 -74.52 2.28 -31.13
C ILE U 231 -74.12 0.82 -30.92
N TRP U 232 -72.85 0.48 -31.18
CA TRP U 232 -72.35 -0.89 -31.00
C TRP U 232 -72.59 -1.46 -29.62
N HIS U 233 -72.41 -0.62 -28.62
CA HIS U 233 -72.46 -1.05 -27.24
C HIS U 233 -73.88 -1.13 -26.72
N ILE U 234 -74.78 -0.38 -27.36
CA ILE U 234 -76.20 -0.41 -27.03
C ILE U 234 -76.84 -1.72 -27.52
N LEU U 235 -76.31 -2.26 -28.61
CA LEU U 235 -76.85 -3.42 -29.30
C LEU U 235 -76.07 -4.68 -29.00
N THR U 236 -75.02 -4.57 -28.19
CA THR U 236 -74.22 -5.75 -27.90
C THR U 236 -73.96 -5.97 -26.40
N THR U 237 -73.34 -7.10 -26.13
CA THR U 237 -72.98 -7.54 -24.81
C THR U 237 -71.50 -7.94 -24.89
N PRO U 238 -70.74 -7.76 -23.78
CA PRO U 238 -69.34 -8.16 -23.78
C PRO U 238 -69.08 -9.62 -24.16
N PHE U 239 -68.22 -9.83 -25.16
CA PHE U 239 -67.74 -11.16 -25.53
C PHE U 239 -67.08 -11.87 -24.35
N GLY U 240 -67.00 -13.20 -24.46
CA GLY U 240 -66.37 -14.07 -23.48
C GLY U 240 -65.00 -13.62 -23.00
N TRP U 241 -64.05 -13.49 -23.94
CA TRP U 241 -62.70 -12.99 -23.60
C TRP U 241 -62.69 -11.73 -22.74
N ALA U 242 -63.66 -10.84 -22.96
CA ALA U 242 -63.76 -9.61 -22.18
C ALA U 242 -64.23 -9.92 -20.78
N ARG U 243 -65.40 -10.55 -20.68
CA ARG U 243 -65.92 -11.03 -19.40
C ARG U 243 -64.83 -11.73 -18.60
N ARG U 244 -64.00 -12.51 -19.26
CA ARG U 244 -62.99 -13.22 -18.48
C ARG U 244 -61.78 -12.30 -18.04
N ALA U 245 -61.65 -11.14 -18.69
CA ALA U 245 -60.46 -10.29 -18.52
C ALA U 245 -60.64 -9.22 -17.45
N PHE U 246 -61.89 -8.76 -17.29
CA PHE U 246 -62.22 -7.67 -16.41
C PHE U 246 -62.87 -8.06 -15.07
N ILE U 247 -62.93 -7.08 -14.20
CA ILE U 247 -63.70 -7.19 -12.97
C ILE U 247 -64.95 -6.37 -13.24
N TRP U 248 -66.10 -6.86 -12.78
CA TRP U 248 -67.38 -6.26 -13.10
C TRP U 248 -68.04 -5.75 -11.86
N SER U 249 -67.71 -4.51 -11.50
CA SER U 249 -68.21 -3.89 -10.29
C SER U 249 -68.15 -2.39 -10.43
N GLY U 250 -68.98 -1.68 -9.69
CA GLY U 250 -68.95 -0.23 -9.73
C GLY U 250 -67.53 0.29 -9.53
N GLU U 251 -66.84 -0.22 -8.48
CA GLU U 251 -65.50 0.21 -8.14
C GLU U 251 -64.49 -0.13 -9.24
N ALA U 252 -64.62 -1.31 -9.85
CA ALA U 252 -63.77 -1.65 -10.99
C ALA U 252 -63.97 -0.64 -12.10
N TYR U 253 -65.23 -0.35 -12.43
CA TYR U 253 -65.50 0.63 -13.48
C TYR U 253 -64.91 1.99 -13.16
N LEU U 254 -65.00 2.42 -11.91
CA LEU U 254 -64.45 3.71 -11.51
C LEU U 254 -62.93 3.66 -11.73
N SER U 255 -62.31 2.53 -11.42
CA SER U 255 -60.87 2.41 -11.54
C SER U 255 -60.40 2.53 -13.01
N TYR U 256 -61.10 1.86 -13.94
CA TYR U 256 -60.78 1.99 -15.37
C TYR U 256 -60.82 3.46 -15.82
N SER U 257 -61.84 4.19 -15.38
CA SER U 257 -62.00 5.57 -15.77
C SER U 257 -60.97 6.50 -15.15
N LEU U 258 -60.49 6.14 -13.97
CA LEU U 258 -59.51 6.93 -13.28
C LEU U 258 -58.18 6.75 -14.03
N GLY U 259 -57.94 5.54 -14.52
CA GLY U 259 -56.73 5.25 -15.26
C GLY U 259 -56.76 6.06 -16.56
N ALA U 260 -57.94 6.10 -17.20
CA ALA U 260 -58.15 6.91 -18.40
C ALA U 260 -57.91 8.39 -18.11
N LEU U 261 -58.46 8.92 -17.02
CA LEU U 261 -58.33 10.35 -16.80
C LEU U 261 -56.89 10.77 -16.45
N SER U 262 -56.17 9.90 -15.74
CA SER U 262 -54.78 10.15 -15.38
C SER U 262 -54.00 10.35 -16.66
N MET U 263 -54.17 9.37 -17.54
CA MET U 263 -53.55 9.35 -18.83
C MET U 263 -53.86 10.57 -19.66
N MET U 264 -55.10 11.02 -19.62
CA MET U 264 -55.51 12.20 -20.36
C MET U 264 -54.92 13.46 -19.74
N GLY U 265 -54.89 13.53 -18.40
CA GLY U 265 -54.24 14.61 -17.68
C GLY U 265 -52.79 14.81 -18.14
N PHE U 266 -52.06 13.71 -18.31
CA PHE U 266 -50.63 13.73 -18.68
C PHE U 266 -50.46 14.23 -20.09
N ILE U 267 -51.36 13.77 -20.97
CA ILE U 267 -51.40 14.24 -22.34
C ILE U 267 -51.71 15.74 -22.35
N ALA U 268 -52.66 16.18 -21.52
CA ALA U 268 -53.05 17.62 -21.50
C ALA U 268 -51.89 18.53 -21.06
N THR U 269 -51.17 18.09 -20.03
CA THR U 269 -49.97 18.73 -19.59
C THR U 269 -48.99 18.96 -20.77
N CYS U 270 -48.70 17.89 -21.52
CA CYS U 270 -47.84 17.95 -22.72
C CYS U 270 -48.39 18.79 -23.88
N PHE U 271 -49.70 18.67 -24.13
CA PHE U 271 -50.38 19.54 -25.11
C PHE U 271 -50.15 21.02 -24.83
N VAL U 272 -50.55 21.53 -23.66
CA VAL U 272 -50.41 22.94 -23.36
C VAL U 272 -48.93 23.42 -23.20
N TRP U 273 -47.99 22.48 -23.02
CA TRP U 273 -46.60 22.87 -22.80
C TRP U 273 -45.89 23.07 -24.14
N PHE U 274 -46.19 22.20 -25.12
CA PHE U 274 -45.49 22.18 -26.40
C PHE U 274 -46.29 22.73 -27.58
N ASN U 275 -47.61 22.52 -27.57
CA ASN U 275 -48.44 22.85 -28.71
C ASN U 275 -48.84 24.34 -28.77
N ASN U 276 -48.63 24.95 -29.93
CA ASN U 276 -49.00 26.36 -30.12
C ASN U 276 -49.96 26.60 -31.30
N THR U 277 -50.56 25.51 -31.80
CA THR U 277 -51.71 25.54 -32.70
C THR U 277 -53.08 25.60 -31.93
N VAL U 278 -53.44 24.57 -31.15
CA VAL U 278 -54.70 24.61 -30.40
C VAL U 278 -54.56 25.34 -29.07
N TYR U 279 -53.33 25.74 -28.77
CA TYR U 279 -53.07 26.68 -27.69
C TYR U 279 -52.23 27.82 -28.27
N PRO U 280 -52.89 28.79 -28.93
CA PRO U 280 -52.19 29.82 -29.70
C PRO U 280 -51.35 30.71 -28.78
N SER U 281 -50.09 30.95 -29.14
CA SER U 281 -49.21 31.69 -28.21
C SER U 281 -49.74 33.08 -28.02
N GLU U 282 -50.48 33.59 -29.01
CA GLU U 282 -51.13 34.93 -28.85
C GLU U 282 -52.03 34.98 -27.61
N PHE U 283 -52.59 33.85 -27.21
CA PHE U 283 -53.54 33.82 -26.10
C PHE U 283 -52.96 33.23 -24.81
N TYR U 284 -52.18 32.16 -24.94
CA TYR U 284 -51.63 31.39 -23.81
C TYR U 284 -50.19 31.79 -23.46
N GLY U 285 -49.57 32.59 -24.34
CA GLY U 285 -48.17 33.03 -24.13
C GLY U 285 -47.27 32.08 -24.87
N PRO U 286 -45.98 32.43 -24.99
CA PRO U 286 -45.12 31.49 -25.71
C PRO U 286 -44.91 30.20 -24.92
N THR U 287 -44.66 29.09 -25.60
CA THR U 287 -44.07 27.92 -24.97
C THR U 287 -42.63 28.13 -24.51
N GLY U 288 -42.18 27.22 -23.65
CA GLY U 288 -40.80 27.20 -23.13
C GLY U 288 -39.85 27.16 -24.31
N PRO U 289 -40.00 26.17 -25.20
CA PRO U 289 -39.11 26.16 -26.36
C PRO U 289 -39.15 27.50 -27.13
N GLU U 290 -40.36 28.04 -27.24
CA GLU U 290 -40.62 29.18 -28.09
C GLU U 290 -39.94 30.38 -27.58
N ALA U 291 -40.13 30.66 -26.28
CA ALA U 291 -39.44 31.75 -25.62
C ALA U 291 -37.89 31.65 -25.68
N SER U 292 -37.37 30.42 -25.63
CA SER U 292 -35.94 30.16 -25.69
C SER U 292 -35.42 30.49 -27.07
N GLN U 293 -36.10 29.94 -28.09
CA GLN U 293 -35.78 30.28 -29.44
C GLN U 293 -35.82 31.78 -29.68
N ALA U 294 -36.85 32.44 -29.15
CA ALA U 294 -37.05 33.86 -29.34
C ALA U 294 -35.90 34.69 -28.74
N GLN U 295 -35.33 34.24 -27.61
CA GLN U 295 -34.16 34.94 -27.07
C GLN U 295 -33.02 34.87 -28.09
N ALA U 296 -32.70 33.68 -28.58
CA ALA U 296 -31.67 33.60 -29.60
C ALA U 296 -31.96 34.47 -30.85
N MET U 297 -33.20 34.46 -31.32
CA MET U 297 -33.65 35.37 -32.41
C MET U 297 -33.35 36.86 -32.12
N THR U 298 -33.71 37.26 -30.90
CA THR U 298 -33.57 38.61 -30.44
C THR U 298 -32.14 39.11 -30.56
N PHE U 299 -31.17 38.28 -30.18
CA PHE U 299 -29.80 38.72 -30.09
C PHE U 299 -29.11 38.56 -31.42
N LEU U 300 -29.51 37.54 -32.16
CA LEU U 300 -29.17 37.49 -33.55
C LEU U 300 -29.49 38.82 -34.27
N ILE U 301 -30.75 39.25 -34.21
CA ILE U 301 -31.20 40.51 -34.82
C ILE U 301 -30.39 41.69 -34.32
N ARG U 302 -30.31 41.84 -33.00
CA ARG U 302 -29.58 42.95 -32.41
C ARG U 302 -28.13 42.99 -32.88
N ASP U 303 -27.44 41.87 -32.76
CA ASP U 303 -26.01 41.86 -32.99
C ASP U 303 -25.75 42.04 -34.49
N GLN U 304 -26.54 41.39 -35.32
CA GLN U 304 -26.41 41.59 -36.74
C GLN U 304 -26.66 43.06 -37.12
N LYS U 305 -27.65 43.70 -36.52
CA LYS U 305 -27.81 45.12 -36.79
C LYS U 305 -26.51 45.87 -36.45
N LEU U 306 -25.75 45.37 -35.48
CA LEU U 306 -24.51 46.03 -35.12
C LEU U 306 -23.37 45.70 -36.10
N GLY U 307 -23.64 44.86 -37.10
CA GLY U 307 -22.60 44.44 -38.02
C GLY U 307 -22.09 43.01 -37.93
N ALA U 308 -22.49 42.24 -36.89
CA ALA U 308 -22.06 40.81 -36.77
C ALA U 308 -22.44 39.97 -37.98
N ASN U 309 -21.47 39.19 -38.49
CA ASN U 309 -21.73 38.17 -39.47
C ASN U 309 -22.14 36.93 -38.70
N VAL U 310 -23.45 36.84 -38.45
CA VAL U 310 -23.98 35.86 -37.51
C VAL U 310 -23.70 34.43 -37.92
N GLY U 311 -23.53 34.22 -39.22
CA GLY U 311 -23.29 32.89 -39.73
C GLY U 311 -21.86 32.42 -39.47
N SER U 312 -20.93 33.35 -39.35
CA SER U 312 -19.55 32.99 -39.19
C SER U 312 -19.08 33.17 -37.71
N ALA U 313 -19.93 33.69 -36.85
CA ALA U 313 -19.48 33.95 -35.48
C ALA U 313 -19.37 32.64 -34.66
N GLN U 314 -18.15 32.16 -34.55
CA GLN U 314 -17.79 31.08 -33.64
C GLN U 314 -17.98 31.47 -32.17
N GLY U 315 -18.72 30.67 -31.39
CA GLY U 315 -18.87 30.99 -29.94
C GLY U 315 -17.74 30.36 -29.10
N PRO U 316 -17.72 30.62 -27.80
CA PRO U 316 -16.63 30.09 -26.97
C PRO U 316 -16.30 28.60 -27.12
N THR U 317 -17.31 27.76 -27.26
CA THR U 317 -17.13 26.33 -27.30
C THR U 317 -16.62 25.86 -28.61
N GLY U 318 -16.75 26.70 -29.64
CA GLY U 318 -16.38 26.29 -30.99
C GLY U 318 -17.63 26.13 -31.83
N LEU U 319 -18.79 25.94 -31.15
CA LEU U 319 -20.02 25.94 -31.87
C LEU U 319 -20.38 27.37 -32.20
N GLY U 320 -21.19 27.53 -33.25
CA GLY U 320 -21.72 28.84 -33.59
C GLY U 320 -22.42 29.52 -32.45
N LYS U 321 -22.14 30.79 -32.30
CA LYS U 321 -22.71 31.56 -31.23
C LYS U 321 -24.21 31.77 -31.42
N TYR U 322 -24.61 31.95 -32.70
CA TYR U 322 -25.99 32.29 -33.11
C TYR U 322 -26.59 31.13 -33.86
N LEU U 323 -25.76 30.41 -34.60
CA LEU U 323 -26.29 29.43 -35.50
C LEU U 323 -25.42 28.19 -35.54
N MET U 324 -26.02 27.00 -35.50
CA MET U 324 -25.20 25.79 -35.53
C MET U 324 -25.96 24.73 -36.32
N ARG U 325 -25.48 23.49 -36.35
CA ARG U 325 -26.26 22.40 -36.94
C ARG U 325 -26.88 21.48 -35.84
N SER U 326 -28.11 21.04 -36.08
CA SER U 326 -28.71 19.97 -35.28
C SER U 326 -27.93 18.68 -35.59
N PRO U 327 -28.18 17.58 -34.87
CA PRO U 327 -27.40 16.37 -35.11
C PRO U 327 -27.63 15.73 -36.47
N THR U 328 -28.71 16.14 -37.14
CA THR U 328 -28.91 15.65 -38.54
C THR U 328 -28.66 16.75 -39.60
N GLY U 329 -28.07 17.88 -39.20
CA GLY U 329 -27.55 18.84 -40.17
C GLY U 329 -28.29 20.16 -40.30
N GLU U 330 -29.57 20.18 -39.92
CA GLU U 330 -30.40 21.36 -40.11
C GLU U 330 -29.72 22.53 -39.41
N ILE U 331 -29.85 23.73 -40.00
CA ILE U 331 -29.33 24.94 -39.40
C ILE U 331 -30.36 25.42 -38.40
N ILE U 332 -29.92 25.65 -37.17
CA ILE U 332 -30.76 25.90 -36.02
C ILE U 332 -29.99 26.94 -35.19
N PHE U 333 -30.69 27.59 -34.26
CA PHE U 333 -30.09 28.55 -33.31
C PHE U 333 -29.13 27.92 -32.30
N GLY U 334 -28.13 28.70 -31.88
CA GLY U 334 -27.05 28.19 -31.04
C GLY U 334 -27.30 28.58 -29.60
N GLY U 335 -26.34 28.23 -28.74
CA GLY U 335 -26.51 28.31 -27.28
C GLY U 335 -27.37 27.14 -26.79
N GLU U 336 -27.85 27.24 -25.56
CA GLU U 336 -28.61 26.15 -24.98
C GLU U 336 -29.85 25.77 -25.78
N THR U 337 -30.44 26.77 -26.43
CA THR U 337 -31.62 26.54 -27.24
C THR U 337 -31.40 25.53 -28.39
N MET U 338 -30.18 25.04 -28.56
CA MET U 338 -30.02 23.86 -29.43
C MET U 338 -30.96 22.71 -29.07
N ARG U 339 -31.47 22.69 -27.85
CA ARG U 339 -32.31 21.54 -27.43
C ARG U 339 -33.66 21.80 -27.99
N PHE U 340 -33.96 23.07 -28.26
CA PHE U 340 -35.28 23.42 -28.69
C PHE U 340 -35.46 23.53 -30.21
N TRP U 341 -34.59 22.92 -31.00
CA TRP U 341 -34.69 23.14 -32.46
C TRP U 341 -35.92 22.52 -33.12
N ASP U 342 -36.68 21.70 -32.40
CA ASP U 342 -37.90 21.13 -32.99
C ASP U 342 -39.04 22.15 -32.95
N PHE U 343 -38.82 23.27 -32.25
CA PHE U 343 -39.80 24.34 -32.23
C PHE U 343 -40.17 24.87 -33.63
N ARG U 344 -41.47 25.07 -33.86
CA ARG U 344 -42.00 25.76 -35.05
C ARG U 344 -43.10 26.71 -34.64
N GLY U 345 -43.02 27.95 -35.12
CA GLY U 345 -44.01 28.99 -34.85
C GLY U 345 -44.09 29.99 -35.99
N PRO U 346 -45.26 30.64 -36.17
CA PRO U 346 -45.54 31.52 -37.30
C PRO U 346 -44.54 32.67 -37.53
N TRP U 347 -44.06 33.30 -36.46
CA TRP U 347 -43.04 34.37 -36.49
C TRP U 347 -41.65 33.93 -36.93
N LEU U 348 -41.40 32.62 -36.97
CA LEU U 348 -40.06 32.11 -37.21
C LEU U 348 -39.99 31.41 -38.56
N GLU U 349 -41.02 30.67 -38.93
CA GLU U 349 -41.06 29.90 -40.22
C GLU U 349 -40.72 30.67 -41.53
N PRO U 350 -41.01 31.98 -41.60
CA PRO U 350 -40.47 32.71 -42.75
C PRO U 350 -38.94 32.64 -42.94
N LEU U 351 -38.20 32.37 -41.87
CA LEU U 351 -36.73 32.33 -41.91
C LEU U 351 -36.25 30.94 -42.21
N ARG U 352 -37.17 29.98 -42.16
CA ARG U 352 -36.79 28.60 -42.43
C ARG U 352 -36.87 28.23 -43.90
N GLY U 353 -35.92 27.43 -44.35
CA GLY U 353 -35.87 26.87 -45.69
C GLY U 353 -35.58 25.39 -45.58
N PRO U 354 -35.31 24.74 -46.72
CA PRO U 354 -35.14 23.30 -46.78
C PRO U 354 -33.99 22.70 -45.94
N ASN U 355 -33.03 23.53 -45.54
CA ASN U 355 -31.85 23.13 -44.77
C ASN U 355 -31.94 23.66 -43.34
N GLY U 356 -33.05 24.34 -43.05
CA GLY U 356 -33.28 24.88 -41.74
C GLY U 356 -33.24 26.39 -41.88
N LEU U 357 -32.76 27.07 -40.85
CA LEU U 357 -32.72 28.49 -40.92
C LEU U 357 -31.87 28.93 -42.13
N ASP U 358 -32.47 29.84 -42.91
CA ASP U 358 -31.90 30.29 -44.17
C ASP U 358 -31.08 31.57 -44.03
N LEU U 359 -29.77 31.43 -43.98
CA LEU U 359 -28.88 32.60 -43.83
C LEU U 359 -29.16 33.87 -44.71
N ASN U 360 -29.58 33.73 -45.98
CA ASN U 360 -30.04 34.93 -46.76
C ASN U 360 -31.25 35.60 -46.14
N LYS U 361 -32.28 34.80 -45.89
CA LYS U 361 -33.49 35.31 -45.29
C LYS U 361 -33.14 36.04 -44.00
N ILE U 362 -32.19 35.46 -43.27
CA ILE U 362 -31.80 36.02 -41.97
C ILE U 362 -31.11 37.36 -42.13
N LYS U 363 -30.21 37.43 -43.11
CA LYS U 363 -29.47 38.69 -43.38
C LYS U 363 -30.36 39.81 -43.96
N ASN U 364 -31.34 39.40 -44.77
CA ASN U 364 -32.12 40.31 -45.60
C ASN U 364 -33.62 40.50 -45.29
N ASP U 365 -34.30 39.46 -44.84
CA ASP U 365 -35.77 39.49 -44.78
C ASP U 365 -36.45 39.48 -43.43
N ILE U 366 -35.75 39.83 -42.35
CA ILE U 366 -36.37 39.78 -41.01
C ILE U 366 -37.13 41.07 -40.80
N GLN U 367 -38.45 40.96 -40.61
CA GLN U 367 -39.34 42.13 -40.49
C GLN U 367 -39.41 42.67 -39.07
N PRO U 368 -39.70 43.98 -38.93
CA PRO U 368 -39.90 44.47 -37.57
C PRO U 368 -40.96 43.68 -36.73
N TRP U 369 -42.00 43.11 -37.35
CA TRP U 369 -42.99 42.35 -36.56
C TRP U 369 -42.38 41.12 -35.94
N GLN U 370 -41.54 40.44 -36.72
CA GLN U 370 -40.77 39.33 -36.21
C GLN U 370 -39.87 39.74 -35.04
N GLU U 371 -39.24 40.92 -35.12
CA GLU U 371 -38.39 41.38 -34.05
C GLU U 371 -39.24 41.61 -32.81
N ARG U 372 -40.40 42.22 -33.05
CA ARG U 372 -41.35 42.58 -31.99
C ARG U 372 -41.83 41.32 -31.28
N ARG U 373 -42.25 40.33 -32.06
CA ARG U 373 -42.76 39.10 -31.50
C ARG U 373 -41.68 38.31 -30.76
N ALA U 374 -40.43 38.36 -31.24
CA ALA U 374 -39.37 37.64 -30.54
C ALA U 374 -39.06 38.29 -29.20
N ALA U 375 -39.08 39.62 -29.14
CA ALA U 375 -38.84 40.31 -27.86
C ALA U 375 -39.96 40.10 -26.85
N GLU U 376 -41.20 40.12 -27.34
CA GLU U 376 -42.38 39.85 -26.51
C GLU U 376 -42.25 38.43 -25.93
N TYR U 377 -42.04 37.46 -26.82
CA TYR U 377 -41.93 36.06 -26.39
C TYR U 377 -40.72 35.71 -25.44
N MET U 378 -39.53 36.21 -25.79
CA MET U 378 -38.40 36.16 -24.88
C MET U 378 -38.72 36.68 -23.50
N THR U 379 -39.49 37.78 -23.42
CA THR U 379 -39.73 38.45 -22.13
C THR U 379 -41.03 38.01 -21.43
N HIS U 380 -41.70 37.03 -21.99
CA HIS U 380 -42.85 36.36 -21.35
C HIS U 380 -42.61 34.85 -21.36
N ALA U 381 -41.34 34.46 -21.23
CA ALA U 381 -40.99 33.04 -21.08
C ALA U 381 -41.77 32.46 -19.90
N PRO U 382 -42.17 31.18 -20.01
CA PRO U 382 -43.03 30.71 -18.93
C PRO U 382 -42.19 30.24 -17.74
N LEU U 383 -41.68 31.21 -16.97
CA LEU U 383 -40.92 31.00 -15.77
C LEU U 383 -41.44 32.04 -14.89
N GLY U 384 -41.66 31.68 -13.62
CA GLY U 384 -42.09 32.63 -12.59
C GLY U 384 -42.26 31.90 -11.25
N SER U 385 -42.49 32.66 -10.17
CA SER U 385 -42.62 32.03 -8.84
C SER U 385 -44.08 31.67 -8.49
N LEU U 386 -44.25 30.82 -7.47
CA LEU U 386 -45.56 30.48 -6.95
C LEU U 386 -46.40 31.73 -6.65
N ASN U 387 -45.74 32.80 -6.18
CA ASN U 387 -46.45 34.06 -5.88
C ASN U 387 -46.56 34.99 -7.10
N SER U 388 -46.32 34.43 -8.30
CA SER U 388 -46.50 35.15 -9.55
C SER U 388 -45.55 36.36 -9.76
N VAL U 389 -44.29 36.16 -9.37
CA VAL U 389 -43.22 37.07 -9.68
C VAL U 389 -42.58 36.48 -10.91
N GLY U 390 -42.73 37.20 -12.01
CA GLY U 390 -42.22 36.78 -13.31
C GLY U 390 -40.71 36.74 -13.37
N GLY U 391 -40.17 35.76 -14.08
CA GLY U 391 -38.74 35.69 -14.30
C GLY U 391 -38.06 34.50 -13.70
N VAL U 392 -36.73 34.52 -13.76
CA VAL U 392 -35.90 33.47 -13.21
C VAL U 392 -36.01 33.51 -11.67
N ALA U 393 -35.58 32.44 -11.02
CA ALA U 393 -35.74 32.33 -9.59
C ALA U 393 -35.05 33.45 -8.81
N THR U 394 -33.93 34.00 -9.29
CA THR U 394 -33.23 35.10 -8.62
C THR U 394 -33.76 36.51 -9.03
N GLU U 395 -34.73 36.56 -9.94
CA GLU U 395 -35.34 37.80 -10.33
C GLU U 395 -35.84 38.59 -9.11
N ILE U 396 -35.67 39.90 -9.15
CA ILE U 396 -36.31 40.76 -8.14
C ILE U 396 -37.81 40.95 -8.37
N ASN U 397 -38.53 41.28 -7.30
CA ASN U 397 -39.94 41.70 -7.48
C ASN U 397 -40.15 42.87 -8.50
N SER U 398 -41.20 42.81 -9.31
CA SER U 398 -41.60 43.92 -10.18
C SER U 398 -42.69 43.48 -11.16
N VAL U 399 -42.41 42.43 -11.93
CA VAL U 399 -43.37 41.93 -12.86
C VAL U 399 -44.23 40.82 -12.24
N ASN U 400 -45.54 41.05 -12.24
CA ASN U 400 -46.53 40.06 -11.85
C ASN U 400 -46.90 39.15 -13.05
N PHE U 401 -46.25 37.97 -13.17
CA PHE U 401 -46.52 37.05 -14.31
C PHE U 401 -46.16 35.60 -13.97
N VAL U 402 -47.14 34.69 -14.14
CA VAL U 402 -46.89 33.28 -14.43
C VAL U 402 -47.72 32.92 -15.68
N SER U 403 -47.05 32.38 -16.68
CA SER U 403 -47.71 31.95 -17.88
C SER U 403 -48.87 30.98 -17.63
N PRO U 404 -49.97 31.19 -18.36
CA PRO U 404 -51.08 30.24 -18.34
C PRO U 404 -50.61 28.85 -18.72
N ARG U 405 -49.53 28.75 -19.49
CA ARG U 405 -49.00 27.39 -19.78
C ARG U 405 -48.43 26.67 -18.56
N SER U 406 -47.86 27.43 -17.64
CA SER U 406 -47.31 26.87 -16.39
C SER U 406 -48.44 26.46 -15.45
N TRP U 407 -49.34 27.40 -15.18
CA TRP U 407 -50.60 27.17 -14.47
C TRP U 407 -51.29 25.93 -14.86
N LEU U 408 -51.56 25.81 -16.16
CA LEU U 408 -52.24 24.70 -16.74
C LEU U 408 -51.45 23.42 -16.87
N ALA U 409 -50.13 23.48 -17.08
CA ALA U 409 -49.31 22.26 -17.14
C ALA U 409 -49.23 21.62 -15.77
N THR U 410 -48.93 22.45 -14.77
CA THR U 410 -48.64 22.00 -13.42
C THR U 410 -49.90 21.42 -12.76
N SER U 411 -50.95 22.24 -12.68
CA SER U 411 -52.27 21.78 -12.20
C SER U 411 -52.63 20.39 -12.73
N HIS U 412 -52.55 20.21 -14.04
CA HIS U 412 -52.90 18.96 -14.66
C HIS U 412 -51.91 17.85 -14.50
N PHE U 413 -50.63 18.17 -14.27
CA PHE U 413 -49.73 17.12 -13.83
C PHE U 413 -50.12 16.59 -12.44
N VAL U 414 -50.31 17.49 -11.49
CA VAL U 414 -50.72 17.12 -10.15
C VAL U 414 -52.00 16.25 -10.20
N LEU U 415 -53.01 16.70 -10.94
CA LEU U 415 -54.29 15.97 -11.02
C LEU U 415 -54.13 14.60 -11.63
N ALA U 416 -53.42 14.54 -12.75
CA ALA U 416 -53.13 13.30 -13.40
C ALA U 416 -52.38 12.30 -12.52
N PHE U 417 -51.47 12.81 -11.71
CA PHE U 417 -50.68 11.90 -10.90
C PHE U 417 -51.56 11.27 -9.82
N PHE U 418 -52.22 12.11 -9.05
CA PHE U 418 -53.11 11.64 -7.99
C PHE U 418 -54.22 10.74 -8.58
N PHE U 419 -54.68 11.06 -9.79
CA PHE U 419 -55.56 10.14 -10.50
C PHE U 419 -54.95 8.76 -10.79
N LEU U 420 -53.66 8.73 -11.15
CA LEU U 420 -53.00 7.48 -11.29
C LEU U 420 -53.04 6.79 -9.91
N VAL U 421 -52.78 7.51 -8.83
CA VAL U 421 -52.85 6.92 -7.51
C VAL U 421 -54.27 6.35 -7.21
N GLY U 422 -55.31 7.16 -7.45
CA GLY U 422 -56.71 6.72 -7.33
C GLY U 422 -57.00 5.46 -8.11
N HIS U 423 -56.43 5.36 -9.32
CA HIS U 423 -56.64 4.20 -10.14
C HIS U 423 -56.07 2.94 -9.55
N LEU U 424 -54.88 3.06 -8.98
CA LEU U 424 -54.22 1.91 -8.41
C LEU U 424 -54.97 1.52 -7.13
N TRP U 425 -55.33 2.52 -6.34
CA TRP U 425 -56.10 2.32 -5.12
C TRP U 425 -57.36 1.50 -5.38
N HIS U 426 -58.23 2.04 -6.23
CA HIS U 426 -59.52 1.40 -6.59
C HIS U 426 -59.40 0.12 -7.41
N ALA U 427 -58.35 -0.01 -8.23
CA ALA U 427 -58.19 -1.23 -9.04
C ALA U 427 -57.78 -2.37 -8.13
N GLY U 428 -56.81 -2.08 -7.27
CA GLY U 428 -56.37 -3.02 -6.23
C GLY U 428 -57.55 -3.39 -5.33
N ARG U 429 -58.37 -2.41 -4.95
CA ARG U 429 -59.49 -2.68 -4.07
C ARG U 429 -60.56 -3.55 -4.77
N ALA U 430 -60.97 -3.12 -5.94
CA ALA U 430 -61.92 -3.88 -6.75
C ALA U 430 -61.52 -5.36 -6.94
N ARG U 431 -60.28 -5.61 -7.34
CA ARG U 431 -59.77 -6.98 -7.36
C ARG U 431 -59.90 -7.69 -6.02
N ALA U 432 -59.53 -7.03 -4.91
CA ALA U 432 -59.53 -7.73 -3.62
C ALA U 432 -60.97 -8.00 -3.12
N ALA U 433 -61.86 -7.05 -3.38
CA ALA U 433 -63.27 -7.14 -2.99
C ALA U 433 -64.06 -8.20 -3.78
N ALA U 434 -63.91 -8.21 -5.12
CA ALA U 434 -64.45 -9.27 -5.95
C ALA U 434 -64.01 -10.66 -5.49
N ALA U 435 -62.77 -10.78 -5.03
CA ALA U 435 -62.24 -12.08 -4.61
C ALA U 435 -62.61 -12.42 -3.16
N GLY U 436 -63.16 -11.45 -2.43
CA GLY U 436 -63.53 -11.67 -1.04
C GLY U 436 -62.47 -11.53 0.05
N PHE U 437 -61.44 -10.69 -0.17
CA PHE U 437 -60.49 -10.43 0.92
C PHE U 437 -60.07 -8.97 1.13
N GLU U 438 -60.87 -8.04 0.58
CA GLU U 438 -60.63 -6.63 0.81
C GLU U 438 -60.73 -6.24 2.29
N LYS U 439 -61.16 -7.17 3.13
CA LYS U 439 -61.38 -6.80 4.55
C LYS U 439 -60.35 -7.38 5.50
N GLY U 440 -59.42 -8.17 4.95
CA GLY U 440 -58.35 -8.80 5.70
C GLY U 440 -58.20 -10.25 5.36
N ILE U 441 -57.27 -10.88 6.05
CA ILE U 441 -56.99 -12.30 5.84
C ILE U 441 -57.94 -13.14 6.75
N ASP U 442 -58.60 -14.15 6.21
CA ASP U 442 -59.42 -15.06 7.06
C ASP U 442 -58.48 -15.88 7.96
N ARG U 443 -58.55 -15.60 9.26
CA ARG U 443 -57.71 -16.29 10.25
C ARG U 443 -57.81 -17.83 10.19
N GLU U 444 -59.01 -18.36 9.95
CA GLU U 444 -59.17 -19.84 9.90
C GLU U 444 -58.86 -20.43 8.50
N SER U 445 -58.44 -19.58 7.58
CA SER U 445 -58.21 -20.03 6.22
C SER U 445 -57.13 -19.16 5.53
N GLU U 446 -56.02 -18.96 6.23
CA GLU U 446 -54.93 -18.12 5.74
C GLU U 446 -54.21 -18.75 4.56
N PRO U 447 -54.43 -18.23 3.34
CA PRO U 447 -53.87 -18.88 2.11
C PRO U 447 -52.40 -19.30 2.19
N VAL U 448 -51.55 -18.45 2.78
CA VAL U 448 -50.11 -18.75 2.88
C VAL U 448 -49.87 -19.98 3.75
N LEU U 449 -50.68 -20.18 4.78
CA LEU U 449 -50.43 -21.33 5.67
C LEU U 449 -50.68 -22.65 4.95
N SER U 450 -51.33 -22.60 3.77
CA SER U 450 -51.55 -23.80 2.95
C SER U 450 -50.59 -23.91 1.78
N MET U 451 -49.58 -23.06 1.77
CA MET U 451 -48.59 -23.09 0.70
C MET U 451 -47.33 -23.77 1.18
N PRO U 452 -46.63 -24.46 0.27
CA PRO U 452 -45.31 -25.00 0.64
C PRO U 452 -44.39 -23.83 0.95
N SER U 453 -43.48 -24.05 1.89
CA SER U 453 -42.55 -23.01 2.26
C SER U 453 -41.58 -22.81 1.10
N LEU U 454 -41.01 -21.62 0.98
CA LEU U 454 -40.13 -21.26 -0.18
C LEU U 454 -38.79 -21.96 -0.07
N ASP U 455 -38.43 -22.25 1.20
CA ASP U 455 -37.18 -22.94 1.57
C ASP U 455 -37.29 -23.50 2.98
N ARG V 2 -44.85 11.59 56.86
CA ARG V 2 -44.02 11.65 55.61
C ARG V 2 -43.35 13.02 55.49
N GLY V 3 -42.08 13.04 55.08
CA GLY V 3 -41.35 14.29 54.89
C GLY V 3 -41.79 15.06 53.65
N TRP V 4 -41.40 16.32 53.55
CA TRP V 4 -41.85 17.18 52.44
C TRP V 4 -41.38 16.73 51.08
N PHE V 5 -40.19 16.15 51.03
CA PHE V 5 -39.66 15.64 49.78
C PHE V 5 -40.54 14.55 49.15
N ASP V 6 -41.03 13.62 49.96
CA ASP V 6 -41.96 12.62 49.45
C ASP V 6 -43.35 13.18 49.16
N ILE V 7 -43.74 14.22 49.88
CA ILE V 7 -45.02 14.89 49.63
C ILE V 7 -44.98 15.54 48.22
N LEU V 8 -43.89 16.23 47.92
CA LEU V 8 -43.69 16.83 46.61
C LEU V 8 -43.60 15.76 45.52
N ASP V 9 -42.88 14.69 45.81
CA ASP V 9 -42.72 13.62 44.86
C ASP V 9 -44.10 13.07 44.48
N ASP V 10 -44.93 12.83 45.50
CA ASP V 10 -46.33 12.40 45.31
C ASP V 10 -47.05 13.34 44.37
N TRP V 11 -46.98 14.64 44.67
CA TRP V 11 -47.66 15.61 43.85
C TRP V 11 -47.12 15.69 42.44
N LEU V 12 -45.78 15.67 42.29
CA LEU V 12 -45.17 15.79 40.93
C LEU V 12 -45.58 14.62 40.06
N LYS V 13 -45.71 13.47 40.71
CA LYS V 13 -45.97 12.23 40.00
C LYS V 13 -47.47 11.87 39.89
N ARG V 14 -48.36 12.72 40.41
CA ARG V 14 -49.80 12.48 40.29
C ARG V 14 -50.18 12.26 38.83
N ASP V 15 -51.04 11.29 38.58
CA ASP V 15 -51.52 11.04 37.24
C ASP V 15 -52.52 12.13 36.86
N ARG V 16 -52.15 12.96 35.87
CA ARG V 16 -53.00 14.07 35.47
C ARG V 16 -52.91 14.24 33.96
N PHE V 17 -53.53 15.31 33.45
CA PHE V 17 -53.59 15.51 32.00
C PHE V 17 -52.20 15.78 31.40
N VAL V 18 -51.46 16.70 32.02
CA VAL V 18 -50.09 16.96 31.65
C VAL V 18 -49.26 16.41 32.79
N PHE V 19 -48.67 15.21 32.60
CA PHE V 19 -47.77 14.63 33.60
C PHE V 19 -46.66 15.63 33.90
N VAL V 20 -46.29 15.82 35.16
CA VAL V 20 -45.33 16.85 35.50
C VAL V 20 -43.96 16.27 35.87
N GLY V 21 -43.92 15.48 36.94
CA GLY V 21 -42.70 14.88 37.41
C GLY V 21 -41.63 15.87 37.80
N TRP V 22 -40.52 15.38 38.35
CA TRP V 22 -39.38 16.27 38.62
C TRP V 22 -38.81 16.81 37.32
N SER V 23 -38.80 15.98 36.27
CA SER V 23 -38.30 16.45 34.97
C SER V 23 -39.03 17.73 34.51
N GLY V 24 -40.30 17.84 34.89
CA GLY V 24 -41.17 18.92 34.45
C GLY V 24 -40.68 20.27 34.90
N ILE V 25 -40.06 20.30 36.08
CA ILE V 25 -39.54 21.51 36.65
C ILE V 25 -38.50 22.17 35.75
N LEU V 26 -37.69 21.32 35.10
CA LEU V 26 -36.70 21.77 34.16
C LEU V 26 -37.39 22.02 32.80
N LEU V 27 -38.19 21.06 32.34
CA LEU V 27 -38.64 21.07 30.96
C LEU V 27 -39.59 22.21 30.68
N PHE V 28 -40.66 22.31 31.45
CA PHE V 28 -41.71 23.23 31.10
C PHE V 28 -41.29 24.70 31.02
N PRO V 29 -40.61 25.23 32.05
CA PRO V 29 -40.14 26.60 31.86
C PRO V 29 -39.23 26.77 30.64
N CYS V 30 -38.20 25.92 30.49
CA CYS V 30 -37.19 26.10 29.43
C CYS V 30 -37.83 25.90 28.04
N ALA V 31 -38.71 24.90 27.90
CA ALA V 31 -39.42 24.68 26.62
C ALA V 31 -40.28 25.88 26.28
N TYR V 32 -41.05 26.33 27.28
CA TYR V 32 -41.98 27.44 27.13
C TYR V 32 -41.26 28.71 26.78
N LEU V 33 -40.20 29.03 27.52
CA LEU V 33 -39.31 30.14 27.16
C LEU V 33 -38.68 30.03 25.76
N ALA V 34 -38.25 28.83 25.36
CA ALA V 34 -37.64 28.64 24.05
C ALA V 34 -38.66 28.99 22.97
N LEU V 35 -39.87 28.48 23.14
CA LEU V 35 -40.93 28.65 22.18
C LEU V 35 -41.50 30.08 22.20
N GLY V 36 -41.59 30.65 23.40
CA GLY V 36 -42.11 32.02 23.51
C GLY V 36 -41.14 33.03 22.96
N GLY V 37 -39.85 32.76 23.19
CA GLY V 37 -38.80 33.61 22.62
C GLY V 37 -38.86 33.63 21.12
N TRP V 38 -39.01 32.45 20.51
CA TRP V 38 -39.12 32.38 19.07
C TRP V 38 -40.30 33.16 18.53
N LEU V 39 -41.46 33.01 19.18
CA LEU V 39 -42.69 33.64 18.75
C LEU V 39 -42.56 35.13 18.89
N THR V 40 -42.09 35.57 20.06
CA THR V 40 -41.83 36.99 20.29
C THR V 40 -40.89 37.60 19.25
N GLY V 41 -39.70 37.00 19.12
CA GLY V 41 -38.70 37.53 18.20
C GLY V 41 -39.28 37.59 16.79
N THR V 42 -39.82 36.46 16.30
CA THR V 42 -40.26 36.42 14.92
C THR V 42 -41.41 37.39 14.65
N THR V 43 -42.16 37.73 15.73
CA THR V 43 -43.29 38.67 15.59
C THR V 43 -42.88 40.15 15.68
N PHE V 44 -41.98 40.46 16.60
CA PHE V 44 -41.67 41.84 16.88
C PHE V 44 -40.23 42.32 16.69
N VAL V 45 -39.27 41.40 16.54
CA VAL V 45 -37.84 41.76 16.73
C VAL V 45 -37.08 41.76 15.42
N THR V 46 -36.23 42.76 15.25
CA THR V 46 -35.46 42.97 14.03
C THR V 46 -34.11 42.24 14.08
N SER V 47 -33.47 42.11 12.91
CA SER V 47 -32.06 41.77 12.84
C SER V 47 -31.20 42.90 12.15
N TRP V 48 -31.65 44.15 12.26
CA TRP V 48 -31.05 45.26 11.54
C TRP V 48 -29.66 45.51 12.06
N TYR V 49 -29.47 45.37 13.35
CA TYR V 49 -28.20 45.82 13.93
C TYR V 49 -27.15 44.72 13.90
N THR V 50 -27.61 43.48 13.95
CA THR V 50 -26.72 42.33 13.94
C THR V 50 -26.42 41.83 12.53
N HIS V 51 -27.35 42.00 11.57
CA HIS V 51 -27.22 41.38 10.24
C HIS V 51 -27.56 42.31 9.10
N GLY V 52 -28.15 43.45 9.40
CA GLY V 52 -28.64 44.29 8.31
C GLY V 52 -29.86 43.70 7.63
N LEU V 53 -30.72 43.03 8.41
CA LEU V 53 -31.93 42.35 7.89
C LEU V 53 -33.16 42.61 8.73
N ALA V 54 -34.28 42.71 8.04
CA ALA V 54 -35.58 42.61 8.69
C ALA V 54 -35.92 41.13 8.91
N SER V 55 -36.55 40.83 10.03
CA SER V 55 -36.83 39.43 10.38
C SER V 55 -38.09 39.20 11.24
N SER V 56 -39.02 40.17 11.26
CA SER V 56 -40.29 40.02 12.01
C SER V 56 -41.53 40.34 11.17
N TYR V 57 -42.68 39.84 11.61
CA TYR V 57 -43.97 40.21 10.94
C TYR V 57 -44.15 41.73 11.00
N LEU V 58 -43.78 42.31 12.15
CA LEU V 58 -43.83 43.76 12.34
C LEU V 58 -43.15 44.49 11.21
N GLU V 59 -42.03 43.96 10.71
CA GLU V 59 -41.26 44.68 9.71
C GLU V 59 -41.78 44.35 8.32
N GLY V 60 -42.70 43.39 8.22
CA GLY V 60 -43.15 42.98 6.91
C GLY V 60 -42.76 41.58 6.45
N CYS V 61 -41.99 40.83 7.23
CA CYS V 61 -41.69 39.45 6.80
C CYS V 61 -42.94 38.56 6.90
N ASN V 62 -42.94 37.46 6.14
CA ASN V 62 -43.97 36.44 6.31
C ASN V 62 -43.41 35.24 7.10
N PHE V 63 -44.21 34.19 7.29
CA PHE V 63 -43.78 33.06 8.11
C PHE V 63 -42.52 32.35 7.57
N LEU V 64 -42.38 32.30 6.24
CA LEU V 64 -41.15 31.77 5.62
C LEU V 64 -39.93 32.61 5.91
N THR V 65 -40.09 33.94 6.01
CA THR V 65 -38.91 34.81 6.10
C THR V 65 -38.55 35.33 7.51
N VAL V 66 -39.43 35.17 8.49
CA VAL V 66 -39.12 35.63 9.84
C VAL V 66 -38.06 34.76 10.50
N ALA V 67 -37.28 35.34 11.42
CA ALA V 67 -36.33 34.56 12.20
C ALA V 67 -36.01 35.27 13.48
N VAL V 68 -35.56 34.52 14.48
CA VAL V 68 -34.74 35.06 15.54
C VAL V 68 -33.25 34.82 15.11
N SER V 69 -32.55 35.91 14.75
CA SER V 69 -31.25 35.82 14.11
C SER V 69 -30.12 35.81 15.13
N THR V 70 -29.01 35.21 14.72
CA THR V 70 -27.82 35.14 15.57
C THR V 70 -27.31 36.55 15.88
N PRO V 71 -26.63 36.72 17.04
CA PRO V 71 -25.95 37.99 17.35
C PRO V 71 -24.92 38.39 16.27
N ALA V 72 -24.47 39.65 16.32
CA ALA V 72 -23.43 40.14 15.44
C ALA V 72 -22.12 39.40 15.71
N ASN V 73 -21.31 39.27 14.65
CA ASN V 73 -20.00 38.60 14.78
C ASN V 73 -19.11 39.26 15.85
N SER V 74 -19.21 40.58 16.01
CA SER V 74 -18.46 41.28 17.09
C SER V 74 -18.82 40.81 18.49
N MET V 75 -19.95 40.12 18.65
CA MET V 75 -20.27 39.56 19.96
C MET V 75 -19.42 38.32 20.34
N GLY V 76 -18.67 37.76 19.39
CA GLY V 76 -17.97 36.47 19.63
C GLY V 76 -18.92 35.41 20.17
N HIS V 77 -18.52 34.67 21.19
CA HIS V 77 -19.41 33.70 21.80
C HIS V 77 -19.93 34.21 23.12
N SER V 78 -20.25 35.50 23.15
CA SER V 78 -20.86 36.03 24.38
C SER V 78 -22.12 35.24 24.76
N LEU V 79 -22.21 34.82 26.02
CA LEU V 79 -23.51 34.34 26.50
C LEU V 79 -24.66 35.35 26.26
N LEU V 80 -24.29 36.64 26.11
CA LEU V 80 -25.25 37.72 25.91
CA LEU V 80 -25.23 37.73 25.91
C LEU V 80 -26.40 37.69 26.93
N LEU V 81 -26.08 37.51 28.23
CA LEU V 81 -27.16 37.48 29.23
C LEU V 81 -27.81 38.87 29.33
N LEU V 82 -29.11 38.94 29.59
CA LEU V 82 -29.79 40.25 29.70
C LEU V 82 -29.01 41.23 30.62
N TRP V 83 -28.53 40.73 31.76
CA TRP V 83 -27.75 41.50 32.73
C TRP V 83 -26.25 41.49 32.54
N GLY V 84 -25.76 40.85 31.48
CA GLY V 84 -24.33 40.86 31.18
C GLY V 84 -23.78 42.22 30.73
N PRO V 85 -22.45 42.29 30.44
CA PRO V 85 -21.80 43.56 30.13
C PRO V 85 -22.14 44.13 28.75
N GLU V 86 -22.87 43.39 27.94
CA GLU V 86 -23.17 43.89 26.62
C GLU V 86 -24.49 44.72 26.62
N ALA V 87 -25.57 44.13 27.11
CA ALA V 87 -26.88 44.79 27.13
C ALA V 87 -27.09 45.53 28.46
N GLN V 88 -26.34 45.11 29.47
CA GLN V 88 -26.29 45.80 30.76
C GLN V 88 -27.66 46.07 31.34
N GLY V 89 -28.57 45.11 31.20
CA GLY V 89 -29.84 45.13 31.91
C GLY V 89 -30.96 45.74 31.10
N ASP V 90 -30.58 46.37 30.00
CA ASP V 90 -31.54 46.99 29.07
C ASP V 90 -32.17 45.97 28.11
N PHE V 91 -33.41 45.56 28.38
CA PHE V 91 -34.17 44.65 27.50
C PHE V 91 -34.24 45.03 26.04
N THR V 92 -34.36 46.31 25.77
CA THR V 92 -34.49 46.74 24.38
C THR V 92 -33.17 46.53 23.62
N ARG V 93 -32.04 46.93 24.21
CA ARG V 93 -30.74 46.85 23.56
C ARG V 93 -30.37 45.35 23.37
N TRP V 94 -30.64 44.58 24.40
CA TRP V 94 -30.56 43.13 24.38
C TRP V 94 -31.18 42.53 23.12
N CYS V 95 -32.42 42.88 22.83
CA CYS V 95 -33.07 42.36 21.65
C CYS V 95 -32.32 42.78 20.37
N GLN V 96 -31.92 44.05 20.29
CA GLN V 96 -31.27 44.60 19.07
C GLN V 96 -29.89 43.95 18.78
N LEU V 97 -29.22 43.56 19.88
CA LEU V 97 -27.93 42.87 19.94
C LEU V 97 -28.03 41.37 19.64
N GLY V 98 -29.24 40.80 19.70
CA GLY V 98 -29.42 39.35 19.42
C GLY V 98 -29.44 38.48 20.67
N GLY V 99 -29.69 39.06 21.84
CA GLY V 99 -29.73 38.25 23.05
C GLY V 99 -30.85 37.21 23.05
N LEU V 100 -31.90 37.41 22.27
CA LEU V 100 -32.93 36.40 22.14
C LEU V 100 -32.39 35.08 21.49
N TRP V 101 -31.31 35.21 20.70
CA TRP V 101 -30.76 34.02 20.06
C TRP V 101 -30.12 33.10 21.08
N THR V 102 -29.21 33.61 21.89
CA THR V 102 -28.69 32.78 23.01
C THR V 102 -29.82 32.42 24.00
N PHE V 103 -30.80 33.31 24.16
CA PHE V 103 -31.92 32.97 25.06
C PHE V 103 -32.62 31.70 24.58
N ILE V 104 -33.00 31.66 23.30
CA ILE V 104 -33.67 30.48 22.72
C ILE V 104 -32.75 29.25 22.63
N ALA V 105 -31.50 29.42 22.15
CA ALA V 105 -30.51 28.29 22.14
C ALA V 105 -30.33 27.67 23.52
N LEU V 106 -30.07 28.50 24.53
CA LEU V 106 -29.75 27.94 25.88
C LEU V 106 -30.97 27.35 26.60
N HIS V 107 -32.10 28.08 26.62
CA HIS V 107 -33.33 27.51 27.19
C HIS V 107 -33.74 26.30 26.40
N GLY V 108 -33.59 26.33 25.07
CA GLY V 108 -33.90 25.14 24.23
C GLY V 108 -33.03 23.93 24.59
N ALA V 109 -31.73 24.16 24.76
CA ALA V 109 -30.90 23.04 25.10
C ALA V 109 -31.32 22.41 26.43
N PHE V 110 -31.52 23.23 27.48
CA PHE V 110 -32.05 22.71 28.79
C PHE V 110 -33.47 22.14 28.67
N GLY V 111 -34.30 22.73 27.84
CA GLY V 111 -35.61 22.10 27.56
C GLY V 111 -35.46 20.67 27.04
N LEU V 112 -34.48 20.45 26.13
CA LEU V 112 -34.27 19.09 25.56
C LEU V 112 -33.74 18.15 26.62
N ILE V 113 -32.88 18.65 27.48
CA ILE V 113 -32.44 17.80 28.62
C ILE V 113 -33.66 17.36 29.45
N GLY V 114 -34.49 18.36 29.79
CA GLY V 114 -35.77 18.16 30.46
C GLY V 114 -36.59 17.15 29.72
N PHE V 115 -36.71 17.28 28.41
CA PHE V 115 -37.54 16.30 27.68
C PHE V 115 -36.99 14.85 27.74
N MET V 116 -35.69 14.71 27.58
CA MET V 116 -35.09 13.40 27.70
C MET V 116 -35.23 12.86 29.13
N LEU V 117 -35.03 13.70 30.15
CA LEU V 117 -35.21 13.17 31.53
C LEU V 117 -36.66 12.76 31.71
N ARG V 118 -37.57 13.52 31.09
CA ARG V 118 -38.99 13.21 31.19
C ARG V 118 -39.23 11.81 30.66
N GLN V 119 -38.58 11.48 29.55
CA GLN V 119 -38.82 10.17 28.89
C GLN V 119 -38.29 9.07 29.77
N PHE V 120 -37.15 9.34 30.42
CA PHE V 120 -36.65 8.46 31.45
C PHE V 120 -37.69 8.32 32.61
N GLU V 121 -38.19 9.45 33.14
CA GLU V 121 -39.04 9.48 34.37
C GLU V 121 -40.32 8.70 34.15
N ILE V 122 -40.91 8.90 32.99
CA ILE V 122 -42.15 8.22 32.66
C ILE V 122 -41.91 6.73 32.44
N ALA V 123 -40.78 6.39 31.81
CA ALA V 123 -40.44 5.01 31.60
C ALA V 123 -40.35 4.32 32.95
N ARG V 124 -39.64 4.93 33.88
CA ARG V 124 -39.44 4.36 35.22
C ARG V 124 -40.78 4.17 35.96
N LEU V 125 -41.66 5.17 35.89
CA LEU V 125 -42.97 5.08 36.56
C LEU V 125 -43.81 3.94 36.06
N VAL V 126 -43.92 3.86 34.74
CA VAL V 126 -44.71 2.87 34.04
C VAL V 126 -44.03 1.50 33.96
N GLY V 127 -42.74 1.43 34.27
CA GLY V 127 -41.99 0.18 34.15
C GLY V 127 -41.65 -0.39 32.76
N VAL V 128 -41.37 0.46 31.77
CA VAL V 128 -40.81 -0.03 30.48
C VAL V 128 -39.33 0.30 30.33
N ARG V 129 -38.65 -0.40 29.41
CA ARG V 129 -37.27 -0.02 29.09
C ARG V 129 -37.28 1.37 28.43
N PRO V 130 -36.31 2.23 28.78
CA PRO V 130 -36.40 3.59 28.23
C PRO V 130 -35.73 3.75 26.84
N TYR V 131 -36.13 2.94 25.86
CA TYR V 131 -35.63 3.08 24.49
C TYR V 131 -35.97 4.44 23.88
N ASN V 132 -37.14 4.95 24.19
CA ASN V 132 -37.54 6.21 23.64
C ASN V 132 -36.57 7.30 24.00
N ALA V 133 -36.19 7.39 25.28
CA ALA V 133 -35.17 8.34 25.73
C ALA V 133 -33.85 8.11 25.01
N ILE V 134 -33.44 6.85 24.90
CA ILE V 134 -32.23 6.54 24.17
C ILE V 134 -32.24 7.00 22.69
N ALA V 135 -33.36 6.78 22.01
CA ALA V 135 -33.55 7.29 20.63
C ALA V 135 -33.49 8.82 20.61
N PHE V 136 -34.01 9.45 21.66
CA PHE V 136 -33.99 10.93 21.71
C PHE V 136 -32.56 11.51 21.79
N SER V 137 -31.57 10.73 22.21
CA SER V 137 -30.19 11.20 22.12
C SER V 137 -29.79 11.73 20.74
N ALA V 138 -30.46 11.27 19.69
CA ALA V 138 -30.07 11.66 18.30
C ALA V 138 -30.46 13.09 18.02
N PRO V 139 -31.75 13.46 18.30
CA PRO V 139 -32.05 14.88 18.31
C PRO V 139 -31.16 15.71 19.23
N ILE V 140 -30.81 15.22 20.40
CA ILE V 140 -29.88 16.02 21.24
C ILE V 140 -28.51 16.23 20.54
N ALA V 141 -27.98 15.18 19.90
CA ALA V 141 -26.67 15.24 19.24
C ALA V 141 -26.68 16.24 18.10
N VAL V 142 -27.79 16.27 17.36
CA VAL V 142 -27.90 17.20 16.29
C VAL V 142 -27.99 18.62 16.80
N PHE V 143 -28.87 18.85 17.77
CA PHE V 143 -29.00 20.19 18.32
C PHE V 143 -27.69 20.70 18.90
N VAL V 144 -27.05 19.89 19.71
CA VAL V 144 -25.83 20.35 20.39
C VAL V 144 -24.71 20.60 19.33
N SER V 145 -24.57 19.70 18.35
CA SER V 145 -23.48 19.85 17.40
C SER V 145 -23.71 21.08 16.53
N VAL V 146 -24.95 21.25 16.07
CA VAL V 146 -25.28 22.28 15.11
C VAL V 146 -25.37 23.66 15.75
N PHE V 147 -26.12 23.76 16.84
CA PHE V 147 -26.39 25.04 17.47
C PHE V 147 -25.37 25.48 18.51
N LEU V 148 -24.60 24.54 19.07
CA LEU V 148 -23.60 24.95 20.06
C LEU V 148 -22.15 24.75 19.54
N ILE V 149 -21.82 23.52 19.11
CA ILE V 149 -20.43 23.16 18.83
C ILE V 149 -19.94 23.82 17.57
N TYR V 150 -20.77 23.78 16.54
CA TYR V 150 -20.39 24.44 15.33
C TYR V 150 -20.04 25.92 15.54
N PRO V 151 -20.97 26.73 16.12
CA PRO V 151 -20.55 28.14 16.28
C PRO V 151 -19.36 28.34 17.24
N LEU V 152 -19.23 27.49 18.25
CA LEU V 152 -18.12 27.62 19.19
C LEU V 152 -16.79 27.40 18.49
N GLY V 153 -16.82 26.65 17.37
CA GLY V 153 -15.59 26.31 16.67
C GLY V 153 -15.27 27.42 15.70
N GLN V 154 -16.34 28.10 15.27
CA GLN V 154 -16.23 29.23 14.33
C GLN V 154 -15.93 30.55 15.06
N SER V 155 -15.94 31.67 14.35
CA SER V 155 -15.55 32.95 14.98
C SER V 155 -16.53 33.45 16.07
N SER V 156 -17.80 33.00 16.00
CA SER V 156 -18.82 33.57 16.91
C SER V 156 -20.21 32.92 16.68
N TRP V 157 -21.19 33.22 17.56
CA TRP V 157 -22.58 32.75 17.32
C TRP V 157 -23.12 33.17 15.97
N PHE V 158 -22.58 34.24 15.37
CA PHE V 158 -23.16 34.79 14.13
C PHE V 158 -23.43 33.69 13.13
N PHE V 159 -22.51 32.71 13.09
CA PHE V 159 -22.45 31.67 12.07
C PHE V 159 -23.22 30.42 12.43
N ALA V 160 -23.72 30.35 13.66
CA ALA V 160 -24.79 29.40 14.03
C ALA V 160 -26.01 29.53 13.14
N PRO V 161 -26.91 28.51 13.18
CA PRO V 161 -28.13 28.76 12.40
C PRO V 161 -29.00 29.76 13.15
N SER V 162 -29.59 30.68 12.39
CA SER V 162 -30.64 31.55 12.90
C SER V 162 -31.96 30.79 12.94
N PHE V 163 -32.81 31.07 13.93
CA PHE V 163 -34.08 30.35 14.12
C PHE V 163 -35.18 30.91 13.23
N GLY V 164 -35.20 30.46 11.99
CA GLY V 164 -36.23 30.83 11.07
C GLY V 164 -36.20 29.91 9.85
N VAL V 165 -37.28 29.92 9.08
CA VAL V 165 -37.38 28.97 7.95
C VAL V 165 -36.30 29.30 6.88
N ALA V 166 -36.39 30.50 6.28
CA ALA V 166 -35.49 30.89 5.23
C ALA V 166 -34.07 30.99 5.78
N ALA V 167 -33.95 31.46 7.03
CA ALA V 167 -32.67 31.56 7.69
C ALA V 167 -31.97 30.18 7.71
N ILE V 168 -32.78 29.14 7.99
CA ILE V 168 -32.31 27.77 7.96
C ILE V 168 -31.91 27.39 6.54
N PHE V 169 -32.70 27.78 5.53
CA PHE V 169 -32.34 27.50 4.13
C PHE V 169 -30.97 28.11 3.82
N ARG V 170 -30.77 29.37 4.22
CA ARG V 170 -29.48 30.03 4.08
C ARG V 170 -28.33 29.17 4.66
N PHE V 171 -28.59 28.50 5.80
CA PHE V 171 -27.57 27.69 6.48
C PHE V 171 -27.19 26.49 5.60
N LEU V 172 -28.19 25.82 5.04
CA LEU V 172 -27.95 24.75 4.09
C LEU V 172 -27.01 25.22 2.97
N LEU V 173 -27.28 26.40 2.39
CA LEU V 173 -26.57 26.80 1.17
C LEU V 173 -25.15 27.28 1.53
N PHE V 174 -25.01 27.93 2.68
CA PHE V 174 -23.72 28.28 3.30
C PHE V 174 -22.88 26.99 3.44
N PHE V 175 -23.47 25.95 4.02
CA PHE V 175 -22.75 24.70 4.19
C PHE V 175 -22.31 24.10 2.88
N GLN V 176 -23.14 24.19 1.85
CA GLN V 176 -22.71 23.72 0.56
C GLN V 176 -21.49 24.54 0.02
N GLY V 177 -21.67 25.86 -0.04
CA GLY V 177 -20.73 26.71 -0.74
C GLY V 177 -19.37 26.71 -0.06
N PHE V 178 -19.39 26.79 1.27
CA PHE V 178 -18.19 26.89 2.12
C PHE V 178 -17.58 25.59 2.60
N HIS V 179 -18.44 24.63 2.99
CA HIS V 179 -17.98 23.37 3.51
C HIS V 179 -18.03 22.23 2.53
N ASN V 180 -18.65 22.41 1.36
CA ASN V 180 -18.89 21.25 0.44
C ASN V 180 -19.60 20.11 1.21
N TRP V 181 -20.46 20.49 2.16
CA TRP V 181 -21.06 19.50 3.11
C TRP V 181 -21.67 18.28 2.44
N THR V 182 -22.22 18.42 1.22
CA THR V 182 -22.83 17.26 0.58
C THR V 182 -21.79 16.17 0.28
N LEU V 183 -20.54 16.56 0.02
CA LEU V 183 -19.44 15.59 -0.16
C LEU V 183 -19.05 14.81 1.12
N ASN V 184 -19.56 15.24 2.28
CA ASN V 184 -19.09 14.67 3.54
C ASN V 184 -19.74 13.29 3.82
N PRO V 185 -18.93 12.24 4.01
CA PRO V 185 -19.50 10.91 4.25
C PRO V 185 -20.30 10.84 5.55
N PHE V 186 -20.02 11.74 6.52
CA PHE V 186 -20.82 11.77 7.75
C PHE V 186 -22.20 12.32 7.49
N HIS V 187 -22.30 13.28 6.58
CA HIS V 187 -23.60 13.75 6.07
C HIS V 187 -24.33 12.67 5.24
N MET V 188 -23.63 12.06 4.26
CA MET V 188 -24.12 10.89 3.53
C MET V 188 -24.72 9.79 4.46
N MET V 189 -24.00 9.40 5.50
CA MET V 189 -24.59 8.48 6.44
C MET V 189 -25.89 9.04 7.05
N GLY V 190 -25.91 10.34 7.34
CA GLY V 190 -27.10 10.97 7.92
C GLY V 190 -28.26 10.89 6.93
N VAL V 191 -27.95 11.21 5.68
CA VAL V 191 -28.93 11.04 4.63
C VAL V 191 -29.44 9.60 4.54
N ALA V 192 -28.52 8.62 4.56
CA ALA V 192 -28.97 7.24 4.56
C ALA V 192 -29.91 6.94 5.72
N GLY V 193 -29.59 7.43 6.92
CA GLY V 193 -30.43 7.09 8.07
C GLY V 193 -31.79 7.76 8.04
N VAL V 194 -31.85 9.00 7.54
CA VAL V 194 -33.15 9.72 7.51
C VAL V 194 -34.02 9.15 6.41
N LEU V 195 -33.46 8.95 5.22
CA LEU V 195 -34.29 8.42 4.09
C LEU V 195 -34.57 6.93 4.26
N GLY V 196 -33.66 6.23 4.93
CA GLY V 196 -33.86 4.81 5.24
C GLY V 196 -34.98 4.70 6.29
N GLY V 197 -34.92 5.56 7.32
CA GLY V 197 -35.98 5.66 8.34
C GLY V 197 -37.36 5.94 7.76
N ALA V 198 -37.44 6.86 6.78
CA ALA V 198 -38.74 7.20 6.17
C ALA V 198 -39.21 6.02 5.36
N LEU V 199 -38.26 5.36 4.72
CA LEU V 199 -38.48 4.12 4.03
C LEU V 199 -39.10 3.08 5.02
N LEU V 200 -38.48 2.88 6.18
CA LEU V 200 -38.96 1.87 7.12
C LEU V 200 -40.32 2.26 7.65
N CYS V 201 -40.52 3.54 7.87
CA CYS V 201 -41.78 3.99 8.39
C CYS V 201 -42.90 3.64 7.41
N ALA V 202 -42.72 4.05 6.14
CA ALA V 202 -43.72 3.80 5.08
C ALA V 202 -43.99 2.33 4.91
N ILE V 203 -42.92 1.57 4.73
CA ILE V 203 -43.04 0.16 4.37
C ILE V 203 -43.66 -0.67 5.52
N HIS V 204 -43.27 -0.40 6.77
CA HIS V 204 -43.86 -1.08 7.92
C HIS V 204 -45.33 -0.79 8.04
N GLY V 205 -45.68 0.48 8.12
CA GLY V 205 -47.09 0.83 8.16
C GLY V 205 -47.90 0.24 7.01
N ALA V 206 -47.39 0.32 5.78
CA ALA V 206 -48.17 -0.19 4.66
C ALA V 206 -48.29 -1.71 4.74
N THR V 207 -47.27 -2.34 5.33
CA THR V 207 -47.21 -3.80 5.39
C THR V 207 -48.23 -4.35 6.39
N VAL V 208 -48.25 -3.79 7.59
CA VAL V 208 -49.26 -4.14 8.58
C VAL V 208 -50.65 -3.86 7.98
N GLU V 209 -50.87 -2.68 7.45
CA GLU V 209 -52.18 -2.34 6.88
C GLU V 209 -52.72 -3.26 5.77
N ASN V 210 -51.82 -3.99 5.12
CA ASN V 210 -52.18 -4.79 4.01
C ASN V 210 -52.01 -6.30 4.25
N THR V 211 -51.63 -6.65 5.48
CA THR V 211 -51.66 -8.06 5.89
C THR V 211 -52.55 -8.25 7.16
N LEU V 212 -53.49 -7.33 7.37
CA LEU V 212 -54.43 -7.43 8.48
C LEU V 212 -55.24 -8.71 8.34
N PHE V 213 -55.53 -9.34 9.46
CA PHE V 213 -56.54 -10.39 9.49
C PHE V 213 -57.91 -9.75 9.42
N GLN V 214 -58.87 -10.42 8.76
CA GLN V 214 -60.25 -9.94 8.85
C GLN V 214 -60.84 -10.19 10.24
N ASP V 215 -60.93 -9.15 11.05
CA ASP V 215 -61.35 -9.28 12.45
C ASP V 215 -62.70 -8.60 12.75
N GLY V 216 -63.38 -8.18 11.70
CA GLY V 216 -64.66 -7.47 11.80
C GLY V 216 -65.38 -7.54 10.46
N GLU V 217 -66.56 -6.94 10.41
CA GLU V 217 -67.38 -6.97 9.19
C GLU V 217 -67.28 -5.70 8.35
N GLY V 218 -66.84 -4.60 8.95
CA GLY V 218 -66.70 -3.31 8.26
C GLY V 218 -65.75 -3.32 7.05
N ALA V 219 -66.03 -2.45 6.08
CA ALA V 219 -65.14 -2.20 4.95
C ALA V 219 -64.03 -1.26 5.43
N SER V 220 -64.36 -0.46 6.45
CA SER V 220 -63.40 0.37 7.16
C SER V 220 -62.94 -0.45 8.36
N THR V 221 -61.69 -0.89 8.28
CA THR V 221 -61.16 -1.97 9.10
C THR V 221 -60.51 -1.52 10.41
N PHE V 222 -60.62 -0.22 10.72
CA PHE V 222 -60.09 0.33 11.96
C PHE V 222 -60.81 -0.16 13.19
N ARG V 223 -62.13 -0.35 13.05
CA ARG V 223 -63.00 -0.74 14.16
C ARG V 223 -62.63 -2.12 14.73
N ALA V 224 -62.11 -3.00 13.88
CA ALA V 224 -61.74 -4.39 14.21
C ALA V 224 -60.41 -4.55 14.97
N PHE V 225 -60.12 -3.64 15.89
CA PHE V 225 -58.96 -3.80 16.74
C PHE V 225 -59.30 -3.47 18.19
N ASN V 226 -58.84 -4.30 19.10
CA ASN V 226 -59.06 -4.09 20.52
C ASN V 226 -57.72 -3.80 21.22
N PRO V 227 -57.63 -2.68 21.98
CA PRO V 227 -56.38 -2.40 22.71
C PRO V 227 -55.90 -3.57 23.61
N THR V 228 -56.84 -4.26 24.27
CA THR V 228 -56.50 -5.27 25.27
C THR V 228 -56.39 -6.72 24.74
N GLN V 229 -56.59 -6.91 23.43
CA GLN V 229 -56.49 -8.24 22.79
C GLN V 229 -55.05 -8.80 22.82
N ALA V 230 -54.90 -10.12 22.77
CA ALA V 230 -53.56 -10.75 22.79
C ALA V 230 -53.06 -11.13 21.39
N GLU V 231 -53.98 -11.37 20.46
CA GLU V 231 -53.64 -11.84 19.11
C GLU V 231 -53.09 -10.71 18.22
N GLU V 232 -51.96 -10.98 17.54
CA GLU V 232 -51.41 -10.06 16.52
C GLU V 232 -52.53 -9.66 15.55
N THR V 233 -52.56 -8.39 15.18
CA THR V 233 -53.62 -7.84 14.31
C THR V 233 -53.39 -8.09 12.77
N TYR V 234 -52.18 -8.52 12.41
CA TYR V 234 -51.83 -8.71 11.02
C TYR V 234 -50.99 -9.97 10.95
N SER V 235 -50.93 -10.61 9.77
CA SER V 235 -50.13 -11.86 9.63
C SER V 235 -48.61 -11.65 9.38
N MET V 236 -47.79 -11.87 10.39
CA MET V 236 -46.35 -11.88 10.18
C MET V 236 -45.94 -12.88 9.08
N VAL V 237 -46.59 -14.04 9.05
CA VAL V 237 -46.25 -15.11 8.13
C VAL V 237 -46.51 -14.74 6.67
N THR V 238 -47.65 -14.13 6.38
CA THR V 238 -47.94 -13.65 5.06
C THR V 238 -47.04 -12.42 4.65
N ALA V 239 -46.84 -11.47 5.55
CA ALA V 239 -45.93 -10.36 5.35
C ALA V 239 -44.54 -10.90 4.95
N ASN V 240 -44.00 -11.82 5.75
CA ASN V 240 -42.71 -12.45 5.44
C ASN V 240 -42.66 -13.13 4.07
N ARG V 241 -43.74 -13.79 3.68
CA ARG V 241 -43.72 -14.47 2.37
C ARG V 241 -43.72 -13.46 1.25
N PHE V 242 -44.63 -12.49 1.37
CA PHE V 242 -44.74 -11.40 0.41
C PHE V 242 -43.35 -10.76 0.14
N TRP V 243 -42.67 -10.29 1.19
CA TRP V 243 -41.38 -9.60 1.04
C TRP V 243 -40.28 -10.47 0.54
N SER V 244 -40.18 -11.69 1.10
CA SER V 244 -39.19 -12.68 0.64
C SER V 244 -39.30 -12.88 -0.88
N GLN V 245 -40.53 -12.94 -1.38
CA GLN V 245 -40.74 -13.14 -2.84
C GLN V 245 -40.62 -11.89 -3.71
N ILE V 246 -40.89 -10.72 -3.15
CA ILE V 246 -40.87 -9.48 -3.89
C ILE V 246 -39.44 -8.95 -3.95
N PHE V 247 -38.79 -8.94 -2.79
CA PHE V 247 -37.56 -8.19 -2.49
C PHE V 247 -36.39 -9.13 -2.26
N GLY V 248 -36.72 -10.35 -1.85
CA GLY V 248 -35.74 -11.39 -1.75
C GLY V 248 -35.39 -11.63 -0.29
N ILE V 249 -35.55 -10.64 0.59
CA ILE V 249 -35.41 -10.89 2.01
C ILE V 249 -36.61 -10.27 2.73
N ALA V 250 -36.81 -10.62 4.00
CA ALA V 250 -37.95 -10.14 4.76
C ALA V 250 -37.64 -10.25 6.25
N PHE V 251 -38.30 -9.47 7.07
CA PHE V 251 -38.10 -9.67 8.51
C PHE V 251 -38.85 -10.95 8.84
N SER V 252 -38.38 -11.68 9.84
CA SER V 252 -39.12 -12.84 10.39
C SER V 252 -39.32 -12.61 11.89
N ASN V 253 -38.51 -11.74 12.46
CA ASN V 253 -38.55 -11.50 13.90
C ASN V 253 -39.00 -10.06 14.19
N LYS V 254 -40.20 -9.91 14.81
CA LYS V 254 -40.85 -8.64 15.11
C LYS V 254 -40.05 -7.73 16.07
N ARG V 255 -39.28 -8.31 16.98
CA ARG V 255 -38.52 -7.48 17.90
C ARG V 255 -37.37 -6.84 17.16
N TRP V 256 -36.73 -7.65 16.31
CA TRP V 256 -35.63 -7.18 15.53
C TRP V 256 -36.08 -6.06 14.60
N LEU V 257 -37.17 -6.25 13.87
CA LEU V 257 -37.77 -5.25 13.01
C LEU V 257 -37.92 -3.90 13.77
N HIS V 258 -38.52 -3.94 14.97
CA HIS V 258 -38.70 -2.69 15.69
C HIS V 258 -37.43 -2.16 16.23
N PHE V 259 -36.52 -3.04 16.58
CA PHE V 259 -35.25 -2.51 17.03
C PHE V 259 -34.51 -1.86 15.83
N PHE V 260 -34.60 -2.47 14.65
CA PHE V 260 -33.93 -1.93 13.47
C PHE V 260 -34.50 -0.53 13.11
N MET V 261 -35.81 -0.36 13.32
CA MET V 261 -36.48 0.96 13.22
C MET V 261 -35.97 2.07 14.14
N LEU V 262 -35.63 1.72 15.36
CA LEU V 262 -34.95 2.64 16.26
C LEU V 262 -33.54 2.92 15.72
N PHE V 263 -32.79 1.84 15.43
CA PHE V 263 -31.36 1.91 15.08
C PHE V 263 -31.04 2.80 13.87
N VAL V 264 -31.77 2.62 12.76
CA VAL V 264 -31.42 3.29 11.50
C VAL V 264 -31.42 4.84 11.60
N PRO V 265 -32.58 5.50 11.88
CA PRO V 265 -32.57 6.97 11.87
C PRO V 265 -31.78 7.55 13.05
N VAL V 266 -31.76 6.87 14.20
CA VAL V 266 -30.94 7.35 15.36
C VAL V 266 -29.44 7.36 15.01
N THR V 267 -28.92 6.25 14.48
CA THR V 267 -27.53 6.15 14.03
C THR V 267 -27.20 7.16 12.93
N GLY V 268 -28.10 7.38 11.96
CA GLY V 268 -27.79 8.35 10.91
C GLY V 268 -27.62 9.76 11.50
N LEU V 269 -28.56 10.14 12.33
CA LEU V 269 -28.47 11.46 12.94
C LEU V 269 -27.19 11.63 13.74
N TRP V 270 -26.78 10.60 14.48
CA TRP V 270 -25.53 10.64 15.23
C TRP V 270 -24.32 10.82 14.33
N MET V 271 -24.35 10.14 13.18
CA MET V 271 -23.31 10.29 12.18
C MET V 271 -23.21 11.71 11.60
N SER V 272 -24.34 12.34 11.24
CA SER V 272 -24.31 13.72 10.77
C SER V 272 -23.74 14.67 11.84
N ALA V 273 -24.06 14.41 13.10
CA ALA V 273 -23.56 15.23 14.19
C ALA V 273 -22.04 15.26 14.19
N ILE V 274 -21.42 14.09 14.02
CA ILE V 274 -19.98 13.99 13.92
C ILE V 274 -19.41 14.82 12.77
N GLY V 275 -20.03 14.75 11.61
CA GLY V 275 -19.53 15.59 10.53
C GLY V 275 -19.55 17.07 10.87
N VAL V 276 -20.60 17.53 11.56
CA VAL V 276 -20.73 18.95 11.94
C VAL V 276 -19.69 19.35 12.98
N VAL V 277 -19.35 18.44 13.89
CA VAL V 277 -18.28 18.72 14.82
C VAL V 277 -17.01 18.99 14.03
N GLY V 278 -16.81 18.24 12.94
CA GLY V 278 -15.69 18.51 12.07
C GLY V 278 -15.71 19.90 11.44
N LEU V 279 -16.88 20.31 10.97
CA LEU V 279 -17.03 21.55 10.25
C LEU V 279 -16.87 22.70 11.23
N ALA V 280 -17.10 22.44 12.51
CA ALA V 280 -16.89 23.49 13.53
C ALA V 280 -15.46 24.01 13.38
N LEU V 281 -14.58 23.13 12.91
CA LEU V 281 -13.13 23.47 12.86
C LEU V 281 -12.65 23.70 11.43
N ASN V 282 -13.62 23.77 10.50
CA ASN V 282 -13.36 23.79 9.10
C ASN V 282 -12.71 22.49 8.62
N LEU V 283 -12.85 21.41 9.40
CA LEU V 283 -12.32 20.10 8.97
CA LEU V 283 -12.31 20.12 8.99
C LEU V 283 -13.32 19.43 8.04
N ARG V 284 -13.30 19.91 6.79
CA ARG V 284 -14.28 19.55 5.76
C ARG V 284 -13.85 18.32 5.05
N SER V 285 -14.83 17.60 4.51
CA SER V 285 -14.49 16.74 3.39
C SER V 285 -14.67 17.65 2.14
N TYR V 286 -13.70 18.51 1.86
CA TYR V 286 -13.93 19.54 0.85
C TYR V 286 -13.46 19.07 -0.52
N ASP V 287 -12.28 18.44 -0.55
CA ASP V 287 -11.67 18.10 -1.82
C ASP V 287 -11.26 16.63 -1.91
N PHE V 288 -11.04 16.19 -3.15
CA PHE V 288 -10.28 15.00 -3.46
C PHE V 288 -8.97 15.46 -4.12
N ILE V 289 -7.88 15.26 -3.40
CA ILE V 289 -6.62 15.83 -3.78
C ILE V 289 -6.20 15.32 -5.15
N SER V 290 -6.33 14.02 -5.40
CA SER V 290 -5.89 13.44 -6.69
C SER V 290 -6.74 13.99 -7.83
N GLN V 291 -8.00 14.29 -7.55
CA GLN V 291 -8.80 15.03 -8.53
C GLN V 291 -8.21 16.40 -8.87
N GLU V 292 -7.72 17.08 -7.86
CA GLU V 292 -7.28 18.42 -8.07
C GLU V 292 -5.92 18.46 -8.76
N ILE V 293 -5.07 17.48 -8.51
CA ILE V 293 -3.81 17.41 -9.21
C ILE V 293 -4.05 17.09 -10.70
N ARG V 294 -4.95 16.16 -10.99
CA ARG V 294 -5.21 15.83 -12.42
C ARG V 294 -5.82 17.05 -13.16
N ALA V 295 -6.82 17.69 -12.54
CA ALA V 295 -7.55 18.76 -13.24
C ALA V 295 -6.67 20.00 -13.46
N ALA V 296 -5.82 20.32 -12.47
CA ALA V 296 -4.87 21.43 -12.55
C ALA V 296 -3.87 21.18 -13.67
N GLU V 297 -3.40 19.94 -13.83
CA GLU V 297 -2.43 19.62 -14.90
C GLU V 297 -3.08 19.37 -16.29
N ASP V 298 -4.37 19.03 -16.30
CA ASP V 298 -5.04 18.53 -17.49
C ASP V 298 -6.33 19.29 -17.70
N PRO V 299 -6.26 20.35 -18.51
CA PRO V 299 -7.47 21.18 -18.65
C PRO V 299 -8.58 20.52 -19.48
N GLU V 300 -8.42 19.28 -19.91
CA GLU V 300 -9.57 18.56 -20.52
C GLU V 300 -10.34 17.65 -19.55
N PHE V 301 -9.85 17.55 -18.32
CA PHE V 301 -10.42 16.60 -17.38
C PHE V 301 -11.51 17.29 -16.56
N GLU V 302 -12.74 16.78 -16.67
CA GLU V 302 -13.85 17.34 -15.95
C GLU V 302 -14.73 16.25 -15.32
N THR V 303 -15.17 16.49 -14.07
CA THR V 303 -16.04 15.56 -13.38
C THR V 303 -17.17 16.34 -12.67
N PHE V 304 -18.16 15.58 -12.19
CA PHE V 304 -19.21 16.26 -11.48
C PHE V 304 -18.60 16.88 -10.23
N TYR V 305 -17.54 16.27 -9.73
CA TYR V 305 -16.88 16.85 -8.57
C TYR V 305 -16.31 18.25 -8.89
N THR V 306 -15.67 18.39 -10.06
CA THR V 306 -15.13 19.70 -10.45
C THR V 306 -16.26 20.66 -10.80
N LYS V 307 -17.32 20.15 -11.44
CA LYS V 307 -18.47 21.01 -11.70
C LYS V 307 -19.06 21.63 -10.40
N ASN V 308 -19.10 20.88 -9.31
CA ASN V 308 -19.70 21.43 -8.03
C ASN V 308 -18.83 22.43 -7.26
N LEU V 309 -17.52 22.32 -7.38
CA LEU V 309 -16.62 23.35 -6.82
C LEU V 309 -16.84 24.68 -7.47
N LEU V 310 -17.04 24.73 -8.79
CA LEU V 310 -17.38 26.01 -9.47
C LEU V 310 -18.66 26.63 -8.88
N LEU V 311 -19.67 25.80 -8.68
CA LEU V 311 -20.90 26.28 -8.06
C LEU V 311 -20.57 26.82 -6.66
N ASN V 312 -19.72 26.11 -5.94
CA ASN V 312 -19.42 26.52 -4.57
C ASN V 312 -18.71 27.87 -4.62
N GLU V 313 -17.81 28.05 -5.61
CA GLU V 313 -17.06 29.29 -5.72
C GLU V 313 -17.99 30.44 -6.07
N GLY V 314 -18.92 30.19 -7.00
CA GLY V 314 -19.99 31.14 -7.24
C GLY V 314 -20.72 31.47 -5.92
N ILE V 315 -21.08 30.46 -5.12
CA ILE V 315 -21.85 30.77 -3.90
C ILE V 315 -21.05 31.67 -2.96
N ARG V 316 -19.80 31.31 -2.73
CA ARG V 316 -19.01 32.10 -1.76
C ARG V 316 -18.92 33.57 -2.15
N ALA V 317 -18.63 33.81 -3.42
CA ALA V 317 -18.29 35.16 -3.89
C ALA V 317 -19.55 36.00 -3.90
N TRP V 318 -20.66 35.39 -4.31
CA TRP V 318 -21.89 36.10 -4.46
C TRP V 318 -22.65 36.33 -3.18
N MET V 319 -22.54 35.43 -2.22
CA MET V 319 -23.28 35.59 -0.97
C MET V 319 -22.50 36.27 0.15
N ALA V 320 -21.19 36.17 0.17
CA ALA V 320 -20.41 36.62 1.30
C ALA V 320 -20.54 38.12 1.67
N PRO V 321 -20.55 39.04 0.67
CA PRO V 321 -20.63 40.47 0.96
C PRO V 321 -21.87 40.78 1.83
N GLN V 322 -23.05 40.31 1.40
CA GLN V 322 -24.30 40.48 2.20
C GLN V 322 -24.47 39.50 3.36
N ASP V 323 -23.92 38.28 3.26
CA ASP V 323 -24.09 37.29 4.34
C ASP V 323 -23.12 37.54 5.51
N GLN V 324 -21.97 38.15 5.23
CA GLN V 324 -20.98 38.44 6.26
C GLN V 324 -20.66 39.95 6.40
N PRO V 325 -21.66 40.78 6.80
CA PRO V 325 -21.50 42.25 6.71
C PRO V 325 -20.34 42.80 7.52
N HIS V 326 -20.01 42.16 8.63
CA HIS V 326 -18.87 42.56 9.46
C HIS V 326 -17.56 42.47 8.68
N GLU V 327 -17.59 41.88 7.48
CA GLU V 327 -16.34 41.65 6.75
C GLU V 327 -16.05 42.84 5.84
N ASN V 328 -17.09 43.64 5.61
CA ASN V 328 -17.06 44.76 4.67
C ASN V 328 -16.45 44.39 3.36
N PHE V 329 -16.94 43.30 2.78
CA PHE V 329 -16.41 42.89 1.50
C PHE V 329 -16.90 43.86 0.47
N VAL V 330 -15.97 44.36 -0.35
CA VAL V 330 -16.35 44.97 -1.60
C VAL V 330 -15.66 44.19 -2.71
N PHE V 331 -16.46 43.53 -3.53
CA PHE V 331 -15.89 42.75 -4.61
C PHE V 331 -16.28 43.49 -5.85
N PRO V 332 -15.34 44.25 -6.46
CA PRO V 332 -15.61 44.93 -7.71
C PRO V 332 -16.18 43.95 -8.73
N GLU V 333 -17.06 44.42 -9.60
CA GLU V 333 -17.72 43.50 -10.52
C GLU V 333 -16.74 42.58 -11.20
N GLU V 334 -15.61 43.16 -11.62
CA GLU V 334 -14.65 42.45 -12.44
C GLU V 334 -14.06 41.18 -11.73
N VAL V 335 -14.11 41.12 -10.40
CA VAL V 335 -13.50 39.98 -9.70
C VAL V 335 -14.50 38.84 -9.44
N LEU V 336 -15.78 39.08 -9.68
CA LEU V 336 -16.83 38.04 -9.48
C LEU V 336 -16.72 36.87 -10.46
N PRO V 337 -16.59 35.64 -9.93
CA PRO V 337 -16.58 34.52 -10.87
C PRO V 337 -17.91 34.40 -11.57
N ARG V 338 -17.91 34.24 -12.90
CA ARG V 338 -19.13 34.15 -13.70
C ARG V 338 -18.78 33.38 -14.94
N GLY V 339 -19.68 32.52 -15.40
CA GLY V 339 -19.48 31.88 -16.71
C GLY V 339 -19.94 32.84 -17.81
N ASN V 340 -20.03 32.35 -19.03
CA ASN V 340 -20.45 33.14 -20.16
C ASN V 340 -21.88 33.62 -20.04
N ALA V 341 -22.08 34.86 -20.49
CA ALA V 341 -23.38 35.53 -20.54
C ALA V 341 -24.05 35.84 -19.20
N LEU V 342 -24.14 34.86 -18.31
CA LEU V 342 -24.92 35.00 -17.11
C LEU V 342 -24.20 35.86 -16.05
N GLY W 2 -59.26 13.37 36.78
CA GLY W 2 -60.44 13.93 37.50
C GLY W 2 -60.95 15.22 36.88
N GLU W 3 -60.33 15.61 35.76
CA GLU W 3 -60.59 16.86 35.06
C GLU W 3 -61.74 16.73 34.05
N ARG W 4 -62.52 17.78 33.88
CA ARG W 4 -63.64 17.76 32.92
C ARG W 4 -63.15 17.75 31.46
N PRO W 5 -63.83 16.98 30.58
CA PRO W 5 -63.40 16.92 29.17
C PRO W 5 -63.41 18.27 28.46
N PHE W 6 -62.40 18.55 27.63
CA PHE W 6 -62.38 19.79 26.85
C PHE W 6 -63.65 19.98 26.05
N SER W 7 -64.15 18.87 25.50
CA SER W 7 -65.42 18.78 24.77
C SER W 7 -66.62 19.38 25.51
N ASP W 8 -66.62 19.23 26.84
CA ASP W 8 -67.73 19.70 27.66
C ASP W 8 -67.57 21.18 28.04
N ILE W 9 -66.36 21.58 28.42
CA ILE W 9 -66.09 22.97 28.76
C ILE W 9 -66.41 23.92 27.60
N ILE W 10 -65.83 23.69 26.42
CA ILE W 10 -66.05 24.61 25.28
C ILE W 10 -67.45 24.57 24.63
N THR W 11 -68.29 23.60 24.97
CA THR W 11 -69.66 23.61 24.49
C THR W 11 -70.62 24.17 25.54
N SER W 12 -70.06 24.71 26.63
CA SER W 12 -70.84 25.21 27.76
C SER W 12 -71.04 26.72 27.70
N VAL W 13 -72.21 27.16 28.19
CA VAL W 13 -72.60 28.57 28.15
C VAL W 13 -71.62 29.41 28.94
N ARG W 14 -71.33 28.99 30.18
CA ARG W 14 -70.41 29.74 31.05
C ARG W 14 -69.09 30.05 30.34
N TYR W 15 -68.54 29.05 29.63
CA TYR W 15 -67.31 29.20 28.83
C TYR W 15 -67.42 30.33 27.76
N TRP W 16 -68.47 30.29 26.94
CA TRP W 16 -68.66 31.35 25.96
C TRP W 16 -69.08 32.64 26.60
N VAL W 17 -69.45 32.60 27.87
CA VAL W 17 -69.75 33.81 28.61
C VAL W 17 -68.44 34.51 28.99
N ILE W 18 -67.49 33.77 29.54
CA ILE W 18 -66.20 34.36 29.91
C ILE W 18 -65.39 34.74 28.67
N HIS W 19 -65.34 33.84 27.71
CA HIS W 19 -64.46 33.99 26.55
C HIS W 19 -64.98 34.84 25.41
N SER W 20 -66.27 35.18 25.42
CA SER W 20 -66.73 36.22 24.51
C SER W 20 -66.19 37.60 24.91
N ILE W 21 -65.73 37.75 26.16
CA ILE W 21 -65.16 39.02 26.63
C ILE W 21 -63.60 39.09 26.68
N THR W 22 -62.95 37.99 27.02
CA THR W 22 -61.48 37.99 27.14
C THR W 22 -60.76 37.79 25.81
N ILE W 23 -61.26 36.89 24.97
CA ILE W 23 -60.72 36.71 23.61
C ILE W 23 -60.71 38.01 22.78
N PRO W 24 -61.86 38.72 22.69
CA PRO W 24 -61.83 40.00 21.97
C PRO W 24 -60.92 41.04 22.59
N ALA W 25 -60.97 41.14 23.91
CA ALA W 25 -60.11 42.05 24.66
C ALA W 25 -58.59 41.83 24.42
N LEU W 26 -58.14 40.59 24.45
CA LEU W 26 -56.71 40.29 24.26
C LEU W 26 -56.36 40.60 22.83
N PHE W 27 -57.27 40.24 21.91
CA PHE W 27 -57.03 40.52 20.51
C PHE W 27 -56.83 42.02 20.33
N ILE W 28 -57.72 42.80 20.92
CA ILE W 28 -57.75 44.25 20.75
C ILE W 28 -56.53 44.87 21.40
N ALA W 29 -56.15 44.34 22.56
CA ALA W 29 -54.91 44.77 23.21
C ALA W 29 -53.65 44.49 22.34
N GLY W 30 -53.72 43.42 21.53
CA GLY W 30 -52.60 43.00 20.69
C GLY W 30 -52.53 43.99 19.58
N TRP W 31 -53.71 44.25 19.02
CA TRP W 31 -53.88 45.24 17.95
C TRP W 31 -53.32 46.62 18.32
N LEU W 32 -53.67 47.09 19.52
CA LEU W 32 -53.22 48.39 20.05
C LEU W 32 -51.75 48.43 20.43
N PHE W 33 -51.25 47.30 20.91
CA PHE W 33 -49.79 47.19 21.11
C PHE W 33 -48.99 47.59 19.83
N VAL W 34 -49.51 47.25 18.65
CA VAL W 34 -48.95 47.63 17.33
C VAL W 34 -49.40 48.98 16.73
N SER W 35 -50.70 49.26 16.80
CA SER W 35 -51.25 50.49 16.21
C SER W 35 -50.83 51.74 16.96
N THR W 36 -50.58 51.67 18.27
CA THR W 36 -50.01 52.82 19.00
C THR W 36 -48.49 53.05 18.82
N GLY W 37 -47.85 52.12 18.08
CA GLY W 37 -46.42 52.18 17.82
C GLY W 37 -45.57 51.68 18.96
N LEU W 38 -46.22 51.23 20.04
CA LEU W 38 -45.50 50.79 21.26
C LEU W 38 -44.58 49.59 21.04
N ALA W 39 -44.98 48.69 20.14
CA ALA W 39 -44.22 47.48 19.86
C ALA W 39 -42.78 47.85 19.39
N TYR W 40 -42.68 48.82 18.48
CA TYR W 40 -41.41 49.37 18.04
C TYR W 40 -40.46 49.71 19.16
N ASP W 41 -40.99 50.40 20.17
CA ASP W 41 -40.12 51.02 21.18
C ASP W 41 -39.75 50.05 22.27
N VAL W 42 -40.61 49.06 22.51
CA VAL W 42 -40.31 47.99 23.46
C VAL W 42 -39.15 47.12 22.96
N PHE W 43 -39.24 46.70 21.70
CA PHE W 43 -38.29 45.75 21.16
C PHE W 43 -37.09 46.35 20.42
N GLY W 44 -37.11 47.65 20.12
CA GLY W 44 -36.02 48.33 19.40
C GLY W 44 -36.11 48.16 17.88
N THR W 45 -37.30 47.89 17.39
CA THR W 45 -37.48 47.65 15.97
C THR W 45 -37.66 48.91 15.12
N PRO W 46 -36.88 49.06 14.03
CA PRO W 46 -37.10 50.31 13.27
C PRO W 46 -38.49 50.38 12.65
N ARG W 47 -39.07 51.59 12.67
CA ARG W 47 -40.23 51.93 11.82
C ARG W 47 -39.70 52.13 10.39
N PRO W 48 -40.59 52.08 9.40
CA PRO W 48 -40.17 52.20 7.99
C PRO W 48 -39.29 53.43 7.63
N ASP W 49 -39.40 54.47 8.44
CA ASP W 49 -38.60 55.66 8.22
C ASP W 49 -37.40 55.71 9.20
N SER W 50 -37.10 54.60 9.88
CA SER W 50 -36.01 54.67 10.83
C SER W 50 -34.89 53.65 10.56
N TYR W 51 -34.85 53.05 9.36
CA TYR W 51 -33.74 52.14 9.05
C TYR W 51 -32.47 52.93 8.72
N TYR W 52 -32.63 53.90 7.82
CA TYR W 52 -31.55 54.79 7.40
C TYR W 52 -31.87 56.27 7.66
N ALA W 53 -30.89 57.01 8.21
CA ALA W 53 -30.83 58.49 8.10
C ALA W 53 -30.88 58.85 6.62
N GLN W 54 -31.31 60.06 6.28
CA GLN W 54 -31.69 60.40 4.88
C GLN W 54 -30.60 60.20 3.78
N GLU W 55 -29.34 60.50 4.13
CA GLU W 55 -28.21 60.42 3.19
C GLU W 55 -27.20 59.31 3.51
N GLN W 56 -27.51 58.52 4.53
CA GLN W 56 -26.70 57.38 4.92
C GLN W 56 -26.78 56.28 3.87
N ARG W 57 -25.62 55.68 3.58
CA ARG W 57 -25.52 54.63 2.57
C ARG W 57 -25.07 53.27 3.12
N SER W 58 -24.76 53.19 4.42
CA SER W 58 -24.38 51.88 5.02
C SER W 58 -25.17 51.51 6.30
N ILE W 59 -25.32 50.21 6.51
CA ILE W 59 -26.09 49.66 7.62
C ILE W 59 -25.46 49.95 9.00
N PRO W 60 -26.28 50.27 10.01
CA PRO W 60 -25.81 50.49 11.40
C PRO W 60 -25.41 49.20 12.09
N LEU W 61 -24.42 48.51 11.52
CA LEU W 61 -24.00 47.21 12.03
C LEU W 61 -23.15 47.41 13.27
N VAL W 62 -23.48 46.68 14.34
CA VAL W 62 -22.71 46.74 15.60
C VAL W 62 -21.31 46.12 15.35
N THR W 63 -20.26 46.80 15.80
CA THR W 63 -18.89 46.31 15.55
C THR W 63 -18.10 46.19 16.84
N ASP W 64 -18.71 46.52 17.97
CA ASP W 64 -17.99 46.42 19.25
C ASP W 64 -18.80 45.63 20.26
N ARG W 65 -18.13 44.71 20.93
CA ARG W 65 -18.82 43.86 21.86
C ARG W 65 -19.36 44.61 23.10
N PHE W 66 -18.48 45.35 23.74
CA PHE W 66 -18.77 45.86 25.07
C PHE W 66 -19.45 47.22 25.11
N GLU W 67 -19.45 47.91 23.98
CA GLU W 67 -20.03 49.24 23.87
C GLU W 67 -20.97 49.27 22.68
N ALA W 68 -21.49 48.10 22.33
CA ALA W 68 -22.53 47.98 21.31
C ALA W 68 -23.85 48.66 21.70
N LYS W 69 -24.16 48.68 23.00
CA LYS W 69 -25.27 49.44 23.57
C LYS W 69 -25.12 50.92 23.18
N GLN W 70 -24.05 51.55 23.66
CA GLN W 70 -23.65 52.93 23.28
C GLN W 70 -23.60 53.14 21.74
N GLN W 71 -23.14 52.11 21.02
CA GLN W 71 -22.99 52.18 19.56
C GLN W 71 -24.37 52.19 18.90
N VAL W 72 -25.31 51.40 19.44
CA VAL W 72 -26.71 51.44 18.99
C VAL W 72 -27.32 52.82 19.32
N GLU W 73 -27.13 53.28 20.57
CA GLU W 73 -27.56 54.64 20.97
C GLU W 73 -27.00 55.72 20.00
N THR W 74 -25.69 55.68 19.72
CA THR W 74 -25.11 56.59 18.73
C THR W 74 -25.84 56.54 17.38
N PHE W 75 -26.07 55.32 16.84
CA PHE W 75 -26.78 55.15 15.55
C PHE W 75 -28.16 55.81 15.60
N LEU W 76 -28.88 55.57 16.70
CA LEU W 76 -30.23 56.09 16.91
C LEU W 76 -30.26 57.62 17.08
N GLU W 77 -29.17 58.21 17.56
CA GLU W 77 -29.04 59.68 17.64
C GLU W 77 -28.68 60.32 16.30
N GLN W 78 -28.11 59.53 15.40
CA GLN W 78 -27.76 59.97 14.05
C GLN W 78 -28.98 59.98 13.12
N LEU W 79 -30.14 59.50 13.59
CA LEU W 79 -31.39 59.65 12.82
C LEU W 79 -32.01 61.06 13.07
N LYS W 80 -31.16 62.00 13.51
CA LYS W 80 -31.51 63.40 13.82
C LYS W 80 -32.57 63.49 14.90
N ILE X 3 -57.77 28.12 42.83
CA ILE X 3 -58.62 27.01 42.28
C ILE X 3 -58.24 26.71 40.81
N PHE X 4 -56.97 26.95 40.51
CA PHE X 4 -56.39 26.78 39.18
C PHE X 4 -55.81 25.39 39.11
N THR X 5 -55.97 24.71 37.98
CA THR X 5 -55.31 23.41 37.83
C THR X 5 -54.08 23.48 36.92
N VAL X 6 -53.27 22.41 36.92
CA VAL X 6 -52.11 22.33 36.04
C VAL X 6 -52.59 22.37 34.58
N ARG X 7 -53.72 21.73 34.26
CA ARG X 7 -54.24 21.85 32.92
C ARG X 7 -54.66 23.28 32.59
N TRP X 8 -55.27 23.97 33.55
CA TRP X 8 -55.80 25.29 33.29
C TRP X 8 -54.65 26.24 33.07
N VAL X 9 -53.64 26.13 33.94
CA VAL X 9 -52.46 26.96 33.86
C VAL X 9 -51.77 26.67 32.52
N ALA X 10 -51.54 25.41 32.23
CA ALA X 10 -50.98 25.02 30.94
C ALA X 10 -51.70 25.66 29.76
N VAL X 11 -53.03 25.69 29.80
CA VAL X 11 -53.82 26.11 28.63
C VAL X 11 -53.62 27.61 28.33
N HIS X 12 -53.67 28.40 29.40
CA HIS X 12 -53.61 29.85 29.31
C HIS X 12 -52.22 30.46 29.17
N THR X 13 -51.17 29.76 29.57
CA THR X 13 -49.81 30.23 29.26
C THR X 13 -49.63 30.17 27.74
N LEU X 14 -50.38 29.30 27.06
CA LEU X 14 -50.31 29.25 25.61
C LEU X 14 -51.36 30.10 24.92
N ALA X 15 -52.63 29.86 25.28
CA ALA X 15 -53.77 30.52 24.65
C ALA X 15 -53.79 32.08 24.82
N VAL X 16 -53.43 32.58 26.00
CA VAL X 16 -53.50 34.01 26.21
C VAL X 16 -52.55 34.79 25.28
N PRO X 17 -51.23 34.45 25.30
CA PRO X 17 -50.31 35.17 24.40
C PRO X 17 -50.69 35.01 22.93
N THR X 18 -51.11 33.80 22.56
CA THR X 18 -51.50 33.52 21.17
C THR X 18 -52.51 34.51 20.64
N ILE X 19 -53.50 34.85 21.47
CA ILE X 19 -54.59 35.72 21.05
C ILE X 19 -54.11 37.15 20.95
N PHE X 20 -53.30 37.53 21.93
CA PHE X 20 -52.65 38.83 21.91
C PHE X 20 -51.79 39.01 20.65
N PHE X 21 -51.09 37.95 20.25
CA PHE X 21 -50.13 38.05 19.16
C PHE X 21 -50.89 38.11 17.85
N LEU X 22 -51.98 37.35 17.75
CA LEU X 22 -52.81 37.39 16.50
C LEU X 22 -53.47 38.76 16.28
N GLY X 23 -53.79 39.45 17.39
CA GLY X 23 -54.35 40.79 17.32
C GLY X 23 -53.30 41.70 16.74
N ALA X 24 -52.11 41.64 17.35
CA ALA X 24 -50.90 42.33 16.88
C ALA X 24 -50.58 42.12 15.39
N ILE X 25 -50.59 40.86 14.95
CA ILE X 25 -50.21 40.54 13.57
C ILE X 25 -51.29 41.04 12.65
N ALA X 26 -52.55 40.99 13.09
CA ALA X 26 -53.71 41.54 12.33
C ALA X 26 -53.54 43.04 12.08
N ALA X 27 -53.32 43.80 13.15
CA ALA X 27 -52.99 45.20 13.02
C ALA X 27 -51.87 45.40 12.00
N MET X 28 -50.84 44.54 12.04
CA MET X 28 -49.64 44.74 11.21
C MET X 28 -50.02 44.70 9.73
N GLN X 29 -51.14 44.07 9.38
CA GLN X 29 -51.50 44.01 7.95
C GLN X 29 -51.91 45.37 7.36
N PHE X 30 -52.09 46.36 8.24
CA PHE X 30 -52.53 47.68 7.80
C PHE X 30 -51.42 48.72 7.87
N ILE X 31 -50.21 48.26 8.21
CA ILE X 31 -49.06 49.15 8.16
C ILE X 31 -48.62 49.35 6.73
N GLN X 32 -48.33 50.60 6.44
CA GLN X 32 -47.82 51.08 5.18
C GLN X 32 -46.49 51.74 5.44
N ARG X 33 -45.59 51.65 4.47
CA ARG X 33 -44.30 52.32 4.62
C ARG X 33 -44.49 53.82 4.41
N ALA Y 1 -11.91 -19.40 47.62
CA ALA Y 1 -11.10 -18.23 47.20
C ALA Y 1 -9.71 -18.25 47.85
N ARG Y 2 -8.71 -17.73 47.14
CA ARG Y 2 -7.33 -17.73 47.60
CA ARG Y 2 -7.31 -17.70 47.57
C ARG Y 2 -7.06 -16.54 48.54
N ARG Y 3 -6.73 -16.84 49.78
CA ARG Y 3 -6.26 -15.80 50.69
C ARG Y 3 -4.81 -15.51 50.30
N THR Y 4 -4.40 -14.26 50.40
CA THR Y 4 -3.01 -13.92 50.24
C THR Y 4 -2.61 -12.92 51.30
N TRP Y 5 -1.31 -12.78 51.51
CA TRP Y 5 -0.78 -11.77 52.39
C TRP Y 5 -1.40 -10.40 52.15
N LEU Y 6 -1.26 -9.85 50.93
CA LEU Y 6 -1.80 -8.50 50.63
C LEU Y 6 -3.34 -8.41 50.80
N GLY Y 7 -4.01 -9.49 50.43
CA GLY Y 7 -5.46 -9.59 50.56
C GLY Y 7 -5.93 -9.50 52.00
N ASP Y 8 -5.34 -10.32 52.87
CA ASP Y 8 -5.58 -10.26 54.32
C ASP Y 8 -5.38 -8.85 54.83
N ILE Y 9 -4.31 -8.19 54.39
CA ILE Y 9 -4.05 -6.79 54.76
C ILE Y 9 -5.14 -5.83 54.23
N LEU Y 10 -5.59 -6.02 52.99
CA LEU Y 10 -6.58 -5.08 52.45
C LEU Y 10 -8.06 -5.41 52.80
N ARG Y 11 -8.29 -6.61 53.32
CA ARG Y 11 -9.63 -7.03 53.80
C ARG Y 11 -10.50 -5.92 54.40
N PRO Y 12 -10.02 -5.23 55.45
CA PRO Y 12 -10.93 -4.25 56.08
C PRO Y 12 -11.53 -3.31 55.02
N LEU Y 13 -10.66 -2.80 54.15
CA LEU Y 13 -11.04 -1.82 53.14
C LEU Y 13 -12.14 -2.34 52.17
N ASN Y 14 -12.38 -3.64 52.14
CA ASN Y 14 -13.48 -4.17 51.30
C ASN Y 14 -14.50 -4.98 52.10
N SER Y 15 -14.78 -4.56 53.34
CA SER Y 15 -15.59 -5.37 54.26
C SER Y 15 -17.00 -4.81 54.52
N GLU Y 16 -17.19 -3.52 54.29
CA GLU Y 16 -18.45 -2.82 54.58
C GLU Y 16 -19.39 -2.63 53.38
N TYR Y 17 -19.36 -3.57 52.44
CA TYR Y 17 -20.25 -3.52 51.27
C TYR Y 17 -21.70 -3.43 51.74
N GLY Y 18 -22.46 -2.49 51.16
CA GLY Y 18 -23.90 -2.44 51.38
C GLY Y 18 -24.32 -1.60 52.58
N LYS Y 19 -23.35 -1.17 53.38
CA LYS Y 19 -23.63 -0.36 54.56
C LYS Y 19 -23.98 1.08 54.23
N VAL Y 20 -25.08 1.54 54.80
CA VAL Y 20 -25.60 2.88 54.55
C VAL Y 20 -25.73 3.64 55.88
N ALA Y 21 -25.67 4.97 55.79
CA ALA Y 21 -26.13 5.85 56.85
C ALA Y 21 -27.67 5.94 56.76
N PRO Y 22 -28.36 6.11 57.92
CA PRO Y 22 -29.85 6.05 57.94
C PRO Y 22 -30.52 7.19 57.17
N GLY Y 23 -31.57 6.89 56.39
CA GLY Y 23 -32.38 7.96 55.73
C GLY Y 23 -31.64 8.87 54.74
N TRP Y 24 -31.70 10.17 54.98
CA TRP Y 24 -31.06 11.15 54.10
C TRP Y 24 -29.63 11.46 54.47
N GLY Y 25 -29.21 10.99 55.66
CA GLY Y 25 -27.87 11.26 56.20
C GLY Y 25 -27.32 12.64 55.84
N THR Y 26 -26.11 12.67 55.24
CA THR Y 26 -25.46 13.93 54.84
C THR Y 26 -25.92 14.57 53.52
N THR Y 27 -27.00 14.06 52.94
CA THR Y 27 -27.54 14.61 51.67
C THR Y 27 -27.68 16.14 51.68
N PRO Y 28 -28.21 16.72 52.79
CA PRO Y 28 -28.36 18.18 52.71
C PRO Y 28 -27.02 18.93 52.61
N LEU Y 29 -25.99 18.44 53.31
CA LEU Y 29 -24.64 19.01 53.16
C LEU Y 29 -24.08 18.89 51.72
N MET Y 30 -24.36 17.74 51.09
CA MET Y 30 -24.01 17.45 49.68
C MET Y 30 -24.62 18.48 48.73
N ALA Y 31 -25.92 18.75 48.94
CA ALA Y 31 -26.64 19.78 48.20
C ALA Y 31 -25.96 21.14 48.25
N VAL Y 32 -25.44 21.50 49.43
CA VAL Y 32 -24.73 22.77 49.57
C VAL Y 32 -23.51 22.84 48.64
N PHE Y 33 -22.61 21.87 48.77
CA PHE Y 33 -21.40 21.81 47.95
C PHE Y 33 -21.70 21.77 46.44
N MET Y 34 -22.72 21.01 46.06
CA MET Y 34 -23.18 20.95 44.69
C MET Y 34 -23.52 22.33 44.23
N GLY Y 35 -24.38 23.02 45.01
CA GLY Y 35 -24.71 24.41 44.76
C GLY Y 35 -23.49 25.30 44.62
N LEU Y 36 -22.58 25.20 45.58
CA LEU Y 36 -21.36 26.02 45.52
C LEU Y 36 -20.53 25.68 44.25
N PHE Y 37 -20.33 24.39 44.01
CA PHE Y 37 -19.66 23.90 42.81
C PHE Y 37 -20.30 24.44 41.53
N LEU Y 38 -21.64 24.45 41.46
CA LEU Y 38 -22.34 24.94 40.28
C LEU Y 38 -22.02 26.42 40.07
N VAL Y 39 -21.88 27.16 41.18
CA VAL Y 39 -21.64 28.59 41.10
C VAL Y 39 -20.16 28.83 40.67
N PHE Y 40 -19.27 28.01 41.22
CA PHE Y 40 -17.87 28.04 40.81
C PHE Y 40 -17.74 27.88 39.30
N LEU Y 41 -18.34 26.80 38.78
CA LEU Y 41 -18.34 26.57 37.31
C LEU Y 41 -18.88 27.74 36.54
N LEU Y 42 -19.94 28.36 37.05
CA LEU Y 42 -20.52 29.52 36.38
C LEU Y 42 -19.55 30.70 36.42
N ILE Y 43 -18.87 30.89 37.57
CA ILE Y 43 -17.84 31.96 37.66
C ILE Y 43 -16.72 31.78 36.61
N ILE Y 44 -16.06 30.61 36.57
CA ILE Y 44 -14.90 30.42 35.63
C ILE Y 44 -15.37 30.41 34.16
N LEU Y 45 -16.57 29.92 33.90
CA LEU Y 45 -17.16 30.05 32.60
C LEU Y 45 -17.30 31.51 32.17
N GLU Y 46 -17.95 32.34 32.98
CA GLU Y 46 -18.23 33.70 32.51
C GLU Y 46 -16.97 34.56 32.44
N ILE Y 47 -15.98 34.22 33.26
CA ILE Y 47 -14.67 34.85 33.17
C ILE Y 47 -14.01 34.45 31.83
N TYR Y 48 -14.01 33.17 31.50
CA TYR Y 48 -13.40 32.73 30.22
C TYR Y 48 -14.17 33.38 29.05
N ASN Y 49 -15.48 33.47 29.25
CA ASN Y 49 -16.45 33.98 28.25
C ASN Y 49 -16.42 35.51 28.11
N SER Y 50 -15.78 36.17 29.08
CA SER Y 50 -15.84 37.65 29.15
C SER Y 50 -17.27 38.19 29.38
N THR Y 51 -18.10 37.40 30.10
CA THR Y 51 -19.37 37.87 30.65
C THR Y 51 -19.10 38.48 32.06
N LEU Y 52 -18.17 37.88 32.79
CA LEU Y 52 -17.69 38.38 34.05
C LEU Y 52 -16.27 38.99 33.86
N ILE Y 53 -16.20 40.31 33.83
CA ILE Y 53 -14.94 41.00 33.64
C ILE Y 53 -14.49 41.63 34.97
N LEU Y 54 -13.32 41.22 35.43
CA LEU Y 54 -12.82 41.53 36.76
C LEU Y 54 -11.56 42.42 36.71
N ASP Y 55 -11.32 43.17 37.78
CA ASP Y 55 -10.18 44.09 37.78
C ASP Y 55 -8.85 43.35 37.85
N GLY Y 56 -7.98 43.62 36.89
CA GLY Y 56 -6.67 42.95 36.85
C GLY Y 56 -6.72 41.50 36.39
N VAL Y 57 -7.83 41.13 35.75
CA VAL Y 57 -7.97 39.84 35.04
C VAL Y 57 -8.16 40.15 33.55
N ASN Y 58 -7.04 40.13 32.83
CA ASN Y 58 -6.95 40.31 31.38
C ASN Y 58 -6.96 38.95 30.68
N VAL Y 59 -8.13 38.50 30.23
CA VAL Y 59 -8.29 37.14 29.67
C VAL Y 59 -7.77 37.17 28.22
N SER Y 60 -6.45 37.05 28.13
CA SER Y 60 -5.71 37.17 26.89
C SER Y 60 -4.32 36.59 27.15
N TRP Y 61 -3.63 36.22 26.08
CA TRP Y 61 -2.18 35.97 26.18
C TRP Y 61 -1.54 37.22 26.69
N LYS Y 62 -1.77 38.32 25.95
CA LYS Y 62 -1.28 39.66 26.31
C LYS Y 62 -1.95 40.15 27.60
N GLU Z 2 -29.02 -1.88 -38.05
CA GLU Z 2 -30.31 -2.34 -38.54
C GLU Z 2 -30.69 -3.68 -37.85
N THR Z 3 -29.76 -4.62 -37.87
CA THR Z 3 -29.90 -5.92 -37.23
C THR Z 3 -30.14 -5.78 -35.70
N LEU Z 4 -29.39 -4.90 -35.04
CA LEU Z 4 -29.64 -4.59 -33.62
C LEU Z 4 -31.08 -4.10 -33.42
N LYS Z 5 -31.49 -3.14 -34.22
CA LYS Z 5 -32.84 -2.58 -34.14
C LYS Z 5 -33.91 -3.68 -34.24
N ILE Z 6 -33.92 -4.40 -35.37
CA ILE Z 6 -34.86 -5.51 -35.59
C ILE Z 6 -34.85 -6.53 -34.42
N THR Z 7 -33.67 -6.97 -34.04
CA THR Z 7 -33.52 -7.85 -32.89
C THR Z 7 -34.21 -7.35 -31.62
N VAL Z 8 -34.01 -6.08 -31.30
CA VAL Z 8 -34.61 -5.55 -30.09
C VAL Z 8 -36.14 -5.47 -30.29
N TYR Z 9 -36.57 -5.09 -31.49
CA TYR Z 9 -37.99 -5.02 -31.81
C TYR Z 9 -38.69 -6.36 -31.55
N ILE Z 10 -37.99 -7.44 -31.85
CA ILE Z 10 -38.56 -8.74 -31.78
C ILE Z 10 -38.64 -9.14 -30.33
N VAL Z 11 -37.52 -8.99 -29.63
CA VAL Z 11 -37.41 -9.31 -28.24
C VAL Z 11 -38.51 -8.58 -27.46
N VAL Z 12 -38.68 -7.28 -27.72
CA VAL Z 12 -39.61 -6.45 -26.99
C VAL Z 12 -41.05 -6.85 -27.30
N THR Z 13 -41.38 -7.03 -28.58
CA THR Z 13 -42.68 -7.54 -28.98
C THR Z 13 -43.00 -8.86 -28.24
N PHE Z 14 -42.00 -9.75 -28.17
CA PHE Z 14 -42.15 -11.03 -27.54
C PHE Z 14 -42.62 -10.83 -26.11
N PHE Z 15 -41.81 -10.16 -25.28
CA PHE Z 15 -42.22 -9.94 -23.88
C PHE Z 15 -43.53 -9.19 -23.77
N VAL Z 16 -43.77 -8.18 -24.59
CA VAL Z 16 -45.07 -7.49 -24.50
C VAL Z 16 -46.27 -8.44 -24.80
N LEU Z 17 -46.08 -9.41 -25.69
CA LEU Z 17 -47.17 -10.34 -25.96
C LEU Z 17 -47.39 -11.28 -24.79
N LEU Z 18 -46.30 -11.76 -24.19
CA LEU Z 18 -46.41 -12.58 -22.97
C LEU Z 18 -47.28 -11.85 -21.97
N PHE Z 19 -46.97 -10.57 -21.75
CA PHE Z 19 -47.69 -9.75 -20.82
C PHE Z 19 -49.19 -9.61 -21.18
N VAL Z 20 -49.48 -9.26 -22.42
CA VAL Z 20 -50.87 -9.01 -22.77
C VAL Z 20 -51.63 -10.31 -22.65
N PHE Z 21 -51.15 -11.35 -23.33
CA PHE Z 21 -51.83 -12.63 -23.35
C PHE Z 21 -51.91 -13.20 -21.96
N GLY Z 22 -50.81 -13.09 -21.22
CA GLY Z 22 -50.75 -13.48 -19.81
C GLY Z 22 -51.89 -12.91 -18.96
N PHE Z 23 -52.12 -11.60 -19.03
CA PHE Z 23 -53.18 -10.99 -18.22
C PHE Z 23 -54.59 -11.29 -18.79
N LEU Z 24 -54.65 -11.77 -20.04
CA LEU Z 24 -55.93 -12.16 -20.62
C LEU Z 24 -56.27 -13.61 -20.23
N SER Z 25 -55.27 -14.35 -19.76
CA SER Z 25 -55.48 -15.74 -19.47
C SER Z 25 -56.13 -16.01 -18.10
N GLY Z 26 -57.33 -15.44 -17.92
CA GLY Z 26 -58.16 -15.66 -16.73
C GLY Z 26 -57.52 -15.17 -15.44
N ASP Z 27 -56.93 -13.99 -15.48
CA ASP Z 27 -56.14 -13.52 -14.34
C ASP Z 27 -56.97 -13.30 -13.08
N PRO Z 28 -58.18 -12.73 -13.21
CA PRO Z 28 -58.99 -12.52 -11.98
C PRO Z 28 -59.20 -13.79 -11.16
N ALA Z 29 -59.18 -14.96 -11.81
CA ALA Z 29 -59.38 -16.25 -11.18
C ALA Z 29 -58.14 -16.76 -10.43
N ARG Z 30 -56.99 -16.16 -10.71
CA ARG Z 30 -55.74 -16.60 -10.07
C ARG Z 30 -55.52 -15.90 -8.72
N ASN Z 31 -56.36 -16.25 -7.75
CA ASN Z 31 -56.28 -15.80 -6.37
C ASN Z 31 -56.65 -17.01 -5.48
N PRO Z 32 -56.44 -16.92 -4.15
CA PRO Z 32 -56.66 -18.12 -3.33
C PRO Z 32 -58.07 -18.26 -2.68
N LYS Z 33 -59.00 -17.35 -3.00
CA LYS Z 33 -60.40 -17.42 -2.55
C LYS Z 33 -61.38 -17.53 -3.76
N ARG Z 34 -62.37 -16.65 -3.85
CA ARG Z 34 -63.37 -16.74 -4.94
C ARG Z 34 -62.73 -16.78 -6.34
N LYS Z 35 -62.68 -17.99 -6.91
CA LYS Z 35 -62.10 -18.23 -8.24
C LYS Z 35 -63.18 -18.31 -9.33
N ASP Z 36 -63.97 -17.25 -9.41
CA ASP Z 36 -65.09 -17.13 -10.34
C ASP Z 36 -64.80 -17.73 -11.71
N MET AA 1 -76.09 31.19 32.60
CA MET AA 1 -74.77 30.62 32.19
C MET AA 1 -74.34 29.45 33.08
N MET AA 2 -74.75 28.25 32.69
CA MET AA 2 -74.36 27.01 33.35
C MET AA 2 -72.99 26.51 32.82
N SER AA 3 -72.26 25.82 33.69
CA SER AA 3 -71.06 25.05 33.30
C SER AA 3 -71.46 23.74 32.62
N GLU AA 4 -72.74 23.60 32.27
CA GLU AA 4 -73.25 22.40 31.61
C GLU AA 4 -72.78 22.33 30.15
N GLY AA 5 -72.10 21.22 29.82
CA GLY AA 5 -71.59 20.98 28.47
C GLY AA 5 -72.65 20.44 27.54
N GLY AA 6 -72.42 20.56 26.24
CA GLY AA 6 -73.37 20.09 25.22
C GLY AA 6 -74.45 21.10 24.86
N ARG AA 7 -74.57 22.17 25.65
CA ARG AA 7 -75.58 23.23 25.48
C ARG AA 7 -75.38 24.04 24.18
N ILE AA 8 -74.14 24.28 23.78
CA ILE AA 8 -73.81 24.98 22.55
C ILE AA 8 -73.15 23.95 21.64
N PRO AA 9 -73.92 23.38 20.69
CA PRO AA 9 -73.52 22.16 19.96
C PRO AA 9 -72.10 22.21 19.37
N LEU AA 10 -71.41 21.06 19.38
CA LEU AA 10 -70.01 21.04 18.97
C LEU AA 10 -69.82 21.42 17.50
N TRP AA 11 -70.79 21.12 16.66
CA TRP AA 11 -70.58 21.35 15.24
C TRP AA 11 -70.60 22.81 14.90
N ILE AA 12 -71.34 23.58 15.69
CA ILE AA 12 -71.37 25.04 15.54
C ILE AA 12 -70.09 25.70 16.10
N VAL AA 13 -69.66 25.31 17.31
CA VAL AA 13 -68.39 25.77 17.87
C VAL AA 13 -67.29 25.60 16.80
N ALA AA 14 -67.22 24.39 16.22
CA ALA AA 14 -66.22 24.04 15.21
C ALA AA 14 -66.32 24.85 13.89
N THR AA 15 -67.53 25.08 13.41
CA THR AA 15 -67.76 25.84 12.20
C THR AA 15 -67.33 27.30 12.39
N VAL AA 16 -67.78 27.87 13.50
CA VAL AA 16 -67.47 29.25 13.81
C VAL AA 16 -65.96 29.45 13.94
N ALA AA 17 -65.34 28.60 14.78
CA ALA AA 17 -63.91 28.65 15.04
C ALA AA 17 -63.20 28.47 13.70
N GLY AA 18 -63.63 27.45 12.96
CA GLY AA 18 -63.11 27.20 11.63
C GLY AA 18 -63.11 28.42 10.76
N MET AA 19 -64.27 29.06 10.67
CA MET AA 19 -64.42 30.31 9.90
C MET AA 19 -63.54 31.46 10.41
N GLY AA 20 -63.38 31.58 11.72
CA GLY AA 20 -62.51 32.64 12.29
C GLY AA 20 -61.07 32.46 11.81
N VAL AA 21 -60.60 31.22 11.83
CA VAL AA 21 -59.27 30.87 11.37
C VAL AA 21 -59.13 31.29 9.89
N ILE AA 22 -60.07 30.86 9.04
CA ILE AA 22 -60.09 31.24 7.63
C ILE AA 22 -59.97 32.76 7.52
N VAL AA 23 -60.75 33.48 8.30
CA VAL AA 23 -60.73 34.93 8.20
C VAL AA 23 -59.39 35.53 8.60
N ILE AA 24 -58.81 35.07 9.70
CA ILE AA 24 -57.54 35.66 10.15
C ILE AA 24 -56.40 35.31 9.19
N VAL AA 25 -56.43 34.09 8.63
CA VAL AA 25 -55.40 33.69 7.69
C VAL AA 25 -55.64 34.44 6.39
N GLY AA 26 -56.91 34.64 6.04
CA GLY AA 26 -57.25 35.43 4.86
C GLY AA 26 -56.64 36.81 4.95
N LEU AA 27 -56.78 37.44 6.11
CA LEU AA 27 -56.25 38.76 6.32
C LEU AA 27 -54.73 38.75 6.10
N PHE AA 28 -54.07 37.70 6.60
CA PHE AA 28 -52.60 37.59 6.50
C PHE AA 28 -52.21 37.49 5.03
N PHE AA 29 -52.96 36.72 4.26
CA PHE AA 29 -52.65 36.70 2.85
C PHE AA 29 -52.91 38.03 2.17
N TYR AA 30 -54.00 38.70 2.52
CA TYR AA 30 -54.22 40.05 2.01
C TYR AA 30 -52.99 40.96 2.27
N GLY AA 31 -52.46 40.91 3.49
CA GLY AA 31 -51.33 41.77 3.88
C GLY AA 31 -50.00 41.45 3.19
N ALA AA 32 -49.93 40.30 2.55
CA ALA AA 32 -48.77 39.95 1.76
C ALA AA 32 -48.79 40.79 0.51
N TYR AA 33 -49.96 41.35 0.15
CA TYR AA 33 -50.05 42.15 -1.10
C TYR AA 33 -50.22 43.65 -0.91
N ALA AA 34 -50.16 44.11 0.33
CA ALA AA 34 -50.48 45.48 0.64
C ALA AA 34 -49.60 45.91 1.76
N GLY AA 35 -49.11 47.15 1.68
CA GLY AA 35 -48.31 47.69 2.75
C GLY AA 35 -46.99 46.92 2.83
N LEU AA 36 -46.42 46.88 4.04
CA LEU AA 36 -45.17 46.22 4.30
C LEU AA 36 -45.15 44.79 3.75
N GLY AA 37 -44.05 44.42 3.07
CA GLY AA 37 -43.84 43.03 2.57
C GLY AA 37 -44.43 42.82 1.19
N SER AA 38 -45.08 43.85 0.68
CA SER AA 38 -45.83 43.70 -0.57
C SER AA 38 -44.92 43.87 -1.75
N SER AA 39 -43.74 44.39 -1.47
CA SER AA 39 -42.69 44.74 -2.45
C SER AA 39 -42.96 46.05 -3.21
N LEU AA 40 -44.04 46.72 -2.84
CA LEU AA 40 -44.49 47.93 -3.57
C LEU AA 40 -44.12 49.25 -2.90
N LYS BA 1 -63.52 44.08 -18.78
CA LYS BA 1 -64.60 44.57 -17.88
C LYS BA 1 -65.91 43.94 -18.33
N LEU BA 2 -66.86 43.87 -17.41
CA LEU BA 2 -68.23 43.48 -17.77
C LEU BA 2 -68.86 44.70 -18.41
N PRO BA 3 -69.76 44.48 -19.42
CA PRO BA 3 -70.61 45.51 -20.05
C PRO BA 3 -71.15 46.46 -18.97
N GLU BA 4 -71.12 47.77 -19.24
CA GLU BA 4 -71.36 48.80 -18.22
C GLU BA 4 -72.65 48.60 -17.43
N ALA BA 5 -73.68 48.04 -18.07
CA ALA BA 5 -74.97 47.88 -17.42
C ALA BA 5 -74.94 46.89 -16.26
N TYR BA 6 -73.94 46.01 -16.27
CA TYR BA 6 -73.77 44.97 -15.24
C TYR BA 6 -72.75 45.35 -14.13
N ALA BA 7 -72.05 46.47 -14.34
CA ALA BA 7 -70.98 46.96 -13.45
C ALA BA 7 -71.30 46.85 -11.96
N ILE BA 8 -72.52 47.21 -11.57
CA ILE BA 8 -72.90 47.29 -10.16
C ILE BA 8 -72.69 45.95 -9.48
N PHE BA 9 -72.72 44.88 -10.30
CA PHE BA 9 -72.63 43.50 -9.81
C PHE BA 9 -71.20 42.96 -9.81
N ASP BA 10 -70.26 43.83 -10.14
CA ASP BA 10 -68.85 43.50 -10.30
C ASP BA 10 -68.33 42.81 -9.03
N PRO BA 11 -68.62 43.41 -7.85
CA PRO BA 11 -68.11 42.83 -6.60
C PRO BA 11 -68.70 41.47 -6.33
N LEU BA 12 -69.81 41.13 -6.97
CA LEU BA 12 -70.42 39.82 -6.72
C LEU BA 12 -69.74 38.79 -7.62
N VAL BA 13 -69.51 39.17 -8.88
CA VAL BA 13 -68.77 38.33 -9.80
C VAL BA 13 -67.39 37.95 -9.20
N ASP BA 14 -66.76 38.94 -8.56
CA ASP BA 14 -65.49 38.74 -7.87
C ASP BA 14 -65.48 37.60 -6.86
N VAL BA 15 -66.62 37.33 -6.21
CA VAL BA 15 -66.62 36.38 -5.10
C VAL BA 15 -67.15 35.02 -5.49
N LEU BA 16 -67.83 34.94 -6.63
CA LEU BA 16 -68.53 33.72 -7.03
C LEU BA 16 -67.64 32.48 -7.24
N PRO BA 17 -66.43 32.67 -7.79
CA PRO BA 17 -65.61 31.52 -8.19
C PRO BA 17 -65.27 30.59 -7.01
N VAL BA 18 -65.19 31.17 -5.83
CA VAL BA 18 -64.90 30.51 -4.59
C VAL BA 18 -65.97 29.48 -4.13
N ILE BA 19 -67.21 29.63 -4.61
CA ILE BA 19 -68.34 28.84 -4.14
C ILE BA 19 -68.10 27.31 -4.08
N PRO BA 20 -67.61 26.69 -5.18
CA PRO BA 20 -67.31 25.25 -5.12
C PRO BA 20 -66.41 24.79 -3.96
N VAL BA 21 -65.47 25.62 -3.53
CA VAL BA 21 -64.67 25.31 -2.35
C VAL BA 21 -65.56 25.28 -1.10
N LEU BA 22 -66.53 26.20 -1.04
CA LEU BA 22 -67.52 26.18 0.05
C LEU BA 22 -68.35 24.89 0.15
N PHE BA 23 -68.57 24.21 -0.99
CA PHE BA 23 -69.27 22.93 -1.05
C PHE BA 23 -68.51 21.80 -0.38
N LEU BA 24 -67.20 21.74 -0.63
CA LEU BA 24 -66.36 20.80 0.09
C LEU BA 24 -66.40 21.15 1.58
N ALA BA 25 -66.24 22.43 1.92
CA ALA BA 25 -66.25 22.79 3.32
C ALA BA 25 -67.61 22.46 3.98
N LEU BA 26 -68.70 22.57 3.18
CA LEU BA 26 -70.06 22.30 3.64
C LEU BA 26 -70.27 20.85 4.05
N ALA BA 27 -69.66 19.93 3.29
CA ALA BA 27 -69.75 18.51 3.57
C ALA BA 27 -69.24 18.23 4.99
N PHE BA 28 -68.26 19.01 5.44
CA PHE BA 28 -67.72 18.87 6.78
C PHE BA 28 -68.60 19.45 7.87
N VAL BA 29 -69.29 20.57 7.58
CA VAL BA 29 -70.25 21.16 8.55
C VAL BA 29 -71.42 20.15 8.83
N TRP BA 30 -71.97 19.66 7.73
CA TRP BA 30 -73.00 18.63 7.68
C TRP BA 30 -72.58 17.38 8.40
N GLN BA 31 -71.38 16.88 8.11
CA GLN BA 31 -70.90 15.71 8.82
C GLN BA 31 -70.75 15.95 10.34
N ALA BA 32 -70.29 17.14 10.71
CA ALA BA 32 -70.19 17.52 12.13
C ALA BA 32 -71.58 17.51 12.77
N ALA BA 33 -72.60 17.85 11.98
CA ALA BA 33 -73.92 18.03 12.52
C ALA BA 33 -74.53 16.66 12.86
N VAL BA 34 -74.30 15.67 11.97
CA VAL BA 34 -74.73 14.28 12.17
C VAL BA 34 -73.67 13.40 12.86
N GLY BA 35 -72.81 14.01 13.67
CA GLY BA 35 -71.79 13.30 14.48
C GLY BA 35 -70.74 12.42 13.79
N PHE BA 36 -70.52 12.64 12.48
CA PHE BA 36 -69.58 11.85 11.66
C PHE BA 36 -69.97 10.36 11.69
N ARG BA 37 -71.28 10.12 11.72
CA ARG BA 37 -71.84 8.79 12.07
C ARG BA 37 -71.44 7.66 11.11
N PRO CA 1 -11.44 -23.31 36.98
CA PRO CA 1 -12.72 -23.27 36.28
C PRO CA 1 -13.53 -21.98 36.59
N ASN CA 2 -13.39 -20.96 35.75
CA ASN CA 2 -14.12 -19.69 35.92
C ASN CA 2 -15.63 -19.73 35.54
N PRO CA 3 -16.53 -19.40 36.50
CA PRO CA 3 -17.99 -19.55 36.34
C PRO CA 3 -18.68 -18.42 35.54
N ASN CA 4 -17.92 -17.40 35.16
CA ASN CA 4 -18.48 -16.19 34.56
C ASN CA 4 -18.43 -16.25 33.03
N ARG CA 5 -17.65 -17.20 32.53
CA ARG CA 5 -17.45 -17.39 31.09
C ARG CA 5 -18.71 -17.76 30.35
N GLN CA 6 -18.83 -17.24 29.13
CA GLN CA 6 -19.90 -17.57 28.21
C GLN CA 6 -19.38 -17.47 26.78
N PRO CA 7 -19.88 -18.34 25.87
CA PRO CA 7 -19.44 -18.17 24.47
C PRO CA 7 -20.14 -16.98 23.76
N VAL CA 8 -19.41 -16.31 22.86
CA VAL CA 8 -20.06 -15.46 21.84
C VAL CA 8 -20.98 -16.31 20.95
N GLU CA 9 -22.08 -15.71 20.50
CA GLU CA 9 -22.87 -16.30 19.41
C GLU CA 9 -22.90 -15.33 18.24
N LEU CA 10 -22.97 -15.89 17.02
CA LEU CA 10 -23.29 -15.09 15.83
C LEU CA 10 -24.13 -15.94 14.88
N ASN CA 11 -25.43 -15.64 14.79
CA ASN CA 11 -26.29 -16.35 13.83
C ASN CA 11 -26.01 -15.89 12.37
N ARG CA 12 -26.54 -16.61 11.38
CA ARG CA 12 -26.22 -16.35 10.01
C ARG CA 12 -26.68 -14.95 9.49
N THR CA 13 -27.89 -14.54 9.90
CA THR CA 13 -28.46 -13.28 9.50
C THR CA 13 -27.60 -12.15 10.01
N SER CA 14 -27.07 -12.32 11.24
CA SER CA 14 -26.09 -11.43 11.85
C SER CA 14 -24.76 -11.32 11.15
N LEU CA 15 -24.26 -12.43 10.62
CA LEU CA 15 -23.10 -12.43 9.75
C LEU CA 15 -23.39 -11.61 8.48
N TYR CA 16 -24.49 -11.89 7.80
CA TYR CA 16 -24.82 -11.15 6.58
C TYR CA 16 -24.97 -9.66 6.92
N LEU CA 17 -25.50 -9.37 8.11
CA LEU CA 17 -25.77 -7.97 8.43
C LEU CA 17 -24.47 -7.27 8.68
N GLY CA 18 -23.55 -7.97 9.33
CA GLY CA 18 -22.25 -7.43 9.74
C GLY CA 18 -21.34 -7.30 8.54
N LEU CA 19 -21.38 -8.26 7.65
CA LEU CA 19 -20.66 -8.14 6.42
C LEU CA 19 -21.20 -7.00 5.55
N LEU CA 20 -22.52 -6.85 5.54
CA LEU CA 20 -23.14 -5.75 4.83
C LEU CA 20 -22.59 -4.40 5.33
N LEU CA 21 -22.59 -4.19 6.65
CA LEU CA 21 -22.17 -2.92 7.26
C LEU CA 21 -20.71 -2.59 6.99
N ILE CA 22 -19.83 -3.55 7.27
CA ILE CA 22 -18.42 -3.40 7.01
C ILE CA 22 -18.12 -3.11 5.54
N LEU CA 23 -18.72 -3.89 4.63
CA LEU CA 23 -18.45 -3.72 3.17
C LEU CA 23 -19.00 -2.39 2.65
N VAL CA 24 -20.17 -1.95 3.16
CA VAL CA 24 -20.79 -0.65 2.79
C VAL CA 24 -19.95 0.52 3.32
N LEU CA 25 -19.49 0.45 4.56
CA LEU CA 25 -18.56 1.42 5.07
C LEU CA 25 -17.27 1.45 4.21
N ALA CA 26 -16.70 0.31 3.87
CA ALA CA 26 -15.50 0.31 3.03
C ALA CA 26 -15.81 0.99 1.69
N LEU CA 27 -17.00 0.73 1.17
CA LEU CA 27 -17.37 1.21 -0.13
C LEU CA 27 -17.55 2.73 -0.07
N LEU CA 28 -18.08 3.20 1.04
CA LEU CA 28 -18.32 4.62 1.26
C LEU CA 28 -17.04 5.36 1.62
N PHE CA 29 -16.25 4.81 2.51
CA PHE CA 29 -15.05 5.51 2.90
C PHE CA 29 -13.87 5.33 2.01
N SER CA 30 -13.84 4.29 1.16
CA SER CA 30 -12.66 4.07 0.31
C SER CA 30 -12.23 5.32 -0.51
N SER CA 31 -13.16 6.10 -1.04
CA SER CA 31 -12.74 7.28 -1.88
C SER CA 31 -11.93 8.32 -1.14
N TYR CA 32 -12.34 8.54 0.09
CA TYR CA 32 -11.77 9.51 1.01
C TYR CA 32 -10.40 9.09 1.48
N PHE CA 33 -10.17 7.79 1.66
CA PHE CA 33 -8.82 7.36 2.02
C PHE CA 33 -7.85 7.38 0.84
N PHE CA 34 -8.30 7.02 -0.35
CA PHE CA 34 -7.50 7.22 -1.56
C PHE CA 34 -7.33 8.69 -1.85
N ASN CA 35 -8.41 9.46 -1.72
CA ASN CA 35 -8.31 10.92 -1.78
C ASN CA 35 -7.70 11.37 -3.11
N THR DA 1 -37.37 21.84 -55.01
CA THR DA 1 -37.94 20.47 -55.12
C THR DA 1 -38.44 19.95 -53.75
N LEU DA 2 -37.60 20.02 -52.71
CA LEU DA 2 -37.93 19.50 -51.36
C LEU DA 2 -38.05 20.58 -50.30
N THR DA 3 -39.00 20.41 -49.38
CA THR DA 3 -39.25 21.38 -48.35
C THR DA 3 -38.54 20.99 -47.04
N TYR DA 4 -38.43 21.89 -46.07
CA TYR DA 4 -37.96 21.49 -44.73
C TYR DA 4 -38.52 20.17 -44.19
N ASP DA 5 -39.85 20.02 -44.24
CA ASP DA 5 -40.48 18.83 -43.66
C ASP DA 5 -40.19 17.55 -44.42
N ASP DA 6 -39.83 17.65 -45.71
CA ASP DA 6 -39.33 16.49 -46.45
C ASP DA 6 -37.97 16.06 -45.90
N ILE DA 7 -37.20 17.04 -45.42
CA ILE DA 7 -35.79 16.84 -45.12
C ILE DA 7 -35.49 16.57 -43.61
N VAL DA 8 -36.23 17.26 -42.74
CA VAL DA 8 -35.93 17.28 -41.29
C VAL DA 8 -35.65 15.86 -40.72
N GLY DA 9 -34.46 15.68 -40.14
CA GLY DA 9 -34.13 14.45 -39.46
C GLY DA 9 -33.56 13.39 -40.37
N THR DA 10 -33.47 13.65 -41.67
CA THR DA 10 -33.06 12.57 -42.61
C THR DA 10 -31.58 12.49 -42.71
N GLY DA 11 -30.89 13.57 -42.34
CA GLY DA 11 -29.45 13.61 -42.61
C GLY DA 11 -29.07 14.38 -43.88
N LEU DA 12 -30.07 14.68 -44.73
CA LEU DA 12 -29.86 15.42 -45.99
C LEU DA 12 -29.39 16.89 -45.80
N ALA DA 13 -29.84 17.54 -44.75
CA ALA DA 13 -29.40 18.90 -44.40
C ALA DA 13 -27.87 19.03 -44.16
N ASN DA 14 -27.16 17.93 -43.91
CA ASN DA 14 -25.70 18.01 -43.82
C ASN DA 14 -25.01 17.66 -45.15
N LYS DA 15 -25.78 17.50 -46.22
CA LYS DA 15 -25.23 17.13 -47.53
C LYS DA 15 -25.22 18.29 -48.53
N CYS DA 16 -24.10 18.49 -49.25
CA CYS DA 16 -24.07 19.55 -50.24
C CYS DA 16 -24.92 19.19 -51.50
N PRO DA 17 -25.48 20.22 -52.15
CA PRO DA 17 -26.18 19.95 -53.41
C PRO DA 17 -25.18 19.33 -54.40
N THR DA 18 -25.69 18.45 -55.25
CA THR DA 18 -24.90 17.76 -56.27
C THR DA 18 -25.37 18.25 -57.65
N LEU DA 19 -24.56 17.99 -58.68
CA LEU DA 19 -24.90 18.26 -60.08
C LEU DA 19 -25.01 16.95 -60.78
N ASP DA 20 -25.70 16.92 -61.92
CA ASP DA 20 -25.93 15.71 -62.68
C ASP DA 20 -24.69 15.21 -63.43
N ASP DA 21 -24.62 13.89 -63.69
CA ASP DA 21 -23.49 13.27 -64.42
C ASP DA 21 -23.21 13.93 -65.78
N THR DA 22 -24.20 14.67 -66.27
CA THR DA 22 -24.16 15.26 -67.59
C THR DA 22 -23.62 16.70 -67.59
N ALA DA 23 -23.36 17.23 -66.39
CA ALA DA 23 -22.90 18.60 -66.28
C ALA DA 23 -21.38 18.60 -66.40
N ARG DA 24 -20.93 18.50 -67.65
CA ARG DA 24 -19.53 18.33 -67.97
C ARG DA 24 -19.04 19.43 -68.91
N GLY DA 25 -19.75 20.56 -68.85
CA GLY DA 25 -19.52 21.68 -69.74
C GLY DA 25 -18.63 22.79 -69.22
N ALA DA 26 -18.98 24.03 -69.57
CA ALA DA 26 -18.07 25.16 -69.43
C ALA DA 26 -18.83 26.40 -69.12
N TYR DA 27 -18.37 27.14 -68.12
CA TYR DA 27 -19.01 28.38 -67.75
C TYR DA 27 -18.14 29.54 -68.21
N PRO DA 28 -18.67 30.36 -69.13
CA PRO DA 28 -17.90 31.42 -69.73
C PRO DA 28 -17.52 32.49 -68.72
N ILE DA 29 -16.26 32.94 -68.78
CA ILE DA 29 -15.85 34.07 -67.96
C ILE DA 29 -15.62 35.31 -68.83
N ASP DA 30 -16.28 36.41 -68.46
CA ASP DA 30 -16.12 37.68 -69.14
C ASP DA 30 -15.26 38.63 -68.31
N SER DA 31 -14.00 38.80 -68.74
CA SER DA 31 -13.04 39.60 -68.00
C SER DA 31 -13.49 41.04 -67.75
N SER DA 32 -14.44 41.53 -68.55
CA SER DA 32 -14.97 42.90 -68.37
C SER DA 32 -15.80 42.98 -67.10
N GLN DA 33 -16.54 41.91 -66.83
CA GLN DA 33 -17.47 41.82 -65.68
C GLN DA 33 -16.84 41.44 -64.32
N THR DA 34 -17.63 41.58 -63.26
CA THR DA 34 -17.25 41.12 -61.93
C THR DA 34 -18.17 39.97 -61.45
N TYR DA 35 -17.59 39.05 -60.68
CA TYR DA 35 -18.31 37.87 -60.18
C TYR DA 35 -18.32 37.68 -58.65
N ARG DA 36 -19.22 36.80 -58.22
CA ARG DA 36 -19.38 36.38 -56.83
C ARG DA 36 -19.62 34.90 -56.81
N ILE DA 37 -19.09 34.23 -55.78
CA ILE DA 37 -19.66 32.98 -55.36
C ILE DA 37 -20.80 33.35 -54.41
N ALA DA 38 -22.02 32.99 -54.83
CA ALA DA 38 -23.25 33.24 -54.08
C ALA DA 38 -23.39 32.23 -52.97
N ARG DA 39 -22.99 30.99 -53.27
CA ARG DA 39 -23.01 29.94 -52.29
C ARG DA 39 -21.91 28.91 -52.60
N LEU DA 40 -21.05 28.69 -51.59
CA LEU DA 40 -20.17 27.52 -51.53
C LEU DA 40 -20.52 26.63 -50.34
N CYS DA 41 -20.43 25.32 -50.57
CA CYS DA 41 -20.79 24.29 -49.60
C CYS DA 41 -19.70 23.25 -49.60
N LEU DA 42 -19.26 22.83 -48.40
CA LEU DA 42 -18.26 21.75 -48.31
C LEU DA 42 -18.69 20.70 -47.31
N GLN DA 43 -18.71 19.46 -47.78
CA GLN DA 43 -19.21 18.38 -47.00
C GLN DA 43 -18.14 17.31 -46.95
N PRO DA 44 -17.55 17.12 -45.76
CA PRO DA 44 -16.49 16.16 -45.48
C PRO DA 44 -16.97 14.72 -45.56
N THR DA 45 -16.19 13.87 -46.19
CA THR DA 45 -16.57 12.47 -46.20
C THR DA 45 -15.52 11.66 -45.42
N THR DA 46 -14.33 12.22 -45.24
CA THR DA 46 -13.29 11.49 -44.59
C THR DA 46 -12.48 12.49 -43.77
N PHE DA 47 -12.34 12.17 -42.49
CA PHE DA 47 -11.32 12.81 -41.66
C PHE DA 47 -10.17 11.85 -41.43
N LEU DA 48 -8.96 12.35 -41.67
CA LEU DA 48 -7.75 11.57 -41.43
C LEU DA 48 -6.83 12.40 -40.55
N VAL DA 49 -6.16 11.74 -39.63
CA VAL DA 49 -5.26 12.38 -38.70
C VAL DA 49 -3.86 11.79 -38.85
N LYS DA 50 -2.85 12.67 -38.90
CA LYS DA 50 -1.49 12.18 -39.09
C LYS DA 50 -0.97 11.62 -37.78
N GLU DA 51 -0.50 10.39 -37.86
CA GLU DA 51 0.03 9.66 -36.69
C GLU DA 51 1.28 10.36 -36.19
N GLU DA 52 1.53 10.26 -34.89
CA GLU DA 52 2.72 10.86 -34.27
C GLU DA 52 3.68 9.77 -33.75
N PRO DA 53 4.60 9.27 -34.60
CA PRO DA 53 5.51 8.18 -34.22
C PRO DA 53 6.57 8.60 -33.21
N LYS DA 54 7.14 7.64 -32.48
CA LYS DA 54 8.13 7.97 -31.46
C LYS DA 54 9.51 8.38 -32.04
N ASN DA 55 9.93 7.77 -33.16
CA ASN DA 55 11.12 8.23 -33.93
C ASN DA 55 10.84 8.87 -35.30
N LYS DA 56 11.54 9.96 -35.61
CA LYS DA 56 11.39 10.67 -36.89
C LYS DA 56 11.89 9.89 -38.12
N ARG DA 57 12.33 8.64 -37.91
CA ARG DA 57 12.89 7.80 -38.99
C ARG DA 57 11.85 7.45 -40.04
N GLN DA 58 10.75 6.84 -39.60
CA GLN DA 58 9.65 6.50 -40.49
C GLN DA 58 8.87 7.76 -40.84
N GLU DA 59 8.35 7.82 -42.08
CA GLU DA 59 7.38 8.83 -42.47
C GLU DA 59 6.08 8.54 -41.75
N ALA DA 60 5.49 9.57 -41.16
CA ALA DA 60 4.19 9.45 -40.51
C ALA DA 60 3.11 9.36 -41.58
N GLU DA 61 1.98 8.75 -41.25
CA GLU DA 61 0.90 8.67 -42.23
C GLU DA 61 -0.42 9.11 -41.63
N PHE DA 62 -1.30 9.58 -42.49
CA PHE DA 62 -2.64 9.94 -42.08
C PHE DA 62 -3.44 8.67 -41.92
N VAL DA 63 -4.10 8.53 -40.78
CA VAL DA 63 -4.95 7.37 -40.52
C VAL DA 63 -6.45 7.74 -40.52
N PRO DA 64 -7.31 6.82 -41.00
CA PRO DA 64 -8.76 6.93 -40.87
C PRO DA 64 -9.17 7.12 -39.41
N THR DA 65 -10.25 7.86 -39.18
CA THR DA 65 -10.74 8.07 -37.85
C THR DA 65 -12.25 7.97 -37.88
N LYS DA 66 -12.87 7.91 -36.70
CA LYS DA 66 -14.30 7.76 -36.59
C LYS DA 66 -14.97 9.03 -36.09
N LEU DA 67 -15.98 9.49 -36.82
CA LEU DA 67 -16.70 10.69 -36.47
C LEU DA 67 -17.64 10.39 -35.29
N VAL DA 68 -17.65 11.26 -34.26
CA VAL DA 68 -18.49 10.99 -33.08
C VAL DA 68 -19.44 12.12 -32.76
N THR DA 69 -19.33 13.21 -33.50
CA THR DA 69 -20.24 14.33 -33.30
C THR DA 69 -21.34 14.39 -34.39
N ARG DA 70 -21.56 13.28 -35.12
CA ARG DA 70 -22.81 13.12 -35.96
C ARG DA 70 -22.82 14.06 -37.15
N GLU DA 71 -24.00 14.34 -37.72
CA GLU DA 71 -24.07 14.96 -39.06
C GLU DA 71 -24.08 16.49 -38.98
N THR DA 72 -22.98 17.06 -38.51
CA THR DA 72 -22.94 18.44 -38.09
C THR DA 72 -21.68 19.09 -38.70
N THR DA 73 -21.11 18.42 -39.68
CA THR DA 73 -19.76 18.71 -40.13
C THR DA 73 -19.62 19.69 -41.32
N SER DA 74 -20.70 19.93 -42.08
CA SER DA 74 -20.59 20.69 -43.33
C SER DA 74 -20.50 22.21 -43.22
N LEU DA 75 -19.72 22.78 -44.13
CA LEU DA 75 -19.62 24.23 -44.30
C LEU DA 75 -20.57 24.64 -45.43
N ASP DA 76 -21.24 25.76 -45.31
CA ASP DA 76 -22.21 26.15 -46.33
C ASP DA 76 -22.56 27.62 -46.19
N GLN DA 77 -23.31 28.12 -47.18
CA GLN DA 77 -23.71 29.52 -47.26
C GLN DA 77 -22.53 30.46 -47.29
N ILE DA 78 -21.41 29.94 -47.78
CA ILE DA 78 -20.18 30.74 -47.84
C ILE DA 78 -20.24 31.56 -49.14
N GLN DA 79 -19.96 32.86 -49.03
CA GLN DA 79 -19.99 33.71 -50.19
C GLN DA 79 -18.81 34.68 -50.20
N GLY DA 80 -18.54 35.25 -51.38
CA GLY DA 80 -17.56 36.31 -51.54
C GLY DA 80 -17.16 36.56 -52.99
N GLU DA 81 -16.35 37.61 -53.16
CA GLU DA 81 -15.89 38.06 -54.47
C GLU DA 81 -15.13 36.98 -55.25
N LEU DA 82 -15.49 36.80 -56.53
CA LEU DA 82 -14.75 35.94 -57.46
C LEU DA 82 -13.92 36.79 -58.46
N LYS DA 83 -12.82 37.36 -57.99
CA LYS DA 83 -11.94 38.22 -58.83
C LYS DA 83 -11.42 37.60 -60.15
N VAL DA 84 -11.28 38.43 -61.18
CA VAL DA 84 -10.52 38.01 -62.37
C VAL DA 84 -9.20 38.78 -62.43
N ASN DA 85 -8.12 38.03 -62.58
CA ASN DA 85 -6.79 38.59 -62.51
C ASN DA 85 -6.20 38.90 -63.88
N SER DA 86 -5.24 39.83 -63.90
CA SER DA 86 -4.52 40.19 -65.14
C SER DA 86 -4.25 38.94 -65.96
N ASP DA 87 -3.81 37.88 -65.29
CA ASP DA 87 -3.37 36.67 -66.00
C ASP DA 87 -4.53 35.74 -66.39
N GLY DA 88 -5.76 36.20 -66.17
CA GLY DA 88 -6.96 35.41 -66.40
C GLY DA 88 -7.22 34.28 -65.40
N SER DA 89 -6.41 34.19 -64.34
CA SER DA 89 -6.73 33.26 -63.21
C SER DA 89 -7.93 33.86 -62.46
N LEU DA 90 -8.64 33.05 -61.68
CA LEU DA 90 -9.66 33.61 -60.76
C LEU DA 90 -9.22 33.42 -59.33
N THR DA 91 -9.60 34.38 -58.49
CA THR DA 91 -9.33 34.27 -57.05
C THR DA 91 -10.64 34.42 -56.27
N PHE DA 92 -11.05 33.38 -55.55
CA PHE DA 92 -12.18 33.55 -54.62
C PHE DA 92 -11.64 34.15 -53.33
N VAL DA 93 -12.22 35.26 -52.87
CA VAL DA 93 -11.93 35.85 -51.55
C VAL DA 93 -13.21 35.67 -50.72
N GLU DA 94 -13.12 34.79 -49.72
CA GLU DA 94 -14.22 34.48 -48.80
C GLU DA 94 -14.56 35.68 -47.90
N GLU DA 95 -15.85 35.96 -47.76
CA GLU DA 95 -16.32 37.12 -47.03
C GLU DA 95 -17.18 36.73 -45.79
N ASP DA 96 -18.12 35.80 -45.98
CA ASP DA 96 -19.15 35.53 -44.98
C ASP DA 96 -19.63 34.12 -45.16
N GLY DA 97 -20.31 33.59 -44.14
CA GLY DA 97 -20.94 32.27 -44.26
C GLY DA 97 -20.72 31.36 -43.08
N ILE DA 98 -21.32 30.17 -43.15
CA ILE DA 98 -21.20 29.16 -42.14
C ILE DA 98 -19.93 28.41 -42.48
N ASP DA 99 -18.80 28.94 -42.05
CA ASP DA 99 -17.53 28.55 -42.67
C ASP DA 99 -16.58 27.78 -41.76
N PHE DA 100 -17.20 27.17 -40.76
CA PHE DA 100 -16.48 26.44 -39.73
C PHE DA 100 -17.50 25.50 -39.06
N GLN DA 101 -17.01 24.34 -38.60
CA GLN DA 101 -17.79 23.43 -37.78
C GLN DA 101 -16.79 22.80 -36.80
N PRO DA 102 -17.07 22.85 -35.49
CA PRO DA 102 -16.25 22.01 -34.59
C PRO DA 102 -16.59 20.57 -34.85
N VAL DA 103 -15.58 19.72 -34.82
CA VAL DA 103 -15.74 18.32 -35.13
C VAL DA 103 -14.88 17.51 -34.16
N THR DA 104 -15.43 16.43 -33.63
CA THR DA 104 -14.57 15.45 -32.98
C THR DA 104 -14.51 14.08 -33.65
N VAL DA 105 -13.29 13.63 -33.91
CA VAL DA 105 -13.08 12.27 -34.44
C VAL DA 105 -12.20 11.47 -33.45
N GLN DA 106 -12.27 10.14 -33.52
CA GLN DA 106 -11.54 9.24 -32.63
C GLN DA 106 -10.61 8.37 -33.42
N MET DA 107 -9.38 8.26 -32.95
CA MET DA 107 -8.39 7.38 -33.52
C MET DA 107 -8.73 5.96 -33.07
N ALA DA 108 -8.13 4.94 -33.67
CA ALA DA 108 -8.23 3.61 -33.11
C ALA DA 108 -7.60 3.68 -31.71
N GLY DA 109 -8.26 3.06 -30.71
CA GLY DA 109 -7.76 3.12 -29.32
C GLY DA 109 -8.47 4.16 -28.47
N GLY DA 110 -9.25 5.02 -29.13
CA GLY DA 110 -10.09 5.96 -28.38
C GLY DA 110 -9.67 7.42 -28.21
N GLU DA 111 -8.41 7.76 -28.50
CA GLU DA 111 -8.04 9.16 -28.41
C GLU DA 111 -8.90 10.06 -29.27
N ARG DA 112 -9.52 11.03 -28.65
CA ARG DA 112 -10.40 11.98 -29.32
C ARG DA 112 -9.64 13.20 -29.83
N ILE DA 113 -9.92 13.58 -31.08
CA ILE DA 113 -9.27 14.71 -31.70
C ILE DA 113 -10.30 15.74 -32.11
N PRO DA 114 -10.50 16.78 -31.30
CA PRO DA 114 -11.36 17.88 -31.70
C PRO DA 114 -10.63 18.74 -32.75
N LEU DA 115 -11.35 19.47 -33.57
CA LEU DA 115 -10.76 20.33 -34.59
C LEU DA 115 -11.82 21.32 -34.97
N LEU DA 116 -11.41 22.52 -35.33
CA LEU DA 116 -12.30 23.50 -35.98
C LEU DA 116 -12.17 23.33 -37.51
N PHE DA 117 -12.99 22.46 -38.09
CA PHE DA 117 -13.03 22.36 -39.54
C PHE DA 117 -13.54 23.67 -40.17
N THR DA 118 -12.69 24.27 -40.99
CA THR DA 118 -12.92 25.62 -41.43
C THR DA 118 -12.27 26.01 -42.76
N VAL DA 119 -12.79 27.11 -43.34
CA VAL DA 119 -12.14 27.82 -44.43
C VAL DA 119 -12.21 29.33 -44.19
N LYS DA 120 -12.18 29.74 -42.93
CA LYS DA 120 -12.31 31.14 -42.61
C LYS DA 120 -11.24 31.91 -43.35
N ASN DA 121 -11.66 33.00 -44.00
CA ASN DA 121 -10.77 33.89 -44.75
C ASN DA 121 -10.01 33.17 -45.86
N LEU DA 122 -10.64 32.14 -46.41
CA LEU DA 122 -10.14 31.50 -47.60
C LEU DA 122 -9.82 32.55 -48.71
N VAL DA 123 -8.65 32.39 -49.33
CA VAL DA 123 -8.30 33.02 -50.60
C VAL DA 123 -7.76 31.89 -51.46
N ALA DA 124 -8.49 31.60 -52.51
CA ALA DA 124 -8.15 30.45 -53.34
C ALA DA 124 -8.20 30.92 -54.78
N SER DA 125 -7.23 30.48 -55.58
CA SER DA 125 -7.11 30.93 -56.96
C SER DA 125 -6.95 29.76 -57.91
N THR DA 126 -7.36 29.98 -59.17
CA THR DA 126 -7.23 28.95 -60.18
C THR DA 126 -5.90 29.08 -60.90
N GLN DA 127 -5.67 28.19 -61.86
CA GLN DA 127 -4.61 28.39 -62.85
C GLN DA 127 -4.84 29.68 -63.67
N PRO DA 128 -3.81 30.16 -64.39
CA PRO DA 128 -4.15 31.28 -65.26
C PRO DA 128 -4.92 30.79 -66.50
N ASN DA 129 -5.48 31.75 -67.25
CA ASN DA 129 -6.13 31.48 -68.55
C ASN DA 129 -7.49 30.73 -68.47
N VAL DA 130 -8.27 31.06 -67.44
CA VAL DA 130 -9.59 30.45 -67.24
C VAL DA 130 -10.60 31.28 -68.01
N THR DA 131 -10.70 30.99 -69.32
CA THR DA 131 -11.64 31.71 -70.19
C THR DA 131 -13.03 31.21 -69.85
N SER DA 132 -13.09 29.92 -69.50
CA SER DA 132 -14.30 29.28 -69.01
C SER DA 132 -13.94 28.33 -67.89
N ILE DA 133 -14.72 28.38 -66.79
CA ILE DA 133 -14.62 27.38 -65.74
C ILE DA 133 -15.08 26.04 -66.30
N THR DA 134 -14.19 25.07 -66.33
CA THR DA 134 -14.53 23.74 -66.79
C THR DA 134 -14.08 22.72 -65.74
N THR DA 135 -14.21 21.42 -66.08
CA THR DA 135 -13.83 20.35 -65.20
C THR DA 135 -12.33 20.15 -65.15
N SER DA 136 -11.57 21.11 -65.68
CA SER DA 136 -10.12 21.08 -65.57
C SER DA 136 -9.66 22.20 -64.65
N THR DA 137 -10.61 23.04 -64.24
CA THR DA 137 -10.36 24.12 -63.29
C THR DA 137 -10.16 23.57 -61.90
N ASP DA 138 -9.21 24.16 -61.20
CA ASP DA 138 -8.84 23.77 -59.86
C ASP DA 138 -8.67 25.08 -59.15
N PHE DA 139 -9.04 25.08 -57.87
CA PHE DA 139 -8.72 26.19 -57.01
C PHE DA 139 -7.70 25.68 -56.00
N LYS DA 140 -6.94 26.59 -55.42
CA LYS DA 140 -5.90 26.19 -54.52
C LYS DA 140 -5.62 27.42 -53.66
N GLY DA 141 -5.73 27.25 -52.37
CA GLY DA 141 -5.75 28.41 -51.48
C GLY DA 141 -5.42 28.14 -50.04
N GLU DA 142 -5.47 29.20 -49.25
CA GLU DA 142 -5.07 29.11 -47.86
C GLU DA 142 -6.11 29.83 -47.05
N PHE DA 143 -6.28 29.41 -45.80
CA PHE DA 143 -7.32 29.95 -44.95
C PHE DA 143 -6.77 30.05 -43.55
N ASN DA 144 -7.45 30.79 -42.69
CA ASN DA 144 -7.06 30.85 -41.28
C ASN DA 144 -7.81 29.85 -40.38
N VAL DA 145 -7.10 29.35 -39.37
CA VAL DA 145 -7.63 28.41 -38.42
C VAL DA 145 -7.42 29.01 -37.05
N PRO DA 146 -8.45 29.70 -36.52
CA PRO DA 146 -8.38 30.26 -35.16
C PRO DA 146 -8.52 29.17 -34.11
N SER DA 147 -8.19 29.52 -32.87
CA SER DA 147 -8.36 28.62 -31.75
C SER DA 147 -9.76 28.01 -31.73
N TYR DA 148 -9.82 26.70 -31.47
CA TYR DA 148 -11.02 25.90 -31.39
C TYR DA 148 -12.01 26.43 -30.39
N ARG DA 149 -11.53 26.83 -29.21
CA ARG DA 149 -12.35 27.54 -28.24
C ARG DA 149 -11.98 29.00 -28.37
N THR DA 150 -12.94 29.90 -28.20
CA THR DA 150 -12.59 31.29 -28.32
C THR DA 150 -12.27 31.79 -26.92
N ALA DA 151 -12.00 33.08 -26.76
CA ALA DA 151 -11.23 33.57 -25.63
C ALA DA 151 -11.93 33.46 -24.27
N ASN DA 152 -13.25 33.40 -24.28
CA ASN DA 152 -14.06 33.29 -23.04
C ASN DA 152 -14.09 31.90 -22.44
N PHE DA 153 -13.71 30.90 -23.22
CA PHE DA 153 -13.84 29.49 -22.78
C PHE DA 153 -13.13 29.17 -21.47
N LEU DA 154 -13.85 28.68 -20.47
CA LEU DA 154 -13.22 28.33 -19.20
C LEU DA 154 -12.98 26.84 -19.07
N ASP DA 155 -11.77 26.44 -18.67
CA ASP DA 155 -11.51 25.05 -18.36
C ASP DA 155 -12.28 24.57 -17.07
N PRO DA 156 -12.23 23.26 -16.77
CA PRO DA 156 -13.07 22.70 -15.68
C PRO DA 156 -12.68 23.20 -14.27
N LYS DA 157 -11.54 23.89 -14.21
CA LYS DA 157 -11.14 24.47 -12.96
C LYS DA 157 -11.36 25.98 -13.02
N GLY DA 158 -12.11 26.43 -14.01
CA GLY DA 158 -12.47 27.84 -14.12
C GLY DA 158 -11.40 28.80 -14.68
N ARG DA 159 -10.36 28.27 -15.30
CA ARG DA 159 -9.23 29.10 -15.80
C ARG DA 159 -9.54 29.46 -17.24
N GLY DA 160 -9.31 30.72 -17.61
CA GLY DA 160 -9.38 31.10 -19.01
C GLY DA 160 -8.46 32.24 -19.44
N LEU DA 161 -8.65 32.66 -20.68
CA LEU DA 161 -7.86 33.76 -21.29
C LEU DA 161 -8.47 35.12 -21.00
N ALA DA 162 -9.64 35.37 -21.61
CA ALA DA 162 -10.36 36.64 -21.49
C ALA DA 162 -11.25 36.65 -20.25
N SER DA 163 -11.33 35.49 -19.62
CA SER DA 163 -12.10 35.38 -18.38
C SER DA 163 -11.54 34.27 -17.53
N GLY DA 164 -11.98 34.21 -16.27
CA GLY DA 164 -11.62 33.12 -15.38
C GLY DA 164 -10.39 33.37 -14.55
N TYR DA 165 -10.08 32.38 -13.70
CA TYR DA 165 -8.93 32.43 -12.82
C TYR DA 165 -7.69 32.31 -13.65
N ASP DA 166 -6.61 32.80 -13.06
CA ASP DA 166 -5.31 32.80 -13.69
C ASP DA 166 -4.39 31.82 -12.99
N SER DA 167 -4.93 30.95 -12.15
CA SER DA 167 -4.10 29.98 -11.45
C SER DA 167 -4.94 28.78 -11.04
N ALA DA 168 -4.27 27.75 -10.51
CA ALA DA 168 -4.93 26.53 -10.03
C ALA DA 168 -5.31 26.80 -8.61
N ILE DA 169 -6.51 27.35 -8.41
CA ILE DA 169 -6.94 27.83 -7.09
C ILE DA 169 -7.13 26.70 -6.09
N ALA DA 170 -7.22 25.45 -6.59
CA ALA DA 170 -7.36 24.32 -5.64
C ALA DA 170 -6.04 23.85 -5.03
N LEU DA 171 -4.91 24.44 -5.46
CA LEU DA 171 -3.58 24.06 -4.97
C LEU DA 171 -2.93 25.38 -4.50
N PRO DA 172 -3.48 26.00 -3.44
CA PRO DA 172 -3.12 27.43 -3.21
C PRO DA 172 -1.62 27.74 -3.00
N GLN DA 173 -0.88 26.82 -2.38
CA GLN DA 173 0.53 27.03 -2.09
C GLN DA 173 1.45 26.11 -2.94
N ALA DA 174 0.94 25.60 -4.06
CA ALA DA 174 1.82 24.87 -4.99
C ALA DA 174 2.72 25.81 -5.83
N LYS DA 175 3.79 25.27 -6.41
CA LYS DA 175 4.69 26.09 -7.24
C LYS DA 175 4.03 26.31 -8.59
N GLU DA 176 4.17 27.50 -9.15
CA GLU DA 176 3.45 27.92 -10.37
C GLU DA 176 4.09 27.47 -11.67
N GLU DA 177 5.42 27.38 -11.70
CA GLU DA 177 6.18 27.21 -12.94
C GLU DA 177 5.78 25.90 -13.61
N GLU DA 178 5.67 24.87 -12.80
CA GLU DA 178 5.22 23.56 -13.24
C GLU DA 178 3.84 23.60 -13.93
N LEU DA 179 2.99 24.55 -13.54
CA LEU DA 179 1.63 24.53 -14.04
C LEU DA 179 1.38 25.61 -15.06
N ALA DA 180 2.45 26.32 -15.44
CA ALA DA 180 2.32 27.48 -16.30
C ALA DA 180 1.62 27.15 -17.61
N ARG DA 181 1.91 26.02 -18.21
CA ARG DA 181 1.28 25.77 -19.54
C ARG DA 181 -0.23 25.52 -19.44
N ALA DA 182 -0.68 25.06 -18.28
CA ALA DA 182 -2.12 24.88 -18.08
C ALA DA 182 -2.79 26.12 -17.49
N ASN DA 183 -2.03 26.94 -16.75
CA ASN DA 183 -2.60 28.17 -16.21
C ASN DA 183 -2.71 29.32 -17.22
N VAL DA 184 -1.76 29.42 -18.14
CA VAL DA 184 -1.70 30.60 -18.98
C VAL DA 184 -2.28 30.18 -20.32
N LYS DA 185 -3.49 30.61 -20.60
CA LYS DA 185 -4.16 30.17 -21.81
C LYS DA 185 -3.64 30.94 -22.99
N ARG DA 186 -3.53 30.26 -24.12
CA ARG DA 186 -3.02 30.91 -25.30
C ARG DA 186 -3.96 30.65 -26.46
N PHE DA 187 -4.11 31.66 -27.30
CA PHE DA 187 -5.04 31.62 -28.41
C PHE DA 187 -4.27 31.43 -29.69
N SER DA 188 -4.37 30.22 -30.23
CA SER DA 188 -3.78 29.85 -31.52
C SER DA 188 -4.42 30.58 -32.71
N LEU DA 189 -3.60 30.80 -33.75
CA LEU DA 189 -4.06 31.16 -35.10
C LEU DA 189 -3.10 30.57 -36.13
N THR DA 190 -3.52 29.56 -36.89
CA THR DA 190 -2.60 28.93 -37.81
C THR DA 190 -3.21 29.02 -39.17
N LYS DA 191 -2.58 28.37 -40.16
CA LYS DA 191 -3.00 28.40 -41.56
C LYS DA 191 -3.30 27.03 -42.01
N GLY DA 192 -4.32 26.89 -42.85
CA GLY DA 192 -4.52 25.61 -43.51
C GLY DA 192 -4.49 25.82 -45.01
N GLN DA 193 -4.54 24.72 -45.76
CA GLN DA 193 -4.41 24.75 -47.21
C GLN DA 193 -5.52 23.89 -47.75
N ILE DA 194 -6.14 24.32 -48.86
CA ILE DA 194 -7.20 23.54 -49.50
C ILE DA 194 -7.09 23.52 -51.04
N SER DA 195 -7.38 22.37 -51.62
CA SER DA 195 -7.56 22.19 -53.04
C SER DA 195 -8.95 21.73 -53.37
N LEU DA 196 -9.54 22.40 -54.37
CA LEU DA 196 -10.85 22.08 -54.92
C LEU DA 196 -10.76 21.65 -56.39
N ASN DA 197 -10.98 20.37 -56.63
CA ASN DA 197 -10.98 19.79 -57.96
C ASN DA 197 -12.36 19.79 -58.59
N VAL DA 198 -12.56 20.63 -59.60
CA VAL DA 198 -13.87 20.69 -60.28
C VAL DA 198 -14.04 19.48 -61.19
N ALA DA 199 -15.11 18.72 -60.92
CA ALA DA 199 -15.42 17.49 -61.65
C ALA DA 199 -16.69 17.64 -62.47
N LYS DA 200 -17.52 18.60 -62.11
CA LYS DA 200 -18.76 18.85 -62.83
C LYS DA 200 -19.03 20.35 -62.94
N VAL DA 201 -19.54 20.74 -64.12
CA VAL DA 201 -19.92 22.14 -64.37
C VAL DA 201 -21.22 22.22 -65.16
N ASP DA 202 -22.12 23.10 -64.72
CA ASP DA 202 -23.27 23.46 -65.52
C ASP DA 202 -23.12 24.89 -65.99
N GLY DA 203 -22.59 25.05 -67.21
CA GLY DA 203 -22.33 26.35 -67.83
C GLY DA 203 -23.60 27.20 -67.96
N ARG DA 204 -24.73 26.54 -68.24
CA ARG DA 204 -26.02 27.24 -68.25
C ARG DA 204 -26.24 27.97 -66.93
N THR DA 205 -26.23 27.21 -65.82
CA THR DA 205 -26.64 27.70 -64.48
C THR DA 205 -25.53 28.29 -63.59
N GLY DA 206 -24.26 28.18 -63.98
CA GLY DA 206 -23.18 28.76 -63.17
C GLY DA 206 -22.88 27.98 -61.90
N GLU DA 207 -23.13 26.68 -61.93
CA GLU DA 207 -22.87 25.84 -60.78
C GLU DA 207 -21.77 24.88 -61.13
N ILE DA 208 -20.93 24.63 -60.13
CA ILE DA 208 -19.85 23.64 -60.21
C ILE DA 208 -19.82 22.73 -58.98
N ALA DA 209 -19.14 21.60 -59.07
CA ALA DA 209 -18.99 20.68 -57.96
C ALA DA 209 -17.84 19.78 -58.22
N GLY DA 210 -17.32 19.20 -57.16
CA GLY DA 210 -16.34 18.16 -57.26
C GLY DA 210 -15.90 17.78 -55.87
N THR DA 211 -14.60 17.47 -55.76
CA THR DA 211 -13.98 16.98 -54.55
C THR DA 211 -12.98 18.01 -53.99
N PHE DA 212 -12.73 17.94 -52.69
CA PHE DA 212 -11.75 18.79 -52.04
C PHE DA 212 -10.85 17.98 -51.13
N GLU DA 213 -9.73 18.59 -50.76
CA GLU DA 213 -8.85 18.03 -49.76
C GLU DA 213 -8.27 19.21 -49.02
N SER DA 214 -8.47 19.23 -47.71
CA SER DA 214 -8.00 20.34 -46.91
C SER DA 214 -7.00 19.80 -45.90
N GLU DA 215 -6.06 20.64 -45.48
CA GLU DA 215 -5.09 20.26 -44.48
C GLU DA 215 -5.00 21.35 -43.45
N GLN DA 216 -5.10 20.98 -42.16
CA GLN DA 216 -5.09 21.97 -41.07
C GLN DA 216 -4.75 21.32 -39.74
N LEU DA 217 -4.42 22.16 -38.77
CA LEU DA 217 -4.16 21.69 -37.44
C LEU DA 217 -5.46 21.47 -36.63
N SER DA 218 -5.44 20.49 -35.73
CA SER DA 218 -6.58 20.29 -34.79
C SER DA 218 -6.47 21.18 -33.55
N ASP DA 219 -7.37 20.98 -32.59
CA ASP DA 219 -7.44 21.81 -31.38
C ASP DA 219 -6.20 21.62 -30.51
N ASP DA 220 -5.79 22.69 -29.83
CA ASP DA 220 -4.61 22.63 -28.98
C ASP DA 220 -4.99 22.95 -27.54
N ASP DA 221 -6.30 23.03 -27.33
CA ASP DA 221 -6.90 23.27 -26.06
C ASP DA 221 -6.23 24.49 -25.40
N MET DA 222 -6.29 25.61 -26.13
CA MET DA 222 -5.73 26.87 -25.67
C MET DA 222 -4.28 26.82 -25.17
N GLY DA 223 -3.44 26.08 -25.90
CA GLY DA 223 -2.02 26.00 -25.56
C GLY DA 223 -1.59 24.86 -24.63
N ALA DA 224 -2.53 24.02 -24.18
CA ALA DA 224 -2.25 22.96 -23.17
C ALA DA 224 -1.46 21.81 -23.75
N HIS DA 225 -1.63 21.52 -25.05
CA HIS DA 225 -0.97 20.39 -25.68
C HIS DA 225 -0.73 20.66 -27.15
N GLU DA 226 0.09 19.86 -27.80
CA GLU DA 226 0.39 20.07 -29.21
C GLU DA 226 -0.79 19.63 -30.07
N PRO DA 227 -1.06 20.38 -31.13
CA PRO DA 227 -2.15 20.00 -32.00
C PRO DA 227 -1.69 18.88 -32.93
N HIS DA 228 -2.63 18.23 -33.62
CA HIS DA 228 -2.35 17.19 -34.61
C HIS DA 228 -2.64 17.68 -36.00
N GLU DA 229 -2.02 17.04 -36.97
CA GLU DA 229 -2.30 17.39 -38.36
C GLU DA 229 -3.50 16.62 -38.85
N VAL DA 230 -4.45 17.35 -39.36
CA VAL DA 230 -5.66 16.69 -39.83
C VAL DA 230 -5.76 16.91 -41.34
N LYS DA 231 -6.24 15.89 -42.06
CA LYS DA 231 -6.62 16.02 -43.47
C LYS DA 231 -8.07 15.70 -43.70
N ILE DA 232 -8.78 16.67 -44.28
CA ILE DA 232 -10.19 16.49 -44.59
C ILE DA 232 -10.42 16.34 -46.07
N GLN DA 233 -11.15 15.30 -46.44
CA GLN DA 233 -11.55 15.13 -47.82
C GLN DA 233 -13.06 15.06 -47.91
N GLY DA 234 -13.61 15.63 -48.97
CA GLY DA 234 -15.04 15.50 -49.24
C GLY DA 234 -15.46 16.05 -50.59
N VAL DA 235 -16.71 16.48 -50.65
CA VAL DA 235 -17.24 17.02 -51.89
C VAL DA 235 -17.62 18.48 -51.68
N PHE DA 236 -17.72 19.25 -52.77
CA PHE DA 236 -18.19 20.64 -52.66
C PHE DA 236 -19.14 20.96 -53.79
N TYR DA 237 -19.77 22.11 -53.67
CA TYR DA 237 -20.71 22.59 -54.62
C TYR DA 237 -20.57 24.09 -54.50
N ALA DA 238 -20.55 24.76 -55.66
CA ALA DA 238 -20.51 26.22 -55.70
C ALA DA 238 -21.41 26.82 -56.75
N SER DA 239 -22.03 27.95 -56.40
CA SER DA 239 -22.91 28.64 -57.32
C SER DA 239 -22.34 30.02 -57.63
N ILE DA 240 -21.98 30.23 -58.90
CA ILE DA 240 -21.35 31.50 -59.26
C ILE DA 240 -22.36 32.38 -59.97
N GLU DA 241 -22.26 33.68 -59.75
CA GLU DA 241 -23.19 34.65 -60.30
C GLU DA 241 -22.46 35.92 -60.70
N PRO DA 242 -22.82 36.51 -61.84
CA PRO DA 242 -22.43 37.89 -62.12
C PRO DA 242 -22.85 38.77 -60.96
N ALA DA 243 -21.95 39.58 -60.42
CA ALA DA 243 -22.32 40.41 -59.26
C ALA DA 243 -22.79 41.80 -59.67
N GLU EA 2 -6.97 1.54 -7.50
CA GLU EA 2 -8.17 2.17 -6.95
C GLU EA 2 -9.47 1.60 -7.57
N THR EA 3 -9.54 1.61 -8.91
CA THR EA 3 -10.67 1.05 -9.63
C THR EA 3 -10.89 -0.42 -9.21
N ILE EA 4 -9.82 -1.21 -9.21
CA ILE EA 4 -9.90 -2.61 -8.80
C ILE EA 4 -10.48 -2.71 -7.40
N THR EA 5 -10.01 -1.86 -6.50
CA THR EA 5 -10.53 -1.84 -5.15
C THR EA 5 -12.04 -1.53 -5.10
N TYR EA 6 -12.49 -0.47 -5.74
CA TYR EA 6 -13.91 -0.13 -5.73
C TYR EA 6 -14.73 -1.29 -6.34
N VAL EA 7 -14.25 -1.83 -7.46
CA VAL EA 7 -15.01 -2.86 -8.15
C VAL EA 7 -15.05 -4.16 -7.30
N PHE EA 8 -13.91 -4.53 -6.75
CA PHE EA 8 -13.84 -5.66 -5.82
C PHE EA 8 -14.84 -5.51 -4.66
N ILE EA 9 -14.86 -4.35 -4.00
CA ILE EA 9 -15.75 -4.22 -2.82
C ILE EA 9 -17.19 -4.28 -3.29
N PHE EA 10 -17.48 -3.63 -4.43
CA PHE EA 10 -18.82 -3.74 -5.04
C PHE EA 10 -19.22 -5.20 -5.34
N ALA EA 11 -18.30 -5.95 -5.96
CA ALA EA 11 -18.48 -7.37 -6.26
C ALA EA 11 -18.79 -8.18 -4.98
N CYS EA 12 -18.08 -7.91 -3.89
CA CYS EA 12 -18.34 -8.60 -2.64
C CYS EA 12 -19.76 -8.32 -2.13
N ILE EA 13 -20.24 -7.10 -2.38
CA ILE EA 13 -21.54 -6.69 -1.95
C ILE EA 13 -22.62 -7.43 -2.75
N ILE EA 14 -22.50 -7.50 -4.09
CA ILE EA 14 -23.43 -8.28 -4.92
C ILE EA 14 -23.46 -9.78 -4.47
N ALA EA 15 -22.28 -10.37 -4.26
CA ALA EA 15 -22.15 -11.73 -3.77
C ALA EA 15 -22.92 -11.91 -2.46
N LEU EA 16 -22.67 -11.04 -1.47
CA LEU EA 16 -23.46 -11.00 -0.25
C LEU EA 16 -24.99 -11.00 -0.47
N PHE EA 17 -25.45 -10.14 -1.36
CA PHE EA 17 -26.87 -10.07 -1.72
C PHE EA 17 -27.37 -11.43 -2.18
N PHE EA 18 -26.64 -12.03 -3.12
CA PHE EA 18 -27.01 -13.30 -3.69
C PHE EA 18 -27.13 -14.33 -2.56
N PHE EA 19 -26.14 -14.36 -1.66
CA PHE EA 19 -26.19 -15.37 -0.61
C PHE EA 19 -27.24 -15.09 0.42
N ALA EA 20 -27.56 -13.81 0.64
CA ALA EA 20 -28.41 -13.45 1.76
C ALA EA 20 -29.84 -13.78 1.33
N ILE EA 21 -30.05 -13.80 0.02
CA ILE EA 21 -31.34 -14.10 -0.54
C ILE EA 21 -31.47 -15.63 -0.56
N PHE EA 22 -30.59 -16.30 -1.30
CA PHE EA 22 -30.77 -17.71 -1.60
C PHE EA 22 -30.24 -18.66 -0.56
N PHE EA 23 -29.25 -18.25 0.23
CA PHE EA 23 -28.75 -19.09 1.31
C PHE EA 23 -29.04 -18.46 2.68
N ARG EA 24 -30.24 -17.93 2.84
CA ARG EA 24 -30.70 -17.35 4.08
C ARG EA 24 -31.01 -18.45 5.09
N GLU EA 25 -31.04 -18.09 6.37
CA GLU EA 25 -31.60 -18.89 7.43
C GLU EA 25 -33.11 -18.95 7.06
N PRO EA 26 -33.64 -20.16 6.82
CA PRO EA 26 -35.06 -20.19 6.41
C PRO EA 26 -35.97 -19.73 7.54
N PRO EA 27 -36.92 -18.82 7.24
CA PRO EA 27 -37.90 -18.46 8.26
C PRO EA 27 -38.78 -19.67 8.62
N ARG EA 28 -38.93 -19.90 9.93
CA ARG EA 28 -39.52 -21.14 10.47
C ARG EA 28 -40.61 -20.89 11.56
N ILE EA 29 -41.81 -21.43 11.35
CA ILE EA 29 -42.95 -21.29 12.32
C ILE EA 29 -42.91 -22.30 13.48
N THR EA 30 -42.97 -21.80 14.72
CA THR EA 30 -42.79 -22.61 15.93
C THR EA 30 -43.47 -22.00 17.16
N GLU FA 1 7.62 33.97 -20.36
CA GLU FA 1 7.71 32.92 -21.42
C GLU FA 1 6.31 32.65 -22.01
N LEU FA 2 5.36 32.37 -21.11
CA LEU FA 2 3.97 32.13 -21.45
C LEU FA 2 3.21 33.30 -20.87
N VAL FA 3 2.38 33.92 -21.70
CA VAL FA 3 1.85 35.21 -21.32
C VAL FA 3 0.38 35.26 -21.62
N ASN FA 4 -0.42 35.77 -20.68
CA ASN FA 4 -1.78 36.02 -21.03
C ASN FA 4 -1.86 37.31 -21.87
N VAL FA 5 -2.22 37.20 -23.15
CA VAL FA 5 -2.19 38.36 -24.01
C VAL FA 5 -3.22 39.40 -23.62
N VAL FA 6 -4.38 38.97 -23.11
CA VAL FA 6 -5.42 39.96 -22.82
C VAL FA 6 -4.96 40.84 -21.64
N ASP FA 7 -4.35 40.23 -20.64
CA ASP FA 7 -3.85 40.96 -19.47
C ASP FA 7 -2.71 41.89 -19.88
N GLU FA 8 -1.92 41.44 -20.85
CA GLU FA 8 -0.85 42.27 -21.39
C GLU FA 8 -1.49 43.51 -22.01
N LYS FA 9 -2.52 43.28 -22.82
CA LYS FA 9 -3.15 44.34 -23.53
C LYS FA 9 -3.70 45.39 -22.54
N LEU FA 10 -4.12 44.96 -21.36
CA LEU FA 10 -4.57 45.89 -20.33
C LEU FA 10 -3.47 46.85 -19.83
N GLY FA 11 -2.21 46.58 -20.17
CA GLY FA 11 -1.10 47.46 -19.79
C GLY FA 11 -0.76 48.45 -20.90
N THR FA 12 -1.51 48.42 -21.97
CA THR FA 12 -1.30 49.36 -23.05
C THR FA 12 -2.49 50.30 -23.05
N ALA FA 13 -2.57 51.13 -24.10
CA ALA FA 13 -3.60 52.15 -24.20
C ALA FA 13 -5.01 51.50 -24.26
N TYR FA 14 -5.04 50.21 -24.57
CA TYR FA 14 -6.25 49.42 -24.54
C TYR FA 14 -6.91 49.43 -23.15
N GLY FA 15 -6.08 49.53 -22.10
CA GLY FA 15 -6.58 49.63 -20.75
C GLY FA 15 -7.05 51.01 -20.37
N GLU FA 16 -6.77 52.00 -21.21
CA GLU FA 16 -7.06 53.39 -20.89
C GLU FA 16 -8.15 54.01 -21.80
N LYS FA 17 -8.26 53.53 -23.05
CA LYS FA 17 -9.18 54.17 -23.98
C LYS FA 17 -9.88 53.14 -24.84
N ILE FA 18 -10.79 53.57 -25.71
CA ILE FA 18 -11.40 52.64 -26.62
C ILE FA 18 -10.41 52.43 -27.75
N ASP FA 19 -10.01 51.17 -27.94
CA ASP FA 19 -9.05 50.79 -28.92
C ASP FA 19 -9.83 50.40 -30.13
N LEU FA 20 -9.80 51.24 -31.16
CA LEU FA 20 -10.57 50.99 -32.40
C LEU FA 20 -10.27 49.67 -33.11
N ASN FA 21 -9.12 49.07 -32.86
CA ASN FA 21 -8.82 47.78 -33.53
C ASN FA 21 -9.25 46.52 -32.70
N ASN FA 22 -9.74 46.73 -31.48
CA ASN FA 22 -9.86 45.63 -30.51
C ASN FA 22 -11.08 45.66 -29.60
N THR FA 23 -11.46 46.85 -29.16
CA THR FA 23 -12.43 46.93 -28.07
C THR FA 23 -13.81 46.55 -28.59
N ASN FA 24 -14.54 45.79 -27.78
CA ASN FA 24 -15.92 45.40 -28.07
C ASN FA 24 -16.86 46.61 -28.26
N ILE FA 25 -17.79 46.49 -29.22
CA ILE FA 25 -18.63 47.59 -29.69
C ILE FA 25 -19.41 48.35 -28.62
N ALA FA 26 -19.63 47.75 -27.44
CA ALA FA 26 -20.54 48.38 -26.45
C ALA FA 26 -19.84 49.45 -25.63
N ALA FA 27 -18.51 49.50 -25.74
CA ALA FA 27 -17.74 50.57 -25.09
C ALA FA 27 -18.02 51.98 -25.70
N PHE FA 28 -18.48 52.02 -26.95
CA PHE FA 28 -18.87 53.28 -27.64
C PHE FA 28 -20.06 54.02 -27.02
N ILE FA 29 -20.74 53.34 -26.07
CA ILE FA 29 -21.87 53.89 -25.32
C ILE FA 29 -21.38 54.89 -24.28
N GLN FA 30 -20.07 54.85 -23.99
CA GLN FA 30 -19.52 55.73 -23.00
C GLN FA 30 -19.50 57.22 -23.40
N TYR FA 31 -19.70 57.55 -24.68
CA TYR FA 31 -19.74 58.94 -25.13
C TYR FA 31 -20.88 59.23 -26.12
N ARG FA 32 -21.28 60.50 -26.18
CA ARG FA 32 -22.46 60.92 -26.93
C ARG FA 32 -22.25 60.78 -28.43
N GLY FA 33 -23.22 60.20 -29.12
CA GLY FA 33 -23.25 60.21 -30.57
C GLY FA 33 -22.52 59.10 -31.28
N LEU FA 34 -21.81 58.25 -30.53
CA LEU FA 34 -21.10 57.11 -31.14
C LEU FA 34 -21.90 55.83 -31.41
N TYR FA 35 -22.84 55.49 -30.54
CA TYR FA 35 -23.54 54.20 -30.64
C TYR FA 35 -25.00 54.38 -31.05
N PRO FA 36 -25.52 53.54 -31.98
CA PRO FA 36 -24.83 52.42 -32.58
C PRO FA 36 -24.17 52.71 -33.94
N THR FA 37 -24.55 53.81 -34.60
CA THR FA 37 -24.27 54.01 -36.04
C THR FA 37 -22.76 54.09 -36.31
N LEU FA 38 -22.09 55.03 -35.64
CA LEU FA 38 -20.64 55.13 -35.78
C LEU FA 38 -19.87 53.89 -35.27
N ALA FA 39 -20.40 53.26 -34.23
CA ALA FA 39 -19.74 52.13 -33.54
C ALA FA 39 -19.71 50.97 -34.50
N LYS FA 40 -20.83 50.74 -35.16
CA LYS FA 40 -20.86 49.74 -36.20
C LYS FA 40 -19.79 50.01 -37.29
N LEU FA 41 -19.77 51.25 -37.79
CA LEU FA 41 -18.87 51.63 -38.89
C LEU FA 41 -17.41 51.48 -38.44
N ILE FA 42 -17.11 51.92 -37.22
CA ILE FA 42 -15.75 51.81 -36.72
C ILE FA 42 -15.25 50.37 -36.67
N VAL FA 43 -16.11 49.43 -36.26
CA VAL FA 43 -15.72 48.01 -36.07
C VAL FA 43 -15.79 47.35 -37.44
N LYS FA 44 -16.79 47.66 -38.25
CA LYS FA 44 -16.82 47.05 -39.61
C LYS FA 44 -15.54 47.43 -40.40
N ASN FA 45 -14.96 48.60 -40.06
CA ASN FA 45 -13.89 49.13 -40.92
C ASN FA 45 -12.49 48.94 -40.43
N ALA FA 46 -12.34 48.39 -39.22
CA ALA FA 46 -11.04 48.14 -38.60
C ALA FA 46 -10.28 47.11 -39.37
N PRO FA 47 -8.95 47.05 -39.16
CA PRO FA 47 -8.14 47.89 -38.28
C PRO FA 47 -7.63 49.19 -38.94
N TYR FA 48 -7.11 50.06 -38.09
CA TYR FA 48 -6.63 51.41 -38.40
C TYR FA 48 -5.19 51.54 -37.92
N GLU FA 49 -4.35 52.16 -38.75
CA GLU FA 49 -2.94 52.36 -38.44
C GLU FA 49 -2.77 53.40 -37.34
N SER FA 50 -3.63 54.42 -37.35
CA SER FA 50 -3.59 55.39 -36.28
C SER FA 50 -5.01 55.80 -36.05
N VAL FA 51 -5.30 56.40 -34.90
CA VAL FA 51 -6.65 56.82 -34.55
C VAL FA 51 -7.35 57.68 -35.62
N GLU FA 52 -6.65 58.69 -36.15
CA GLU FA 52 -7.18 59.65 -37.17
C GLU FA 52 -7.59 58.98 -38.49
N ASP FA 53 -7.12 57.76 -38.72
CA ASP FA 53 -7.61 56.98 -39.87
C ASP FA 53 -9.10 56.65 -39.78
N VAL FA 54 -9.66 56.76 -38.58
CA VAL FA 54 -11.10 56.54 -38.45
C VAL FA 54 -11.96 57.54 -39.26
N LEU FA 55 -11.39 58.71 -39.56
CA LEU FA 55 -12.09 59.80 -40.25
C LEU FA 55 -12.26 59.47 -41.72
N ASN FA 56 -11.49 58.48 -42.20
CA ASN FA 56 -11.47 58.11 -43.58
C ASN FA 56 -12.37 56.95 -43.98
N ILE FA 57 -13.07 56.35 -43.03
CA ILE FA 57 -14.10 55.34 -43.38
C ILE FA 57 -14.92 55.84 -44.55
N PRO FA 58 -15.02 55.06 -45.63
CA PRO FA 58 -15.84 55.56 -46.75
C PRO FA 58 -17.30 55.78 -46.37
N GLY FA 59 -17.90 56.85 -46.88
CA GLY FA 59 -19.31 57.14 -46.70
C GLY FA 59 -19.72 57.97 -45.50
N LEU FA 60 -18.78 58.29 -44.61
CA LEU FA 60 -19.14 59.15 -43.45
C LEU FA 60 -19.73 60.51 -43.84
N THR FA 61 -20.79 60.92 -43.18
CA THR FA 61 -21.37 62.25 -43.32
C THR FA 61 -20.44 63.27 -42.66
N GLU FA 62 -20.64 64.55 -43.00
CA GLU FA 62 -19.81 65.61 -42.49
C GLU FA 62 -20.00 65.73 -40.98
N ARG FA 63 -21.22 65.54 -40.52
CA ARG FA 63 -21.59 65.53 -39.14
C ARG FA 63 -20.86 64.38 -38.37
N GLN FA 64 -20.88 63.18 -38.93
CA GLN FA 64 -20.16 62.06 -38.29
C GLN FA 64 -18.68 62.31 -38.09
N LYS FA 65 -18.01 62.79 -39.15
CA LYS FA 65 -16.58 63.17 -39.04
C LYS FA 65 -16.32 64.15 -37.93
N GLN FA 66 -17.22 65.11 -37.77
CA GLN FA 66 -17.06 66.04 -36.64
C GLN FA 66 -17.22 65.37 -35.24
N ILE FA 67 -18.23 64.52 -35.11
CA ILE FA 67 -18.44 63.76 -33.87
C ILE FA 67 -17.21 62.88 -33.63
N LEU FA 68 -16.74 62.23 -34.69
CA LEU FA 68 -15.51 61.47 -34.52
C LEU FA 68 -14.36 62.31 -33.94
N ARG FA 69 -14.23 63.59 -34.37
CA ARG FA 69 -13.04 64.38 -34.05
C ARG FA 69 -13.15 64.79 -32.59
N GLU FA 70 -14.39 65.09 -32.18
CA GLU FA 70 -14.71 65.45 -30.79
C GLU FA 70 -14.30 64.31 -29.85
N ASN FA 71 -14.27 63.11 -30.42
CA ASN FA 71 -13.99 61.93 -29.63
C ASN FA 71 -12.60 61.32 -29.75
N LEU FA 72 -11.79 61.79 -30.70
CA LEU FA 72 -10.43 61.22 -30.87
C LEU FA 72 -9.66 61.20 -29.57
N GLU FA 73 -9.87 62.16 -28.72
CA GLU FA 73 -9.13 62.10 -27.47
C GLU FA 73 -9.49 60.81 -26.67
N HIS FA 74 -10.61 60.14 -26.99
CA HIS FA 74 -11.05 58.96 -26.24
C HIS FA 74 -10.70 57.66 -26.89
N PHE FA 75 -9.98 57.73 -28.00
CA PHE FA 75 -9.69 56.58 -28.80
C PHE FA 75 -8.20 56.26 -28.75
N THR FA 76 -7.87 55.01 -29.07
CA THR FA 76 -6.50 54.66 -29.33
C THR FA 76 -6.53 53.60 -30.38
N VAL FA 77 -5.35 53.18 -30.82
CA VAL FA 77 -5.24 51.92 -31.58
C VAL FA 77 -4.05 51.18 -31.05
N THR FA 78 -4.20 49.86 -30.86
CA THR FA 78 -3.05 48.99 -30.72
C THR FA 78 -3.09 47.89 -31.80
N GLU FA 79 -2.03 47.11 -31.92
CA GLU FA 79 -2.03 45.93 -32.80
C GLU FA 79 -3.26 45.09 -32.50
N VAL FA 80 -3.83 44.55 -33.57
CA VAL FA 80 -4.95 43.66 -33.51
C VAL FA 80 -4.54 42.46 -32.67
N GLU FA 81 -5.39 42.12 -31.70
CA GLU FA 81 -5.14 40.98 -30.84
C GLU FA 81 -6.19 39.96 -31.22
N THR FA 82 -5.78 38.88 -31.90
CA THR FA 82 -6.67 37.77 -32.34
C THR FA 82 -7.74 37.32 -31.33
N ALA FA 83 -7.30 37.12 -30.07
CA ALA FA 83 -8.15 36.70 -28.94
C ALA FA 83 -9.31 37.67 -28.68
N LEU FA 84 -9.13 38.93 -29.05
CA LEU FA 84 -10.17 39.91 -28.79
C LEU FA 84 -11.10 40.09 -29.97
N VAL FA 85 -10.70 39.69 -31.17
CA VAL FA 85 -11.48 40.05 -32.37
C VAL FA 85 -12.09 38.86 -33.09
N GLU FA 86 -11.59 37.68 -32.76
CA GLU FA 86 -12.20 36.43 -33.22
C GLU FA 86 -13.54 36.19 -32.54
N GLY FA 87 -14.27 35.20 -33.05
CA GLY FA 87 -15.50 34.76 -32.41
C GLY FA 87 -16.60 35.81 -32.53
N GLY FA 88 -16.35 36.85 -33.32
CA GLY FA 88 -17.30 37.92 -33.45
C GLY FA 88 -17.37 38.60 -32.12
N ASP FA 89 -16.32 38.49 -31.33
CA ASP FA 89 -16.37 39.05 -29.96
C ASP FA 89 -16.44 40.57 -29.87
N ARG FA 90 -16.07 41.29 -30.94
CA ARG FA 90 -16.24 42.76 -30.93
C ARG FA 90 -17.71 43.21 -30.98
N TYR FA 91 -18.56 42.37 -31.56
CA TYR FA 91 -20.01 42.65 -31.63
C TYR FA 91 -20.77 42.10 -30.44
N ASN FA 92 -20.21 41.07 -29.80
CA ASN FA 92 -20.86 40.43 -28.62
C ASN FA 92 -19.79 39.64 -27.91
N ASN FA 93 -19.34 40.11 -26.77
CA ASN FA 93 -18.20 39.42 -26.11
C ASN FA 93 -18.60 38.57 -24.90
N GLY FA 94 -19.89 38.24 -24.84
CA GLY FA 94 -20.36 37.30 -23.86
C GLY FA 94 -20.65 37.97 -22.55
N LEU FA 95 -20.51 39.30 -22.49
CA LEU FA 95 -20.86 40.09 -21.30
C LEU FA 95 -22.16 40.86 -21.58
N TYR FA 96 -23.03 40.85 -20.57
CA TYR FA 96 -24.20 41.69 -20.48
C TYR FA 96 -24.07 42.38 -19.12
N LYS FA 97 -25.16 42.64 -18.43
CA LYS FA 97 -25.00 43.26 -17.10
C LYS FA 97 -24.45 42.18 -16.20
N ALA GA 1 -35.34 57.32 6.91
CA ALA GA 1 -35.32 58.01 5.60
C ALA GA 1 -36.73 58.14 5.05
N GLU GA 2 -36.97 59.17 4.25
CA GLU GA 2 -38.28 59.34 3.65
C GLU GA 2 -38.11 59.69 2.18
N LEU GA 3 -39.19 59.46 1.42
CA LEU GA 3 -39.31 60.00 0.08
C LEU GA 3 -39.73 61.48 0.21
N THR GA 4 -38.75 62.38 0.23
CA THR GA 4 -38.99 63.83 0.41
C THR GA 4 -39.27 64.59 -0.89
N PRO GA 5 -39.87 65.80 -0.79
CA PRO GA 5 -40.01 66.63 -1.98
C PRO GA 5 -38.67 66.87 -2.66
N GLU GA 6 -37.59 66.98 -1.88
CA GLU GA 6 -36.26 67.06 -2.48
C GLU GA 6 -35.97 65.87 -3.44
N VAL GA 7 -36.13 64.64 -2.93
CA VAL GA 7 -35.98 63.43 -3.76
C VAL GA 7 -36.91 63.49 -4.99
N LEU GA 8 -38.14 63.96 -4.78
CA LEU GA 8 -39.13 64.03 -5.84
C LEU GA 8 -38.93 65.19 -6.86
N THR GA 9 -37.87 65.98 -6.67
CA THR GA 9 -37.55 67.13 -7.51
C THR GA 9 -36.52 66.71 -8.54
N VAL GA 10 -36.92 66.73 -9.83
CA VAL GA 10 -36.08 66.27 -10.93
C VAL GA 10 -36.11 67.17 -12.19
N PRO GA 11 -35.04 67.12 -13.01
CA PRO GA 11 -35.02 67.90 -14.26
C PRO GA 11 -36.24 67.73 -15.14
N LEU GA 12 -36.87 68.86 -15.45
CA LEU GA 12 -37.90 68.95 -16.46
C LEU GA 12 -37.32 69.02 -17.88
N ASN GA 13 -36.18 69.70 -18.02
CA ASN GA 13 -35.56 69.90 -19.34
C ASN GA 13 -34.05 70.03 -19.24
N SER GA 14 -33.38 70.16 -20.38
CA SER GA 14 -31.90 70.28 -20.43
C SER GA 14 -31.30 71.54 -19.80
N GLU GA 15 -32.13 72.55 -19.54
CA GLU GA 15 -31.70 73.82 -18.89
C GLU GA 15 -31.61 73.74 -17.37
N GLY GA 16 -32.03 72.62 -16.79
CA GLY GA 16 -32.02 72.45 -15.35
C GLY GA 16 -33.25 73.04 -14.68
N LYS GA 17 -34.23 73.47 -15.49
CA LYS GA 17 -35.57 73.70 -14.96
C LYS GA 17 -36.03 72.38 -14.34
N THR GA 18 -36.53 72.45 -13.11
CA THR GA 18 -36.96 71.26 -12.41
C THR GA 18 -38.49 71.17 -12.30
N ILE GA 19 -38.94 70.43 -11.30
CA ILE GA 19 -40.34 70.04 -11.09
C ILE GA 19 -40.35 69.09 -9.89
N THR GA 20 -41.17 69.43 -8.90
CA THR GA 20 -41.34 68.62 -7.71
C THR GA 20 -42.57 67.76 -7.90
N LEU GA 21 -42.35 66.45 -8.05
CA LEU GA 21 -43.47 65.50 -8.25
C LEU GA 21 -44.25 65.34 -6.95
N THR GA 22 -45.52 64.95 -7.04
CA THR GA 22 -46.19 64.52 -5.80
C THR GA 22 -45.92 63.03 -5.58
N GLU GA 23 -45.92 62.63 -4.30
CA GLU GA 23 -45.82 61.25 -3.95
C GLU GA 23 -46.79 60.43 -4.83
N LYS GA 24 -48.05 60.87 -4.91
CA LYS GA 24 -49.06 60.20 -5.73
C LYS GA 24 -48.61 60.03 -7.19
N GLN GA 25 -47.93 61.05 -7.69
CA GLN GA 25 -47.45 61.10 -9.08
C GLN GA 25 -46.36 60.04 -9.33
N TYR GA 26 -45.39 60.00 -8.41
CA TYR GA 26 -44.35 59.01 -8.37
C TYR GA 26 -44.88 57.57 -8.38
N LEU GA 27 -45.73 57.26 -7.40
CA LEU GA 27 -46.36 55.93 -7.27
C LEU GA 27 -47.15 55.54 -8.49
N GLU GA 28 -47.75 56.51 -9.13
CA GLU GA 28 -48.46 56.21 -10.37
C GLU GA 28 -47.53 55.93 -11.55
N GLY GA 29 -46.41 56.67 -11.59
CA GLY GA 29 -45.33 56.41 -12.57
C GLY GA 29 -44.77 55.00 -12.45
N LYS GA 30 -44.54 54.59 -11.21
CA LYS GA 30 -44.08 53.24 -10.91
C LYS GA 30 -45.04 52.18 -11.43
N ARG GA 31 -46.32 52.42 -11.20
CA ARG GA 31 -47.37 51.49 -11.52
C ARG GA 31 -47.49 51.35 -13.03
N LEU GA 32 -47.44 52.47 -13.72
CA LEU GA 32 -47.49 52.43 -15.20
C LEU GA 32 -46.20 51.88 -15.79
N PHE GA 33 -45.10 52.13 -15.08
CA PHE GA 33 -43.80 51.56 -15.46
C PHE GA 33 -43.88 50.04 -15.41
N GLN GA 34 -44.33 49.50 -14.28
CA GLN GA 34 -44.62 48.03 -14.17
C GLN GA 34 -45.58 47.59 -15.25
N TYR GA 35 -46.63 48.37 -15.45
CA TYR GA 35 -47.69 47.98 -16.37
C TYR GA 35 -47.17 47.88 -17.80
N ALA GA 36 -46.33 48.83 -18.19
CA ALA GA 36 -46.02 48.95 -19.62
C ALA GA 36 -44.55 48.67 -19.99
N CYS GA 37 -43.66 48.76 -19.00
CA CYS GA 37 -42.22 48.75 -19.28
C CYS GA 37 -41.36 47.66 -18.59
N ALA GA 38 -41.80 47.19 -17.43
CA ALA GA 38 -40.95 46.35 -16.57
C ALA GA 38 -40.64 45.00 -17.21
N SER GA 39 -41.51 44.53 -18.11
CA SER GA 39 -41.26 43.28 -18.79
C SER GA 39 -39.87 43.29 -19.40
N CYS GA 40 -39.37 44.47 -19.78
CA CYS GA 40 -38.03 44.59 -20.38
C CYS GA 40 -37.05 45.39 -19.50
N HIS GA 41 -37.56 46.33 -18.72
CA HIS GA 41 -36.70 47.25 -17.95
C HIS GA 41 -36.69 47.12 -16.44
N VAL GA 42 -37.11 45.98 -15.91
CA VAL GA 42 -37.14 45.75 -14.46
C VAL GA 42 -35.84 46.24 -13.84
N GLY GA 43 -35.91 46.98 -12.74
CA GLY GA 43 -34.71 47.50 -12.08
C GLY GA 43 -33.76 48.37 -12.90
N GLY GA 44 -34.19 48.85 -14.07
CA GLY GA 44 -33.38 49.83 -14.81
C GLY GA 44 -32.46 49.30 -15.90
N ILE GA 45 -32.57 48.02 -16.24
CA ILE GA 45 -31.68 47.41 -17.21
C ILE GA 45 -32.59 47.21 -18.43
N THR GA 46 -32.11 46.50 -19.45
CA THR GA 46 -32.92 46.26 -20.61
C THR GA 46 -32.62 44.81 -21.08
N LYS GA 47 -33.56 43.89 -20.86
CA LYS GA 47 -33.33 42.49 -21.11
C LYS GA 47 -33.04 42.18 -22.56
N THR GA 48 -33.68 42.90 -23.48
CA THR GA 48 -33.49 42.64 -24.91
C THR GA 48 -32.31 43.41 -25.54
N ASN GA 49 -31.60 44.17 -24.69
CA ASN GA 49 -30.36 44.90 -25.08
C ASN GA 49 -29.66 45.47 -23.81
N PRO GA 50 -28.94 44.62 -23.08
CA PRO GA 50 -28.36 44.99 -21.80
C PRO GA 50 -27.32 46.10 -21.94
N SER GA 51 -26.93 46.42 -23.16
CA SER GA 51 -25.89 47.45 -23.38
C SER GA 51 -26.45 48.82 -23.01
N LEU GA 52 -27.76 49.03 -23.23
CA LEU GA 52 -28.44 50.27 -22.82
C LEU GA 52 -29.27 50.08 -21.58
N ASP GA 53 -29.03 50.94 -20.60
CA ASP GA 53 -29.82 50.99 -19.37
C ASP GA 53 -30.54 52.35 -19.15
N LEU GA 54 -31.10 52.54 -17.94
CA LEU GA 54 -31.91 53.68 -17.58
C LEU GA 54 -31.25 54.46 -16.45
N ARG GA 55 -29.96 54.24 -16.26
CA ARG GA 55 -29.19 55.11 -15.43
C ARG GA 55 -29.29 56.54 -15.97
N THR GA 56 -29.37 57.45 -15.02
CA THR GA 56 -29.55 58.85 -15.34
C THR GA 56 -28.31 59.29 -16.12
N GLU GA 57 -27.11 58.91 -15.66
CA GLU GA 57 -25.85 59.20 -16.38
C GLU GA 57 -25.86 58.67 -17.80
N THR GA 58 -26.57 57.57 -18.05
CA THR GA 58 -26.69 57.00 -19.41
C THR GA 58 -27.67 57.82 -20.22
N LEU GA 59 -28.77 58.20 -19.57
CA LEU GA 59 -29.77 59.09 -20.17
C LEU GA 59 -29.15 60.45 -20.48
N ALA GA 60 -28.30 60.96 -19.59
CA ALA GA 60 -27.57 62.23 -19.81
C ALA GA 60 -26.80 62.25 -21.14
N LEU GA 61 -26.31 61.08 -21.57
CA LEU GA 61 -25.46 60.99 -22.77
C LEU GA 61 -26.14 60.45 -24.04
N ALA GA 62 -27.43 60.14 -23.97
CA ALA GA 62 -28.21 59.79 -25.17
C ALA GA 62 -28.36 61.06 -26.01
N THR GA 63 -28.59 60.87 -27.30
CA THR GA 63 -28.97 61.98 -28.16
C THR GA 63 -30.36 61.71 -28.67
N PRO GA 64 -31.31 62.65 -28.44
CA PRO GA 64 -31.18 63.88 -27.68
C PRO GA 64 -31.20 63.56 -26.20
N PRO GA 65 -30.70 64.47 -25.33
CA PRO GA 65 -30.60 64.11 -23.91
C PRO GA 65 -31.89 63.54 -23.35
N ARG GA 66 -31.83 62.42 -22.60
CA ARG GA 66 -33.03 61.84 -22.00
C ARG GA 66 -33.07 61.92 -20.50
N ASP GA 67 -32.14 62.66 -19.90
CA ASP GA 67 -32.10 62.81 -18.47
C ASP GA 67 -33.06 63.82 -17.79
N ASN GA 68 -34.27 63.99 -18.36
CA ASN GA 68 -35.20 65.02 -17.91
C ASN GA 68 -36.58 64.62 -18.38
N ILE GA 69 -37.62 65.21 -17.80
CA ILE GA 69 -38.98 64.75 -18.11
C ILE GA 69 -39.31 64.82 -19.61
N GLU GA 70 -38.99 65.97 -20.22
CA GLU GA 70 -39.37 66.21 -21.59
C GLU GA 70 -38.64 65.26 -22.50
N GLY GA 71 -37.35 65.05 -22.20
CA GLY GA 71 -36.56 64.08 -22.95
C GLY GA 71 -37.21 62.71 -22.87
N LEU GA 72 -37.63 62.34 -21.67
CA LEU GA 72 -38.24 61.02 -21.46
C LEU GA 72 -39.62 60.87 -22.08
N VAL GA 73 -40.45 61.91 -21.91
CA VAL GA 73 -41.76 61.97 -22.58
C VAL GA 73 -41.64 61.83 -24.10
N ASP GA 74 -40.68 62.56 -24.68
CA ASP GA 74 -40.48 62.54 -26.13
C ASP GA 74 -40.07 61.13 -26.57
N TYR GA 75 -39.17 60.52 -25.80
CA TYR GA 75 -38.79 59.11 -26.05
C TYR GA 75 -40.01 58.18 -26.06
N MET GA 76 -40.89 58.31 -25.08
CA MET GA 76 -42.13 57.48 -25.07
C MET GA 76 -43.11 57.82 -26.15
N LYS GA 77 -42.92 58.95 -26.84
CA LYS GA 77 -43.76 59.30 -28.00
C LYS GA 77 -43.09 58.85 -29.30
N ASN GA 78 -41.79 59.13 -29.40
CA ASN GA 78 -41.02 58.89 -30.60
C ASN GA 78 -39.63 58.35 -30.22
N PRO GA 79 -39.48 57.02 -30.07
CA PRO GA 79 -38.19 56.58 -29.54
C PRO GA 79 -37.14 56.49 -30.64
N THR GA 80 -35.89 56.79 -30.30
CA THR GA 80 -34.75 56.72 -31.26
C THR GA 80 -33.66 55.77 -30.76
N THR GA 81 -32.65 55.54 -31.59
CA THR GA 81 -31.44 54.86 -31.14
C THR GA 81 -30.66 55.80 -30.23
N TYR GA 82 -29.57 55.32 -29.64
CA TYR GA 82 -28.92 56.11 -28.54
C TYR GA 82 -28.25 57.39 -29.04
N ASP GA 83 -27.90 57.36 -30.32
CA ASP GA 83 -27.28 58.46 -31.06
C ASP GA 83 -28.29 59.28 -31.90
N GLY GA 84 -29.58 59.21 -31.59
CA GLY GA 84 -30.61 59.94 -32.33
C GLY GA 84 -30.78 59.57 -33.79
N GLU GA 85 -29.93 58.74 -34.37
CA GLU GA 85 -29.96 58.58 -35.83
C GLU GA 85 -31.15 57.86 -36.40
N GLN GA 86 -31.88 57.12 -35.58
CA GLN GA 86 -32.88 56.20 -36.13
C GLN GA 86 -34.09 56.12 -35.25
N GLU GA 87 -35.25 56.19 -35.89
CA GLU GA 87 -36.51 56.09 -35.19
C GLU GA 87 -36.89 54.61 -35.03
N ILE GA 88 -37.21 54.21 -33.80
CA ILE GA 88 -37.38 52.77 -33.47
C ILE GA 88 -38.77 52.41 -32.95
N ALA GA 89 -39.73 53.31 -33.18
CA ALA GA 89 -41.17 53.06 -32.89
C ALA GA 89 -41.69 51.65 -33.19
N GLU GA 90 -41.34 51.14 -34.38
CA GLU GA 90 -41.78 49.83 -34.87
C GLU GA 90 -41.31 48.64 -34.03
N VAL GA 91 -40.33 48.84 -33.14
CA VAL GA 91 -39.83 47.73 -32.31
C VAL GA 91 -39.67 48.14 -30.87
N HIS GA 92 -40.05 49.38 -30.55
CA HIS GA 92 -40.07 49.82 -29.15
C HIS GA 92 -41.43 50.45 -28.92
N PRO GA 93 -42.06 50.13 -27.79
CA PRO GA 93 -43.38 50.70 -27.46
C PRO GA 93 -43.39 52.22 -27.26
N SER GA 94 -44.33 52.91 -27.93
CA SER GA 94 -44.49 54.39 -27.85
C SER GA 94 -45.89 54.75 -28.30
N LEU GA 95 -46.33 55.98 -27.99
CA LEU GA 95 -47.62 56.50 -28.52
C LEU GA 95 -47.73 56.34 -30.04
N ARG GA 96 -46.64 56.56 -30.75
CA ARG GA 96 -46.68 56.52 -32.20
C ARG GA 96 -46.76 55.09 -32.72
N SER GA 97 -46.44 54.12 -31.88
CA SER GA 97 -46.62 52.71 -32.23
C SER GA 97 -47.64 52.00 -31.30
N ALA GA 98 -48.57 52.78 -30.71
CA ALA GA 98 -49.67 52.18 -29.92
C ALA GA 98 -50.62 51.21 -30.69
N ASP GA 99 -50.67 51.33 -32.02
CA ASP GA 99 -51.40 50.35 -32.82
C ASP GA 99 -50.78 48.95 -32.65
N ILE GA 100 -49.45 48.88 -32.59
CA ILE GA 100 -48.75 47.60 -32.51
C ILE GA 100 -48.27 47.21 -31.09
N PHE GA 101 -48.17 48.19 -30.18
CA PHE GA 101 -47.92 48.01 -28.76
C PHE GA 101 -49.13 48.54 -27.94
N PRO GA 102 -50.21 47.71 -27.81
CA PRO GA 102 -51.54 48.18 -27.36
C PRO GA 102 -51.56 48.74 -25.95
N LYS GA 103 -50.60 48.37 -25.12
CA LYS GA 103 -50.56 48.89 -23.76
C LYS GA 103 -50.19 50.35 -23.79
N MET GA 104 -49.77 50.84 -24.94
CA MET GA 104 -49.50 52.26 -25.03
C MET GA 104 -50.79 53.07 -25.38
N ARG GA 105 -51.82 52.37 -25.90
CA ARG GA 105 -53.06 53.03 -26.45
C ARG GA 105 -53.78 54.03 -25.58
N ASN GA 106 -53.83 53.81 -24.27
CA ASN GA 106 -54.61 54.72 -23.45
C ASN GA 106 -53.74 55.56 -22.52
N LEU GA 107 -52.51 55.80 -22.96
CA LEU GA 107 -51.60 56.61 -22.19
C LEU GA 107 -51.71 58.09 -22.57
N THR GA 108 -51.85 58.95 -21.55
CA THR GA 108 -51.91 60.40 -21.74
C THR GA 108 -50.60 61.02 -21.31
N GLU GA 109 -50.46 62.31 -21.63
CA GLU GA 109 -49.31 63.14 -21.33
C GLU GA 109 -48.96 63.03 -19.84
N LYS GA 110 -49.98 63.07 -18.98
CA LYS GA 110 -49.75 62.98 -17.56
C LYS GA 110 -49.17 61.62 -17.13
N ASP GA 111 -49.63 60.53 -17.76
CA ASP GA 111 -49.08 59.18 -17.55
C ASP GA 111 -47.59 59.14 -17.87
N LEU GA 112 -47.23 59.54 -19.09
CA LEU GA 112 -45.84 59.67 -19.52
C LEU GA 112 -44.99 60.50 -18.53
N VAL GA 113 -45.48 61.67 -18.11
CA VAL GA 113 -44.74 62.47 -17.14
C VAL GA 113 -44.49 61.61 -15.90
N ALA GA 114 -45.50 60.85 -15.46
CA ALA GA 114 -45.37 60.02 -14.26
C ALA GA 114 -44.29 58.93 -14.50
N ILE GA 115 -44.39 58.25 -15.63
CA ILE GA 115 -43.43 57.20 -15.94
C ILE GA 115 -42.00 57.78 -15.90
N ALA GA 116 -41.80 58.89 -16.64
CA ALA GA 116 -40.52 59.62 -16.68
C ALA GA 116 -40.02 59.98 -15.30
N GLY GA 117 -40.94 60.43 -14.45
CA GLY GA 117 -40.57 60.86 -13.13
C GLY GA 117 -40.13 59.66 -12.30
N HIS GA 118 -40.76 58.51 -12.54
CA HIS GA 118 -40.33 57.27 -11.88
C HIS GA 118 -38.90 56.91 -12.29
N ILE GA 119 -38.66 56.87 -13.58
CA ILE GA 119 -37.31 56.63 -14.07
C ILE GA 119 -36.21 57.53 -13.46
N LEU GA 120 -36.53 58.78 -13.22
CA LEU GA 120 -35.50 59.71 -12.79
C LEU GA 120 -35.36 59.70 -11.29
N VAL GA 121 -36.45 59.34 -10.62
CA VAL GA 121 -36.44 59.32 -9.19
C VAL GA 121 -35.79 58.03 -8.63
N GLU GA 122 -36.08 56.89 -9.25
CA GLU GA 122 -35.60 55.58 -8.73
C GLU GA 122 -34.09 55.52 -8.36
N PRO GA 123 -33.20 55.93 -9.29
CA PRO GA 123 -31.76 56.02 -8.97
C PRO GA 123 -31.40 56.94 -7.80
N LYS GA 124 -32.20 57.99 -7.57
CA LYS GA 124 -31.96 58.84 -6.38
C LYS GA 124 -32.23 58.05 -5.11
N ILE GA 125 -33.10 57.03 -5.22
CA ILE GA 125 -33.33 56.12 -4.10
C ILE GA 125 -32.33 54.96 -4.11
N LEU GA 126 -32.25 54.27 -5.24
CA LEU GA 126 -31.59 52.96 -5.30
C LEU GA 126 -30.10 53.02 -5.63
N GLY GA 127 -29.64 54.13 -6.20
CA GLY GA 127 -28.24 54.33 -6.52
C GLY GA 127 -27.86 53.37 -7.62
N ASP GA 128 -26.65 52.83 -7.49
CA ASP GA 128 -26.09 51.97 -8.55
C ASP GA 128 -26.89 50.70 -8.70
N LYS GA 129 -27.70 50.38 -7.70
CA LYS GA 129 -28.61 49.26 -7.81
CA LYS GA 129 -28.63 49.25 -7.81
C LYS GA 129 -29.56 49.44 -9.00
N TRP GA 130 -30.00 50.70 -9.27
CA TRP GA 130 -30.84 50.98 -10.46
C TRP GA 130 -29.97 50.85 -11.70
N GLY GA 131 -30.41 50.06 -12.68
CA GLY GA 131 -29.63 49.77 -13.88
C GLY GA 131 -28.40 48.86 -13.69
N GLY GA 132 -28.11 48.46 -12.45
CA GLY GA 132 -26.96 47.58 -12.17
C GLY GA 132 -27.08 46.08 -12.48
N GLY GA 133 -28.31 45.56 -12.58
CA GLY GA 133 -28.61 44.13 -12.83
C GLY GA 133 -28.26 43.19 -11.66
N LYS GA 134 -28.19 41.89 -11.92
CA LYS GA 134 -28.08 40.89 -10.82
C LYS GA 134 -26.94 41.08 -9.79
N VAL GA 135 -25.79 41.62 -10.24
CA VAL GA 135 -24.70 41.99 -9.31
C VAL GA 135 -25.24 42.81 -8.14
N TYR GA 136 -26.24 43.65 -8.40
CA TYR GA 136 -26.72 44.53 -7.34
C TYR GA 136 -27.93 43.98 -6.55
N TYR GA 137 -28.43 42.82 -6.94
CA TYR GA 137 -29.68 42.32 -6.32
C TYR GA 137 -29.56 42.14 -4.83
N VAL HA 1 -65.65 46.00 -2.55
CA VAL HA 1 -64.79 46.38 -1.37
C VAL HA 1 -65.45 45.95 -0.03
N ILE HA 2 -66.18 46.86 0.61
CA ILE HA 2 -67.11 46.49 1.68
C ILE HA 2 -68.18 45.60 1.05
N ALA HA 3 -68.44 45.85 -0.24
CA ALA HA 3 -69.38 45.08 -1.06
C ALA HA 3 -68.97 43.61 -1.26
N GLN HA 4 -67.70 43.38 -1.58
CA GLN HA 4 -67.21 42.01 -1.71
C GLN HA 4 -67.28 41.26 -0.37
N LEU HA 5 -66.85 41.93 0.71
CA LEU HA 5 -66.84 41.34 2.06
C LEU HA 5 -68.23 40.96 2.57
N THR HA 6 -69.23 41.75 2.18
CA THR HA 6 -70.64 41.46 2.45
C THR HA 6 -71.17 40.33 1.55
N MET HA 7 -70.93 40.42 0.23
CA MET HA 7 -71.32 39.30 -0.65
C MET HA 7 -70.75 37.98 -0.12
N ILE HA 8 -69.45 37.97 0.19
CA ILE HA 8 -68.75 36.76 0.63
C ILE HA 8 -69.34 36.25 1.93
N ALA HA 9 -69.56 37.17 2.87
CA ALA HA 9 -70.17 36.84 4.16
C ALA HA 9 -71.56 36.18 4.03
N MET HA 10 -72.36 36.65 3.08
CA MET HA 10 -73.71 36.13 2.91
C MET HA 10 -73.74 34.76 2.25
N ILE HA 11 -72.95 34.60 1.19
CA ILE HA 11 -72.77 33.32 0.55
C ILE HA 11 -72.11 32.37 1.55
N GLY HA 12 -71.21 32.92 2.37
CA GLY HA 12 -70.50 32.18 3.41
C GLY HA 12 -71.40 31.52 4.44
N ILE HA 13 -72.40 32.25 4.94
CA ILE HA 13 -73.26 31.72 6.01
C ILE HA 13 -74.35 30.82 5.45
N ALA HA 14 -74.77 31.06 4.20
CA ALA HA 14 -75.86 30.30 3.59
C ALA HA 14 -75.72 28.80 3.86
N GLY HA 15 -74.54 28.25 3.59
CA GLY HA 15 -74.28 26.80 3.74
C GLY HA 15 -74.62 26.34 5.14
N PRO HA 16 -73.95 26.92 6.16
CA PRO HA 16 -74.26 26.62 7.55
C PRO HA 16 -75.69 27.00 8.00
N MET HA 17 -76.27 28.06 7.41
CA MET HA 17 -77.70 28.35 7.57
C MET HA 17 -78.61 27.15 7.26
N ILE HA 18 -78.44 26.58 6.07
CA ILE HA 18 -79.20 25.41 5.69
C ILE HA 18 -79.07 24.30 6.75
N ILE HA 19 -77.83 24.00 7.17
CA ILE HA 19 -77.58 22.98 8.20
C ILE HA 19 -78.28 23.34 9.53
N PHE HA 20 -78.28 24.63 9.88
CA PHE HA 20 -78.85 25.07 11.15
C PHE HA 20 -80.37 24.92 11.13
N LEU HA 21 -81.01 25.34 10.05
CA LEU HA 21 -82.45 25.27 9.97
C LEU HA 21 -82.97 23.83 9.99
N LEU HA 22 -82.15 22.91 9.49
CA LEU HA 22 -82.58 21.50 9.44
C LEU HA 22 -82.36 20.81 10.76
N ALA HA 23 -81.31 21.20 11.48
CA ALA HA 23 -81.02 20.67 12.79
C ALA HA 23 -82.08 21.14 13.77
N VAL HA 24 -82.39 22.43 13.71
CA VAL HA 24 -83.41 23.04 14.54
C VAL HA 24 -84.79 22.43 14.32
N ARG HA 25 -85.07 21.96 13.11
CA ARG HA 25 -86.37 21.34 12.86
C ARG HA 25 -86.34 19.84 12.51
N ARG HA 26 -85.36 19.16 13.10
CA ARG HA 26 -85.20 17.70 13.03
C ARG HA 26 -85.43 17.11 11.63
N GLY HA 27 -84.84 17.76 10.63
CA GLY HA 27 -84.96 17.33 9.22
C GLY HA 27 -84.10 16.14 8.82
N ASN HA 28 -84.19 15.80 7.54
CA ASN HA 28 -83.58 14.61 6.99
C ASN HA 28 -82.06 14.74 6.71
N LEU HA 29 -81.31 15.12 7.75
CA LEU HA 29 -79.85 15.27 7.73
C LEU HA 29 -79.11 13.93 7.50
N THR IA 1 -12.54 45.62 44.31
CA THR IA 1 -13.40 46.46 43.41
C THR IA 1 -14.56 45.64 42.84
N ILE IA 2 -15.77 46.21 42.90
CA ILE IA 2 -16.91 45.59 42.23
C ILE IA 2 -17.10 46.27 40.86
N THR IA 3 -16.74 45.54 39.79
CA THR IA 3 -16.87 46.06 38.41
C THR IA 3 -18.36 46.03 38.05
N PRO IA 4 -18.76 46.82 37.04
CA PRO IA 4 -20.10 46.70 36.49
C PRO IA 4 -20.53 45.24 36.23
N SER IA 5 -19.69 44.46 35.55
CA SER IA 5 -20.07 43.07 35.19
C SER IA 5 -20.15 42.13 36.42
N LEU IA 6 -19.34 42.40 37.46
CA LEU IA 6 -19.48 41.66 38.71
C LEU IA 6 -20.84 41.95 39.44
N LYS IA 7 -21.18 43.24 39.52
CA LYS IA 7 -22.47 43.63 40.09
C LYS IA 7 -23.53 42.88 39.27
N GLY IA 8 -23.41 42.93 37.95
CA GLY IA 8 -24.33 42.20 37.03
C GLY IA 8 -24.43 40.69 37.27
N PHE IA 9 -23.28 40.04 37.51
CA PHE IA 9 -23.24 38.63 37.93
C PHE IA 9 -24.06 38.38 39.21
N PHE IA 10 -23.93 39.31 40.15
CA PHE IA 10 -24.70 39.19 41.39
C PHE IA 10 -26.21 39.31 41.08
N ILE IA 11 -26.55 40.26 40.22
CA ILE IA 11 -27.94 40.43 39.82
C ILE IA 11 -28.43 39.11 39.22
N GLY IA 12 -27.54 38.45 38.48
CA GLY IA 12 -27.93 37.26 37.71
C GLY IA 12 -28.18 36.13 38.66
N LEU IA 13 -27.26 36.04 39.63
CA LEU IA 13 -27.31 35.03 40.66
C LEU IA 13 -28.56 35.15 41.52
N LEU IA 14 -28.88 36.38 41.92
CA LEU IA 14 -30.04 36.63 42.78
C LEU IA 14 -31.34 36.28 42.01
N SER IA 15 -31.42 36.69 40.74
CA SER IA 15 -32.63 36.40 39.96
C SER IA 15 -32.92 34.89 39.83
N GLY IA 16 -31.86 34.13 39.62
CA GLY IA 16 -31.97 32.68 39.51
C GLY IA 16 -32.39 32.05 40.82
N ALA IA 17 -31.70 32.42 41.90
CA ALA IA 17 -32.07 31.92 43.23
C ALA IA 17 -33.56 32.22 43.54
N VAL IA 18 -33.98 33.43 43.25
CA VAL IA 18 -35.36 33.82 43.47
C VAL IA 18 -36.32 32.93 42.67
N VAL IA 19 -36.13 32.90 41.34
CA VAL IA 19 -36.94 32.06 40.46
C VAL IA 19 -36.98 30.61 40.95
N LEU IA 20 -35.83 30.09 41.33
CA LEU IA 20 -35.79 28.75 41.90
C LEU IA 20 -36.49 28.62 43.25
N GLY IA 21 -36.12 29.51 44.18
CA GLY IA 21 -36.72 29.56 45.52
C GLY IA 21 -38.22 29.74 45.42
N LEU IA 22 -38.67 30.72 44.65
CA LEU IA 22 -40.11 30.87 44.45
C LEU IA 22 -40.78 29.61 43.93
N THR IA 23 -40.18 29.00 42.90
CA THR IA 23 -40.75 27.82 42.27
C THR IA 23 -40.91 26.68 43.28
N PHE IA 24 -39.86 26.47 44.05
CA PHE IA 24 -39.90 25.36 44.96
C PHE IA 24 -40.89 25.60 46.08
N ALA IA 25 -40.91 26.82 46.62
CA ALA IA 25 -41.88 27.23 47.64
C ALA IA 25 -43.33 27.01 47.19
N VAL IA 26 -43.70 27.62 46.07
CA VAL IA 26 -45.02 27.41 45.48
C VAL IA 26 -45.29 25.90 45.36
N LEU IA 27 -44.38 25.17 44.73
CA LEU IA 27 -44.52 23.73 44.54
C LEU IA 27 -44.59 22.94 45.86
N ILE IA 28 -43.76 23.30 46.84
CA ILE IA 28 -43.81 22.61 48.12
C ILE IA 28 -45.21 22.87 48.71
N ALA IA 29 -45.58 24.14 48.82
CA ALA IA 29 -46.84 24.54 49.45
C ALA IA 29 -48.06 23.89 48.79
N ILE IA 30 -48.10 23.91 47.47
CA ILE IA 30 -49.20 23.32 46.72
C ILE IA 30 -49.35 21.87 47.11
N SER IA 31 -48.24 21.14 47.19
CA SER IA 31 -48.26 19.69 47.42
C SER IA 31 -48.69 19.32 48.85
N GLN IA 32 -48.41 20.22 49.80
CA GLN IA 32 -48.74 20.06 51.21
C GLN IA 32 -50.27 20.25 51.40
N ILE IA 33 -50.82 21.25 50.72
CA ILE IA 33 -52.26 21.41 50.53
C ILE IA 33 -52.85 20.22 49.77
N ASP IA 34 -52.56 20.18 48.47
CA ASP IA 34 -53.11 19.25 47.47
C ASP IA 34 -52.69 17.82 47.82
N LYS IA 35 -52.66 17.55 49.13
CA LYS IA 35 -52.41 16.24 49.69
C LYS IA 35 -53.77 15.54 49.91
N VAL IA 36 -54.49 15.91 50.97
CA VAL IA 36 -55.90 15.48 51.25
C VAL IA 36 -56.32 14.08 50.72
N MET JA 1 -85.09 51.97 -19.88
CA MET JA 1 -84.89 50.65 -19.19
C MET JA 1 -83.58 50.56 -18.38
N THR JA 2 -82.68 51.53 -18.53
CA THR JA 2 -81.36 51.54 -17.83
C THR JA 2 -81.38 51.05 -16.37
N ILE JA 3 -82.09 51.76 -15.48
CA ILE JA 3 -82.23 51.36 -14.07
C ILE JA 3 -83.23 50.21 -13.88
N LEU JA 4 -84.22 50.11 -14.76
CA LEU JA 4 -85.27 49.06 -14.69
C LEU JA 4 -84.73 47.63 -14.83
N PHE JA 5 -83.86 47.44 -15.82
CA PHE JA 5 -83.13 46.20 -16.04
C PHE JA 5 -82.43 45.80 -14.75
N GLN JA 6 -81.78 46.76 -14.12
CA GLN JA 6 -81.04 46.54 -12.88
C GLN JA 6 -81.89 45.95 -11.76
N LEU JA 7 -83.18 46.29 -11.73
CA LEU JA 7 -84.10 45.73 -10.74
C LEU JA 7 -84.57 44.31 -11.13
N ALA JA 8 -84.74 44.08 -12.44
CA ALA JA 8 -85.23 42.80 -12.96
C ALA JA 8 -84.18 41.68 -12.83
N LEU JA 9 -82.90 42.06 -12.89
CA LEU JA 9 -81.78 41.16 -12.64
C LEU JA 9 -81.48 41.02 -11.14
N ALA JA 10 -81.67 42.10 -10.37
CA ALA JA 10 -81.48 42.08 -8.91
C ALA JA 10 -82.53 41.21 -8.24
N ALA JA 11 -83.70 41.15 -8.86
CA ALA JA 11 -84.75 40.28 -8.37
C ALA JA 11 -84.25 38.84 -8.51
N LEU JA 12 -83.74 38.51 -9.69
CA LEU JA 12 -83.17 37.20 -9.95
C LEU JA 12 -82.11 36.80 -8.91
N VAL JA 13 -81.24 37.75 -8.54
CA VAL JA 13 -80.17 37.44 -7.57
C VAL JA 13 -80.78 37.04 -6.22
N ILE JA 14 -81.56 37.98 -5.67
CA ILE JA 14 -82.41 37.81 -4.49
C ILE JA 14 -83.21 36.49 -4.48
N LEU JA 15 -83.94 36.21 -5.57
CA LEU JA 15 -84.65 34.96 -5.70
C LEU JA 15 -83.70 33.75 -5.71
N SER JA 16 -82.56 33.87 -6.39
CA SER JA 16 -81.62 32.76 -6.46
C SER JA 16 -81.16 32.46 -5.04
N PHE JA 17 -80.85 33.52 -4.30
CA PHE JA 17 -80.43 33.38 -2.93
C PHE JA 17 -81.48 32.66 -2.09
N VAL JA 18 -82.73 33.08 -2.24
CA VAL JA 18 -83.84 32.50 -1.49
C VAL JA 18 -84.02 31.00 -1.79
N MET JA 19 -84.07 30.64 -3.07
CA MET JA 19 -84.11 29.24 -3.55
C MET JA 19 -82.94 28.34 -3.06
N VAL JA 20 -81.75 28.93 -2.98
CA VAL JA 20 -80.54 28.19 -2.68
C VAL JA 20 -80.60 27.77 -1.21
N ILE JA 21 -81.16 28.63 -0.37
CA ILE JA 21 -81.44 28.28 1.01
C ILE JA 21 -82.70 27.40 1.10
N GLY JA 22 -83.79 27.87 0.48
CA GLY JA 22 -85.10 27.24 0.55
C GLY JA 22 -85.21 25.82 0.05
N VAL JA 23 -84.77 25.57 -1.18
CA VAL JA 23 -84.93 24.24 -1.81
C VAL JA 23 -84.31 23.07 -1.03
N PRO JA 24 -83.04 23.19 -0.57
CA PRO JA 24 -82.54 22.05 0.23
C PRO JA 24 -83.32 21.89 1.53
N VAL JA 25 -83.62 23.00 2.17
CA VAL JA 25 -84.38 22.98 3.43
C VAL JA 25 -85.74 22.28 3.19
N ALA JA 26 -86.50 22.72 2.19
CA ALA JA 26 -87.76 22.06 1.89
C ALA JA 26 -87.57 20.57 1.70
N TYR JA 27 -86.62 20.18 0.87
CA TYR JA 27 -86.51 18.77 0.46
C TYR JA 27 -86.28 17.80 1.61
N ALA JA 28 -85.79 18.32 2.72
CA ALA JA 28 -85.34 17.47 3.81
C ALA JA 28 -86.08 17.77 5.12
N SER JA 29 -87.15 18.55 5.01
CA SER JA 29 -88.03 18.89 6.16
C SER JA 29 -89.31 18.10 6.12
N PRO JA 30 -89.72 17.52 7.28
CA PRO JA 30 -90.94 16.71 7.26
C PRO JA 30 -92.22 17.56 7.04
N GLN JA 31 -92.41 18.58 7.86
CA GLN JA 31 -93.65 19.36 7.88
C GLN JA 31 -93.79 20.32 6.71
N ASP JA 32 -95.05 20.71 6.44
CA ASP JA 32 -95.40 21.63 5.37
C ASP JA 32 -94.72 21.33 4.03
N TRP JA 33 -94.62 20.05 3.69
CA TRP JA 33 -94.14 19.62 2.35
C TRP JA 33 -95.18 19.81 1.27
N ASP JA 34 -96.46 19.75 1.64
CA ASP JA 34 -97.53 20.08 0.70
C ASP JA 34 -97.37 21.53 0.22
N ARG JA 35 -97.32 22.49 1.14
CA ARG JA 35 -97.12 23.93 0.81
C ARG JA 35 -95.76 24.22 0.14
N SER JA 36 -94.71 23.54 0.60
CA SER JA 36 -93.34 23.67 0.07
C SER JA 36 -93.18 23.23 -1.39
N LYS JA 37 -93.81 22.12 -1.76
CA LYS JA 37 -93.80 21.64 -3.16
C LYS JA 37 -94.36 22.69 -4.13
N GLN JA 38 -95.26 23.53 -3.63
CA GLN JA 38 -95.83 24.56 -4.49
C GLN JA 38 -95.03 25.86 -4.46
N LEU JA 39 -94.53 26.24 -3.29
CA LEU JA 39 -93.61 27.36 -3.18
C LEU JA 39 -92.33 27.20 -4.05
N ILE JA 40 -91.96 25.95 -4.31
CA ILE JA 40 -90.79 25.62 -5.11
C ILE JA 40 -91.09 25.66 -6.61
N PHE JA 41 -92.24 25.14 -7.02
CA PHE JA 41 -92.72 25.32 -8.40
C PHE JA 41 -92.83 26.79 -8.77
N LEU JA 42 -93.32 27.60 -7.82
CA LEU JA 42 -93.49 29.03 -8.03
C LEU JA 42 -92.13 29.74 -8.18
N GLY JA 43 -91.19 29.47 -7.26
CA GLY JA 43 -89.80 29.94 -7.38
C GLY JA 43 -89.22 29.58 -8.74
N SER JA 44 -89.27 28.29 -9.06
CA SER JA 44 -88.67 27.79 -10.29
C SER JA 44 -89.23 28.45 -11.53
N GLY JA 45 -90.56 28.41 -11.67
CA GLY JA 45 -91.24 29.10 -12.75
C GLY JA 45 -90.79 30.54 -12.89
N LEU JA 46 -90.83 31.27 -11.78
CA LEU JA 46 -90.50 32.70 -11.71
C LEU JA 46 -89.01 32.98 -11.98
N TRP JA 47 -88.15 32.09 -11.51
CA TRP JA 47 -86.71 32.15 -11.78
C TRP JA 47 -86.42 32.05 -13.26
N ILE JA 48 -86.94 31.02 -13.92
CA ILE JA 48 -86.87 30.89 -15.37
C ILE JA 48 -87.35 32.17 -16.06
N ALA JA 49 -88.50 32.67 -15.62
CA ALA JA 49 -89.08 33.90 -16.15
C ALA JA 49 -88.07 35.05 -16.15
N LEU JA 50 -87.54 35.35 -14.96
CA LEU JA 50 -86.62 36.46 -14.72
C LEU JA 50 -85.32 36.35 -15.52
N VAL JA 51 -84.91 35.12 -15.80
CA VAL JA 51 -83.72 34.86 -16.61
C VAL JA 51 -84.00 35.38 -18.01
N LEU JA 52 -85.08 34.90 -18.62
CA LEU JA 52 -85.42 35.32 -19.99
C LEU JA 52 -85.80 36.80 -20.02
N VAL JA 53 -86.25 37.32 -18.89
CA VAL JA 53 -86.51 38.75 -18.77
C VAL JA 53 -85.19 39.53 -18.79
N VAL JA 54 -84.19 39.02 -18.09
CA VAL JA 54 -82.86 39.63 -18.06
C VAL JA 54 -82.22 39.42 -19.44
N GLY JA 55 -82.39 38.22 -20.00
CA GLY JA 55 -81.89 37.89 -21.33
C GLY JA 55 -82.34 38.91 -22.34
N VAL JA 56 -83.66 38.97 -22.54
CA VAL JA 56 -84.28 39.96 -23.43
C VAL JA 56 -83.85 41.40 -23.09
N LEU JA 57 -84.10 41.82 -21.84
CA LEU JA 57 -83.73 43.19 -21.41
C LEU JA 57 -82.23 43.55 -21.48
N ASN JA 58 -81.37 42.54 -21.53
CA ASN JA 58 -79.94 42.78 -21.76
C ASN JA 58 -79.71 43.66 -23.00
N PHE JA 59 -80.32 43.26 -24.11
CA PHE JA 59 -80.10 43.90 -25.41
C PHE JA 59 -80.69 45.31 -25.50
N PHE JA 60 -81.13 45.83 -24.36
CA PHE JA 60 -81.56 47.22 -24.27
C PHE JA 60 -80.61 48.05 -23.40
N VAL JA 61 -79.55 47.43 -22.90
CA VAL JA 61 -78.57 48.18 -22.13
C VAL JA 61 -77.12 47.73 -22.42
#